data_3BLW
#
_entry.id   3BLW
#
_cell.length_a   113.157
_cell.length_b   116.346
_cell.length_c   163.620
_cell.angle_alpha   98.96
_cell.angle_beta   110.23
_cell.angle_gamma   106.63
#
_symmetry.space_group_name_H-M   'P 1'
#
loop_
_entity.id
_entity.type
_entity.pdbx_description
1 polymer 'Isocitrate dehydrogenase [NAD] subunit 1'
2 polymer 'Isocitrate dehydrogenase [NAD] subunit 2'
3 non-polymer 'CITRATE ANION'
4 non-polymer 'ADENOSINE MONOPHOSPHATE'
#
loop_
_entity_poly.entity_id
_entity_poly.type
_entity_poly.pdbx_seq_one_letter_code
_entity_poly.pdbx_strand_id
1 'polypeptide(L)'
;ATAAQAERTLPKKYGGRFTVTLIPGDGVGKEITDSVRTIFEAENIPIDWETINIKQTDHKEGVYEAVESLKRNKIGLKGL
WHTPADQTGHGSLNVALRKQLDIYANVALFKSLKGVKTRIPDIDLIVIRENTEGEFSGLEHESVPGVVESLKVMTRPKTE
RIARFAFDFAKKYNRKSVTAVHKANIMKLGDGLFRNIITEIGQKEYPDIDVSSIIVDNASMQAVAKPHQFDVLVTPSMYG
TILGNIGAALIGGPGLVAGANFGRDYAVFEPGSRHVGLDIKGQNVANPTAMILSSTLMLNHLGLNEYATRISKAVHETIA
EGKHTTRDIGGSSSTTDFTNEIINKLSTM
;
A,C,E,G,I,K,M,O
2 'polypeptide(L)'
;ATVKQPSIGRYTGKPNPSTGKYTVSFIEGDGIGPEISKSVKKIFSAANVPIEWESCDVSPIFVNGLTTIPDPAVQSITKN
LVALKGPLATPIGKGHRSLNLTLRKTFGLFANVRPAKSIEGFKTTYENVDLVLIRENTEGEYSGIEHIVCPGVVQSIKLI
TRDASERVIRYAFEYARAIGRPRVIVVHKSTIQRLADGLFVNVAKELSKEYPDLTLETELIDNSVLKVVTNPSAYTDAVS
VCPNLYGDILSDLNSGLSAGSLGLTPSANIGHKISIFEAVHGSAPDIAGQDKANPTALLLSSVMMLNHMGLTNHADQIQN
AVLSTIASGPENRTGDLAGTATTSSFTEAVIKRL
;
B,D,F,H,J,L,N,P
#
loop_
_chem_comp.id
_chem_comp.type
_chem_comp.name
_chem_comp.formula
AMP non-polymer 'ADENOSINE MONOPHOSPHATE' 'C10 H14 N5 O7 P'
FLC non-polymer 'CITRATE ANION' 'C6 H5 O7 -3'
#
# COMPACT_ATOMS: atom_id res chain seq x y z
N GLY A 16 -7.50 -11.67 38.19
CA GLY A 16 -7.80 -10.30 38.59
C GLY A 16 -7.03 -9.19 37.88
N ARG A 17 -6.10 -9.54 37.01
CA ARG A 17 -5.26 -8.52 36.39
C ARG A 17 -5.48 -8.42 34.89
N PHE A 18 -6.02 -7.28 34.46
CA PHE A 18 -6.24 -6.99 33.05
C PHE A 18 -4.89 -6.76 32.40
N THR A 19 -4.77 -7.11 31.13
CA THR A 19 -3.60 -6.71 30.36
C THR A 19 -4.04 -5.78 29.25
N VAL A 20 -3.81 -4.47 29.46
CA VAL A 20 -4.24 -3.45 28.51
C VAL A 20 -3.11 -3.04 27.58
N THR A 21 -3.44 -2.66 26.35
CA THR A 21 -2.44 -2.17 25.41
C THR A 21 -2.13 -0.69 25.61
N LEU A 22 -0.85 -0.35 25.56
CA LEU A 22 -0.43 1.05 25.74
C LEU A 22 0.36 1.53 24.53
N ILE A 23 -0.15 2.57 23.87
CA ILE A 23 0.50 3.10 22.71
C ILE A 23 0.74 4.57 22.93
N PRO A 24 1.93 4.92 23.44
CA PRO A 24 2.27 6.31 23.77
C PRO A 24 2.17 7.21 22.54
N GLY A 25 2.83 6.80 21.45
CA GLY A 25 2.73 7.52 20.21
C GLY A 25 3.58 8.78 20.23
N ASP A 26 3.39 9.62 19.21
CA ASP A 26 4.31 10.73 18.96
C ASP A 26 3.93 11.96 19.77
N GLY A 27 4.87 12.93 19.79
CA GLY A 27 4.68 14.17 20.52
C GLY A 27 4.57 13.96 22.02
N VAL A 28 3.80 14.81 22.69
CA VAL A 28 3.65 14.74 24.13
C VAL A 28 3.08 13.41 24.55
N GLY A 29 2.80 12.56 23.56
CA GLY A 29 2.28 11.23 23.81
C GLY A 29 3.03 10.55 24.93
N LYS A 30 4.33 10.35 24.74
CA LYS A 30 5.18 9.63 25.71
C LYS A 30 5.07 10.15 27.15
N GLU A 31 4.99 11.48 27.32
CA GLU A 31 4.91 12.08 28.65
C GLU A 31 3.51 11.93 29.24
N ILE A 32 2.52 12.26 28.44
CA ILE A 32 1.13 12.26 28.86
C ILE A 32 0.65 10.83 29.26
N THR A 33 1.26 9.81 28.68
CA THR A 33 0.91 8.43 28.99
C THR A 33 1.48 8.09 30.34
N ASP A 34 2.77 8.42 30.49
CA ASP A 34 3.51 8.23 31.74
C ASP A 34 2.75 8.77 32.94
N SER A 35 2.22 9.97 32.82
CA SER A 35 1.37 10.56 33.85
C SER A 35 0.34 9.55 34.34
N VAL A 36 -0.33 8.90 33.39
CA VAL A 36 -1.31 7.88 33.72
C VAL A 36 -0.68 6.67 34.43
N ARG A 37 0.42 6.15 33.88
CA ARG A 37 1.12 5.03 34.52
C ARG A 37 1.34 5.29 35.99
N THR A 38 1.97 6.44 36.28
CA THR A 38 2.29 6.85 37.64
C THR A 38 1.07 6.92 38.55
N ILE A 39 0.01 7.56 38.08
CA ILE A 39 -1.21 7.64 38.87
C ILE A 39 -1.82 6.26 39.06
N PHE A 40 -1.50 5.36 38.13
CA PHE A 40 -2.08 4.00 38.16
C PHE A 40 -1.39 3.11 39.18
N GLU A 41 -0.06 3.09 39.18
CA GLU A 41 0.66 2.26 40.13
C GLU A 41 0.61 2.86 41.53
N ALA A 42 0.48 4.18 41.59
CA ALA A 42 0.33 4.88 42.86
C ALA A 42 -1.05 4.62 43.50
N GLU A 43 -1.97 4.12 42.69
CA GLU A 43 -3.31 3.80 43.15
C GLU A 43 -3.43 2.26 43.19
N ASN A 44 -2.31 1.62 42.85
CA ASN A 44 -2.20 0.17 42.69
C ASN A 44 -3.38 -0.47 41.97
N ILE A 45 -3.67 0.03 40.77
CA ILE A 45 -4.71 -0.50 39.91
C ILE A 45 -4.23 -1.78 39.23
N PRO A 46 -5.03 -2.83 39.32
CA PRO A 46 -4.70 -4.19 38.88
C PRO A 46 -4.56 -4.34 37.36
N ILE A 47 -3.98 -3.37 36.66
CA ILE A 47 -3.78 -3.57 35.24
C ILE A 47 -2.30 -3.56 34.86
N ASP A 48 -1.93 -4.40 33.91
CA ASP A 48 -0.58 -4.47 33.41
C ASP A 48 -0.53 -3.96 31.98
N TRP A 49 0.35 -3.01 31.71
CA TRP A 49 0.48 -2.50 30.36
C TRP A 49 1.31 -3.41 29.47
N GLU A 50 0.75 -3.79 28.32
CA GLU A 50 1.57 -4.29 27.22
C GLU A 50 1.79 -3.07 26.34
N THR A 51 3.03 -2.61 26.28
CA THR A 51 3.28 -1.32 25.65
C THR A 51 4.09 -1.46 24.36
N ILE A 52 3.64 -0.80 23.29
CA ILE A 52 4.28 -0.97 21.98
C ILE A 52 4.78 0.34 21.37
N ASN A 53 5.85 0.23 20.60
CA ASN A 53 6.45 1.37 19.89
C ASN A 53 6.89 0.99 18.47
N ILE A 54 7.03 1.98 17.60
CA ILE A 54 6.96 1.72 16.16
C ILE A 54 8.00 2.40 15.26
N LYS A 60 7.36 1.65 11.15
CA LYS A 60 6.70 2.59 10.24
C LYS A 60 5.39 1.88 9.84
N GLU A 61 5.44 0.56 9.78
CA GLU A 61 4.28 -0.25 9.38
C GLU A 61 3.96 -1.28 10.45
N GLY A 62 4.66 -1.15 11.57
CA GLY A 62 4.42 -1.97 12.75
C GLY A 62 3.12 -1.56 13.41
N VAL A 63 2.38 -0.66 12.75
CA VAL A 63 0.99 -0.38 13.11
C VAL A 63 0.27 -1.72 13.11
N TYR A 64 0.91 -2.69 12.48
CA TYR A 64 0.54 -4.09 12.55
C TYR A 64 0.59 -4.59 13.98
N GLU A 65 1.70 -4.33 14.66
CA GLU A 65 1.88 -4.85 16.00
C GLU A 65 0.95 -4.23 17.01
N ALA A 66 0.50 -3.01 16.73
CA ALA A 66 -0.51 -2.38 17.57
C ALA A 66 -1.84 -3.10 17.43
N VAL A 67 -2.22 -3.35 16.18
CA VAL A 67 -3.44 -4.07 15.86
C VAL A 67 -3.40 -5.44 16.50
N GLU A 68 -2.33 -6.17 16.22
CA GLU A 68 -2.22 -7.55 16.69
C GLU A 68 -2.34 -7.61 18.20
N SER A 69 -1.70 -6.67 18.89
CA SER A 69 -1.78 -6.57 20.33
C SER A 69 -3.21 -6.34 20.80
N LEU A 70 -3.84 -5.30 20.28
CA LEU A 70 -5.22 -4.98 20.65
C LEU A 70 -6.16 -6.14 20.38
N LYS A 71 -5.87 -6.94 19.36
CA LYS A 71 -6.70 -8.09 19.06
C LYS A 71 -6.60 -9.16 20.16
N ARG A 72 -5.45 -9.26 20.81
CA ARG A 72 -5.28 -10.11 21.98
C ARG A 72 -5.96 -9.53 23.20
N ASN A 73 -5.59 -8.30 23.55
CA ASN A 73 -6.04 -7.71 24.81
C ASN A 73 -7.43 -7.12 24.74
N LYS A 74 -7.89 -6.80 23.54
CA LYS A 74 -9.20 -6.17 23.33
C LYS A 74 -9.27 -4.70 23.74
N ILE A 75 -8.46 -4.30 24.72
CA ILE A 75 -8.52 -2.94 25.20
C ILE A 75 -7.17 -2.23 25.16
N GLY A 76 -7.23 -0.93 24.88
CA GLY A 76 -6.03 -0.12 24.73
C GLY A 76 -6.18 1.30 25.21
N LEU A 77 -5.04 1.94 25.43
CA LEU A 77 -4.97 3.32 25.86
C LEU A 77 -3.84 3.92 25.03
N LYS A 78 -4.14 4.98 24.28
CA LYS A 78 -3.13 5.53 23.37
C LYS A 78 -3.15 7.04 23.22
N GLY A 79 -2.02 7.58 22.82
CA GLY A 79 -1.92 8.98 22.45
C GLY A 79 -2.14 9.07 20.95
N LEU A 80 -1.63 10.12 20.33
CA LEU A 80 -1.79 10.27 18.90
C LEU A 80 -0.45 10.04 18.21
N TRP A 81 -0.50 9.46 17.01
CA TRP A 81 0.68 9.38 16.18
C TRP A 81 0.75 10.64 15.33
N HIS A 82 1.90 10.88 14.72
CA HIS A 82 2.03 12.02 13.82
C HIS A 82 1.73 11.61 12.38
N THR A 83 1.22 12.55 11.60
CA THR A 83 0.93 12.26 10.20
C THR A 83 1.52 13.30 9.26
N PRO A 84 2.31 12.83 8.28
CA PRO A 84 2.96 13.65 7.26
C PRO A 84 1.93 14.35 6.36
N ALA A 85 2.33 15.47 5.75
CA ALA A 85 1.49 16.13 4.78
C ALA A 85 2.09 16.01 3.38
N ASP A 86 3.35 15.56 3.32
CA ASP A 86 4.03 15.40 2.03
C ASP A 86 3.46 14.22 1.24
N GLN A 87 3.83 14.15 -0.02
CA GLN A 87 3.22 13.20 -0.95
C GLN A 87 3.67 11.76 -0.72
N THR A 88 4.92 11.57 -0.33
CA THR A 88 5.45 10.24 -0.10
C THR A 88 5.41 9.87 1.38
N GLY A 89 4.59 10.61 2.14
CA GLY A 89 4.34 10.31 3.55
C GLY A 89 3.49 9.06 3.65
N HIS A 90 3.44 8.47 4.84
CA HIS A 90 2.89 7.13 4.96
C HIS A 90 1.36 7.04 5.08
N GLY A 91 0.70 8.07 5.59
CA GLY A 91 -0.74 8.02 5.79
C GLY A 91 -1.11 7.79 7.25
N SER A 92 -2.25 8.32 7.66
CA SER A 92 -2.57 8.45 9.09
C SER A 92 -1.99 7.40 10.02
N LEU A 93 -2.38 6.16 9.83
CA LEU A 93 -2.06 5.08 10.78
C LEU A 93 -2.60 5.32 12.21
N ASN A 94 -3.22 6.46 12.42
CA ASN A 94 -4.19 6.56 13.49
C ASN A 94 -5.48 5.97 12.97
N VAL A 95 -5.87 6.37 11.74
CA VAL A 95 -7.05 5.81 11.07
C VAL A 95 -6.82 4.36 10.68
N ALA A 96 -5.61 4.04 10.23
CA ALA A 96 -5.26 2.66 9.95
C ALA A 96 -5.59 1.79 11.16
N LEU A 97 -5.20 2.22 12.35
CA LEU A 97 -5.47 1.42 13.53
C LEU A 97 -6.97 1.16 13.66
N ARG A 98 -7.77 2.20 13.50
CA ARG A 98 -9.22 2.09 13.67
C ARG A 98 -9.88 1.28 12.58
N LYS A 99 -9.52 1.54 11.33
CA LYS A 99 -10.09 0.80 10.21
C LYS A 99 -9.79 -0.70 10.33
N GLN A 100 -8.59 -1.04 10.73
CA GLN A 100 -8.18 -2.44 10.78
C GLN A 100 -8.79 -3.16 11.96
N LEU A 101 -9.31 -2.42 12.92
CA LEU A 101 -9.97 -3.06 14.03
C LEU A 101 -11.46 -2.77 13.98
N ASP A 102 -11.88 -2.07 12.93
CA ASP A 102 -13.26 -1.66 12.81
C ASP A 102 -13.76 -1.04 14.11
N ILE A 103 -12.89 -0.29 14.77
CA ILE A 103 -13.29 0.58 15.87
C ILE A 103 -13.95 1.81 15.25
N TYR A 104 -15.23 1.67 14.90
CA TYR A 104 -15.89 2.62 14.03
C TYR A 104 -16.49 3.86 14.71
N ALA A 105 -16.54 3.87 16.04
CA ALA A 105 -17.19 4.98 16.72
C ALA A 105 -16.24 5.78 17.62
N ASN A 106 -16.14 7.08 17.35
CA ASN A 106 -15.36 7.97 18.18
C ASN A 106 -16.27 8.80 19.07
N VAL A 107 -15.96 8.85 20.36
CA VAL A 107 -16.68 9.71 21.28
C VAL A 107 -15.72 10.71 21.89
N ALA A 108 -16.08 11.99 21.79
CA ALA A 108 -15.30 13.04 22.43
C ALA A 108 -16.18 13.75 23.44
N LEU A 109 -15.63 14.01 24.62
CA LEU A 109 -16.40 14.62 25.70
C LEU A 109 -15.96 16.04 26.03
N PHE A 110 -16.80 17.00 25.64
CA PHE A 110 -16.54 18.40 25.85
C PHE A 110 -17.39 18.90 26.99
N LYS A 111 -16.85 18.78 28.21
CA LYS A 111 -17.50 19.31 29.41
C LYS A 111 -16.53 20.23 30.11
N SER A 112 -16.94 21.48 30.32
CA SER A 112 -16.05 22.47 30.91
C SER A 112 -15.71 22.10 32.35
N LEU A 113 -14.56 22.61 32.81
CA LEU A 113 -14.03 22.24 34.11
C LEU A 113 -13.98 23.45 35.02
N LYS A 114 -14.19 23.21 36.32
CA LYS A 114 -14.42 24.27 37.29
C LYS A 114 -13.32 25.33 37.32
N GLY A 115 -12.07 24.91 37.43
CA GLY A 115 -11.00 25.89 37.57
C GLY A 115 -10.42 26.41 36.28
N VAL A 116 -11.25 26.55 35.24
CA VAL A 116 -10.72 26.97 33.94
C VAL A 116 -11.52 28.11 33.31
N LYS A 117 -10.81 29.20 33.02
CA LYS A 117 -11.40 30.38 32.39
C LYS A 117 -11.79 30.08 30.95
N THR A 118 -13.09 30.08 30.67
CA THR A 118 -13.55 29.92 29.30
C THR A 118 -14.56 31.00 28.93
N ARG A 119 -14.60 31.35 27.65
CA ARG A 119 -15.42 32.45 27.19
C ARG A 119 -16.93 32.20 27.38
N ILE A 120 -17.39 30.97 27.13
CA ILE A 120 -18.76 30.58 27.47
C ILE A 120 -18.70 29.39 28.41
N PRO A 121 -19.25 29.54 29.61
CA PRO A 121 -19.06 28.58 30.70
C PRO A 121 -20.21 27.58 30.81
N ASP A 122 -20.00 26.53 31.61
CA ASP A 122 -21.04 25.55 31.94
C ASP A 122 -21.56 24.83 30.70
N ILE A 123 -20.64 24.20 29.99
CA ILE A 123 -20.92 23.64 28.68
C ILE A 123 -20.69 22.14 28.68
N ASP A 124 -21.63 21.40 28.12
CA ASP A 124 -21.58 19.94 28.20
C ASP A 124 -22.16 19.29 26.95
N LEU A 125 -21.30 19.03 25.97
CA LEU A 125 -21.77 18.39 24.75
C LEU A 125 -20.82 17.33 24.27
N ILE A 126 -21.40 16.36 23.56
CA ILE A 126 -20.70 15.18 23.08
C ILE A 126 -20.74 15.08 21.57
N VAL A 127 -19.63 14.68 20.98
CA VAL A 127 -19.55 14.59 19.54
C VAL A 127 -19.17 13.17 19.18
N ILE A 128 -20.09 12.46 18.54
CA ILE A 128 -19.84 11.11 18.07
C ILE A 128 -19.62 11.13 16.56
N ARG A 129 -18.46 10.64 16.12
CA ARG A 129 -18.17 10.59 14.70
C ARG A 129 -17.89 9.17 14.23
N GLU A 130 -18.17 8.93 12.96
CA GLU A 130 -17.85 7.66 12.33
C GLU A 130 -16.39 7.71 11.91
N ASN A 131 -15.66 6.62 12.18
CA ASN A 131 -14.20 6.61 12.03
C ASN A 131 -13.65 6.06 10.71
N THR A 132 -14.37 5.14 10.08
CA THR A 132 -13.84 4.33 8.98
C THR A 132 -14.23 4.74 7.56
N GLU A 133 -15.16 5.68 7.45
CA GLU A 133 -15.82 5.97 6.19
C GLU A 133 -15.78 7.47 5.90
N GLY A 134 -16.73 7.94 5.09
CA GLY A 134 -16.81 9.35 4.78
C GLY A 134 -15.62 9.83 3.99
N GLU A 135 -15.13 11.01 4.34
CA GLU A 135 -13.96 11.59 3.68
C GLU A 135 -12.64 10.94 4.18
N PHE A 136 -12.74 10.04 5.15
CA PHE A 136 -11.58 9.32 5.67
C PHE A 136 -11.45 7.98 4.99
N SER A 137 -12.15 7.82 3.87
CA SER A 137 -12.14 6.55 3.17
C SER A 137 -10.86 6.42 2.37
N GLY A 138 -10.18 7.56 2.18
CA GLY A 138 -8.88 7.57 1.53
C GLY A 138 -8.87 6.92 0.16
N LEU A 139 -9.86 7.25 -0.65
CA LEU A 139 -9.85 6.84 -2.06
C LEU A 139 -9.67 8.09 -2.90
N GLU A 140 -8.56 8.18 -3.62
CA GLU A 140 -8.34 9.33 -4.49
C GLU A 140 -7.43 9.00 -5.65
N HIS A 141 -7.59 9.73 -6.75
CA HIS A 141 -6.75 9.52 -7.92
C HIS A 141 -6.64 10.78 -8.74
N GLU A 142 -5.65 10.81 -9.63
CA GLU A 142 -5.43 11.94 -10.54
C GLU A 142 -5.66 11.44 -11.95
N SER A 143 -6.78 11.84 -12.55
CA SER A 143 -7.13 11.35 -13.89
C SER A 143 -6.13 11.79 -14.95
N VAL A 144 -6.12 13.09 -15.23
CA VAL A 144 -5.07 13.70 -16.02
C VAL A 144 -4.29 14.60 -15.06
N PRO A 145 -3.08 15.01 -15.46
CA PRO A 145 -2.26 15.84 -14.57
C PRO A 145 -2.99 17.12 -14.16
N GLY A 146 -3.02 17.39 -12.86
CA GLY A 146 -3.58 18.63 -12.37
C GLY A 146 -5.04 18.52 -12.02
N VAL A 147 -5.64 17.37 -12.29
CA VAL A 147 -7.04 17.11 -11.92
C VAL A 147 -7.12 15.93 -10.95
N VAL A 148 -7.59 16.22 -9.73
CA VAL A 148 -7.64 15.19 -8.70
C VAL A 148 -9.05 14.97 -8.19
N GLU A 149 -9.43 13.69 -8.08
CA GLU A 149 -10.71 13.33 -7.48
C GLU A 149 -10.48 12.53 -6.20
N SER A 150 -11.11 12.98 -5.13
CA SER A 150 -11.13 12.25 -3.90
C SER A 150 -12.55 11.71 -3.74
N LEU A 151 -12.69 10.40 -3.65
CA LEU A 151 -13.99 9.76 -3.51
C LEU A 151 -14.38 9.62 -2.04
N LYS A 152 -15.59 10.06 -1.71
CA LYS A 152 -16.10 9.98 -0.35
C LYS A 152 -17.22 8.96 -0.26
N VAL A 153 -16.96 7.85 0.40
CA VAL A 153 -17.92 6.76 0.45
C VAL A 153 -18.84 6.86 1.65
N MET A 154 -20.11 6.57 1.44
CA MET A 154 -21.11 6.52 2.51
C MET A 154 -21.97 5.29 2.28
N THR A 155 -22.01 4.38 3.25
CA THR A 155 -22.78 3.16 3.08
C THR A 155 -23.79 2.91 4.20
N ARG A 156 -24.95 2.40 3.80
CA ARG A 156 -26.05 2.19 4.74
C ARG A 156 -25.64 1.38 5.96
N PRO A 157 -24.94 0.25 5.73
CA PRO A 157 -24.55 -0.58 6.87
C PRO A 157 -23.72 0.19 7.90
N LYS A 158 -22.61 0.80 7.46
CA LYS A 158 -21.73 1.53 8.36
C LYS A 158 -22.45 2.67 9.02
N THR A 159 -23.46 3.19 8.33
CA THR A 159 -24.20 4.35 8.83
C THR A 159 -25.29 3.96 9.81
N GLU A 160 -25.97 2.84 9.57
CA GLU A 160 -26.98 2.39 10.51
C GLU A 160 -26.25 2.09 11.82
N ARG A 161 -25.06 1.53 11.69
CA ARG A 161 -24.26 1.14 12.83
C ARG A 161 -24.01 2.31 13.75
N ILE A 162 -23.40 3.38 13.22
CA ILE A 162 -23.02 4.52 14.03
C ILE A 162 -24.27 5.19 14.58
N ALA A 163 -25.31 5.22 13.76
CA ALA A 163 -26.58 5.80 14.17
C ALA A 163 -27.09 5.13 15.45
N ARG A 164 -27.09 3.81 15.46
CA ARG A 164 -27.55 3.12 16.66
C ARG A 164 -26.58 3.33 17.82
N PHE A 165 -25.28 3.25 17.56
CA PHE A 165 -24.31 3.50 18.61
C PHE A 165 -24.59 4.82 19.30
N ALA A 166 -24.84 5.85 18.50
CA ALA A 166 -25.09 7.18 19.05
C ALA A 166 -26.32 7.19 19.94
N PHE A 167 -27.41 6.61 19.46
CA PHE A 167 -28.62 6.60 20.26
C PHE A 167 -28.47 5.74 21.51
N ASP A 168 -27.96 4.52 21.33
CA ASP A 168 -27.63 3.66 22.45
C ASP A 168 -26.83 4.41 23.51
N PHE A 169 -25.81 5.13 23.05
CA PHE A 169 -24.95 5.93 23.93
C PHE A 169 -25.75 7.00 24.64
N ALA A 170 -26.60 7.70 23.90
CA ALA A 170 -27.42 8.76 24.47
C ALA A 170 -28.39 8.21 25.50
N LYS A 171 -28.91 7.01 25.25
CA LYS A 171 -29.84 6.39 26.18
C LYS A 171 -29.11 5.99 27.46
N LYS A 172 -27.96 5.33 27.28
CA LYS A 172 -27.16 4.83 28.39
C LYS A 172 -26.69 5.94 29.34
N TYR A 173 -26.37 7.11 28.78
CA TYR A 173 -25.86 8.21 29.58
C TYR A 173 -26.88 9.33 29.70
N ASN A 174 -28.15 8.94 29.69
CA ASN A 174 -29.27 9.89 29.82
C ASN A 174 -29.02 11.22 29.12
N ARG A 175 -28.82 11.16 27.81
CA ARG A 175 -28.74 12.33 26.96
C ARG A 175 -30.07 12.46 26.26
N LYS A 176 -30.63 13.66 26.23
CA LYS A 176 -31.99 13.81 25.72
C LYS A 176 -32.06 14.06 24.21
N SER A 177 -31.01 14.69 23.66
CA SER A 177 -31.04 15.11 22.25
C SER A 177 -29.87 14.57 21.41
N VAL A 178 -30.19 14.14 20.21
CA VAL A 178 -29.18 13.69 19.25
C VAL A 178 -29.36 14.38 17.90
N THR A 179 -28.30 15.02 17.43
CA THR A 179 -28.39 15.83 16.22
C THR A 179 -27.42 15.35 15.16
N ALA A 180 -27.92 15.18 13.95
CA ALA A 180 -27.08 14.73 12.85
C ALA A 180 -26.55 15.93 12.08
N VAL A 181 -25.22 16.03 11.99
CA VAL A 181 -24.56 17.10 11.25
C VAL A 181 -24.25 16.63 9.84
N HIS A 182 -24.59 17.43 8.83
CA HIS A 182 -24.53 16.97 7.45
C HIS A 182 -24.45 18.15 6.50
N LYS A 183 -24.34 17.84 5.21
CA LYS A 183 -24.31 18.87 4.17
C LYS A 183 -25.21 18.35 3.08
N ALA A 184 -26.36 17.84 3.49
CA ALA A 184 -27.23 17.07 2.60
C ALA A 184 -27.89 17.92 1.56
N ASN A 185 -27.80 19.24 1.69
CA ASN A 185 -28.42 20.14 0.74
C ASN A 185 -27.59 20.28 -0.52
N ILE A 186 -26.37 19.77 -0.46
CA ILE A 186 -25.46 19.88 -1.58
C ILE A 186 -25.00 18.52 -2.06
N MET A 187 -24.65 17.67 -1.10
CA MET A 187 -24.27 16.30 -1.40
C MET A 187 -25.47 15.44 -1.04
N LYS A 188 -26.46 15.48 -1.93
CA LYS A 188 -27.80 14.98 -1.65
C LYS A 188 -27.84 13.46 -1.47
N LEU A 189 -26.91 12.77 -2.11
CA LEU A 189 -26.85 11.34 -1.94
C LEU A 189 -26.02 10.97 -0.72
N GLY A 190 -24.78 11.44 -0.69
CA GLY A 190 -23.86 11.11 0.38
C GLY A 190 -24.38 11.49 1.75
N ASP A 191 -24.33 12.78 2.05
CA ASP A 191 -24.79 13.26 3.33
C ASP A 191 -26.30 13.10 3.49
N GLY A 192 -27.02 13.06 2.37
CA GLY A 192 -28.44 12.79 2.41
C GLY A 192 -28.71 11.49 3.11
N LEU A 193 -28.09 10.42 2.60
CA LEU A 193 -28.23 9.08 3.17
C LEU A 193 -27.95 9.07 4.66
N PHE A 194 -26.88 9.73 5.05
CA PHE A 194 -26.50 9.86 6.45
C PHE A 194 -27.60 10.49 7.29
N ARG A 195 -28.09 11.66 6.86
CA ARG A 195 -29.14 12.37 7.59
C ARG A 195 -30.43 11.56 7.74
N ASN A 196 -30.78 10.83 6.68
CA ASN A 196 -32.01 10.04 6.69
C ASN A 196 -31.89 8.88 7.64
N ILE A 197 -31.00 7.96 7.32
CA ILE A 197 -30.73 6.82 8.19
C ILE A 197 -30.69 7.16 9.69
N ILE A 198 -30.12 8.31 10.05
CA ILE A 198 -30.08 8.70 11.46
C ILE A 198 -31.47 9.06 11.97
N THR A 199 -32.08 10.07 11.36
CA THR A 199 -33.39 10.50 11.79
C THR A 199 -34.39 9.35 11.64
N GLU A 200 -34.23 8.58 10.58
CA GLU A 200 -35.12 7.45 10.30
C GLU A 200 -35.13 6.44 11.44
N ILE A 201 -33.96 6.12 11.97
CA ILE A 201 -33.91 5.07 13.00
C ILE A 201 -33.81 5.66 14.40
N GLY A 202 -34.10 6.95 14.51
CA GLY A 202 -34.26 7.58 15.80
C GLY A 202 -35.74 7.79 16.07
N GLN A 203 -36.54 7.47 15.05
CA GLN A 203 -37.98 7.64 15.12
C GLN A 203 -38.70 6.32 15.33
N LYS A 204 -38.24 5.27 14.66
CA LYS A 204 -38.89 3.97 14.81
C LYS A 204 -38.23 3.08 15.87
N GLU A 205 -37.03 3.47 16.31
CA GLU A 205 -36.40 2.90 17.50
C GLU A 205 -35.98 4.16 18.26
N TYR A 206 -35.67 4.04 19.55
CA TYR A 206 -35.28 5.23 20.31
C TYR A 206 -36.24 6.44 20.17
N PRO A 207 -37.54 6.22 20.37
CA PRO A 207 -38.51 7.30 20.19
C PRO A 207 -38.45 8.30 21.33
N ASP A 208 -37.85 7.88 22.45
CA ASP A 208 -37.78 8.73 23.64
C ASP A 208 -36.77 9.86 23.46
N ILE A 209 -35.92 9.74 22.46
CA ILE A 209 -34.85 10.72 22.24
C ILE A 209 -35.20 11.70 21.13
N ASP A 210 -34.79 12.95 21.29
CA ASP A 210 -35.10 13.99 20.32
C ASP A 210 -34.09 13.99 19.18
N VAL A 211 -34.51 13.53 18.01
CA VAL A 211 -33.63 13.54 16.84
C VAL A 211 -33.82 14.79 16.00
N SER A 212 -32.73 15.30 15.44
CA SER A 212 -32.78 16.47 14.58
C SER A 212 -31.57 16.52 13.67
N SER A 213 -31.63 17.42 12.68
CA SER A 213 -30.52 17.60 11.76
C SER A 213 -30.01 19.00 11.87
N ILE A 214 -28.81 19.22 11.38
CA ILE A 214 -28.25 20.56 11.28
C ILE A 214 -27.17 20.53 10.21
N ILE A 215 -27.13 21.61 9.42
CA ILE A 215 -26.17 21.70 8.33
C ILE A 215 -24.82 22.11 8.89
N VAL A 216 -23.79 21.40 8.47
CA VAL A 216 -22.48 21.48 9.09
C VAL A 216 -21.96 22.90 9.27
N ASP A 217 -22.15 23.76 8.26
CA ASP A 217 -21.65 25.12 8.35
C ASP A 217 -22.42 25.92 9.41
N ASN A 218 -23.75 25.81 9.38
CA ASN A 218 -24.59 26.47 10.36
C ASN A 218 -24.39 25.89 11.76
N ALA A 219 -24.09 24.59 11.82
CA ALA A 219 -23.79 23.94 13.07
C ALA A 219 -22.53 24.58 13.66
N SER A 220 -21.54 24.79 12.79
CA SER A 220 -20.28 25.40 13.20
C SER A 220 -20.48 26.78 13.78
N MET A 221 -21.46 27.49 13.25
CA MET A 221 -21.71 28.84 13.72
C MET A 221 -22.41 28.83 15.07
N GLN A 222 -23.43 27.99 15.22
CA GLN A 222 -24.11 27.92 16.51
C GLN A 222 -23.15 27.43 17.58
N ALA A 223 -22.31 26.46 17.24
CA ALA A 223 -21.37 25.86 18.21
C ALA A 223 -20.48 26.90 18.86
N VAL A 224 -20.03 27.86 18.07
CA VAL A 224 -19.11 28.89 18.52
C VAL A 224 -19.87 30.00 19.26
N ALA A 225 -21.09 30.27 18.83
CA ALA A 225 -21.85 31.38 19.38
C ALA A 225 -22.84 30.99 20.49
N LYS A 226 -23.51 29.85 20.34
CA LYS A 226 -24.53 29.43 21.29
C LYS A 226 -24.54 27.92 21.48
N PRO A 227 -23.51 27.37 22.13
CA PRO A 227 -23.23 25.93 22.19
C PRO A 227 -24.17 25.16 23.09
N HIS A 228 -24.85 25.86 23.99
CA HIS A 228 -25.68 25.19 24.98
C HIS A 228 -26.89 24.52 24.36
N GLN A 229 -27.21 24.90 23.12
CA GLN A 229 -28.34 24.32 22.42
C GLN A 229 -28.08 22.86 21.97
N PHE A 230 -26.81 22.46 21.99
CA PHE A 230 -26.43 21.11 21.56
C PHE A 230 -26.22 20.14 22.74
N ASP A 231 -26.54 18.87 22.48
CA ASP A 231 -26.45 17.80 23.47
C ASP A 231 -25.51 16.72 22.96
N VAL A 232 -25.98 15.96 21.98
CA VAL A 232 -25.13 14.99 21.29
C VAL A 232 -25.16 15.27 19.80
N LEU A 233 -23.98 15.22 19.18
CA LEU A 233 -23.86 15.43 17.75
C LEU A 233 -23.26 14.19 17.08
N VAL A 234 -23.94 13.68 16.04
CA VAL A 234 -23.45 12.56 15.26
C VAL A 234 -22.99 13.05 13.91
N THR A 235 -21.78 12.69 13.51
CA THR A 235 -21.23 13.24 12.29
C THR A 235 -20.42 12.20 11.55
N PRO A 236 -20.26 12.39 10.24
CA PRO A 236 -19.29 11.63 9.46
C PRO A 236 -17.88 12.08 9.81
N SER A 237 -16.87 11.34 9.37
CA SER A 237 -15.48 11.61 9.74
C SER A 237 -15.02 13.07 9.78
N MET A 238 -15.35 13.83 8.74
CA MET A 238 -14.83 15.18 8.60
C MET A 238 -15.47 16.14 9.59
N TYR A 239 -16.79 16.27 9.50
CA TYR A 239 -17.52 17.24 10.30
C TYR A 239 -17.21 17.04 11.79
N GLY A 240 -16.77 15.84 12.14
CA GLY A 240 -16.48 15.51 13.52
C GLY A 240 -15.16 16.07 13.97
N THR A 241 -14.21 16.13 13.05
CA THR A 241 -12.93 16.80 13.28
C THR A 241 -13.15 18.28 13.48
N ILE A 242 -14.08 18.85 12.73
CA ILE A 242 -14.33 20.27 12.79
C ILE A 242 -15.12 20.65 14.05
N LEU A 243 -16.25 20.00 14.27
CA LEU A 243 -17.04 20.32 15.45
C LEU A 243 -16.23 19.96 16.67
N GLY A 244 -15.46 18.88 16.55
CA GLY A 244 -14.58 18.47 17.63
C GLY A 244 -13.68 19.60 18.12
N ASN A 245 -12.91 20.18 17.21
CA ASN A 245 -12.03 21.27 17.58
C ASN A 245 -12.74 22.53 18.08
N ILE A 246 -13.92 22.84 17.56
CA ILE A 246 -14.73 23.90 18.12
C ILE A 246 -14.98 23.60 19.59
N GLY A 247 -15.41 22.37 19.88
CA GLY A 247 -15.72 21.98 21.24
C GLY A 247 -14.48 21.99 22.11
N ALA A 248 -13.36 21.57 21.52
CA ALA A 248 -12.09 21.55 22.22
C ALA A 248 -11.75 22.95 22.71
N ALA A 249 -11.83 23.92 21.81
CA ALA A 249 -11.56 25.30 22.18
C ALA A 249 -12.54 25.80 23.25
N LEU A 250 -13.83 25.53 23.04
CA LEU A 250 -14.90 26.04 23.91
C LEU A 250 -14.68 25.79 25.38
N ILE A 251 -13.99 24.71 25.70
CA ILE A 251 -13.87 24.29 27.10
C ILE A 251 -12.49 24.56 27.71
N GLY A 252 -11.54 25.00 26.89
CA GLY A 252 -10.23 25.33 27.40
C GLY A 252 -9.09 24.96 26.46
N GLY A 253 -9.19 23.79 25.84
CA GLY A 253 -8.16 23.33 24.95
C GLY A 253 -8.10 21.82 24.85
N PRO A 254 -7.21 21.32 23.97
CA PRO A 254 -7.10 19.90 23.63
C PRO A 254 -6.65 19.05 24.81
N GLY A 255 -6.19 19.68 25.88
CA GLY A 255 -5.64 18.98 27.01
C GLY A 255 -6.69 18.61 28.04
N LEU A 256 -7.94 19.01 27.81
CA LEU A 256 -8.99 18.77 28.78
C LEU A 256 -10.05 17.79 28.27
N VAL A 257 -9.81 17.23 27.09
CA VAL A 257 -10.83 16.45 26.41
C VAL A 257 -10.60 14.95 26.45
N ALA A 258 -11.51 14.24 27.10
CA ALA A 258 -11.45 12.79 27.16
C ALA A 258 -12.05 12.24 25.87
N GLY A 259 -11.52 11.11 25.41
CA GLY A 259 -12.02 10.49 24.20
C GLY A 259 -11.95 8.99 24.26
N ALA A 260 -12.76 8.34 23.43
CA ALA A 260 -12.74 6.89 23.36
C ALA A 260 -13.19 6.43 21.98
N ASN A 261 -12.66 5.29 21.55
CA ASN A 261 -13.07 4.69 20.29
C ASN A 261 -13.64 3.30 20.50
N PHE A 262 -14.79 3.03 19.89
CA PHE A 262 -15.47 1.75 20.06
C PHE A 262 -15.70 0.98 18.76
N GLY A 263 -15.39 -0.30 18.78
CA GLY A 263 -15.97 -1.25 17.85
C GLY A 263 -16.80 -2.31 18.55
N ARG A 264 -17.26 -3.30 17.79
CA ARG A 264 -17.99 -4.42 18.34
C ARG A 264 -17.17 -5.16 19.39
N ASP A 265 -15.91 -5.41 19.06
CA ASP A 265 -15.09 -6.35 19.83
C ASP A 265 -14.06 -5.61 20.68
N TYR A 266 -13.50 -4.55 20.12
CA TYR A 266 -12.41 -3.83 20.78
C TYR A 266 -12.83 -2.45 21.25
N ALA A 267 -11.97 -1.84 22.07
CA ALA A 267 -12.14 -0.46 22.51
C ALA A 267 -10.78 0.16 22.74
N VAL A 268 -10.53 1.30 22.10
CA VAL A 268 -9.28 2.02 22.29
C VAL A 268 -9.57 3.42 22.80
N PHE A 269 -8.93 3.78 23.90
CA PHE A 269 -9.16 5.07 24.51
C PHE A 269 -8.02 6.03 24.23
N GLU A 270 -8.37 7.22 23.73
CA GLU A 270 -7.38 8.22 23.38
C GLU A 270 -7.93 9.58 23.74
N PRO A 271 -7.09 10.62 23.67
CA PRO A 271 -7.59 11.98 23.92
C PRO A 271 -8.67 12.36 22.92
N GLY A 272 -9.70 13.07 23.40
CA GLY A 272 -10.81 13.44 22.55
C GLY A 272 -10.53 14.56 21.58
N SER A 273 -9.37 15.21 21.70
CA SER A 273 -9.11 16.36 20.86
C SER A 273 -8.21 16.07 19.68
N ARG A 274 -7.29 15.13 19.85
CA ARG A 274 -6.52 14.63 18.71
C ARG A 274 -5.48 15.64 18.23
N HIS A 275 -4.58 16.01 19.13
CA HIS A 275 -3.42 16.82 18.79
C HIS A 275 -2.13 16.20 19.35
N VAL A 276 -1.06 16.24 18.56
CA VAL A 276 0.17 15.52 18.88
C VAL A 276 1.11 16.28 19.84
N GLY A 277 1.06 17.61 19.79
CA GLY A 277 1.93 18.43 20.62
C GLY A 277 3.39 18.26 20.28
N LEU A 278 3.70 17.97 19.01
CA LEU A 278 5.08 17.80 18.57
C LEU A 278 6.04 18.87 19.09
N ASP A 279 5.61 20.12 19.04
CA ASP A 279 6.45 21.27 19.41
C ASP A 279 6.97 21.26 20.87
N ILE A 280 6.17 20.72 21.79
CA ILE A 280 6.56 20.70 23.20
C ILE A 280 6.94 19.30 23.71
N LYS A 281 7.49 18.47 22.82
CA LYS A 281 7.91 17.12 23.17
C LYS A 281 9.15 17.17 24.05
N GLY A 282 9.07 16.52 25.21
CA GLY A 282 10.21 16.38 26.09
C GLY A 282 10.40 17.56 27.00
N GLN A 283 9.50 18.53 26.92
CA GLN A 283 9.65 19.74 27.70
C GLN A 283 8.95 19.65 29.04
N ASN A 284 8.17 18.60 29.25
CA ASN A 284 7.48 18.44 30.52
C ASN A 284 6.58 19.64 30.82
N VAL A 285 6.09 20.28 29.77
CA VAL A 285 5.16 21.40 29.95
C VAL A 285 3.72 20.97 29.72
N ALA A 286 3.57 19.82 29.07
CA ALA A 286 2.29 19.31 28.60
C ALA A 286 1.24 19.06 29.69
N ASN A 287 -0.03 19.00 29.29
CA ASN A 287 -1.13 18.79 30.21
C ASN A 287 -1.74 17.40 30.02
N PRO A 288 -1.76 16.60 31.09
CA PRO A 288 -2.21 15.21 30.96
C PRO A 288 -3.69 15.02 31.29
N THR A 289 -4.42 16.10 31.59
CA THR A 289 -5.82 15.98 31.94
C THR A 289 -6.56 15.11 30.90
N ALA A 290 -6.35 15.44 29.63
CA ALA A 290 -6.97 14.70 28.53
C ALA A 290 -6.73 13.22 28.73
N MET A 291 -5.46 12.83 28.69
CA MET A 291 -5.08 11.42 28.77
C MET A 291 -5.66 10.73 29.99
N ILE A 292 -5.49 11.35 31.15
CA ILE A 292 -5.96 10.76 32.40
C ILE A 292 -7.46 10.57 32.37
N LEU A 293 -8.19 11.60 31.93
CA LEU A 293 -9.64 11.55 31.95
C LEU A 293 -10.21 10.47 31.04
N SER A 294 -9.61 10.31 29.87
CA SER A 294 -10.04 9.25 28.97
C SER A 294 -9.51 7.92 29.51
N SER A 295 -8.44 7.98 30.29
CA SER A 295 -7.96 6.80 31.02
C SER A 295 -9.01 6.35 32.06
N THR A 296 -9.68 7.30 32.71
CA THR A 296 -10.75 6.95 33.62
C THR A 296 -11.92 6.33 32.87
N LEU A 297 -12.19 6.83 31.66
CA LEU A 297 -13.23 6.27 30.81
C LEU A 297 -12.99 4.79 30.59
N MET A 298 -11.71 4.42 30.44
CA MET A 298 -11.32 3.04 30.21
C MET A 298 -11.58 2.19 31.44
N LEU A 299 -11.29 2.73 32.61
CA LEU A 299 -11.58 2.03 33.86
C LEU A 299 -13.08 1.73 33.97
N ASN A 300 -13.90 2.76 33.89
CA ASN A 300 -15.35 2.53 33.90
C ASN A 300 -15.70 1.40 32.96
N HIS A 301 -15.01 1.37 31.82
CA HIS A 301 -15.30 0.36 30.81
C HIS A 301 -14.99 -1.05 31.33
N LEU A 302 -13.73 -1.34 31.61
CA LEU A 302 -13.41 -2.65 32.13
C LEU A 302 -13.83 -2.83 33.59
N GLY A 303 -14.85 -2.08 34.00
CA GLY A 303 -15.59 -2.40 35.21
C GLY A 303 -15.04 -1.90 36.53
N LEU A 304 -13.78 -1.46 36.52
CA LEU A 304 -13.15 -0.94 37.72
C LEU A 304 -13.99 0.20 38.27
N ASN A 305 -13.67 1.43 37.88
CA ASN A 305 -14.56 2.58 38.09
C ASN A 305 -14.81 3.06 39.52
N GLU A 306 -14.48 2.22 40.51
CA GLU A 306 -14.35 2.72 41.86
C GLU A 306 -13.15 3.61 41.73
N TYR A 307 -12.10 3.05 41.14
CA TYR A 307 -10.91 3.81 40.81
C TYR A 307 -11.21 5.00 39.92
N ALA A 308 -12.02 4.79 38.89
CA ALA A 308 -12.34 5.85 37.96
C ALA A 308 -13.04 7.03 38.64
N THR A 309 -14.15 6.73 39.30
CA THR A 309 -14.86 7.73 40.10
C THR A 309 -13.87 8.47 40.96
N ARG A 310 -12.95 7.70 41.55
CA ARG A 310 -11.90 8.21 42.39
C ARG A 310 -11.03 9.19 41.61
N ILE A 311 -10.12 8.66 40.81
CA ILE A 311 -9.05 9.45 40.23
C ILE A 311 -9.52 10.56 39.29
N SER A 312 -10.82 10.58 38.98
CA SER A 312 -11.36 11.70 38.21
C SER A 312 -11.62 12.87 39.14
N LYS A 313 -12.24 12.58 40.28
CA LYS A 313 -12.45 13.60 41.31
C LYS A 313 -11.12 14.25 41.66
N ALA A 314 -10.07 13.42 41.70
CA ALA A 314 -8.73 13.92 42.00
C ALA A 314 -8.30 15.01 41.05
N VAL A 315 -8.24 14.70 39.75
CA VAL A 315 -7.87 15.69 38.76
C VAL A 315 -8.88 16.85 38.65
N HIS A 316 -10.17 16.55 38.75
CA HIS A 316 -11.17 17.60 38.73
C HIS A 316 -10.96 18.66 39.83
N GLU A 317 -10.79 18.19 41.07
CA GLU A 317 -10.50 19.08 42.20
C GLU A 317 -9.14 19.77 42.06
N THR A 318 -8.11 19.01 41.69
CA THR A 318 -6.79 19.59 41.45
C THR A 318 -6.82 20.83 40.56
N ILE A 319 -7.48 20.73 39.40
CA ILE A 319 -7.45 21.86 38.46
C ILE A 319 -8.38 23.00 38.90
N ALA A 320 -9.52 22.66 39.52
CA ALA A 320 -10.38 23.68 40.11
C ALA A 320 -9.62 24.48 41.19
N GLU A 321 -8.79 23.78 41.96
CA GLU A 321 -7.99 24.40 43.02
C GLU A 321 -6.81 25.16 42.45
N GLY A 322 -7.10 26.33 41.91
CA GLY A 322 -6.08 27.24 41.41
C GLY A 322 -4.72 26.67 41.10
N LYS A 323 -3.69 27.39 41.54
CA LYS A 323 -2.31 27.12 41.16
C LYS A 323 -1.88 25.70 41.52
N HIS A 324 -0.81 25.25 40.86
CA HIS A 324 -0.34 23.86 40.84
C HIS A 324 -0.88 23.16 39.60
N THR A 325 -1.66 23.90 38.83
CA THR A 325 -2.21 23.44 37.57
C THR A 325 -1.17 23.68 36.48
N THR A 326 -1.33 23.01 35.34
CA THR A 326 -0.34 23.04 34.27
C THR A 326 -0.46 24.26 33.34
N ARG A 327 0.62 24.56 32.61
CA ARG A 327 0.78 25.81 31.83
C ARG A 327 -0.44 26.32 31.07
N ASP A 328 -0.99 25.49 30.18
CA ASP A 328 -2.05 25.88 29.26
C ASP A 328 -3.41 26.24 29.89
N ILE A 329 -3.63 25.84 31.14
CA ILE A 329 -4.87 26.18 31.83
C ILE A 329 -4.73 27.53 32.50
N GLY A 330 -3.50 27.96 32.67
CA GLY A 330 -3.21 29.25 33.29
C GLY A 330 -2.32 29.12 34.51
N GLY A 331 -1.78 27.93 34.71
CA GLY A 331 -0.89 27.68 35.82
C GLY A 331 0.56 27.80 35.42
N SER A 332 1.46 27.34 36.29
CA SER A 332 2.89 27.42 36.00
C SER A 332 3.59 26.11 36.34
N SER A 333 2.79 25.11 36.71
CA SER A 333 3.31 23.79 37.03
C SER A 333 3.64 22.96 35.79
N SER A 334 4.54 22.00 35.94
CA SER A 334 4.89 21.06 34.87
C SER A 334 4.04 19.80 34.93
N THR A 335 4.06 19.02 33.86
CA THR A 335 3.33 17.75 33.79
C THR A 335 3.61 16.93 35.04
N THR A 336 4.90 16.85 35.35
CA THR A 336 5.37 16.17 36.53
C THR A 336 4.68 16.66 37.80
N ASP A 337 4.62 17.97 38.00
CA ASP A 337 4.08 18.52 39.24
C ASP A 337 2.58 18.29 39.34
N PHE A 338 1.90 18.52 38.22
CA PHE A 338 0.44 18.33 38.15
C PHE A 338 0.09 16.89 38.48
N THR A 339 0.81 15.94 37.89
CA THR A 339 0.61 14.53 38.18
C THR A 339 0.65 14.29 39.68
N ASN A 340 1.71 14.80 40.33
CA ASN A 340 1.94 14.53 41.74
C ASN A 340 0.92 15.15 42.67
N GLU A 341 0.28 16.22 42.23
CA GLU A 341 -0.80 16.79 43.00
C GLU A 341 -2.00 15.86 42.99
N ILE A 342 -2.21 15.22 41.84
CA ILE A 342 -3.29 14.26 41.72
C ILE A 342 -3.01 13.08 42.64
N ILE A 343 -1.84 12.46 42.49
CA ILE A 343 -1.46 11.34 43.34
C ILE A 343 -1.50 11.75 44.81
N ASN A 344 -1.20 13.02 45.10
CA ASN A 344 -1.26 13.52 46.46
C ASN A 344 -2.69 13.63 46.98
N LYS A 345 -3.55 14.34 46.26
CA LYS A 345 -4.95 14.46 46.63
C LYS A 345 -5.55 13.07 46.77
N LEU A 346 -5.06 12.17 45.94
CA LEU A 346 -5.58 10.83 45.86
C LEU A 346 -5.23 10.05 47.13
N SER A 347 -4.06 10.33 47.69
CA SER A 347 -3.55 9.60 48.86
C SER A 347 -4.27 9.95 50.15
N THR A 348 -5.31 10.77 50.05
CA THR A 348 -6.01 11.23 51.23
C THR A 348 -7.53 11.12 51.09
N MET A 349 -8.00 10.24 50.21
CA MET A 349 -9.42 10.25 49.86
C MET A 349 -10.35 9.43 50.79
N LYS B 4 -3.39 49.47 -5.27
CA LYS B 4 -3.69 48.59 -6.41
C LYS B 4 -4.60 47.41 -6.02
N GLN B 5 -5.74 47.32 -6.68
CA GLN B 5 -6.69 46.24 -6.45
C GLN B 5 -6.22 44.95 -7.16
N PRO B 6 -6.62 43.77 -6.65
CA PRO B 6 -6.16 42.46 -7.14
C PRO B 6 -6.32 42.29 -8.64
N SER B 7 -5.20 42.01 -9.31
CA SER B 7 -5.16 41.80 -10.75
C SER B 7 -6.20 40.80 -11.27
N ILE B 8 -6.54 39.82 -10.44
CA ILE B 8 -7.29 38.64 -10.86
C ILE B 8 -8.75 38.90 -11.27
N GLY B 9 -9.47 39.67 -10.47
CA GLY B 9 -10.87 39.93 -10.80
C GLY B 9 -11.11 41.36 -11.21
N ARG B 10 -10.12 41.95 -11.88
CA ARG B 10 -10.09 43.38 -12.17
C ARG B 10 -11.32 43.97 -12.83
N TYR B 11 -11.84 45.01 -12.20
CA TYR B 11 -12.93 45.80 -12.76
C TYR B 11 -12.47 46.54 -14.01
N THR B 12 -13.25 46.49 -15.07
CA THR B 12 -13.00 47.31 -16.25
C THR B 12 -13.90 48.55 -16.19
N GLY B 13 -13.39 49.61 -15.56
CA GLY B 13 -14.16 50.81 -15.27
C GLY B 13 -15.05 51.34 -16.37
N LYS B 14 -14.68 52.49 -16.93
CA LYS B 14 -15.49 53.16 -17.94
C LYS B 14 -16.80 53.69 -17.36
N PRO B 15 -16.78 54.94 -16.86
CA PRO B 15 -18.03 55.60 -16.51
C PRO B 15 -18.81 55.92 -17.79
N ASN B 16 -20.13 55.75 -17.72
CA ASN B 16 -21.01 56.04 -18.86
C ASN B 16 -20.79 57.45 -19.40
N PRO B 17 -20.11 57.56 -20.56
CA PRO B 17 -19.68 58.84 -21.10
C PRO B 17 -20.74 59.96 -21.05
N SER B 18 -22.02 59.63 -21.17
CA SER B 18 -23.08 60.65 -21.14
C SER B 18 -23.26 61.26 -19.74
N THR B 19 -23.10 60.43 -18.70
CA THR B 19 -23.13 60.91 -17.31
C THR B 19 -21.75 60.73 -16.70
N GLY B 20 -21.42 61.50 -15.67
CA GLY B 20 -20.14 61.33 -15.01
C GLY B 20 -20.01 59.96 -14.36
N LYS B 21 -21.13 59.24 -14.31
CA LYS B 21 -21.29 58.07 -13.45
C LYS B 21 -20.93 56.72 -14.08
N TYR B 22 -20.67 55.74 -13.19
CA TYR B 22 -20.54 54.33 -13.54
C TYR B 22 -21.91 53.65 -13.43
N THR B 23 -22.10 52.59 -14.20
CA THR B 23 -23.34 51.82 -14.15
C THR B 23 -23.20 50.54 -13.32
N VAL B 24 -24.14 50.35 -12.40
CA VAL B 24 -24.14 49.16 -11.53
C VAL B 24 -25.53 48.56 -11.45
N SER B 25 -25.63 47.26 -11.73
CA SER B 25 -26.89 46.54 -11.60
C SER B 25 -27.22 46.37 -10.12
N PHE B 26 -28.50 46.47 -9.76
CA PHE B 26 -28.85 46.35 -8.36
C PHE B 26 -29.35 44.97 -7.95
N ILE B 27 -30.53 44.58 -8.39
CA ILE B 27 -31.15 43.38 -7.85
C ILE B 27 -31.53 43.65 -6.41
N GLU B 28 -32.58 44.47 -6.21
CA GLU B 28 -33.07 44.75 -4.87
C GLU B 28 -33.33 43.47 -4.08
N GLY B 29 -33.75 42.41 -4.77
CA GLY B 29 -34.11 41.18 -4.11
C GLY B 29 -35.46 41.34 -3.41
N ASP B 30 -35.91 40.29 -2.74
CA ASP B 30 -37.20 40.35 -2.07
C ASP B 30 -37.08 40.34 -0.55
N GLY B 31 -38.22 40.43 0.14
CA GLY B 31 -38.23 40.50 1.59
C GLY B 31 -37.79 41.87 2.08
N ILE B 32 -36.86 41.89 3.02
CA ILE B 32 -36.34 43.15 3.52
C ILE B 32 -35.42 43.80 2.47
N GLY B 33 -35.28 43.12 1.33
CA GLY B 33 -34.44 43.60 0.25
C GLY B 33 -34.73 45.03 -0.19
N PRO B 34 -35.97 45.29 -0.62
CA PRO B 34 -36.35 46.64 -1.05
C PRO B 34 -35.96 47.74 -0.06
N GLU B 35 -36.38 47.63 1.20
CA GLU B 35 -36.05 48.66 2.20
C GLU B 35 -34.56 48.76 2.46
N ILE B 36 -33.91 47.62 2.67
CA ILE B 36 -32.47 47.57 2.89
C ILE B 36 -31.77 48.17 1.67
N SER B 37 -32.42 48.11 0.52
CA SER B 37 -31.82 48.52 -0.74
C SER B 37 -31.79 50.03 -0.93
N LYS B 38 -32.95 50.67 -0.89
CA LYS B 38 -33.00 52.11 -1.11
C LYS B 38 -32.28 52.82 0.03
N SER B 39 -32.18 52.14 1.17
CA SER B 39 -31.34 52.60 2.25
C SER B 39 -29.93 52.84 1.72
N VAL B 40 -29.45 51.94 0.86
CA VAL B 40 -28.12 52.06 0.29
C VAL B 40 -28.09 53.12 -0.79
N LYS B 41 -29.15 53.16 -1.59
CA LYS B 41 -29.23 54.14 -2.68
C LYS B 41 -29.12 55.57 -2.14
N LYS B 42 -29.81 55.85 -1.04
CA LYS B 42 -29.77 57.16 -0.41
C LYS B 42 -28.38 57.53 0.12
N ILE B 43 -27.83 56.67 0.98
CA ILE B 43 -26.48 56.87 1.51
C ILE B 43 -25.44 57.06 0.40
N PHE B 44 -25.65 56.38 -0.73
CA PHE B 44 -24.71 56.48 -1.85
C PHE B 44 -24.87 57.84 -2.52
N SER B 45 -26.12 58.22 -2.75
CA SER B 45 -26.45 59.54 -3.28
C SER B 45 -25.71 60.64 -2.50
N ALA B 46 -25.95 60.68 -1.19
CA ALA B 46 -25.41 61.72 -0.33
C ALA B 46 -23.90 61.89 -0.46
N ALA B 47 -23.18 60.79 -0.57
CA ALA B 47 -21.73 60.85 -0.64
C ALA B 47 -21.21 61.17 -2.03
N ASN B 48 -22.13 61.41 -2.97
CA ASN B 48 -21.76 61.78 -4.34
C ASN B 48 -21.01 60.67 -5.07
N VAL B 49 -21.50 59.44 -4.95
CA VAL B 49 -20.87 58.33 -5.64
C VAL B 49 -21.17 58.40 -7.13
N PRO B 50 -20.11 58.31 -7.95
CA PRO B 50 -20.15 58.24 -9.42
C PRO B 50 -20.92 57.00 -9.91
N ILE B 51 -22.11 56.77 -9.37
CA ILE B 51 -22.81 55.54 -9.65
C ILE B 51 -24.30 55.73 -9.85
N GLU B 52 -24.78 55.24 -10.99
CA GLU B 52 -26.20 55.20 -11.29
C GLU B 52 -26.67 53.75 -11.22
N TRP B 53 -27.86 53.53 -10.66
CA TRP B 53 -28.37 52.19 -10.46
C TRP B 53 -29.24 51.69 -11.61
N GLU B 54 -28.87 50.55 -12.18
CA GLU B 54 -29.68 49.88 -13.19
C GLU B 54 -30.34 48.59 -12.65
N SER B 55 -31.35 48.73 -11.79
CA SER B 55 -31.92 47.57 -11.10
C SER B 55 -32.49 46.53 -12.08
N CYS B 56 -32.24 45.26 -11.79
CA CYS B 56 -32.70 44.16 -12.63
C CYS B 56 -33.23 42.98 -11.82
N ASP B 57 -34.01 42.12 -12.47
CA ASP B 57 -34.73 41.03 -11.79
C ASP B 57 -34.17 39.68 -12.21
N VAL B 58 -33.73 38.91 -11.22
CA VAL B 58 -33.12 37.61 -11.45
C VAL B 58 -34.09 36.45 -11.26
N SER B 59 -35.38 36.74 -11.13
CA SER B 59 -36.39 35.70 -11.05
C SER B 59 -36.19 34.73 -12.21
N PRO B 60 -36.02 33.43 -11.91
CA PRO B 60 -35.46 32.49 -12.87
C PRO B 60 -36.46 32.07 -13.94
N ILE B 61 -35.95 31.90 -15.16
CA ILE B 61 -36.68 31.19 -16.21
C ILE B 61 -36.37 29.71 -16.05
N PHE B 62 -36.84 28.90 -16.99
CA PHE B 62 -36.54 27.50 -16.97
C PHE B 62 -36.35 26.97 -18.39
N VAL B 63 -35.43 27.56 -19.14
CA VAL B 63 -35.00 27.01 -20.43
C VAL B 63 -34.39 25.61 -20.32
N ASN B 64 -35.07 24.61 -20.88
CA ASN B 64 -34.63 23.21 -20.84
C ASN B 64 -34.64 22.59 -19.45
N GLY B 65 -35.71 22.79 -18.69
CA GLY B 65 -35.85 22.23 -17.35
C GLY B 65 -34.79 22.74 -16.37
N LEU B 66 -33.62 23.08 -16.91
CA LEU B 66 -32.51 23.65 -16.15
C LEU B 66 -32.72 25.14 -15.93
N THR B 67 -32.75 25.58 -14.68
CA THR B 67 -33.08 26.97 -14.37
C THR B 67 -32.05 27.95 -14.92
N THR B 68 -32.53 28.88 -15.72
CA THR B 68 -31.68 29.91 -16.31
C THR B 68 -32.07 31.27 -15.73
N ILE B 69 -31.21 32.25 -15.94
CA ILE B 69 -31.47 33.60 -15.46
C ILE B 69 -31.80 34.53 -16.64
N PRO B 70 -32.87 35.33 -16.51
CA PRO B 70 -33.48 36.22 -17.52
C PRO B 70 -32.49 37.02 -18.33
N ASP B 71 -32.77 37.20 -19.62
CA ASP B 71 -31.90 38.01 -20.49
C ASP B 71 -31.75 39.46 -20.06
N PRO B 72 -32.86 40.12 -19.73
CA PRO B 72 -32.80 41.47 -19.14
C PRO B 72 -31.66 41.61 -18.14
N ALA B 73 -31.65 40.74 -17.12
CA ALA B 73 -30.65 40.80 -16.07
C ALA B 73 -29.26 40.36 -16.55
N VAL B 74 -29.20 39.39 -17.45
CA VAL B 74 -27.91 38.92 -17.96
C VAL B 74 -27.21 40.06 -18.69
N GLN B 75 -27.87 40.62 -19.71
CA GLN B 75 -27.32 41.72 -20.49
C GLN B 75 -26.84 42.87 -19.60
N SER B 76 -27.71 43.24 -18.66
CA SER B 76 -27.40 44.29 -17.70
C SER B 76 -26.10 44.02 -16.93
N ILE B 77 -26.02 42.84 -16.34
CA ILE B 77 -24.90 42.52 -15.48
C ILE B 77 -23.62 42.25 -16.27
N THR B 78 -23.73 41.68 -17.48
CA THR B 78 -22.52 41.41 -18.25
C THR B 78 -21.97 42.72 -18.74
N LYS B 79 -22.88 43.66 -19.00
CA LYS B 79 -22.53 45.00 -19.46
C LYS B 79 -21.75 45.76 -18.38
N ASN B 80 -22.46 46.32 -17.40
CA ASN B 80 -21.83 46.88 -16.22
C ASN B 80 -21.14 45.70 -15.56
N LEU B 81 -19.82 45.75 -15.37
CA LEU B 81 -19.13 44.54 -14.95
C LEU B 81 -19.31 44.19 -13.46
N VAL B 82 -20.35 44.74 -12.85
CA VAL B 82 -20.55 44.65 -11.41
C VAL B 82 -22.00 44.78 -10.97
N ALA B 83 -22.37 44.10 -9.89
CA ALA B 83 -23.75 44.14 -9.41
C ALA B 83 -23.75 44.04 -7.90
N LEU B 84 -24.84 44.50 -7.28
CA LEU B 84 -24.95 44.47 -5.82
C LEU B 84 -26.30 43.92 -5.38
N LYS B 85 -26.39 42.61 -5.12
CA LYS B 85 -27.67 42.00 -4.79
C LYS B 85 -27.95 41.89 -3.30
N GLY B 86 -29.21 42.10 -2.93
CA GLY B 86 -29.68 41.83 -1.59
C GLY B 86 -30.17 40.41 -1.53
N PRO B 87 -30.95 40.08 -0.48
CA PRO B 87 -31.35 38.69 -0.23
C PRO B 87 -32.53 38.32 -1.09
N LEU B 88 -32.59 37.08 -1.54
CA LEU B 88 -33.76 36.60 -2.26
C LEU B 88 -34.23 35.24 -1.76
N ALA B 89 -35.50 34.93 -2.05
CA ALA B 89 -36.16 33.74 -1.50
C ALA B 89 -35.66 32.43 -2.11
N THR B 90 -36.45 31.37 -1.93
CA THR B 90 -36.13 30.05 -2.47
C THR B 90 -37.22 29.66 -3.48
N PRO B 91 -37.15 30.19 -4.72
CA PRO B 91 -38.14 29.91 -5.77
C PRO B 91 -38.43 28.42 -5.90
N HIS B 96 -35.02 25.09 -10.11
CA HIS B 96 -34.80 23.65 -10.04
C HIS B 96 -33.34 23.43 -10.43
N ARG B 97 -32.47 24.01 -9.59
CA ARG B 97 -31.05 24.19 -9.80
C ARG B 97 -30.71 25.45 -9.01
N SER B 98 -30.32 25.31 -7.75
CA SER B 98 -30.00 26.44 -6.88
C SER B 98 -29.92 27.80 -7.60
N LEU B 99 -30.71 28.78 -7.15
CA LEU B 99 -30.72 30.09 -7.79
C LEU B 99 -29.34 30.75 -7.70
N ASN B 100 -28.73 30.66 -6.53
CA ASN B 100 -27.40 31.21 -6.33
C ASN B 100 -26.35 30.46 -7.15
N LEU B 101 -26.61 29.19 -7.44
CA LEU B 101 -25.65 28.37 -8.18
C LEU B 101 -25.66 28.75 -9.64
N THR B 102 -26.85 28.82 -10.22
CA THR B 102 -26.95 29.18 -11.62
C THR B 102 -26.60 30.65 -11.77
N LEU B 103 -26.47 31.34 -10.65
CA LEU B 103 -26.04 32.72 -10.71
C LEU B 103 -24.53 32.80 -10.88
N ARG B 104 -23.80 31.90 -10.22
CA ARG B 104 -22.34 31.85 -10.34
C ARG B 104 -21.95 31.24 -11.67
N LYS B 105 -22.70 30.24 -12.11
CA LYS B 105 -22.33 29.53 -13.32
C LYS B 105 -22.52 30.40 -14.57
N THR B 106 -23.51 31.28 -14.55
CA THR B 106 -23.78 32.13 -15.70
C THR B 106 -22.96 33.42 -15.72
N PHE B 107 -22.26 33.72 -14.63
CA PHE B 107 -21.41 34.91 -14.55
C PHE B 107 -19.95 34.61 -14.24
N GLY B 108 -19.60 33.33 -14.19
CA GLY B 108 -18.23 32.89 -13.99
C GLY B 108 -17.61 33.32 -12.68
N LEU B 109 -18.42 33.39 -11.63
CA LEU B 109 -17.97 33.74 -10.29
C LEU B 109 -17.31 32.52 -9.68
N PHE B 110 -16.14 32.69 -9.10
CA PHE B 110 -15.37 31.55 -8.63
C PHE B 110 -14.74 31.71 -7.25
N ALA B 111 -14.86 32.89 -6.65
CA ALA B 111 -14.22 33.11 -5.37
C ALA B 111 -15.12 33.88 -4.40
N ASN B 112 -15.40 33.28 -3.24
CA ASN B 112 -16.15 33.95 -2.19
C ASN B 112 -15.20 34.65 -1.23
N VAL B 113 -15.34 35.97 -1.08
CA VAL B 113 -14.54 36.69 -0.10
C VAL B 113 -15.38 37.02 1.12
N ARG B 114 -14.97 36.53 2.27
CA ARG B 114 -15.76 36.67 3.48
C ARG B 114 -14.92 37.19 4.64
N PRO B 115 -15.17 38.44 5.02
CA PRO B 115 -14.55 39.10 6.17
C PRO B 115 -15.49 39.04 7.35
N ALA B 116 -14.94 38.87 8.54
CA ALA B 116 -15.73 38.96 9.75
C ALA B 116 -14.95 39.77 10.76
N LYS B 117 -15.42 40.98 11.00
CA LYS B 117 -14.79 41.86 11.96
C LYS B 117 -15.77 42.27 13.03
N SER B 118 -15.26 42.35 14.26
CA SER B 118 -16.03 42.85 15.37
C SER B 118 -16.60 44.24 15.05
N ILE B 119 -17.80 44.47 15.54
CA ILE B 119 -18.45 45.77 15.35
C ILE B 119 -18.33 46.63 16.60
N GLU B 120 -17.96 47.89 16.39
CA GLU B 120 -17.88 48.88 17.46
C GLU B 120 -19.24 49.12 18.08
N GLY B 121 -19.35 48.90 19.39
CA GLY B 121 -20.56 49.22 20.11
C GLY B 121 -21.60 48.11 20.08
N PHE B 122 -21.18 46.93 19.62
CA PHE B 122 -22.02 45.76 19.72
C PHE B 122 -21.23 44.64 20.37
N LYS B 123 -21.55 44.33 21.62
CA LYS B 123 -20.75 43.39 22.40
C LYS B 123 -21.17 41.95 22.16
N THR B 124 -20.24 41.16 21.63
CA THR B 124 -20.38 39.71 21.57
C THR B 124 -19.28 39.03 22.39
N THR B 125 -19.40 37.72 22.50
CA THR B 125 -18.54 36.96 23.39
C THR B 125 -17.08 36.98 22.98
N TYR B 126 -16.82 37.05 21.68
CA TYR B 126 -15.47 37.07 21.15
C TYR B 126 -15.06 38.50 20.78
N GLU B 127 -13.78 38.81 21.01
CA GLU B 127 -13.31 40.18 20.88
C GLU B 127 -12.15 40.27 19.91
N ASN B 128 -11.94 41.47 19.35
CA ASN B 128 -10.80 41.76 18.47
C ASN B 128 -10.73 40.78 17.32
N VAL B 129 -11.90 40.27 16.92
CA VAL B 129 -11.94 39.37 15.79
C VAL B 129 -11.97 40.19 14.49
N ASP B 130 -10.92 40.06 13.71
CA ASP B 130 -10.84 40.68 12.40
C ASP B 130 -10.31 39.63 11.45
N LEU B 131 -11.22 39.02 10.69
CA LEU B 131 -10.89 37.84 9.90
C LEU B 131 -11.19 38.03 8.42
N VAL B 132 -10.32 37.47 7.58
CA VAL B 132 -10.54 37.45 6.14
C VAL B 132 -10.27 36.08 5.56
N LEU B 133 -11.24 35.58 4.79
CA LEU B 133 -11.18 34.24 4.21
C LEU B 133 -11.64 34.25 2.75
N ILE B 134 -10.83 33.66 1.87
CA ILE B 134 -11.21 33.47 0.49
C ILE B 134 -11.54 31.98 0.30
N ARG B 135 -12.66 31.72 -0.35
CA ARG B 135 -13.16 30.36 -0.54
C ARG B 135 -13.36 30.03 -2.02
N GLU B 136 -12.89 28.85 -2.42
CA GLU B 136 -13.14 28.32 -3.75
C GLU B 136 -14.63 27.96 -3.89
N ASN B 137 -15.31 28.53 -4.90
CA ASN B 137 -16.76 28.38 -5.03
C ASN B 137 -17.16 27.76 -6.37
N THR B 138 -16.33 26.86 -6.86
CA THR B 138 -16.49 26.31 -8.20
C THR B 138 -16.63 24.81 -8.10
N GLU B 139 -15.65 24.19 -7.46
CA GLU B 139 -15.55 22.74 -7.44
C GLU B 139 -15.46 22.22 -6.01
N GLY B 140 -14.55 21.27 -5.81
CA GLY B 140 -14.35 20.68 -4.50
C GLY B 140 -15.49 19.75 -4.18
N GLU B 141 -15.78 19.62 -2.88
CA GLU B 141 -16.88 18.81 -2.38
C GLU B 141 -18.20 19.15 -3.08
N TYR B 142 -18.28 20.34 -3.67
CA TYR B 142 -19.54 20.85 -4.18
C TYR B 142 -19.67 20.82 -5.70
N SER B 143 -19.07 19.82 -6.34
CA SER B 143 -19.38 19.53 -7.74
C SER B 143 -20.57 18.59 -7.72
N GLY B 144 -21.38 18.62 -8.77
CA GLY B 144 -22.63 17.88 -8.73
C GLY B 144 -22.47 16.38 -8.71
N ILE B 145 -21.23 15.92 -8.70
CA ILE B 145 -20.91 14.53 -9.00
C ILE B 145 -21.09 13.58 -7.82
N GLU B 146 -22.18 12.82 -7.84
CA GLU B 146 -22.34 11.70 -6.90
C GLU B 146 -23.09 10.51 -7.54
N HIS B 147 -22.76 9.32 -7.05
CA HIS B 147 -23.19 8.07 -7.69
C HIS B 147 -23.69 7.02 -6.71
N ILE B 148 -24.69 6.27 -7.12
CA ILE B 148 -25.09 5.12 -6.34
C ILE B 148 -24.42 3.91 -6.94
N VAL B 149 -23.32 3.47 -6.33
CA VAL B 149 -22.51 2.42 -6.94
C VAL B 149 -23.15 1.04 -6.83
N CYS B 150 -24.03 0.90 -5.85
CA CYS B 150 -24.90 -0.27 -5.75
C CYS B 150 -25.82 -0.08 -4.56
N PRO B 151 -26.86 -0.93 -4.42
CA PRO B 151 -27.94 -0.82 -3.44
C PRO B 151 -27.78 0.18 -2.30
N GLY B 152 -26.91 -0.16 -1.34
CA GLY B 152 -26.73 0.70 -0.18
C GLY B 152 -25.41 1.45 -0.12
N VAL B 153 -24.88 1.84 -1.28
CA VAL B 153 -23.56 2.45 -1.36
C VAL B 153 -23.52 3.71 -2.24
N VAL B 154 -23.04 4.80 -1.66
CA VAL B 154 -23.02 6.08 -2.37
C VAL B 154 -21.63 6.68 -2.43
N GLN B 155 -21.34 7.37 -3.53
CA GLN B 155 -20.08 8.11 -3.67
C GLN B 155 -20.41 9.56 -3.95
N SER B 156 -19.90 10.46 -3.11
CA SER B 156 -19.90 11.87 -3.46
C SER B 156 -18.49 12.20 -3.89
N ILE B 157 -18.33 12.85 -5.04
CA ILE B 157 -16.99 13.07 -5.57
C ILE B 157 -16.50 14.51 -5.44
N LYS B 158 -15.39 14.65 -4.74
CA LYS B 158 -14.72 15.93 -4.52
C LYS B 158 -13.73 16.16 -5.65
N LEU B 159 -13.88 17.28 -6.33
CA LEU B 159 -13.08 17.56 -7.50
C LEU B 159 -12.15 18.71 -7.18
N ILE B 160 -10.86 18.51 -7.40
CA ILE B 160 -9.90 19.58 -7.22
C ILE B 160 -8.93 19.60 -8.39
N THR B 161 -8.88 20.76 -9.05
CA THR B 161 -8.05 20.97 -10.24
C THR B 161 -7.05 22.10 -10.02
N ARG B 162 -5.96 22.11 -10.78
CA ARG B 162 -4.96 23.15 -10.58
C ARG B 162 -5.48 24.48 -11.10
N ASP B 163 -6.17 24.43 -12.25
CA ASP B 163 -6.71 25.63 -12.88
C ASP B 163 -7.63 26.42 -11.97
N ALA B 164 -8.55 25.71 -11.33
CA ALA B 164 -9.51 26.34 -10.43
C ALA B 164 -8.83 26.79 -9.16
N SER B 165 -7.86 26.00 -8.70
CA SER B 165 -7.12 26.31 -7.47
C SER B 165 -6.22 27.53 -7.65
N GLU B 166 -5.41 27.49 -8.71
CA GLU B 166 -4.52 28.57 -9.08
C GLU B 166 -5.20 29.93 -8.95
N ARG B 167 -6.35 30.10 -9.61
CA ARG B 167 -6.95 31.42 -9.70
C ARG B 167 -7.63 31.90 -8.42
N VAL B 168 -7.88 31.00 -7.49
CA VAL B 168 -8.41 31.42 -6.20
C VAL B 168 -7.23 31.83 -5.33
N ILE B 169 -6.25 30.93 -5.26
CA ILE B 169 -5.03 31.17 -4.49
C ILE B 169 -4.36 32.47 -4.92
N ARG B 170 -4.39 32.77 -6.22
CA ARG B 170 -3.89 34.06 -6.71
C ARG B 170 -4.65 35.23 -6.11
N TYR B 171 -5.95 35.27 -6.34
CA TYR B 171 -6.77 36.34 -5.78
C TYR B 171 -6.51 36.52 -4.28
N ALA B 172 -6.13 35.44 -3.61
CA ALA B 172 -5.85 35.51 -2.17
C ALA B 172 -4.54 36.23 -1.85
N PHE B 173 -3.46 35.85 -2.54
CA PHE B 173 -2.18 36.54 -2.45
C PHE B 173 -2.35 38.00 -2.80
N GLU B 174 -3.06 38.25 -3.90
CA GLU B 174 -3.24 39.60 -4.42
C GLU B 174 -4.17 40.44 -3.56
N TYR B 175 -5.13 39.78 -2.91
CA TYR B 175 -6.05 40.48 -2.01
C TYR B 175 -5.36 40.74 -0.68
N ALA B 176 -4.59 39.76 -0.22
CA ALA B 176 -3.80 39.94 1.00
C ALA B 176 -2.88 41.15 0.83
N ARG B 177 -2.27 41.26 -0.35
CA ARG B 177 -1.42 42.40 -0.69
C ARG B 177 -2.21 43.71 -0.72
N ALA B 178 -3.39 43.66 -1.34
CA ALA B 178 -4.21 44.85 -1.50
C ALA B 178 -4.79 45.41 -0.19
N ILE B 179 -4.69 44.65 0.90
CA ILE B 179 -5.21 45.13 2.18
C ILE B 179 -4.13 45.07 3.26
N GLY B 180 -2.90 44.85 2.80
CA GLY B 180 -1.73 45.00 3.64
C GLY B 180 -1.66 44.01 4.78
N ARG B 181 -1.91 42.75 4.46
CA ARG B 181 -1.71 41.66 5.41
C ARG B 181 -0.54 40.86 4.89
N PRO B 182 0.42 40.57 5.77
CA PRO B 182 1.70 39.90 5.46
C PRO B 182 1.57 38.42 5.18
N ARG B 183 0.70 37.76 5.95
CA ARG B 183 0.60 36.30 5.97
C ARG B 183 -0.56 35.85 5.11
N VAL B 184 -0.44 34.67 4.49
CA VAL B 184 -1.59 34.07 3.80
C VAL B 184 -1.59 32.55 4.02
N ILE B 185 -2.68 32.08 4.61
CA ILE B 185 -2.75 30.71 5.09
C ILE B 185 -3.64 29.81 4.24
N VAL B 186 -3.06 28.68 3.81
CA VAL B 186 -3.77 27.69 3.02
C VAL B 186 -4.30 26.62 3.97
N VAL B 187 -5.61 26.65 4.22
CA VAL B 187 -6.28 25.65 5.05
C VAL B 187 -6.50 24.38 4.25
N HIS B 188 -6.16 23.23 4.83
CA HIS B 188 -6.22 21.99 4.07
C HIS B 188 -6.31 20.78 4.98
N LYS B 189 -6.16 19.60 4.40
CA LYS B 189 -6.12 18.37 5.17
C LYS B 189 -5.33 17.33 4.40
N SER B 190 -4.19 17.75 3.86
CA SER B 190 -3.28 16.87 3.11
C SER B 190 -3.00 15.58 3.85
N THR B 191 -3.33 15.59 5.15
CA THR B 191 -3.11 14.48 6.05
C THR B 191 -3.80 13.23 5.52
N ILE B 192 -5.10 13.34 5.26
CA ILE B 192 -5.85 12.19 4.80
C ILE B 192 -6.42 12.34 3.39
N GLN B 193 -6.43 13.57 2.88
CA GLN B 193 -6.79 13.80 1.48
C GLN B 193 -5.55 14.14 0.65
N ARG B 194 -4.58 13.23 0.67
CA ARG B 194 -3.28 13.46 0.08
C ARG B 194 -3.29 14.12 -1.27
N LEU B 195 -3.97 13.51 -2.23
CA LEU B 195 -3.97 14.05 -3.58
C LEU B 195 -4.79 15.32 -3.71
N ALA B 196 -6.05 15.28 -3.27
CA ALA B 196 -6.97 16.39 -3.43
C ALA B 196 -6.45 17.66 -2.77
N ASP B 197 -6.35 17.62 -1.44
CA ASP B 197 -5.87 18.79 -0.71
C ASP B 197 -4.40 19.03 -0.98
N GLY B 198 -3.66 17.96 -1.24
CA GLY B 198 -2.25 18.06 -1.59
C GLY B 198 -2.04 18.95 -2.81
N LEU B 199 -2.85 18.77 -3.85
CA LEU B 199 -2.75 19.59 -5.04
C LEU B 199 -3.01 21.06 -4.72
N PHE B 200 -4.05 21.32 -3.94
CA PHE B 200 -4.38 22.68 -3.55
C PHE B 200 -3.16 23.32 -2.90
N VAL B 201 -2.61 22.63 -1.90
CA VAL B 201 -1.45 23.12 -1.15
C VAL B 201 -0.24 23.37 -2.04
N ASN B 202 0.12 22.40 -2.87
CA ASN B 202 1.27 22.56 -3.77
C ASN B 202 1.11 23.76 -4.69
N VAL B 203 -0.10 23.93 -5.23
CA VAL B 203 -0.39 25.07 -6.10
C VAL B 203 -0.18 26.41 -5.40
N ALA B 204 -0.52 26.48 -4.11
CA ALA B 204 -0.20 27.66 -3.33
C ALA B 204 1.32 27.78 -3.13
N LYS B 205 1.97 26.68 -2.74
CA LYS B 205 3.40 26.67 -2.51
C LYS B 205 4.17 27.11 -3.75
N GLU B 206 3.67 26.71 -4.92
CA GLU B 206 4.32 27.09 -6.18
C GLU B 206 4.05 28.55 -6.54
N LEU B 207 2.83 29.02 -6.30
CA LEU B 207 2.51 30.43 -6.53
C LEU B 207 3.23 31.32 -5.52
N SER B 208 3.43 30.79 -4.31
CA SER B 208 4.11 31.51 -3.24
C SER B 208 5.28 32.33 -3.77
N LYS B 209 6.05 31.75 -4.68
CA LYS B 209 7.29 32.36 -5.13
C LYS B 209 7.11 33.64 -5.94
N GLU B 210 6.07 33.72 -6.76
CA GLU B 210 5.83 34.96 -7.49
C GLU B 210 5.02 36.01 -6.70
N TYR B 211 5.03 35.88 -5.37
CA TYR B 211 4.48 36.88 -4.47
C TYR B 211 5.33 36.89 -3.20
N PRO B 212 6.56 37.45 -3.32
CA PRO B 212 7.59 37.36 -2.28
C PRO B 212 7.35 38.31 -1.10
N ASP B 213 6.47 39.29 -1.30
CA ASP B 213 6.13 40.22 -0.22
C ASP B 213 5.25 39.56 0.83
N LEU B 214 4.49 38.55 0.40
CA LEU B 214 3.63 37.80 1.30
C LEU B 214 4.32 36.52 1.78
N THR B 215 4.00 36.13 3.01
CA THR B 215 4.49 34.87 3.55
C THR B 215 3.38 33.82 3.56
N LEU B 216 3.66 32.68 2.94
CA LEU B 216 2.72 31.57 2.87
C LEU B 216 2.86 30.58 4.04
N GLU B 217 1.77 30.37 4.76
CA GLU B 217 1.73 29.31 5.77
C GLU B 217 0.70 28.25 5.35
N THR B 218 0.85 27.04 5.88
CA THR B 218 -0.13 25.99 5.64
C THR B 218 -0.65 25.44 6.95
N GLU B 219 -1.97 25.31 7.05
CA GLU B 219 -2.60 24.86 8.28
C GLU B 219 -3.70 23.83 8.01
N LEU B 220 -3.82 22.82 8.88
CA LEU B 220 -4.92 21.87 8.82
C LEU B 220 -6.18 22.49 9.42
N ILE B 221 -7.34 22.22 8.84
CA ILE B 221 -8.57 22.80 9.38
C ILE B 221 -8.54 22.53 10.86
N ASP B 222 -8.06 21.35 11.21
CA ASP B 222 -7.87 20.97 12.61
C ASP B 222 -7.47 22.18 13.43
N ASN B 223 -6.35 22.78 13.06
CA ASN B 223 -5.80 23.89 13.81
C ASN B 223 -6.49 25.20 13.49
N SER B 224 -6.79 25.41 12.21
CA SER B 224 -7.50 26.62 11.78
C SER B 224 -8.77 26.85 12.59
N VAL B 225 -9.50 25.79 12.88
CA VAL B 225 -10.67 25.97 13.70
C VAL B 225 -10.31 26.03 15.19
N LEU B 226 -9.39 25.19 15.62
CA LEU B 226 -8.97 25.21 17.03
C LEU B 226 -8.47 26.59 17.42
N LYS B 227 -7.50 27.09 16.66
CA LYS B 227 -6.81 28.31 17.00
C LYS B 227 -7.70 29.53 16.87
N VAL B 228 -8.54 29.57 15.84
CA VAL B 228 -9.38 30.75 15.64
C VAL B 228 -10.37 30.93 16.79
N VAL B 229 -10.92 29.84 17.29
CA VAL B 229 -11.90 29.93 18.37
C VAL B 229 -11.25 30.21 19.74
N THR B 230 -10.04 29.69 19.96
CA THR B 230 -9.32 30.00 21.19
C THR B 230 -8.87 31.47 21.19
N ASN B 231 -8.49 31.97 20.01
CA ASN B 231 -7.99 33.33 19.90
C ASN B 231 -8.09 33.97 18.51
N PRO B 232 -9.25 34.57 18.20
CA PRO B 232 -9.56 35.12 16.88
C PRO B 232 -8.50 36.07 16.33
N SER B 233 -7.83 36.79 17.21
CA SER B 233 -6.95 37.86 16.74
C SER B 233 -5.66 37.33 16.12
N ALA B 234 -5.35 36.06 16.34
CA ALA B 234 -4.10 35.51 15.84
C ALA B 234 -4.09 35.50 14.32
N TYR B 235 -5.23 35.86 13.75
CA TYR B 235 -5.41 35.87 12.31
C TYR B 235 -5.85 37.23 11.82
N THR B 236 -5.50 38.29 12.54
CA THR B 236 -5.89 39.63 12.11
C THR B 236 -4.95 40.14 11.01
N ASP B 237 -3.93 39.35 10.68
CA ASP B 237 -3.07 39.59 9.53
C ASP B 237 -3.17 38.39 8.59
N ALA B 238 -4.41 38.02 8.30
CA ALA B 238 -4.74 36.69 7.79
C ALA B 238 -4.81 36.56 6.28
N VAL B 239 -6.03 36.62 5.76
CA VAL B 239 -6.34 36.06 4.45
C VAL B 239 -6.02 34.57 4.39
N SER B 240 -7.04 33.74 4.60
CA SER B 240 -6.94 32.29 4.50
C SER B 240 -7.64 31.83 3.21
N VAL B 241 -6.96 30.96 2.46
CA VAL B 241 -7.54 30.41 1.27
C VAL B 241 -7.82 28.93 1.51
N CYS B 242 -8.91 28.43 0.95
CA CYS B 242 -9.27 27.03 1.14
C CYS B 242 -10.33 26.56 0.16
N PRO B 243 -10.37 25.25 -0.08
CA PRO B 243 -11.32 24.60 -0.98
C PRO B 243 -12.75 24.78 -0.51
N ASN B 244 -13.69 24.46 -1.40
CA ASN B 244 -15.10 24.82 -1.21
C ASN B 244 -15.71 24.52 0.18
N LEU B 245 -15.54 23.31 0.67
CA LEU B 245 -16.20 22.92 1.92
C LEU B 245 -15.61 23.58 3.14
N TYR B 246 -14.31 23.43 3.33
CA TYR B 246 -13.65 24.07 4.45
C TYR B 246 -14.01 25.55 4.48
N GLY B 247 -14.04 26.15 3.29
CA GLY B 247 -14.44 27.54 3.14
C GLY B 247 -15.86 27.83 3.61
N ASP B 248 -16.81 27.02 3.16
CA ASP B 248 -18.21 27.25 3.52
C ASP B 248 -18.42 27.21 5.03
N ILE B 249 -17.67 26.34 5.70
CA ILE B 249 -17.82 26.16 7.14
C ILE B 249 -17.06 27.22 7.92
N LEU B 250 -15.79 27.41 7.57
CA LEU B 250 -14.96 28.38 8.26
C LEU B 250 -15.53 29.79 8.17
N SER B 251 -16.14 30.13 7.04
CA SER B 251 -16.65 31.48 6.86
C SER B 251 -17.90 31.69 7.71
N ASP B 252 -18.83 30.73 7.69
CA ASP B 252 -19.99 30.77 8.57
C ASP B 252 -19.56 30.72 10.04
N LEU B 253 -18.43 30.06 10.31
CA LEU B 253 -17.87 30.01 11.67
C LEU B 253 -17.33 31.38 12.07
N ASN B 254 -16.43 31.91 11.24
CA ASN B 254 -15.84 33.21 11.45
C ASN B 254 -16.91 34.24 11.78
N SER B 255 -18.02 34.20 11.05
CA SER B 255 -19.13 35.12 11.30
C SER B 255 -19.71 34.88 12.68
N GLY B 256 -19.79 33.62 13.08
CA GLY B 256 -20.29 33.28 14.40
C GLY B 256 -19.45 33.88 15.51
N LEU B 257 -18.14 33.90 15.29
CA LEU B 257 -17.20 34.55 16.20
C LEU B 257 -17.38 36.06 16.25
N SER B 258 -17.51 36.67 15.07
CA SER B 258 -17.50 38.12 14.98
C SER B 258 -18.78 38.75 15.54
N ALA B 259 -19.92 38.14 15.22
CA ALA B 259 -21.23 38.74 15.51
C ALA B 259 -22.25 37.78 16.11
N GLY B 260 -21.91 36.50 16.17
CA GLY B 260 -22.81 35.51 16.74
C GLY B 260 -23.94 35.09 15.82
N SER B 261 -24.18 35.89 14.79
CA SER B 261 -25.04 35.46 13.69
C SER B 261 -24.36 35.91 12.42
N LEU B 262 -25.13 36.10 11.36
CA LEU B 262 -24.54 36.62 10.15
C LEU B 262 -25.37 37.74 9.51
N GLY B 263 -26.12 38.45 10.36
CA GLY B 263 -26.88 39.59 9.93
C GLY B 263 -25.99 40.80 9.70
N LEU B 264 -24.69 40.66 10.00
CA LEU B 264 -23.74 41.74 9.78
C LEU B 264 -22.72 41.39 8.71
N THR B 265 -22.81 40.19 8.17
CA THR B 265 -21.76 39.71 7.28
C THR B 265 -22.05 40.03 5.82
N PRO B 266 -21.06 40.63 5.14
CA PRO B 266 -21.02 40.97 3.71
C PRO B 266 -20.24 39.90 2.98
N SER B 267 -20.65 39.57 1.76
CA SER B 267 -19.83 38.68 0.95
C SER B 267 -19.58 39.31 -0.40
N ALA B 268 -18.50 38.88 -1.04
CA ALA B 268 -18.17 39.33 -2.38
C ALA B 268 -17.92 38.09 -3.19
N ASN B 269 -18.59 37.99 -4.33
CA ASN B 269 -18.41 36.87 -5.24
C ASN B 269 -17.68 37.27 -6.51
N ILE B 270 -16.37 37.06 -6.51
CA ILE B 270 -15.52 37.52 -7.60
C ILE B 270 -15.46 36.56 -8.78
N GLY B 271 -15.75 37.10 -9.96
CA GLY B 271 -15.58 36.36 -11.20
C GLY B 271 -14.46 36.98 -12.02
N HIS B 272 -14.12 36.36 -13.14
CA HIS B 272 -13.01 36.85 -13.95
C HIS B 272 -13.18 38.29 -14.42
N LYS B 273 -14.30 38.58 -15.07
CA LYS B 273 -14.60 39.96 -15.49
C LYS B 273 -15.82 40.56 -14.79
N ILE B 274 -16.73 39.72 -14.31
CA ILE B 274 -17.86 40.19 -13.53
C ILE B 274 -17.59 39.97 -12.06
N SER B 275 -18.45 40.50 -11.19
CA SER B 275 -18.35 40.30 -9.75
C SER B 275 -19.61 40.80 -9.06
N ILE B 276 -20.17 40.00 -8.17
CA ILE B 276 -21.40 40.36 -7.47
C ILE B 276 -21.14 40.47 -5.97
N PHE B 277 -21.74 41.49 -5.36
CA PHE B 277 -21.55 41.78 -3.95
C PHE B 277 -22.89 41.72 -3.23
N GLU B 278 -23.00 40.80 -2.28
CA GLU B 278 -24.29 40.53 -1.64
C GLU B 278 -24.18 40.45 -0.12
N ALA B 279 -25.32 40.61 0.54
CA ALA B 279 -25.40 40.33 1.96
C ALA B 279 -25.77 38.87 2.10
N VAL B 280 -25.28 38.22 3.14
CA VAL B 280 -25.46 36.79 3.27
C VAL B 280 -26.61 36.38 4.20
N HIS B 281 -27.28 37.34 4.79
CA HIS B 281 -28.45 37.02 5.60
C HIS B 281 -29.64 36.71 4.69
N GLY B 282 -30.74 36.27 5.28
CA GLY B 282 -31.89 35.84 4.51
C GLY B 282 -32.83 36.96 4.11
N SER B 283 -34.04 36.59 3.69
CA SER B 283 -35.03 37.55 3.20
C SER B 283 -35.85 38.15 4.35
N ALA B 284 -35.67 37.60 5.56
CA ALA B 284 -36.40 38.04 6.76
C ALA B 284 -37.81 38.53 6.43
N PRO B 285 -38.64 37.63 5.88
CA PRO B 285 -39.98 37.94 5.35
C PRO B 285 -40.92 38.50 6.41
N ASP B 286 -40.68 38.16 7.67
CA ASP B 286 -41.59 38.51 8.77
C ASP B 286 -41.35 39.93 9.31
N ILE B 287 -40.22 40.52 8.93
CA ILE B 287 -39.87 41.86 9.40
C ILE B 287 -39.94 42.83 8.22
N ALA B 288 -40.36 42.28 7.07
CA ALA B 288 -40.36 43.01 5.81
C ALA B 288 -41.47 44.04 5.73
N GLY B 289 -41.09 45.27 5.39
CA GLY B 289 -42.04 46.37 5.28
C GLY B 289 -42.14 47.22 6.54
N GLN B 290 -41.94 46.59 7.70
CA GLN B 290 -42.09 47.27 8.98
C GLN B 290 -40.91 48.15 9.30
N ASP B 291 -39.92 48.17 8.42
CA ASP B 291 -38.81 49.11 8.54
C ASP B 291 -37.86 48.79 9.70
N LYS B 292 -37.60 47.50 9.92
CA LYS B 292 -36.75 47.08 11.05
C LYS B 292 -35.44 46.44 10.57
N ALA B 293 -35.34 46.19 9.27
CA ALA B 293 -34.17 45.55 8.70
C ALA B 293 -32.89 46.28 9.07
N ASN B 294 -31.74 45.66 8.79
CA ASN B 294 -30.46 46.30 9.08
C ASN B 294 -29.48 46.36 7.90
N PRO B 295 -29.49 47.48 7.18
CA PRO B 295 -28.70 47.71 5.97
C PRO B 295 -27.22 47.43 6.14
N THR B 296 -26.73 47.42 7.39
CA THR B 296 -25.29 47.34 7.63
C THR B 296 -24.66 46.26 6.79
N ALA B 297 -25.31 45.09 6.77
CA ALA B 297 -24.82 43.93 6.05
C ALA B 297 -24.58 44.25 4.57
N LEU B 298 -25.66 44.59 3.86
CA LEU B 298 -25.56 44.95 2.46
C LEU B 298 -24.63 46.16 2.28
N LEU B 299 -24.76 47.11 3.20
CA LEU B 299 -24.01 48.36 3.15
C LEU B 299 -22.52 48.11 3.06
N LEU B 300 -22.04 47.15 3.85
CA LEU B 300 -20.63 46.79 3.87
C LEU B 300 -20.20 46.10 2.58
N SER B 301 -21.13 45.37 1.97
CA SER B 301 -20.87 44.79 0.67
C SER B 301 -20.72 45.88 -0.38
N SER B 302 -21.42 47.00 -0.18
CA SER B 302 -21.29 48.16 -1.03
C SER B 302 -19.86 48.67 -0.98
N VAL B 303 -19.37 48.81 0.25
CA VAL B 303 -17.99 49.20 0.50
C VAL B 303 -17.00 48.27 -0.21
N MET B 304 -17.19 46.96 -0.06
CA MET B 304 -16.31 45.99 -0.68
C MET B 304 -16.38 46.09 -2.21
N MET B 305 -17.50 46.61 -2.70
CA MET B 305 -17.70 46.83 -4.12
C MET B 305 -16.94 48.06 -4.54
N LEU B 306 -17.19 49.16 -3.84
CA LEU B 306 -16.45 50.39 -4.09
C LEU B 306 -14.97 50.10 -4.27
N ASN B 307 -14.33 49.52 -3.24
CA ASN B 307 -12.92 49.16 -3.34
C ASN B 307 -12.59 48.34 -4.60
N HIS B 308 -13.38 47.32 -4.88
CA HIS B 308 -13.18 46.48 -6.06
C HIS B 308 -13.23 47.32 -7.35
N MET B 309 -13.99 48.41 -7.31
CA MET B 309 -14.17 49.27 -8.47
C MET B 309 -13.04 50.29 -8.58
N GLY B 310 -12.43 50.61 -7.44
CA GLY B 310 -11.34 51.57 -7.39
C GLY B 310 -11.68 52.84 -6.64
N LEU B 311 -12.96 53.00 -6.29
CA LEU B 311 -13.42 54.20 -5.59
C LEU B 311 -13.02 54.23 -4.12
N THR B 312 -11.74 53.97 -3.86
CA THR B 312 -11.19 53.94 -2.51
C THR B 312 -11.81 55.01 -1.62
N ASN B 313 -11.58 56.26 -2.00
CA ASN B 313 -11.98 57.41 -1.19
C ASN B 313 -13.42 57.33 -0.69
N HIS B 314 -14.34 56.94 -1.58
CA HIS B 314 -15.74 56.83 -1.22
C HIS B 314 -15.98 55.66 -0.27
N ALA B 315 -15.35 54.53 -0.56
CA ALA B 315 -15.50 53.35 0.28
C ALA B 315 -15.07 53.64 1.70
N ASP B 316 -13.83 54.09 1.85
CA ASP B 316 -13.29 54.44 3.15
C ASP B 316 -14.20 55.45 3.82
N GLN B 317 -14.74 56.36 3.02
CA GLN B 317 -15.66 57.38 3.53
C GLN B 317 -16.89 56.74 4.15
N ILE B 318 -17.56 55.88 3.37
CA ILE B 318 -18.81 55.27 3.79
C ILE B 318 -18.63 54.22 4.88
N GLN B 319 -17.42 53.70 4.99
CA GLN B 319 -17.14 52.69 6.00
C GLN B 319 -16.51 53.25 7.28
N ASN B 320 -15.30 53.80 7.14
CA ASN B 320 -14.51 54.34 8.26
C ASN B 320 -15.32 55.34 9.11
N ALA B 321 -15.93 56.30 8.43
CA ALA B 321 -16.95 57.10 9.06
C ALA B 321 -18.27 56.36 8.86
N VAL B 322 -19.38 57.08 8.96
CA VAL B 322 -20.71 56.50 8.73
C VAL B 322 -20.86 55.11 9.32
N LEU B 323 -21.95 54.45 8.95
CA LEU B 323 -22.34 53.16 9.52
C LEU B 323 -21.44 52.66 10.63
N SER B 324 -20.19 52.34 10.29
CA SER B 324 -19.28 51.75 11.27
C SER B 324 -19.26 52.62 12.55
N THR B 325 -19.30 53.94 12.36
CA THR B 325 -19.23 54.90 13.46
C THR B 325 -20.63 55.24 14.01
N ILE B 326 -21.63 55.26 13.15
CA ILE B 326 -22.99 55.58 13.56
C ILE B 326 -23.59 54.41 14.35
N ALA B 327 -23.02 53.21 14.20
CA ALA B 327 -23.41 52.06 15.01
C ALA B 327 -22.82 52.21 16.42
N SER B 328 -22.60 53.45 16.83
CA SER B 328 -22.16 53.78 18.19
C SER B 328 -23.05 54.84 18.85
N GLY B 329 -23.85 54.38 19.81
CA GLY B 329 -24.95 55.12 20.39
C GLY B 329 -26.22 54.35 20.13
N PRO B 330 -26.82 53.75 21.19
CA PRO B 330 -28.00 52.88 21.08
C PRO B 330 -29.27 53.56 20.57
N GLU B 331 -29.28 54.89 20.51
CA GLU B 331 -30.38 55.63 19.88
C GLU B 331 -30.36 55.36 18.38
N ASN B 332 -29.16 55.20 17.84
CA ASN B 332 -28.94 54.65 16.52
C ASN B 332 -29.07 53.12 16.61
N ARG B 333 -28.26 52.38 15.85
CA ARG B 333 -28.37 50.91 15.83
C ARG B 333 -29.76 50.45 15.42
N THR B 334 -29.95 49.14 15.31
CA THR B 334 -31.27 48.61 14.95
C THR B 334 -31.70 47.60 16.00
N GLY B 335 -32.90 47.04 15.85
CA GLY B 335 -33.43 46.09 16.82
C GLY B 335 -32.53 44.89 17.05
N ASP B 336 -31.87 44.46 15.99
CA ASP B 336 -30.97 43.30 16.03
C ASP B 336 -29.70 43.53 16.85
N LEU B 337 -29.39 44.79 17.18
CA LEU B 337 -28.18 45.11 17.95
C LEU B 337 -28.50 45.86 19.24
N ALA B 338 -29.67 45.56 19.81
CA ALA B 338 -30.18 46.22 21.01
C ALA B 338 -30.76 47.62 20.73
N GLY B 339 -30.26 48.27 19.68
CA GLY B 339 -30.68 49.60 19.30
C GLY B 339 -32.18 49.81 19.14
N THR B 340 -32.58 51.06 18.98
CA THR B 340 -33.99 51.42 18.95
C THR B 340 -34.36 52.04 17.62
N ALA B 341 -33.35 52.35 16.82
CA ALA B 341 -33.56 53.05 15.56
C ALA B 341 -34.22 52.17 14.50
N THR B 342 -34.85 52.83 13.53
CA THR B 342 -35.50 52.18 12.41
C THR B 342 -34.51 52.14 11.24
N THR B 343 -34.85 51.38 10.21
CA THR B 343 -34.05 51.39 8.98
C THR B 343 -33.99 52.83 8.50
N SER B 344 -35.12 53.51 8.63
CA SER B 344 -35.25 54.91 8.27
C SER B 344 -34.26 55.77 9.02
N SER B 345 -34.35 55.76 10.35
CA SER B 345 -33.51 56.63 11.17
C SER B 345 -32.04 56.25 11.11
N PHE B 346 -31.75 54.97 10.84
CA PHE B 346 -30.38 54.52 10.72
C PHE B 346 -29.73 55.16 9.49
N THR B 347 -30.49 55.26 8.41
CA THR B 347 -29.97 55.80 7.17
C THR B 347 -29.67 57.31 7.22
N GLU B 348 -30.56 58.10 7.80
CA GLU B 348 -30.27 59.52 7.95
C GLU B 348 -29.21 59.75 9.02
N ALA B 349 -29.33 59.01 10.12
CA ALA B 349 -28.33 59.05 11.19
C ALA B 349 -26.94 58.69 10.67
N VAL B 350 -26.92 57.86 9.62
CA VAL B 350 -25.68 57.50 8.97
C VAL B 350 -25.18 58.66 8.12
N ILE B 351 -26.02 59.11 7.19
CA ILE B 351 -25.63 60.15 6.25
C ILE B 351 -25.07 61.39 6.94
N LYS B 352 -25.50 61.64 8.18
CA LYS B 352 -25.00 62.78 8.94
C LYS B 352 -23.48 62.73 9.05
N ARG B 353 -22.95 61.61 9.53
CA ARG B 353 -21.51 61.47 9.69
C ARG B 353 -20.89 60.95 8.40
N LEU B 354 -21.69 61.05 7.34
CA LEU B 354 -21.30 60.62 6.01
C LEU B 354 -20.33 61.63 5.37
N GLU C 7 -48.60 -18.82 -3.26
CA GLU C 7 -48.11 -18.94 -4.63
C GLU C 7 -48.55 -17.83 -5.58
N ARG C 8 -48.44 -16.59 -5.10
CA ARG C 8 -48.60 -15.40 -5.91
C ARG C 8 -47.27 -15.13 -6.64
N THR C 9 -46.48 -16.18 -6.82
CA THR C 9 -45.12 -16.03 -7.33
C THR C 9 -44.82 -16.94 -8.51
N LEU C 10 -45.78 -17.76 -8.93
CA LEU C 10 -45.60 -18.55 -10.14
C LEU C 10 -46.10 -17.74 -11.32
N PRO C 11 -46.05 -18.30 -12.53
CA PRO C 11 -46.50 -17.51 -13.69
C PRO C 11 -48.02 -17.41 -13.79
N LYS C 12 -48.54 -16.21 -14.03
CA LYS C 12 -49.97 -15.98 -14.26
C LYS C 12 -50.60 -17.16 -14.98
N LYS C 13 -51.65 -17.74 -14.40
CA LYS C 13 -52.31 -18.90 -14.97
C LYS C 13 -53.76 -19.00 -14.48
N TYR C 14 -54.67 -19.12 -15.42
CA TYR C 14 -56.06 -19.23 -15.05
C TYR C 14 -56.67 -20.41 -15.81
N GLY C 15 -57.20 -21.36 -15.04
CA GLY C 15 -57.72 -22.58 -15.61
C GLY C 15 -56.93 -23.00 -16.84
N GLY C 16 -55.68 -23.39 -16.63
CA GLY C 16 -54.83 -23.95 -17.68
C GLY C 16 -54.21 -22.96 -18.66
N ARG C 17 -54.53 -21.68 -18.53
CA ARG C 17 -54.05 -20.71 -19.49
C ARG C 17 -53.10 -19.68 -18.88
N PHE C 18 -51.84 -19.74 -19.32
CA PHE C 18 -50.82 -18.80 -18.88
C PHE C 18 -51.12 -17.46 -19.50
N THR C 19 -50.77 -16.38 -18.80
CA THR C 19 -50.82 -15.06 -19.41
C THR C 19 -49.40 -14.51 -19.48
N VAL C 20 -48.80 -14.57 -20.66
CA VAL C 20 -47.42 -14.15 -20.88
C VAL C 20 -47.35 -12.73 -21.41
N THR C 21 -46.28 -12.00 -21.05
CA THR C 21 -46.08 -10.66 -21.57
C THR C 21 -45.41 -10.67 -22.94
N LEU C 22 -45.91 -9.83 -23.85
CA LEU C 22 -45.35 -9.75 -25.20
C LEU C 22 -44.88 -8.33 -25.51
N ILE C 23 -43.59 -8.19 -25.79
CA ILE C 23 -43.04 -6.88 -26.09
C ILE C 23 -42.35 -6.97 -27.42
N PRO C 24 -43.06 -6.61 -28.49
CA PRO C 24 -42.54 -6.70 -29.86
C PRO C 24 -41.28 -5.84 -30.01
N GLY C 25 -41.39 -4.58 -29.62
CA GLY C 25 -40.24 -3.71 -29.66
C GLY C 25 -39.93 -3.22 -31.06
N ASP C 26 -38.77 -2.58 -31.21
CA ASP C 26 -38.46 -1.86 -32.44
C ASP C 26 -37.86 -2.75 -33.51
N GLY C 27 -37.80 -2.22 -34.74
CA GLY C 27 -37.25 -2.94 -35.86
C GLY C 27 -38.08 -4.15 -36.23
N VAL C 28 -37.43 -5.19 -36.75
CA VAL C 28 -38.12 -6.40 -37.17
C VAL C 28 -38.84 -7.04 -36.02
N GLY C 29 -38.74 -6.42 -34.84
CA GLY C 29 -39.41 -6.89 -33.66
C GLY C 29 -40.85 -7.26 -33.95
N LYS C 30 -41.63 -6.28 -34.39
CA LYS C 30 -43.07 -6.48 -34.65
C LYS C 30 -43.39 -7.68 -35.55
N GLU C 31 -42.60 -7.90 -36.59
CA GLU C 31 -42.83 -9.00 -37.52
C GLU C 31 -42.41 -10.33 -36.92
N ILE C 32 -41.22 -10.36 -36.35
CA ILE C 32 -40.63 -11.57 -35.80
C ILE C 32 -41.47 -12.13 -34.62
N THR C 33 -42.19 -11.25 -33.92
CA THR C 33 -43.03 -11.67 -32.80
C THR C 33 -44.25 -12.34 -33.36
N ASP C 34 -44.87 -11.66 -34.33
CA ASP C 34 -46.04 -12.13 -35.04
C ASP C 34 -45.87 -13.57 -35.53
N SER C 35 -44.72 -13.86 -36.14
CA SER C 35 -44.38 -15.21 -36.55
C SER C 35 -44.67 -16.20 -35.42
N VAL C 36 -44.23 -15.87 -34.22
CA VAL C 36 -44.48 -16.71 -33.06
C VAL C 36 -45.97 -16.81 -32.74
N ARG C 37 -46.67 -15.68 -32.69
CA ARG C 37 -48.11 -15.68 -32.44
C ARG C 37 -48.82 -16.70 -33.32
N THR C 38 -48.59 -16.56 -34.63
CA THR C 38 -49.19 -17.43 -35.64
C THR C 38 -48.91 -18.91 -35.41
N ILE C 39 -47.65 -19.24 -35.19
CA ILE C 39 -47.28 -20.62 -34.91
C ILE C 39 -47.91 -21.10 -33.62
N PHE C 40 -48.20 -20.16 -32.73
CA PHE C 40 -48.75 -20.49 -31.42
C PHE C 40 -50.23 -20.82 -31.47
N GLU C 41 -51.01 -19.97 -32.13
CA GLU C 41 -52.45 -20.22 -32.24
C GLU C 41 -52.74 -21.35 -33.21
N ALA C 42 -51.85 -21.53 -34.18
CA ALA C 42 -51.96 -22.64 -35.13
C ALA C 42 -51.65 -23.99 -34.47
N GLU C 43 -51.02 -23.93 -33.31
CA GLU C 43 -50.69 -25.12 -32.54
C GLU C 43 -51.62 -25.17 -31.33
N ASN C 44 -52.52 -24.18 -31.28
CA ASN C 44 -53.42 -23.93 -30.17
C ASN C 44 -52.79 -24.10 -28.78
N ILE C 45 -51.70 -23.37 -28.57
CA ILE C 45 -51.00 -23.36 -27.28
C ILE C 45 -51.75 -22.47 -26.30
N PRO C 46 -52.02 -23.02 -25.10
CA PRO C 46 -52.85 -22.42 -24.07
C PRO C 46 -52.26 -21.15 -23.44
N ILE C 47 -51.62 -20.29 -24.20
CA ILE C 47 -51.15 -19.05 -23.61
C ILE C 47 -51.81 -17.82 -24.23
N ASP C 48 -52.07 -16.82 -23.41
CA ASP C 48 -52.66 -15.57 -23.86
C ASP C 48 -51.64 -14.46 -23.72
N TRP C 49 -51.40 -13.72 -24.80
CA TRP C 49 -50.47 -12.62 -24.73
C TRP C 49 -51.09 -11.38 -24.11
N GLU C 50 -50.43 -10.83 -23.10
CA GLU C 50 -50.66 -9.44 -22.71
C GLU C 50 -49.58 -8.67 -23.42
N THR C 51 -49.95 -7.84 -24.38
CA THR C 51 -48.97 -7.24 -25.26
C THR C 51 -48.87 -5.73 -25.07
N ILE C 52 -47.65 -5.21 -24.92
CA ILE C 52 -47.48 -3.79 -24.62
C ILE C 52 -46.60 -3.05 -25.64
N ASN C 53 -46.91 -1.76 -25.82
CA ASN C 53 -46.17 -0.88 -26.72
C ASN C 53 -45.95 0.51 -26.10
N ILE C 54 -44.97 1.24 -26.60
CA ILE C 54 -44.36 2.31 -25.82
C ILE C 54 -44.08 3.65 -26.52
N LYS C 60 -42.11 6.45 -24.03
CA LYS C 60 -40.66 6.70 -24.06
C LYS C 60 -40.16 6.20 -22.70
N GLU C 61 -41.02 6.32 -21.67
CA GLU C 61 -40.65 5.91 -20.31
C GLU C 61 -41.67 4.93 -19.77
N GLY C 62 -42.56 4.50 -20.66
CA GLY C 62 -43.53 3.47 -20.35
C GLY C 62 -42.85 2.12 -20.27
N VAL C 63 -41.52 2.13 -20.31
CA VAL C 63 -40.73 0.96 -19.96
C VAL C 63 -41.16 0.55 -18.56
N TYR C 64 -41.84 1.49 -17.90
CA TYR C 64 -42.56 1.24 -16.66
C TYR C 64 -43.62 0.18 -16.87
N GLU C 65 -44.44 0.35 -17.89
CA GLU C 65 -45.55 -0.55 -18.10
C GLU C 65 -45.12 -1.95 -18.49
N ALA C 66 -43.94 -2.06 -19.09
CA ALA C 66 -43.37 -3.36 -19.38
C ALA C 66 -43.00 -4.08 -18.09
N VAL C 67 -42.30 -3.35 -17.22
CA VAL C 67 -41.90 -3.84 -15.92
C VAL C 67 -43.14 -4.26 -15.14
N GLU C 68 -44.08 -3.35 -15.02
CA GLU C 68 -45.26 -3.58 -14.20
C GLU C 68 -45.99 -4.83 -14.68
N SER C 69 -46.11 -4.98 -15.99
CA SER C 69 -46.71 -6.17 -16.59
C SER C 69 -45.98 -7.43 -16.19
N LEU C 70 -44.69 -7.47 -16.48
CA LEU C 70 -43.88 -8.63 -16.16
C LEU C 70 -43.93 -8.99 -14.68
N LYS C 71 -44.10 -7.99 -13.82
CA LYS C 71 -44.21 -8.24 -12.40
C LYS C 71 -45.50 -9.00 -12.06
N ARG C 72 -46.57 -8.76 -12.83
CA ARG C 72 -47.80 -9.53 -12.70
C ARG C 72 -47.64 -10.91 -13.28
N ASN C 73 -47.24 -11.00 -14.54
CA ASN C 73 -47.24 -12.26 -15.25
C ASN C 73 -46.02 -13.14 -14.96
N LYS C 74 -44.95 -12.51 -14.52
CA LYS C 74 -43.67 -13.19 -14.23
C LYS C 74 -42.90 -13.62 -15.48
N ILE C 75 -43.61 -13.86 -16.59
CA ILE C 75 -42.94 -14.32 -17.78
C ILE C 75 -43.25 -13.46 -19.00
N GLY C 76 -42.24 -13.33 -19.87
CA GLY C 76 -42.35 -12.47 -21.03
C GLY C 76 -41.59 -13.00 -22.23
N LEU C 77 -41.94 -12.46 -23.39
CA LEU C 77 -41.32 -12.80 -24.66
C LEU C 77 -41.17 -11.46 -25.37
N LYS C 78 -39.94 -11.12 -25.74
CA LYS C 78 -39.71 -9.79 -26.34
C LYS C 78 -38.65 -9.75 -27.43
N GLY C 79 -38.77 -8.72 -28.27
CA GLY C 79 -37.74 -8.43 -29.25
C GLY C 79 -36.80 -7.42 -28.63
N LEU C 80 -36.11 -6.65 -29.46
CA LEU C 80 -35.20 -5.64 -28.94
C LEU C 80 -35.77 -4.27 -29.17
N TRP C 81 -35.51 -3.35 -28.25
CA TRP C 81 -35.83 -1.95 -28.47
C TRP C 81 -34.63 -1.29 -29.14
N HIS C 82 -34.84 -0.10 -29.67
CA HIS C 82 -33.73 0.63 -30.27
C HIS C 82 -33.10 1.57 -29.26
N THR C 83 -31.79 1.81 -29.40
CA THR C 83 -31.11 2.72 -28.50
C THR C 83 -30.31 3.79 -29.24
N PRO C 84 -30.58 5.06 -28.90
CA PRO C 84 -29.91 6.23 -29.47
C PRO C 84 -28.42 6.26 -29.14
N ALA C 85 -27.63 6.94 -29.96
CA ALA C 85 -26.23 7.14 -29.65
C ALA C 85 -25.95 8.60 -29.33
N ASP C 86 -26.92 9.47 -29.61
CA ASP C 86 -26.78 10.90 -29.35
C ASP C 86 -26.80 11.18 -27.85
N GLN C 87 -26.42 12.41 -27.49
CA GLN C 87 -26.22 12.77 -26.08
C GLN C 87 -27.51 12.93 -25.30
N THR C 88 -28.55 13.43 -25.95
CA THR C 88 -29.83 13.62 -25.29
C THR C 88 -30.80 12.46 -25.56
N GLY C 89 -30.24 11.34 -26.00
CA GLY C 89 -30.97 10.10 -26.18
C GLY C 89 -31.34 9.52 -24.83
N HIS C 90 -32.29 8.59 -24.82
CA HIS C 90 -32.90 8.20 -23.55
C HIS C 90 -32.13 7.14 -22.73
N GLY C 91 -31.35 6.28 -23.39
CA GLY C 91 -30.65 5.22 -22.69
C GLY C 91 -31.31 3.88 -22.88
N SER C 92 -30.52 2.82 -22.87
CA SER C 92 -30.97 1.50 -23.36
C SER C 92 -32.45 1.18 -23.21
N LEU C 93 -32.92 1.13 -21.97
CA LEU C 93 -34.27 0.62 -21.68
C LEU C 93 -34.53 -0.82 -22.13
N ASN C 94 -33.54 -1.41 -22.78
CA ASN C 94 -33.45 -2.86 -22.78
C ASN C 94 -32.81 -3.26 -21.46
N VAL C 95 -31.73 -2.57 -21.08
CA VAL C 95 -31.07 -2.79 -19.79
C VAL C 95 -31.94 -2.28 -18.65
N ALA C 96 -32.61 -1.15 -18.86
CA ALA C 96 -33.55 -0.67 -17.86
C ALA C 96 -34.53 -1.77 -17.49
N LEU C 97 -35.07 -2.46 -18.48
CA LEU C 97 -36.02 -3.52 -18.19
C LEU C 97 -35.40 -4.56 -17.27
N ARG C 98 -34.19 -4.99 -17.60
CA ARG C 98 -33.51 -6.02 -16.83
C ARG C 98 -33.10 -5.58 -15.44
N LYS C 99 -32.50 -4.40 -15.35
CA LYS C 99 -32.08 -3.87 -14.06
C LYS C 99 -33.28 -3.71 -13.11
N GLN C 100 -34.41 -3.25 -13.62
CA GLN C 100 -35.55 -2.98 -12.78
C GLN C 100 -36.26 -4.26 -12.37
N LEU C 101 -35.96 -5.35 -13.04
CA LEU C 101 -36.54 -6.61 -12.63
C LEU C 101 -35.48 -7.52 -12.06
N ASP C 102 -34.26 -7.01 -12.00
CA ASP C 102 -33.13 -7.80 -11.56
C ASP C 102 -33.11 -9.15 -12.27
N ILE C 103 -33.45 -9.13 -13.56
CA ILE C 103 -33.22 -10.26 -14.43
C ILE C 103 -31.74 -10.24 -14.80
N TYR C 104 -30.92 -10.77 -13.91
CA TYR C 104 -29.49 -10.56 -13.95
C TYR C 104 -28.70 -11.50 -14.86
N ALA C 105 -29.32 -12.56 -15.35
CA ALA C 105 -28.58 -13.54 -16.14
C ALA C 105 -29.07 -13.65 -17.58
N ASN C 106 -28.16 -13.44 -18.52
CA ASN C 106 -28.46 -13.61 -19.93
C ASN C 106 -27.84 -14.90 -20.44
N VAL C 107 -28.64 -15.71 -21.14
CA VAL C 107 -28.14 -16.92 -21.78
C VAL C 107 -28.35 -16.80 -23.28
N ALA C 108 -27.28 -16.99 -24.04
CA ALA C 108 -27.38 -17.04 -25.49
C ALA C 108 -26.92 -18.41 -25.97
N LEU C 109 -27.67 -18.98 -26.90
CA LEU C 109 -27.39 -20.32 -27.41
C LEU C 109 -26.89 -20.34 -28.84
N PHE C 110 -25.59 -20.61 -28.99
CA PHE C 110 -24.95 -20.66 -30.28
C PHE C 110 -24.71 -22.10 -30.67
N LYS C 111 -25.71 -22.69 -31.32
CA LYS C 111 -25.61 -24.04 -31.86
C LYS C 111 -25.92 -23.99 -33.34
N SER C 112 -25.00 -24.47 -34.16
CA SER C 112 -25.18 -24.40 -35.61
C SER C 112 -26.33 -25.28 -36.06
N LEU C 113 -26.90 -24.93 -37.20
CA LEU C 113 -28.10 -25.58 -37.71
C LEU C 113 -27.82 -26.30 -39.01
N LYS C 114 -28.50 -27.42 -39.21
CA LYS C 114 -28.18 -28.35 -40.27
C LYS C 114 -28.14 -27.72 -41.68
N GLY C 115 -29.19 -27.00 -42.04
CA GLY C 115 -29.26 -26.46 -43.39
C GLY C 115 -28.61 -25.11 -43.58
N VAL C 116 -27.52 -24.84 -42.86
CA VAL C 116 -26.89 -23.52 -42.96
C VAL C 116 -25.39 -23.58 -43.18
N LYS C 117 -24.95 -22.95 -44.27
CA LYS C 117 -23.54 -22.87 -44.63
C LYS C 117 -22.78 -22.00 -43.64
N THR C 118 -21.89 -22.60 -42.87
CA THR C 118 -21.03 -21.83 -41.98
C THR C 118 -19.57 -22.22 -42.15
N ARG C 119 -18.68 -21.27 -41.90
CA ARG C 119 -17.26 -21.47 -42.15
C ARG C 119 -16.64 -22.57 -41.25
N ILE C 120 -17.05 -22.62 -39.98
CA ILE C 120 -16.69 -23.74 -39.10
C ILE C 120 -17.95 -24.39 -38.59
N PRO C 121 -18.14 -25.68 -38.88
CA PRO C 121 -19.41 -26.36 -38.66
C PRO C 121 -19.44 -27.14 -37.36
N ASP C 122 -20.64 -27.59 -36.97
CA ASP C 122 -20.83 -28.47 -35.80
C ASP C 122 -20.37 -27.81 -34.51
N ILE C 123 -20.94 -26.65 -34.22
CA ILE C 123 -20.48 -25.80 -33.14
C ILE C 123 -21.57 -25.60 -32.12
N ASP C 124 -21.22 -25.74 -30.85
CA ASP C 124 -22.23 -25.72 -29.79
C ASP C 124 -21.68 -25.10 -28.51
N LEU C 125 -21.85 -23.78 -28.37
CA LEU C 125 -21.37 -23.12 -27.17
C LEU C 125 -22.36 -22.10 -26.65
N ILE C 126 -22.29 -21.89 -25.34
CA ILE C 126 -23.21 -21.04 -24.61
C ILE C 126 -22.49 -19.89 -23.93
N VAL C 127 -23.09 -18.72 -23.97
CA VAL C 127 -22.48 -17.55 -23.38
C VAL C 127 -23.42 -16.99 -22.35
N ILE C 128 -23.01 -17.04 -21.08
CA ILE C 128 -23.79 -16.48 -19.99
C ILE C 128 -23.15 -15.18 -19.54
N ARG C 129 -23.91 -14.08 -19.59
CA ARG C 129 -23.40 -12.81 -19.16
C ARG C 129 -24.22 -12.20 -18.03
N GLU C 130 -23.58 -11.39 -17.21
CA GLU C 130 -24.26 -10.66 -16.15
C GLU C 130 -24.86 -9.41 -16.79
N ASN C 131 -26.12 -9.11 -16.43
CA ASN C 131 -26.90 -8.08 -17.11
C ASN C 131 -26.91 -6.68 -16.46
N THR C 132 -26.76 -6.63 -15.14
CA THR C 132 -27.04 -5.41 -14.36
C THR C 132 -25.83 -4.58 -13.92
N GLU C 133 -24.63 -5.12 -14.14
CA GLU C 133 -23.43 -4.57 -13.54
C GLU C 133 -22.34 -4.38 -14.59
N GLY C 134 -21.09 -4.37 -14.16
CA GLY C 134 -19.98 -4.22 -15.07
C GLY C 134 -19.97 -2.88 -15.75
N GLU C 135 -19.66 -2.89 -17.03
CA GLU C 135 -19.64 -1.65 -17.83
C GLU C 135 -21.06 -1.18 -18.20
N PHE C 136 -22.08 -1.95 -17.83
CA PHE C 136 -23.47 -1.61 -18.07
C PHE C 136 -24.06 -0.93 -16.86
N SER C 137 -23.19 -0.52 -15.94
CA SER C 137 -23.66 0.07 -14.70
C SER C 137 -24.09 1.51 -14.95
N GLY C 138 -23.66 2.05 -16.09
CA GLY C 138 -24.07 3.36 -16.52
C GLY C 138 -23.80 4.46 -15.50
N LEU C 139 -22.61 4.46 -14.93
CA LEU C 139 -22.17 5.56 -14.09
C LEU C 139 -21.05 6.27 -14.80
N GLU C 140 -21.27 7.53 -15.17
CA GLU C 140 -20.23 8.31 -15.83
C GLU C 140 -20.38 9.80 -15.58
N HIS C 141 -19.26 10.52 -15.64
CA HIS C 141 -19.29 11.95 -15.45
C HIS C 141 -18.13 12.62 -16.17
N GLU C 142 -18.24 13.93 -16.35
CA GLU C 142 -17.19 14.73 -16.98
C GLU C 142 -16.66 15.70 -15.94
N SER C 143 -15.45 15.44 -15.44
CA SER C 143 -14.89 16.26 -14.36
C SER C 143 -14.64 17.70 -14.80
N VAL C 144 -13.68 17.89 -15.70
CA VAL C 144 -13.51 19.14 -16.41
C VAL C 144 -13.85 18.86 -17.86
N PRO C 145 -14.10 19.92 -18.64
CA PRO C 145 -14.49 19.73 -20.05
C PRO C 145 -13.45 18.89 -20.80
N GLY C 146 -13.91 17.86 -21.51
CA GLY C 146 -13.04 17.08 -22.35
C GLY C 146 -12.45 15.89 -21.66
N VAL C 147 -12.71 15.77 -20.36
CA VAL C 147 -12.25 14.60 -19.58
C VAL C 147 -13.44 13.83 -19.02
N VAL C 148 -13.59 12.58 -19.47
CA VAL C 148 -14.75 11.80 -19.06
C VAL C 148 -14.33 10.52 -18.35
N GLU C 149 -14.98 10.23 -17.23
CA GLU C 149 -14.79 8.98 -16.52
C GLU C 149 -16.07 8.16 -16.51
N SER C 150 -15.96 6.92 -16.96
CA SER C 150 -17.03 5.97 -16.86
C SER C 150 -16.63 4.98 -15.79
N LEU C 151 -17.45 4.87 -14.74
CA LEU C 151 -17.17 3.96 -13.63
C LEU C 151 -17.78 2.58 -13.89
N LYS C 152 -16.95 1.54 -13.74
CA LYS C 152 -17.40 0.16 -13.94
C LYS C 152 -17.45 -0.58 -12.62
N VAL C 153 -18.65 -0.88 -12.15
CA VAL C 153 -18.82 -1.50 -10.84
C VAL C 153 -18.82 -3.01 -10.92
N MET C 154 -18.16 -3.64 -9.96
CA MET C 154 -18.16 -5.10 -9.82
C MET C 154 -18.33 -5.42 -8.35
N THR C 155 -19.39 -6.16 -8.01
CA THR C 155 -19.64 -6.47 -6.60
C THR C 155 -19.77 -7.97 -6.32
N ARG C 156 -19.23 -8.39 -5.20
CA ARG C 156 -19.20 -9.80 -4.82
C ARG C 156 -20.58 -10.45 -4.88
N PRO C 157 -21.58 -9.80 -4.30
CA PRO C 157 -22.91 -10.40 -4.29
C PRO C 157 -23.43 -10.70 -5.71
N LYS C 158 -23.44 -9.67 -6.57
CA LYS C 158 -23.96 -9.83 -7.93
C LYS C 158 -23.12 -10.84 -8.69
N THR C 159 -21.86 -10.97 -8.31
CA THR C 159 -20.95 -11.87 -9.00
C THR C 159 -21.06 -13.30 -8.53
N GLU C 160 -21.26 -13.49 -7.23
CA GLU C 160 -21.44 -14.85 -6.73
C GLU C 160 -22.72 -15.40 -7.38
N ARG C 161 -23.69 -14.52 -7.52
CA ARG C 161 -24.98 -14.88 -8.06
C ARG C 161 -24.85 -15.47 -9.44
N ILE C 162 -24.25 -14.72 -10.36
CA ILE C 162 -24.13 -15.15 -11.77
C ILE C 162 -23.27 -16.38 -11.85
N ALA C 163 -22.24 -16.42 -11.01
CA ALA C 163 -21.33 -17.55 -10.96
C ALA C 163 -22.11 -18.83 -10.68
N ARG C 164 -22.96 -18.81 -9.68
CA ARG C 164 -23.74 -20.00 -9.37
C ARG C 164 -24.76 -20.29 -10.47
N PHE C 165 -25.43 -19.26 -10.98
CA PHE C 165 -26.36 -19.47 -12.08
C PHE C 165 -25.70 -20.22 -13.21
N ALA C 166 -24.49 -19.80 -13.57
CA ALA C 166 -23.77 -20.42 -14.66
C ALA C 166 -23.50 -21.90 -14.38
N PHE C 167 -22.99 -22.19 -13.20
CA PHE C 167 -22.71 -23.58 -12.87
C PHE C 167 -23.98 -24.42 -12.78
N ASP C 168 -24.95 -23.91 -12.03
CA ASP C 168 -26.26 -24.54 -11.97
C ASP C 168 -26.78 -24.88 -13.37
N PHE C 169 -26.68 -23.90 -14.27
CA PHE C 169 -27.11 -24.05 -15.66
C PHE C 169 -26.32 -25.16 -16.35
N ALA C 170 -25.01 -25.15 -16.16
CA ALA C 170 -24.14 -26.14 -16.78
C ALA C 170 -24.45 -27.54 -16.25
N LYS C 171 -24.78 -27.63 -14.96
CA LYS C 171 -25.12 -28.92 -14.38
C LYS C 171 -26.44 -29.43 -14.94
N LYS C 172 -27.44 -28.54 -14.96
CA LYS C 172 -28.78 -28.87 -15.42
C LYS C 172 -28.82 -29.34 -16.87
N TYR C 173 -27.98 -28.75 -17.71
CA TYR C 173 -27.98 -29.08 -19.13
C TYR C 173 -26.72 -29.87 -19.51
N ASN C 174 -26.22 -30.65 -18.55
CA ASN C 174 -25.04 -31.48 -18.75
C ASN C 174 -23.98 -30.85 -19.64
N ARG C 175 -23.48 -29.70 -19.18
CA ARG C 175 -22.34 -29.03 -19.80
C ARG C 175 -21.13 -29.35 -18.94
N LYS C 176 -20.01 -29.71 -19.57
CA LYS C 176 -18.89 -30.18 -18.79
C LYS C 176 -17.92 -29.07 -18.37
N SER C 177 -17.85 -28.00 -19.17
CA SER C 177 -16.87 -26.95 -18.93
C SER C 177 -17.46 -25.55 -18.79
N VAL C 178 -16.93 -24.80 -17.84
CA VAL C 178 -17.33 -23.40 -17.64
C VAL C 178 -16.10 -22.50 -17.55
N THR C 179 -16.06 -21.49 -18.40
CA THR C 179 -14.88 -20.64 -18.51
C THR C 179 -15.22 -19.19 -18.23
N ALA C 180 -14.43 -18.55 -17.37
CA ALA C 180 -14.65 -17.16 -17.04
C ALA C 180 -13.80 -16.27 -17.94
N VAL C 181 -14.47 -15.36 -18.65
CA VAL C 181 -13.78 -14.41 -19.53
C VAL C 181 -13.56 -13.10 -18.79
N HIS C 182 -12.33 -12.58 -18.84
CA HIS C 182 -11.96 -11.45 -17.99
C HIS C 182 -10.78 -10.71 -18.57
N LYS C 183 -10.39 -9.64 -17.89
CA LYS C 183 -9.23 -8.84 -18.28
C LYS C 183 -8.48 -8.54 -17.00
N ALA C 184 -8.35 -9.58 -16.18
CA ALA C 184 -7.90 -9.41 -14.81
C ALA C 184 -6.44 -9.05 -14.71
N ASN C 185 -5.73 -9.16 -15.82
CA ASN C 185 -4.30 -8.84 -15.82
C ASN C 185 -4.07 -7.35 -15.88
N ILE C 186 -5.12 -6.60 -16.13
CA ILE C 186 -5.01 -5.17 -16.26
C ILE C 186 -5.90 -4.45 -15.27
N MET C 187 -7.14 -4.93 -15.17
CA MET C 187 -8.09 -4.43 -14.18
C MET C 187 -8.13 -5.43 -13.05
N LYS C 188 -7.08 -5.38 -12.24
CA LYS C 188 -6.77 -6.42 -11.26
C LYS C 188 -7.81 -6.53 -10.16
N LEU C 189 -8.47 -5.43 -9.85
CA LEU C 189 -9.50 -5.47 -8.85
C LEU C 189 -10.84 -5.87 -9.47
N GLY C 190 -11.26 -5.12 -10.48
CA GLY C 190 -12.56 -5.36 -11.10
C GLY C 190 -12.70 -6.76 -11.67
N ASP C 191 -12.04 -7.00 -12.79
CA ASP C 191 -12.12 -8.31 -13.42
C ASP C 191 -11.43 -9.38 -12.57
N GLY C 192 -10.47 -8.96 -11.75
CA GLY C 192 -9.85 -9.89 -10.83
C GLY C 192 -10.87 -10.55 -9.96
N LEU C 193 -11.67 -9.73 -9.27
CA LEU C 193 -12.73 -10.21 -8.38
C LEU C 193 -13.65 -11.19 -9.09
N PHE C 194 -14.04 -10.84 -10.31
CA PHE C 194 -14.88 -11.67 -11.14
C PHE C 194 -14.26 -13.04 -11.38
N ARG C 195 -13.02 -13.07 -11.85
CA ARG C 195 -12.32 -14.33 -12.15
C ARG C 195 -12.16 -15.22 -10.92
N ASN C 196 -11.90 -14.60 -9.77
CA ASN C 196 -11.71 -15.36 -8.55
C ASN C 196 -12.99 -15.97 -8.09
N ILE C 197 -13.93 -15.14 -7.71
CA ILE C 197 -15.25 -15.59 -7.29
C ILE C 197 -15.82 -16.75 -8.16
N ILE C 198 -15.59 -16.70 -9.47
CA ILE C 198 -16.07 -17.77 -10.35
C ILE C 198 -15.30 -19.06 -10.11
N THR C 199 -13.99 -19.01 -10.33
CA THR C 199 -13.17 -20.20 -10.15
C THR C 199 -13.27 -20.68 -8.70
N GLU C 200 -13.31 -19.73 -7.78
CA GLU C 200 -13.38 -20.02 -6.35
C GLU C 200 -14.59 -20.88 -6.01
N ILE C 201 -15.75 -20.54 -6.57
CA ILE C 201 -16.96 -21.27 -6.19
C ILE C 201 -17.36 -22.31 -7.23
N GLY C 202 -16.42 -22.62 -8.12
CA GLY C 202 -16.57 -23.74 -9.02
C GLY C 202 -15.71 -24.88 -8.52
N GLN C 203 -14.94 -24.61 -7.47
CA GLN C 203 -14.02 -25.58 -6.89
C GLN C 203 -14.56 -26.15 -5.59
N LYS C 204 -15.17 -25.30 -4.77
CA LYS C 204 -15.70 -25.78 -3.50
C LYS C 204 -17.19 -26.15 -3.55
N GLU C 205 -17.85 -25.74 -4.64
CA GLU C 205 -19.18 -26.24 -4.99
C GLU C 205 -19.00 -26.61 -6.45
N TYR C 206 -19.90 -27.41 -7.03
CA TYR C 206 -19.75 -27.79 -8.44
C TYR C 206 -18.35 -28.34 -8.81
N PRO C 207 -17.84 -29.31 -8.05
CA PRO C 207 -16.49 -29.82 -8.32
C PRO C 207 -16.47 -30.69 -9.55
N ASP C 208 -17.64 -31.17 -9.97
CA ASP C 208 -17.74 -32.06 -11.11
C ASP C 208 -17.51 -31.34 -12.42
N ILE C 209 -17.58 -30.01 -12.39
CA ILE C 209 -17.45 -29.20 -13.60
C ILE C 209 -16.06 -28.60 -13.74
N ASP C 210 -15.58 -28.51 -14.99
CA ASP C 210 -14.25 -27.98 -15.24
C ASP C 210 -14.26 -26.47 -15.31
N VAL C 211 -13.71 -25.82 -14.30
CA VAL C 211 -13.63 -24.36 -14.31
C VAL C 211 -12.30 -23.87 -14.85
N SER C 212 -12.32 -22.76 -15.58
CA SER C 212 -11.10 -22.17 -16.13
C SER C 212 -11.32 -20.70 -16.42
N SER C 213 -10.21 -20.01 -16.71
CA SER C 213 -10.28 -18.60 -17.06
C SER C 213 -9.72 -18.41 -18.44
N ILE C 214 -10.02 -17.27 -19.02
CA ILE C 214 -9.45 -16.89 -20.30
C ILE C 214 -9.54 -15.38 -20.43
N ILE C 215 -8.48 -14.78 -20.96
CA ILE C 215 -8.43 -13.34 -21.11
C ILE C 215 -9.22 -12.93 -22.33
N VAL C 216 -10.07 -11.92 -22.15
CA VAL C 216 -11.09 -11.58 -23.13
C VAL C 216 -10.57 -11.43 -24.55
N ASP C 217 -9.41 -10.80 -24.72
CA ASP C 217 -8.87 -10.61 -26.05
C ASP C 217 -8.44 -11.95 -26.68
N ASN C 218 -7.73 -12.76 -25.91
CA ASN C 218 -7.32 -14.07 -26.37
C ASN C 218 -8.51 -15.00 -26.56
N ALA C 219 -9.53 -14.81 -25.74
CA ALA C 219 -10.76 -15.57 -25.88
C ALA C 219 -11.37 -15.25 -27.24
N SER C 220 -11.37 -13.96 -27.57
CA SER C 220 -11.91 -13.49 -28.85
C SER C 220 -11.21 -14.11 -30.03
N MET C 221 -9.92 -14.35 -29.87
CA MET C 221 -9.15 -14.93 -30.95
C MET C 221 -9.45 -16.41 -31.10
N GLN C 222 -9.46 -17.15 -29.99
CA GLN C 222 -9.76 -18.56 -30.09
C GLN C 222 -11.17 -18.77 -30.62
N ALA C 223 -12.11 -17.95 -30.17
CA ALA C 223 -13.51 -18.07 -30.57
C ALA C 223 -13.70 -18.05 -32.08
N VAL C 224 -12.94 -17.19 -32.73
CA VAL C 224 -13.04 -17.00 -34.18
C VAL C 224 -12.27 -18.09 -34.92
N ALA C 225 -11.16 -18.54 -34.34
CA ALA C 225 -10.29 -19.48 -35.01
C ALA C 225 -10.53 -20.95 -34.64
N LYS C 226 -10.80 -21.22 -33.36
CA LYS C 226 -10.96 -22.58 -32.88
C LYS C 226 -12.01 -22.68 -31.78
N PRO C 227 -13.30 -22.52 -32.15
CA PRO C 227 -14.40 -22.32 -31.21
C PRO C 227 -14.81 -23.60 -30.48
N HIS C 228 -14.41 -24.75 -31.03
CA HIS C 228 -14.87 -26.02 -30.46
C HIS C 228 -14.28 -26.28 -29.08
N GLN C 229 -13.24 -25.53 -28.73
CA GLN C 229 -12.60 -25.70 -27.44
C GLN C 229 -13.46 -25.12 -26.28
N PHE C 230 -14.46 -24.32 -26.63
CA PHE C 230 -15.33 -23.71 -25.62
C PHE C 230 -16.66 -24.44 -25.44
N ASP C 231 -17.17 -24.42 -24.21
CA ASP C 231 -18.40 -25.09 -23.82
C ASP C 231 -19.38 -24.05 -23.27
N VAL C 232 -19.10 -23.56 -22.07
CA VAL C 232 -19.86 -22.46 -21.49
C VAL C 232 -18.92 -21.34 -21.11
N LEU C 233 -19.32 -20.12 -21.45
CA LEU C 233 -18.54 -18.92 -21.12
C LEU C 233 -19.33 -17.99 -20.22
N VAL C 234 -18.75 -17.60 -19.08
CA VAL C 234 -19.36 -16.65 -18.17
C VAL C 234 -18.63 -15.33 -18.26
N THR C 235 -19.36 -14.24 -18.45
CA THR C 235 -18.71 -12.97 -18.69
C THR C 235 -19.47 -11.85 -18.02
N PRO C 236 -18.78 -10.73 -17.74
CA PRO C 236 -19.44 -9.49 -17.36
C PRO C 236 -20.13 -8.88 -18.56
N SER C 237 -20.99 -7.89 -18.34
CA SER C 237 -21.81 -7.30 -19.40
C SER C 237 -21.15 -7.09 -20.77
N MET C 238 -19.96 -6.52 -20.78
CA MET C 238 -19.31 -6.12 -22.03
C MET C 238 -18.83 -7.34 -22.82
N TYR C 239 -17.92 -8.11 -22.21
CA TYR C 239 -17.29 -9.22 -22.89
C TYR C 239 -18.34 -10.17 -23.46
N GLY C 240 -19.54 -10.12 -22.92
CA GLY C 240 -20.62 -10.99 -23.33
C GLY C 240 -21.26 -10.53 -24.62
N THR C 241 -21.30 -9.21 -24.80
CA THR C 241 -21.73 -8.60 -26.05
C THR C 241 -20.76 -8.95 -27.16
N ILE C 242 -19.47 -8.98 -26.82
CA ILE C 242 -18.44 -9.24 -27.80
C ILE C 242 -18.38 -10.71 -28.17
N LEU C 243 -18.26 -11.59 -27.19
CA LEU C 243 -18.18 -13.01 -27.49
C LEU C 243 -19.51 -13.41 -28.09
N GLY C 244 -20.59 -12.81 -27.61
CA GLY C 244 -21.89 -13.07 -28.17
C GLY C 244 -21.95 -12.91 -29.68
N ASN C 245 -21.55 -11.74 -30.17
CA ASN C 245 -21.55 -11.51 -31.60
C ASN C 245 -20.58 -12.39 -32.40
N ILE C 246 -19.44 -12.74 -31.82
CA ILE C 246 -18.58 -13.74 -32.45
C ILE C 246 -19.38 -15.02 -32.65
N GLY C 247 -20.05 -15.46 -31.59
CA GLY C 247 -20.81 -16.69 -31.67
C GLY C 247 -21.95 -16.58 -32.65
N ALA C 248 -22.57 -15.40 -32.68
CA ALA C 248 -23.67 -15.14 -33.58
C ALA C 248 -23.22 -15.36 -35.02
N ALA C 249 -22.10 -14.75 -35.37
CA ALA C 249 -21.56 -14.90 -36.72
C ALA C 249 -21.21 -16.37 -37.00
N LEU C 250 -20.54 -17.02 -36.06
CA LEU C 250 -20.02 -18.38 -36.22
C LEU C 250 -21.05 -19.38 -36.72
N ILE C 251 -22.31 -19.15 -36.37
CA ILE C 251 -23.35 -20.12 -36.65
C ILE C 251 -24.28 -19.74 -37.80
N GLY C 252 -24.14 -18.52 -38.31
CA GLY C 252 -24.95 -18.09 -39.43
C GLY C 252 -25.36 -16.63 -39.37
N GLY C 253 -25.73 -16.18 -38.18
CA GLY C 253 -26.18 -14.82 -38.02
C GLY C 253 -27.13 -14.65 -36.84
N PRO C 254 -27.53 -13.40 -36.59
CA PRO C 254 -28.34 -13.01 -35.43
C PRO C 254 -29.74 -13.60 -35.45
N GLY C 255 -30.13 -14.16 -36.59
CA GLY C 255 -31.47 -14.67 -36.76
C GLY C 255 -31.62 -16.11 -36.34
N LEU C 256 -30.52 -16.73 -35.91
CA LEU C 256 -30.56 -18.16 -35.57
C LEU C 256 -30.33 -18.40 -34.08
N VAL C 257 -30.23 -17.31 -33.31
CA VAL C 257 -29.79 -17.40 -31.93
C VAL C 257 -30.90 -17.23 -30.92
N ALA C 258 -31.15 -18.29 -30.15
CA ALA C 258 -32.15 -18.24 -29.09
C ALA C 258 -31.51 -17.61 -27.87
N GLY C 259 -32.31 -16.87 -27.09
CA GLY C 259 -31.79 -16.24 -25.90
C GLY C 259 -32.84 -16.19 -24.81
N ALA C 260 -32.36 -16.03 -23.58
CA ALA C 260 -33.28 -15.91 -22.44
C ALA C 260 -32.61 -15.13 -21.33
N ASN C 261 -33.42 -14.41 -20.56
CA ASN C 261 -32.94 -13.67 -19.41
C ASN C 261 -33.61 -14.15 -18.13
N PHE C 262 -32.81 -14.41 -17.10
CA PHE C 262 -33.32 -14.92 -15.83
C PHE C 262 -33.02 -14.04 -14.62
N GLY C 263 -34.06 -13.79 -13.83
CA GLY C 263 -33.90 -13.24 -12.50
C GLY C 263 -34.42 -14.29 -11.54
N ARG C 264 -34.47 -13.96 -10.26
CA ARG C 264 -34.93 -14.95 -9.29
C ARG C 264 -36.42 -15.20 -9.45
N ASP C 265 -37.19 -14.13 -9.64
CA ASP C 265 -38.65 -14.23 -9.74
C ASP C 265 -39.19 -14.22 -11.15
N TYR C 266 -38.53 -13.49 -12.05
CA TYR C 266 -39.04 -13.33 -13.40
C TYR C 266 -38.15 -14.03 -14.42
N ALA C 267 -38.66 -14.12 -15.65
CA ALA C 267 -37.90 -14.63 -16.80
C ALA C 267 -38.41 -13.96 -18.05
N VAL C 268 -37.50 -13.35 -18.81
CA VAL C 268 -37.86 -12.72 -20.07
C VAL C 268 -37.05 -13.35 -21.19
N PHE C 269 -37.74 -13.81 -22.22
CA PHE C 269 -37.09 -14.48 -23.34
C PHE C 269 -37.00 -13.56 -24.54
N GLU C 270 -35.78 -13.45 -25.08
CA GLU C 270 -35.53 -12.58 -26.22
C GLU C 270 -34.53 -13.26 -27.13
N PRO C 271 -34.30 -12.70 -28.33
CA PRO C 271 -33.28 -13.27 -29.21
C PRO C 271 -31.90 -13.20 -28.56
N GLY C 272 -31.09 -14.23 -28.76
CA GLY C 272 -29.79 -14.30 -28.14
C GLY C 272 -28.73 -13.41 -28.78
N SER C 273 -29.06 -12.80 -29.92
CA SER C 273 -28.05 -12.03 -30.60
C SER C 273 -28.16 -10.53 -30.39
N ARG C 274 -29.37 -10.04 -30.21
CA ARG C 274 -29.56 -8.66 -29.78
C ARG C 274 -29.28 -7.66 -30.89
N HIS C 275 -30.02 -7.80 -31.99
CA HIS C 275 -30.01 -6.83 -33.08
C HIS C 275 -31.43 -6.42 -33.47
N VAL C 276 -31.63 -5.14 -33.76
CA VAL C 276 -32.96 -4.58 -33.96
C VAL C 276 -33.50 -4.75 -35.39
N GLY C 277 -32.59 -4.79 -36.36
CA GLY C 277 -32.98 -4.90 -37.76
C GLY C 277 -33.77 -3.71 -38.25
N LEU C 278 -33.49 -2.53 -37.70
CA LEU C 278 -34.18 -1.31 -38.10
C LEU C 278 -34.32 -1.14 -39.62
N ASP C 279 -33.23 -1.42 -40.34
CA ASP C 279 -33.18 -1.21 -41.79
C ASP C 279 -34.22 -2.00 -42.61
N ILE C 280 -34.56 -3.21 -42.15
CA ILE C 280 -35.52 -4.05 -42.87
C ILE C 280 -36.89 -4.15 -42.19
N LYS C 281 -37.29 -3.08 -41.49
CA LYS C 281 -38.58 -3.05 -40.82
C LYS C 281 -39.70 -2.95 -41.82
N GLY C 282 -40.66 -3.86 -41.73
CA GLY C 282 -41.85 -3.81 -42.55
C GLY C 282 -41.66 -4.44 -43.91
N GLN C 283 -40.48 -4.98 -44.15
CA GLN C 283 -40.19 -5.54 -45.46
C GLN C 283 -40.52 -7.02 -45.54
N ASN C 284 -40.84 -7.63 -44.43
CA ASN C 284 -41.18 -9.04 -44.44
C ASN C 284 -40.04 -9.89 -45.01
N VAL C 285 -38.82 -9.41 -44.85
CA VAL C 285 -37.64 -10.17 -45.31
C VAL C 285 -36.98 -10.89 -44.14
N ALA C 286 -37.30 -10.45 -42.93
CA ALA C 286 -36.65 -10.87 -41.70
C ALA C 286 -36.76 -12.38 -41.39
N ASN C 287 -35.86 -12.86 -40.54
CA ASN C 287 -35.82 -14.27 -40.17
C ASN C 287 -36.25 -14.46 -38.71
N PRO C 288 -37.30 -15.27 -38.50
CA PRO C 288 -37.86 -15.40 -37.16
C PRO C 288 -37.29 -16.60 -36.39
N THR C 289 -36.33 -17.32 -36.96
CA THR C 289 -35.78 -18.48 -36.28
C THR C 289 -35.39 -18.12 -34.84
N ALA C 290 -34.65 -17.01 -34.70
CA ALA C 290 -34.21 -16.52 -33.39
C ALA C 290 -35.40 -16.48 -32.46
N MET C 291 -36.37 -15.62 -32.79
CA MET C 291 -37.53 -15.40 -31.93
C MET C 291 -38.25 -16.68 -31.58
N ILE C 292 -38.53 -17.50 -32.59
CA ILE C 292 -39.27 -18.74 -32.37
C ILE C 292 -38.50 -19.66 -31.45
N LEU C 293 -37.21 -19.82 -31.70
CA LEU C 293 -36.41 -20.76 -30.92
C LEU C 293 -36.31 -20.37 -29.45
N SER C 294 -36.17 -19.08 -29.19
CA SER C 294 -36.17 -18.62 -27.81
C SER C 294 -37.58 -18.67 -27.26
N SER C 295 -38.56 -18.58 -28.16
CA SER C 295 -39.96 -18.81 -27.79
C SER C 295 -40.16 -20.25 -27.30
N THR C 296 -39.49 -21.20 -27.94
CA THR C 296 -39.55 -22.59 -27.47
C THR C 296 -38.89 -22.73 -26.11
N LEU C 297 -37.82 -21.98 -25.89
CA LEU C 297 -37.13 -21.96 -24.59
C LEU C 297 -38.12 -21.60 -23.50
N MET C 298 -39.01 -20.66 -23.81
CA MET C 298 -40.01 -20.18 -22.86
C MET C 298 -41.03 -21.26 -22.55
N LEU C 299 -41.44 -22.00 -23.57
CA LEU C 299 -42.35 -23.13 -23.36
C LEU C 299 -41.73 -24.15 -22.41
N ASN C 300 -40.56 -24.64 -22.74
CA ASN C 300 -39.87 -25.56 -21.84
C ASN C 300 -39.91 -25.02 -20.42
N HIS C 301 -39.76 -23.69 -20.31
CA HIS C 301 -39.73 -23.06 -19.00
C HIS C 301 -41.07 -23.23 -18.28
N LEU C 302 -42.12 -22.63 -18.82
CA LEU C 302 -43.42 -22.79 -18.17
C LEU C 302 -44.04 -24.17 -18.39
N GLY C 303 -43.16 -25.16 -18.58
CA GLY C 303 -43.55 -26.55 -18.43
C GLY C 303 -44.22 -27.24 -19.61
N LEU C 304 -44.67 -26.45 -20.58
CA LEU C 304 -45.30 -27.00 -21.78
C LEU C 304 -44.34 -28.00 -22.43
N ASN C 305 -43.55 -27.54 -23.39
CA ASN C 305 -42.41 -28.30 -23.89
C ASN C 305 -42.68 -29.58 -24.69
N GLU C 306 -43.90 -30.10 -24.59
CA GLU C 306 -44.34 -31.09 -25.55
C GLU C 306 -44.40 -30.26 -26.80
N TYR C 307 -45.06 -29.12 -26.69
CA TYR C 307 -45.10 -28.13 -27.76
C TYR C 307 -43.72 -27.68 -28.17
N ALA C 308 -42.87 -27.39 -27.19
CA ALA C 308 -41.52 -26.90 -27.49
C ALA C 308 -40.71 -27.93 -28.30
N THR C 309 -40.59 -29.13 -27.75
CA THR C 309 -39.94 -30.23 -28.46
C THR C 309 -40.48 -30.28 -29.87
N ARG C 310 -41.80 -30.13 -29.97
CA ARG C 310 -42.49 -30.14 -31.23
C ARG C 310 -41.99 -29.03 -32.14
N ILE C 311 -42.45 -27.81 -31.88
CA ILE C 311 -42.27 -26.70 -32.82
C ILE C 311 -40.81 -26.31 -33.05
N SER C 312 -39.89 -26.89 -32.29
CA SER C 312 -38.47 -26.68 -32.58
C SER C 312 -38.04 -27.62 -33.70
N LYS C 313 -38.45 -28.88 -33.60
CA LYS C 313 -38.19 -29.84 -34.67
C LYS C 313 -38.73 -29.29 -35.98
N ALA C 314 -39.87 -28.63 -35.91
CA ALA C 314 -40.49 -28.03 -37.08
C ALA C 314 -39.55 -27.06 -37.78
N VAL C 315 -39.13 -26.01 -37.08
CA VAL C 315 -38.21 -25.04 -37.64
C VAL C 315 -36.83 -25.64 -37.97
N HIS C 316 -36.33 -26.52 -37.11
CA HIS C 316 -35.06 -27.18 -37.40
C HIS C 316 -35.06 -27.94 -38.73
N GLU C 317 -36.08 -28.76 -38.94
CA GLU C 317 -36.25 -29.48 -40.20
C GLU C 317 -36.53 -28.54 -41.38
N THR C 318 -37.42 -27.58 -41.19
CA THR C 318 -37.70 -26.57 -42.22
C THR C 318 -36.43 -25.94 -42.81
N ILE C 319 -35.53 -25.47 -41.95
CA ILE C 319 -34.35 -24.77 -42.47
C ILE C 319 -33.31 -25.73 -43.04
N ALA C 320 -33.18 -26.91 -42.43
CA ALA C 320 -32.33 -27.96 -42.99
C ALA C 320 -32.79 -28.34 -44.41
N GLU C 321 -34.11 -28.38 -44.61
CA GLU C 321 -34.70 -28.70 -45.90
C GLU C 321 -34.61 -27.55 -46.86
N GLY C 322 -33.42 -27.36 -47.41
CA GLY C 322 -33.17 -26.36 -48.43
C GLY C 322 -34.17 -25.23 -48.58
N LYS C 323 -34.53 -24.94 -49.82
CA LYS C 323 -35.32 -23.77 -50.17
C LYS C 323 -36.65 -23.73 -49.45
N HIS C 324 -37.22 -22.52 -49.40
CA HIS C 324 -38.38 -22.16 -48.56
C HIS C 324 -37.89 -21.52 -47.27
N THR C 325 -36.57 -21.44 -47.14
CA THR C 325 -35.92 -20.81 -46.01
C THR C 325 -35.82 -19.31 -46.32
N THR C 326 -35.59 -18.51 -45.29
CA THR C 326 -35.59 -17.05 -45.40
C THR C 326 -34.28 -16.45 -45.91
N ARG C 327 -34.34 -15.21 -46.42
CA ARG C 327 -33.24 -14.55 -47.16
C ARG C 327 -31.82 -14.76 -46.63
N ASP C 328 -31.59 -14.39 -45.37
CA ASP C 328 -30.26 -14.37 -44.76
C ASP C 328 -29.56 -15.72 -44.58
N ILE C 329 -30.32 -16.82 -44.64
CA ILE C 329 -29.73 -18.15 -44.53
C ILE C 329 -29.27 -18.63 -45.90
N GLY C 330 -29.81 -18.00 -46.94
CA GLY C 330 -29.46 -18.33 -48.31
C GLY C 330 -30.67 -18.72 -49.14
N GLY C 331 -31.84 -18.48 -48.58
CA GLY C 331 -33.09 -18.77 -49.27
C GLY C 331 -33.64 -17.53 -49.96
N SER C 332 -34.89 -17.62 -50.40
CA SER C 332 -35.53 -16.51 -51.09
C SER C 332 -36.94 -16.27 -50.57
N SER C 333 -37.31 -17.03 -49.53
CA SER C 333 -38.63 -16.90 -48.91
C SER C 333 -38.72 -15.71 -47.97
N SER C 334 -39.94 -15.22 -47.75
CA SER C 334 -40.19 -14.14 -46.80
C SER C 334 -40.55 -14.68 -45.42
N THR C 335 -40.51 -13.80 -44.42
CA THR C 335 -40.87 -14.17 -43.05
C THR C 335 -42.19 -14.92 -43.04
N THR C 336 -43.14 -14.36 -43.76
CA THR C 336 -44.44 -14.93 -43.94
C THR C 336 -44.38 -16.38 -44.45
N ASP C 337 -43.59 -16.62 -45.50
CA ASP C 337 -43.56 -17.94 -46.13
C ASP C 337 -42.88 -18.95 -45.22
N PHE C 338 -41.77 -18.53 -44.61
CA PHE C 338 -41.02 -19.39 -43.69
C PHE C 338 -41.91 -19.82 -42.53
N THR C 339 -42.63 -18.87 -41.95
CA THR C 339 -43.57 -19.17 -40.87
C THR C 339 -44.51 -20.30 -41.29
N ASN C 340 -45.10 -20.15 -42.47
CA ASN C 340 -46.14 -21.08 -42.93
C ASN C 340 -45.63 -22.48 -43.24
N GLU C 341 -44.34 -22.58 -43.56
CA GLU C 341 -43.73 -23.88 -43.74
C GLU C 341 -43.62 -24.59 -42.41
N ILE C 342 -43.34 -23.82 -41.37
CA ILE C 342 -43.27 -24.38 -40.04
C ILE C 342 -44.65 -24.87 -39.63
N ILE C 343 -45.64 -23.99 -39.69
CA ILE C 343 -47.02 -24.37 -39.36
C ILE C 343 -47.47 -25.54 -40.22
N ASN C 344 -46.98 -25.61 -41.45
CA ASN C 344 -47.31 -26.73 -42.34
C ASN C 344 -46.68 -28.04 -41.89
N LYS C 345 -45.36 -28.04 -41.71
CA LYS C 345 -44.66 -29.22 -41.23
C LYS C 345 -45.28 -29.67 -39.91
N LEU C 346 -45.72 -28.68 -39.16
CA LEU C 346 -46.24 -28.90 -37.82
C LEU C 346 -47.57 -29.63 -37.91
N SER C 347 -48.36 -29.33 -38.94
CA SER C 347 -49.71 -29.88 -39.08
C SER C 347 -49.71 -31.36 -39.47
N THR C 348 -48.53 -31.97 -39.53
CA THR C 348 -48.43 -33.35 -39.98
C THR C 348 -47.55 -34.19 -39.06
N MET C 349 -47.40 -33.77 -37.81
CA MET C 349 -46.41 -34.41 -36.95
C MET C 349 -46.86 -35.68 -36.21
N LYS D 4 2.74 10.42 -49.13
CA LYS D 4 2.93 11.14 -47.86
C LYS D 4 2.53 10.31 -46.64
N GLN D 5 3.47 10.10 -45.73
CA GLN D 5 3.22 9.37 -44.50
C GLN D 5 2.48 10.27 -43.49
N PRO D 6 1.71 9.67 -42.56
CA PRO D 6 0.85 10.39 -41.61
C PRO D 6 1.60 11.46 -40.82
N SER D 7 1.11 12.69 -40.93
CA SER D 7 1.69 13.83 -40.24
C SER D 7 1.92 13.62 -38.73
N ILE D 8 1.07 12.80 -38.12
CA ILE D 8 0.98 12.70 -36.67
C ILE D 8 2.20 12.10 -35.97
N GLY D 9 2.71 10.98 -36.48
CA GLY D 9 3.85 10.35 -35.84
C GLY D 9 5.11 10.46 -36.68
N ARG D 10 5.24 11.59 -37.38
CA ARG D 10 6.28 11.76 -38.39
C ARG D 10 7.71 11.46 -37.97
N TYR D 11 8.36 10.61 -38.74
CA TYR D 11 9.77 10.33 -38.58
C TYR D 11 10.60 11.56 -38.92
N THR D 12 11.58 11.88 -38.07
CA THR D 12 12.55 12.92 -38.39
C THR D 12 13.82 12.27 -38.91
N GLY D 13 13.89 12.06 -40.22
CA GLY D 13 14.94 11.29 -40.87
C GLY D 13 16.36 11.57 -40.40
N LYS D 14 17.15 12.19 -41.27
CA LYS D 14 18.57 12.44 -40.98
C LYS D 14 19.38 11.13 -40.94
N PRO D 15 19.90 10.72 -42.12
CA PRO D 15 20.88 9.62 -42.10
C PRO D 15 22.17 10.11 -41.48
N ASN D 16 22.81 9.24 -40.70
CA ASN D 16 24.07 9.54 -40.03
C ASN D 16 25.12 10.05 -41.02
N PRO D 17 25.38 11.37 -41.02
CA PRO D 17 26.22 12.01 -42.04
C PRO D 17 27.52 11.27 -42.37
N SER D 18 28.11 10.56 -41.41
CA SER D 18 29.36 9.82 -41.68
C SER D 18 29.14 8.59 -42.58
N THR D 19 28.00 7.93 -42.42
CA THR D 19 27.62 6.81 -43.29
C THR D 19 26.39 7.22 -44.09
N GLY D 20 26.17 6.59 -45.24
CA GLY D 20 24.98 6.90 -46.01
C GLY D 20 23.70 6.54 -45.27
N LYS D 21 23.87 5.83 -44.16
CA LYS D 21 22.79 5.10 -43.50
C LYS D 21 22.03 5.87 -42.40
N TYR D 22 20.81 5.39 -42.12
CA TYR D 22 20.02 5.79 -40.97
C TYR D 22 20.33 4.87 -39.79
N THR D 23 20.15 5.38 -38.57
CA THR D 23 20.36 4.60 -37.37
C THR D 23 19.05 4.09 -36.77
N VAL D 24 19.00 2.79 -36.48
CA VAL D 24 17.82 2.17 -35.91
C VAL D 24 18.20 1.25 -34.75
N SER D 25 17.58 1.46 -33.60
CA SER D 25 17.79 0.58 -32.44
C SER D 25 17.12 -0.77 -32.70
N PHE D 26 17.74 -1.85 -32.26
CA PHE D 26 17.16 -3.15 -32.52
C PHE D 26 16.36 -3.73 -31.36
N ILE D 27 17.03 -4.12 -30.29
CA ILE D 27 16.36 -4.89 -29.25
C ILE D 27 16.02 -6.26 -29.80
N GLU D 28 17.04 -7.10 -29.97
CA GLU D 28 16.82 -8.45 -30.45
C GLU D 28 15.77 -9.18 -29.62
N GLY D 29 15.69 -8.87 -28.33
CA GLY D 29 14.79 -9.57 -27.45
C GLY D 29 15.31 -10.96 -27.14
N ASP D 30 14.57 -11.72 -26.35
CA ASP D 30 15.02 -13.07 -25.99
C ASP D 30 14.16 -14.17 -26.62
N GLY D 31 14.55 -15.42 -26.38
CA GLY D 31 13.86 -16.54 -26.98
C GLY D 31 14.22 -16.71 -28.44
N ILE D 32 13.21 -16.85 -29.28
CA ILE D 32 13.46 -16.95 -30.71
C ILE D 32 13.87 -15.59 -31.28
N GLY D 33 13.93 -14.60 -30.40
CA GLY D 33 14.30 -13.24 -30.79
C GLY D 33 15.59 -13.15 -31.58
N PRO D 34 16.71 -13.61 -30.99
CA PRO D 34 18.01 -13.57 -31.67
C PRO D 34 17.97 -14.13 -33.09
N GLU D 35 17.51 -15.37 -33.27
CA GLU D 35 17.47 -15.96 -34.60
C GLU D 35 16.53 -15.23 -35.56
N ILE D 36 15.32 -14.95 -35.08
CA ILE D 36 14.34 -14.20 -35.86
C ILE D 36 14.93 -12.83 -36.23
N SER D 37 15.86 -12.35 -35.41
CA SER D 37 16.40 -11.01 -35.56
C SER D 37 17.44 -10.91 -36.67
N LYS D 38 18.50 -11.70 -36.57
CA LYS D 38 19.56 -11.62 -37.58
C LYS D 38 19.01 -12.08 -38.93
N SER D 39 17.94 -12.85 -38.88
CA SER D 39 17.20 -13.18 -40.09
C SER D 39 16.80 -11.89 -40.79
N VAL D 40 16.38 -10.89 -40.02
CA VAL D 40 15.97 -9.62 -40.58
C VAL D 40 17.17 -8.80 -40.99
N LYS D 41 18.23 -8.86 -40.18
CA LYS D 41 19.45 -8.10 -40.49
C LYS D 41 20.01 -8.50 -41.85
N LYS D 42 20.04 -9.81 -42.11
CA LYS D 42 20.53 -10.32 -43.39
C LYS D 42 19.68 -9.86 -44.59
N ILE D 43 18.38 -10.15 -44.54
CA ILE D 43 17.45 -9.71 -45.58
C ILE D 43 17.53 -8.20 -45.84
N PHE D 44 17.79 -7.43 -44.79
CA PHE D 44 17.89 -5.98 -44.90
C PHE D 44 19.17 -5.62 -45.62
N SER D 45 20.27 -6.24 -45.19
CA SER D 45 21.56 -6.08 -45.85
C SER D 45 21.44 -6.27 -47.36
N ALA D 46 20.94 -7.44 -47.77
CA ALA D 46 20.84 -7.82 -49.17
C ALA D 46 20.14 -6.75 -50.03
N ALA D 47 19.07 -6.17 -49.50
CA ALA D 47 18.30 -5.21 -50.27
C ALA D 47 18.91 -3.80 -50.26
N ASN D 48 20.07 -3.68 -49.62
CA ASN D 48 20.80 -2.41 -49.57
C ASN D 48 20.03 -1.31 -48.82
N VAL D 49 19.46 -1.67 -47.67
CA VAL D 49 18.75 -0.70 -46.88
C VAL D 49 19.72 0.27 -46.21
N PRO D 50 19.46 1.57 -46.37
CA PRO D 50 20.18 2.69 -45.74
C PRO D 50 20.10 2.63 -44.21
N ILE D 51 20.37 1.47 -43.63
CA ILE D 51 20.13 1.30 -42.21
C ILE D 51 21.23 0.51 -41.52
N GLU D 52 21.77 1.11 -40.47
CA GLU D 52 22.73 0.44 -39.59
C GLU D 52 22.05 0.15 -38.26
N TRP D 53 22.32 -1.02 -37.70
CA TRP D 53 21.66 -1.46 -36.48
C TRP D 53 22.43 -1.09 -35.21
N GLU D 54 21.76 -0.38 -34.30
CA GLU D 54 22.33 -0.08 -32.98
C GLU D 54 21.62 -0.87 -31.86
N SER D 55 21.87 -2.18 -31.77
CA SER D 55 21.12 -3.02 -30.85
C SER D 55 21.28 -2.58 -29.40
N CYS D 56 20.18 -2.59 -28.65
CA CYS D 56 20.18 -2.20 -27.24
C CYS D 56 19.32 -3.11 -26.37
N ASP D 57 19.57 -3.07 -25.05
CA ASP D 57 18.94 -4.00 -24.11
C ASP D 57 17.98 -3.28 -23.19
N VAL D 58 16.72 -3.73 -23.20
CA VAL D 58 15.66 -3.11 -22.41
C VAL D 58 15.40 -3.83 -21.11
N SER D 59 16.27 -4.76 -20.72
CA SER D 59 16.15 -5.41 -19.43
C SER D 59 16.00 -4.35 -18.34
N PRO D 60 14.93 -4.42 -17.54
CA PRO D 60 14.50 -3.28 -16.73
C PRO D 60 15.34 -3.06 -15.50
N ILE D 61 15.57 -1.80 -15.17
CA ILE D 61 16.07 -1.42 -13.86
C ILE D 61 14.87 -1.28 -12.93
N PHE D 62 15.11 -0.83 -11.71
CA PHE D 62 14.03 -0.60 -10.78
C PHE D 62 14.30 0.64 -9.94
N VAL D 63 14.52 1.79 -10.59
CA VAL D 63 14.58 3.07 -9.89
C VAL D 63 13.28 3.43 -9.16
N ASN D 64 13.32 3.46 -7.84
CA ASN D 64 12.16 3.77 -6.99
C ASN D 64 11.06 2.72 -7.03
N GLY D 65 11.42 1.45 -6.93
CA GLY D 65 10.47 0.34 -6.94
C GLY D 65 9.69 0.22 -8.23
N LEU D 66 9.50 1.36 -8.89
CA LEU D 66 8.82 1.45 -10.19
C LEU D 66 9.79 1.11 -11.32
N THR D 67 9.44 0.10 -12.12
CA THR D 67 10.36 -0.41 -13.14
C THR D 67 10.66 0.62 -14.21
N THR D 68 11.94 0.91 -14.37
CA THR D 68 12.40 1.86 -15.38
C THR D 68 13.19 1.12 -16.45
N ILE D 69 13.43 1.79 -17.56
CA ILE D 69 14.19 1.19 -18.66
C ILE D 69 15.57 1.87 -18.77
N PRO D 70 16.64 1.05 -18.89
CA PRO D 70 18.07 1.41 -18.87
C PRO D 70 18.42 2.64 -19.68
N ASP D 71 19.35 3.46 -19.20
CA ASP D 71 19.80 4.64 -19.93
C ASP D 71 20.40 4.35 -21.30
N PRO D 72 21.31 3.36 -21.36
CA PRO D 72 21.83 2.89 -22.66
C PRO D 72 20.74 2.83 -23.72
N ALA D 73 19.68 2.09 -23.44
CA ALA D 73 18.59 1.90 -24.40
C ALA D 73 17.75 3.17 -24.60
N VAL D 74 17.54 3.95 -23.53
CA VAL D 74 16.77 5.17 -23.64
C VAL D 74 17.46 6.13 -24.60
N GLN D 75 18.70 6.48 -24.30
CA GLN D 75 19.49 7.39 -25.14
C GLN D 75 19.49 6.95 -26.60
N SER D 76 19.75 5.67 -26.81
CA SER D 76 19.75 5.07 -28.14
C SER D 76 18.43 5.30 -28.89
N ILE D 77 17.33 4.95 -28.24
CA ILE D 77 16.04 5.01 -28.89
C ILE D 77 15.53 6.44 -29.04
N THR D 78 15.83 7.33 -28.09
CA THR D 78 15.36 8.70 -28.20
C THR D 78 16.11 9.37 -29.32
N LYS D 79 17.38 8.96 -29.48
CA LYS D 79 18.26 9.48 -30.52
C LYS D 79 17.73 9.10 -31.91
N ASN D 80 18.01 7.88 -32.35
CA ASN D 80 17.39 7.34 -33.55
C ASN D 80 15.91 7.32 -33.25
N LEU D 81 15.09 8.01 -34.02
CA LEU D 81 13.70 8.17 -33.60
C LEU D 81 12.82 6.91 -33.81
N VAL D 82 13.47 5.75 -33.92
CA VAL D 82 12.79 4.52 -34.31
C VAL D 82 13.50 3.25 -33.82
N ALA D 83 12.73 2.21 -33.52
CA ALA D 83 13.31 0.98 -33.04
C ALA D 83 12.49 -0.20 -33.52
N LEU D 84 13.10 -1.38 -33.55
CA LEU D 84 12.41 -2.58 -34.03
C LEU D 84 12.62 -3.75 -33.07
N LYS D 85 11.70 -3.96 -32.12
CA LYS D 85 11.90 -5.00 -31.12
C LYS D 85 11.24 -6.32 -31.45
N GLY D 86 11.91 -7.41 -31.11
CA GLY D 86 11.34 -8.73 -31.17
C GLY D 86 10.69 -9.04 -29.84
N PRO D 87 10.40 -10.33 -29.59
CA PRO D 87 9.63 -10.73 -28.41
C PRO D 87 10.50 -10.79 -27.19
N LEU D 88 9.98 -10.43 -26.03
CA LEU D 88 10.73 -10.59 -24.79
C LEU D 88 9.89 -11.22 -23.69
N ALA D 89 10.57 -11.79 -22.70
CA ALA D 89 9.92 -12.58 -21.65
C ALA D 89 9.11 -11.74 -20.65
N THR D 90 8.80 -12.34 -19.50
CA THR D 90 8.06 -11.67 -18.45
C THR D 90 8.96 -11.56 -17.20
N PRO D 91 9.88 -10.57 -17.19
CA PRO D 91 10.81 -10.37 -16.07
C PRO D 91 10.11 -10.40 -14.71
N HIS D 96 8.13 -4.86 -12.30
CA HIS D 96 7.06 -4.71 -11.33
C HIS D 96 6.27 -3.48 -11.76
N ARG D 97 5.71 -3.62 -12.96
CA ARG D 97 5.09 -2.56 -13.76
C ARG D 97 5.31 -3.00 -15.19
N SER D 98 4.33 -3.72 -15.77
CA SER D 98 4.43 -4.24 -17.14
C SER D 98 5.62 -3.68 -17.95
N LEU D 99 6.47 -4.57 -18.47
CA LEU D 99 7.62 -4.13 -19.24
C LEU D 99 7.20 -3.36 -20.49
N ASN D 100 6.19 -3.87 -21.17
CA ASN D 100 5.65 -3.21 -22.35
C ASN D 100 5.00 -1.88 -22.00
N LEU D 101 4.49 -1.77 -20.78
CA LEU D 101 3.78 -0.57 -20.36
C LEU D 101 4.78 0.54 -20.10
N THR D 102 5.80 0.24 -19.33
CA THR D 102 6.80 1.25 -19.02
C THR D 102 7.61 1.53 -20.28
N LEU D 103 7.41 0.72 -21.31
CA LEU D 103 8.07 0.98 -22.56
C LEU D 103 7.31 2.07 -23.32
N ARG D 104 5.99 2.04 -23.26
CA ARG D 104 5.17 3.06 -23.92
C ARG D 104 5.22 4.37 -23.15
N LYS D 105 5.25 4.26 -21.83
CA LYS D 105 5.20 5.47 -21.01
C LYS D 105 6.49 6.28 -21.12
N THR D 106 7.62 5.60 -21.29
CA THR D 106 8.90 6.29 -21.37
C THR D 106 9.25 6.77 -22.77
N PHE D 107 8.47 6.37 -23.78
CA PHE D 107 8.70 6.79 -25.16
C PHE D 107 7.51 7.48 -25.80
N GLY D 108 6.46 7.72 -25.00
CA GLY D 108 5.29 8.44 -25.45
C GLY D 108 4.53 7.81 -26.59
N LEU D 109 4.52 6.48 -26.62
CA LEU D 109 3.79 5.72 -27.63
C LEU D 109 2.33 5.70 -27.26
N PHE D 110 1.45 5.99 -28.22
CA PHE D 110 0.05 6.16 -27.90
C PHE D 110 -0.92 5.48 -28.87
N ALA D 111 -0.41 4.90 -29.93
CA ALA D 111 -1.28 4.29 -30.92
C ALA D 111 -0.77 2.95 -31.42
N ASN D 112 -1.57 1.90 -31.25
CA ASN D 112 -1.25 0.58 -31.78
C ASN D 112 -1.84 0.40 -33.18
N VAL D 113 -0.99 0.15 -34.17
CA VAL D 113 -1.50 -0.12 -35.52
C VAL D 113 -1.41 -1.62 -35.82
N ARG D 114 -2.56 -2.23 -36.07
CA ARG D 114 -2.62 -3.68 -36.24
C ARG D 114 -3.35 -4.06 -37.50
N PRO D 115 -2.62 -4.56 -38.48
CA PRO D 115 -3.14 -5.07 -39.75
C PRO D 115 -3.24 -6.59 -39.66
N ALA D 116 -4.27 -7.15 -40.27
CA ALA D 116 -4.36 -8.60 -40.38
C ALA D 116 -4.82 -8.91 -41.79
N LYS D 117 -3.89 -9.44 -42.57
CA LYS D 117 -4.18 -9.83 -43.94
C LYS D 117 -3.90 -11.30 -44.16
N SER D 118 -4.77 -11.93 -44.94
CA SER D 118 -4.56 -13.29 -45.35
C SER D 118 -3.20 -13.46 -46.01
N ILE D 119 -2.59 -14.61 -45.77
CA ILE D 119 -1.29 -14.92 -46.37
C ILE D 119 -1.45 -15.85 -47.56
N GLU D 120 -0.75 -15.51 -48.64
CA GLU D 120 -0.73 -16.31 -49.86
C GLU D 120 -0.09 -17.67 -49.57
N GLY D 121 -0.83 -18.74 -49.85
CA GLY D 121 -0.29 -20.07 -49.74
C GLY D 121 -0.38 -20.67 -48.35
N PHE D 122 -1.13 -20.00 -47.48
CA PHE D 122 -1.44 -20.56 -46.18
C PHE D 122 -2.95 -20.52 -45.97
N LYS D 123 -3.59 -21.67 -46.05
CA LYS D 123 -5.04 -21.74 -46.01
C LYS D 123 -5.60 -21.76 -44.60
N THR D 124 -6.37 -20.72 -44.26
CA THR D 124 -7.17 -20.72 -43.05
C THR D 124 -8.66 -20.62 -43.41
N THR D 125 -9.49 -20.74 -42.38
CA THR D 125 -10.92 -20.86 -42.56
C THR D 125 -11.55 -19.61 -43.18
N TYR D 126 -10.99 -18.45 -42.86
CA TYR D 126 -11.50 -17.18 -43.38
C TYR D 126 -10.65 -16.70 -44.54
N GLU D 127 -11.30 -16.09 -45.53
CA GLU D 127 -10.64 -15.74 -46.78
C GLU D 127 -10.77 -14.25 -47.08
N ASN D 128 -9.85 -13.74 -47.90
CA ASN D 128 -9.89 -12.35 -48.36
C ASN D 128 -9.95 -11.37 -47.21
N VAL D 129 -9.40 -11.78 -46.07
CA VAL D 129 -9.37 -10.89 -44.93
C VAL D 129 -8.18 -9.95 -45.05
N ASP D 130 -8.48 -8.67 -45.19
CA ASP D 130 -7.47 -7.62 -45.22
C ASP D 130 -7.96 -6.51 -44.31
N LEU D 131 -7.42 -6.47 -43.09
CA LEU D 131 -7.96 -5.60 -42.06
C LEU D 131 -6.93 -4.66 -41.49
N VAL D 132 -7.37 -3.44 -41.18
CA VAL D 132 -6.51 -2.47 -40.52
C VAL D 132 -7.24 -1.79 -39.37
N LEU D 133 -6.61 -1.78 -38.21
CA LEU D 133 -7.19 -1.25 -36.98
C LEU D 133 -6.18 -0.40 -36.20
N ILE D 134 -6.58 0.81 -35.83
CA ILE D 134 -5.79 1.65 -34.95
C ILE D 134 -6.44 1.64 -33.58
N ARG D 135 -5.62 1.45 -32.55
CA ARG D 135 -6.11 1.34 -31.17
C ARG D 135 -5.43 2.36 -30.25
N GLU D 136 -6.26 3.02 -29.44
CA GLU D 136 -5.79 3.92 -28.39
C GLU D 136 -5.06 3.10 -27.31
N ASN D 137 -3.80 3.43 -27.02
CA ASN D 137 -2.98 2.61 -26.10
C ASN D 137 -2.46 3.41 -24.92
N THR D 138 -3.27 4.36 -24.46
CA THR D 138 -2.85 5.32 -23.46
C THR D 138 -3.76 5.22 -22.26
N GLU D 139 -5.06 5.36 -22.53
CA GLU D 139 -6.05 5.47 -21.47
C GLU D 139 -7.16 4.44 -21.65
N GLY D 140 -8.39 4.90 -21.47
CA GLY D 140 -9.54 4.04 -21.59
C GLY D 140 -9.64 3.09 -20.42
N GLU D 141 -10.21 1.92 -20.66
CA GLU D 141 -10.33 0.87 -19.67
C GLU D 141 -8.99 0.56 -18.99
N TYR D 142 -7.89 0.92 -19.65
CA TYR D 142 -6.58 0.50 -19.20
C TYR D 142 -5.75 1.60 -18.53
N SER D 143 -6.41 2.51 -17.83
CA SER D 143 -5.71 3.41 -16.92
C SER D 143 -5.62 2.68 -15.59
N GLY D 144 -4.60 2.98 -14.81
CA GLY D 144 -4.35 2.19 -13.61
C GLY D 144 -5.41 2.34 -12.53
N ILE D 145 -6.43 3.12 -12.82
CA ILE D 145 -7.35 3.62 -11.80
C ILE D 145 -8.45 2.63 -11.42
N GLU D 146 -8.28 1.99 -10.27
CA GLU D 146 -9.38 1.20 -9.68
C GLU D 146 -9.38 1.27 -8.14
N HIS D 147 -10.57 1.15 -7.56
CA HIS D 147 -10.79 1.41 -6.14
C HIS D 147 -11.67 0.38 -5.45
N ILE D 148 -11.36 0.10 -4.20
CA ILE D 148 -12.24 -0.72 -3.41
C ILE D 148 -13.10 0.23 -2.59
N VAL D 149 -14.32 0.46 -3.05
CA VAL D 149 -15.16 1.49 -2.41
C VAL D 149 -15.72 1.06 -1.08
N CYS D 150 -15.77 -0.26 -0.88
CA CYS D 150 -16.08 -0.83 0.43
C CYS D 150 -16.02 -2.35 0.30
N PRO D 151 -16.03 -3.08 1.44
CA PRO D 151 -15.82 -4.52 1.55
C PRO D 151 -15.87 -5.35 0.24
N GLY D 152 -17.07 -5.53 -0.30
CA GLY D 152 -17.22 -6.35 -1.49
C GLY D 152 -17.55 -5.58 -2.77
N VAL D 153 -17.02 -4.37 -2.90
CA VAL D 153 -17.36 -3.49 -4.02
C VAL D 153 -16.14 -2.84 -4.68
N VAL D 154 -16.00 -3.03 -5.99
CA VAL D 154 -14.85 -2.52 -6.71
C VAL D 154 -15.26 -1.61 -7.85
N GLN D 155 -14.43 -0.60 -8.14
CA GLN D 155 -14.61 0.27 -9.28
C GLN D 155 -13.36 0.21 -10.13
N SER D 156 -13.51 -0.14 -11.40
CA SER D 156 -12.44 0.07 -12.36
C SER D 156 -12.84 1.28 -13.18
N ILE D 157 -11.93 2.24 -13.33
CA ILE D 157 -12.30 3.49 -13.99
C ILE D 157 -11.73 3.64 -15.38
N LYS D 158 -12.65 3.80 -16.33
CA LYS D 158 -12.33 4.00 -17.74
C LYS D 158 -12.19 5.48 -17.99
N LEU D 159 -11.05 5.88 -18.53
CA LEU D 159 -10.74 7.28 -18.71
C LEU D 159 -10.73 7.57 -20.19
N ILE D 160 -11.48 8.57 -20.61
CA ILE D 160 -11.47 8.99 -22.00
C ILE D 160 -11.41 10.50 -22.07
N THR D 161 -10.37 11.01 -22.74
CA THR D 161 -10.13 12.44 -22.88
C THR D 161 -10.09 12.85 -24.35
N ARG D 162 -10.34 14.14 -24.64
CA ARG D 162 -10.36 14.57 -26.02
C ARG D 162 -8.95 14.59 -26.58
N ASP D 163 -8.00 15.04 -25.75
CA ASP D 163 -6.59 15.16 -26.17
C ASP D 163 -6.02 13.84 -26.64
N ALA D 164 -6.26 12.79 -25.87
CA ALA D 164 -5.77 11.47 -26.20
C ALA D 164 -6.52 10.89 -27.38
N SER D 165 -7.82 11.17 -27.44
CA SER D 165 -8.66 10.67 -28.52
C SER D 165 -8.32 11.34 -29.86
N GLU D 166 -8.29 12.67 -29.84
CA GLU D 166 -7.93 13.47 -30.99
C GLU D 166 -6.73 12.89 -31.74
N ARG D 167 -5.64 12.66 -31.03
CA ARG D 167 -4.39 12.31 -31.71
C ARG D 167 -4.35 10.86 -32.21
N VAL D 168 -5.24 10.02 -31.74
CA VAL D 168 -5.32 8.67 -32.28
C VAL D 168 -6.19 8.73 -33.53
N ILE D 169 -7.36 9.33 -33.37
CA ILE D 169 -8.31 9.49 -34.46
C ILE D 169 -7.66 10.20 -35.65
N ARG D 170 -6.79 11.17 -35.38
CA ARG D 170 -6.03 11.82 -36.44
C ARG D 170 -5.14 10.82 -37.18
N TYR D 171 -4.23 10.19 -36.46
CA TYR D 171 -3.37 9.19 -37.08
C TYR D 171 -4.16 8.20 -37.91
N ALA D 172 -5.41 7.95 -37.54
CA ALA D 172 -6.26 7.01 -38.28
C ALA D 172 -6.73 7.56 -39.62
N PHE D 173 -7.25 8.79 -39.61
CA PHE D 173 -7.61 9.51 -40.85
C PHE D 173 -6.40 9.60 -41.74
N GLU D 174 -5.27 10.00 -41.16
CA GLU D 174 -4.04 10.24 -41.91
C GLU D 174 -3.40 8.96 -42.41
N TYR D 175 -3.58 7.87 -41.66
CA TYR D 175 -3.07 6.56 -42.06
C TYR D 175 -3.98 5.96 -43.12
N ALA D 176 -5.28 6.13 -42.94
CA ALA D 176 -6.25 5.68 -43.93
C ALA D 176 -5.93 6.33 -45.29
N ARG D 177 -5.62 7.64 -45.24
CA ARG D 177 -5.22 8.38 -46.42
C ARG D 177 -3.90 7.87 -47.01
N ALA D 178 -2.94 7.59 -46.13
CA ALA D 178 -1.61 7.16 -46.57
C ALA D 178 -1.60 5.76 -47.20
N ILE D 179 -2.68 5.01 -47.08
CA ILE D 179 -2.73 3.67 -47.66
C ILE D 179 -3.94 3.51 -48.58
N GLY D 180 -4.56 4.66 -48.87
CA GLY D 180 -5.57 4.74 -49.89
C GLY D 180 -6.82 3.94 -49.60
N ARG D 181 -7.32 4.08 -48.38
CA ARG D 181 -8.61 3.52 -48.01
C ARG D 181 -9.54 4.69 -47.78
N PRO D 182 -10.73 4.62 -48.39
CA PRO D 182 -11.74 5.70 -48.41
C PRO D 182 -12.47 5.90 -47.09
N ARG D 183 -12.77 4.78 -46.43
CA ARG D 183 -13.63 4.74 -45.27
C ARG D 183 -12.82 4.71 -43.99
N VAL D 184 -13.33 5.29 -42.91
CA VAL D 184 -12.69 5.14 -41.60
C VAL D 184 -13.76 5.02 -40.52
N ILE D 185 -13.73 3.90 -39.81
CA ILE D 185 -14.80 3.53 -38.90
C ILE D 185 -14.42 3.67 -37.42
N VAL D 186 -15.25 4.41 -36.69
CA VAL D 186 -15.08 4.61 -35.26
C VAL D 186 -15.92 3.59 -34.53
N VAL D 187 -15.26 2.57 -33.97
CA VAL D 187 -15.93 1.54 -33.18
C VAL D 187 -16.21 2.07 -31.78
N HIS D 188 -17.42 1.88 -31.29
CA HIS D 188 -17.79 2.48 -30.02
C HIS D 188 -18.98 1.76 -29.39
N LYS D 189 -19.51 2.35 -28.34
CA LYS D 189 -20.71 1.84 -27.70
C LYS D 189 -21.45 2.96 -27.00
N SER D 190 -21.57 4.09 -27.70
CA SER D 190 -22.28 5.29 -27.20
C SER D 190 -23.64 4.93 -26.64
N THR D 191 -24.09 3.73 -26.97
CA THR D 191 -25.39 3.22 -26.56
C THR D 191 -25.50 3.23 -25.05
N ILE D 192 -24.55 2.60 -24.37
CA ILE D 192 -24.61 2.53 -22.92
C ILE D 192 -23.47 3.26 -22.21
N GLN D 193 -22.42 3.60 -22.96
CA GLN D 193 -21.36 4.45 -22.43
C GLN D 193 -21.44 5.86 -23.01
N ARG D 194 -22.59 6.49 -22.81
CA ARG D 194 -22.91 7.77 -23.44
C ARG D 194 -21.79 8.78 -23.43
N LEU D 195 -21.29 9.11 -22.25
CA LEU D 195 -20.27 10.15 -22.16
C LEU D 195 -18.91 9.67 -22.66
N ALA D 196 -18.44 8.54 -22.14
CA ALA D 196 -17.11 8.03 -22.48
C ALA D 196 -16.95 7.81 -23.98
N ASP D 197 -17.70 6.85 -24.50
CA ASP D 197 -17.60 6.53 -25.91
C ASP D 197 -18.17 7.65 -26.75
N GLY D 198 -19.15 8.37 -26.21
CA GLY D 198 -19.72 9.53 -26.88
C GLY D 198 -18.67 10.56 -27.21
N LEU D 199 -17.79 10.86 -26.26
CA LEU D 199 -16.71 11.82 -26.49
C LEU D 199 -15.79 11.35 -27.62
N PHE D 200 -15.42 10.08 -27.58
CA PHE D 200 -14.57 9.52 -28.60
C PHE D 200 -15.21 9.77 -29.97
N VAL D 201 -16.46 9.36 -30.10
CA VAL D 201 -17.20 9.48 -31.35
C VAL D 201 -17.30 10.93 -31.83
N ASN D 202 -17.71 11.85 -30.95
CA ASN D 202 -17.81 13.26 -31.32
C ASN D 202 -16.50 13.82 -31.82
N VAL D 203 -15.41 13.48 -31.14
CA VAL D 203 -14.07 13.92 -31.52
C VAL D 203 -13.70 13.45 -32.94
N ALA D 204 -14.11 12.25 -33.30
CA ALA D 204 -13.94 11.79 -34.67
C ALA D 204 -14.86 12.59 -35.62
N LYS D 205 -16.13 12.74 -35.25
CA LYS D 205 -17.09 13.46 -36.07
C LYS D 205 -16.62 14.90 -36.32
N GLU D 206 -15.99 15.50 -35.32
CA GLU D 206 -15.50 16.87 -35.46
C GLU D 206 -14.23 16.92 -36.33
N LEU D 207 -13.34 15.96 -36.15
CA LEU D 207 -12.14 15.86 -36.99
C LEU D 207 -12.51 15.50 -38.42
N SER D 208 -13.57 14.71 -38.57
CA SER D 208 -14.06 14.30 -39.88
C SER D 208 -13.94 15.41 -40.91
N LYS D 209 -14.30 16.61 -40.51
CA LYS D 209 -14.41 17.72 -41.46
C LYS D 209 -13.08 18.18 -42.04
N GLU D 210 -12.00 18.16 -41.26
CA GLU D 210 -10.70 18.53 -41.82
C GLU D 210 -9.97 17.36 -42.52
N TYR D 211 -10.74 16.34 -42.92
CA TYR D 211 -10.24 15.25 -43.75
C TYR D 211 -11.37 14.82 -44.67
N PRO D 212 -11.68 15.67 -45.68
CA PRO D 212 -12.86 15.51 -46.54
C PRO D 212 -12.71 14.41 -47.59
N ASP D 213 -11.47 13.96 -47.82
CA ASP D 213 -11.23 12.88 -48.77
C ASP D 213 -11.67 11.54 -48.21
N LEU D 214 -11.65 11.44 -46.88
CA LEU D 214 -12.08 10.22 -46.20
C LEU D 214 -13.54 10.33 -45.74
N THR D 215 -14.23 9.20 -45.74
CA THR D 215 -15.58 9.14 -45.24
C THR D 215 -15.61 8.47 -43.86
N LEU D 216 -16.20 9.17 -42.89
CA LEU D 216 -16.31 8.68 -41.53
C LEU D 216 -17.61 7.90 -41.28
N GLU D 217 -17.48 6.66 -40.83
CA GLU D 217 -18.63 5.90 -40.38
C GLU D 217 -18.51 5.60 -38.87
N THR D 218 -19.63 5.34 -38.22
CA THR D 218 -19.60 4.96 -36.82
C THR D 218 -20.32 3.63 -36.62
N GLU D 219 -19.67 2.73 -35.88
CA GLU D 219 -20.22 1.39 -35.67
C GLU D 219 -20.10 0.94 -34.21
N LEU D 220 -21.11 0.24 -33.71
CA LEU D 220 -21.04 -0.37 -32.38
C LEU D 220 -20.22 -1.65 -32.45
N ILE D 221 -19.42 -1.93 -31.42
CA ILE D 221 -18.61 -3.15 -31.44
C ILE D 221 -19.55 -4.26 -31.81
N ASP D 222 -20.76 -4.19 -31.29
CA ASP D 222 -21.82 -5.13 -31.62
C ASP D 222 -21.70 -5.57 -33.06
N ASN D 223 -21.78 -4.60 -33.96
CA ASN D 223 -21.77 -4.88 -35.38
C ASN D 223 -20.37 -5.10 -35.91
N SER D 224 -19.41 -4.31 -35.44
CA SER D 224 -18.02 -4.47 -35.84
C SER D 224 -17.55 -5.92 -35.68
N VAL D 225 -17.94 -6.57 -34.60
CA VAL D 225 -17.56 -7.95 -34.44
C VAL D 225 -18.49 -8.87 -35.24
N LEU D 226 -19.77 -8.59 -35.24
CA LEU D 226 -20.72 -9.42 -35.99
C LEU D 226 -20.33 -9.46 -37.46
N LYS D 227 -20.20 -8.28 -38.05
CA LYS D 227 -20.00 -8.15 -39.48
C LYS D 227 -18.65 -8.67 -39.91
N VAL D 228 -17.60 -8.39 -39.13
CA VAL D 228 -16.26 -8.82 -39.53
C VAL D 228 -16.15 -10.34 -39.59
N VAL D 229 -16.78 -11.03 -38.66
CA VAL D 229 -16.71 -12.49 -38.65
C VAL D 229 -17.59 -13.15 -39.71
N THR D 230 -18.75 -12.54 -40.00
CA THR D 230 -19.59 -13.05 -41.09
C THR D 230 -18.91 -12.82 -42.44
N ASN D 231 -18.23 -11.69 -42.58
CA ASN D 231 -17.58 -11.35 -43.85
C ASN D 231 -16.42 -10.35 -43.76
N PRO D 232 -15.22 -10.88 -43.51
CA PRO D 232 -14.02 -10.07 -43.27
C PRO D 232 -13.74 -9.01 -44.34
N SER D 233 -14.12 -9.28 -45.58
CA SER D 233 -13.72 -8.42 -46.68
C SER D 233 -14.50 -7.10 -46.70
N ALA D 234 -15.59 -7.03 -45.95
CA ALA D 234 -16.43 -5.83 -45.98
C ALA D 234 -15.65 -4.65 -45.40
N TYR D 235 -14.47 -4.94 -44.88
CA TYR D 235 -13.63 -3.93 -44.25
C TYR D 235 -12.25 -3.88 -44.89
N THR D 236 -12.15 -4.27 -46.16
CA THR D 236 -10.85 -4.24 -46.83
C THR D 236 -10.52 -2.80 -47.29
N ASP D 237 -11.45 -1.88 -47.08
CA ASP D 237 -11.22 -0.45 -47.27
C ASP D 237 -11.45 0.25 -45.94
N ALA D 238 -10.81 -0.29 -44.90
CA ALA D 238 -11.21 -0.05 -43.52
C ALA D 238 -10.48 1.08 -42.81
N VAL D 239 -9.47 0.71 -42.04
CA VAL D 239 -8.99 1.55 -40.95
C VAL D 239 -10.09 1.87 -39.94
N SER D 240 -10.11 1.08 -38.86
CA SER D 240 -11.04 1.28 -37.75
C SER D 240 -10.29 1.86 -36.56
N VAL D 241 -10.85 2.90 -35.94
CA VAL D 241 -10.25 3.49 -34.76
C VAL D 241 -11.15 3.18 -33.58
N CYS D 242 -10.55 2.94 -32.42
CA CYS D 242 -11.34 2.62 -31.23
C CYS D 242 -10.51 2.73 -29.96
N PRO D 243 -11.21 2.94 -28.83
CA PRO D 243 -10.61 3.07 -27.51
C PRO D 243 -9.90 1.80 -27.09
N ASN D 244 -9.10 1.89 -26.03
CA ASN D 244 -8.15 0.84 -25.66
C ASN D 244 -8.69 -0.59 -25.64
N LEU D 245 -9.81 -0.82 -24.98
CA LEU D 245 -10.30 -2.20 -24.81
C LEU D 245 -10.85 -2.80 -26.09
N TYR D 246 -11.80 -2.12 -26.72
CA TYR D 246 -12.35 -2.59 -27.97
C TYR D 246 -11.21 -2.90 -28.93
N GLY D 247 -10.21 -2.02 -28.94
CA GLY D 247 -9.01 -2.21 -29.73
C GLY D 247 -8.24 -3.48 -29.40
N ASP D 248 -7.97 -3.71 -28.13
CA ASP D 248 -7.20 -4.88 -27.72
C ASP D 248 -7.87 -6.18 -28.16
N ILE D 249 -9.19 -6.19 -28.12
CA ILE D 249 -9.96 -7.38 -28.46
C ILE D 249 -10.11 -7.56 -29.95
N LEU D 250 -10.56 -6.49 -30.62
CA LEU D 250 -10.77 -6.54 -32.06
C LEU D 250 -9.50 -6.88 -32.83
N SER D 251 -8.36 -6.40 -32.34
CA SER D 251 -7.12 -6.64 -33.05
C SER D 251 -6.68 -8.10 -32.89
N ASP D 252 -6.74 -8.63 -31.67
CA ASP D 252 -6.48 -10.05 -31.43
C ASP D 252 -7.52 -10.91 -32.18
N LEU D 253 -8.73 -10.38 -32.35
CA LEU D 253 -9.78 -11.08 -33.11
C LEU D 253 -9.43 -11.10 -34.61
N ASN D 254 -9.18 -9.91 -35.14
CA ASN D 254 -8.82 -9.76 -36.53
C ASN D 254 -7.70 -10.73 -36.91
N SER D 255 -6.71 -10.86 -36.03
CA SER D 255 -5.61 -11.79 -36.28
C SER D 255 -6.12 -13.23 -36.31
N GLY D 256 -7.08 -13.53 -35.45
CA GLY D 256 -7.68 -14.86 -35.43
C GLY D 256 -8.35 -15.20 -36.74
N LEU D 257 -8.98 -14.20 -37.35
CA LEU D 257 -9.59 -14.34 -38.67
C LEU D 257 -8.54 -14.55 -39.75
N SER D 258 -7.48 -13.75 -39.72
CA SER D 258 -6.52 -13.74 -40.81
C SER D 258 -5.66 -15.00 -40.85
N ALA D 259 -5.22 -15.46 -39.67
CA ALA D 259 -4.23 -16.52 -39.58
C ALA D 259 -4.55 -17.59 -38.54
N GLY D 260 -5.59 -17.38 -37.74
CA GLY D 260 -5.98 -18.35 -36.75
C GLY D 260 -5.12 -18.33 -35.49
N SER D 261 -3.95 -17.72 -35.59
CA SER D 261 -3.16 -17.39 -34.42
C SER D 261 -2.62 -15.99 -34.63
N LEU D 262 -1.53 -15.67 -33.98
CA LEU D 262 -0.92 -14.37 -34.23
C LEU D 262 0.60 -14.45 -34.42
N GLY D 263 1.05 -15.61 -34.90
CA GLY D 263 2.43 -15.81 -35.24
C GLY D 263 2.81 -15.10 -36.53
N LEU D 264 1.81 -14.51 -37.20
CA LEU D 264 2.05 -13.79 -38.44
C LEU D 264 1.78 -12.29 -38.29
N THR D 265 1.34 -11.89 -37.10
CA THR D 265 0.88 -10.51 -36.94
C THR D 265 1.99 -9.59 -36.49
N PRO D 266 2.14 -8.46 -37.20
CA PRO D 266 3.04 -7.34 -36.95
C PRO D 266 2.30 -6.23 -36.24
N SER D 267 2.94 -5.55 -35.31
CA SER D 267 2.32 -4.37 -34.74
C SER D 267 3.25 -3.18 -34.85
N ALA D 268 2.67 -1.99 -34.83
CA ALA D 268 3.44 -0.77 -34.83
C ALA D 268 2.92 0.07 -33.69
N ASN D 269 3.84 0.54 -32.84
CA ASN D 269 3.47 1.41 -31.74
C ASN D 269 3.95 2.83 -31.94
N ILE D 270 3.05 3.67 -32.44
CA ILE D 270 3.39 5.03 -32.82
C ILE D 270 3.35 6.01 -31.66
N GLY D 271 4.46 6.72 -31.48
CA GLY D 271 4.53 7.83 -30.54
C GLY D 271 4.68 9.14 -31.28
N HIS D 272 4.67 10.25 -30.55
CA HIS D 272 4.74 11.56 -31.19
C HIS D 272 5.99 11.76 -32.03
N LYS D 273 7.16 11.54 -31.44
CA LYS D 273 8.42 11.62 -32.20
C LYS D 273 9.16 10.27 -32.30
N ILE D 274 8.90 9.37 -31.35
CA ILE D 274 9.47 8.04 -31.43
C ILE D 274 8.41 7.08 -31.97
N SER D 275 8.83 5.84 -32.26
CA SER D 275 7.91 4.80 -32.70
C SER D 275 8.62 3.45 -32.71
N ILE D 276 7.97 2.44 -32.14
CA ILE D 276 8.56 1.11 -32.06
C ILE D 276 7.72 0.09 -32.83
N PHE D 277 8.41 -0.79 -33.54
CA PHE D 277 7.76 -1.78 -34.40
C PHE D 277 8.14 -3.17 -33.94
N GLU D 278 7.14 -3.94 -33.53
CA GLU D 278 7.40 -5.24 -32.92
C GLU D 278 6.51 -6.35 -33.48
N ALA D 279 6.94 -7.59 -33.26
CA ALA D 279 6.09 -8.73 -33.54
C ALA D 279 5.31 -9.01 -32.28
N VAL D 280 4.08 -9.48 -32.43
CA VAL D 280 3.20 -9.64 -31.28
C VAL D 280 3.15 -11.06 -30.72
N HIS D 281 3.86 -11.99 -31.34
CA HIS D 281 3.92 -13.34 -30.80
C HIS D 281 4.88 -13.37 -29.62
N GLY D 282 4.94 -14.51 -28.94
CA GLY D 282 5.73 -14.62 -27.72
C GLY D 282 7.18 -14.96 -27.95
N SER D 283 7.87 -15.37 -26.89
CA SER D 283 9.30 -15.66 -26.94
C SER D 283 9.57 -17.09 -27.42
N ALA D 284 8.52 -17.89 -27.53
CA ALA D 284 8.60 -19.30 -27.96
C ALA D 284 9.90 -19.95 -27.50
N PRO D 285 10.10 -20.01 -26.17
CA PRO D 285 11.33 -20.46 -25.53
C PRO D 285 11.71 -21.90 -25.87
N ASP D 286 10.71 -22.72 -26.21
CA ASP D 286 10.90 -24.15 -26.43
C ASP D 286 11.39 -24.48 -27.85
N ILE D 287 11.30 -23.49 -28.75
CA ILE D 287 11.71 -23.69 -30.13
C ILE D 287 12.97 -22.85 -30.40
N ALA D 288 13.44 -22.21 -29.33
CA ALA D 288 14.54 -21.26 -29.42
C ALA D 288 15.90 -21.93 -29.60
N GLY D 289 16.63 -21.49 -30.62
CA GLY D 289 17.94 -22.05 -30.94
C GLY D 289 17.89 -23.12 -32.01
N GLN D 290 16.79 -23.86 -32.07
CA GLN D 290 16.65 -24.98 -33.01
C GLN D 290 16.36 -24.52 -34.42
N ASP D 291 16.25 -23.21 -34.61
CA ASP D 291 16.13 -22.63 -35.94
C ASP D 291 14.79 -22.93 -36.62
N LYS D 292 13.70 -22.88 -35.84
CA LYS D 292 12.38 -23.20 -36.37
C LYS D 292 11.45 -21.98 -36.38
N ALA D 293 11.90 -20.90 -35.74
CA ALA D 293 11.09 -19.69 -35.63
C ALA D 293 10.61 -19.19 -36.99
N ASN D 294 9.71 -18.22 -36.99
CA ASN D 294 9.21 -17.68 -38.25
C ASN D 294 9.28 -16.14 -38.35
N PRO D 295 10.36 -15.64 -38.95
CA PRO D 295 10.67 -14.21 -39.07
C PRO D 295 9.53 -13.39 -39.66
N THR D 296 8.61 -14.05 -40.38
CA THR D 296 7.60 -13.33 -41.15
C THR D 296 6.98 -12.23 -40.32
N ALA D 297 6.63 -12.59 -39.08
CA ALA D 297 5.96 -11.67 -38.17
C ALA D 297 6.78 -10.39 -37.97
N LEU D 298 7.98 -10.54 -37.41
CA LEU D 298 8.87 -9.40 -37.22
C LEU D 298 9.18 -8.72 -38.56
N LEU D 299 9.39 -9.55 -39.57
CA LEU D 299 9.78 -9.08 -40.89
C LEU D 299 8.79 -8.06 -41.43
N LEU D 300 7.50 -8.34 -41.24
CA LEU D 300 6.45 -7.45 -41.70
C LEU D 300 6.41 -6.15 -40.89
N SER D 301 6.79 -6.24 -39.63
CA SER D 301 6.94 -5.05 -38.81
C SER D 301 8.07 -4.18 -39.34
N SER D 302 9.09 -4.83 -39.93
CA SER D 302 10.19 -4.12 -40.56
C SER D 302 9.65 -3.29 -41.71
N VAL D 303 8.82 -3.90 -42.53
CA VAL D 303 8.16 -3.20 -43.62
C VAL D 303 7.37 -2.00 -43.12
N MET D 304 6.46 -2.25 -42.20
CA MET D 304 5.75 -1.17 -41.51
C MET D 304 6.70 -0.04 -41.13
N MET D 305 7.86 -0.41 -40.58
CA MET D 305 8.85 0.57 -40.16
C MET D 305 9.40 1.33 -41.36
N LEU D 306 9.87 0.60 -42.36
CA LEU D 306 10.34 1.20 -43.59
C LEU D 306 9.37 2.30 -44.07
N ASN D 307 8.12 1.94 -44.33
CA ASN D 307 7.13 2.91 -44.74
C ASN D 307 7.05 4.13 -43.80
N HIS D 308 7.01 3.88 -42.50
CA HIS D 308 6.96 4.96 -41.52
C HIS D 308 8.17 5.89 -41.64
N MET D 309 9.28 5.34 -42.11
CA MET D 309 10.52 6.10 -42.24
C MET D 309 10.57 6.84 -43.57
N GLY D 310 9.84 6.34 -44.56
CA GLY D 310 9.78 6.95 -45.87
C GLY D 310 10.41 6.10 -46.97
N LEU D 311 11.08 5.02 -46.57
CA LEU D 311 11.76 4.14 -47.52
C LEU D 311 10.80 3.26 -48.31
N THR D 312 9.76 3.87 -48.86
CA THR D 312 8.73 3.17 -49.63
C THR D 312 9.31 2.05 -50.47
N ASN D 313 10.17 2.43 -51.41
CA ASN D 313 10.72 1.52 -52.40
C ASN D 313 11.26 0.22 -51.79
N HIS D 314 11.99 0.35 -50.69
CA HIS D 314 12.56 -0.81 -50.00
C HIS D 314 11.48 -1.65 -49.35
N ALA D 315 10.54 -0.99 -48.70
CA ALA D 315 9.44 -1.68 -48.01
C ALA D 315 8.65 -2.53 -49.00
N ASP D 316 8.15 -1.87 -50.04
CA ASP D 316 7.39 -2.56 -51.08
C ASP D 316 8.22 -3.70 -51.65
N GLN D 317 9.53 -3.45 -51.76
CA GLN D 317 10.46 -4.45 -52.28
C GLN D 317 10.45 -5.70 -51.38
N ILE D 318 10.68 -5.48 -50.09
CA ILE D 318 10.82 -6.57 -49.13
C ILE D 318 9.49 -7.26 -48.83
N GLN D 319 8.40 -6.56 -49.10
CA GLN D 319 7.09 -7.14 -48.83
C GLN D 319 6.43 -7.74 -50.07
N ASN D 320 6.14 -6.88 -51.06
CA ASN D 320 5.46 -7.29 -52.32
C ASN D 320 6.13 -8.48 -52.98
N ALA D 321 7.44 -8.39 -53.16
CA ALA D 321 8.22 -9.56 -53.49
C ALA D 321 8.63 -10.20 -52.17
N VAL D 322 9.68 -11.01 -52.19
CA VAL D 322 10.20 -11.64 -50.98
C VAL D 322 9.10 -12.14 -50.07
N LEU D 323 9.50 -12.51 -48.85
CA LEU D 323 8.63 -13.16 -47.87
C LEU D 323 7.21 -13.42 -48.36
N SER D 324 6.46 -12.36 -48.63
CA SER D 324 5.06 -12.52 -49.01
C SER D 324 4.95 -13.52 -50.18
N THR D 325 5.91 -13.46 -51.09
CA THR D 325 5.92 -14.31 -52.29
C THR D 325 6.67 -15.64 -52.04
N ILE D 326 7.71 -15.60 -51.22
CA ILE D 326 8.48 -16.80 -50.93
C ILE D 326 7.69 -17.73 -50.03
N ALA D 327 6.68 -17.20 -49.33
CA ALA D 327 5.76 -18.04 -48.56
C ALA D 327 4.80 -18.76 -49.49
N SER D 328 5.25 -19.00 -50.72
CA SER D 328 4.52 -19.78 -51.71
C SER D 328 5.38 -20.89 -52.33
N GLY D 329 5.05 -22.12 -51.94
CA GLY D 329 5.87 -23.29 -52.17
C GLY D 329 6.25 -23.87 -50.80
N PRO D 330 5.68 -25.04 -50.45
CA PRO D 330 5.87 -25.67 -49.12
C PRO D 330 7.31 -26.10 -48.80
N GLU D 331 8.18 -26.12 -49.81
CA GLU D 331 9.61 -26.36 -49.57
C GLU D 331 10.19 -25.17 -48.80
N ASN D 332 9.67 -23.99 -49.10
CA ASN D 332 9.86 -22.81 -48.28
C ASN D 332 8.92 -22.89 -47.08
N ARG D 333 8.36 -21.76 -46.63
CA ARG D 333 7.50 -21.77 -45.44
C ARG D 333 8.24 -22.31 -44.21
N THR D 334 7.57 -22.28 -43.06
CA THR D 334 8.18 -22.82 -41.84
C THR D 334 7.25 -23.86 -41.24
N GLY D 335 7.66 -24.48 -40.14
CA GLY D 335 6.88 -25.53 -39.51
C GLY D 335 5.48 -25.10 -39.12
N ASP D 336 5.36 -23.83 -38.72
CA ASP D 336 4.09 -23.26 -38.31
C ASP D 336 3.07 -23.10 -39.45
N LEU D 337 3.52 -23.21 -40.70
CA LEU D 337 2.65 -23.05 -41.86
C LEU D 337 2.64 -24.29 -42.76
N ALA D 338 2.85 -25.46 -42.14
CA ALA D 338 2.95 -26.73 -42.85
C ALA D 338 4.32 -26.93 -43.52
N GLY D 339 4.97 -25.83 -43.88
CA GLY D 339 6.26 -25.85 -44.54
C GLY D 339 7.35 -26.68 -43.88
N THR D 340 8.46 -26.86 -44.59
CA THR D 340 9.52 -27.75 -44.12
C THR D 340 10.80 -26.98 -43.92
N ALA D 341 10.81 -25.73 -44.37
CA ALA D 341 12.02 -24.91 -44.33
C ALA D 341 12.38 -24.47 -42.90
N THR D 342 13.66 -24.15 -42.73
CA THR D 342 14.19 -23.66 -41.47
C THR D 342 14.19 -22.13 -41.50
N THR D 343 14.43 -21.52 -40.35
CA THR D 343 14.59 -20.07 -40.30
C THR D 343 15.71 -19.72 -41.27
N SER D 344 16.74 -20.56 -41.26
CA SER D 344 17.89 -20.41 -42.13
C SER D 344 17.48 -20.40 -43.59
N SER D 345 16.85 -21.48 -44.04
CA SER D 345 16.50 -21.61 -45.46
C SER D 345 15.42 -20.62 -45.89
N PHE D 346 14.59 -20.19 -44.95
CA PHE D 346 13.56 -19.21 -45.26
C PHE D 346 14.21 -17.88 -45.62
N THR D 347 15.26 -17.53 -44.89
CA THR D 347 15.95 -16.25 -45.10
C THR D 347 16.69 -16.16 -46.45
N GLU D 348 17.42 -17.21 -46.82
CA GLU D 348 18.08 -17.19 -48.11
C GLU D 348 17.06 -17.36 -49.24
N ALA D 349 16.10 -18.27 -49.03
CA ALA D 349 15.01 -18.47 -49.98
C ALA D 349 14.24 -17.17 -50.21
N VAL D 350 14.23 -16.32 -49.19
CA VAL D 350 13.60 -15.00 -49.30
C VAL D 350 14.48 -14.09 -50.13
N ILE D 351 15.73 -13.91 -49.69
CA ILE D 351 16.63 -12.98 -50.34
C ILE D 351 16.74 -13.21 -51.84
N LYS D 352 16.53 -14.45 -52.28
CA LYS D 352 16.58 -14.77 -53.70
C LYS D 352 15.61 -13.88 -54.49
N ARG D 353 14.35 -13.87 -54.07
CA ARG D 353 13.33 -13.09 -54.76
C ARG D 353 13.30 -11.68 -54.20
N LEU D 354 14.36 -11.36 -53.46
CA LEU D 354 14.54 -10.07 -52.83
C LEU D 354 14.94 -9.01 -53.86
N GLU E 7 -24.71 -7.14 10.09
CA GLU E 7 -24.83 -7.74 11.42
C GLU E 7 -25.44 -6.85 12.50
N ARG E 8 -26.53 -6.19 12.13
CA ARG E 8 -27.38 -5.46 13.07
C ARG E 8 -28.33 -6.46 13.73
N THR E 9 -27.92 -7.72 13.78
CA THR E 9 -28.80 -8.78 14.23
C THR E 9 -28.17 -9.68 15.30
N LEU E 10 -26.92 -9.40 15.68
CA LEU E 10 -26.32 -10.11 16.80
C LEU E 10 -26.65 -9.36 18.08
N PRO E 11 -26.15 -9.84 19.22
CA PRO E 11 -26.47 -9.14 20.47
C PRO E 11 -25.67 -7.84 20.66
N LYS E 12 -26.34 -6.76 21.05
CA LYS E 12 -25.69 -5.48 21.37
C LYS E 12 -24.33 -5.72 22.00
N LYS E 13 -23.28 -5.14 21.42
CA LYS E 13 -21.91 -5.32 21.92
C LYS E 13 -21.02 -4.16 21.49
N TYR E 14 -20.35 -3.58 22.46
CA TYR E 14 -19.47 -2.47 22.15
C TYR E 14 -18.12 -2.72 22.82
N GLY E 15 -17.09 -2.76 22.00
CA GLY E 15 -15.76 -3.08 22.47
C GLY E 15 -15.81 -4.09 23.60
N GLY E 16 -16.23 -5.32 23.30
CA GLY E 16 -16.22 -6.43 24.24
C GLY E 16 -17.34 -6.46 25.28
N ARG E 17 -18.20 -5.45 25.30
CA ARG E 17 -19.22 -5.39 26.32
C ARG E 17 -20.63 -5.52 25.76
N PHE E 18 -21.29 -6.61 26.13
CA PHE E 18 -22.66 -6.87 25.74
C PHE E 18 -23.56 -5.91 26.49
N THR E 19 -24.67 -5.50 25.89
CA THR E 19 -25.69 -4.78 26.63
C THR E 19 -26.95 -5.62 26.67
N VAL E 20 -27.19 -6.26 27.81
CA VAL E 20 -28.32 -7.17 27.99
C VAL E 20 -29.50 -6.47 28.65
N THR E 21 -30.71 -6.88 28.32
CA THR E 21 -31.91 -6.33 28.96
C THR E 21 -32.21 -7.02 30.28
N LEU E 22 -32.56 -6.22 31.29
CA LEU E 22 -32.89 -6.75 32.62
C LEU E 22 -34.30 -6.36 33.04
N ILE E 23 -35.14 -7.37 33.26
CA ILE E 23 -36.51 -7.09 33.66
C ILE E 23 -36.78 -7.83 34.93
N PRO E 24 -36.60 -7.15 36.08
CA PRO E 24 -36.76 -7.76 37.40
C PRO E 24 -38.18 -8.31 37.57
N GLY E 25 -39.16 -7.47 37.31
CA GLY E 25 -40.53 -7.90 37.37
C GLY E 25 -41.04 -8.02 38.79
N ASP E 26 -42.22 -8.60 38.96
CA ASP E 26 -42.94 -8.56 40.22
C ASP E 26 -42.50 -9.68 41.17
N GLY E 27 -42.91 -9.54 42.44
CA GLY E 27 -42.57 -10.51 43.47
C GLY E 27 -41.08 -10.56 43.75
N VAL E 28 -40.60 -11.74 44.13
CA VAL E 28 -39.20 -11.91 44.47
C VAL E 28 -38.31 -11.58 43.30
N GLY E 29 -38.93 -11.19 42.20
CA GLY E 29 -38.22 -10.79 40.99
C GLY E 29 -37.08 -9.86 41.32
N LYS E 30 -37.39 -8.71 41.90
CA LYS E 30 -36.40 -7.67 42.21
C LYS E 30 -35.18 -8.18 43.01
N GLU E 31 -35.42 -9.07 43.97
CA GLU E 31 -34.34 -9.60 44.81
C GLU E 31 -33.52 -10.65 44.06
N ILE E 32 -34.22 -11.57 43.43
CA ILE E 32 -33.60 -12.69 42.74
C ILE E 32 -32.72 -12.21 41.54
N THR E 33 -33.05 -11.06 40.97
CA THR E 33 -32.28 -10.51 39.86
C THR E 33 -31.00 -9.94 40.42
N ASP E 34 -31.16 -9.14 41.48
CA ASP E 34 -30.05 -8.52 42.21
C ASP E 34 -28.96 -9.54 42.54
N SER E 35 -29.36 -10.70 43.05
CA SER E 35 -28.44 -11.79 43.31
C SER E 35 -27.51 -12.02 42.11
N VAL E 36 -28.09 -12.06 40.93
CA VAL E 36 -27.32 -12.23 39.71
C VAL E 36 -26.39 -11.04 39.45
N ARG E 37 -26.92 -9.82 39.55
CA ARG E 37 -26.09 -8.61 39.38
C ARG E 37 -24.82 -8.72 40.19
N THR E 38 -24.99 -8.94 41.49
CA THR E 38 -23.89 -9.05 42.44
C THR E 38 -22.86 -10.11 42.05
N ILE E 39 -23.33 -11.30 41.73
CA ILE E 39 -22.43 -12.36 41.31
C ILE E 39 -21.73 -12.00 40.01
N PHE E 40 -22.38 -11.13 39.23
CA PHE E 40 -21.86 -10.75 37.92
C PHE E 40 -20.73 -9.74 38.02
N GLU E 41 -20.93 -8.68 38.80
CA GLU E 41 -19.90 -7.67 38.96
C GLU E 41 -18.77 -8.17 39.83
N ALA E 42 -19.08 -9.09 40.73
CA ALA E 42 -18.07 -9.72 41.57
C ALA E 42 -17.18 -10.69 40.77
N GLU E 43 -17.65 -11.05 39.59
CA GLU E 43 -16.91 -11.93 38.69
C GLU E 43 -16.40 -11.08 37.54
N ASN E 44 -16.69 -9.78 37.63
CA ASN E 44 -16.42 -8.79 36.58
C ASN E 44 -16.72 -9.26 35.17
N ILE E 45 -17.95 -9.72 34.96
CA ILE E 45 -18.43 -10.15 33.65
C ILE E 45 -18.76 -8.94 32.80
N PRO E 46 -18.23 -8.92 31.57
CA PRO E 46 -18.29 -7.79 30.64
C PRO E 46 -19.69 -7.49 30.11
N ILE E 47 -20.72 -7.58 30.92
CA ILE E 47 -22.04 -7.20 30.42
C ILE E 47 -22.62 -6.03 31.20
N ASP E 48 -23.32 -5.15 30.49
CA ASP E 48 -23.98 -4.00 31.09
C ASP E 48 -25.48 -4.19 31.01
N TRP E 49 -26.17 -4.08 32.14
CA TRP E 49 -27.61 -4.19 32.13
C TRP E 49 -28.30 -2.92 31.67
N GLU E 50 -29.17 -3.04 30.67
CA GLU E 50 -30.19 -2.01 30.44
C GLU E 50 -31.41 -2.52 31.17
N THR E 51 -31.82 -1.84 32.22
CA THR E 51 -32.83 -2.39 33.10
C THR E 51 -34.13 -1.58 33.06
N ILE E 52 -35.26 -2.27 32.90
CA ILE E 52 -36.53 -1.57 32.73
C ILE E 52 -37.59 -1.95 33.78
N ASN E 53 -38.47 -0.98 34.09
CA ASN E 53 -39.56 -1.16 35.04
C ASN E 53 -40.85 -0.49 34.54
N ILE E 54 -41.98 -0.92 35.07
CA ILE E 54 -43.25 -0.73 34.36
C ILE E 54 -44.46 -0.26 35.16
N LYS E 60 -48.01 -0.02 32.87
CA LYS E 60 -49.04 -1.06 32.85
C LYS E 60 -49.00 -1.62 31.41
N GLU E 61 -48.66 -0.76 30.45
CA GLU E 61 -48.60 -1.14 29.04
C GLU E 61 -47.24 -0.83 28.46
N GLY E 62 -46.33 -0.45 29.35
CA GLY E 62 -44.94 -0.21 29.00
C GLY E 62 -44.24 -1.53 28.75
N VAL E 63 -45.02 -2.60 28.72
CA VAL E 63 -44.54 -3.89 28.21
C VAL E 63 -44.04 -3.63 26.81
N TYR E 64 -44.43 -2.48 26.28
CA TYR E 64 -43.88 -1.91 25.06
C TYR E 64 -42.38 -1.67 25.21
N GLU E 65 -42.01 -1.01 26.29
CA GLU E 65 -40.61 -0.64 26.47
C GLU E 65 -39.70 -1.82 26.70
N ALA E 66 -40.26 -2.91 27.22
CA ALA E 66 -39.52 -4.15 27.36
C ALA E 66 -39.23 -4.75 25.99
N VAL E 67 -40.26 -4.79 25.15
CA VAL E 67 -40.15 -5.28 23.79
C VAL E 67 -39.14 -4.44 23.03
N GLU E 68 -39.34 -3.13 23.05
CA GLU E 68 -38.51 -2.23 22.28
C GLU E 68 -37.05 -2.38 22.67
N SER E 69 -36.79 -2.52 23.96
CA SER E 69 -35.44 -2.75 24.47
C SER E 69 -34.86 -4.04 23.92
N LEU E 70 -35.56 -5.15 24.14
CA LEU E 70 -35.10 -6.44 23.66
C LEU E 70 -34.85 -6.45 22.16
N LYS E 71 -35.61 -5.66 21.42
CA LYS E 71 -35.41 -5.57 19.97
C LYS E 71 -34.07 -4.92 19.63
N ARG E 72 -33.61 -3.99 20.48
CA ARG E 72 -32.27 -3.41 20.34
C ARG E 72 -31.21 -4.39 20.77
N ASN E 73 -31.30 -4.88 22.00
CA ASN E 73 -30.23 -5.69 22.58
C ASN E 73 -30.26 -7.15 22.14
N LYS E 74 -31.41 -7.62 21.71
CA LYS E 74 -31.60 -9.02 21.29
C LYS E 74 -31.64 -10.02 22.46
N ILE E 75 -30.97 -9.68 23.56
CA ILE E 75 -30.93 -10.62 24.68
C ILE E 75 -31.40 -9.99 25.99
N GLY E 76 -32.04 -10.82 26.82
CA GLY E 76 -32.61 -10.36 28.06
C GLY E 76 -32.57 -11.39 29.16
N LEU E 77 -32.73 -10.91 30.39
CA LEU E 77 -32.76 -11.73 31.58
C LEU E 77 -33.89 -11.17 32.41
N LYS E 78 -34.87 -12.00 32.75
CA LYS E 78 -36.06 -11.49 33.46
C LYS E 78 -36.65 -12.43 34.48
N GLY E 79 -37.37 -11.84 35.43
CA GLY E 79 -38.16 -12.60 36.37
C GLY E 79 -39.56 -12.73 35.81
N LEU E 80 -40.54 -12.93 36.68
CA LEU E 80 -41.91 -13.04 36.21
C LEU E 80 -42.69 -11.81 36.61
N TRP E 81 -43.64 -11.42 35.77
CA TRP E 81 -44.57 -10.38 36.13
C TRP E 81 -45.76 -11.04 36.80
N HIS E 82 -46.60 -10.25 37.47
CA HIS E 82 -47.81 -10.79 38.08
C HIS E 82 -48.98 -10.67 37.12
N THR E 83 -49.93 -11.59 37.22
CA THR E 83 -51.10 -11.55 36.38
C THR E 83 -52.40 -11.66 37.18
N PRO E 84 -53.30 -10.68 36.98
CA PRO E 84 -54.61 -10.61 37.63
C PRO E 84 -55.51 -11.78 37.22
N ALA E 85 -56.48 -12.11 38.06
CA ALA E 85 -57.47 -13.12 37.70
C ALA E 85 -58.84 -12.47 37.51
N ASP E 86 -58.96 -11.21 37.93
CA ASP E 86 -60.23 -10.48 37.79
C ASP E 86 -60.52 -10.15 36.34
N GLN E 87 -61.75 -9.74 36.07
CA GLN E 87 -62.23 -9.56 34.71
C GLN E 87 -61.66 -8.33 34.01
N THR E 88 -61.43 -7.27 34.77
CA THR E 88 -60.88 -6.04 34.18
C THR E 88 -59.37 -5.95 34.39
N GLY E 89 -58.75 -7.09 34.69
CA GLY E 89 -57.31 -7.21 34.79
C GLY E 89 -56.70 -7.11 33.41
N HIS E 90 -55.39 -6.87 33.35
CA HIS E 90 -54.78 -6.48 32.09
C HIS E 90 -54.42 -7.63 31.13
N GLY E 91 -54.12 -8.81 31.66
CA GLY E 91 -53.70 -9.92 30.82
C GLY E 91 -52.21 -10.17 30.92
N SER E 92 -51.81 -11.42 30.77
CA SER E 92 -50.45 -11.85 31.14
C SER E 92 -49.35 -10.82 31.04
N LEU E 93 -49.10 -10.34 29.83
CA LEU E 93 -47.91 -9.51 29.56
C LEU E 93 -46.57 -10.16 29.89
N ASN E 94 -46.62 -11.38 30.41
CA ASN E 94 -45.50 -12.28 30.27
C ASN E 94 -45.60 -12.88 28.88
N VAL E 95 -46.81 -13.34 28.53
CA VAL E 95 -47.08 -13.88 27.18
C VAL E 95 -47.04 -12.77 26.14
N ALA E 96 -47.57 -11.60 26.50
CA ALA E 96 -47.47 -10.46 25.60
C ALA E 96 -46.02 -10.26 25.18
N LEU E 97 -45.09 -10.31 26.13
CA LEU E 97 -43.69 -10.11 25.78
C LEU E 97 -43.27 -11.12 24.72
N ARG E 98 -43.60 -12.38 24.95
CA ARG E 98 -43.18 -13.45 24.06
C ARG E 98 -43.86 -13.40 22.70
N LYS E 99 -45.17 -13.20 22.69
CA LYS E 99 -45.90 -13.10 21.44
C LYS E 99 -45.39 -11.95 20.56
N GLN E 100 -45.09 -10.82 21.18
CA GLN E 100 -44.68 -9.65 20.43
C GLN E 100 -43.26 -9.76 19.93
N LEU E 101 -42.51 -10.69 20.48
CA LEU E 101 -41.16 -10.90 19.98
C LEU E 101 -41.07 -12.24 19.28
N ASP E 102 -42.19 -12.93 19.19
CA ASP E 102 -42.22 -14.26 18.62
C ASP E 102 -41.10 -15.12 19.20
N ILE E 103 -40.85 -14.95 20.49
CA ILE E 103 -40.02 -15.87 21.24
C ILE E 103 -40.87 -17.10 21.53
N TYR E 104 -40.96 -17.99 20.55
CA TYR E 104 -41.96 -19.04 20.54
C TYR E 104 -41.60 -20.32 21.32
N ALA E 105 -40.35 -20.46 21.73
CA ALA E 105 -39.95 -21.71 22.38
C ALA E 105 -39.50 -21.52 23.83
N ASN E 106 -40.16 -22.23 24.74
CA ASN E 106 -39.76 -22.21 26.14
C ASN E 106 -39.04 -23.50 26.49
N VAL E 107 -37.89 -23.38 27.15
CA VAL E 107 -37.17 -24.54 27.64
C VAL E 107 -37.06 -24.46 29.15
N ALA E 108 -37.49 -25.51 29.82
CA ALA E 108 -37.33 -25.60 31.27
C ALA E 108 -36.44 -26.80 31.59
N LEU E 109 -35.50 -26.60 32.51
CA LEU E 109 -34.56 -27.65 32.85
C LEU E 109 -34.75 -28.21 34.26
N PHE E 110 -35.27 -29.44 34.30
CA PHE E 110 -35.55 -30.11 35.56
C PHE E 110 -34.49 -31.17 35.79
N LYS E 111 -33.40 -30.76 36.43
CA LYS E 111 -32.33 -31.67 36.83
C LYS E 111 -32.10 -31.53 38.32
N SER E 112 -32.22 -32.64 39.04
CA SER E 112 -32.10 -32.59 40.50
C SER E 112 -30.68 -32.20 40.92
N LEU E 113 -30.58 -31.65 42.13
CA LEU E 113 -29.34 -31.09 42.62
C LEU E 113 -28.85 -31.86 43.83
N LYS E 114 -27.53 -31.96 43.96
CA LYS E 114 -26.91 -32.87 44.91
C LYS E 114 -27.37 -32.67 46.37
N GLY E 115 -27.34 -31.44 46.84
CA GLY E 115 -27.66 -31.21 48.24
C GLY E 115 -29.13 -30.99 48.54
N VAL E 116 -30.02 -31.65 47.79
CA VAL E 116 -31.45 -31.42 47.99
C VAL E 116 -32.26 -32.69 48.12
N LYS E 117 -32.97 -32.79 49.23
CA LYS E 117 -33.84 -33.94 49.53
C LYS E 117 -35.04 -33.96 48.59
N THR E 118 -35.10 -34.95 47.72
CA THR E 118 -36.27 -35.12 46.87
C THR E 118 -36.78 -36.55 46.93
N ARG E 119 -38.09 -36.71 46.73
CA ARG E 119 -38.73 -38.00 46.87
C ARG E 119 -38.23 -39.06 45.85
N ILE E 120 -38.02 -38.63 44.60
CA ILE E 120 -37.38 -39.47 43.60
C ILE E 120 -36.13 -38.76 43.10
N PRO E 121 -34.96 -39.38 43.27
CA PRO E 121 -33.69 -38.71 43.04
C PRO E 121 -33.09 -39.01 41.68
N ASP E 122 -32.05 -38.25 41.31
CA ASP E 122 -31.29 -38.48 40.08
C ASP E 122 -32.15 -38.35 38.83
N ILE E 123 -32.78 -37.19 38.69
CA ILE E 123 -33.80 -36.98 37.68
C ILE E 123 -33.38 -35.88 36.73
N ASP E 124 -33.54 -36.11 35.44
CA ASP E 124 -33.02 -35.18 34.44
C ASP E 124 -33.91 -35.15 33.20
N LEU E 125 -34.88 -34.24 33.19
CA LEU E 125 -35.77 -34.13 32.04
C LEU E 125 -36.03 -32.70 31.68
N ILE E 126 -36.32 -32.51 30.39
CA ILE E 126 -36.51 -31.19 29.80
C ILE E 126 -37.91 -31.06 29.19
N VAL E 127 -38.51 -29.90 29.38
CA VAL E 127 -39.85 -29.68 28.87
C VAL E 127 -39.81 -28.49 27.96
N ILE E 128 -40.06 -28.72 26.67
CA ILE E 128 -40.14 -27.66 25.69
C ILE E 128 -41.58 -27.40 25.32
N ARG E 129 -42.03 -26.16 25.52
CA ARG E 129 -43.39 -25.80 25.19
C ARG E 129 -43.46 -24.67 24.17
N GLU E 130 -44.53 -24.65 23.39
CA GLU E 130 -44.79 -23.57 22.46
C GLU E 130 -45.43 -22.43 23.23
N ASN E 131 -44.96 -21.20 22.97
CA ASN E 131 -45.32 -20.04 23.79
C ASN E 131 -46.48 -19.17 23.28
N THR E 132 -46.68 -19.13 21.96
CA THR E 132 -47.55 -18.13 21.33
C THR E 132 -48.95 -18.60 20.91
N GLU E 133 -49.19 -19.90 21.01
CA GLU E 133 -50.36 -20.50 20.40
C GLU E 133 -51.09 -21.39 21.41
N GLY E 134 -51.84 -22.36 20.91
CA GLY E 134 -52.56 -23.27 21.79
C GLY E 134 -53.64 -22.58 22.59
N GLU E 135 -53.74 -22.95 23.85
CA GLU E 135 -54.71 -22.34 24.75
C GLU E 135 -54.26 -20.95 25.25
N PHE E 136 -53.06 -20.54 24.85
CA PHE E 136 -52.52 -19.23 25.21
C PHE E 136 -52.79 -18.24 24.09
N SER E 137 -53.67 -18.62 23.17
CA SER E 137 -53.95 -17.77 22.02
C SER E 137 -54.86 -16.64 22.44
N GLY E 138 -55.49 -16.79 23.61
CA GLY E 138 -56.29 -15.73 24.18
C GLY E 138 -57.39 -15.23 23.26
N LEU E 139 -58.11 -16.15 22.63
CA LEU E 139 -59.30 -15.79 21.88
C LEU E 139 -60.50 -16.36 22.60
N GLU E 140 -61.39 -15.50 23.10
CA GLU E 140 -62.58 -15.97 23.78
C GLU E 140 -63.72 -14.98 23.68
N HIS E 141 -64.95 -15.48 23.75
CA HIS E 141 -66.12 -14.61 23.71
C HIS E 141 -67.27 -15.25 24.42
N GLU E 142 -68.28 -14.43 24.74
CA GLU E 142 -69.51 -14.88 25.38
C GLU E 142 -70.66 -14.66 24.42
N SER E 143 -71.17 -15.75 23.84
CA SER E 143 -72.22 -15.64 22.82
C SER E 143 -73.51 -15.04 23.38
N VAL E 144 -74.17 -15.82 24.23
CA VAL E 144 -75.25 -15.31 25.06
C VAL E 144 -74.75 -15.32 26.50
N PRO E 145 -75.43 -14.60 27.39
CA PRO E 145 -74.98 -14.53 28.78
C PRO E 145 -74.88 -15.92 29.40
N GLY E 146 -73.73 -16.21 30.02
CA GLY E 146 -73.56 -17.44 30.74
C GLY E 146 -72.96 -18.54 29.91
N VAL E 147 -72.77 -18.28 28.62
CA VAL E 147 -72.13 -19.24 27.71
C VAL E 147 -70.84 -18.65 27.14
N VAL E 148 -69.71 -19.29 27.46
CA VAL E 148 -68.43 -18.76 27.04
C VAL E 148 -67.66 -19.75 26.20
N GLU E 149 -67.12 -19.27 25.08
CA GLU E 149 -66.24 -20.09 24.25
C GLU E 149 -64.83 -19.50 24.23
N SER E 150 -63.87 -20.35 24.53
CA SER E 150 -62.48 -20.01 24.40
C SER E 150 -61.96 -20.79 23.22
N LEU E 151 -61.44 -20.10 22.20
CA LEU E 151 -60.91 -20.73 21.00
C LEU E 151 -59.43 -21.06 21.16
N LYS E 152 -59.06 -22.31 20.87
CA LYS E 152 -57.68 -22.76 20.96
C LYS E 152 -57.11 -23.01 19.57
N VAL E 153 -56.19 -22.15 19.14
CA VAL E 153 -55.66 -22.24 17.78
C VAL E 153 -54.43 -23.11 17.71
N MET E 154 -54.34 -23.91 16.66
CA MET E 154 -53.16 -24.74 16.39
C MET E 154 -52.87 -24.64 14.90
N THR E 155 -51.68 -24.18 14.54
CA THR E 155 -51.35 -24.00 13.14
C THR E 155 -50.07 -24.72 12.72
N ARG E 156 -50.10 -25.29 11.52
CA ARG E 156 -48.98 -26.09 11.02
C ARG E 156 -47.65 -25.35 11.08
N PRO E 157 -47.64 -24.09 10.62
CA PRO E 157 -46.38 -23.36 10.62
C PRO E 157 -45.77 -23.24 12.03
N LYS E 158 -46.54 -22.72 12.99
CA LYS E 158 -46.05 -22.53 14.35
C LYS E 158 -45.67 -23.87 14.96
N THR E 159 -46.32 -24.93 14.51
CA THR E 159 -46.09 -26.26 15.07
C THR E 159 -44.87 -26.94 14.45
N GLU E 160 -44.66 -26.77 13.16
CA GLU E 160 -43.48 -27.34 12.54
C GLU E 160 -42.26 -26.68 13.19
N ARG E 161 -42.40 -25.39 13.47
CA ARG E 161 -41.34 -24.60 14.03
C ARG E 161 -40.86 -25.19 15.36
N ILE E 162 -41.79 -25.33 16.30
CA ILE E 162 -41.43 -25.81 17.65
C ILE E 162 -40.92 -27.24 17.56
N ALA E 163 -41.53 -28.01 16.68
CA ALA E 163 -41.13 -29.38 16.47
C ALA E 163 -39.64 -29.46 16.11
N ARG E 164 -39.23 -28.65 15.15
CA ARG E 164 -37.83 -28.67 14.78
C ARG E 164 -36.95 -28.12 15.90
N PHE E 165 -37.37 -27.02 16.53
CA PHE E 165 -36.61 -26.50 17.66
C PHE E 165 -36.32 -27.58 18.68
N ALA E 166 -37.35 -28.35 19.01
CA ALA E 166 -37.20 -29.42 20.00
C ALA E 166 -36.17 -30.44 19.56
N PHE E 167 -36.28 -30.91 18.32
CA PHE E 167 -35.33 -31.91 17.85
C PHE E 167 -33.92 -31.34 17.74
N ASP E 168 -33.80 -30.18 17.11
CA ASP E 168 -32.53 -29.46 17.05
C ASP E 168 -31.90 -29.38 18.44
N PHE E 169 -32.70 -28.99 19.41
CA PHE E 169 -32.26 -28.87 20.80
C PHE E 169 -31.78 -30.20 21.34
N ALA E 170 -32.56 -31.25 21.09
CA ALA E 170 -32.23 -32.59 21.56
C ALA E 170 -30.94 -33.09 20.92
N LYS E 171 -30.73 -32.74 19.66
CA LYS E 171 -29.52 -33.14 18.96
C LYS E 171 -28.31 -32.41 19.53
N LYS E 172 -28.45 -31.09 19.69
CA LYS E 172 -27.38 -30.24 20.19
C LYS E 172 -26.90 -30.62 21.58
N TYR E 173 -27.83 -31.05 22.43
CA TYR E 173 -27.49 -31.38 23.81
C TYR E 173 -27.56 -32.89 24.05
N ASN E 174 -27.25 -33.64 23.00
CA ASN E 174 -27.24 -35.11 23.05
C ASN E 174 -28.34 -35.69 23.94
N ARG E 175 -29.58 -35.40 23.57
CA ARG E 175 -30.76 -36.00 24.18
C ARG E 175 -31.24 -37.08 23.25
N LYS E 176 -31.55 -38.26 23.78
CA LYS E 176 -31.87 -39.38 22.90
C LYS E 176 -33.35 -39.48 22.53
N SER E 177 -34.23 -39.01 23.43
CA SER E 177 -35.66 -39.19 23.26
C SER E 177 -36.46 -37.89 23.28
N VAL E 178 -37.43 -37.79 22.38
CA VAL E 178 -38.35 -36.65 22.33
C VAL E 178 -39.80 -37.12 22.28
N THR E 179 -40.60 -36.66 23.21
CA THR E 179 -41.97 -37.15 23.34
C THR E 179 -42.97 -36.02 23.23
N ALA E 180 -43.98 -36.21 22.39
CA ALA E 180 -45.01 -35.20 22.21
C ALA E 180 -46.18 -35.47 23.14
N VAL E 181 -46.50 -34.49 23.98
CA VAL E 181 -47.62 -34.58 24.91
C VAL E 181 -48.87 -33.95 24.29
N HIS E 182 -49.99 -34.64 24.33
CA HIS E 182 -51.16 -34.22 23.58
C HIS E 182 -52.42 -34.81 24.16
N LYS E 183 -53.56 -34.45 23.57
CA LYS E 183 -54.85 -34.98 23.98
C LYS E 183 -55.58 -35.29 22.70
N ALA E 184 -54.86 -35.92 21.77
CA ALA E 184 -55.32 -36.05 20.40
C ALA E 184 -56.47 -37.02 20.27
N ASN E 185 -56.74 -37.78 21.33
CA ASN E 185 -57.82 -38.76 21.28
C ASN E 185 -59.17 -38.10 21.46
N ILE E 186 -59.15 -36.83 21.85
CA ILE E 186 -60.38 -36.11 22.11
C ILE E 186 -60.50 -34.89 21.23
N MET E 187 -59.39 -34.14 21.14
CA MET E 187 -59.31 -32.98 20.28
C MET E 187 -58.53 -33.42 19.05
N LYS E 188 -59.21 -34.15 18.20
CA LYS E 188 -58.59 -34.91 17.11
C LYS E 188 -57.96 -34.02 16.05
N LEU E 189 -58.50 -32.82 15.89
CA LEU E 189 -57.91 -31.90 14.94
C LEU E 189 -56.79 -31.11 15.59
N GLY E 190 -57.09 -30.43 16.69
CA GLY E 190 -56.12 -29.57 17.35
C GLY E 190 -54.87 -30.31 17.78
N ASP E 191 -54.99 -31.10 18.84
CA ASP E 191 -53.86 -31.85 19.35
C ASP E 191 -53.42 -32.94 18.37
N GLY E 192 -54.36 -33.39 17.54
CA GLY E 192 -54.02 -34.35 16.50
C GLY E 192 -52.92 -33.80 15.62
N LEU E 193 -53.17 -32.63 15.05
CA LEU E 193 -52.21 -31.95 14.19
C LEU E 193 -50.85 -31.83 14.83
N PHE E 194 -50.85 -31.43 16.10
CA PHE E 194 -49.65 -31.30 16.89
C PHE E 194 -48.87 -32.61 16.97
N ARG E 195 -49.55 -33.69 17.37
CA ARG E 195 -48.90 -35.00 17.50
C ARG E 195 -48.33 -35.51 16.19
N ASN E 196 -49.04 -35.27 15.10
CA ASN E 196 -48.60 -35.73 13.80
C ASN E 196 -47.37 -34.99 13.34
N ILE E 197 -47.54 -33.71 13.10
CA ILE E 197 -46.42 -32.86 12.71
C ILE E 197 -45.12 -33.14 13.48
N ILE E 198 -45.21 -33.43 14.78
CA ILE E 198 -44.02 -33.74 15.58
C ILE E 198 -43.43 -35.08 15.17
N THR E 199 -44.22 -36.14 15.33
CA THR E 199 -43.73 -37.47 15.00
C THR E 199 -43.36 -37.52 13.51
N GLU E 200 -44.15 -36.85 12.68
CA GLU E 200 -43.94 -36.82 11.24
C GLU E 200 -42.56 -36.30 10.89
N ILE E 201 -42.14 -35.22 11.53
CA ILE E 201 -40.87 -34.60 11.15
C ILE E 201 -39.74 -34.98 12.09
N GLY E 202 -39.99 -36.01 12.90
CA GLY E 202 -38.94 -36.62 13.70
C GLY E 202 -38.53 -37.92 13.05
N GLN E 203 -39.26 -38.28 11.99
CA GLN E 203 -39.03 -39.53 11.27
C GLN E 203 -38.31 -39.29 9.96
N LYS E 204 -38.69 -38.23 9.25
CA LYS E 204 -38.06 -37.96 7.96
C LYS E 204 -36.89 -36.95 8.06
N GLU E 205 -36.78 -36.29 9.21
CA GLU E 205 -35.59 -35.53 9.59
C GLU E 205 -35.31 -36.03 10.99
N TYR E 206 -34.12 -35.80 11.53
CA TYR E 206 -33.83 -36.29 12.88
C TYR E 206 -34.18 -37.78 13.14
N PRO E 207 -33.72 -38.67 12.26
CA PRO E 207 -34.07 -40.09 12.41
C PRO E 207 -33.31 -40.73 13.55
N ASP E 208 -32.22 -40.09 13.97
CA ASP E 208 -31.39 -40.63 15.03
C ASP E 208 -32.04 -40.53 16.39
N ILE E 209 -33.08 -39.71 16.48
CA ILE E 209 -33.75 -39.48 17.76
C ILE E 209 -35.04 -40.27 17.89
N ASP E 210 -35.33 -40.74 19.11
CA ASP E 210 -36.52 -41.55 19.35
C ASP E 210 -37.74 -40.67 19.58
N VAL E 211 -38.63 -40.65 18.60
CA VAL E 211 -39.87 -39.88 18.74
C VAL E 211 -41.01 -40.75 19.26
N SER E 212 -41.86 -40.16 20.10
CA SER E 212 -43.02 -40.87 20.63
C SER E 212 -44.08 -39.88 21.07
N SER E 213 -45.27 -40.42 21.38
CA SER E 213 -46.37 -39.59 21.86
C SER E 213 -46.76 -40.07 23.23
N ILE E 214 -47.49 -39.23 23.94
CA ILE E 214 -48.07 -39.60 25.21
C ILE E 214 -49.24 -38.68 25.48
N ILE E 215 -50.31 -39.25 26.03
CA ILE E 215 -51.51 -38.48 26.31
C ILE E 215 -51.33 -37.72 27.60
N VAL E 216 -51.67 -36.44 27.57
CA VAL E 216 -51.31 -35.50 28.63
C VAL E 216 -51.65 -35.99 30.03
N ASP E 217 -52.83 -36.59 30.19
CA ASP E 217 -53.23 -37.06 31.51
C ASP E 217 -52.36 -38.23 31.98
N ASN E 218 -52.15 -39.18 31.09
CA ASN E 218 -51.30 -40.33 31.40
C ASN E 218 -49.84 -39.90 31.57
N ALA E 219 -49.44 -38.88 30.83
CA ALA E 219 -48.11 -38.33 30.95
C ALA E 219 -47.95 -37.78 32.36
N SER E 220 -48.98 -37.08 32.83
CA SER E 220 -48.98 -36.49 34.17
C SER E 220 -48.83 -37.54 35.24
N MET E 221 -49.39 -38.72 34.99
CA MET E 221 -49.31 -39.76 35.97
C MET E 221 -47.93 -40.39 36.00
N GLN E 222 -47.37 -40.69 34.82
CA GLN E 222 -46.04 -41.27 34.79
C GLN E 222 -45.02 -40.30 35.37
N ALA E 223 -45.19 -39.01 35.06
CA ALA E 223 -44.24 -37.98 35.51
C ALA E 223 -44.08 -37.97 37.03
N VAL E 224 -45.18 -38.15 37.72
CA VAL E 224 -45.21 -38.10 39.17
C VAL E 224 -44.74 -39.43 39.77
N ALA E 225 -45.04 -40.53 39.09
CA ALA E 225 -44.74 -41.85 39.62
C ALA E 225 -43.42 -42.45 39.12
N LYS E 226 -43.11 -42.26 37.84
CA LYS E 226 -41.93 -42.87 37.24
C LYS E 226 -41.30 -41.96 36.19
N PRO E 227 -40.67 -40.86 36.64
CA PRO E 227 -40.23 -39.75 35.78
C PRO E 227 -39.01 -40.09 34.95
N HIS E 228 -38.26 -41.11 35.36
CA HIS E 228 -37.00 -41.41 34.70
C HIS E 228 -37.19 -41.90 33.28
N GLN E 229 -38.42 -42.29 32.95
CA GLN E 229 -38.72 -42.78 31.61
C GLN E 229 -38.75 -41.63 30.56
N PHE E 230 -38.80 -40.40 31.03
CA PHE E 230 -38.86 -39.25 30.14
C PHE E 230 -37.49 -38.56 29.96
N ASP E 231 -37.29 -38.00 28.76
CA ASP E 231 -36.04 -37.35 28.37
C ASP E 231 -36.36 -35.90 27.98
N VAL E 232 -36.97 -35.73 26.81
CA VAL E 232 -37.45 -34.43 26.40
C VAL E 232 -38.93 -34.52 26.08
N LEU E 233 -39.68 -33.52 26.54
CA LEU E 233 -41.12 -33.45 26.29
C LEU E 233 -41.46 -32.17 25.53
N VAL E 234 -42.18 -32.32 24.41
CA VAL E 234 -42.65 -31.18 23.62
C VAL E 234 -44.13 -31.04 23.81
N THR E 235 -44.59 -29.84 24.14
CA THR E 235 -45.99 -29.66 24.46
C THR E 235 -46.50 -28.33 23.95
N PRO E 236 -47.81 -28.23 23.74
CA PRO E 236 -48.47 -26.95 23.51
C PRO E 236 -48.50 -26.15 24.81
N SER E 237 -48.82 -24.86 24.73
CA SER E 237 -48.78 -23.96 25.88
C SER E 237 -49.25 -24.52 27.23
N MET E 238 -50.43 -25.17 27.24
CA MET E 238 -51.05 -25.59 28.48
C MET E 238 -50.30 -26.75 29.12
N TYR E 239 -50.23 -27.86 28.40
CA TYR E 239 -49.65 -29.09 28.93
C TYR E 239 -48.25 -28.83 29.47
N GLY E 240 -47.62 -27.77 28.98
CA GLY E 240 -46.26 -27.43 29.38
C GLY E 240 -46.20 -26.77 30.73
N THR E 241 -47.25 -26.00 31.04
CA THR E 241 -47.43 -25.42 32.36
C THR E 241 -47.65 -26.52 33.38
N ILE E 242 -48.39 -27.55 32.97
CA ILE E 242 -48.72 -28.64 33.87
C ILE E 242 -47.54 -29.57 34.10
N LEU E 243 -46.96 -30.08 33.02
CA LEU E 243 -45.82 -30.97 33.19
C LEU E 243 -44.69 -30.19 33.81
N GLY E 244 -44.59 -28.93 33.44
CA GLY E 244 -43.60 -28.06 34.04
C GLY E 244 -43.61 -28.07 35.56
N ASN E 245 -44.77 -27.77 36.14
CA ASN E 245 -44.89 -27.77 37.59
C ASN E 245 -44.70 -29.15 38.25
N ILE E 246 -45.10 -30.23 37.57
CA ILE E 246 -44.76 -31.56 38.06
C ILE E 246 -43.24 -31.66 38.18
N GLY E 247 -42.54 -31.27 37.13
CA GLY E 247 -41.09 -31.35 37.11
C GLY E 247 -40.47 -30.45 38.15
N ALA E 248 -41.07 -29.28 38.32
CA ALA E 248 -40.61 -28.32 39.31
C ALA E 248 -40.62 -28.95 40.69
N ALA E 249 -41.75 -29.56 41.05
CA ALA E 249 -41.86 -30.22 42.34
C ALA E 249 -40.86 -31.37 42.46
N LEU E 250 -40.76 -32.20 41.42
CA LEU E 250 -39.94 -33.42 41.43
C LEU E 250 -38.52 -33.19 41.87
N ILE E 251 -37.99 -31.99 41.62
CA ILE E 251 -36.58 -31.74 41.86
C ILE E 251 -36.30 -30.88 43.08
N GLY E 252 -37.35 -30.35 43.70
CA GLY E 252 -37.17 -29.55 44.90
C GLY E 252 -38.12 -28.37 45.01
N GLY E 253 -38.33 -27.70 43.89
CA GLY E 253 -39.20 -26.53 43.87
C GLY E 253 -38.84 -25.55 42.78
N PRO E 254 -39.65 -24.48 42.66
CA PRO E 254 -39.56 -23.48 41.59
C PRO E 254 -38.26 -22.69 41.63
N GLY E 255 -37.52 -22.80 42.73
CA GLY E 255 -36.32 -22.02 42.92
C GLY E 255 -35.08 -22.68 42.36
N LEU E 256 -35.23 -23.89 41.83
CA LEU E 256 -34.07 -24.64 41.35
C LEU E 256 -34.08 -24.82 39.83
N VAL E 257 -35.06 -24.20 39.17
CA VAL E 257 -35.31 -24.48 37.76
C VAL E 257 -34.86 -23.37 36.83
N ALA E 258 -33.89 -23.69 35.98
CA ALA E 258 -33.40 -22.75 34.98
C ALA E 258 -34.35 -22.79 33.79
N GLY E 259 -34.53 -21.65 33.14
CA GLY E 259 -35.40 -21.58 31.99
C GLY E 259 -34.90 -20.60 30.96
N ALA E 260 -35.35 -20.77 29.73
CA ALA E 260 -34.98 -19.86 28.66
C ALA E 260 -36.07 -19.84 27.59
N ASN E 261 -36.21 -18.69 26.94
CA ASN E 261 -37.15 -18.54 25.84
C ASN E 261 -36.44 -18.15 24.55
N PHE E 262 -36.75 -18.85 23.46
CA PHE E 262 -36.09 -18.59 22.19
C PHE E 262 -37.05 -18.21 21.06
N GLY E 263 -36.69 -17.17 20.32
CA GLY E 263 -37.18 -16.98 18.96
C GLY E 263 -36.08 -17.02 17.93
N ARG E 264 -36.43 -16.72 16.68
CA ARG E 264 -35.44 -16.65 15.61
C ARG E 264 -34.37 -15.61 15.91
N ASP E 265 -34.79 -14.43 16.38
CA ASP E 265 -33.91 -13.28 16.46
C ASP E 265 -33.50 -12.99 17.89
N TYR E 266 -34.43 -13.16 18.82
CA TYR E 266 -34.21 -12.80 20.21
C TYR E 266 -34.11 -14.01 21.13
N ALA E 267 -33.67 -13.77 22.36
CA ALA E 267 -33.64 -14.80 23.40
C ALA E 267 -33.83 -14.13 24.75
N VAL E 268 -34.81 -14.59 25.51
CA VAL E 268 -35.05 -14.06 26.84
C VAL E 268 -34.95 -15.19 27.84
N PHE E 269 -34.12 -14.99 28.87
CA PHE E 269 -33.90 -16.02 29.88
C PHE E 269 -34.64 -15.68 31.17
N GLU E 270 -35.41 -16.66 31.64
CA GLU E 270 -36.20 -16.47 32.85
C GLU E 270 -36.19 -17.78 33.63
N PRO E 271 -36.71 -17.76 34.87
CA PRO E 271 -36.80 -19.00 35.64
C PRO E 271 -37.69 -20.03 34.92
N GLY E 272 -37.30 -21.28 34.98
CA GLY E 272 -38.03 -22.33 34.29
C GLY E 272 -39.33 -22.74 34.97
N SER E 273 -39.58 -22.24 36.17
CA SER E 273 -40.76 -22.69 36.88
C SER E 273 -41.93 -21.73 36.81
N ARG E 274 -41.63 -20.43 36.74
CA ARG E 274 -42.67 -19.45 36.47
C ARG E 274 -43.58 -19.21 37.65
N HIS E 275 -42.99 -18.80 38.78
CA HIS E 275 -43.75 -18.36 39.95
C HIS E 275 -43.23 -17.02 40.46
N VAL E 276 -44.15 -16.14 40.87
CA VAL E 276 -43.81 -14.75 41.19
C VAL E 276 -43.30 -14.55 42.62
N GLY E 277 -43.73 -15.41 43.54
CA GLY E 277 -43.35 -15.29 44.93
C GLY E 277 -43.85 -14.01 45.58
N LEU E 278 -45.00 -13.52 45.13
CA LEU E 278 -45.57 -12.29 45.68
C LEU E 278 -45.55 -12.24 47.22
N ASP E 279 -45.92 -13.35 47.86
CA ASP E 279 -46.05 -13.42 49.31
C ASP E 279 -44.76 -13.11 50.11
N ILE E 280 -43.60 -13.47 49.55
CA ILE E 280 -42.33 -13.25 50.23
C ILE E 280 -41.48 -12.12 49.61
N LYS E 281 -42.15 -11.11 49.04
CA LYS E 281 -41.47 -9.98 48.44
C LYS E 281 -40.86 -9.11 49.51
N GLY E 282 -39.57 -8.84 49.38
CA GLY E 282 -38.88 -7.92 50.25
C GLY E 282 -38.41 -8.56 51.53
N GLN E 283 -38.64 -9.86 51.67
CA GLN E 283 -38.29 -10.55 52.90
C GLN E 283 -36.89 -11.13 52.86
N ASN E 284 -36.26 -11.11 51.70
CA ASN E 284 -34.91 -11.63 51.59
C ASN E 284 -34.85 -13.11 52.02
N VAL E 285 -35.96 -13.82 51.85
CA VAL E 285 -35.99 -15.25 52.16
C VAL E 285 -35.84 -16.10 50.90
N ALA E 286 -36.08 -15.46 49.76
CA ALA E 286 -36.18 -16.12 48.46
C ALA E 286 -34.91 -16.85 48.02
N ASN E 287 -35.07 -17.77 47.08
CA ASN E 287 -33.96 -18.58 46.56
C ASN E 287 -33.63 -18.19 45.13
N PRO E 288 -32.38 -17.78 44.88
CA PRO E 288 -32.01 -17.27 43.56
C PRO E 288 -31.41 -18.34 42.65
N THR E 289 -31.34 -19.59 43.10
CA THR E 289 -30.75 -20.64 42.28
C THR E 289 -31.35 -20.61 40.87
N ALA E 290 -32.68 -20.56 40.80
CA ALA E 290 -33.39 -20.51 39.52
C ALA E 290 -32.79 -19.43 38.67
N MET E 291 -32.91 -18.19 39.13
CA MET E 291 -32.47 -17.02 38.36
C MET E 291 -31.02 -17.14 37.92
N ILE E 292 -30.15 -17.47 38.86
CA ILE E 292 -28.73 -17.56 38.57
C ILE E 292 -28.46 -18.62 37.51
N LEU E 293 -29.06 -19.80 37.68
CA LEU E 293 -28.79 -20.90 36.77
C LEU E 293 -29.25 -20.62 35.33
N SER E 294 -30.39 -19.97 35.19
CA SER E 294 -30.84 -19.58 33.87
C SER E 294 -30.01 -18.39 33.40
N SER E 295 -29.47 -17.64 34.35
CA SER E 295 -28.49 -16.59 34.03
C SER E 295 -27.22 -17.20 33.41
N THR E 296 -26.80 -18.36 33.92
CA THR E 296 -25.66 -19.05 33.33
C THR E 296 -26.00 -19.54 31.93
N LEU E 297 -27.24 -19.97 31.72
CA LEU E 297 -27.72 -20.38 30.40
C LEU E 297 -27.50 -19.27 29.39
N MET E 298 -27.74 -18.02 29.85
CA MET E 298 -27.60 -16.85 29.00
C MET E 298 -26.14 -16.60 28.64
N LEU E 299 -25.25 -16.79 29.60
CA LEU E 299 -23.82 -16.68 29.33
C LEU E 299 -23.39 -17.67 28.26
N ASN E 300 -23.65 -18.96 28.48
CA ASN E 300 -23.34 -19.93 27.45
C ASN E 300 -23.84 -19.46 26.10
N HIS E 301 -25.00 -18.82 26.11
CA HIS E 301 -25.60 -18.35 24.87
C HIS E 301 -24.73 -17.28 24.21
N LEU E 302 -24.58 -16.13 24.85
CA LEU E 302 -23.74 -15.10 24.26
C LEU E 302 -22.24 -15.42 24.37
N GLY E 303 -21.93 -16.71 24.44
CA GLY E 303 -20.59 -17.18 24.17
C GLY E 303 -19.57 -17.14 25.30
N LEU E 304 -19.92 -16.43 26.37
CA LEU E 304 -19.04 -16.34 27.53
C LEU E 304 -18.75 -17.75 28.03
N ASN E 305 -19.53 -18.21 28.99
CA ASN E 305 -19.55 -19.64 29.36
C ASN E 305 -18.30 -20.23 30.03
N GLU E 306 -17.18 -19.53 29.95
CA GLU E 306 -16.08 -19.83 30.83
C GLU E 306 -16.66 -19.43 32.17
N TYR E 307 -17.21 -18.23 32.20
CA TYR E 307 -17.93 -17.72 33.36
C TYR E 307 -19.09 -18.64 33.75
N ALA E 308 -19.86 -19.07 32.75
CA ALA E 308 -21.01 -19.92 33.03
C ALA E 308 -20.61 -21.24 33.69
N THR E 309 -19.73 -21.98 33.03
CA THR E 309 -19.17 -23.20 33.58
C THR E 309 -18.74 -22.93 35.01
N ARG E 310 -18.11 -21.79 35.19
CA ARG E 310 -17.63 -21.34 36.48
C ARG E 310 -18.78 -21.21 37.46
N ILE E 311 -19.53 -20.12 37.35
CA ILE E 311 -20.48 -19.72 38.38
C ILE E 311 -21.63 -20.70 38.58
N SER E 312 -21.72 -21.72 37.71
CA SER E 312 -22.70 -22.77 37.94
C SER E 312 -22.13 -23.77 38.95
N LYS E 313 -20.88 -24.16 38.75
CA LYS E 313 -20.19 -25.02 39.70
C LYS E 313 -20.26 -24.39 41.08
N ALA E 314 -20.15 -23.08 41.13
CA ALA E 314 -20.21 -22.34 42.39
C ALA E 314 -21.51 -22.63 43.14
N VAL E 315 -22.64 -22.30 42.51
CA VAL E 315 -23.95 -22.54 43.13
C VAL E 315 -24.23 -24.04 43.32
N HIS E 316 -23.85 -24.87 42.36
CA HIS E 316 -24.04 -26.32 42.51
C HIS E 316 -23.34 -26.88 43.77
N GLU E 317 -22.07 -26.54 43.96
CA GLU E 317 -21.32 -26.94 45.15
C GLU E 317 -21.87 -26.29 46.42
N THR E 318 -22.15 -24.98 46.36
CA THR E 318 -22.76 -24.29 47.50
C THR E 318 -23.97 -25.02 48.08
N ILE E 319 -24.93 -25.40 47.23
CA ILE E 319 -26.15 -26.01 47.74
C ILE E 319 -25.95 -27.47 48.16
N ALA E 320 -25.08 -28.19 47.44
CA ALA E 320 -24.69 -29.53 47.86
C ALA E 320 -24.04 -29.51 49.25
N GLU E 321 -23.24 -28.48 49.51
CA GLU E 321 -22.56 -28.32 50.79
C GLU E 321 -23.51 -27.82 51.87
N GLY E 322 -24.33 -28.73 52.36
CA GLY E 322 -25.24 -28.46 53.46
C GLY E 322 -25.57 -27.02 53.77
N LYS E 323 -25.53 -26.68 55.06
CA LYS E 323 -26.01 -25.40 55.56
C LYS E 323 -25.32 -24.22 54.91
N HIS E 324 -25.97 -23.07 55.00
CA HIS E 324 -25.64 -21.84 54.27
C HIS E 324 -26.50 -21.74 53.01
N THR E 325 -27.33 -22.76 52.84
CA THR E 325 -28.29 -22.82 51.75
C THR E 325 -29.54 -22.07 52.18
N THR E 326 -30.38 -21.70 51.22
CA THR E 326 -31.57 -20.86 51.48
C THR E 326 -32.79 -21.66 51.98
N ARG E 327 -33.74 -20.95 52.61
CA ARG E 327 -34.88 -21.53 53.35
C ARG E 327 -35.56 -22.75 52.74
N ASP E 328 -36.05 -22.60 51.51
CA ASP E 328 -36.87 -23.62 50.83
C ASP E 328 -36.18 -24.94 50.49
N ILE E 329 -34.85 -24.96 50.49
CA ILE E 329 -34.11 -26.18 50.21
C ILE E 329 -33.91 -26.96 51.50
N GLY E 330 -34.06 -26.27 52.62
CA GLY E 330 -33.92 -26.88 53.93
C GLY E 330 -32.88 -26.19 54.78
N GLY E 331 -32.41 -25.05 54.31
CA GLY E 331 -31.43 -24.27 55.04
C GLY E 331 -32.08 -23.18 55.87
N SER E 332 -31.26 -22.26 56.36
CA SER E 332 -31.77 -21.17 57.19
C SER E 332 -31.16 -19.83 56.77
N SER E 333 -30.39 -19.86 55.68
CA SER E 333 -29.76 -18.66 55.14
C SER E 333 -30.73 -17.80 54.32
N SER E 334 -30.44 -16.51 54.22
CA SER E 334 -31.22 -15.59 53.40
C SER E 334 -30.63 -15.48 51.98
N THR E 335 -31.41 -14.91 51.07
CA THR E 335 -30.98 -14.70 49.69
C THR E 335 -29.60 -14.05 49.68
N THR E 336 -29.48 -13.02 50.50
CA THR E 336 -28.25 -12.31 50.69
C THR E 336 -27.08 -13.24 51.05
N ASP E 337 -27.29 -14.11 52.03
CA ASP E 337 -26.21 -14.96 52.52
C ASP E 337 -25.82 -16.01 51.48
N PHE E 338 -26.82 -16.61 50.86
CA PHE E 338 -26.61 -17.62 49.83
C PHE E 338 -25.81 -17.03 48.67
N THR E 339 -26.19 -15.84 48.22
CA THR E 339 -25.45 -15.14 47.18
C THR E 339 -23.97 -15.06 47.54
N ASN E 340 -23.69 -14.60 48.75
CA ASN E 340 -22.31 -14.35 49.18
C ASN E 340 -21.46 -15.59 49.32
N GLU E 341 -22.10 -16.72 49.56
CA GLU E 341 -21.38 -17.99 49.59
C GLU E 341 -20.94 -18.35 48.18
N ILE E 342 -21.78 -18.04 47.21
CA ILE E 342 -21.43 -18.28 45.82
C ILE E 342 -20.26 -17.40 45.44
N ILE E 343 -20.40 -16.10 45.66
CA ILE E 343 -19.31 -15.15 45.34
C ILE E 343 -18.05 -15.54 46.11
N ASN E 344 -18.21 -16.11 47.30
CA ASN E 344 -17.07 -16.56 48.10
C ASN E 344 -16.39 -17.79 47.49
N LYS E 345 -17.16 -18.84 47.25
CA LYS E 345 -16.62 -20.04 46.61
C LYS E 345 -15.97 -19.67 45.29
N LEU E 346 -16.56 -18.67 44.66
CA LEU E 346 -16.15 -18.24 43.35
C LEU E 346 -14.77 -17.57 43.42
N SER E 347 -14.52 -16.87 44.51
CA SER E 347 -13.27 -16.10 44.68
C SER E 347 -12.05 -16.98 44.92
N THR E 348 -12.23 -18.29 44.86
CA THR E 348 -11.15 -19.20 45.17
C THR E 348 -11.01 -20.32 44.12
N MET E 349 -11.51 -20.08 42.92
CA MET E 349 -11.61 -21.17 41.94
C MET E 349 -10.35 -21.45 41.11
N LYS F 4 -75.98 -36.74 55.85
CA LYS F 4 -76.73 -36.35 54.66
C LYS F 4 -75.89 -36.37 53.38
N GLN F 5 -76.32 -37.15 52.41
CA GLN F 5 -75.64 -37.24 51.12
C GLN F 5 -75.99 -36.02 50.25
N PRO F 6 -75.10 -35.65 49.31
CA PRO F 6 -75.22 -34.44 48.49
C PRO F 6 -76.57 -34.33 47.78
N SER F 7 -77.26 -33.25 48.04
CA SER F 7 -78.57 -32.96 47.44
C SER F 7 -78.61 -33.11 45.91
N ILE F 8 -77.47 -32.84 45.26
CA ILE F 8 -77.41 -32.66 43.81
C ILE F 8 -77.68 -33.92 42.99
N GLY F 9 -77.06 -35.04 43.35
CA GLY F 9 -77.25 -36.26 42.59
C GLY F 9 -78.04 -37.30 43.36
N ARG F 10 -78.98 -36.83 44.17
CA ARG F 10 -79.70 -37.67 45.14
C ARG F 10 -80.32 -38.94 44.59
N TYR F 11 -79.96 -40.05 45.25
CA TYR F 11 -80.58 -41.34 44.98
C TYR F 11 -82.05 -41.33 45.39
N THR F 12 -82.92 -41.84 44.53
CA THR F 12 -84.32 -42.04 44.90
C THR F 12 -84.51 -43.52 45.27
N GLY F 13 -84.31 -43.83 46.55
CA GLY F 13 -84.28 -45.19 47.06
C GLY F 13 -85.36 -46.13 46.54
N LYS F 14 -86.29 -46.50 47.41
CA LYS F 14 -87.34 -47.47 47.08
C LYS F 14 -86.76 -48.87 46.86
N PRO F 15 -86.67 -49.65 47.95
CA PRO F 15 -86.37 -51.09 47.78
C PRO F 15 -87.55 -51.78 47.12
N ASN F 16 -87.27 -52.71 46.22
CA ASN F 16 -88.29 -53.49 45.52
C ASN F 16 -89.27 -54.14 46.50
N PRO F 17 -90.48 -53.58 46.62
CA PRO F 17 -91.45 -54.00 47.64
C PRO F 17 -91.60 -55.52 47.83
N SER F 18 -91.42 -56.31 46.77
CA SER F 18 -91.56 -57.77 46.90
C SER F 18 -90.38 -58.40 47.66
N THR F 19 -89.17 -57.85 47.50
CA THR F 19 -88.01 -58.29 48.27
C THR F 19 -87.57 -57.14 49.18
N GLY F 20 -86.88 -57.45 50.27
CA GLY F 20 -86.38 -56.39 51.14
C GLY F 20 -85.38 -55.50 50.44
N LYS F 21 -84.96 -55.93 49.25
CA LYS F 21 -83.78 -55.40 48.59
C LYS F 21 -84.00 -54.23 47.61
N TYR F 22 -82.91 -53.50 47.36
CA TYR F 22 -82.83 -52.50 46.30
C TYR F 22 -82.32 -53.16 45.01
N THR F 23 -82.70 -52.58 43.87
CA THR F 23 -82.25 -53.10 42.59
C THR F 23 -81.10 -52.26 42.01
N VAL F 24 -80.04 -52.94 41.59
CA VAL F 24 -78.87 -52.29 41.02
C VAL F 24 -78.40 -53.01 39.75
N SER F 25 -78.27 -52.27 38.66
CA SER F 25 -77.74 -52.82 37.41
C SER F 25 -76.25 -53.08 37.56
N PHE F 26 -75.77 -54.18 36.99
CA PHE F 26 -74.36 -54.50 37.15
C PHE F 26 -73.48 -54.06 35.97
N ILE F 27 -73.62 -54.72 34.83
CA ILE F 27 -72.66 -54.49 33.76
C ILE F 27 -71.33 -55.09 34.19
N GLU F 28 -71.24 -56.42 34.20
CA GLU F 28 -69.99 -57.09 34.55
C GLU F 28 -68.83 -56.57 33.72
N GLY F 29 -69.10 -56.20 32.48
CA GLY F 29 -68.04 -55.77 31.57
C GLY F 29 -67.25 -56.97 31.09
N ASP F 30 -66.23 -56.73 30.28
CA ASP F 30 -65.43 -57.84 29.75
C ASP F 30 -64.01 -57.85 30.31
N GLY F 31 -63.24 -58.86 29.91
CA GLY F 31 -61.89 -59.03 30.43
C GLY F 31 -61.90 -59.57 31.84
N ILE F 32 -61.15 -58.92 32.73
CA ILE F 32 -61.14 -59.34 34.13
C ILE F 32 -62.46 -58.94 34.81
N GLY F 33 -63.34 -58.32 34.03
CA GLY F 33 -64.63 -57.86 34.54
C GLY F 33 -65.42 -58.94 35.26
N PRO F 34 -65.74 -60.05 34.56
CA PRO F 34 -66.50 -61.14 35.17
C PRO F 34 -65.95 -61.59 36.53
N GLU F 35 -64.67 -61.96 36.59
CA GLU F 35 -64.09 -62.41 37.86
C GLU F 35 -64.08 -61.33 38.94
N ILE F 36 -63.63 -60.14 38.56
CA ILE F 36 -63.62 -59.00 39.47
C ILE F 36 -65.05 -58.71 39.94
N SER F 37 -66.03 -59.10 39.12
CA SER F 37 -67.42 -58.78 39.38
C SER F 37 -68.05 -59.67 40.44
N LYS F 38 -68.05 -60.98 40.20
CA LYS F 38 -68.68 -61.90 41.15
C LYS F 38 -67.92 -61.86 42.48
N SER F 39 -66.67 -61.44 42.41
CA SER F 39 -65.90 -61.17 43.61
C SER F 39 -66.68 -60.16 44.47
N VAL F 40 -67.28 -59.17 43.82
CA VAL F 40 -68.04 -58.15 44.53
C VAL F 40 -69.38 -58.70 44.97
N LYS F 41 -70.00 -59.49 44.10
CA LYS F 41 -71.31 -60.06 44.41
C LYS F 41 -71.25 -60.90 45.69
N LYS F 42 -70.20 -61.71 45.81
CA LYS F 42 -70.01 -62.55 47.01
C LYS F 42 -69.83 -61.71 48.29
N ILE F 43 -68.83 -60.83 48.28
CA ILE F 43 -68.57 -59.95 49.41
C ILE F 43 -69.84 -59.16 49.82
N PHE F 44 -70.66 -58.80 48.84
CA PHE F 44 -71.87 -58.05 49.10
C PHE F 44 -72.89 -58.95 49.78
N SER F 45 -73.06 -60.15 49.23
CA SER F 45 -73.90 -61.17 49.82
C SER F 45 -73.61 -61.34 51.32
N ALA F 46 -72.35 -61.67 51.62
CA ALA F 46 -71.92 -61.95 52.98
C ALA F 46 -72.31 -60.87 53.98
N ALA F 47 -72.19 -59.61 53.58
CA ALA F 47 -72.48 -58.50 54.48
C ALA F 47 -73.96 -58.18 54.58
N ASN F 48 -74.78 -58.97 53.90
CA ASN F 48 -76.23 -58.80 53.94
C ASN F 48 -76.70 -57.48 53.36
N VAL F 49 -76.14 -57.11 52.22
CA VAL F 49 -76.55 -55.88 51.56
C VAL F 49 -77.93 -56.03 50.94
N PRO F 50 -78.83 -55.08 51.25
CA PRO F 50 -80.18 -54.95 50.70
C PRO F 50 -80.17 -54.75 49.19
N ILE F 51 -79.42 -55.58 48.47
CA ILE F 51 -79.21 -55.34 47.05
C ILE F 51 -79.25 -56.61 46.23
N GLU F 52 -80.11 -56.58 45.21
CA GLU F 52 -80.17 -57.65 44.22
C GLU F 52 -79.61 -57.12 42.91
N TRP F 53 -78.85 -57.97 42.21
CA TRP F 53 -78.17 -57.56 40.99
C TRP F 53 -78.99 -57.83 39.73
N GLU F 54 -79.22 -56.78 38.94
CA GLU F 54 -79.86 -56.93 37.63
C GLU F 54 -78.87 -56.69 36.48
N SER F 55 -77.96 -57.64 36.23
CA SER F 55 -76.88 -57.43 35.27
C SER F 55 -77.40 -57.15 33.86
N CYS F 56 -76.78 -56.19 33.18
CA CYS F 56 -77.18 -55.81 31.83
C CYS F 56 -75.98 -55.56 30.91
N ASP F 57 -76.22 -55.58 29.60
CA ASP F 57 -75.15 -55.52 28.60
C ASP F 57 -75.21 -54.22 27.82
N VAL F 58 -74.11 -53.48 27.84
CA VAL F 58 -74.02 -52.18 27.21
C VAL F 58 -73.35 -52.24 25.83
N SER F 59 -73.14 -53.45 25.31
CA SER F 59 -72.60 -53.59 23.96
C SER F 59 -73.43 -52.73 23.01
N PRO F 60 -72.78 -51.84 22.26
CA PRO F 60 -73.48 -50.74 21.61
C PRO F 60 -74.22 -51.16 20.35
N ILE F 61 -75.39 -50.58 20.14
CA ILE F 61 -76.06 -50.62 18.85
C ILE F 61 -75.52 -49.47 18.01
N PHE F 62 -76.08 -49.26 16.83
CA PHE F 62 -75.68 -48.16 16.00
C PHE F 62 -76.88 -47.57 15.27
N VAL F 63 -77.90 -47.15 16.02
CA VAL F 63 -79.01 -46.38 15.47
C VAL F 63 -78.57 -45.04 14.85
N ASN F 64 -78.69 -44.92 13.53
CA ASN F 64 -78.30 -43.71 12.79
C ASN F 64 -76.80 -43.43 12.79
N GLY F 65 -75.99 -44.46 12.53
CA GLY F 65 -74.54 -44.33 12.48
C GLY F 65 -73.91 -43.90 13.80
N LEU F 66 -74.70 -43.16 14.58
CA LEU F 66 -74.31 -42.70 15.91
C LEU F 66 -74.53 -43.80 16.94
N THR F 67 -73.48 -44.20 17.65
CA THR F 67 -73.55 -45.34 18.56
C THR F 67 -74.51 -45.10 19.72
N THR F 68 -75.49 -45.98 19.84
CA THR F 68 -76.47 -45.90 20.91
C THR F 68 -76.28 -47.09 21.85
N ILE F 69 -76.91 -47.01 23.02
CA ILE F 69 -76.82 -48.09 24.00
C ILE F 69 -78.17 -48.83 24.09
N PRO F 70 -78.14 -50.17 24.07
CA PRO F 70 -79.28 -51.12 24.01
C PRO F 70 -80.43 -50.77 24.93
N ASP F 71 -81.65 -50.99 24.48
CA ASP F 71 -82.84 -50.74 25.30
C ASP F 71 -82.88 -51.55 26.59
N PRO F 72 -82.62 -52.86 26.50
CA PRO F 72 -82.49 -53.69 27.70
C PRO F 72 -81.75 -52.96 28.82
N ALA F 73 -80.53 -52.51 28.53
CA ALA F 73 -79.70 -51.84 29.52
C ALA F 73 -80.21 -50.44 29.89
N VAL F 74 -80.77 -49.72 28.93
CA VAL F 74 -81.29 -48.38 29.21
C VAL F 74 -82.42 -48.48 30.23
N GLN F 75 -83.46 -49.25 29.89
CA GLN F 75 -84.61 -49.45 30.78
C GLN F 75 -84.19 -49.86 32.18
N SER F 76 -83.29 -50.84 32.24
CA SER F 76 -82.74 -51.33 33.50
C SER F 76 -82.12 -50.21 34.34
N ILE F 77 -81.22 -49.46 33.72
CA ILE F 77 -80.47 -48.45 34.45
C ILE F 77 -81.32 -47.23 34.77
N THR F 78 -82.25 -46.85 33.91
CA THR F 78 -83.07 -45.68 34.19
C THR F 78 -84.01 -46.02 35.32
N LYS F 79 -84.41 -47.29 35.36
CA LYS F 79 -85.30 -47.81 36.40
C LYS F 79 -84.61 -47.76 37.77
N ASN F 80 -83.76 -48.74 38.06
CA ASN F 80 -82.91 -48.68 39.24
C ASN F 80 -82.03 -47.47 39.02
N LEU F 81 -82.07 -46.49 39.91
CA LEU F 81 -81.39 -45.23 39.59
C LEU F 81 -79.85 -45.28 39.71
N VAL F 82 -79.30 -46.49 39.67
CA VAL F 82 -77.89 -46.70 39.96
C VAL F 82 -77.30 -47.95 39.31
N ALA F 83 -76.03 -47.91 38.94
CA ALA F 83 -75.39 -49.05 38.30
C ALA F 83 -73.94 -49.12 38.70
N LEU F 84 -73.34 -50.30 38.58
CA LEU F 84 -71.94 -50.49 38.96
C LEU F 84 -71.18 -51.24 37.88
N LYS F 85 -70.52 -50.52 36.97
CA LYS F 85 -69.85 -51.17 35.86
C LYS F 85 -68.37 -51.44 36.09
N GLY F 86 -67.91 -52.59 35.60
CA GLY F 86 -66.50 -52.90 35.55
C GLY F 86 -65.93 -52.41 34.23
N PRO F 87 -64.74 -52.90 33.87
CA PRO F 87 -64.02 -52.38 32.71
C PRO F 87 -64.56 -53.00 31.43
N LEU F 88 -64.59 -52.24 30.35
CA LEU F 88 -64.97 -52.80 29.06
C LEU F 88 -64.01 -52.38 27.94
N ALA F 89 -64.01 -53.16 26.87
CA ALA F 89 -63.05 -52.98 25.77
C ALA F 89 -63.29 -51.73 24.93
N THR F 90 -62.69 -51.71 23.74
CA THR F 90 -62.85 -50.60 22.80
C THR F 90 -63.51 -51.13 21.52
N PRO F 91 -64.86 -51.30 21.55
CA PRO F 91 -65.63 -51.81 20.41
C PRO F 91 -65.27 -51.12 19.10
N HIS F 96 -68.70 -46.04 17.40
CA HIS F 96 -68.23 -45.00 16.51
C HIS F 96 -68.73 -43.68 17.12
N ARG F 97 -68.24 -43.44 18.33
CA ARG F 97 -68.69 -42.41 19.25
C ARG F 97 -68.39 -42.99 20.63
N SER F 98 -67.20 -42.69 21.17
CA SER F 98 -66.77 -43.22 22.48
C SER F 98 -67.88 -43.94 23.27
N LEU F 99 -67.63 -45.19 23.65
CA LEU F 99 -68.63 -45.95 24.39
C LEU F 99 -68.94 -45.29 25.73
N ASN F 100 -67.90 -44.85 26.42
CA ASN F 100 -68.06 -44.17 27.68
C ASN F 100 -68.76 -42.83 27.52
N LEU F 101 -68.62 -42.21 26.34
CA LEU F 101 -69.20 -40.90 26.09
C LEU F 101 -70.69 -41.03 25.89
N THR F 102 -71.08 -41.95 25.03
CA THR F 102 -72.49 -42.14 24.78
C THR F 102 -73.14 -42.75 26.01
N LEU F 103 -72.31 -43.18 26.95
CA LEU F 103 -72.85 -43.69 28.20
C LEU F 103 -73.24 -42.53 29.11
N ARG F 104 -72.44 -41.47 29.11
CA ARG F 104 -72.75 -40.29 29.93
C ARG F 104 -73.87 -39.49 29.28
N LYS F 105 -73.88 -39.43 27.97
CA LYS F 105 -74.85 -38.60 27.28
C LYS F 105 -76.26 -39.18 27.40
N THR F 106 -76.37 -40.50 27.43
CA THR F 106 -77.69 -41.15 27.51
C THR F 106 -78.21 -41.30 28.94
N PHE F 107 -77.37 -41.02 29.93
CA PHE F 107 -77.78 -41.10 31.33
C PHE F 107 -77.59 -39.80 32.11
N GLY F 108 -77.22 -38.74 31.40
CA GLY F 108 -77.09 -37.41 31.99
C GLY F 108 -76.06 -37.30 33.10
N LEU F 109 -74.98 -38.06 32.99
CA LEU F 109 -73.89 -38.03 33.97
C LEU F 109 -73.04 -36.82 33.68
N PHE F 110 -72.71 -36.06 34.70
CA PHE F 110 -72.03 -34.78 34.48
C PHE F 110 -70.87 -34.51 35.43
N ALA F 111 -70.64 -35.37 36.41
CA ALA F 111 -69.59 -35.12 37.38
C ALA F 111 -68.79 -36.37 37.69
N ASN F 112 -67.48 -36.31 37.47
CA ASN F 112 -66.58 -37.41 37.84
C ASN F 112 -66.01 -37.17 39.24
N VAL F 113 -66.26 -38.11 40.15
CA VAL F 113 -65.66 -38.00 41.48
C VAL F 113 -64.50 -38.97 41.62
N ARG F 114 -63.32 -38.44 41.87
CA ARG F 114 -62.10 -39.25 41.90
C ARG F 114 -61.30 -39.01 43.15
N PRO F 115 -61.27 -40.00 44.04
CA PRO F 115 -60.49 -40.01 45.26
C PRO F 115 -59.21 -40.80 45.03
N ALA F 116 -58.12 -40.36 45.63
CA ALA F 116 -56.91 -41.14 45.60
C ALA F 116 -56.30 -41.11 46.99
N LYS F 117 -56.38 -42.25 47.66
CA LYS F 117 -55.83 -42.38 48.99
C LYS F 117 -54.80 -43.49 49.04
N SER F 118 -53.74 -43.23 49.80
CA SER F 118 -52.73 -44.24 50.07
C SER F 118 -53.38 -45.51 50.62
N ILE F 119 -52.81 -46.64 50.22
CA ILE F 119 -53.30 -47.93 50.71
C ILE F 119 -52.40 -48.48 51.81
N GLU F 120 -53.03 -48.95 52.88
CA GLU F 120 -52.34 -49.58 54.00
C GLU F 120 -51.62 -50.84 53.54
N GLY F 121 -50.32 -50.89 53.74
CA GLY F 121 -49.55 -52.10 53.47
C GLY F 121 -49.11 -52.23 52.04
N PHE F 122 -49.24 -51.14 51.28
CA PHE F 122 -48.68 -51.08 49.95
C PHE F 122 -47.84 -49.81 49.84
N LYS F 123 -46.52 -49.98 49.82
CA LYS F 123 -45.61 -48.83 49.87
C LYS F 123 -45.34 -48.25 48.49
N THR F 124 -45.75 -46.99 48.31
CA THR F 124 -45.33 -46.20 47.16
C THR F 124 -44.51 -44.99 47.60
N THR F 125 -43.99 -44.28 46.61
CA THR F 125 -43.04 -43.22 46.86
C THR F 125 -43.64 -42.04 47.64
N TYR F 126 -44.93 -41.80 47.41
CA TYR F 126 -45.62 -40.70 48.09
C TYR F 126 -46.45 -41.23 49.25
N GLU F 127 -46.51 -40.45 50.32
CA GLU F 127 -47.12 -40.92 51.56
C GLU F 127 -48.23 -39.98 52.02
N ASN F 128 -49.13 -40.51 52.84
CA ASN F 128 -50.22 -39.72 53.44
C ASN F 128 -51.02 -38.98 52.41
N VAL F 129 -51.07 -39.53 51.21
CA VAL F 129 -51.87 -38.92 50.16
C VAL F 129 -53.33 -39.35 50.31
N ASP F 130 -54.17 -38.38 50.60
CA ASP F 130 -55.61 -38.59 50.68
C ASP F 130 -56.27 -37.45 49.93
N LEU F 131 -56.68 -37.73 48.69
CA LEU F 131 -57.11 -36.67 47.78
C LEU F 131 -58.51 -36.90 47.26
N VAL F 132 -59.25 -35.80 47.09
CA VAL F 132 -60.57 -35.85 46.49
C VAL F 132 -60.74 -34.75 45.46
N LEU F 133 -61.18 -35.13 44.27
CA LEU F 133 -61.34 -34.22 43.14
C LEU F 133 -62.65 -34.46 42.40
N ILE F 134 -63.41 -33.40 42.19
CA ILE F 134 -64.61 -33.45 41.35
C ILE F 134 -64.29 -32.78 40.02
N ARG F 135 -64.66 -33.45 38.93
CA ARG F 135 -64.36 -32.98 37.59
C ARG F 135 -65.61 -32.82 36.74
N GLU F 136 -65.70 -31.69 36.05
CA GLU F 136 -66.77 -31.44 35.07
C GLU F 136 -66.59 -32.38 33.86
N ASN F 137 -67.61 -33.17 33.54
CA ASN F 137 -67.48 -34.21 32.50
C ASN F 137 -68.50 -34.03 31.38
N THR F 138 -68.81 -32.79 31.08
CA THR F 138 -69.88 -32.46 30.15
C THR F 138 -69.31 -31.66 29.00
N GLU F 139 -68.65 -30.55 29.36
CA GLU F 139 -68.21 -29.58 28.38
C GLU F 139 -66.72 -29.30 28.50
N GLY F 140 -66.37 -28.03 28.45
CA GLY F 140 -64.99 -27.61 28.54
C GLY F 140 -64.24 -27.95 27.29
N GLU F 141 -62.94 -28.21 27.44
CA GLU F 141 -62.07 -28.61 26.35
C GLU F 141 -62.65 -29.80 25.57
N TYR F 142 -63.55 -30.54 26.20
CA TYR F 142 -64.01 -31.81 25.64
C TYR F 142 -65.42 -31.76 25.03
N SER F 143 -65.80 -30.62 24.47
CA SER F 143 -66.99 -30.57 23.62
C SER F 143 -66.52 -30.92 22.22
N GLY F 144 -67.40 -31.49 21.42
CA GLY F 144 -66.97 -32.01 20.14
C GLY F 144 -66.52 -30.97 19.14
N ILE F 145 -66.54 -29.71 19.56
CA ILE F 145 -66.44 -28.57 18.65
C ILE F 145 -65.02 -28.23 18.23
N GLU F 146 -64.66 -28.61 17.02
CA GLU F 146 -63.41 -28.11 16.42
C GLU F 146 -63.54 -27.91 14.89
N HIS F 147 -62.77 -26.95 14.38
CA HIS F 147 -62.93 -26.47 13.00
C HIS F 147 -61.62 -26.29 12.26
N ILE F 148 -61.63 -26.57 10.97
CA ILE F 148 -60.49 -26.25 10.15
C ILE F 148 -60.79 -24.93 9.48
N VAL F 149 -60.25 -23.86 10.03
CA VAL F 149 -60.61 -22.51 9.55
C VAL F 149 -60.00 -22.17 8.21
N CYS F 150 -58.92 -22.86 7.88
CA CYS F 150 -58.34 -22.82 6.54
C CYS F 150 -57.15 -23.76 6.51
N PRO F 151 -56.61 -24.06 5.31
CA PRO F 151 -55.57 -25.05 5.04
C PRO F 151 -54.81 -25.63 6.24
N GLY F 152 -53.94 -24.82 6.83
CA GLY F 152 -53.12 -25.31 7.94
C GLY F 152 -53.48 -24.73 9.31
N VAL F 153 -54.76 -24.47 9.53
CA VAL F 153 -55.21 -23.81 10.76
C VAL F 153 -56.43 -24.48 11.41
N VAL F 154 -56.28 -24.84 12.68
CA VAL F 154 -57.34 -25.54 13.38
C VAL F 154 -57.77 -24.82 14.64
N GLN F 155 -59.06 -24.92 14.97
CA GLN F 155 -59.60 -24.40 16.21
C GLN F 155 -60.24 -25.52 16.98
N SER F 156 -59.81 -25.75 18.22
CA SER F 156 -60.56 -26.60 19.13
C SER F 156 -61.27 -25.66 20.09
N ILE F 157 -62.56 -25.83 20.28
CA ILE F 157 -63.32 -24.88 21.08
C ILE F 157 -63.71 -25.41 22.46
N LYS F 158 -63.24 -24.68 23.47
CA LYS F 158 -63.51 -24.97 24.87
C LYS F 158 -64.79 -24.24 25.28
N LEU F 159 -65.75 -24.99 25.78
CA LEU F 159 -67.05 -24.44 26.08
C LEU F 159 -67.22 -24.45 27.59
N ILE F 160 -67.56 -23.30 28.15
CA ILE F 160 -67.84 -23.22 29.57
C ILE F 160 -69.09 -22.39 29.79
N THR F 161 -70.07 -23.01 30.45
CA THR F 161 -71.37 -22.38 30.73
C THR F 161 -71.65 -22.32 32.23
N ARG F 162 -72.52 -21.42 32.65
CA ARG F 162 -72.78 -21.30 34.08
C ARG F 162 -73.61 -22.48 34.55
N ASP F 163 -74.58 -22.89 33.73
CA ASP F 163 -75.47 -24.00 34.07
C ASP F 163 -74.71 -25.29 34.38
N ALA F 164 -73.78 -25.62 33.51
CA ALA F 164 -72.98 -26.83 33.68
C ALA F 164 -72.01 -26.68 34.83
N SER F 165 -71.47 -25.48 35.00
CA SER F 165 -70.51 -25.20 36.06
C SER F 165 -71.18 -25.22 37.44
N GLU F 166 -72.28 -24.48 37.56
CA GLU F 166 -73.07 -24.43 38.76
C GLU F 166 -73.28 -25.81 39.38
N ARG F 167 -73.78 -26.75 38.59
CA ARG F 167 -74.18 -28.03 39.15
C ARG F 167 -73.02 -28.95 39.50
N VAL F 168 -71.84 -28.68 39.00
CA VAL F 168 -70.68 -29.46 39.41
C VAL F 168 -70.16 -28.86 40.70
N ILE F 169 -69.95 -27.55 40.66
CA ILE F 169 -69.47 -26.81 41.82
C ILE F 169 -70.37 -27.04 43.04
N ARG F 170 -71.67 -27.16 42.82
CA ARG F 170 -72.59 -27.51 43.90
C ARG F 170 -72.28 -28.88 44.47
N TYR F 171 -72.33 -29.90 43.64
CA TYR F 171 -72.00 -31.24 44.10
C TYR F 171 -70.69 -31.27 44.87
N ALA F 172 -69.77 -30.37 44.55
CA ALA F 172 -68.48 -30.32 45.23
C ALA F 172 -68.59 -29.75 46.65
N PHE F 173 -69.28 -28.62 46.81
CA PHE F 173 -69.57 -28.04 48.12
C PHE F 173 -70.31 -29.06 48.95
N GLU F 174 -71.33 -29.68 48.35
CA GLU F 174 -72.20 -30.61 49.05
C GLU F 174 -71.52 -31.92 49.38
N TYR F 175 -70.57 -32.32 48.53
CA TYR F 175 -69.81 -33.55 48.77
C TYR F 175 -68.74 -33.28 49.81
N ALA F 176 -68.10 -32.11 49.72
CA ALA F 176 -67.12 -31.70 50.72
C ALA F 176 -67.78 -31.72 52.10
N ARG F 177 -69.01 -31.21 52.17
CA ARG F 177 -69.79 -31.22 53.40
C ARG F 177 -70.11 -32.64 53.86
N ALA F 178 -70.52 -33.49 52.91
CA ALA F 178 -70.91 -34.85 53.22
C ALA F 178 -69.76 -35.75 53.70
N ILE F 179 -68.52 -35.30 53.56
CA ILE F 179 -67.38 -36.10 54.01
C ILE F 179 -66.50 -35.30 54.97
N GLY F 180 -67.04 -34.18 55.41
CA GLY F 180 -66.46 -33.43 56.50
C GLY F 180 -65.11 -32.85 56.19
N ARG F 181 -64.98 -32.24 55.02
CA ARG F 181 -63.79 -31.49 54.67
C ARG F 181 -64.20 -30.03 54.62
N PRO F 182 -63.41 -29.17 55.28
CA PRO F 182 -63.68 -27.74 55.47
C PRO F 182 -63.48 -26.89 54.22
N ARG F 183 -62.43 -27.24 53.47
CA ARG F 183 -61.95 -26.42 52.37
C ARG F 183 -62.48 -26.97 51.04
N VAL F 184 -62.70 -26.11 50.06
CA VAL F 184 -63.01 -26.56 48.70
C VAL F 184 -62.35 -25.65 47.68
N ILE F 185 -61.50 -26.26 46.86
CA ILE F 185 -60.62 -25.52 45.98
C ILE F 185 -61.03 -25.58 44.51
N VAL F 186 -61.17 -24.40 43.90
CA VAL F 186 -61.51 -24.27 42.50
C VAL F 186 -60.22 -24.11 41.70
N VAL F 187 -59.82 -25.17 41.01
CA VAL F 187 -58.63 -25.15 40.15
C VAL F 187 -58.96 -24.46 38.84
N HIS F 188 -58.13 -23.54 38.39
CA HIS F 188 -58.45 -22.76 37.22
C HIS F 188 -57.21 -22.16 36.58
N LYS F 189 -57.42 -21.26 35.63
CA LYS F 189 -56.33 -20.54 35.01
C LYS F 189 -56.85 -19.22 34.47
N SER F 190 -57.65 -18.53 35.29
CA SER F 190 -58.22 -17.21 34.96
C SER F 190 -57.17 -16.26 34.45
N THR F 191 -55.91 -16.62 34.67
CA THR F 191 -54.75 -15.84 34.29
C THR F 191 -54.78 -15.57 32.79
N ILE F 192 -54.86 -16.64 32.00
CA ILE F 192 -54.84 -16.48 30.56
C ILE F 192 -56.13 -16.90 29.87
N GLN F 193 -57.00 -17.62 30.58
CA GLN F 193 -58.33 -17.93 30.08
C GLN F 193 -59.39 -17.10 30.82
N ARG F 194 -59.23 -15.78 30.74
CA ARG F 194 -60.04 -14.86 31.52
C ARG F 194 -61.52 -15.17 31.55
N LEU F 195 -62.13 -15.25 30.38
CA LEU F 195 -63.58 -15.47 30.33
C LEU F 195 -63.97 -16.89 30.72
N ALA F 196 -63.36 -17.88 30.06
CA ALA F 196 -63.72 -19.28 30.26
C ALA F 196 -63.55 -19.70 31.71
N ASP F 197 -62.31 -19.71 32.19
CA ASP F 197 -62.04 -20.12 33.55
C ASP F 197 -62.58 -19.09 34.54
N GLY F 198 -62.60 -17.83 34.12
CA GLY F 198 -63.16 -16.77 34.94
C GLY F 198 -64.60 -17.05 35.31
N LEU F 199 -65.41 -17.49 34.35
CA LEU F 199 -66.80 -17.82 34.62
C LEU F 199 -66.91 -18.96 35.64
N PHE F 200 -66.10 -19.99 35.45
CA PHE F 200 -66.10 -21.11 36.36
C PHE F 200 -65.85 -20.60 37.78
N VAL F 201 -64.78 -19.85 37.93
CA VAL F 201 -64.39 -19.31 39.23
C VAL F 201 -65.47 -18.43 39.87
N ASN F 202 -66.02 -17.48 39.11
CA ASN F 202 -67.07 -16.60 39.63
C ASN F 202 -68.28 -17.40 40.10
N VAL F 203 -68.66 -18.40 39.32
CA VAL F 203 -69.79 -19.28 39.68
C VAL F 203 -69.57 -19.99 41.02
N ALA F 204 -68.33 -20.40 41.27
CA ALA F 204 -68.00 -20.95 42.59
C ALA F 204 -68.05 -19.84 43.66
N LYS F 205 -67.45 -18.69 43.38
CA LYS F 205 -67.42 -17.58 44.32
C LYS F 205 -68.84 -17.15 44.70
N GLU F 206 -69.75 -17.20 43.73
CA GLU F 206 -71.14 -16.82 43.99
C GLU F 206 -71.89 -17.90 44.78
N LEU F 207 -71.64 -19.17 44.44
CA LEU F 207 -72.23 -20.28 45.20
C LEU F 207 -71.64 -20.34 46.61
N SER F 208 -70.38 -19.96 46.74
CA SER F 208 -69.68 -19.95 48.02
C SER F 208 -70.60 -19.51 49.16
N LYS F 209 -71.39 -18.47 48.91
CA LYS F 209 -72.16 -17.84 49.96
C LYS F 209 -73.28 -18.71 50.52
N GLU F 210 -73.94 -19.50 49.68
CA GLU F 210 -74.98 -20.40 50.19
C GLU F 210 -74.43 -21.75 50.72
N TYR F 211 -73.14 -21.76 51.06
CA TYR F 211 -72.51 -22.89 51.75
C TYR F 211 -71.45 -22.32 52.68
N PRO F 212 -71.89 -21.70 53.79
CA PRO F 212 -71.03 -20.92 54.69
C PRO F 212 -70.17 -21.80 55.62
N ASP F 213 -70.54 -23.08 55.72
CA ASP F 213 -69.76 -24.01 56.55
C ASP F 213 -68.45 -24.37 55.87
N LEU F 214 -68.44 -24.31 54.54
CA LEU F 214 -67.24 -24.59 53.76
C LEU F 214 -66.50 -23.30 53.41
N THR F 215 -65.17 -23.41 53.32
CA THR F 215 -64.35 -22.30 52.89
C THR F 215 -63.87 -22.52 51.46
N LEU F 216 -64.14 -21.53 50.61
CA LEU F 216 -63.74 -21.58 49.21
C LEU F 216 -62.36 -20.95 48.95
N GLU F 217 -61.46 -21.73 48.37
CA GLU F 217 -60.19 -21.20 47.90
C GLU F 217 -60.11 -21.31 46.38
N THR F 218 -59.27 -20.49 45.75
CA THR F 218 -59.05 -20.59 44.32
C THR F 218 -57.56 -20.77 44.03
N GLU F 219 -57.25 -21.72 43.17
CA GLU F 219 -55.87 -22.03 42.85
C GLU F 219 -55.65 -22.24 41.35
N LEU F 220 -54.51 -21.78 40.83
CA LEU F 220 -54.13 -22.06 39.45
C LEU F 220 -53.56 -23.47 39.34
N ILE F 221 -53.86 -24.16 38.25
CA ILE F 221 -53.36 -25.53 38.10
C ILE F 221 -51.89 -25.47 38.40
N ASP F 222 -51.26 -24.38 37.95
CA ASP F 222 -49.86 -24.11 38.24
C ASP F 222 -49.51 -24.61 39.62
N ASN F 223 -50.20 -24.08 40.62
CA ASN F 223 -49.91 -24.40 42.01
C ASN F 223 -50.52 -25.72 42.43
N SER F 224 -51.75 -25.98 41.99
CA SER F 224 -52.41 -27.25 42.30
C SER F 224 -51.54 -28.45 41.96
N VAL F 225 -50.84 -28.38 40.84
CA VAL F 225 -49.95 -29.48 40.51
C VAL F 225 -48.61 -29.36 41.26
N LEU F 226 -48.09 -28.15 41.36
CA LEU F 226 -46.83 -27.95 42.07
C LEU F 226 -46.95 -28.45 43.51
N LYS F 227 -47.95 -27.94 44.21
CA LYS F 227 -48.09 -28.17 45.63
C LYS F 227 -48.46 -29.61 45.93
N VAL F 228 -49.33 -30.20 45.12
CA VAL F 228 -49.75 -31.58 45.41
C VAL F 228 -48.59 -32.57 45.30
N VAL F 229 -47.71 -32.36 44.34
CA VAL F 229 -46.57 -33.26 44.16
C VAL F 229 -45.46 -33.05 45.21
N THR F 230 -45.28 -31.80 45.63
CA THR F 230 -44.31 -31.53 46.69
C THR F 230 -44.82 -32.08 48.03
N ASN F 231 -46.13 -31.99 48.25
CA ASN F 231 -46.72 -32.45 49.51
C ASN F 231 -48.22 -32.79 49.45
N PRO F 232 -48.51 -34.04 49.08
CA PRO F 232 -49.88 -34.53 48.86
C PRO F 232 -50.85 -34.24 50.01
N SER F 233 -50.33 -34.23 51.24
CA SER F 233 -51.21 -34.17 52.39
C SER F 233 -51.82 -32.78 52.60
N ALA F 234 -51.27 -31.77 51.93
CA ALA F 234 -51.75 -30.40 52.13
C ALA F 234 -53.18 -30.27 51.63
N TYR F 235 -53.67 -31.34 51.01
CA TYR F 235 -55.01 -31.36 50.45
C TYR F 235 -55.82 -32.51 51.02
N THR F 236 -55.51 -32.95 52.23
CA THR F 236 -56.26 -34.06 52.83
C THR F 236 -57.59 -33.55 53.41
N ASP F 237 -57.79 -32.23 53.34
CA ASP F 237 -59.09 -31.60 53.67
C ASP F 237 -59.59 -30.87 52.43
N ALA F 238 -59.57 -31.58 51.31
CA ALA F 238 -59.61 -30.98 49.99
C ALA F 238 -60.98 -30.83 49.36
N VAL F 239 -61.31 -31.78 48.50
CA VAL F 239 -62.34 -31.57 47.47
C VAL F 239 -61.99 -30.39 46.57
N SER F 240 -61.40 -30.71 45.43
CA SER F 240 -61.07 -29.73 44.39
C SER F 240 -62.04 -29.86 43.22
N VAL F 241 -62.58 -28.75 42.76
CA VAL F 241 -63.47 -28.76 41.61
C VAL F 241 -62.74 -28.09 40.46
N CYS F 242 -62.96 -28.59 39.24
CA CYS F 242 -62.31 -28.02 38.07
C CYS F 242 -62.95 -28.48 36.78
N PRO F 243 -62.76 -27.68 35.72
CA PRO F 243 -63.29 -27.94 34.38
C PRO F 243 -62.70 -29.21 33.80
N ASN F 244 -63.30 -29.68 32.70
CA ASN F 244 -63.03 -31.03 32.18
C ASN F 244 -61.56 -31.43 32.03
N LEU F 245 -60.75 -30.58 31.42
CA LEU F 245 -59.36 -30.96 31.13
C LEU F 245 -58.48 -31.01 32.37
N TYR F 246 -58.45 -29.91 33.12
CA TYR F 246 -57.67 -29.88 34.35
C TYR F 246 -58.06 -31.08 35.21
N GLY F 247 -59.35 -31.38 35.24
CA GLY F 247 -59.86 -32.54 35.94
C GLY F 247 -59.31 -33.86 35.45
N ASP F 248 -59.34 -34.08 34.14
CA ASP F 248 -58.87 -35.34 33.58
C ASP F 248 -57.41 -35.60 33.92
N ILE F 249 -56.62 -34.53 33.95
CA ILE F 249 -55.20 -34.65 34.19
C ILE F 249 -54.89 -34.78 35.68
N LEU F 250 -55.45 -33.87 36.47
CA LEU F 250 -55.21 -33.88 37.91
C LEU F 250 -55.64 -35.19 38.57
N SER F 251 -56.73 -35.79 38.07
CA SER F 251 -57.23 -37.00 38.67
C SER F 251 -56.31 -38.18 38.35
N ASP F 252 -55.91 -38.31 37.08
CA ASP F 252 -54.94 -39.33 36.68
C ASP F 252 -53.59 -39.06 37.39
N LEU F 253 -53.29 -37.80 37.68
CA LEU F 253 -52.08 -37.45 38.43
C LEU F 253 -52.20 -37.89 39.89
N ASN F 254 -53.27 -37.46 40.54
CA ASN F 254 -53.53 -37.82 41.91
C ASN F 254 -53.39 -39.31 42.11
N SER F 255 -53.91 -40.10 41.17
CA SER F 255 -53.79 -41.55 41.25
C SER F 255 -52.33 -41.98 41.18
N GLY F 256 -51.58 -41.28 40.34
CA GLY F 256 -50.16 -41.58 40.21
C GLY F 256 -49.40 -41.38 41.52
N LEU F 257 -49.81 -40.35 42.26
CA LEU F 257 -49.28 -40.08 43.60
C LEU F 257 -49.67 -41.17 44.59
N SER F 258 -50.95 -41.55 44.58
CA SER F 258 -51.46 -42.44 45.61
C SER F 258 -50.95 -43.87 45.47
N ALA F 259 -50.90 -44.37 44.23
CA ALA F 259 -50.62 -45.78 43.98
C ALA F 259 -49.63 -46.03 42.85
N GLY F 260 -49.23 -44.97 42.14
CA GLY F 260 -48.26 -45.12 41.07
C GLY F 260 -48.85 -45.67 39.79
N SER F 261 -50.02 -46.27 39.88
CA SER F 261 -50.82 -46.59 38.69
C SER F 261 -52.24 -46.23 39.02
N LEU F 262 -53.19 -46.86 38.34
CA LEU F 262 -54.58 -46.61 38.70
C LEU F 262 -55.40 -47.91 38.79
N GLY F 263 -54.71 -49.00 39.13
CA GLY F 263 -55.34 -50.27 39.37
C GLY F 263 -56.06 -50.30 40.70
N LEU F 264 -55.92 -49.22 41.47
CA LEU F 264 -56.58 -49.12 42.77
C LEU F 264 -57.63 -48.02 42.79
N THR F 265 -57.76 -47.30 41.69
CA THR F 265 -58.61 -46.12 41.69
C THR F 265 -60.04 -46.43 41.27
N PRO F 266 -61.00 -45.96 42.09
CA PRO F 266 -62.45 -46.03 41.90
C PRO F 266 -62.94 -44.70 41.35
N SER F 267 -63.92 -44.72 40.46
CA SER F 267 -64.53 -43.46 40.05
C SER F 267 -66.03 -43.54 40.23
N ALA F 268 -66.65 -42.38 40.37
CA ALA F 268 -68.08 -42.29 40.46
C ALA F 268 -68.52 -41.25 39.45
N ASN F 269 -69.48 -41.63 38.60
CA ASN F 269 -70.02 -40.72 37.61
C ASN F 269 -71.43 -40.29 37.93
N ILE F 270 -71.56 -39.14 38.56
CA ILE F 270 -72.84 -38.67 39.07
C ILE F 270 -73.66 -37.94 38.02
N GLY F 271 -74.91 -38.40 37.85
CA GLY F 271 -75.88 -37.71 37.02
C GLY F 271 -76.99 -37.14 37.89
N HIS F 272 -77.92 -36.41 37.27
CA HIS F 272 -78.99 -35.77 38.05
C HIS F 272 -79.83 -36.76 38.83
N LYS F 273 -80.37 -37.77 38.16
CA LYS F 273 -81.14 -38.81 38.85
C LYS F 273 -80.50 -40.20 38.76
N ILE F 274 -79.67 -40.42 37.75
CA ILE F 274 -78.91 -41.67 37.65
C ILE F 274 -77.49 -41.44 38.15
N SER F 275 -76.73 -42.51 38.29
CA SER F 275 -75.31 -42.44 38.67
C SER F 275 -74.64 -43.79 38.50
N ILE F 276 -73.49 -43.79 37.86
CA ILE F 276 -72.76 -45.02 37.61
C ILE F 276 -71.42 -45.03 38.32
N PHE F 277 -71.06 -46.17 38.90
CA PHE F 277 -69.84 -46.32 39.68
C PHE F 277 -68.96 -47.39 39.05
N GLU F 278 -67.77 -46.98 38.63
CA GLU F 278 -66.90 -47.88 37.87
C GLU F 278 -65.46 -47.87 38.36
N ALA F 279 -64.73 -48.90 38.00
CA ALA F 279 -63.29 -48.91 38.21
C ALA F 279 -62.67 -48.32 36.97
N VAL F 280 -61.55 -47.62 37.14
CA VAL F 280 -60.98 -46.88 36.02
C VAL F 280 -59.83 -47.60 35.33
N HIS F 281 -59.46 -48.77 35.81
CA HIS F 281 -58.43 -49.56 35.13
C HIS F 281 -59.03 -50.22 33.90
N GLY F 282 -58.19 -50.86 33.10
CA GLY F 282 -58.62 -51.43 31.84
C GLY F 282 -59.20 -52.83 31.95
N SER F 283 -59.32 -53.50 30.81
CA SER F 283 -59.92 -54.83 30.75
C SER F 283 -58.91 -55.94 31.06
N ALA F 284 -57.63 -55.56 31.16
CA ALA F 284 -56.53 -56.50 31.43
C ALA F 284 -56.78 -57.87 30.82
N PRO F 285 -56.93 -57.92 29.49
CA PRO F 285 -57.32 -59.11 28.73
C PRO F 285 -56.36 -60.30 28.91
N ASP F 286 -55.11 -60.00 29.21
CA ASP F 286 -54.05 -61.01 29.27
C ASP F 286 -54.00 -61.74 30.62
N ILE F 287 -54.70 -61.20 31.61
CA ILE F 287 -54.71 -61.79 32.94
C ILE F 287 -56.11 -62.34 33.22
N ALA F 288 -56.96 -62.24 32.20
CA ALA F 288 -58.37 -62.58 32.33
C ALA F 288 -58.61 -64.09 32.37
N GLY F 289 -59.35 -64.54 33.38
CA GLY F 289 -59.66 -65.94 33.57
C GLY F 289 -58.71 -66.64 34.53
N GLN F 290 -57.45 -66.20 34.57
CA GLN F 290 -56.42 -66.83 35.38
C GLN F 290 -56.55 -66.48 36.86
N ASP F 291 -57.54 -65.64 37.18
CA ASP F 291 -57.87 -65.36 38.58
C ASP F 291 -56.81 -64.52 39.30
N LYS F 292 -56.24 -63.54 38.59
CA LYS F 292 -55.18 -62.70 39.16
C LYS F 292 -55.61 -61.25 39.34
N ALA F 293 -56.77 -60.92 38.80
CA ALA F 293 -57.29 -59.55 38.86
C ALA F 293 -57.34 -59.02 40.28
N ASN F 294 -57.59 -57.73 40.44
CA ASN F 294 -57.68 -57.14 41.77
C ASN F 294 -58.94 -56.32 42.03
N PRO F 295 -59.96 -56.96 42.62
CA PRO F 295 -61.29 -56.38 42.86
C PRO F 295 -61.24 -55.06 43.60
N THR F 296 -60.14 -54.78 44.30
CA THR F 296 -60.08 -53.63 45.19
C THR F 296 -60.64 -52.40 44.52
N ALA F 297 -60.21 -52.18 43.28
CA ALA F 297 -60.61 -51.02 42.50
C ALA F 297 -62.13 -50.92 42.39
N LEU F 298 -62.75 -51.91 41.76
CA LEU F 298 -64.20 -51.93 41.63
C LEU F 298 -64.86 -51.94 43.01
N LEU F 299 -64.27 -52.69 43.91
CA LEU F 299 -64.81 -52.89 45.25
C LEU F 299 -65.02 -51.55 45.96
N LEU F 300 -64.05 -50.66 45.81
CA LEU F 300 -64.12 -49.33 46.42
C LEU F 300 -65.19 -48.47 45.76
N SER F 301 -65.41 -48.68 44.46
CA SER F 301 -66.49 -48.02 43.77
C SER F 301 -67.83 -48.50 44.33
N SER F 302 -67.89 -49.74 44.78
CA SER F 302 -69.07 -50.29 45.42
C SER F 302 -69.37 -49.49 46.67
N VAL F 303 -68.33 -49.27 47.47
CA VAL F 303 -68.46 -48.45 48.67
C VAL F 303 -68.99 -47.06 48.33
N MET F 304 -68.30 -46.36 47.45
CA MET F 304 -68.78 -45.10 46.91
C MET F 304 -70.27 -45.16 46.59
N MET F 305 -70.68 -46.25 45.96
CA MET F 305 -72.09 -46.43 45.58
C MET F 305 -72.96 -46.57 46.82
N LEU F 306 -72.59 -47.47 47.71
CA LEU F 306 -73.29 -47.65 48.97
C LEU F 306 -73.59 -46.28 49.60
N ASN F 307 -72.55 -45.51 49.91
CA ASN F 307 -72.72 -44.18 50.47
C ASN F 307 -73.71 -43.31 49.67
N HIS F 308 -73.55 -43.28 48.35
CA HIS F 308 -74.45 -42.51 47.48
C HIS F 308 -75.90 -42.95 47.64
N MET F 309 -76.09 -44.22 47.99
CA MET F 309 -77.43 -44.80 48.13
C MET F 309 -77.98 -44.55 49.53
N GLY F 310 -77.09 -44.35 50.50
CA GLY F 310 -77.50 -44.09 51.87
C GLY F 310 -77.12 -45.20 52.83
N LEU F 311 -76.66 -46.33 52.29
CA LEU F 311 -76.29 -47.50 53.10
C LEU F 311 -74.98 -47.31 53.84
N THR F 312 -74.83 -46.18 54.51
CA THR F 312 -73.63 -45.85 55.26
C THR F 312 -73.03 -47.06 55.95
N ASN F 313 -73.80 -47.63 56.87
CA ASN F 313 -73.32 -48.70 57.72
C ASN F 313 -72.63 -49.82 56.95
N HIS F 314 -73.22 -50.23 55.83
CA HIS F 314 -72.65 -51.28 55.01
C HIS F 314 -71.37 -50.84 54.33
N ALA F 315 -71.38 -49.61 53.79
CA ALA F 315 -70.22 -49.06 53.11
C ALA F 315 -69.02 -49.04 54.05
N ASP F 316 -69.19 -48.35 55.18
CA ASP F 316 -68.15 -48.25 56.18
C ASP F 316 -67.70 -49.65 56.59
N GLN F 317 -68.65 -50.57 56.66
CA GLN F 317 -68.36 -51.96 57.00
C GLN F 317 -67.40 -52.57 55.98
N ILE F 318 -67.78 -52.49 54.71
CA ILE F 318 -67.02 -53.14 53.64
C ILE F 318 -65.71 -52.44 53.34
N GLN F 319 -65.61 -51.19 53.74
CA GLN F 319 -64.39 -50.42 53.49
C GLN F 319 -63.45 -50.38 54.70
N ASN F 320 -63.91 -49.75 55.79
CA ASN F 320 -63.13 -49.57 57.02
C ASN F 320 -62.53 -50.88 57.54
N ALA F 321 -63.37 -51.90 57.64
CA ALA F 321 -62.87 -53.24 57.81
C ALA F 321 -62.65 -53.80 56.41
N VAL F 322 -62.62 -55.13 56.28
CA VAL F 322 -62.48 -55.78 54.99
C VAL F 322 -61.47 -55.09 54.09
N LEU F 323 -61.47 -55.50 52.82
CA LEU F 323 -60.48 -55.07 51.83
C LEU F 323 -59.41 -54.13 52.37
N SER F 324 -59.81 -52.93 52.78
CA SER F 324 -58.84 -51.94 53.23
C SER F 324 -57.90 -52.56 54.28
N THR F 325 -58.47 -53.39 55.15
CA THR F 325 -57.74 -54.03 56.24
C THR F 325 -57.12 -55.38 55.83
N ILE F 326 -57.80 -56.10 54.96
CA ILE F 326 -57.30 -57.39 54.49
C ILE F 326 -56.13 -57.20 53.54
N ALA F 327 -56.00 -56.01 52.97
CA ALA F 327 -54.83 -55.67 52.16
C ALA F 327 -53.63 -55.42 53.07
N SER F 328 -53.65 -56.05 54.25
CA SER F 328 -52.53 -56.01 55.19
C SER F 328 -52.10 -57.42 55.65
N GLY F 329 -50.94 -57.83 55.13
CA GLY F 329 -50.46 -59.19 55.19
C GLY F 329 -50.29 -59.69 53.76
N PRO F 330 -49.04 -59.88 53.31
CA PRO F 330 -48.71 -60.25 51.93
C PRO F 330 -49.22 -61.63 51.48
N GLU F 331 -49.67 -62.46 52.43
CA GLU F 331 -50.33 -63.73 52.10
C GLU F 331 -51.67 -63.41 51.41
N ASN F 332 -52.30 -62.34 51.87
CA ASN F 332 -53.41 -61.71 51.17
C ASN F 332 -52.85 -60.88 50.01
N ARG F 333 -53.45 -59.73 49.72
CA ARG F 333 -53.00 -58.91 48.58
C ARG F 333 -53.06 -59.68 47.27
N THR F 334 -52.73 -59.01 46.16
CA THR F 334 -52.73 -59.68 44.88
C THR F 334 -51.37 -59.47 44.21
N GLY F 335 -51.18 -60.05 43.03
CA GLY F 335 -49.90 -59.97 42.34
C GLY F 335 -49.44 -58.55 42.08
N ASP F 336 -50.42 -57.67 41.82
CA ASP F 336 -50.15 -56.27 41.54
C ASP F 336 -49.63 -55.47 42.75
N LEU F 337 -49.75 -56.03 43.95
CA LEU F 337 -49.29 -55.36 45.18
C LEU F 337 -48.24 -56.17 45.95
N ALA F 338 -47.45 -56.94 45.19
CA ALA F 338 -46.45 -57.85 45.76
C ALA F 338 -47.05 -59.15 46.32
N GLY F 339 -48.31 -59.07 46.76
CA GLY F 339 -49.02 -60.19 47.35
C GLY F 339 -49.02 -61.48 46.54
N THR F 340 -49.49 -62.56 47.16
CA THR F 340 -49.43 -63.87 46.55
C THR F 340 -50.82 -64.44 46.34
N ALA F 341 -51.81 -63.77 46.93
CA ALA F 341 -53.18 -64.27 46.89
C ALA F 341 -53.82 -64.14 45.51
N THR F 342 -54.84 -64.97 45.29
CA THR F 342 -55.61 -64.98 44.07
C THR F 342 -56.83 -64.09 44.26
N THR F 343 -57.53 -63.80 43.16
CA THR F 343 -58.80 -63.09 43.26
C THR F 343 -59.70 -63.89 44.19
N SER F 344 -59.62 -65.21 44.04
CA SER F 344 -60.38 -66.15 44.85
C SER F 344 -60.07 -65.96 46.33
N SER F 345 -58.81 -66.13 46.70
CA SER F 345 -58.42 -66.08 48.11
C SER F 345 -58.56 -64.68 48.70
N PHE F 346 -58.47 -63.66 47.86
CA PHE F 346 -58.64 -62.28 48.32
C PHE F 346 -60.08 -62.08 48.79
N THR F 347 -61.01 -62.64 48.04
CA THR F 347 -62.43 -62.48 48.35
C THR F 347 -62.89 -63.17 49.65
N GLU F 348 -62.45 -64.41 49.88
CA GLU F 348 -62.78 -65.07 51.12
C GLU F 348 -61.99 -64.47 52.27
N ALA F 349 -60.70 -64.19 52.03
CA ALA F 349 -59.85 -63.53 53.01
C ALA F 349 -60.43 -62.17 53.42
N VAL F 350 -61.17 -61.56 52.50
CA VAL F 350 -61.85 -60.31 52.77
C VAL F 350 -63.07 -60.57 53.64
N ILE F 351 -63.96 -61.43 53.16
CA ILE F 351 -65.22 -61.69 53.85
C ILE F 351 -65.02 -62.07 55.31
N LYS F 352 -63.88 -62.67 55.63
CA LYS F 352 -63.56 -63.04 57.00
C LYS F 352 -63.67 -61.83 57.93
N ARG F 353 -62.95 -60.76 57.59
CA ARG F 353 -62.96 -59.56 58.41
C ARG F 353 -64.10 -58.65 58.00
N LEU F 354 -65.02 -59.24 57.25
CA LEU F 354 -66.20 -58.57 56.74
C LEU F 354 -67.24 -58.38 57.85
N GLY G 16 -56.03 -33.39 -32.20
CA GLY G 16 -57.01 -32.34 -32.48
C GLY G 16 -58.33 -32.40 -31.71
N ARG G 17 -58.52 -33.43 -30.91
CA ARG G 17 -59.80 -33.60 -30.23
C ARG G 17 -59.68 -33.48 -28.72
N PHE G 18 -60.31 -32.43 -28.18
CA PHE G 18 -60.35 -32.19 -26.75
C PHE G 18 -61.26 -33.23 -26.12
N THR G 19 -60.98 -33.62 -24.89
CA THR G 19 -61.93 -34.43 -24.14
C THR G 19 -62.40 -33.64 -22.94
N VAL G 20 -63.61 -33.07 -23.04
CA VAL G 20 -64.18 -32.22 -22.00
C VAL G 20 -65.11 -33.00 -21.08
N THR G 21 -65.17 -32.59 -19.81
CA THR G 21 -66.09 -33.23 -18.86
C THR G 21 -67.49 -32.64 -18.95
N LEU G 22 -68.50 -33.51 -18.92
CA LEU G 22 -69.89 -33.08 -19.00
C LEU G 22 -70.68 -33.54 -17.78
N ILE G 23 -71.20 -32.58 -17.03
CA ILE G 23 -71.97 -32.93 -15.84
C ILE G 23 -73.32 -32.27 -15.95
N PRO G 24 -74.30 -33.02 -16.47
CA PRO G 24 -75.66 -32.51 -16.69
C PRO G 24 -76.28 -32.02 -15.39
N GLY G 25 -76.25 -32.87 -14.37
CA GLY G 25 -76.75 -32.49 -13.07
C GLY G 25 -78.26 -32.49 -13.01
N ASP G 26 -78.80 -31.95 -11.92
CA ASP G 26 -80.21 -32.09 -11.61
C ASP G 26 -81.07 -31.03 -12.30
N GLY G 27 -82.39 -31.26 -12.28
CA GLY G 27 -83.34 -30.36 -12.89
C GLY G 27 -83.18 -30.28 -14.39
N VAL G 28 -83.49 -29.11 -14.96
CA VAL G 28 -83.41 -28.92 -16.41
C VAL G 28 -82.01 -29.15 -16.91
N GLY G 29 -81.11 -29.48 -15.99
CA GLY G 29 -79.73 -29.77 -16.33
C GLY G 29 -79.64 -30.68 -17.53
N LYS G 30 -80.20 -31.89 -17.40
CA LYS G 30 -80.14 -32.91 -18.45
C LYS G 30 -80.57 -32.42 -19.84
N GLU G 31 -81.63 -31.61 -19.90
CA GLU G 31 -82.15 -31.10 -21.17
C GLU G 31 -81.27 -29.99 -21.72
N ILE G 32 -80.94 -29.05 -20.85
CA ILE G 32 -80.18 -27.86 -21.24
C ILE G 32 -78.75 -28.23 -21.73
N THR G 33 -78.22 -29.35 -21.26
CA THR G 33 -76.89 -29.81 -21.68
C THR G 33 -77.01 -30.37 -23.06
N ASP G 34 -78.01 -31.24 -23.23
CA ASP G 34 -78.34 -31.86 -24.52
C ASP G 34 -78.41 -30.84 -25.65
N SER G 35 -79.09 -29.74 -25.40
CA SER G 35 -79.15 -28.64 -26.35
C SER G 35 -77.76 -28.31 -26.88
N VAL G 36 -76.80 -28.19 -25.98
CA VAL G 36 -75.42 -27.92 -26.35
C VAL G 36 -74.82 -29.06 -27.17
N ARG G 37 -74.98 -30.31 -26.72
CA ARG G 37 -74.48 -31.47 -27.46
C ARG G 37 -74.90 -31.39 -28.92
N THR G 38 -76.20 -31.25 -29.14
CA THR G 38 -76.79 -31.17 -30.46
C THR G 38 -76.21 -30.06 -31.32
N ILE G 39 -76.11 -28.86 -30.77
CA ILE G 39 -75.53 -27.74 -31.50
C ILE G 39 -74.07 -28.00 -31.79
N PHE G 40 -73.45 -28.83 -30.96
CA PHE G 40 -72.01 -29.11 -31.06
C PHE G 40 -71.71 -30.10 -32.18
N GLU G 41 -72.44 -31.21 -32.22
CA GLU G 41 -72.20 -32.20 -33.27
C GLU G 41 -72.74 -31.72 -34.61
N ALA G 42 -73.76 -30.87 -34.56
CA ALA G 42 -74.32 -30.26 -35.76
C ALA G 42 -73.36 -29.22 -36.36
N GLU G 43 -72.40 -28.79 -35.57
CA GLU G 43 -71.39 -27.84 -36.01
C GLU G 43 -70.07 -28.59 -36.16
N ASN G 44 -70.15 -29.89 -35.93
CA ASN G 44 -69.01 -30.81 -35.89
C ASN G 44 -67.78 -30.26 -35.18
N ILE G 45 -67.97 -29.82 -33.94
CA ILE G 45 -66.90 -29.31 -33.10
C ILE G 45 -66.09 -30.48 -32.53
N PRO G 46 -64.77 -30.40 -32.69
CA PRO G 46 -63.82 -31.47 -32.37
C PRO G 46 -63.69 -31.78 -30.87
N ILE G 47 -64.78 -31.76 -30.13
CA ILE G 47 -64.66 -32.16 -28.73
C ILE G 47 -65.49 -33.39 -28.39
N ASP G 48 -64.95 -34.24 -27.53
CA ASP G 48 -65.63 -35.45 -27.09
C ASP G 48 -66.01 -35.30 -25.63
N TRP G 49 -67.28 -35.51 -25.31
CA TRP G 49 -67.70 -35.44 -23.92
C TRP G 49 -67.37 -36.71 -23.15
N GLU G 50 -66.69 -36.55 -22.01
CA GLU G 50 -66.68 -37.58 -20.98
C GLU G 50 -67.77 -37.16 -20.02
N THR G 51 -68.85 -37.92 -19.95
CA THR G 51 -70.02 -37.46 -19.24
C THR G 51 -70.30 -38.30 -17.99
N ILE G 52 -70.53 -37.65 -16.86
CA ILE G 52 -70.69 -38.38 -15.60
C ILE G 52 -72.02 -38.10 -14.89
N ASN G 53 -72.51 -39.10 -14.16
CA ASN G 53 -73.74 -39.02 -13.38
C ASN G 53 -73.59 -39.70 -12.02
N ILE G 54 -74.46 -39.34 -11.08
CA ILE G 54 -74.14 -39.53 -9.66
C ILE G 54 -75.23 -40.08 -8.75
N LYS G 60 -74.07 -40.28 -4.69
CA LYS G 60 -74.42 -39.27 -3.68
C LYS G 60 -73.08 -38.61 -3.30
N GLU G 61 -71.99 -39.40 -3.35
CA GLU G 61 -70.66 -38.92 -2.98
C GLU G 61 -69.69 -39.15 -4.11
N GLY G 62 -70.25 -39.56 -5.26
CA GLY G 62 -69.48 -39.74 -6.48
C GLY G 62 -69.14 -38.38 -7.07
N VAL G 63 -69.42 -37.32 -6.30
CA VAL G 63 -68.89 -36.00 -6.59
C VAL G 63 -67.38 -36.15 -6.68
N TYR G 64 -66.91 -37.27 -6.15
CA TYR G 64 -65.55 -37.75 -6.32
C TYR G 64 -65.24 -37.95 -7.79
N GLU G 65 -66.11 -38.67 -8.48
CA GLU G 65 -65.84 -39.01 -9.87
C GLU G 65 -65.88 -37.81 -10.79
N ALA G 66 -66.63 -36.78 -10.40
CA ALA G 66 -66.63 -35.53 -11.14
C ALA G 66 -65.27 -34.84 -11.02
N VAL G 67 -64.78 -34.76 -9.78
CA VAL G 67 -63.49 -34.18 -9.48
C VAL G 67 -62.41 -34.94 -10.23
N GLU G 68 -62.40 -36.25 -10.06
CA GLU G 68 -61.35 -37.07 -10.64
C GLU G 68 -61.30 -36.90 -12.15
N SER G 69 -62.47 -36.85 -12.77
CA SER G 69 -62.58 -36.61 -14.21
C SER G 69 -61.98 -35.27 -14.59
N LEU G 70 -62.47 -34.21 -13.97
CA LEU G 70 -61.97 -32.87 -14.26
C LEU G 70 -60.47 -32.74 -14.06
N LYS G 71 -59.94 -33.51 -13.12
CA LYS G 71 -58.50 -33.50 -12.88
C LYS G 71 -57.73 -34.08 -14.07
N ARG G 72 -58.33 -35.05 -14.77
CA ARG G 72 -57.76 -35.58 -16.01
C ARG G 72 -57.93 -34.59 -17.15
N ASN G 73 -59.17 -34.19 -17.40
CA ASN G 73 -59.47 -33.39 -18.59
C ASN G 73 -59.16 -31.91 -18.44
N LYS G 74 -59.12 -31.44 -17.20
CA LYS G 74 -58.89 -30.03 -16.89
C LYS G 74 -60.08 -29.11 -17.18
N ILE G 75 -60.91 -29.49 -18.15
CA ILE G 75 -62.03 -28.64 -18.50
C ILE G 75 -63.37 -29.37 -18.45
N GLY G 76 -64.40 -28.62 -18.07
CA GLY G 76 -65.72 -29.18 -17.90
C GLY G 76 -66.84 -28.21 -18.25
N LEU G 77 -68.02 -28.78 -18.45
CA LEU G 77 -69.22 -28.04 -18.77
C LEU G 77 -70.31 -28.70 -17.93
N LYS G 78 -70.98 -27.92 -17.09
CA LYS G 78 -71.96 -28.51 -16.18
C LYS G 78 -73.19 -27.66 -15.90
N GLY G 79 -74.25 -28.34 -15.49
CA GLY G 79 -75.44 -27.67 -15.01
C GLY G 79 -75.33 -27.54 -13.51
N LEU G 80 -76.44 -27.43 -12.81
CA LEU G 80 -76.41 -27.33 -11.37
C LEU G 80 -76.93 -28.61 -10.76
N TRP G 81 -76.37 -28.97 -9.61
CA TRP G 81 -76.92 -30.06 -8.83
C TRP G 81 -77.95 -29.48 -7.88
N HIS G 82 -78.78 -30.34 -7.29
CA HIS G 82 -79.75 -29.88 -6.31
C HIS G 82 -79.17 -29.97 -4.91
N THR G 83 -79.62 -29.08 -4.02
CA THR G 83 -79.15 -29.11 -2.64
C THR G 83 -80.30 -29.09 -1.64
N PRO G 84 -80.31 -30.08 -0.74
CA PRO G 84 -81.30 -30.24 0.34
C PRO G 84 -81.26 -29.07 1.31
N ALA G 85 -82.37 -28.82 1.99
CA ALA G 85 -82.40 -27.82 3.06
C ALA G 85 -82.56 -28.50 4.42
N ASP G 86 -82.89 -29.79 4.40
CA ASP G 86 -83.08 -30.54 5.65
C ASP G 86 -81.75 -30.79 6.35
N GLN G 87 -81.84 -31.22 7.60
CA GLN G 87 -80.67 -31.32 8.46
C GLN G 87 -79.74 -32.48 8.10
N THR G 88 -80.31 -33.59 7.66
CA THR G 88 -79.52 -34.75 7.29
C THR G 88 -79.27 -34.82 5.78
N GLY G 89 -79.46 -33.67 5.12
CA GLY G 89 -79.13 -33.51 3.71
C GLY G 89 -77.62 -33.51 3.53
N HIS G 90 -77.17 -33.71 2.30
CA HIS G 90 -75.76 -33.99 2.08
C HIS G 90 -74.83 -32.77 2.02
N GLY G 91 -75.34 -31.61 1.60
CA GLY G 91 -74.50 -30.43 1.45
C GLY G 91 -74.17 -30.15 0.00
N SER G 92 -74.00 -28.88 -0.33
CA SER G 92 -73.98 -28.43 -1.73
C SER G 92 -73.49 -29.42 -2.76
N LEU G 93 -72.24 -29.82 -2.66
CA LEU G 93 -71.57 -30.59 -3.72
C LEU G 93 -71.53 -29.92 -5.09
N ASN G 94 -72.14 -28.74 -5.19
CA ASN G 94 -71.74 -27.81 -6.20
C ASN G 94 -70.50 -27.11 -5.69
N VAL G 95 -70.53 -26.67 -4.43
CA VAL G 95 -69.37 -26.05 -3.76
C VAL G 95 -68.29 -27.08 -3.50
N ALA G 96 -68.70 -28.29 -3.12
CA ALA G 96 -67.73 -29.37 -2.97
C ALA G 96 -66.89 -29.49 -4.23
N LEU G 97 -67.53 -29.48 -5.39
CA LEU G 97 -66.77 -29.61 -6.63
C LEU G 97 -65.72 -28.51 -6.72
N ARG G 98 -66.12 -27.29 -6.46
CA ARG G 98 -65.22 -26.14 -6.58
C ARG G 98 -64.12 -26.13 -5.54
N LYS G 99 -64.48 -26.37 -4.29
CA LYS G 99 -63.50 -26.40 -3.22
C LYS G 99 -62.43 -27.47 -3.47
N GLN G 100 -62.85 -28.63 -3.95
CA GLN G 100 -61.93 -29.74 -4.12
C GLN G 100 -61.04 -29.55 -5.32
N LEU G 101 -61.42 -28.63 -6.20
CA LEU G 101 -60.56 -28.36 -7.35
C LEU G 101 -59.96 -26.97 -7.21
N ASP G 102 -60.26 -26.31 -6.10
CA ASP G 102 -59.82 -24.95 -5.89
C ASP G 102 -60.11 -24.09 -7.13
N ILE G 103 -61.26 -24.34 -7.74
CA ILE G 103 -61.80 -23.45 -8.76
C ILE G 103 -62.41 -22.26 -8.01
N TYR G 104 -61.56 -21.31 -7.63
CA TYR G 104 -61.92 -20.30 -6.66
C TYR G 104 -62.66 -19.07 -7.22
N ALA G 105 -62.69 -18.92 -8.54
CA ALA G 105 -63.28 -17.70 -9.11
C ALA G 105 -64.52 -17.98 -9.96
N ASN G 106 -65.63 -17.35 -9.59
CA ASN G 106 -66.85 -17.44 -10.37
C ASN G 106 -67.06 -16.16 -11.16
N VAL G 107 -67.35 -16.29 -12.44
CA VAL G 107 -67.69 -15.14 -13.28
C VAL G 107 -69.09 -15.32 -13.82
N ALA G 108 -69.94 -14.33 -13.60
CA ALA G 108 -71.27 -14.33 -14.18
C ALA G 108 -71.41 -13.13 -15.10
N LEU G 109 -71.99 -13.36 -16.28
CA LEU G 109 -72.11 -12.30 -17.27
C LEU G 109 -73.56 -11.85 -17.49
N PHE G 110 -73.85 -10.64 -17.00
CA PHE G 110 -75.17 -10.06 -17.10
C PHE G 110 -75.15 -8.99 -18.17
N LYS G 111 -75.41 -9.41 -19.40
CA LYS G 111 -75.54 -8.49 -20.53
C LYS G 111 -76.90 -8.73 -21.19
N SER G 112 -77.70 -7.67 -21.29
CA SER G 112 -79.05 -7.81 -21.82
C SER G 112 -79.01 -8.19 -23.31
N LEU G 113 -80.09 -8.82 -23.75
CA LEU G 113 -80.17 -9.37 -25.10
C LEU G 113 -81.22 -8.66 -25.91
N LYS G 114 -80.96 -8.53 -27.21
CA LYS G 114 -81.76 -7.67 -28.07
C LYS G 114 -83.26 -7.98 -28.06
N GLY G 115 -83.62 -9.24 -28.25
CA GLY G 115 -85.04 -9.57 -28.35
C GLY G 115 -85.73 -9.86 -27.04
N VAL G 116 -85.32 -9.18 -25.96
CA VAL G 116 -85.91 -9.47 -24.65
C VAL G 116 -86.37 -8.22 -23.90
N LYS G 117 -87.65 -8.22 -23.55
CA LYS G 117 -88.27 -7.13 -22.80
C LYS G 117 -87.73 -7.08 -21.39
N THR G 118 -86.98 -6.04 -21.06
CA THR G 118 -86.53 -5.85 -19.68
C THR G 118 -86.84 -4.44 -19.19
N ARG G 119 -87.04 -4.31 -17.89
CA ARG G 119 -87.47 -3.04 -17.31
C ARG G 119 -86.42 -1.91 -17.47
N ILE G 120 -85.13 -2.24 -17.31
CA ILE G 120 -84.05 -1.32 -17.63
C ILE G 120 -83.15 -1.96 -18.67
N PRO G 121 -83.02 -1.32 -19.84
CA PRO G 121 -82.39 -1.93 -21.00
C PRO G 121 -80.93 -1.53 -21.16
N ASP G 122 -80.22 -2.22 -22.05
CA ASP G 122 -78.84 -1.89 -22.42
C ASP G 122 -77.89 -1.95 -21.23
N ILE G 123 -77.86 -3.12 -20.60
CA ILE G 123 -77.17 -3.30 -19.33
C ILE G 123 -76.07 -4.32 -19.47
N ASP G 124 -74.89 -4.01 -18.93
CA ASP G 124 -73.73 -4.86 -19.14
C ASP G 124 -72.80 -4.84 -17.93
N LEU G 125 -73.02 -5.77 -17.00
CA LEU G 125 -72.17 -5.83 -15.82
C LEU G 125 -71.80 -7.25 -15.46
N ILE G 126 -70.64 -7.36 -14.82
CA ILE G 126 -70.03 -8.63 -14.46
C ILE G 126 -69.86 -8.76 -12.96
N VAL G 127 -70.13 -9.95 -12.45
CA VAL G 127 -70.02 -10.18 -11.03
C VAL G 127 -69.05 -11.31 -10.80
N ILE G 128 -67.91 -10.99 -10.19
CA ILE G 128 -66.91 -11.99 -9.84
C ILE G 128 -66.98 -12.28 -8.35
N ARG G 129 -67.21 -13.53 -7.99
CA ARG G 129 -67.26 -13.92 -6.59
C ARG G 129 -66.23 -14.98 -6.24
N GLU G 130 -65.80 -14.97 -4.99
CA GLU G 130 -64.90 -16.00 -4.48
C GLU G 130 -65.74 -17.21 -4.11
N ASN G 131 -65.28 -18.39 -4.49
CA ASN G 131 -66.07 -19.63 -4.39
C ASN G 131 -65.86 -20.49 -3.14
N THR G 132 -64.66 -20.45 -2.57
CA THR G 132 -64.24 -21.44 -1.57
C THR G 132 -64.29 -20.98 -0.10
N GLU G 133 -64.55 -19.70 0.11
CA GLU G 133 -64.35 -19.09 1.42
C GLU G 133 -65.59 -18.30 1.84
N GLY G 134 -65.40 -17.32 2.70
CA GLY G 134 -66.51 -16.48 3.14
C GLY G 134 -67.54 -17.27 3.93
N GLU G 135 -68.81 -16.98 3.66
CA GLU G 135 -69.91 -17.67 4.31
C GLU G 135 -70.15 -19.08 3.72
N PHE G 136 -69.38 -19.44 2.69
CA PHE G 136 -69.47 -20.75 2.06
C PHE G 136 -68.41 -21.67 2.63
N SER G 137 -67.82 -21.26 3.75
CA SER G 137 -66.74 -22.03 4.34
C SER G 137 -67.33 -23.22 5.08
N GLY G 138 -68.63 -23.16 5.35
CA GLY G 138 -69.34 -24.28 5.95
C GLY G 138 -68.75 -24.76 7.25
N LEU G 139 -68.42 -23.81 8.13
CA LEU G 139 -68.03 -24.15 9.50
C LEU G 139 -69.10 -23.68 10.43
N GLU G 140 -69.78 -24.60 11.12
CA GLU G 140 -70.80 -24.20 12.07
C GLU G 140 -70.98 -25.23 13.17
N HIS G 141 -71.44 -24.77 14.34
CA HIS G 141 -71.68 -25.67 15.45
C HIS G 141 -72.75 -25.11 16.36
N GLU G 142 -73.28 -25.98 17.22
CA GLU G 142 -74.29 -25.61 18.21
C GLU G 142 -73.69 -25.81 19.59
N SER G 143 -73.36 -24.70 20.25
CA SER G 143 -72.69 -24.78 21.57
C SER G 143 -73.56 -25.44 22.62
N VAL G 144 -74.62 -24.74 23.01
CA VAL G 144 -75.69 -25.34 23.80
C VAL G 144 -76.92 -25.41 22.90
N PRO G 145 -77.92 -26.21 23.29
CA PRO G 145 -79.11 -26.36 22.44
C PRO G 145 -79.76 -25.02 22.16
N GLY G 146 -80.04 -24.74 20.90
CA GLY G 146 -80.77 -23.54 20.53
C GLY G 146 -79.88 -22.37 20.22
N VAL G 147 -78.57 -22.54 20.42
CA VAL G 147 -77.59 -21.50 20.07
C VAL G 147 -76.63 -22.00 19.00
N VAL G 148 -76.65 -21.37 17.84
CA VAL G 148 -75.83 -21.83 16.73
C VAL G 148 -74.88 -20.75 16.25
N GLU G 149 -73.62 -21.14 16.05
CA GLU G 149 -72.62 -20.24 15.46
C GLU G 149 -72.16 -20.78 14.12
N SER G 150 -72.23 -19.93 13.11
CA SER G 150 -71.67 -20.22 11.82
C SER G 150 -70.44 -19.34 11.68
N LEU G 151 -69.28 -19.96 11.48
CA LEU G 151 -68.03 -19.22 11.33
C LEU G 151 -67.76 -18.86 9.87
N LYS G 152 -67.47 -17.59 9.61
CA LYS G 152 -67.18 -17.11 8.27
C LYS G 152 -65.72 -16.74 8.14
N VAL G 153 -64.97 -17.53 7.38
CA VAL G 153 -63.53 -17.35 7.27
C VAL G 153 -63.16 -16.43 6.12
N MET G 154 -62.19 -15.56 6.35
CA MET G 154 -61.65 -14.68 5.31
C MET G 154 -60.15 -14.67 5.48
N THR G 155 -59.42 -15.08 4.44
CA THR G 155 -57.96 -15.14 4.53
C THR G 155 -57.24 -14.37 3.43
N ARG G 156 -56.15 -13.72 3.82
CA ARG G 156 -55.41 -12.85 2.91
C ARG G 156 -55.02 -13.56 1.62
N PRO G 157 -54.47 -14.77 1.73
CA PRO G 157 -54.07 -15.46 0.51
C PRO G 157 -55.22 -15.65 -0.48
N LYS G 158 -56.32 -16.25 -0.03
CA LYS G 158 -57.47 -16.52 -0.90
C LYS G 158 -58.04 -15.22 -1.43
N THR G 159 -57.87 -14.15 -0.68
CA THR G 159 -58.43 -12.86 -1.05
C THR G 159 -57.54 -12.10 -2.02
N GLU G 160 -56.24 -12.19 -1.83
CA GLU G 160 -55.34 -11.54 -2.79
C GLU G 160 -55.56 -12.20 -4.15
N ARG G 161 -55.76 -13.51 -4.10
CA ARG G 161 -55.94 -14.30 -5.30
C ARG G 161 -57.10 -13.79 -6.13
N ILE G 162 -58.29 -13.73 -5.53
CA ILE G 162 -59.49 -13.34 -6.26
C ILE G 162 -59.37 -11.90 -6.71
N ALA G 163 -58.76 -11.08 -5.85
CA ALA G 163 -58.55 -9.69 -6.16
C ALA G 163 -57.78 -9.54 -7.48
N ARG G 164 -56.68 -10.27 -7.60
CA ARG G 164 -55.92 -10.19 -8.83
C ARG G 164 -56.69 -10.78 -10.01
N PHE G 165 -57.34 -11.93 -9.79
CA PHE G 165 -58.15 -12.50 -10.86
C PHE G 165 -59.10 -11.49 -11.43
N ALA G 166 -59.78 -10.76 -10.54
CA ALA G 166 -60.76 -9.77 -10.96
C ALA G 166 -60.12 -8.69 -11.80
N PHE G 167 -59.01 -8.14 -11.33
CA PHE G 167 -58.35 -7.08 -12.09
C PHE G 167 -57.80 -7.60 -13.41
N ASP G 168 -57.07 -8.71 -13.34
CA ASP G 168 -56.59 -9.38 -14.55
C ASP G 168 -57.72 -9.55 -15.57
N PHE G 169 -58.87 -10.02 -15.09
CA PHE G 169 -60.05 -10.22 -15.92
C PHE G 169 -60.51 -8.91 -16.52
N ALA G 170 -60.57 -7.87 -15.70
CA ALA G 170 -61.03 -6.55 -16.13
C ALA G 170 -60.08 -5.98 -17.18
N LYS G 171 -58.79 -6.23 -17.01
CA LYS G 171 -57.80 -5.75 -17.96
C LYS G 171 -57.93 -6.48 -19.29
N LYS G 172 -58.03 -7.81 -19.21
CA LYS G 172 -58.13 -8.66 -20.38
C LYS G 172 -59.35 -8.36 -21.25
N TYR G 173 -60.46 -8.01 -20.61
CA TYR G 173 -61.70 -7.77 -21.33
C TYR G 173 -62.06 -6.28 -21.33
N ASN G 174 -61.02 -5.45 -21.30
CA ASN G 174 -61.18 -4.00 -21.32
C ASN G 174 -62.39 -3.51 -20.52
N ARG G 175 -62.38 -3.81 -19.23
CA ARG G 175 -63.36 -3.29 -18.28
C ARG G 175 -62.68 -2.15 -17.53
N LYS G 176 -63.36 -1.03 -17.38
CA LYS G 176 -62.69 0.14 -16.81
C LYS G 176 -62.79 0.22 -15.29
N SER G 177 -63.86 -0.34 -14.72
CA SER G 177 -64.13 -0.20 -13.29
C SER G 177 -64.30 -1.52 -12.54
N VAL G 178 -63.71 -1.58 -11.35
CA VAL G 178 -63.85 -2.74 -10.48
C VAL G 178 -64.25 -2.31 -9.07
N THR G 179 -65.36 -2.87 -8.59
CA THR G 179 -65.90 -2.43 -7.31
C THR G 179 -66.01 -3.58 -6.33
N ALA G 180 -65.53 -3.36 -5.11
CA ALA G 180 -65.57 -4.38 -4.09
C ALA G 180 -66.83 -4.22 -3.25
N VAL G 181 -67.64 -5.26 -3.19
CA VAL G 181 -68.86 -5.27 -2.39
C VAL G 181 -68.59 -5.90 -1.03
N HIS G 182 -69.02 -5.24 0.04
CA HIS G 182 -68.61 -5.65 1.38
C HIS G 182 -69.57 -5.13 2.43
N LYS G 183 -69.32 -5.49 3.68
CA LYS G 183 -70.12 -5.02 4.80
C LYS G 183 -69.13 -4.66 5.89
N ALA G 184 -68.10 -3.95 5.47
CA ALA G 184 -66.93 -3.73 6.31
C ALA G 184 -67.20 -2.79 7.46
N ASN G 185 -68.34 -2.12 7.41
CA ASN G 185 -68.70 -1.17 8.47
C ASN G 185 -69.22 -1.88 9.70
N ILE G 186 -69.48 -3.17 9.55
CA ILE G 186 -70.04 -3.94 10.65
C ILE G 186 -69.15 -5.11 11.00
N MET G 187 -68.69 -5.82 9.97
CA MET G 187 -67.75 -6.91 10.14
C MET G 187 -66.39 -6.38 9.74
N LYS G 188 -65.82 -5.59 10.66
CA LYS G 188 -64.66 -4.75 10.40
C LYS G 188 -63.40 -5.55 10.10
N LEU G 189 -63.32 -6.76 10.64
CA LEU G 189 -62.18 -7.59 10.35
C LEU G 189 -62.40 -8.39 9.07
N GLY G 190 -63.49 -9.15 9.04
CA GLY G 190 -63.78 -10.02 7.91
C GLY G 190 -63.88 -9.27 6.59
N ASP G 191 -64.99 -8.57 6.41
CA ASP G 191 -65.20 -7.82 5.19
C ASP G 191 -64.21 -6.65 5.07
N GLY G 192 -63.72 -6.17 6.21
CA GLY G 192 -62.70 -5.14 6.19
C GLY G 192 -61.50 -5.58 5.40
N LEU G 193 -60.95 -6.73 5.80
CA LEU G 193 -59.79 -7.32 5.12
C LEU G 193 -60.01 -7.44 3.62
N PHE G 194 -61.18 -7.92 3.25
CA PHE G 194 -61.57 -8.07 1.87
C PHE G 194 -61.51 -6.74 1.12
N ARG G 195 -62.18 -5.72 1.65
CA ARG G 195 -62.22 -4.40 1.02
C ARG G 195 -60.82 -3.78 0.85
N ASN G 196 -59.97 -3.96 1.86
CA ASN G 196 -58.64 -3.40 1.83
C ASN G 196 -57.79 -4.07 0.78
N ILE G 197 -57.52 -5.34 0.99
CA ILE G 197 -56.77 -6.13 0.03
C ILE G 197 -57.14 -5.87 -1.44
N ILE G 198 -58.43 -5.67 -1.72
CA ILE G 198 -58.85 -5.38 -3.09
C ILE G 198 -58.38 -3.99 -3.53
N THR G 199 -58.85 -2.97 -2.81
CA THR G 199 -58.48 -1.60 -3.16
C THR G 199 -56.96 -1.44 -3.08
N GLU G 200 -56.36 -2.07 -2.09
CA GLU G 200 -54.93 -2.00 -1.87
C GLU G 200 -54.14 -2.46 -3.09
N ILE G 201 -54.55 -3.57 -3.69
CA ILE G 201 -53.77 -4.11 -4.80
C ILE G 201 -54.37 -3.77 -6.15
N GLY G 202 -55.29 -2.80 -6.15
CA GLY G 202 -55.79 -2.22 -7.37
C GLY G 202 -55.14 -0.86 -7.56
N GLN G 203 -54.37 -0.45 -6.55
CA GLN G 203 -53.71 0.84 -6.56
C GLN G 203 -52.23 0.71 -6.85
N LYS G 204 -51.59 -0.31 -6.29
CA LYS G 204 -50.16 -0.48 -6.52
C LYS G 204 -49.84 -1.44 -7.67
N GLU G 205 -50.85 -2.19 -8.12
CA GLU G 205 -50.81 -2.93 -9.37
C GLU G 205 -52.10 -2.51 -10.04
N TYR G 206 -52.25 -2.74 -11.35
CA TYR G 206 -53.50 -2.33 -12.03
C TYR G 206 -53.94 -0.88 -11.74
N PRO G 207 -53.04 0.09 -11.92
CA PRO G 207 -53.38 1.48 -11.61
C PRO G 207 -54.29 2.06 -12.68
N ASP G 208 -54.34 1.43 -13.84
CA ASP G 208 -55.14 1.93 -14.95
C ASP G 208 -56.62 1.72 -14.72
N ILE G 209 -56.96 0.86 -13.77
CA ILE G 209 -58.36 0.52 -13.50
C ILE G 209 -58.91 1.27 -12.30
N ASP G 210 -60.18 1.64 -12.37
CA ASP G 210 -60.82 2.39 -11.30
C ASP G 210 -61.34 1.47 -10.21
N VAL G 211 -60.66 1.48 -9.06
CA VAL G 211 -61.11 0.66 -7.93
C VAL G 211 -61.99 1.46 -6.99
N SER G 212 -63.00 0.79 -6.42
CA SER G 212 -63.90 1.43 -5.46
C SER G 212 -64.57 0.39 -4.59
N SER G 213 -65.23 0.86 -3.54
CA SER G 213 -65.96 -0.03 -2.65
C SER G 213 -67.41 0.35 -2.66
N ILE G 214 -68.25 -0.56 -2.19
CA ILE G 214 -69.65 -0.28 -2.00
C ILE G 214 -70.20 -1.26 -0.97
N ILE G 215 -71.05 -0.76 -0.10
CA ILE G 215 -71.62 -1.59 0.96
C ILE G 215 -72.74 -2.42 0.39
N VAL G 216 -72.72 -3.71 0.71
CA VAL G 216 -73.56 -4.71 0.05
C VAL G 216 -75.02 -4.33 -0.02
N ASP G 217 -75.57 -3.77 1.05
CA ASP G 217 -76.98 -3.40 1.06
C ASP G 217 -77.26 -2.25 0.10
N ASN G 218 -76.42 -1.23 0.16
CA ASN G 218 -76.55 -0.09 -0.73
C ASN G 218 -76.26 -0.47 -2.18
N ALA G 219 -75.35 -1.42 -2.34
CA ALA G 219 -75.05 -1.94 -3.66
C ALA G 219 -76.30 -2.58 -4.23
N SER G 220 -76.99 -3.34 -3.39
CA SER G 220 -78.23 -4.02 -3.78
C SER G 220 -79.28 -3.04 -4.24
N MET G 221 -79.30 -1.87 -3.62
CA MET G 221 -80.29 -0.88 -3.97
C MET G 221 -79.95 -0.22 -5.29
N GLN G 222 -78.69 0.18 -5.48
CA GLN G 222 -78.31 0.80 -6.74
C GLN G 222 -78.50 -0.19 -7.89
N ALA G 223 -78.15 -1.45 -7.66
CA ALA G 223 -78.24 -2.48 -8.71
C ALA G 223 -79.63 -2.60 -9.30
N VAL G 224 -80.63 -2.48 -8.44
CA VAL G 224 -82.02 -2.63 -8.85
C VAL G 224 -82.54 -1.33 -9.46
N ALA G 225 -82.07 -0.20 -8.97
CA ALA G 225 -82.58 1.09 -9.39
C ALA G 225 -81.76 1.77 -10.50
N LYS G 226 -80.44 1.67 -10.43
CA LYS G 226 -79.55 2.36 -11.37
C LYS G 226 -78.31 1.53 -11.68
N PRO G 227 -78.48 0.42 -12.41
CA PRO G 227 -77.45 -0.61 -12.59
C PRO G 227 -76.32 -0.18 -13.53
N HIS G 228 -76.57 0.83 -14.34
CA HIS G 228 -75.58 1.21 -15.35
C HIS G 228 -74.32 1.80 -14.75
N GLN G 229 -74.41 2.17 -13.47
CA GLN G 229 -73.25 2.73 -12.79
C GLN G 229 -72.18 1.67 -12.46
N PHE G 230 -72.55 0.40 -12.56
CA PHE G 230 -71.63 -0.69 -12.26
C PHE G 230 -71.01 -1.32 -13.52
N ASP G 231 -69.76 -1.79 -13.36
CA ASP G 231 -68.98 -2.38 -14.44
C ASP G 231 -68.60 -3.80 -14.05
N VAL G 232 -67.65 -3.92 -13.12
CA VAL G 232 -67.30 -5.21 -12.55
C VAL G 232 -67.43 -5.14 -11.04
N LEU G 233 -68.02 -6.18 -10.47
CA LEU G 233 -68.20 -6.29 -9.02
C LEU G 233 -67.48 -7.52 -8.47
N VAL G 234 -66.63 -7.31 -7.47
CA VAL G 234 -65.94 -8.41 -6.80
C VAL G 234 -66.54 -8.62 -5.43
N THR G 235 -66.90 -9.85 -5.11
CA THR G 235 -67.60 -10.10 -3.86
C THR G 235 -67.17 -11.40 -3.25
N PRO G 236 -67.34 -11.52 -1.93
CA PRO G 236 -67.23 -12.81 -1.24
C PRO G 236 -68.42 -13.69 -1.60
N SER G 237 -68.34 -14.98 -1.27
CA SER G 237 -69.36 -15.95 -1.66
C SER G 237 -70.83 -15.51 -1.61
N MET G 238 -71.23 -14.90 -0.49
CA MET G 238 -72.63 -14.57 -0.25
C MET G 238 -73.10 -13.44 -1.14
N TYR G 239 -72.47 -12.28 -0.99
CA TYR G 239 -72.89 -11.08 -1.68
C TYR G 239 -72.98 -11.33 -3.19
N GLY G 240 -72.26 -12.33 -3.66
CA GLY G 240 -72.21 -12.66 -5.07
C GLY G 240 -73.45 -13.40 -5.52
N THR G 241 -73.98 -14.22 -4.63
CA THR G 241 -75.25 -14.89 -4.85
C THR G 241 -76.37 -13.86 -4.92
N ILE G 242 -76.26 -12.84 -4.09
CA ILE G 242 -77.30 -11.83 -4.03
C ILE G 242 -77.24 -10.87 -5.21
N LEU G 243 -76.08 -10.28 -5.45
CA LEU G 243 -75.97 -9.36 -6.57
C LEU G 243 -76.17 -10.15 -7.84
N GLY G 244 -75.71 -11.38 -7.85
CA GLY G 244 -75.92 -12.26 -8.99
C GLY G 244 -77.38 -12.35 -9.41
N ASN G 245 -78.25 -12.72 -8.48
CA ASN G 245 -79.67 -12.81 -8.79
C ASN G 245 -80.34 -11.48 -9.15
N ILE G 246 -79.89 -10.37 -8.56
CA ILE G 246 -80.35 -9.07 -9.02
C ILE G 246 -80.03 -8.93 -10.50
N GLY G 247 -78.79 -9.24 -10.87
CA GLY G 247 -78.36 -9.10 -12.25
C GLY G 247 -79.11 -10.05 -13.15
N ALA G 248 -79.36 -11.24 -12.64
CA ALA G 248 -80.10 -12.25 -13.39
C ALA G 248 -81.46 -11.72 -13.77
N ALA G 249 -82.17 -11.17 -12.79
CA ALA G 249 -83.48 -10.60 -13.05
C ALA G 249 -83.40 -9.43 -14.04
N LEU G 250 -82.43 -8.53 -13.81
CA LEU G 250 -82.29 -7.30 -14.59
C LEU G 250 -82.28 -7.51 -16.09
N ILE G 251 -81.80 -8.66 -16.53
CA ILE G 251 -81.59 -8.90 -17.95
C ILE G 251 -82.61 -9.83 -18.58
N GLY G 252 -83.46 -10.43 -17.77
CA GLY G 252 -84.51 -11.30 -18.29
C GLY G 252 -84.80 -12.51 -17.43
N GLY G 253 -83.75 -13.12 -16.91
CA GLY G 253 -83.91 -14.30 -16.09
C GLY G 253 -82.69 -15.20 -16.11
N PRO G 254 -82.73 -16.28 -15.33
CA PRO G 254 -81.61 -17.20 -15.11
C PRO G 254 -81.21 -17.95 -16.36
N GLY G 255 -82.05 -17.89 -17.39
CA GLY G 255 -81.83 -18.65 -18.59
C GLY G 255 -80.98 -17.92 -19.61
N LEU G 256 -80.60 -16.68 -19.30
CA LEU G 256 -79.86 -15.86 -20.26
C LEU G 256 -78.43 -15.58 -19.80
N VAL G 257 -78.04 -16.18 -18.69
CA VAL G 257 -76.79 -15.82 -18.03
C VAL G 257 -75.69 -16.85 -18.19
N ALA G 258 -74.62 -16.44 -18.87
CA ALA G 258 -73.46 -17.30 -19.05
C ALA G 258 -72.60 -17.21 -17.80
N GLY G 259 -71.95 -18.32 -17.44
CA GLY G 259 -71.10 -18.33 -16.27
C GLY G 259 -69.90 -19.23 -16.46
N ALA G 260 -68.88 -18.99 -15.66
CA ALA G 260 -67.67 -19.82 -15.71
C ALA G 260 -66.98 -19.80 -14.36
N ASN G 261 -66.32 -20.91 -14.04
CA ASN G 261 -65.53 -21.00 -12.82
C ASN G 261 -64.07 -21.29 -13.13
N PHE G 262 -63.17 -20.53 -12.51
CA PHE G 262 -61.74 -20.68 -12.76
C PHE G 262 -60.92 -21.01 -11.52
N GLY G 263 -60.05 -22.00 -11.67
CA GLY G 263 -58.99 -22.26 -10.71
C GLY G 263 -57.69 -22.07 -11.46
N ARG G 264 -56.58 -22.35 -10.81
CA ARG G 264 -55.30 -22.16 -11.48
C ARG G 264 -55.10 -23.19 -12.59
N ASP G 265 -55.45 -24.44 -12.30
CA ASP G 265 -55.26 -25.54 -13.24
C ASP G 265 -56.49 -25.93 -14.03
N TYR G 266 -57.65 -25.81 -13.41
CA TYR G 266 -58.89 -26.26 -14.04
C TYR G 266 -59.82 -25.12 -14.39
N ALA G 267 -60.84 -25.43 -15.17
CA ALA G 267 -61.91 -24.47 -15.50
C ALA G 267 -63.19 -25.23 -15.72
N VAL G 268 -64.25 -24.85 -15.00
CA VAL G 268 -65.55 -25.47 -15.18
C VAL G 268 -66.57 -24.42 -15.55
N PHE G 269 -67.28 -24.66 -16.64
CA PHE G 269 -68.25 -23.69 -17.14
C PHE G 269 -69.67 -24.13 -16.82
N GLU G 270 -70.42 -23.22 -16.21
CA GLU G 270 -71.79 -23.50 -15.80
C GLU G 270 -72.62 -22.26 -16.04
N PRO G 271 -73.96 -22.38 -15.90
CA PRO G 271 -74.80 -21.19 -16.03
C PRO G 271 -74.46 -20.15 -14.96
N GLY G 272 -74.49 -18.88 -15.34
CA GLY G 272 -74.13 -17.81 -14.43
C GLY G 272 -75.18 -17.49 -13.38
N SER G 273 -76.36 -18.08 -13.50
CA SER G 273 -77.41 -17.71 -12.57
C SER G 273 -77.62 -18.72 -11.45
N ARG G 274 -77.37 -19.98 -11.73
CA ARG G 274 -77.34 -20.97 -10.66
C ARG G 274 -78.73 -21.32 -10.14
N HIS G 275 -79.59 -21.79 -11.03
CA HIS G 275 -80.90 -22.32 -10.66
C HIS G 275 -81.13 -23.69 -11.32
N VAL G 276 -81.73 -24.61 -10.57
CA VAL G 276 -81.85 -26.01 -11.00
C VAL G 276 -83.03 -26.29 -11.91
N GLY G 277 -84.11 -25.51 -11.76
CA GLY G 277 -85.32 -25.71 -12.53
C GLY G 277 -85.98 -27.04 -12.27
N LEU G 278 -85.85 -27.54 -11.03
CA LEU G 278 -86.46 -28.82 -10.66
C LEU G 278 -87.91 -28.97 -11.13
N ASP G 279 -88.71 -27.92 -10.96
CA ASP G 279 -90.14 -27.95 -11.27
C ASP G 279 -90.49 -28.27 -12.73
N ILE G 280 -89.66 -27.84 -13.67
CA ILE G 280 -89.91 -28.07 -15.09
C ILE G 280 -89.00 -29.13 -15.73
N LYS G 281 -88.57 -30.11 -14.93
CA LYS G 281 -87.72 -31.18 -15.42
C LYS G 281 -88.50 -32.11 -16.32
N GLY G 282 -87.98 -32.32 -17.52
CA GLY G 282 -88.55 -33.28 -18.45
C GLY G 282 -89.68 -32.70 -19.27
N GLN G 283 -89.97 -31.43 -19.07
CA GLN G 283 -91.09 -30.81 -19.76
C GLN G 283 -90.68 -30.19 -21.08
N ASN G 284 -89.39 -30.11 -21.34
CA ASN G 284 -88.93 -29.54 -22.60
C ASN G 284 -89.42 -28.09 -22.77
N VAL G 285 -89.64 -27.41 -21.65
CA VAL G 285 -90.04 -26.00 -21.69
C VAL G 285 -88.86 -25.07 -21.46
N ALA G 286 -87.80 -25.65 -20.90
CA ALA G 286 -86.64 -24.90 -20.42
C ALA G 286 -85.89 -24.10 -21.50
N ASN G 287 -85.12 -23.12 -21.05
CA ASN G 287 -84.36 -22.25 -21.95
C ASN G 287 -82.87 -22.54 -21.86
N PRO G 288 -82.24 -22.88 -22.99
CA PRO G 288 -80.84 -23.29 -22.95
C PRO G 288 -79.86 -22.15 -23.25
N THR G 289 -80.36 -20.93 -23.43
CA THR G 289 -79.49 -19.81 -23.75
C THR G 289 -78.31 -19.77 -22.76
N ALA G 290 -78.64 -19.85 -21.47
CA ALA G 290 -77.63 -19.83 -20.42
C ALA G 290 -76.54 -20.84 -20.76
N MET G 291 -76.94 -22.12 -20.78
CA MET G 291 -75.99 -23.21 -20.99
C MET G 291 -75.16 -23.02 -22.24
N ILE G 292 -75.81 -22.73 -23.35
CA ILE G 292 -75.13 -22.58 -24.62
C ILE G 292 -74.13 -21.43 -24.56
N LEU G 293 -74.54 -20.30 -24.02
CA LEU G 293 -73.69 -19.12 -23.99
C LEU G 293 -72.43 -19.32 -23.15
N SER G 294 -72.58 -20.00 -22.02
CA SER G 294 -71.43 -20.31 -21.20
C SER G 294 -70.64 -21.44 -21.87
N SER G 295 -71.33 -22.24 -22.67
CA SER G 295 -70.67 -23.23 -23.52
C SER G 295 -69.76 -22.54 -24.54
N THR G 296 -70.20 -21.40 -25.09
CA THR G 296 -69.35 -20.64 -25.99
C THR G 296 -68.14 -20.08 -25.26
N LEU G 297 -68.35 -19.67 -24.01
CA LEU G 297 -67.26 -19.18 -23.16
C LEU G 297 -66.16 -20.23 -23.08
N MET G 298 -66.56 -21.50 -23.00
CA MET G 298 -65.63 -22.61 -22.90
C MET G 298 -64.85 -22.79 -24.19
N LEU G 299 -65.51 -22.63 -25.32
CA LEU G 299 -64.83 -22.69 -26.62
C LEU G 299 -63.76 -21.61 -26.69
N ASN G 300 -64.13 -20.36 -26.49
CA ASN G 300 -63.14 -19.29 -26.49
C ASN G 300 -61.96 -19.70 -25.62
N HIS G 301 -62.26 -20.38 -24.51
CA HIS G 301 -61.22 -20.78 -23.59
C HIS G 301 -60.25 -21.78 -24.23
N LEU G 302 -60.74 -22.96 -24.58
CA LEU G 302 -59.86 -23.92 -25.21
C LEU G 302 -59.55 -23.56 -26.67
N GLY G 303 -59.61 -22.27 -26.98
CA GLY G 303 -58.99 -21.74 -28.19
C GLY G 303 -59.78 -21.83 -29.47
N LEU G 304 -60.84 -22.62 -29.48
CA LEU G 304 -61.69 -22.76 -30.65
C LEU G 304 -62.18 -21.38 -31.07
N ASN G 305 -63.36 -21.00 -30.59
CA ASN G 305 -63.81 -19.60 -30.67
C ASN G 305 -64.14 -19.02 -32.06
N GLU G 306 -63.68 -19.68 -33.11
CA GLU G 306 -64.23 -19.41 -34.43
C GLU G 306 -65.63 -19.91 -34.26
N TYR G 307 -65.73 -21.13 -33.75
CA TYR G 307 -67.03 -21.73 -33.40
C TYR G 307 -67.79 -20.88 -32.42
N ALA G 308 -67.11 -20.41 -31.38
CA ALA G 308 -67.77 -19.62 -30.35
C ALA G 308 -68.37 -18.33 -30.92
N THR G 309 -67.53 -17.53 -31.56
CA THR G 309 -68.00 -16.33 -32.24
C THR G 309 -69.21 -16.68 -33.08
N ARG G 310 -69.11 -17.81 -33.75
CA ARG G 310 -70.17 -18.33 -34.59
C ARG G 310 -71.44 -18.56 -33.77
N ILE G 311 -71.47 -19.67 -33.04
CA ILE G 311 -72.70 -20.15 -32.43
C ILE G 311 -73.30 -19.22 -31.39
N SER G 312 -72.58 -18.16 -31.03
CA SER G 312 -73.15 -17.15 -30.15
C SER G 312 -74.02 -16.21 -30.97
N LYS G 313 -73.49 -15.76 -32.12
CA LYS G 313 -74.26 -14.95 -33.04
C LYS G 313 -75.56 -15.67 -33.39
N ALA G 314 -75.48 -16.99 -33.52
CA ALA G 314 -76.65 -17.80 -33.84
C ALA G 314 -77.76 -17.60 -32.82
N VAL G 315 -77.46 -17.93 -31.56
CA VAL G 315 -78.45 -17.76 -30.49
C VAL G 315 -78.82 -16.29 -30.25
N HIS G 316 -77.86 -15.38 -30.33
CA HIS G 316 -78.16 -13.97 -30.19
C HIS G 316 -79.19 -13.46 -31.20
N GLU G 317 -78.97 -13.78 -32.47
CA GLU G 317 -79.92 -13.43 -33.54
C GLU G 317 -81.25 -14.19 -33.40
N THR G 318 -81.19 -15.48 -33.13
CA THR G 318 -82.39 -16.27 -32.89
C THR G 318 -83.36 -15.62 -31.89
N ILE G 319 -82.85 -15.23 -30.73
CA ILE G 319 -83.75 -14.69 -29.70
C ILE G 319 -84.19 -13.25 -30.01
N ALA G 320 -83.30 -12.46 -30.62
CA ALA G 320 -83.68 -11.13 -31.10
C ALA G 320 -84.82 -11.23 -32.12
N GLU G 321 -84.76 -12.24 -32.97
CA GLU G 321 -85.77 -12.48 -34.00
C GLU G 321 -87.03 -13.07 -33.41
N GLY G 322 -87.81 -12.22 -32.76
CA GLY G 322 -89.11 -12.59 -32.23
C GLY G 322 -89.39 -14.06 -32.01
N LYS G 323 -90.58 -14.48 -32.43
CA LYS G 323 -91.11 -15.80 -32.13
C LYS G 323 -90.20 -16.91 -32.62
N HIS G 324 -90.40 -18.09 -32.04
CA HIS G 324 -89.52 -19.26 -32.15
C HIS G 324 -88.56 -19.30 -30.95
N THR G 325 -88.71 -18.30 -30.10
CA THR G 325 -87.95 -18.20 -28.87
C THR G 325 -88.68 -19.01 -27.80
N THR G 326 -87.98 -19.35 -26.71
CA THR G 326 -88.52 -20.22 -25.67
C THR G 326 -89.41 -19.51 -24.64
N ARG G 327 -90.23 -20.29 -23.93
CA ARG G 327 -91.31 -19.79 -23.06
C ARG G 327 -91.02 -18.54 -22.21
N ASP G 328 -89.99 -18.63 -21.38
CA ASP G 328 -89.64 -17.60 -20.39
C ASP G 328 -89.21 -16.24 -20.93
N ILE G 329 -88.82 -16.17 -22.20
CA ILE G 329 -88.44 -14.92 -22.81
C ILE G 329 -89.66 -14.21 -23.38
N GLY G 330 -90.73 -14.98 -23.57
CA GLY G 330 -91.98 -14.46 -24.08
C GLY G 330 -92.43 -15.17 -25.34
N GLY G 331 -91.77 -16.27 -25.65
CA GLY G 331 -92.12 -17.06 -26.82
C GLY G 331 -93.01 -18.23 -26.45
N SER G 332 -93.19 -19.15 -27.38
CA SER G 332 -94.04 -20.31 -27.15
C SER G 332 -93.36 -21.59 -27.62
N SER G 333 -92.10 -21.47 -28.04
CA SER G 333 -91.31 -22.61 -28.49
C SER G 333 -90.76 -23.44 -27.34
N SER G 334 -90.48 -24.71 -27.60
CA SER G 334 -89.86 -25.60 -26.62
C SER G 334 -88.33 -25.61 -26.76
N THR G 335 -87.66 -26.14 -25.75
CA THR G 335 -86.19 -26.24 -25.77
C THR G 335 -85.73 -26.84 -27.09
N THR G 336 -86.40 -27.92 -27.45
CA THR G 336 -86.16 -28.60 -28.70
C THR G 336 -86.24 -27.66 -29.90
N ASP G 337 -87.30 -26.87 -29.99
CA ASP G 337 -87.51 -26.02 -31.16
C ASP G 337 -86.49 -24.90 -31.22
N PHE G 338 -86.23 -24.29 -30.06
CA PHE G 338 -85.27 -23.20 -29.95
C PHE G 338 -83.88 -23.68 -30.39
N THR G 339 -83.48 -24.86 -29.91
CA THR G 339 -82.21 -25.46 -30.30
C THR G 339 -82.11 -25.52 -31.82
N ASN G 340 -83.16 -26.04 -32.46
CA ASN G 340 -83.14 -26.29 -33.90
C ASN G 340 -83.11 -25.03 -34.74
N GLU G 341 -83.62 -23.94 -34.19
CA GLU G 341 -83.52 -22.66 -34.87
C GLU G 341 -82.09 -22.19 -34.89
N ILE G 342 -81.38 -22.46 -33.79
CA ILE G 342 -79.97 -22.12 -33.73
C ILE G 342 -79.20 -22.94 -34.74
N ILE G 343 -79.35 -24.25 -34.68
CA ILE G 343 -78.67 -25.13 -35.63
C ILE G 343 -79.06 -24.76 -37.06
N ASN G 344 -80.29 -24.28 -37.26
CA ASN G 344 -80.74 -23.85 -38.57
C ASN G 344 -80.05 -22.57 -39.03
N LYS G 345 -80.12 -21.52 -38.22
CA LYS G 345 -79.45 -20.27 -38.53
C LYS G 345 -77.97 -20.54 -38.77
N LEU G 346 -77.47 -21.51 -38.04
CA LEU G 346 -76.07 -21.83 -38.04
C LEU G 346 -75.68 -22.46 -39.38
N SER G 347 -76.60 -23.23 -39.96
CA SER G 347 -76.33 -23.97 -41.20
C SER G 347 -76.27 -23.07 -42.44
N THR G 348 -76.36 -21.76 -42.23
CA THR G 348 -76.41 -20.84 -43.35
C THR G 348 -75.45 -19.66 -43.15
N MET G 349 -74.42 -19.82 -42.33
CA MET G 349 -73.62 -18.67 -41.95
C MET G 349 -72.47 -18.31 -42.91
N GLN H 5 -103.57 -5.20 17.10
CA GLN H 5 -102.15 -5.02 16.82
C GLN H 5 -101.34 -6.21 17.40
N PRO H 6 -100.16 -6.50 16.82
CA PRO H 6 -99.34 -7.67 17.17
C PRO H 6 -99.05 -7.77 18.67
N SER H 7 -99.44 -8.90 19.25
CA SER H 7 -99.23 -9.17 20.67
C SER H 7 -97.80 -8.94 21.16
N ILE H 8 -96.83 -9.15 20.26
CA ILE H 8 -95.43 -9.24 20.63
C ILE H 8 -94.79 -7.94 21.14
N GLY H 9 -95.02 -6.83 20.45
CA GLY H 9 -94.43 -5.57 20.87
C GLY H 9 -95.45 -4.61 21.40
N ARG H 10 -96.47 -5.14 22.06
CA ARG H 10 -97.65 -4.38 22.46
C ARG H 10 -97.40 -3.08 23.23
N TYR H 11 -97.99 -2.01 22.71
CA TYR H 11 -97.99 -0.73 23.39
C TYR H 11 -98.82 -0.80 24.68
N THR H 12 -98.28 -0.27 25.77
CA THR H 12 -99.06 -0.12 26.99
C THR H 12 -99.56 1.33 27.08
N GLY H 13 -100.74 1.57 26.52
CA GLY H 13 -101.29 2.90 26.36
C GLY H 13 -101.17 3.84 27.55
N LYS H 14 -102.31 4.14 28.18
CA LYS H 14 -102.36 5.09 29.28
C LYS H 14 -102.06 6.52 28.81
N PRO H 15 -103.12 7.25 28.41
CA PRO H 15 -102.95 8.69 28.19
C PRO H 15 -102.72 9.39 29.52
N ASN H 16 -101.84 10.38 29.52
CA ASN H 16 -101.51 11.16 30.71
C ASN H 16 -102.77 11.73 31.37
N PRO H 17 -103.21 11.14 32.48
CA PRO H 17 -104.51 11.46 33.11
C PRO H 17 -104.81 12.97 33.20
N SER H 18 -103.80 13.82 33.36
CA SER H 18 -104.04 15.26 33.47
C SER H 18 -104.47 15.89 32.12
N THR H 19 -103.93 15.38 31.02
CA THR H 19 -104.35 15.81 29.68
C THR H 19 -105.01 14.62 28.99
N GLY H 20 -105.86 14.89 28.00
CA GLY H 20 -106.49 13.80 27.27
C GLY H 20 -105.46 12.97 26.50
N LYS H 21 -104.24 13.48 26.46
CA LYS H 21 -103.23 13.02 25.52
C LYS H 21 -102.29 11.90 26.01
N TYR H 22 -101.68 11.22 25.04
CA TYR H 22 -100.59 10.28 25.26
C TYR H 22 -99.25 11.02 25.16
N THR H 23 -98.24 10.50 25.85
CA THR H 23 -96.90 11.09 25.81
C THR H 23 -95.97 10.33 24.88
N VAL H 24 -95.30 11.06 23.99
CA VAL H 24 -94.38 10.46 23.03
C VAL H 24 -93.08 11.27 22.97
N SER H 25 -91.95 10.59 23.15
CA SER H 25 -90.64 11.22 23.03
C SER H 25 -90.36 11.53 21.56
N PHE H 26 -89.73 12.67 21.28
CA PHE H 26 -89.48 13.00 19.89
C PHE H 26 -88.08 12.67 19.39
N ILE H 27 -87.08 13.37 19.86
CA ILE H 27 -85.75 13.24 19.27
C ILE H 27 -85.80 13.85 17.88
N GLU H 28 -85.88 15.18 17.80
CA GLU H 28 -85.88 15.85 16.51
C GLU H 28 -84.72 15.42 15.64
N GLY H 29 -83.59 15.10 16.26
CA GLY H 29 -82.39 14.76 15.51
C GLY H 29 -81.77 16.01 14.91
N ASP H 30 -80.68 15.85 14.18
CA ASP H 30 -80.01 16.99 13.58
C ASP H 30 -80.12 17.02 12.06
N GLY H 31 -79.59 18.06 11.44
CA GLY H 31 -79.69 18.24 10.01
C GLY H 31 -81.08 18.70 9.60
N ILE H 32 -81.66 18.03 8.62
CA ILE H 32 -83.01 18.37 8.20
C ILE H 32 -84.02 17.89 9.25
N GLY H 33 -83.51 17.30 10.31
CA GLY H 33 -84.33 16.78 11.39
C GLY H 33 -85.32 17.79 11.95
N PRO H 34 -84.82 18.92 12.46
CA PRO H 34 -85.69 19.97 13.03
C PRO H 34 -86.85 20.35 12.11
N GLU H 35 -86.56 20.74 10.87
CA GLU H 35 -87.63 21.15 9.95
C GLU H 35 -88.58 20.01 9.61
N ILE H 36 -88.01 18.85 9.28
CA ILE H 36 -88.81 17.67 8.99
C ILE H 36 -89.68 17.32 10.22
N SER H 37 -89.21 17.72 11.38
CA SER H 37 -89.84 17.35 12.64
C SER H 37 -91.09 18.17 12.94
N LYS H 38 -90.94 19.48 13.02
CA LYS H 38 -92.08 20.33 13.35
C LYS H 38 -93.13 20.24 12.24
N SER H 39 -92.66 19.86 11.05
CA SER H 39 -93.57 19.54 9.97
C SER H 39 -94.55 18.47 10.44
N VAL H 40 -94.06 17.50 11.20
CA VAL H 40 -94.89 16.42 11.70
C VAL H 40 -95.74 16.90 12.85
N LYS H 41 -95.14 17.72 13.72
CA LYS H 41 -95.85 18.25 14.88
C LYS H 41 -97.11 19.02 14.46
N LYS H 42 -96.98 19.84 13.42
CA LYS H 42 -98.10 20.61 12.89
C LYS H 42 -99.21 19.72 12.34
N ILE H 43 -98.86 18.87 11.38
CA ILE H 43 -99.82 17.92 10.80
C ILE H 43 -100.53 17.08 11.87
N PHE H 44 -99.81 16.76 12.94
CA PHE H 44 -100.37 15.97 14.02
C PHE H 44 -101.37 16.80 14.81
N SER H 45 -100.97 18.03 15.13
CA SER H 45 -101.85 18.99 15.78
C SER H 45 -103.19 19.08 15.05
N ALA H 46 -103.14 19.42 13.76
CA ALA H 46 -104.33 19.64 12.95
C ALA H 46 -105.33 18.49 13.02
N ALA H 47 -104.83 17.26 13.02
CA ALA H 47 -105.71 16.10 13.01
C ALA H 47 -106.23 15.73 14.39
N ASN H 48 -105.86 16.54 15.39
CA ASN H 48 -106.32 16.33 16.77
C ASN H 48 -105.81 15.02 17.37
N VAL H 49 -104.54 14.73 17.16
CA VAL H 49 -103.96 13.52 17.73
C VAL H 49 -103.79 13.68 19.24
N PRO H 50 -104.29 12.69 20.00
CA PRO H 50 -104.15 12.55 21.45
C PRO H 50 -102.70 12.43 21.89
N ILE H 51 -101.84 13.32 21.39
CA ILE H 51 -100.42 13.16 21.61
C ILE H 51 -99.71 14.48 21.91
N GLU H 52 -98.99 14.49 23.02
CA GLU H 52 -98.14 15.60 23.38
C GLU H 52 -96.68 15.17 23.23
N TRP H 53 -95.85 16.07 22.71
CA TRP H 53 -94.46 15.75 22.42
C TRP H 53 -93.51 16.07 23.58
N GLU H 54 -92.76 15.06 24.03
CA GLU H 54 -91.71 15.26 25.03
C GLU H 54 -90.30 15.12 24.41
N SER H 55 -89.86 16.10 23.63
CA SER H 55 -88.61 15.97 22.88
C SER H 55 -87.41 15.76 23.80
N CYS H 56 -86.52 14.85 23.39
CA CYS H 56 -85.32 14.54 24.17
C CYS H 56 -84.09 14.36 23.29
N ASP H 57 -82.90 14.46 23.91
CA ASP H 57 -81.64 14.48 23.18
C ASP H 57 -80.82 13.22 23.46
N VAL H 58 -80.48 12.51 22.38
CA VAL H 58 -79.76 11.25 22.49
C VAL H 58 -78.27 11.41 22.25
N SER H 59 -77.78 12.65 22.21
CA SER H 59 -76.34 12.88 22.10
C SER H 59 -75.62 12.06 23.16
N PRO H 60 -74.66 11.22 22.75
CA PRO H 60 -74.18 10.14 23.61
C PRO H 60 -73.23 10.61 24.69
N ILE H 61 -73.32 10.00 25.86
CA ILE H 61 -72.30 10.09 26.89
C ILE H 61 -71.27 9.01 26.60
N PHE H 62 -70.30 8.87 27.48
CA PHE H 62 -69.32 7.82 27.33
C PHE H 62 -68.95 7.23 28.69
N VAL H 63 -69.93 6.75 29.44
CA VAL H 63 -69.68 5.97 30.66
C VAL H 63 -68.88 4.68 30.40
N ASN H 64 -67.66 4.64 30.92
CA ASN H 64 -66.77 3.48 30.74
C ASN H 64 -66.30 3.24 29.31
N GLY H 65 -65.88 4.31 28.63
CA GLY H 65 -65.40 4.23 27.26
C GLY H 65 -66.44 3.74 26.26
N LEU H 66 -67.38 2.93 26.76
CA LEU H 66 -68.51 2.41 25.99
C LEU H 66 -69.62 3.45 25.92
N THR H 67 -70.01 3.84 24.71
CA THR H 67 -70.97 4.92 24.52
C THR H 67 -72.35 4.59 25.09
N THR H 68 -72.80 5.43 26.00
CA THR H 68 -74.10 5.27 26.62
C THR H 68 -75.01 6.41 26.17
N ILE H 69 -76.31 6.26 26.42
CA ILE H 69 -77.28 7.28 26.07
C ILE H 69 -77.82 7.97 27.34
N PRO H 70 -77.87 9.31 27.33
CA PRO H 70 -78.20 10.22 28.43
C PRO H 70 -79.39 9.80 29.26
N ASP H 71 -79.34 10.01 30.57
CA ASP H 71 -80.46 9.69 31.46
C ASP H 71 -81.75 10.42 31.13
N PRO H 72 -81.67 11.73 30.91
CA PRO H 72 -82.83 12.51 30.43
C PRO H 72 -83.63 11.73 29.39
N ALA H 73 -82.96 11.33 28.31
CA ALA H 73 -83.62 10.63 27.22
C ALA H 73 -84.04 9.21 27.58
N VAL H 74 -83.25 8.51 28.39
CA VAL H 74 -83.59 7.15 28.81
C VAL H 74 -84.90 7.17 29.58
N GLN H 75 -84.93 7.93 30.67
CA GLN H 75 -86.13 8.04 31.52
C GLN H 75 -87.36 8.38 30.70
N SER H 76 -87.21 9.39 29.83
CA SER H 76 -88.28 9.83 28.94
C SER H 76 -88.83 8.68 28.09
N ILE H 77 -87.93 7.98 27.40
CA ILE H 77 -88.34 6.96 26.46
C ILE H 77 -88.83 5.70 27.16
N THR H 78 -88.25 5.35 28.31
CA THR H 78 -88.69 4.14 29.00
C THR H 78 -90.06 4.39 29.57
N LYS H 79 -90.31 5.64 29.95
CA LYS H 79 -91.60 6.08 30.50
C LYS H 79 -92.70 5.96 29.44
N ASN H 80 -92.78 6.95 28.55
CA ASN H 80 -93.65 6.85 27.39
C ASN H 80 -93.11 5.68 26.60
N LEU H 81 -93.91 4.65 26.36
CA LEU H 81 -93.34 3.43 25.80
C LEU H 81 -92.99 3.51 24.30
N VAL H 82 -92.86 4.74 23.78
CA VAL H 82 -92.74 4.97 22.36
C VAL H 82 -92.02 6.28 22.01
N ALA H 83 -91.30 6.29 20.90
CA ALA H 83 -90.56 7.48 20.49
C ALA H 83 -90.52 7.56 18.98
N LEU H 84 -90.31 8.76 18.45
CA LEU H 84 -90.27 8.97 17.01
C LEU H 84 -89.06 9.80 16.60
N LYS H 85 -87.96 9.15 16.23
CA LYS H 85 -86.72 9.88 15.92
C LYS H 85 -86.53 10.18 14.45
N GLY H 86 -85.99 11.36 14.16
CA GLY H 86 -85.55 11.72 12.83
C GLY H 86 -84.11 11.33 12.68
N PRO H 87 -83.43 11.86 11.65
CA PRO H 87 -82.08 11.42 11.31
C PRO H 87 -81.06 12.09 12.20
N LEU H 88 -79.99 11.40 12.54
CA LEU H 88 -78.90 12.02 13.29
C LEU H 88 -77.54 11.69 12.70
N ALA H 89 -76.55 12.52 13.02
CA ALA H 89 -75.22 12.44 12.42
C ALA H 89 -74.41 11.23 12.91
N THR H 90 -73.10 11.29 12.68
CA THR H 90 -72.18 10.23 13.09
C THR H 90 -71.20 10.80 14.12
N PRO H 91 -71.63 10.94 15.39
CA PRO H 91 -70.80 11.49 16.47
C PRO H 91 -69.40 10.89 16.50
N HIS H 96 -68.47 5.82 20.24
CA HIS H 96 -67.43 4.83 20.04
C HIS H 96 -68.07 3.48 20.33
N ARG H 97 -69.07 3.18 19.50
CA ARG H 97 -70.02 2.08 19.64
C ARG H 97 -71.27 2.60 18.96
N SER H 98 -71.43 2.30 17.66
CA SER H 98 -72.58 2.77 16.86
C SER H 98 -73.71 3.42 17.70
N LEU H 99 -74.07 4.65 17.36
CA LEU H 99 -75.12 5.34 18.10
C LEU H 99 -76.44 4.60 18.00
N ASN H 100 -76.77 4.15 16.79
CA ASN H 100 -77.98 3.39 16.57
C ASN H 100 -77.95 2.04 17.28
N LEU H 101 -76.74 1.51 17.48
CA LEU H 101 -76.60 0.19 18.09
C LEU H 101 -76.85 0.29 19.58
N THR H 102 -76.21 1.25 20.22
CA THR H 102 -76.39 1.40 21.64
C THR H 102 -77.80 1.94 21.90
N LEU H 103 -78.48 2.32 20.84
CA LEU H 103 -79.85 2.75 20.99
C LEU H 103 -80.76 1.55 21.09
N ARG H 104 -80.47 0.50 20.31
CA ARG H 104 -81.26 -0.73 20.35
C ARG H 104 -80.93 -1.53 21.60
N LYS H 105 -79.68 -1.52 22.00
CA LYS H 105 -79.25 -2.33 23.13
C LYS H 105 -79.82 -1.79 24.44
N THR H 106 -79.97 -0.47 24.55
CA THR H 106 -80.47 0.13 25.78
C THR H 106 -82.00 0.18 25.86
N PHE H 107 -82.67 -0.13 24.77
CA PHE H 107 -84.14 -0.13 24.75
C PHE H 107 -84.75 -1.46 24.33
N GLY H 108 -83.90 -2.47 24.16
CA GLY H 108 -84.34 -3.83 23.85
C GLY H 108 -85.09 -3.98 22.55
N LEU H 109 -84.71 -3.17 21.56
CA LEU H 109 -85.32 -3.23 20.23
C LEU H 109 -84.72 -4.41 19.49
N PHE H 110 -85.55 -5.22 18.85
CA PHE H 110 -85.06 -6.46 18.27
C PHE H 110 -85.61 -6.76 16.87
N ALA H 111 -86.52 -5.94 16.37
CA ALA H 111 -87.13 -6.22 15.08
C ALA H 111 -87.27 -4.96 14.22
N ASN H 112 -86.66 -4.97 13.04
CA ASN H 112 -86.82 -3.88 12.08
C ASN H 112 -87.97 -4.17 11.13
N VAL H 113 -88.97 -3.29 11.10
CA VAL H 113 -90.07 -3.46 10.14
C VAL H 113 -89.90 -2.46 9.00
N ARG H 114 -89.78 -2.98 7.79
CA ARG H 114 -89.49 -2.14 6.63
C ARG H 114 -90.43 -2.43 5.50
N PRO H 115 -91.34 -1.48 5.22
CA PRO H 115 -92.27 -1.52 4.10
C PRO H 115 -91.71 -0.68 2.95
N ALA H 116 -91.95 -1.13 1.73
CA ALA H 116 -91.60 -0.31 0.59
C ALA H 116 -92.75 -0.40 -0.39
N LYS H 117 -93.48 0.70 -0.51
CA LYS H 117 -94.60 0.77 -1.42
C LYS H 117 -94.41 1.90 -2.41
N SER H 118 -94.81 1.63 -3.65
CA SER H 118 -94.82 2.64 -4.68
C SER H 118 -95.61 3.87 -4.22
N ILE H 119 -95.15 5.04 -4.63
CA ILE H 119 -95.83 6.28 -4.30
C ILE H 119 -96.65 6.78 -5.48
N GLU H 120 -97.88 7.18 -5.19
CA GLU H 120 -98.78 7.77 -6.18
C GLU H 120 -98.22 9.07 -6.71
N GLY H 121 -98.03 9.15 -8.01
CA GLY H 121 -97.61 10.39 -8.65
C GLY H 121 -96.12 10.60 -8.65
N PHE H 122 -95.37 9.56 -8.32
CA PHE H 122 -93.93 9.59 -8.46
C PHE H 122 -93.50 8.36 -9.24
N LYS H 123 -93.12 8.56 -10.50
CA LYS H 123 -92.82 7.44 -11.38
C LYS H 123 -91.39 6.94 -11.24
N THR H 124 -91.27 5.68 -10.82
CA THR H 124 -89.99 4.97 -10.88
C THR H 124 -90.09 3.76 -11.80
N THR H 125 -88.96 3.12 -12.02
CA THR H 125 -88.86 2.07 -13.02
C THR H 125 -89.70 0.84 -12.67
N TYR H 126 -89.84 0.56 -11.38
CA TYR H 126 -90.63 -0.58 -10.93
C TYR H 126 -92.02 -0.14 -10.48
N GLU H 127 -93.01 -0.98 -10.74
CA GLU H 127 -94.40 -0.61 -10.52
C GLU H 127 -95.11 -1.60 -9.61
N ASN H 128 -96.18 -1.13 -8.98
CA ASN H 128 -97.04 -1.98 -8.13
C ASN H 128 -96.23 -2.69 -7.06
N VAL H 129 -95.13 -2.07 -6.65
CA VAL H 129 -94.33 -2.64 -5.58
C VAL H 129 -94.94 -2.26 -4.24
N ASP H 130 -95.40 -3.27 -3.52
CA ASP H 130 -95.91 -3.10 -2.17
C ASP H 130 -95.31 -4.22 -1.33
N LEU H 131 -94.27 -3.88 -0.58
CA LEU H 131 -93.48 -4.90 0.09
C LEU H 131 -93.40 -4.68 1.60
N VAL H 132 -93.40 -5.78 2.33
CA VAL H 132 -93.22 -5.73 3.78
C VAL H 132 -92.22 -6.79 4.24
N LEU H 133 -91.23 -6.35 5.01
CA LEU H 133 -90.15 -7.21 5.48
C LEU H 133 -89.84 -6.96 6.97
N ILE H 134 -89.79 -8.03 7.74
CA ILE H 134 -89.36 -7.97 9.12
C ILE H 134 -87.95 -8.54 9.21
N ARG H 135 -87.06 -7.84 9.89
CA ARG H 135 -85.66 -8.22 10.00
C ARG H 135 -85.21 -8.37 11.45
N GLU H 136 -84.51 -9.46 11.73
CA GLU H 136 -83.88 -9.68 13.03
C GLU H 136 -82.73 -8.67 13.23
N ASN H 137 -82.77 -7.90 14.30
CA ASN H 137 -81.81 -6.79 14.50
C ASN H 137 -81.03 -6.94 15.80
N THR H 138 -80.75 -8.17 16.17
CA THR H 138 -80.16 -8.47 17.46
C THR H 138 -78.85 -9.20 17.25
N GLU H 139 -78.93 -10.31 16.51
CA GLU H 139 -77.81 -11.22 16.37
C GLU H 139 -77.47 -11.46 14.90
N GLY H 140 -77.23 -12.71 14.58
CA GLY H 140 -76.90 -13.10 13.23
C GLY H 140 -75.49 -12.66 12.88
N GLU H 141 -75.28 -12.38 11.60
CA GLU H 141 -74.00 -11.90 11.09
C GLU H 141 -73.50 -10.69 11.89
N TYR H 142 -74.42 -9.99 12.57
CA TYR H 142 -74.09 -8.72 13.19
C TYR H 142 -73.93 -8.78 14.70
N SER H 143 -73.44 -9.90 15.23
CA SER H 143 -72.97 -9.93 16.61
C SER H 143 -71.52 -9.48 16.57
N GLY H 144 -71.05 -8.89 17.66
CA GLY H 144 -69.72 -8.29 17.64
C GLY H 144 -68.58 -9.28 17.50
N ILE H 145 -68.92 -10.55 17.37
CA ILE H 145 -67.94 -11.63 17.54
C ILE H 145 -67.11 -11.91 16.30
N GLU H 146 -65.87 -11.45 16.31
CA GLU H 146 -64.89 -11.88 15.30
C GLU H 146 -63.47 -12.00 15.87
N HIS H 147 -62.69 -12.91 15.28
CA HIS H 147 -61.40 -13.32 15.83
C HIS H 147 -60.29 -13.42 14.80
N ILE H 148 -59.09 -13.07 15.20
CA ILE H 148 -57.94 -13.31 14.35
C ILE H 148 -57.32 -14.60 14.82
N VAL H 149 -57.61 -15.69 14.12
CA VAL H 149 -57.19 -17.02 14.60
C VAL H 149 -55.71 -17.27 14.41
N CYS H 150 -55.12 -16.53 13.48
CA CYS H 150 -53.66 -16.48 13.32
C CYS H 150 -53.34 -15.51 12.20
N PRO H 151 -52.06 -15.14 12.04
CA PRO H 151 -51.55 -14.09 11.14
C PRO H 151 -52.51 -13.56 10.06
N GLY H 152 -52.77 -14.38 9.04
CA GLY H 152 -53.61 -13.94 7.95
C GLY H 152 -54.98 -14.58 7.89
N VAL H 153 -55.56 -14.90 9.05
CA VAL H 153 -56.83 -15.64 9.09
C VAL H 153 -57.85 -15.04 10.07
N VAL H 154 -59.04 -14.75 9.56
CA VAL H 154 -60.06 -14.11 10.37
C VAL H 154 -61.34 -14.92 10.41
N GLN H 155 -62.04 -14.87 11.54
CA GLN H 155 -63.36 -15.47 11.69
C GLN H 155 -64.35 -14.41 12.09
N SER H 156 -65.41 -14.24 11.30
CA SER H 156 -66.55 -13.47 11.76
C SER H 156 -67.62 -14.47 12.14
N ILE H 157 -68.19 -14.34 13.32
CA ILE H 157 -69.12 -15.36 13.80
C ILE H 157 -70.59 -14.93 13.77
N LYS H 158 -71.37 -15.70 13.02
CA LYS H 158 -72.80 -15.49 12.88
C LYS H 158 -73.51 -16.28 13.96
N LEU H 159 -74.33 -15.58 14.74
CA LEU H 159 -74.97 -16.17 15.89
C LEU H 159 -76.45 -16.27 15.60
N ILE H 160 -77.01 -17.45 15.75
CA ILE H 160 -78.45 -17.61 15.60
C ILE H 160 -78.98 -18.48 16.72
N THR H 161 -79.94 -17.93 17.46
CA THR H 161 -80.54 -18.61 18.62
C THR H 161 -82.05 -18.76 18.45
N ARG H 162 -82.65 -19.71 19.14
CA ARG H 162 -84.09 -19.92 18.98
C ARG H 162 -84.85 -18.79 19.63
N ASP H 163 -84.38 -18.35 20.80
CA ASP H 163 -85.04 -17.29 21.57
C ASP H 163 -85.18 -16.01 20.77
N ALA H 164 -84.09 -15.59 20.12
CA ALA H 164 -84.09 -14.37 19.33
C ALA H 164 -84.90 -14.56 18.06
N SER H 165 -84.82 -15.76 17.49
CA SER H 165 -85.55 -16.08 16.25
C SER H 165 -87.06 -16.14 16.49
N GLU H 166 -87.45 -16.92 17.49
CA GLU H 166 -88.83 -17.06 17.90
C GLU H 166 -89.56 -15.72 17.92
N ARG H 167 -89.01 -14.75 18.63
CA ARG H 167 -89.74 -13.52 18.87
C ARG H 167 -89.80 -12.58 17.67
N VAL H 168 -88.95 -12.79 16.69
CA VAL H 168 -89.03 -12.01 15.46
C VAL H 168 -90.08 -12.66 14.58
N ILE H 169 -89.92 -13.97 14.38
CA ILE H 169 -90.83 -14.75 13.57
C ILE H 169 -92.27 -14.61 14.07
N ARG H 170 -92.45 -14.52 15.38
CA ARG H 170 -93.77 -14.25 15.95
C ARG H 170 -94.31 -12.91 15.48
N TYR H 171 -93.60 -11.84 15.79
CA TYR H 171 -94.02 -10.53 15.36
C TYR H 171 -94.37 -10.50 13.88
N ALA H 172 -93.73 -11.36 13.09
CA ALA H 172 -94.01 -11.42 11.66
C ALA H 172 -95.36 -12.06 11.33
N PHE H 173 -95.63 -13.21 11.93
CA PHE H 173 -96.94 -13.87 11.82
C PHE H 173 -98.02 -12.92 12.29
N GLU H 174 -97.78 -12.31 13.45
CA GLU H 174 -98.76 -11.44 14.09
C GLU H 174 -98.96 -10.12 13.35
N TYR H 175 -97.89 -9.65 12.70
CA TYR H 175 -97.96 -8.42 11.91
C TYR H 175 -98.63 -8.71 10.58
N ALA H 176 -98.28 -9.86 9.99
CA ALA H 176 -98.92 -10.29 8.74
C ALA H 176 -100.43 -10.38 8.97
N ARG H 177 -100.84 -10.92 10.11
CA ARG H 177 -102.24 -10.99 10.50
C ARG H 177 -102.85 -9.61 10.69
N ALA H 178 -102.12 -8.73 11.36
CA ALA H 178 -102.61 -7.40 11.66
C ALA H 178 -102.79 -6.50 10.44
N ILE H 179 -102.26 -6.90 9.29
CA ILE H 179 -102.41 -6.09 8.07
C ILE H 179 -103.01 -6.91 6.93
N GLY H 180 -103.53 -8.08 7.31
CA GLY H 180 -104.34 -8.88 6.42
C GLY H 180 -103.62 -9.40 5.21
N ARG H 181 -102.42 -9.94 5.43
CA ARG H 181 -101.69 -10.63 4.39
C ARG H 181 -101.68 -12.10 4.78
N PRO H 182 -102.03 -12.97 3.83
CA PRO H 182 -102.20 -14.43 4.01
C PRO H 182 -100.90 -15.19 4.18
N ARG H 183 -99.90 -14.78 3.42
CA ARG H 183 -98.65 -15.52 3.28
C ARG H 183 -97.57 -14.90 4.17
N VAL H 184 -96.66 -15.72 4.66
CA VAL H 184 -95.48 -15.20 5.37
C VAL H 184 -94.26 -16.04 5.03
N ILE H 185 -93.25 -15.36 4.46
CA ILE H 185 -92.11 -16.04 3.87
C ILE H 185 -90.83 -15.89 4.70
N VAL H 186 -90.23 -17.04 5.01
CA VAL H 186 -88.97 -17.11 5.74
C VAL H 186 -87.83 -17.19 4.74
N VAL H 187 -87.11 -16.08 4.57
CA VAL H 187 -85.94 -16.03 3.69
C VAL H 187 -84.74 -16.65 4.40
N HIS H 188 -84.02 -17.52 3.71
CA HIS H 188 -82.95 -18.24 4.37
C HIS H 188 -81.94 -18.77 3.36
N LYS H 189 -81.05 -19.62 3.84
CA LYS H 189 -80.08 -20.27 2.98
C LYS H 189 -79.65 -21.58 3.62
N SER H 190 -80.63 -22.34 4.13
CA SER H 190 -80.40 -23.64 4.76
C SER H 190 -79.54 -24.53 3.90
N THR H 191 -79.40 -24.15 2.63
CA THR H 191 -78.65 -24.89 1.63
C THR H 191 -77.22 -25.07 2.09
N ILE H 192 -76.55 -23.97 2.42
CA ILE H 192 -75.16 -24.05 2.83
C ILE H 192 -74.91 -23.62 4.27
N GLN H 193 -75.89 -22.96 4.89
CA GLN H 193 -75.82 -22.66 6.31
C GLN H 193 -76.78 -23.56 7.09
N ARG H 194 -76.59 -24.86 6.96
CA ARG H 194 -77.50 -25.86 7.49
C ARG H 194 -77.99 -25.58 8.89
N LEU H 195 -77.06 -25.46 9.83
CA LEU H 195 -77.45 -25.28 11.22
C LEU H 195 -78.02 -23.89 11.50
N ALA H 196 -77.27 -22.85 11.12
CA ALA H 196 -77.66 -21.47 11.42
C ALA H 196 -79.03 -21.13 10.84
N ASP H 197 -79.10 -21.11 9.51
CA ASP H 197 -80.35 -20.77 8.86
C ASP H 197 -81.38 -21.87 9.06
N GLY H 198 -80.92 -23.11 9.20
CA GLY H 198 -81.80 -24.22 9.48
C GLY H 198 -82.60 -24.01 10.76
N LEU H 199 -81.94 -23.54 11.81
CA LEU H 199 -82.63 -23.26 13.06
C LEU H 199 -83.70 -22.18 12.88
N PHE H 200 -83.34 -21.12 12.17
CA PHE H 200 -84.29 -20.04 11.91
C PHE H 200 -85.54 -20.62 11.26
N VAL H 201 -85.33 -21.36 10.17
CA VAL H 201 -86.41 -21.96 9.41
C VAL H 201 -87.29 -22.90 10.24
N ASN H 202 -86.67 -23.82 10.98
CA ASN H 202 -87.41 -24.74 11.83
C ASN H 202 -88.27 -24.02 12.85
N VAL H 203 -87.70 -22.98 13.46
CA VAL H 203 -88.43 -22.16 14.44
C VAL H 203 -89.68 -21.51 13.84
N ALA H 204 -89.59 -21.08 12.58
CA ALA H 204 -90.77 -20.61 11.88
C ALA H 204 -91.75 -21.77 11.61
N LYS H 205 -91.23 -22.89 11.11
CA LYS H 205 -92.05 -24.05 10.79
C LYS H 205 -92.80 -24.53 12.03
N GLU H 206 -92.15 -24.45 13.19
CA GLU H 206 -92.79 -24.89 14.43
C GLU H 206 -93.82 -23.87 14.93
N LEU H 207 -93.51 -22.58 14.79
CA LEU H 207 -94.47 -21.54 15.14
C LEU H 207 -95.65 -21.52 14.17
N SER H 208 -95.38 -21.89 12.92
CA SER H 208 -96.39 -21.95 11.88
C SER H 208 -97.72 -22.47 12.41
N LYS H 209 -97.65 -23.52 13.23
CA LYS H 209 -98.85 -24.22 13.66
C LYS H 209 -99.76 -23.42 14.57
N GLU H 210 -99.19 -22.60 15.45
CA GLU H 210 -100.05 -21.76 16.29
C GLU H 210 -100.48 -20.43 15.64
N TYR H 211 -100.42 -20.40 14.30
CA TYR H 211 -100.96 -19.29 13.51
C TYR H 211 -101.50 -19.88 12.22
N PRO H 212 -102.65 -20.58 12.30
CA PRO H 212 -103.21 -21.38 11.20
C PRO H 212 -103.90 -20.53 10.13
N ASP H 213 -104.19 -19.27 10.45
CA ASP H 213 -104.79 -18.37 9.48
C ASP H 213 -103.78 -17.93 8.43
N LEU H 214 -102.50 -17.92 8.81
CA LEU H 214 -101.44 -17.56 7.89
C LEU H 214 -100.79 -18.82 7.28
N THR H 215 -100.33 -18.66 6.03
CA THR H 215 -99.61 -19.73 5.37
C THR H 215 -98.11 -19.41 5.33
N LEU H 216 -97.32 -20.36 5.83
CA LEU H 216 -95.87 -20.22 5.87
C LEU H 216 -95.18 -20.80 4.63
N GLU H 217 -94.41 -19.95 3.94
CA GLU H 217 -93.56 -20.44 2.86
C GLU H 217 -92.08 -20.23 3.23
N THR H 218 -91.19 -21.00 2.60
CA THR H 218 -89.77 -20.81 2.82
C THR H 218 -89.07 -20.58 1.48
N GLU H 219 -88.21 -19.57 1.45
CA GLU H 219 -87.53 -19.20 0.22
C GLU H 219 -86.04 -18.91 0.45
N LEU H 220 -85.18 -19.30 -0.47
CA LEU H 220 -83.76 -18.94 -0.44
C LEU H 220 -83.59 -17.52 -0.92
N ILE H 221 -82.67 -16.77 -0.31
CA ILE H 221 -82.46 -15.39 -0.72
C ILE H 221 -82.31 -15.43 -2.22
N ASP H 222 -81.63 -16.47 -2.70
CA ASP H 222 -81.48 -16.71 -4.13
C ASP H 222 -82.73 -16.28 -4.87
N ASN H 223 -83.85 -16.88 -4.51
CA ASN H 223 -85.10 -16.63 -5.19
C ASN H 223 -85.76 -15.35 -4.72
N SER H 224 -85.73 -15.11 -3.41
CA SER H 224 -86.29 -13.87 -2.85
C SER H 224 -85.78 -12.63 -3.59
N VAL H 225 -84.50 -12.62 -3.92
CA VAL H 225 -84.01 -11.48 -4.67
C VAL H 225 -84.31 -11.61 -6.16
N LEU H 226 -84.19 -12.80 -6.70
CA LEU H 226 -84.49 -13.01 -8.12
C LEU H 226 -85.91 -12.59 -8.43
N LYS H 227 -86.85 -13.18 -7.68
CA LYS H 227 -88.26 -13.02 -7.95
C LYS H 227 -88.74 -11.61 -7.68
N VAL H 228 -88.26 -10.99 -6.61
CA VAL H 228 -88.74 -9.65 -6.27
C VAL H 228 -88.35 -8.63 -7.34
N VAL H 229 -87.17 -8.76 -7.91
CA VAL H 229 -86.72 -7.82 -8.93
C VAL H 229 -87.37 -8.06 -10.29
N THR H 230 -87.65 -9.32 -10.63
CA THR H 230 -88.36 -9.62 -11.86
C THR H 230 -89.82 -9.16 -11.76
N ASN H 231 -90.41 -9.30 -10.58
CA ASN H 231 -91.80 -8.93 -10.38
C ASN H 231 -92.22 -8.61 -8.94
N PRO H 232 -92.03 -7.36 -8.53
CA PRO H 232 -92.25 -6.91 -7.15
C PRO H 232 -93.62 -7.28 -6.57
N SER H 233 -94.63 -7.34 -7.42
CA SER H 233 -95.99 -7.50 -6.92
C SER H 233 -96.28 -8.90 -6.41
N ALA H 234 -95.42 -9.87 -6.75
CA ALA H 234 -95.67 -11.25 -6.37
C ALA H 234 -95.60 -11.40 -4.85
N TYR H 235 -95.22 -10.31 -4.19
CA TYR H 235 -95.08 -10.29 -2.75
C TYR H 235 -95.93 -9.20 -2.13
N THR H 236 -97.02 -8.82 -2.78
CA THR H 236 -97.88 -7.77 -2.23
C THR H 236 -98.79 -8.34 -1.13
N ASP H 237 -98.72 -9.66 -0.94
CA ASP H 237 -99.36 -10.34 0.20
C ASP H 237 -98.29 -11.01 1.03
N ALA H 238 -97.26 -10.24 1.36
CA ALA H 238 -95.97 -10.77 1.78
C ALA H 238 -95.77 -10.92 3.27
N VAL H 239 -95.10 -9.93 3.86
CA VAL H 239 -94.41 -10.12 5.13
C VAL H 239 -93.38 -11.24 5.06
N SER H 240 -92.13 -10.84 4.84
CA SER H 240 -90.99 -11.76 4.81
C SER H 240 -90.17 -11.58 6.10
N VAL H 241 -89.81 -12.68 6.73
CA VAL H 241 -88.98 -12.63 7.91
C VAL H 241 -87.63 -13.21 7.56
N CYS H 242 -86.56 -12.65 8.12
CA CYS H 242 -85.22 -13.15 7.86
C CYS H 242 -84.20 -12.63 8.84
N PRO H 243 -83.09 -13.37 8.98
CA PRO H 243 -81.98 -13.04 9.87
C PRO H 243 -81.33 -11.73 9.50
N ASN H 244 -80.49 -11.21 10.40
CA ASN H 244 -79.99 -9.83 10.31
C ASN H 244 -79.45 -9.39 8.95
N LEU H 245 -78.57 -10.17 8.34
CA LEU H 245 -77.91 -9.74 7.11
C LEU H 245 -78.84 -9.74 5.91
N TYR H 246 -79.48 -10.88 5.64
CA TYR H 246 -80.42 -10.95 4.54
C TYR H 246 -81.42 -9.80 4.66
N GLY H 247 -81.86 -9.55 5.88
CA GLY H 247 -82.75 -8.45 6.17
C GLY H 247 -82.19 -7.08 5.81
N ASP H 248 -80.97 -6.79 6.23
CA ASP H 248 -80.37 -5.49 5.96
C ASP H 248 -80.27 -5.21 4.47
N ILE H 249 -80.01 -6.25 3.70
CA ILE H 249 -79.83 -6.11 2.26
C ILE H 249 -81.16 -6.06 1.53
N LEU H 250 -82.03 -7.02 1.82
CA LEU H 250 -83.33 -7.08 1.17
C LEU H 250 -84.16 -5.83 1.40
N SER H 251 -84.05 -5.24 2.58
CA SER H 251 -84.84 -4.06 2.91
C SER H 251 -84.33 -2.85 2.14
N ASP H 252 -83.02 -2.63 2.14
CA ASP H 252 -82.42 -1.57 1.33
C ASP H 252 -82.67 -1.83 -0.17
N LEU H 253 -82.79 -3.11 -0.55
CA LEU H 253 -83.12 -3.48 -1.94
C LEU H 253 -84.57 -3.11 -2.25
N ASN H 254 -85.48 -3.61 -1.43
CA ASN H 254 -86.89 -3.33 -1.57
C ASN H 254 -87.13 -1.84 -1.76
N SER H 255 -86.44 -1.02 -0.98
CA SER H 255 -86.57 0.42 -1.10
C SER H 255 -86.09 0.90 -2.46
N GLY H 256 -85.03 0.27 -2.95
CA GLY H 256 -84.51 0.61 -4.26
C GLY H 256 -85.52 0.36 -5.37
N LEU H 257 -86.29 -0.73 -5.21
CA LEU H 257 -87.39 -1.05 -6.12
C LEU H 257 -88.52 -0.03 -6.03
N SER H 258 -88.90 0.31 -4.81
CA SER H 258 -90.10 1.13 -4.60
C SER H 258 -89.89 2.58 -5.04
N ALA H 259 -88.73 3.14 -4.71
CA ALA H 259 -88.49 4.57 -4.89
C ALA H 259 -87.14 4.92 -5.50
N GLY H 260 -86.28 3.92 -5.68
CA GLY H 260 -84.98 4.15 -6.30
C GLY H 260 -83.96 4.75 -5.35
N SER H 261 -84.43 5.31 -4.24
CA SER H 261 -83.55 5.68 -3.14
C SER H 261 -84.26 5.25 -1.87
N LEU H 262 -83.93 5.90 -0.75
CA LEU H 262 -84.67 5.60 0.46
C LEU H 262 -85.07 6.86 1.23
N GLY H 263 -85.26 7.94 0.48
CA GLY H 263 -85.75 9.19 1.03
C GLY H 263 -87.24 9.13 1.32
N LEU H 264 -87.87 8.01 0.95
CA LEU H 264 -89.29 7.82 1.20
C LEU H 264 -89.56 6.69 2.18
N THR H 265 -88.49 6.03 2.63
CA THR H 265 -88.68 4.83 3.42
C THR H 265 -88.72 5.12 4.92
N PRO H 266 -89.75 4.59 5.58
CA PRO H 266 -90.00 4.61 7.02
C PRO H 266 -89.55 3.31 7.64
N SER H 267 -88.99 3.36 8.85
CA SER H 267 -88.71 2.11 9.53
C SER H 267 -89.32 2.14 10.92
N ALA H 268 -89.56 0.94 11.45
CA ALA H 268 -90.06 0.82 12.81
C ALA H 268 -89.17 -0.17 13.50
N ASN H 269 -88.66 0.22 14.67
CA ASN H 269 -87.82 -0.65 15.47
C ASN H 269 -88.52 -1.13 16.73
N ILE H 270 -89.09 -2.33 16.65
CA ILE H 270 -89.92 -2.86 17.72
C ILE H 270 -89.12 -3.55 18.82
N GLY H 271 -89.34 -3.11 20.05
CA GLY H 271 -88.80 -3.77 21.22
C GLY H 271 -89.91 -4.42 22.03
N HIS H 272 -89.56 -5.14 23.08
CA HIS H 272 -90.57 -5.85 23.86
C HIS H 272 -91.63 -4.94 24.45
N LYS H 273 -91.20 -3.91 25.18
CA LYS H 273 -92.16 -2.93 25.72
C LYS H 273 -91.97 -1.51 25.14
N ILE H 274 -90.77 -1.21 24.65
CA ILE H 274 -90.54 0.05 23.97
C ILE H 274 -90.57 -0.17 22.46
N SER H 275 -90.54 0.92 21.70
CA SER H 275 -90.50 0.85 20.24
C SER H 275 -90.21 2.23 19.66
N ILE H 276 -89.26 2.30 18.74
CA ILE H 276 -88.88 3.58 18.13
C ILE H 276 -89.16 3.57 16.63
N PHE H 277 -89.68 4.70 16.15
CA PHE H 277 -90.08 4.82 14.75
C PHE H 277 -89.29 5.95 14.10
N GLU H 278 -88.50 5.61 13.09
CA GLU H 278 -87.57 6.56 12.49
C GLU H 278 -87.63 6.57 10.97
N ALA H 279 -87.12 7.64 10.38
CA ALA H 279 -86.90 7.67 8.95
C ALA H 279 -85.50 7.16 8.71
N VAL H 280 -85.29 6.49 7.60
CA VAL H 280 -84.02 5.83 7.37
C VAL H 280 -83.06 6.62 6.47
N HIS H 281 -83.49 7.78 5.99
CA HIS H 281 -82.59 8.62 5.22
C HIS H 281 -81.62 9.34 6.17
N GLY H 282 -80.65 10.04 5.60
CA GLY H 282 -79.60 10.67 6.40
C GLY H 282 -79.97 12.04 6.92
N SER H 283 -78.96 12.78 7.37
CA SER H 283 -79.16 14.10 7.99
C SER H 283 -79.22 15.20 6.94
N ALA H 284 -78.92 14.86 5.69
CA ALA H 284 -78.91 15.80 4.57
C ALA H 284 -78.48 17.21 5.00
N PRO H 285 -77.26 17.32 5.53
CA PRO H 285 -76.73 18.55 6.15
C PRO H 285 -76.68 19.75 5.19
N ASP H 286 -76.58 19.46 3.89
CA ASP H 286 -76.40 20.50 2.87
C ASP H 286 -77.71 21.16 2.44
N ILE H 287 -78.83 20.54 2.79
CA ILE H 287 -80.14 21.06 2.43
C ILE H 287 -80.86 21.56 3.69
N ALA H 288 -80.13 21.49 4.80
CA ALA H 288 -80.68 21.79 6.12
C ALA H 288 -80.88 23.27 6.34
N GLY H 289 -82.09 23.64 6.76
CA GLY H 289 -82.43 25.03 7.00
C GLY H 289 -83.12 25.70 5.82
N GLN H 290 -82.76 25.29 4.61
CA GLN H 290 -83.28 25.91 3.40
C GLN H 290 -84.70 25.47 3.08
N ASP H 291 -85.25 24.59 3.92
CA ASP H 291 -86.65 24.22 3.82
C ASP H 291 -86.98 23.37 2.58
N LYS H 292 -86.08 22.44 2.24
CA LYS H 292 -86.26 21.62 1.05
C LYS H 292 -86.47 20.14 1.40
N ALA H 293 -86.28 19.80 2.66
CA ALA H 293 -86.41 18.42 3.12
C ALA H 293 -87.75 17.81 2.74
N ASN H 294 -87.89 16.51 2.92
CA ASN H 294 -89.16 15.86 2.61
C ASN H 294 -89.72 14.97 3.74
N PRO H 295 -90.61 15.55 4.54
CA PRO H 295 -91.20 14.94 5.74
C PRO H 295 -91.83 13.57 5.46
N THR H 296 -92.14 13.28 4.20
CA THR H 296 -92.91 12.09 3.87
C THR H 296 -92.36 10.88 4.59
N ALA H 297 -91.03 10.75 4.54
CA ALA H 297 -90.33 9.62 5.14
C ALA H 297 -90.67 9.47 6.62
N LEU H 298 -90.31 10.49 7.42
CA LEU H 298 -90.62 10.48 8.83
C LEU H 298 -92.12 10.40 9.06
N LEU H 299 -92.87 11.12 8.23
CA LEU H 299 -94.32 11.21 8.36
C LEU H 299 -94.96 9.83 8.33
N LEU H 300 -94.49 8.98 7.45
CA LEU H 300 -95.00 7.61 7.32
C LEU H 300 -94.63 6.76 8.53
N SER H 301 -93.48 7.05 9.12
CA SER H 301 -93.10 6.39 10.36
C SER H 301 -94.05 6.80 11.47
N SER H 302 -94.57 8.03 11.41
CA SER H 302 -95.57 8.49 12.35
C SER H 302 -96.80 7.63 12.26
N VAL H 303 -97.25 7.39 11.04
CA VAL H 303 -98.38 6.50 10.79
C VAL H 303 -98.14 5.12 11.39
N MET H 304 -97.03 4.48 10.98
CA MET H 304 -96.60 3.23 11.59
C MET H 304 -96.74 3.28 13.10
N MET H 305 -96.31 4.39 13.70
CA MET H 305 -96.38 4.56 15.14
C MET H 305 -97.82 4.60 15.62
N LEU H 306 -98.63 5.47 15.02
CA LEU H 306 -100.04 5.55 15.32
C LEU H 306 -100.65 4.14 15.40
N ASN H 307 -100.58 3.39 14.30
CA ASN H 307 -101.10 2.02 14.30
C ASN H 307 -100.56 1.17 15.46
N HIS H 308 -99.26 1.21 15.69
CA HIS H 308 -98.65 0.47 16.80
C HIS H 308 -99.25 0.87 18.16
N MET H 309 -99.72 2.11 18.24
CA MET H 309 -100.28 2.65 19.48
C MET H 309 -101.76 2.30 19.60
N GLY H 310 -102.41 2.07 18.46
CA GLY H 310 -103.82 1.73 18.44
C GLY H 310 -104.69 2.80 17.80
N LEU H 311 -104.11 3.96 17.54
CA LEU H 311 -104.85 5.09 16.96
C LEU H 311 -105.16 4.90 15.48
N THR H 312 -105.68 3.74 15.13
CA THR H 312 -106.03 3.39 13.76
C THR H 312 -106.58 4.59 12.99
N ASN H 313 -107.72 5.08 13.46
CA ASN H 313 -108.46 6.12 12.76
C ASN H 313 -107.59 7.31 12.35
N HIS H 314 -106.72 7.74 13.25
CA HIS H 314 -105.83 8.86 12.95
C HIS H 314 -104.78 8.49 11.93
N ALA H 315 -104.19 7.30 12.08
CA ALA H 315 -103.17 6.82 11.16
C ALA H 315 -103.71 6.77 9.75
N ASP H 316 -104.79 6.02 9.57
CA ASP H 316 -105.44 5.89 8.27
C ASP H 316 -105.77 7.28 7.73
N GLN H 317 -106.17 8.17 8.63
CA GLN H 317 -106.50 9.54 8.27
C GLN H 317 -105.29 10.24 7.66
N ILE H 318 -104.18 10.22 8.39
CA ILE H 318 -102.98 10.95 7.99
C ILE H 318 -102.26 10.30 6.82
N GLN H 319 -102.54 9.02 6.60
CA GLN H 319 -101.90 8.31 5.50
C GLN H 319 -102.77 8.22 4.24
N ASN H 320 -103.91 7.53 4.36
CA ASN H 320 -104.84 7.30 3.25
C ASN H 320 -105.23 8.60 2.53
N ALA H 321 -105.64 9.59 3.31
CA ALA H 321 -105.74 10.94 2.79
C ALA H 321 -104.37 11.58 3.01
N VAL H 322 -104.32 12.90 3.03
CA VAL H 322 -103.08 13.64 3.28
C VAL H 322 -101.89 13.03 2.58
N LEU H 323 -100.70 13.50 2.96
CA LEU H 323 -99.44 13.15 2.31
C LEU H 323 -99.59 12.21 1.11
N SER H 324 -100.02 10.98 1.36
CA SER H 324 -100.11 10.00 0.29
C SER H 324 -100.87 10.58 -0.91
N THR H 325 -101.92 11.34 -0.62
CA THR H 325 -102.79 11.95 -1.64
C THR H 325 -102.28 13.33 -2.09
N ILE H 326 -101.70 14.09 -1.17
CA ILE H 326 -101.19 15.40 -1.49
C ILE H 326 -99.93 15.31 -2.35
N ALA H 327 -99.28 14.15 -2.31
CA ALA H 327 -98.13 13.88 -3.20
C ALA H 327 -98.63 13.61 -4.61
N SER H 328 -99.80 14.19 -4.94
CA SER H 328 -100.37 14.12 -6.28
C SER H 328 -100.76 15.51 -6.81
N GLY H 329 -99.95 15.98 -7.76
CA GLY H 329 -99.95 17.36 -8.23
C GLY H 329 -98.57 17.94 -7.96
N PRO H 330 -97.79 18.18 -9.03
CA PRO H 330 -96.38 18.64 -8.93
C PRO H 330 -96.19 20.03 -8.30
N GLU H 331 -97.28 20.78 -8.14
CA GLU H 331 -97.23 22.05 -7.39
C GLU H 331 -96.96 21.74 -5.92
N ASN H 332 -97.51 20.63 -5.46
CA ASN H 332 -97.14 20.02 -4.19
C ASN H 332 -95.82 19.25 -4.40
N ARG H 333 -95.64 18.11 -3.75
CA ARG H 333 -94.38 17.37 -3.85
C ARG H 333 -93.18 18.20 -3.40
N THR H 334 -92.00 17.61 -3.38
CA THR H 334 -90.80 18.35 -3.00
C THR H 334 -89.76 18.21 -4.10
N GLY H 335 -88.62 18.86 -3.94
CA GLY H 335 -87.57 18.85 -4.96
C GLY H 335 -87.11 17.46 -5.33
N ASP H 336 -87.09 16.57 -4.34
CA ASP H 336 -86.66 15.19 -4.52
C ASP H 336 -87.61 14.35 -5.39
N LEU H 337 -88.83 14.83 -5.62
CA LEU H 337 -89.82 14.11 -6.43
C LEU H 337 -90.29 14.91 -7.64
N ALA H 338 -89.39 15.74 -8.17
CA ALA H 338 -89.69 16.65 -9.28
C ALA H 338 -90.49 17.89 -8.86
N GLY H 339 -91.27 17.75 -7.79
CA GLY H 339 -92.11 18.82 -7.28
C GLY H 339 -91.41 20.15 -7.02
N THR H 340 -92.21 21.17 -6.75
CA THR H 340 -91.68 22.53 -6.60
C THR H 340 -91.93 23.07 -5.22
N ALA H 341 -92.74 22.34 -4.46
CA ALA H 341 -93.15 22.80 -3.13
C ALA H 341 -92.01 22.74 -2.11
N THR H 342 -92.15 23.55 -1.07
CA THR H 342 -91.22 23.61 0.03
C THR H 342 -91.70 22.67 1.14
N THR H 343 -90.85 22.43 2.13
CA THR H 343 -91.26 21.66 3.31
C THR H 343 -92.46 22.39 3.90
N SER H 344 -92.37 23.72 3.88
CA SER H 344 -93.43 24.59 4.36
C SER H 344 -94.73 24.34 3.63
N SER H 345 -94.73 24.52 2.31
CA SER H 345 -95.95 24.39 1.54
C SER H 345 -96.48 22.97 1.48
N PHE H 346 -95.59 22.00 1.63
CA PHE H 346 -96.00 20.60 1.65
C PHE H 346 -96.85 20.32 2.88
N THR H 347 -96.44 20.90 4.01
CA THR H 347 -97.15 20.68 5.26
C THR H 347 -98.56 21.30 5.32
N GLU H 348 -98.71 22.52 4.84
CA GLU H 348 -100.05 23.10 4.81
C GLU H 348 -100.87 22.46 3.70
N ALA H 349 -100.24 22.23 2.54
CA ALA H 349 -100.90 21.54 1.43
C ALA H 349 -101.37 20.15 1.85
N VAL H 350 -100.67 19.58 2.82
CA VAL H 350 -101.06 18.29 3.38
C VAL H 350 -102.27 18.48 4.29
N ILE H 351 -102.12 19.32 5.29
CA ILE H 351 -103.16 19.52 6.29
C ILE H 351 -104.53 19.82 5.68
N LYS H 352 -104.52 20.43 4.49
CA LYS H 352 -105.77 20.74 3.80
C LYS H 352 -106.62 19.47 3.61
N ARG H 353 -106.01 18.44 3.01
CA ARG H 353 -106.73 17.19 2.77
C ARG H 353 -106.61 16.28 3.97
N LEU H 354 -106.20 16.90 5.08
CA LEU H 354 -106.03 16.22 6.35
C LEU H 354 -107.37 15.95 7.02
N GLY I 16 38.68 43.67 25.96
CA GLY I 16 37.38 43.97 25.39
C GLY I 16 37.36 44.83 24.12
N ARG I 17 38.52 45.30 23.68
CA ARG I 17 38.56 46.20 22.54
C ARG I 17 39.26 45.60 21.33
N PHE I 18 38.48 45.38 20.27
CA PHE I 18 38.99 44.86 19.02
C PHE I 18 39.82 45.96 18.36
N THR I 19 40.84 45.57 17.61
CA THR I 19 41.55 46.54 16.78
C THR I 19 41.35 46.13 15.32
N VAL I 20 40.45 46.83 14.63
CA VAL I 20 40.09 46.52 13.24
C VAL I 20 40.86 47.39 12.27
N THR I 21 41.15 46.86 11.09
CA THR I 21 41.82 47.65 10.05
C THR I 21 40.83 48.48 9.24
N LEU I 22 41.20 49.73 8.97
CA LEU I 22 40.33 50.63 8.20
C LEU I 22 41.04 51.15 6.96
N ILE I 23 40.49 50.84 5.79
CA ILE I 23 41.09 51.28 4.56
C ILE I 23 40.06 52.04 3.78
N PRO I 24 40.05 53.36 3.92
CA PRO I 24 39.06 54.24 3.28
C PRO I 24 39.12 54.08 1.76
N GLY I 25 40.32 54.22 1.21
CA GLY I 25 40.49 54.03 -0.22
C GLY I 25 40.01 55.20 -1.02
N ASP I 26 39.94 55.03 -2.34
CA ASP I 26 39.73 56.15 -3.26
C ASP I 26 38.25 56.47 -3.44
N GLY I 27 37.99 57.63 -4.05
CA GLY I 27 36.64 58.09 -4.30
C GLY I 27 35.87 58.36 -3.02
N VAL I 28 34.56 58.15 -3.07
CA VAL I 28 33.71 58.42 -1.91
C VAL I 28 34.11 57.58 -0.73
N GLY I 29 35.15 56.75 -0.93
CA GLY I 29 35.69 55.92 0.13
C GLY I 29 35.84 56.68 1.42
N LYS I 30 36.66 57.73 1.40
CA LYS I 30 36.97 58.53 2.59
C LYS I 30 35.73 59.02 3.35
N GLU I 31 34.70 59.46 2.62
CA GLU I 31 33.47 59.97 3.25
C GLU I 31 32.62 58.85 3.80
N ILE I 32 32.41 57.82 2.98
CA ILE I 32 31.54 56.70 3.31
C ILE I 32 32.08 55.91 4.54
N THR I 33 33.39 55.95 4.76
CA THR I 33 33.99 55.26 5.89
C THR I 33 33.70 56.06 7.13
N ASP I 34 33.96 57.37 7.04
CA ASP I 34 33.70 58.33 8.10
C ASP I 34 32.29 58.18 8.68
N SER I 35 31.31 58.07 7.80
CA SER I 35 29.94 57.81 8.22
C SER I 35 29.88 56.69 9.25
N VAL I 36 30.58 55.60 8.95
CA VAL I 36 30.64 54.47 9.87
C VAL I 36 31.35 54.84 11.18
N ARG I 37 32.51 55.48 11.10
CA ARG I 37 33.22 55.92 12.31
C ARG I 37 32.29 56.64 13.26
N THR I 38 31.62 57.66 12.73
CA THR I 38 30.69 58.50 13.49
C THR I 38 29.58 57.69 14.16
N ILE I 39 28.93 56.81 13.39
CA ILE I 39 27.88 55.98 13.94
C ILE I 39 28.44 55.04 14.99
N PHE I 40 29.73 54.73 14.87
CA PHE I 40 30.39 53.78 15.76
C PHE I 40 30.71 54.39 17.11
N GLU I 41 31.32 55.57 17.12
CA GLU I 41 31.66 56.22 18.38
C GLU I 41 30.43 56.78 19.05
N ALA I 42 29.43 57.13 18.25
CA ALA I 42 28.14 57.60 18.77
C ALA I 42 27.34 56.46 19.43
N GLU I 43 27.73 55.24 19.13
CA GLU I 43 27.11 54.07 19.71
C GLU I 43 28.08 53.46 20.72
N ASN I 44 29.21 54.15 20.88
CA ASN I 44 30.35 53.71 21.69
C ASN I 44 30.67 52.22 21.57
N ILE I 45 30.89 51.78 20.33
CA ILE I 45 31.28 50.42 20.03
C ILE I 45 32.76 50.23 20.33
N PRO I 46 33.07 49.18 21.09
CA PRO I 46 34.41 48.90 21.62
C PRO I 46 35.45 48.51 20.57
N ILE I 47 35.45 49.15 19.41
CA ILE I 47 36.50 48.86 18.46
C ILE I 47 37.36 50.07 18.14
N ASP I 48 38.65 49.84 17.96
CA ASP I 48 39.60 50.89 17.63
C ASP I 48 40.09 50.68 16.21
N TRP I 49 39.99 51.71 15.37
CA TRP I 49 40.48 51.59 14.01
C TRP I 49 41.99 51.77 13.92
N GLU I 50 42.67 50.81 13.29
CA GLU I 50 44.00 51.05 12.77
C GLU I 50 43.77 51.41 11.32
N THR I 51 44.06 52.65 10.95
CA THR I 51 43.65 53.13 9.64
C THR I 51 44.85 53.43 8.75
N ILE I 52 44.82 52.93 7.52
CA ILE I 52 45.97 53.07 6.62
C ILE I 52 45.65 53.77 5.30
N ASN I 53 46.65 54.48 4.77
CA ASN I 53 46.56 55.19 3.50
C ASN I 53 47.83 55.03 2.67
N ILE I 54 47.72 55.25 1.35
CA ILE I 54 48.69 54.68 0.42
C ILE I 54 49.22 55.57 -0.70
N LYS I 60 51.81 53.54 -3.36
CA LYS I 60 51.40 53.00 -4.66
C LYS I 60 51.53 51.47 -4.49
N GLU I 61 52.50 51.04 -3.67
CA GLU I 61 52.76 49.62 -3.45
C GLU I 61 52.71 49.30 -1.97
N GLY I 62 52.28 50.30 -1.19
CA GLY I 62 52.06 50.14 0.23
C GLY I 62 50.80 49.33 0.48
N VAL I 63 50.25 48.77 -0.61
CA VAL I 63 49.23 47.73 -0.49
C VAL I 63 49.82 46.63 0.37
N TYR I 64 51.15 46.70 0.52
CA TYR I 64 51.89 45.91 1.48
C TYR I 64 51.43 46.21 2.89
N GLU I 65 51.35 47.49 3.23
CA GLU I 65 51.01 47.87 4.59
C GLU I 65 49.58 47.53 4.96
N ALA I 66 48.71 47.46 3.97
CA ALA I 66 47.35 47.02 4.20
C ALA I 66 47.32 45.54 4.56
N VAL I 67 48.05 44.75 3.77
CA VAL I 67 48.19 43.33 4.00
C VAL I 67 48.78 43.08 5.38
N GLU I 68 49.91 43.72 5.64
CA GLU I 68 50.64 43.49 6.88
C GLU I 68 49.75 43.81 8.08
N SER I 69 48.99 44.90 7.98
CA SER I 69 48.05 45.27 9.03
C SER I 69 47.00 44.21 9.23
N LEU I 70 46.29 43.85 8.17
CA LEU I 70 45.26 42.83 8.25
C LEU I 70 45.77 41.51 8.81
N LYS I 71 47.04 41.21 8.55
CA LYS I 71 47.64 39.99 9.07
C LYS I 71 47.77 40.04 10.60
N ARG I 72 47.98 41.24 11.15
CA ARG I 72 47.97 41.43 12.59
C ARG I 72 46.55 41.38 13.14
N ASN I 73 45.68 42.22 12.61
CA ASN I 73 44.35 42.39 13.19
C ASN I 73 43.36 41.32 12.77
N LYS I 74 43.62 40.66 11.65
CA LYS I 74 42.74 39.64 11.08
C LYS I 74 41.46 40.19 10.46
N ILE I 75 40.99 41.34 10.94
CA ILE I 75 39.76 41.89 10.41
C ILE I 75 39.89 43.32 9.91
N GLY I 76 39.13 43.63 8.86
CA GLY I 76 39.21 44.93 8.23
C GLY I 76 37.89 45.41 7.67
N LEU I 77 37.84 46.71 7.42
CA LEU I 77 36.68 47.37 6.85
C LEU I 77 37.25 48.33 5.82
N LYS I 78 36.82 48.19 4.56
CA LYS I 78 37.41 49.03 3.51
C LYS I 78 36.47 49.47 2.42
N GLY I 79 36.84 50.56 1.76
CA GLY I 79 36.14 51.01 0.57
C GLY I 79 36.84 50.39 -0.64
N LEU I 80 36.72 51.03 -1.79
CA LEU I 80 37.36 50.51 -2.98
C LEU I 80 38.52 51.43 -3.36
N TRP I 81 39.57 50.84 -3.90
CA TRP I 81 40.64 51.64 -4.48
C TRP I 81 40.31 51.87 -5.94
N HIS I 82 41.01 52.79 -6.57
CA HIS I 82 40.80 53.04 -8.00
C HIS I 82 41.78 52.22 -8.82
N THR I 83 41.36 51.83 -10.02
CA THR I 83 42.23 51.07 -10.91
C THR I 83 42.33 51.68 -12.30
N PRO I 84 43.57 51.94 -12.74
CA PRO I 84 43.89 52.50 -14.05
C PRO I 84 43.48 51.56 -15.19
N ALA I 85 43.24 52.11 -16.37
CA ALA I 85 42.98 51.28 -17.55
C ALA I 85 44.14 51.39 -18.53
N ASP I 86 45.04 52.34 -18.31
CA ASP I 86 46.19 52.52 -19.18
C ASP I 86 47.20 51.38 -19.01
N GLN I 87 48.15 51.31 -19.94
CA GLN I 87 49.06 50.18 -20.02
C GLN I 87 50.11 50.16 -18.92
N THR I 88 50.58 51.33 -18.52
CA THR I 88 51.59 51.42 -17.46
C THR I 88 50.96 51.70 -16.09
N GLY I 89 49.66 51.44 -16.00
CA GLY I 89 48.94 51.52 -14.74
C GLY I 89 49.36 50.38 -13.84
N HIS I 90 49.05 50.48 -12.55
CA HIS I 90 49.64 49.58 -11.58
C HIS I 90 48.97 48.20 -11.43
N GLY I 91 47.67 48.12 -11.69
CA GLY I 91 46.94 46.87 -11.50
C GLY I 91 46.10 46.89 -10.24
N SER I 92 44.98 46.17 -10.27
CA SER I 92 43.93 46.34 -9.27
C SER I 92 44.37 46.78 -7.88
N LEU I 93 45.15 45.95 -7.22
CA LEU I 93 45.47 46.15 -5.79
C LEU I 93 44.26 46.17 -4.86
N ASN I 94 43.08 46.05 -5.43
CA ASN I 94 41.96 45.54 -4.68
C ASN I 94 42.08 44.03 -4.70
N VAL I 95 42.36 43.46 -5.87
CA VAL I 95 42.59 42.01 -6.02
C VAL I 95 43.92 41.62 -5.38
N ALA I 96 44.93 42.47 -5.53
CA ALA I 96 46.19 42.22 -4.84
C ALA I 96 45.94 41.99 -3.37
N LEU I 97 45.13 42.84 -2.75
CA LEU I 97 44.87 42.67 -1.32
C LEU I 97 44.32 41.28 -1.05
N ARG I 98 43.33 40.87 -1.83
CA ARG I 98 42.67 39.59 -1.62
C ARG I 98 43.56 38.40 -1.91
N LYS I 99 44.26 38.44 -3.04
CA LYS I 99 45.16 37.36 -3.41
C LYS I 99 46.24 37.15 -2.36
N GLN I 100 46.78 38.24 -1.83
CA GLN I 100 47.89 38.14 -0.90
C GLN I 100 47.44 37.70 0.48
N LEU I 101 46.14 37.76 0.73
CA LEU I 101 45.63 37.28 2.00
C LEU I 101 44.81 36.02 1.78
N ASP I 102 44.75 35.59 0.54
CA ASP I 102 43.92 34.45 0.18
C ASP I 102 42.52 34.59 0.78
N ILE I 103 42.02 35.82 0.78
CA ILE I 103 40.61 36.06 1.06
C ILE I 103 39.84 35.72 -0.20
N TYR I 104 39.56 34.42 -0.38
CA TYR I 104 39.12 33.89 -1.65
C TYR I 104 37.62 33.97 -1.93
N ALA I 105 36.82 34.31 -0.93
CA ALA I 105 35.37 34.31 -1.12
C ALA I 105 34.73 35.69 -0.96
N ASN I 106 34.04 36.14 -2.00
CA ASN I 106 33.30 37.39 -1.95
C ASN I 106 31.82 37.11 -1.81
N VAL I 107 31.18 37.79 -0.87
CA VAL I 107 29.73 37.69 -0.71
C VAL I 107 29.13 39.06 -0.91
N ALA I 108 28.15 39.14 -1.81
CA ALA I 108 27.41 40.37 -2.00
C ALA I 108 25.94 40.12 -1.68
N LEU I 109 25.34 41.05 -0.96
CA LEU I 109 23.95 40.89 -0.52
C LEU I 109 22.98 41.86 -1.20
N PHE I 110 22.18 41.31 -2.11
CA PHE I 110 21.21 42.07 -2.86
C PHE I 110 19.83 41.81 -2.31
N LYS I 111 19.45 42.61 -1.30
CA LYS I 111 18.12 42.56 -0.73
C LYS I 111 17.51 43.94 -0.81
N SER I 112 16.35 44.05 -1.44
CA SER I 112 15.72 45.36 -1.63
C SER I 112 15.30 45.97 -0.30
N LEU I 113 15.19 47.29 -0.29
CA LEU I 113 14.93 48.03 0.92
C LEU I 113 13.60 48.75 0.85
N LYS I 114 12.93 48.86 1.99
CA LYS I 114 11.54 49.28 2.03
C LYS I 114 11.28 50.64 1.36
N GLY I 115 12.06 51.66 1.72
CA GLY I 115 11.79 52.99 1.20
C GLY I 115 12.45 53.30 -0.14
N VAL I 116 12.58 52.29 -1.01
CA VAL I 116 13.27 52.53 -2.28
C VAL I 116 12.50 52.02 -3.49
N LYS I 117 12.24 52.93 -4.43
CA LYS I 117 11.54 52.63 -5.66
C LYS I 117 12.39 51.75 -6.56
N THR I 118 11.99 50.50 -6.76
CA THR I 118 12.68 49.63 -7.71
C THR I 118 11.71 48.99 -8.68
N ARG I 119 12.19 48.70 -9.88
CA ARG I 119 11.33 48.19 -10.94
C ARG I 119 10.72 46.81 -10.63
N ILE I 120 11.50 45.92 -10.01
CA ILE I 120 10.96 44.66 -9.49
C ILE I 120 11.26 44.59 -8.01
N PRO I 121 10.21 44.50 -7.19
CA PRO I 121 10.34 44.65 -5.74
C PRO I 121 10.43 43.33 -5.00
N ASP I 122 10.77 43.40 -3.72
CA ASP I 122 10.80 42.23 -2.82
C ASP I 122 11.77 41.16 -3.30
N ILE I 123 13.03 41.57 -3.44
CA ILE I 123 14.04 40.74 -4.08
C ILE I 123 15.17 40.45 -3.11
N ASP I 124 15.59 39.19 -3.05
CA ASP I 124 16.55 38.77 -2.04
C ASP I 124 17.47 37.67 -2.57
N LEU I 125 18.59 38.06 -3.15
CA LEU I 125 19.52 37.08 -3.67
C LEU I 125 20.95 37.42 -3.34
N ILE I 126 21.76 36.37 -3.26
CA ILE I 126 23.16 36.46 -2.86
C ILE I 126 24.09 35.95 -3.95
N VAL I 127 25.19 36.64 -4.15
CA VAL I 127 26.12 36.25 -5.18
C VAL I 127 27.47 36.02 -4.54
N ILE I 128 27.92 34.76 -4.57
CA ILE I 128 29.22 34.39 -4.05
C ILE I 128 30.18 34.15 -5.21
N ARG I 129 31.27 34.90 -5.24
CA ARG I 129 32.26 34.73 -6.28
C ARG I 129 33.64 34.36 -5.74
N GLU I 130 34.41 33.66 -6.54
CA GLU I 130 35.79 33.33 -6.20
C GLU I 130 36.64 34.53 -6.56
N ASN I 131 37.56 34.91 -5.66
CA ASN I 131 38.31 36.16 -5.77
C ASN I 131 39.70 36.08 -6.42
N THR I 132 40.36 34.94 -6.31
CA THR I 132 41.79 34.82 -6.61
C THR I 132 42.16 34.19 -7.96
N GLU I 133 41.15 33.66 -8.65
CA GLU I 133 41.40 32.80 -9.78
C GLU I 133 40.55 33.24 -10.98
N GLY I 134 40.27 32.32 -11.89
CA GLY I 134 39.46 32.63 -13.05
C GLY I 134 40.12 33.62 -13.98
N GLU I 135 39.32 34.56 -14.47
CA GLU I 135 39.83 35.62 -15.35
C GLU I 135 40.57 36.72 -14.56
N PHE I 136 40.59 36.61 -13.24
CA PHE I 136 41.28 37.56 -12.38
C PHE I 136 42.66 37.03 -12.05
N SER I 137 43.10 36.02 -12.77
CA SER I 137 44.38 35.39 -12.49
C SER I 137 45.50 36.27 -13.03
N GLY I 138 45.14 37.20 -13.90
CA GLY I 138 46.08 38.17 -14.41
C GLY I 138 47.32 37.58 -15.04
N LEU I 139 47.13 36.56 -15.87
CA LEU I 139 48.22 36.02 -16.67
C LEU I 139 47.94 36.35 -18.12
N GLU I 140 48.78 37.17 -18.74
CA GLU I 140 48.60 37.50 -20.15
C GLU I 140 49.91 37.86 -20.82
N HIS I 141 49.97 37.64 -22.14
CA HIS I 141 51.16 37.97 -22.90
C HIS I 141 50.82 38.26 -24.34
N GLU I 142 51.76 38.89 -25.04
CA GLU I 142 51.61 39.21 -26.46
C GLU I 142 52.67 38.43 -27.22
N SER I 143 52.24 37.38 -27.93
CA SER I 143 53.19 36.50 -28.63
C SER I 143 53.94 37.23 -29.73
N VAL I 144 53.23 37.60 -30.78
CA VAL I 144 53.73 38.53 -31.79
C VAL I 144 52.91 39.80 -31.64
N PRO I 145 53.40 40.91 -32.22
CA PRO I 145 52.69 42.18 -32.08
C PRO I 145 51.25 42.08 -32.58
N GLY I 146 50.29 42.52 -31.78
CA GLY I 146 48.92 42.58 -32.21
C GLY I 146 48.14 41.34 -31.85
N VAL I 147 48.82 40.33 -31.31
CA VAL I 147 48.16 39.10 -30.85
C VAL I 147 48.35 38.92 -29.35
N VAL I 148 47.26 38.95 -28.61
CA VAL I 148 47.34 38.87 -27.15
C VAL I 148 46.57 37.67 -26.62
N GLU I 149 47.21 36.94 -25.71
CA GLU I 149 46.55 35.85 -25.00
C GLU I 149 46.46 36.15 -23.51
N SER I 150 45.25 36.05 -22.99
CA SER I 150 45.02 36.15 -21.57
C SER I 150 44.67 34.75 -21.11
N LEU I 151 45.46 34.21 -20.18
CA LEU I 151 45.22 32.86 -19.64
C LEU I 151 44.30 32.89 -18.43
N LYS I 152 43.26 32.07 -18.46
CA LYS I 152 42.30 31.98 -17.37
C LYS I 152 42.45 30.65 -16.64
N VAL I 153 42.95 30.70 -15.41
CA VAL I 153 43.24 29.49 -14.66
C VAL I 153 42.05 29.06 -13.82
N MET I 154 41.82 27.75 -13.78
CA MET I 154 40.79 27.17 -12.92
C MET I 154 41.37 25.92 -12.30
N THR I 155 41.42 25.86 -10.97
CA THR I 155 42.02 24.71 -10.30
C THR I 155 41.10 24.05 -9.29
N ARG I 156 41.14 22.72 -9.24
CA ARG I 156 40.26 21.94 -8.39
C ARG I 156 40.29 22.39 -6.94
N PRO I 157 41.50 22.57 -6.39
CA PRO I 157 41.58 22.97 -4.98
C PRO I 157 40.84 24.27 -4.71
N LYS I 158 41.17 25.34 -5.44
CA LYS I 158 40.55 26.64 -5.23
C LYS I 158 39.06 26.57 -5.47
N THR I 159 38.64 25.64 -6.32
CA THR I 159 37.24 25.51 -6.68
C THR I 159 36.46 24.69 -5.68
N GLU I 160 37.06 23.64 -5.15
CA GLU I 160 36.38 22.86 -4.12
C GLU I 160 36.15 23.80 -2.93
N ARG I 161 37.13 24.64 -2.68
CA ARG I 161 37.10 25.54 -1.56
C ARG I 161 35.88 26.44 -1.62
N ILE I 162 35.73 27.18 -2.71
CA ILE I 162 34.64 28.15 -2.84
C ILE I 162 33.31 27.42 -2.85
N ALA I 163 33.29 26.25 -3.48
CA ALA I 163 32.11 25.44 -3.54
C ALA I 163 31.60 25.13 -2.14
N ARG I 164 32.49 24.69 -1.26
CA ARG I 164 32.06 24.40 0.09
C ARG I 164 31.68 25.67 0.84
N PHE I 165 32.46 26.72 0.69
CA PHE I 165 32.12 27.99 1.31
C PHE I 165 30.70 28.38 1.00
N ALA I 166 30.34 28.27 -0.28
CA ALA I 166 29.01 28.65 -0.73
C ALA I 166 27.94 27.82 -0.05
N PHE I 167 28.12 26.51 -0.03
CA PHE I 167 27.13 25.65 0.59
C PHE I 167 27.06 25.88 2.10
N ASP I 168 28.23 25.86 2.75
CA ASP I 168 28.31 26.19 4.16
C ASP I 168 27.55 27.47 4.47
N PHE I 169 27.77 28.50 3.65
CA PHE I 169 27.11 29.79 3.80
C PHE I 169 25.60 29.64 3.66
N ALA I 170 25.18 28.90 2.64
CA ALA I 170 23.76 28.70 2.39
C ALA I 170 23.10 27.93 3.54
N LYS I 171 23.83 26.99 4.12
CA LYS I 171 23.31 26.23 5.24
C LYS I 171 23.18 27.12 6.47
N LYS I 172 24.23 27.87 6.76
CA LYS I 172 24.28 28.76 7.92
C LYS I 172 23.19 29.82 7.92
N TYR I 173 22.86 30.33 6.74
CA TYR I 173 21.87 31.39 6.64
C TYR I 173 20.58 30.89 6.01
N ASN I 174 20.29 29.62 6.26
CA ASN I 174 19.08 28.98 5.75
C ASN I 174 18.67 29.45 4.36
N ARG I 175 19.56 29.22 3.40
CA ARG I 175 19.28 29.44 1.98
C ARG I 175 19.00 28.08 1.38
N LYS I 176 17.95 27.98 0.58
CA LYS I 176 17.53 26.67 0.10
C LYS I 176 18.21 26.25 -1.21
N SER I 177 18.57 27.23 -2.05
CA SER I 177 19.08 26.94 -3.39
C SER I 177 20.45 27.55 -3.67
N VAL I 178 21.30 26.77 -4.33
CA VAL I 178 22.61 27.25 -4.77
C VAL I 178 22.84 26.93 -6.24
N THR I 179 23.15 27.94 -7.02
CA THR I 179 23.25 27.78 -8.46
C THR I 179 24.63 28.18 -8.96
N ALA I 180 25.23 27.32 -9.77
CA ALA I 180 26.54 27.61 -10.33
C ALA I 180 26.40 28.26 -11.69
N VAL I 181 26.98 29.45 -11.83
CA VAL I 181 26.97 30.18 -13.09
C VAL I 181 28.25 29.90 -13.87
N HIS I 182 28.12 29.57 -15.15
CA HIS I 182 29.26 29.07 -15.91
C HIS I 182 29.04 29.26 -17.40
N LYS I 183 30.03 28.87 -18.18
CA LYS I 183 29.96 28.94 -19.63
C LYS I 183 30.55 27.64 -20.13
N ALA I 184 30.14 26.56 -19.48
CA ALA I 184 30.79 25.26 -19.65
C ALA I 184 30.53 24.65 -21.00
N ASN I 185 29.58 25.21 -21.75
CA ASN I 185 29.24 24.67 -23.05
C ASN I 185 30.24 25.10 -24.10
N ILE I 186 31.10 26.04 -23.73
CA ILE I 186 32.07 26.57 -24.67
C ILE I 186 33.48 26.38 -24.16
N MET I 187 33.67 26.69 -22.88
CA MET I 187 34.95 26.48 -22.21
C MET I 187 34.80 25.22 -21.38
N LYS I 188 34.83 24.09 -22.08
CA LYS I 188 34.43 22.79 -21.53
C LYS I 188 35.34 22.31 -20.41
N LEU I 189 36.60 22.72 -20.45
CA LEU I 189 37.50 22.34 -19.40
C LEU I 189 37.42 23.32 -18.24
N GLY I 190 37.63 24.60 -18.53
CA GLY I 190 37.66 25.62 -17.50
C GLY I 190 36.37 25.70 -16.70
N ASP I 191 35.33 26.26 -17.31
CA ASP I 191 34.06 26.38 -16.65
C ASP I 191 33.41 25.01 -16.41
N GLY I 192 33.76 24.03 -17.23
CA GLY I 192 33.29 22.68 -17.02
C GLY I 192 33.66 22.20 -15.64
N LEU I 193 34.95 22.25 -15.34
CA LEU I 193 35.48 21.84 -14.04
C LEU I 193 34.75 22.51 -12.89
N PHE I 194 34.55 23.81 -13.03
CA PHE I 194 33.83 24.62 -12.05
C PHE I 194 32.42 24.09 -11.83
N ARG I 195 31.65 23.91 -12.90
CA ARG I 195 30.27 23.43 -12.79
C ARG I 195 30.17 22.04 -12.15
N ASN I 196 31.12 21.17 -12.48
CA ASN I 196 31.11 19.82 -11.95
C ASN I 196 31.41 19.81 -10.48
N ILE I 197 32.61 20.21 -10.14
CA ILE I 197 33.01 20.31 -8.74
C ILE I 197 31.93 20.90 -7.82
N ILE I 198 31.19 21.91 -8.28
CA ILE I 198 30.12 22.48 -7.47
C ILE I 198 28.96 21.51 -7.31
N THR I 199 28.36 21.13 -8.42
CA THR I 199 27.22 20.21 -8.36
C THR I 199 27.66 18.89 -7.72
N GLU I 200 28.87 18.47 -8.04
CA GLU I 200 29.41 17.22 -7.52
C GLU I 200 29.43 17.19 -6.00
N ILE I 201 29.87 18.29 -5.37
CA ILE I 201 30.01 18.28 -3.92
C ILE I 201 28.84 18.97 -3.23
N GLY I 202 27.78 19.19 -3.98
CA GLY I 202 26.52 19.64 -3.41
C GLY I 202 25.57 18.46 -3.34
N GLN I 203 26.01 17.33 -3.89
CA GLN I 203 25.21 16.12 -3.95
C GLN I 203 25.67 15.10 -2.93
N LYS I 204 26.98 14.97 -2.76
CA LYS I 204 27.50 13.99 -1.80
C LYS I 204 27.80 14.59 -0.42
N GLU I 205 27.80 15.92 -0.34
CA GLU I 205 27.78 16.65 0.92
C GLU I 205 26.67 17.66 0.69
N TYR I 206 26.14 18.27 1.74
CA TYR I 206 25.05 19.25 1.55
C TYR I 206 23.89 18.76 0.67
N PRO I 207 23.34 17.57 0.97
CA PRO I 207 22.28 17.01 0.13
C PRO I 207 20.96 17.75 0.37
N ASP I 208 20.86 18.46 1.48
CA ASP I 208 19.64 19.16 1.84
C ASP I 208 19.42 20.38 0.96
N ILE I 209 20.46 20.83 0.28
CA ILE I 209 20.38 22.04 -0.53
C ILE I 209 20.21 21.73 -2.01
N ASP I 210 19.44 22.57 -2.70
CA ASP I 210 19.16 22.36 -4.11
C ASP I 210 20.27 22.93 -4.99
N VAL I 211 21.07 22.06 -5.58
CA VAL I 211 22.13 22.50 -6.48
C VAL I 211 21.67 22.51 -7.93
N SER I 212 22.14 23.50 -8.69
CA SER I 212 21.81 23.60 -10.10
C SER I 212 22.84 24.42 -10.84
N SER I 213 22.77 24.39 -12.17
CA SER I 213 23.67 25.17 -13.00
C SER I 213 22.87 26.13 -13.82
N ILE I 214 23.55 27.13 -14.35
CA ILE I 214 22.94 28.05 -15.29
C ILE I 214 24.05 28.70 -16.10
N ILE I 215 23.80 28.87 -17.40
CA ILE I 215 24.79 29.44 -18.30
C ILE I 215 24.78 30.95 -18.15
N VAL I 216 25.97 31.51 -18.01
CA VAL I 216 26.14 32.89 -17.59
C VAL I 216 25.30 33.89 -18.37
N ASP I 217 25.22 33.71 -19.69
CA ASP I 217 24.45 34.64 -20.51
C ASP I 217 22.95 34.53 -20.21
N ASN I 218 22.46 33.30 -20.16
CA ASN I 218 21.06 33.06 -19.84
C ASN I 218 20.74 33.46 -18.40
N ALA I 219 21.72 33.30 -17.52
CA ALA I 219 21.57 33.71 -16.15
C ALA I 219 21.37 35.22 -16.12
N SER I 220 22.16 35.92 -16.92
CA SER I 220 22.07 37.38 -17.01
C SER I 220 20.70 37.84 -17.47
N MET I 221 20.09 37.04 -18.32
CA MET I 221 18.78 37.41 -18.84
C MET I 221 17.71 37.18 -17.79
N GLN I 222 17.73 36.03 -17.13
CA GLN I 222 16.74 35.76 -16.09
C GLN I 222 16.87 36.77 -14.97
N ALA I 223 18.11 37.10 -14.61
CA ALA I 223 18.37 38.02 -13.49
C ALA I 223 17.69 39.37 -13.66
N VAL I 224 17.69 39.85 -14.89
CA VAL I 224 17.12 41.15 -15.21
C VAL I 224 15.60 41.07 -15.37
N ALA I 225 15.13 39.94 -15.87
CA ALA I 225 13.71 39.79 -16.17
C ALA I 225 12.89 39.11 -15.07
N LYS I 226 13.47 38.09 -14.43
CA LYS I 226 12.74 37.30 -13.43
C LYS I 226 13.67 36.84 -12.30
N PRO I 227 14.12 37.77 -11.47
CA PRO I 227 15.21 37.55 -10.49
C PRO I 227 14.78 36.71 -9.30
N HIS I 228 13.48 36.60 -9.06
CA HIS I 228 13.00 35.92 -7.86
C HIS I 228 13.28 34.43 -7.89
N GLN I 229 13.60 33.92 -9.08
CA GLN I 229 13.89 32.50 -9.23
C GLN I 229 15.26 32.12 -8.64
N PHE I 230 16.10 33.12 -8.37
CA PHE I 230 17.43 32.87 -7.82
C PHE I 230 17.51 33.09 -6.31
N ASP I 231 18.38 32.30 -5.67
CA ASP I 231 18.57 32.30 -4.23
C ASP I 231 20.04 32.64 -3.92
N VAL I 232 20.92 31.67 -4.17
CA VAL I 232 22.35 31.90 -4.08
C VAL I 232 23.00 31.53 -5.39
N LEU I 233 23.92 32.38 -5.84
CA LEU I 233 24.67 32.14 -7.07
C LEU I 233 26.16 32.07 -6.78
N VAL I 234 26.80 31.00 -7.24
CA VAL I 234 28.25 30.83 -7.10
C VAL I 234 28.90 31.01 -8.46
N THR I 235 29.91 31.85 -8.53
CA THR I 235 30.49 32.17 -9.82
C THR I 235 31.98 32.34 -9.72
N PRO I 236 32.69 32.16 -10.84
CA PRO I 236 34.10 32.55 -10.94
C PRO I 236 34.20 34.06 -10.99
N SER I 237 35.41 34.59 -10.83
CA SER I 237 35.64 36.03 -10.74
C SER I 237 34.81 36.94 -11.65
N MET I 238 34.76 36.61 -12.94
CA MET I 238 34.15 37.48 -13.93
C MET I 238 32.63 37.51 -13.78
N TYR I 239 32.00 36.35 -13.95
CA TYR I 239 30.56 36.26 -13.95
C TYR I 239 29.97 36.90 -12.69
N GLY I 240 30.77 37.00 -11.65
CA GLY I 240 30.33 37.55 -10.38
C GLY I 240 30.29 39.06 -10.40
N THR I 241 31.20 39.65 -11.16
CA THR I 241 31.18 41.09 -11.42
C THR I 241 29.95 41.45 -12.22
N ILE I 242 29.59 40.59 -13.15
CA ILE I 242 28.46 40.86 -14.02
C ILE I 242 27.13 40.65 -13.32
N LEU I 243 26.94 39.48 -12.72
CA LEU I 243 25.68 39.24 -12.03
C LEU I 243 25.59 40.19 -10.87
N GLY I 244 26.73 40.48 -10.26
CA GLY I 244 26.79 41.45 -9.17
C GLY I 244 26.14 42.78 -9.54
N ASN I 245 26.60 43.39 -10.61
CA ASN I 245 26.04 44.66 -11.05
C ASN I 245 24.57 44.59 -11.48
N ILE I 246 24.14 43.48 -12.07
CA ILE I 246 22.72 43.28 -12.32
C ILE I 246 21.98 43.39 -10.99
N GLY I 247 22.45 42.67 -9.98
CA GLY I 247 21.80 42.67 -8.69
C GLY I 247 21.84 44.03 -8.05
N ALA I 248 22.96 44.72 -8.23
CA ALA I 248 23.14 46.06 -7.69
C ALA I 248 22.05 46.98 -8.22
N ALA I 249 21.87 46.97 -9.54
CA ALA I 249 20.83 47.78 -10.15
C ALA I 249 19.44 47.39 -9.65
N LEU I 250 19.17 46.08 -9.63
CA LEU I 250 17.85 45.54 -9.29
C LEU I 250 17.27 46.08 -8.01
N ILE I 251 18.12 46.44 -7.07
CA ILE I 251 17.66 46.81 -5.74
C ILE I 251 17.73 48.32 -5.45
N GLY I 252 18.33 49.07 -6.36
CA GLY I 252 18.40 50.51 -6.20
C GLY I 252 19.70 51.13 -6.69
N GLY I 253 20.80 50.46 -6.40
CA GLY I 253 22.10 50.97 -6.79
C GLY I 253 23.22 50.48 -5.89
N PRO I 254 24.45 50.87 -6.23
CA PRO I 254 25.68 50.39 -5.58
C PRO I 254 25.78 50.84 -4.13
N GLY I 255 24.93 51.78 -3.73
CA GLY I 255 25.01 52.36 -2.40
C GLY I 255 24.20 51.60 -1.38
N LEU I 256 23.50 50.55 -1.81
CA LEU I 256 22.63 49.81 -0.90
C LEU I 256 23.12 48.39 -0.65
N VAL I 257 24.30 48.08 -1.19
CA VAL I 257 24.77 46.69 -1.20
C VAL I 257 25.87 46.41 -0.20
N ALA I 258 25.58 45.54 0.76
CA ALA I 258 26.56 45.13 1.74
C ALA I 258 27.42 44.02 1.13
N GLY I 259 28.69 43.99 1.49
CA GLY I 259 29.59 42.97 0.98
C GLY I 259 30.61 42.55 2.00
N ALA I 260 31.18 41.37 1.78
CA ALA I 260 32.22 40.88 2.67
C ALA I 260 33.12 39.91 1.92
N ASN I 261 34.39 39.88 2.33
CA ASN I 261 35.34 38.95 1.75
C ASN I 261 35.92 38.03 2.83
N PHE I 262 35.94 36.73 2.55
CA PHE I 262 36.42 35.74 3.50
C PHE I 262 37.58 34.90 3.01
N GLY I 263 38.60 34.77 3.87
CA GLY I 263 39.64 33.78 3.69
C GLY I 263 39.56 32.88 4.89
N ARG I 264 40.49 31.94 5.01
CA ARG I 264 40.44 31.03 6.14
C ARG I 264 40.77 31.74 7.45
N ASP I 265 41.79 32.60 7.41
CA ASP I 265 42.26 33.30 8.60
C ASP I 265 41.75 34.73 8.74
N TYR I 266 41.57 35.41 7.62
CA TYR I 266 41.18 36.81 7.64
C TYR I 266 39.79 37.04 7.12
N ALA I 267 39.28 38.25 7.34
CA ALA I 267 38.00 38.69 6.78
C ALA I 267 38.05 40.19 6.55
N VAL I 268 37.75 40.61 5.32
CA VAL I 268 37.71 42.03 5.00
C VAL I 268 36.33 42.38 4.48
N PHE I 269 35.74 43.40 5.08
CA PHE I 269 34.38 43.81 4.72
C PHE I 269 34.41 45.07 3.87
N GLU I 270 33.73 45.01 2.73
CA GLU I 270 33.69 46.13 1.80
C GLU I 270 32.30 46.20 1.20
N PRO I 271 32.01 47.28 0.45
CA PRO I 271 30.71 47.37 -0.22
C PRO I 271 30.54 46.22 -1.22
N GLY I 272 29.32 45.69 -1.31
CA GLY I 272 29.07 44.57 -2.20
C GLY I 272 28.98 44.92 -3.67
N SER I 273 28.98 46.21 -3.99
CA SER I 273 28.80 46.58 -5.37
C SER I 273 30.09 46.95 -6.09
N ARG I 274 31.04 47.50 -5.36
CA ARG I 274 32.37 47.69 -5.92
C ARG I 274 32.44 48.82 -6.94
N HIS I 275 32.06 50.02 -6.49
CA HIS I 275 32.22 51.23 -7.29
C HIS I 275 32.89 52.33 -6.47
N VAL I 276 33.79 53.09 -7.10
CA VAL I 276 34.65 54.04 -6.39
C VAL I 276 34.01 55.40 -6.16
N GLY I 277 33.10 55.79 -7.05
CA GLY I 277 32.45 57.09 -6.97
C GLY I 277 33.42 58.24 -7.13
N LEU I 278 34.47 58.04 -7.91
CA LEU I 278 35.47 59.10 -8.14
C LEU I 278 34.86 60.47 -8.44
N ASP I 279 33.85 60.50 -9.29
CA ASP I 279 33.22 61.74 -9.74
C ASP I 279 32.62 62.62 -8.64
N ILE I 280 32.09 62.00 -7.58
CA ILE I 280 31.47 62.75 -6.49
C ILE I 280 32.31 62.77 -5.19
N LYS I 281 33.63 62.72 -5.35
CA LYS I 281 34.53 62.75 -4.20
C LYS I 281 34.54 64.13 -3.57
N GLY I 282 34.29 64.18 -2.28
CA GLY I 282 34.38 65.41 -1.52
C GLY I 282 33.13 66.25 -1.59
N GLN I 283 32.11 65.75 -2.28
CA GLN I 283 30.90 66.51 -2.46
C GLN I 283 29.88 66.25 -1.36
N ASN I 284 30.13 65.25 -0.53
CA ASN I 284 29.19 64.96 0.55
C ASN I 284 27.79 64.65 0.00
N VAL I 285 27.75 64.12 -1.22
CA VAL I 285 26.47 63.70 -1.81
C VAL I 285 26.25 62.21 -1.68
N ALA I 286 27.35 61.50 -1.44
CA ALA I 286 27.40 60.03 -1.46
C ALA I 286 26.47 59.34 -0.45
N ASN I 287 26.18 58.07 -0.72
CA ASN I 287 25.30 57.27 0.13
C ASN I 287 26.08 56.21 0.88
N PRO I 288 26.01 56.23 2.22
CA PRO I 288 26.83 55.32 3.02
C PRO I 288 26.11 54.03 3.40
N THR I 289 24.88 53.83 2.93
CA THR I 289 24.13 52.64 3.29
C THR I 289 24.99 51.38 3.07
N ALA I 290 25.59 51.30 1.88
CA ALA I 290 26.46 50.19 1.53
C ALA I 290 27.46 49.97 2.64
N MET I 291 28.32 50.95 2.85
CA MET I 291 29.42 50.84 3.82
C MET I 291 28.91 50.44 5.20
N ILE I 292 27.90 51.14 5.68
CA ILE I 292 27.37 50.89 7.01
C ILE I 292 26.84 49.47 7.12
N LEU I 293 26.06 49.05 6.13
CA LEU I 293 25.44 47.73 6.19
C LEU I 293 26.45 46.59 6.19
N SER I 294 27.51 46.73 5.40
CA SER I 294 28.57 45.73 5.41
C SER I 294 29.40 45.91 6.68
N SER I 295 29.39 47.12 7.23
CA SER I 295 29.98 47.36 8.55
C SER I 295 29.22 46.58 9.63
N THR I 296 27.91 46.48 9.51
CA THR I 296 27.13 45.68 10.44
C THR I 296 27.47 44.20 10.28
N LEU I 297 27.70 43.77 9.04
CA LEU I 297 28.11 42.40 8.75
C LEU I 297 29.36 42.06 9.55
N MET I 298 30.27 43.03 9.67
CA MET I 298 31.52 42.85 10.38
C MET I 298 31.28 42.71 11.87
N LEU I 299 30.35 43.48 12.41
CA LEU I 299 29.99 43.35 13.81
C LEU I 299 29.47 41.95 14.10
N ASN I 300 28.43 41.53 13.38
CA ASN I 300 27.94 40.17 13.55
C ASN I 300 29.11 39.19 13.57
N HIS I 301 30.09 39.45 12.71
CA HIS I 301 31.24 38.57 12.60
C HIS I 301 32.04 38.52 13.90
N LEU I 302 32.63 39.64 14.29
CA LEU I 302 33.37 39.63 15.54
C LEU I 302 32.46 39.62 16.77
N GLY I 303 31.26 39.08 16.60
CA GLY I 303 30.45 38.67 17.73
C GLY I 303 29.59 39.71 18.42
N LEU I 304 29.86 40.98 18.12
CA LEU I 304 29.09 42.08 18.69
C LEU I 304 27.62 41.87 18.37
N ASN I 305 27.14 42.45 17.29
CA ASN I 305 25.85 42.10 16.70
C ASN I 305 24.57 42.46 17.49
N GLU I 306 24.73 42.76 18.77
CA GLU I 306 23.66 43.43 19.48
C GLU I 306 23.67 44.77 18.80
N TYR I 307 24.86 45.35 18.70
CA TYR I 307 25.06 46.59 17.95
C TYR I 307 24.62 46.45 16.50
N ALA I 308 25.00 45.36 15.87
CA ALA I 308 24.67 45.16 14.46
C ALA I 308 23.15 45.13 14.23
N THR I 309 22.48 44.22 14.93
CA THR I 309 21.03 44.15 14.90
C THR I 309 20.47 45.54 15.08
N ARG I 310 21.06 46.27 16.01
CA ARG I 310 20.69 47.63 16.31
C ARG I 310 20.85 48.52 15.08
N ILE I 311 22.09 48.91 14.81
CA ILE I 311 22.36 49.98 13.85
C ILE I 311 21.94 49.65 12.41
N SER I 312 21.52 48.41 12.17
CA SER I 312 20.96 48.08 10.87
C SER I 312 19.50 48.51 10.83
N LYS I 313 18.77 48.19 11.88
CA LYS I 313 17.39 48.64 12.01
C LYS I 313 17.33 50.15 11.86
N ALA I 314 18.34 50.83 12.40
CA ALA I 314 18.42 52.28 12.31
C ALA I 314 18.41 52.76 10.87
N VAL I 315 19.40 52.33 10.09
CA VAL I 315 19.46 52.71 8.68
C VAL I 315 18.29 52.15 7.86
N HIS I 316 17.86 50.94 8.14
CA HIS I 316 16.70 50.38 7.44
C HIS I 316 15.44 51.23 7.60
N GLU I 317 15.13 51.61 8.84
CA GLU I 317 14.00 52.49 9.12
C GLU I 317 14.21 53.90 8.57
N THR I 318 15.39 54.45 8.77
CA THR I 318 15.73 55.77 8.21
C THR I 318 15.38 55.89 6.72
N ILE I 319 15.83 54.94 5.91
CA ILE I 319 15.61 55.06 4.47
C ILE I 319 14.17 54.74 4.06
N ALA I 320 13.53 53.79 4.77
CA ALA I 320 12.12 53.54 4.57
C ALA I 320 11.28 54.79 4.86
N GLU I 321 11.68 55.53 5.89
CA GLU I 321 11.01 56.76 6.28
C GLU I 321 11.33 57.92 5.35
N GLY I 322 10.71 57.89 4.19
CA GLY I 322 10.83 58.95 3.21
C GLY I 322 12.02 59.90 3.34
N LYS I 323 11.73 61.20 3.20
CA LYS I 323 12.75 62.23 3.08
C LYS I 323 13.71 62.23 4.27
N HIS I 324 14.87 62.85 4.05
CA HIS I 324 16.04 62.79 4.93
C HIS I 324 16.99 61.71 4.45
N THR I 325 16.58 61.04 3.39
CA THR I 325 17.38 60.02 2.73
C THR I 325 18.31 60.72 1.74
N THR I 326 19.35 60.02 1.31
CA THR I 326 20.41 60.60 0.46
C THR I 326 20.05 60.63 -1.04
N ARG I 327 20.75 61.48 -1.79
CA ARG I 327 20.41 61.82 -3.20
C ARG I 327 19.96 60.68 -4.11
N ASP I 328 20.79 59.65 -4.24
CA ASP I 328 20.58 58.56 -5.19
C ASP I 328 19.38 57.65 -4.93
N ILE I 329 18.82 57.68 -3.72
CA ILE I 329 17.65 56.88 -3.41
C ILE I 329 16.39 57.66 -3.77
N GLY I 330 16.55 58.97 -3.92
CA GLY I 330 15.44 59.83 -4.29
C GLY I 330 15.22 60.94 -3.28
N GLY I 331 16.16 61.08 -2.37
CA GLY I 331 16.08 62.13 -1.36
C GLY I 331 16.88 63.35 -1.76
N SER I 332 17.09 64.25 -0.80
CA SER I 332 17.83 65.47 -1.07
C SER I 332 18.85 65.75 0.02
N SER I 333 18.97 64.81 0.96
CA SER I 333 19.91 64.93 2.07
C SER I 333 21.35 64.58 1.65
N SER I 334 22.33 65.11 2.39
CA SER I 334 23.73 64.80 2.17
C SER I 334 24.19 63.62 3.04
N THR I 335 25.36 63.07 2.73
CA THR I 335 25.92 61.97 3.49
C THR I 335 25.90 62.30 4.98
N THR I 336 26.34 63.51 5.27
CA THR I 336 26.33 64.07 6.59
C THR I 336 24.95 63.99 7.27
N ASP I 337 23.92 64.43 6.56
CA ASP I 337 22.58 64.49 7.15
C ASP I 337 22.02 63.10 7.37
N PHE I 338 22.20 62.23 6.38
CA PHE I 338 21.72 60.85 6.46
C PHE I 338 22.36 60.14 7.65
N THR I 339 23.68 60.30 7.80
CA THR I 339 24.39 59.73 8.95
C THR I 339 23.70 60.13 10.25
N ASN I 340 23.44 61.43 10.40
CA ASN I 340 22.91 61.97 11.65
C ASN I 340 21.50 61.53 11.98
N GLU I 341 20.74 61.19 10.95
CA GLU I 341 19.41 60.64 11.16
C GLU I 341 19.52 59.24 11.76
N ILE I 342 20.53 58.51 11.31
CA ILE I 342 20.77 57.19 11.85
C ILE I 342 21.18 57.31 13.30
N ILE I 343 22.20 58.10 13.58
CA ILE I 343 22.65 58.31 14.95
C ILE I 343 21.51 58.84 15.81
N ASN I 344 20.61 59.62 15.21
CA ASN I 344 19.45 60.14 15.92
C ASN I 344 18.43 59.05 16.25
N LYS I 345 17.99 58.32 15.24
CA LYS I 345 17.07 57.20 15.47
C LYS I 345 17.67 56.24 16.47
N LEU I 346 18.98 56.14 16.42
CA LEU I 346 19.71 55.19 17.23
C LEU I 346 19.67 55.61 18.70
N SER I 347 19.68 56.93 18.93
CA SER I 347 19.73 57.47 20.30
C SER I 347 18.42 57.31 21.06
N THR I 348 17.45 56.64 20.46
CA THR I 348 16.14 56.51 21.06
C THR I 348 15.62 55.07 21.04
N MET I 349 16.53 54.09 20.93
CA MET I 349 16.09 52.72 20.68
C MET I 349 15.70 51.90 21.92
N LYS J 4 23.40 55.67 -46.41
CA LYS J 4 24.53 54.81 -46.72
C LYS J 4 24.73 53.70 -45.69
N GLN J 5 24.69 52.46 -46.15
CA GLN J 5 24.90 51.29 -45.29
C GLN J 5 26.41 51.10 -45.02
N PRO J 6 26.76 50.47 -43.88
CA PRO J 6 28.15 50.33 -43.41
C PRO J 6 29.07 49.73 -44.47
N SER J 7 30.12 50.46 -44.80
CA SER J 7 31.12 50.03 -45.77
C SER J 7 31.67 48.61 -45.54
N ILE J 8 31.72 48.21 -44.28
CA ILE J 8 32.46 47.03 -43.87
C ILE J 8 31.90 45.69 -44.37
N GLY J 9 30.59 45.49 -44.25
CA GLY J 9 30.00 44.24 -44.67
C GLY J 9 29.14 44.39 -45.91
N ARG J 10 29.54 45.31 -46.79
CA ARG J 10 28.73 45.75 -47.92
C ARG J 10 28.17 44.65 -48.81
N TYR J 11 26.85 44.70 -49.00
CA TYR J 11 26.17 43.83 -49.94
C TYR J 11 26.58 44.17 -51.37
N THR J 12 26.88 43.15 -52.16
CA THR J 12 27.10 43.34 -53.59
C THR J 12 25.82 42.96 -54.35
N GLY J 13 24.95 43.94 -54.53
CA GLY J 13 23.62 43.73 -55.07
C GLY J 13 23.50 42.81 -56.27
N LYS J 14 23.18 43.39 -57.43
CA LYS J 14 22.96 42.61 -58.65
C LYS J 14 21.68 41.76 -58.54
N PRO J 15 20.54 42.34 -58.95
CA PRO J 15 19.34 41.52 -59.12
C PRO J 15 19.53 40.59 -60.30
N ASN J 16 19.03 39.36 -60.17
CA ASN J 16 19.12 38.35 -61.23
C ASN J 16 18.55 38.87 -62.55
N PRO J 17 19.42 39.22 -63.50
CA PRO J 17 19.03 39.90 -64.75
C PRO J 17 17.78 39.33 -65.42
N SER J 18 17.52 38.03 -65.31
CA SER J 18 16.34 37.44 -65.96
C SER J 18 15.03 37.84 -65.25
N THR J 19 15.07 37.99 -63.92
CA THR J 19 13.93 38.49 -63.16
C THR J 19 14.30 39.84 -62.56
N GLY J 20 13.30 40.67 -62.25
CA GLY J 20 13.59 41.93 -61.62
C GLY J 20 14.22 41.77 -60.24
N LYS J 21 14.22 40.53 -59.76
CA LYS J 21 14.47 40.23 -58.36
C LYS J 21 15.92 39.92 -57.97
N TYR J 22 16.19 40.07 -56.68
CA TYR J 22 17.43 39.62 -56.03
C TYR J 22 17.25 38.19 -55.54
N THR J 23 18.35 37.46 -55.45
CA THR J 23 18.32 36.09 -54.94
C THR J 23 18.79 36.01 -53.49
N VAL J 24 18.00 35.34 -52.66
CA VAL J 24 18.31 35.17 -51.25
C VAL J 24 18.08 33.73 -50.80
N SER J 25 19.10 33.13 -50.19
CA SER J 25 18.99 31.77 -49.65
C SER J 25 18.11 31.82 -48.39
N PHE J 26 17.28 30.79 -48.20
CA PHE J 26 16.41 30.81 -47.04
C PHE J 26 16.92 30.01 -45.86
N ILE J 27 16.93 28.69 -45.96
CA ILE J 27 17.19 27.87 -44.78
C ILE J 27 16.00 27.99 -43.85
N GLU J 28 14.88 27.38 -44.22
CA GLU J 28 13.69 27.39 -43.38
C GLU J 28 14.01 26.93 -41.96
N GLY J 29 14.96 26.02 -41.83
CA GLY J 29 15.28 25.45 -40.53
C GLY J 29 14.20 24.48 -40.10
N ASP J 30 14.34 23.88 -38.92
CA ASP J 30 13.35 22.92 -38.45
C ASP J 30 12.54 23.44 -37.27
N GLY J 31 11.58 22.63 -36.81
CA GLY J 31 10.70 23.03 -35.74
C GLY J 31 9.66 24.02 -36.22
N ILE J 32 9.50 25.12 -35.49
CA ILE J 32 8.56 26.14 -35.92
C ILE J 32 9.11 26.90 -37.13
N GLY J 33 10.29 26.50 -37.57
CA GLY J 33 10.95 27.13 -38.70
C GLY J 33 10.09 27.23 -39.95
N PRO J 34 9.61 26.08 -40.46
CA PRO J 34 8.76 26.08 -41.65
C PRO J 34 7.59 27.07 -41.59
N GLU J 35 6.76 26.99 -40.55
CA GLU J 35 5.62 27.89 -40.44
C GLU J 35 6.03 29.36 -40.28
N ILE J 36 6.98 29.61 -39.38
CA ILE J 36 7.51 30.94 -39.18
C ILE J 36 8.10 31.47 -40.49
N SER J 37 8.53 30.54 -41.35
CA SER J 37 9.23 30.89 -42.58
C SER J 37 8.30 31.38 -43.68
N LYS J 38 7.34 30.54 -44.06
CA LYS J 38 6.44 30.93 -45.15
C LYS J 38 5.59 32.13 -44.71
N SER J 39 5.46 32.29 -43.41
CA SER J 39 4.87 33.50 -42.86
C SER J 39 5.62 34.72 -43.41
N VAL J 40 6.94 34.61 -43.50
CA VAL J 40 7.76 35.70 -43.99
C VAL J 40 7.66 35.80 -45.50
N LYS J 41 7.64 34.65 -46.16
CA LYS J 41 7.55 34.61 -47.62
C LYS J 41 6.30 35.33 -48.11
N LYS J 42 5.17 35.08 -47.45
CA LYS J 42 3.91 35.74 -47.79
C LYS J 42 3.96 37.26 -47.61
N ILE J 43 4.29 37.69 -46.40
CA ILE J 43 4.43 39.12 -46.10
C ILE J 43 5.38 39.83 -47.07
N PHE J 44 6.41 39.12 -47.50
CA PHE J 44 7.40 39.68 -48.42
C PHE J 44 6.78 39.82 -49.81
N SER J 45 6.10 38.76 -50.24
CA SER J 45 5.35 38.77 -51.49
C SER J 45 4.46 40.02 -51.58
N ALA J 46 3.57 40.16 -50.61
CA ALA J 46 2.58 41.23 -50.59
C ALA J 46 3.18 42.61 -50.79
N ALA J 47 4.33 42.87 -50.16
CA ALA J 47 4.95 44.18 -50.24
C ALA J 47 5.75 44.39 -51.52
N ASN J 48 5.72 43.39 -52.40
CA ASN J 48 6.42 43.47 -53.69
C ASN J 48 7.93 43.59 -53.55
N VAL J 49 8.50 42.77 -52.67
CA VAL J 49 9.94 42.77 -52.49
C VAL J 49 10.63 42.13 -53.68
N PRO J 50 11.62 42.83 -54.25
CA PRO J 50 12.50 42.39 -55.34
C PRO J 50 13.31 41.14 -54.95
N ILE J 51 12.65 40.14 -54.39
CA ILE J 51 13.37 39.01 -53.82
C ILE J 51 12.72 37.68 -54.12
N GLU J 52 13.51 36.78 -54.69
CA GLU J 52 13.09 35.40 -54.91
C GLU J 52 13.86 34.50 -53.95
N TRP J 53 13.18 33.51 -53.39
CA TRP J 53 13.77 32.65 -52.37
C TRP J 53 14.41 31.39 -52.96
N GLU J 54 15.70 31.19 -52.65
CA GLU J 54 16.39 29.96 -53.02
C GLU J 54 16.69 29.07 -51.79
N SER J 55 15.67 28.43 -51.23
CA SER J 55 15.82 27.72 -49.96
C SER J 55 16.87 26.60 -50.07
N CYS J 56 17.70 26.47 -49.03
CA CYS J 56 18.74 25.44 -48.98
C CYS J 56 18.87 24.80 -47.61
N ASP J 57 19.50 23.63 -47.57
CA ASP J 57 19.56 22.80 -46.36
C ASP J 57 20.98 22.73 -45.81
N VAL J 58 21.13 23.14 -44.55
CA VAL J 58 22.43 23.19 -43.91
C VAL J 58 22.70 21.97 -43.04
N SER J 59 21.86 20.94 -43.13
CA SER J 59 22.12 19.69 -42.41
C SER J 59 23.56 19.24 -42.69
N PRO J 60 24.35 19.03 -41.63
CA PRO J 60 25.80 18.97 -41.78
C PRO J 60 26.29 17.65 -42.33
N ILE J 61 27.33 17.72 -43.17
CA ILE J 61 28.10 16.55 -43.53
C ILE J 61 29.18 16.37 -42.47
N PHE J 62 30.07 15.42 -42.68
CA PHE J 62 31.17 15.23 -41.77
C PHE J 62 32.44 14.84 -42.52
N VAL J 63 32.86 15.67 -43.47
CA VAL J 63 34.17 15.53 -44.11
C VAL J 63 35.35 15.64 -43.13
N ASN J 64 36.06 14.54 -42.93
CA ASN J 64 37.20 14.47 -42.01
C ASN J 64 36.83 14.63 -40.54
N GLY J 65 35.79 13.93 -40.09
CA GLY J 65 35.34 13.98 -38.70
C GLY J 65 34.88 15.35 -38.25
N LEU J 66 35.45 16.38 -38.88
CA LEU J 66 35.10 17.79 -38.65
C LEU J 66 33.85 18.15 -39.44
N THR J 67 32.81 18.61 -38.75
CA THR J 67 31.51 18.87 -39.39
C THR J 67 31.59 19.98 -40.42
N THR J 68 31.21 19.65 -41.65
CA THR J 68 31.20 20.60 -42.75
C THR J 68 29.76 20.86 -43.17
N ILE J 69 29.56 21.91 -43.95
CA ILE J 69 28.24 22.26 -44.44
C ILE J 69 28.14 21.96 -45.95
N PRO J 70 27.03 21.30 -46.37
CA PRO J 70 26.74 20.78 -47.71
C PRO J 70 27.09 21.72 -48.84
N ASP J 71 27.59 21.18 -49.96
CA ASP J 71 27.90 22.01 -51.13
C ASP J 71 26.71 22.76 -51.72
N PRO J 72 25.57 22.07 -51.89
CA PRO J 72 24.33 22.72 -52.29
C PRO J 72 24.15 24.07 -51.60
N ALA J 73 24.17 24.06 -50.26
CA ALA J 73 23.95 25.26 -49.48
C ALA J 73 25.13 26.25 -49.56
N VAL J 74 26.35 25.73 -49.62
CA VAL J 74 27.52 26.60 -49.72
C VAL J 74 27.45 27.42 -51.00
N GLN J 75 27.37 26.74 -52.14
CA GLN J 75 27.29 27.40 -53.45
C GLN J 75 26.18 28.44 -53.48
N SER J 76 25.01 28.05 -53.00
CA SER J 76 23.86 28.94 -52.93
C SER J 76 24.15 30.22 -52.15
N ILE J 77 24.67 30.05 -50.93
CA ILE J 77 24.88 31.18 -50.07
C ILE J 77 26.07 32.04 -50.49
N THR J 78 27.12 31.43 -51.05
CA THR J 78 28.27 32.22 -51.46
C THR J 78 27.87 33.04 -52.68
N LYS J 79 26.98 32.46 -53.49
CA LYS J 79 26.46 33.11 -54.69
C LYS J 79 25.65 34.36 -54.33
N ASN J 80 24.39 34.16 -53.93
CA ASN J 80 23.60 35.23 -53.37
C ASN J 80 24.33 35.65 -52.12
N LEU J 81 24.75 36.89 -51.99
CA LEU J 81 25.65 37.23 -50.89
C LEU J 81 24.96 37.34 -49.52
N VAL J 82 23.77 36.74 -49.40
CA VAL J 82 22.91 36.92 -48.24
C VAL J 82 21.95 35.76 -48.00
N ALA J 83 21.64 35.49 -46.74
CA ALA J 83 20.74 34.40 -46.40
C ALA J 83 19.94 34.75 -45.18
N LEU J 84 18.80 34.10 -44.99
CA LEU J 84 17.93 34.38 -43.86
C LEU J 84 17.47 33.09 -43.18
N LYS J 85 18.19 32.64 -42.14
CA LYS J 85 17.88 31.37 -41.52
C LYS J 85 16.98 31.47 -40.30
N GLY J 86 16.07 30.50 -40.16
CA GLY J 86 15.28 30.34 -38.96
C GLY J 86 16.02 29.43 -38.01
N PRO J 87 15.31 28.90 -36.99
CA PRO J 87 15.95 28.14 -35.92
C PRO J 87 16.21 26.72 -36.36
N LEU J 88 17.31 26.13 -35.92
CA LEU J 88 17.55 24.72 -36.18
C LEU J 88 18.00 23.97 -34.93
N ALA J 89 17.84 22.64 -34.96
CA ALA J 89 18.07 21.80 -33.80
C ALA J 89 19.54 21.63 -33.43
N THR J 90 19.83 20.62 -32.62
CA THR J 90 21.20 20.32 -32.20
C THR J 90 21.59 18.93 -32.73
N PRO J 91 21.96 18.85 -34.03
CA PRO J 91 22.35 17.58 -34.68
C PRO J 91 23.33 16.78 -33.83
N HIS J 96 29.53 17.62 -34.93
CA HIS J 96 30.59 17.35 -33.96
C HIS J 96 31.58 18.49 -34.11
N ARG J 97 31.07 19.68 -33.82
CA ARG J 97 31.68 20.98 -34.07
C ARG J 97 30.49 21.91 -34.28
N SER J 98 30.04 22.56 -33.20
CA SER J 98 28.88 23.47 -33.25
C SER J 98 28.39 23.80 -34.67
N LEU J 99 27.12 23.54 -34.95
CA LEU J 99 26.57 23.81 -36.27
C LEU J 99 26.65 25.29 -36.62
N ASN J 100 26.30 26.12 -35.64
CA ASN J 100 26.38 27.57 -35.83
C ASN J 100 27.81 28.05 -35.98
N LEU J 101 28.76 27.30 -35.40
CA LEU J 101 30.16 27.70 -35.44
C LEU J 101 30.74 27.43 -36.81
N THR J 102 30.51 26.22 -37.31
CA THR J 102 31.02 25.88 -38.62
C THR J 102 30.25 26.65 -39.67
N LEU J 103 29.17 27.30 -39.25
CA LEU J 103 28.44 28.14 -40.17
C LEU J 103 29.14 29.48 -40.33
N ARG J 104 29.68 30.02 -39.24
CA ARG J 104 30.41 31.28 -39.28
C ARG J 104 31.78 31.07 -39.92
N LYS J 105 32.40 29.94 -39.63
CA LYS J 105 33.75 29.71 -40.10
C LYS J 105 33.79 29.51 -41.63
N THR J 106 32.74 28.91 -42.18
CA THR J 106 32.70 28.63 -43.61
C THR J 106 32.17 29.81 -44.45
N PHE J 107 31.64 30.84 -43.78
CA PHE J 107 31.13 32.02 -44.47
C PHE J 107 31.77 33.33 -44.03
N GLY J 108 32.79 33.22 -43.17
CA GLY J 108 33.56 34.37 -42.73
C GLY J 108 32.77 35.42 -41.98
N LEU J 109 31.77 34.99 -41.22
CA LEU J 109 30.96 35.88 -40.41
C LEU J 109 31.73 36.22 -39.17
N PHE J 110 31.77 37.50 -38.81
CA PHE J 110 32.63 37.92 -37.71
C PHE J 110 32.00 38.91 -36.75
N ALA J 111 30.78 39.37 -37.03
CA ALA J 111 30.15 40.36 -36.18
C ALA J 111 28.68 40.07 -35.93
N ASN J 112 28.30 39.93 -34.66
CA ASN J 112 26.91 39.75 -34.28
C ASN J 112 26.27 41.10 -33.97
N VAL J 113 25.21 41.46 -34.69
CA VAL J 113 24.50 42.68 -34.39
C VAL J 113 23.19 42.37 -33.68
N ARG J 114 23.05 42.87 -32.47
CA ARG J 114 21.91 42.54 -31.63
C ARG J 114 21.24 43.77 -31.06
N PRO J 115 20.04 44.07 -31.56
CA PRO J 115 19.19 45.16 -31.10
C PRO J 115 18.15 44.61 -30.14
N ALA J 116 17.82 45.37 -29.12
CA ALA J 116 16.71 45.00 -28.25
C ALA J 116 15.91 46.24 -27.98
N LYS J 117 14.73 46.29 -28.57
CA LYS J 117 13.83 47.41 -28.38
C LYS J 117 12.50 46.94 -27.82
N SER J 118 11.96 47.77 -26.92
CA SER J 118 10.63 47.53 -26.40
C SER J 118 9.62 47.40 -27.52
N ILE J 119 8.64 46.52 -27.31
CA ILE J 119 7.58 46.33 -28.29
C ILE J 119 6.31 47.06 -27.87
N GLU J 120 5.71 47.76 -28.83
CA GLU J 120 4.45 48.46 -28.63
C GLU J 120 3.35 47.47 -28.31
N GLY J 121 2.70 47.65 -27.17
CA GLY J 121 1.53 46.85 -26.83
C GLY J 121 1.88 45.54 -26.16
N PHE J 122 3.13 45.39 -25.76
CA PHE J 122 3.53 44.26 -24.94
C PHE J 122 4.27 44.79 -23.72
N LYS J 123 3.62 44.73 -22.56
CA LYS J 123 4.18 45.34 -21.36
C LYS J 123 5.14 44.41 -20.63
N THR J 124 6.39 44.83 -20.53
CA THR J 124 7.37 44.21 -19.65
C THR J 124 7.84 45.19 -18.58
N THR J 125 8.64 44.68 -17.65
CA THR J 125 9.02 45.43 -16.48
C THR J 125 9.87 46.65 -16.81
N TYR J 126 10.68 46.54 -17.85
CA TYR J 126 11.55 47.65 -18.25
C TYR J 126 10.95 48.39 -19.43
N GLU J 127 11.15 49.71 -19.45
CA GLU J 127 10.47 50.56 -20.42
C GLU J 127 11.47 51.39 -21.21
N ASN J 128 11.04 51.83 -22.40
CA ASN J 128 11.85 52.71 -23.25
C ASN J 128 13.22 52.14 -23.53
N VAL J 129 13.31 50.81 -23.51
CA VAL J 129 14.57 50.17 -23.82
C VAL J 129 14.73 50.07 -25.33
N ASP J 130 15.73 50.78 -25.85
CA ASP J 130 16.09 50.71 -27.25
C ASP J 130 17.60 50.57 -27.32
N LEU J 131 18.07 49.34 -27.53
CA LEU J 131 19.48 49.04 -27.38
C LEU J 131 20.08 48.44 -28.64
N VAL J 132 21.32 48.80 -28.92
CA VAL J 132 22.07 48.22 -30.02
C VAL J 132 23.48 47.84 -29.60
N LEU J 133 23.86 46.60 -29.89
CA LEU J 133 25.14 46.05 -29.49
C LEU J 133 25.78 45.24 -30.62
N ILE J 134 27.04 45.55 -30.91
CA ILE J 134 27.82 44.77 -31.86
C ILE J 134 28.81 43.92 -31.07
N ARG J 135 28.90 42.64 -31.41
CA ARG J 135 29.73 41.69 -30.70
C ARG J 135 30.73 40.99 -31.63
N GLU J 136 31.98 40.91 -31.18
CA GLU J 136 33.02 40.16 -31.88
C GLU J 136 32.70 38.65 -31.78
N ASN J 137 32.60 37.97 -32.91
CA ASN J 137 32.16 36.57 -32.93
C ASN J 137 33.18 35.64 -33.58
N THR J 138 34.45 35.96 -33.38
CA THR J 138 35.53 35.28 -34.06
C THR J 138 36.46 34.66 -33.03
N GLU J 139 36.95 35.51 -32.13
CA GLU J 139 37.99 35.13 -31.19
C GLU J 139 37.56 35.40 -29.75
N GLY J 140 38.48 35.97 -28.99
CA GLY J 140 38.24 36.28 -27.61
C GLY J 140 38.20 35.03 -26.77
N GLU J 141 37.42 35.08 -25.70
CA GLU J 141 37.22 33.94 -24.81
C GLU J 141 36.82 32.68 -25.58
N TYR J 142 36.30 32.86 -26.78
CA TYR J 142 35.69 31.75 -27.52
C TYR J 142 36.55 31.22 -28.67
N SER J 143 37.86 31.25 -28.52
CA SER J 143 38.74 30.50 -29.42
C SER J 143 38.87 29.11 -28.82
N GLY J 144 39.10 28.12 -29.65
CA GLY J 144 39.06 26.75 -29.17
C GLY J 144 40.17 26.38 -28.20
N ILE J 145 41.01 27.36 -27.88
CA ILE J 145 42.28 27.10 -27.22
C ILE J 145 42.18 26.93 -25.72
N GLU J 146 42.25 25.69 -25.26
CA GLU J 146 42.42 25.42 -23.82
C GLU J 146 43.29 24.18 -23.56
N HIS J 147 43.98 24.19 -22.42
CA HIS J 147 45.03 23.22 -22.12
C HIS J 147 44.98 22.67 -20.71
N ILE J 148 45.31 21.40 -20.55
CA ILE J 148 45.48 20.87 -19.23
C ILE J 148 46.96 20.91 -18.92
N VAL J 149 47.38 21.92 -18.16
CA VAL J 149 48.81 22.13 -17.94
C VAL J 149 49.43 21.12 -16.99
N CYS J 150 48.59 20.53 -16.16
CA CYS J 150 48.97 19.38 -15.34
C CYS J 150 47.75 18.93 -14.55
N PRO J 151 47.82 17.74 -13.91
CA PRO J 151 46.71 17.06 -13.24
C PRO J 151 45.42 17.86 -12.99
N GLY J 152 45.48 18.79 -12.03
CA GLY J 152 44.29 19.54 -11.68
C GLY J 152 44.30 21.00 -12.09
N VAL J 153 44.93 21.30 -13.23
CA VAL J 153 45.11 22.68 -13.67
C VAL J 153 44.77 22.91 -15.15
N VAL J 154 43.87 23.86 -15.40
CA VAL J 154 43.42 24.12 -16.76
C VAL J 154 43.63 25.56 -17.17
N GLN J 155 43.91 25.77 -18.46
CA GLN J 155 44.02 27.11 -19.03
C GLN J 155 43.02 27.22 -20.16
N SER J 156 42.14 28.22 -20.09
CA SER J 156 41.36 28.59 -21.26
C SER J 156 41.99 29.87 -21.78
N ILE J 157 42.27 29.92 -23.07
CA ILE J 157 42.99 31.07 -23.60
C ILE J 157 42.13 32.02 -24.43
N LYS J 158 42.11 33.27 -23.96
CA LYS J 158 41.38 34.35 -24.61
C LYS J 158 42.30 35.02 -25.61
N LEU J 159 41.85 35.08 -26.86
CA LEU J 159 42.67 35.59 -27.92
C LEU J 159 42.09 36.91 -28.39
N ILE J 160 42.92 37.94 -28.43
CA ILE J 160 42.49 39.22 -28.95
C ILE J 160 43.55 39.79 -29.86
N THR J 161 43.15 40.05 -31.11
CA THR J 161 44.05 40.56 -32.15
C THR J 161 43.56 41.89 -32.70
N ARG J 162 44.47 42.68 -33.28
CA ARG J 162 44.05 43.99 -33.78
C ARG J 162 43.22 43.83 -35.03
N ASP J 163 43.61 42.88 -35.89
CA ASP J 163 42.92 42.63 -37.16
C ASP J 163 41.45 42.30 -36.96
N ALA J 164 41.17 41.41 -36.03
CA ALA J 164 39.81 40.99 -35.73
C ALA J 164 39.05 42.10 -35.03
N SER J 165 39.74 42.83 -34.17
CA SER J 165 39.14 43.92 -33.41
C SER J 165 38.78 45.11 -34.33
N GLU J 166 39.77 45.54 -35.10
CA GLU J 166 39.61 46.61 -36.06
C GLU J 166 38.30 46.49 -36.84
N ARG J 167 38.07 45.33 -37.45
CA ARG J 167 36.96 45.20 -38.38
C ARG J 167 35.59 45.09 -37.70
N VAL J 168 35.57 44.81 -36.41
CA VAL J 168 34.30 44.83 -35.69
C VAL J 168 34.03 46.26 -35.27
N ILE J 169 35.02 46.86 -34.65
CA ILE J 169 34.94 48.24 -34.19
C ILE J 169 34.57 49.17 -35.34
N ARG J 170 35.10 48.90 -36.53
CA ARG J 170 34.70 49.66 -37.72
C ARG J 170 33.22 49.51 -38.01
N TYR J 171 32.77 48.30 -38.23
CA TYR J 171 31.36 48.07 -38.49
C TYR J 171 30.48 48.77 -37.44
N ALA J 172 30.99 48.93 -36.22
CA ALA J 172 30.23 49.58 -35.16
C ALA J 172 30.12 51.10 -35.35
N PHE J 173 31.25 51.76 -35.64
CA PHE J 173 31.26 53.19 -35.99
C PHE J 173 30.37 53.42 -37.19
N GLU J 174 30.53 52.57 -38.21
CA GLU J 174 29.82 52.72 -39.48
C GLU J 174 28.34 52.39 -39.35
N TYR J 175 28.00 51.49 -38.44
CA TYR J 175 26.61 51.12 -38.20
C TYR J 175 25.96 52.19 -37.34
N ALA J 176 26.70 52.68 -36.34
CA ALA J 176 26.20 53.77 -35.51
C ALA J 176 25.86 54.97 -36.40
N ARG J 177 26.73 55.25 -37.37
CA ARG J 177 26.49 56.30 -38.36
C ARG J 177 25.27 56.02 -39.22
N ALA J 178 25.15 54.77 -39.67
CA ALA J 178 24.07 54.39 -40.57
C ALA J 178 22.68 54.40 -39.92
N ILE J 179 22.61 54.52 -38.60
CA ILE J 179 21.31 54.55 -37.92
C ILE J 179 21.20 55.81 -37.04
N GLY J 180 22.15 56.71 -37.24
CA GLY J 180 22.05 58.05 -36.68
C GLY J 180 22.12 58.08 -35.17
N ARG J 181 23.07 57.35 -34.62
CA ARG J 181 23.36 57.42 -33.19
C ARG J 181 24.73 58.07 -33.06
N PRO J 182 24.83 59.07 -32.19
CA PRO J 182 26.02 59.92 -32.00
C PRO J 182 27.16 59.22 -31.27
N ARG J 183 26.79 58.42 -30.27
CA ARG J 183 27.74 57.85 -29.33
C ARG J 183 28.07 56.41 -29.72
N VAL J 184 29.30 55.96 -29.43
CA VAL J 184 29.62 54.54 -29.59
C VAL J 184 30.54 54.09 -28.47
N ILE J 185 30.07 53.10 -27.71
CA ILE J 185 30.71 52.70 -26.47
C ILE J 185 31.45 51.37 -26.57
N VAL J 186 32.72 51.40 -26.18
CA VAL J 186 33.57 50.21 -26.16
C VAL J 186 33.52 49.63 -24.76
N VAL J 187 32.81 48.52 -24.60
CA VAL J 187 32.73 47.81 -23.33
C VAL J 187 33.98 46.96 -23.13
N HIS J 188 34.59 47.03 -21.95
CA HIS J 188 35.86 46.37 -21.75
C HIS J 188 36.13 46.12 -20.28
N LYS J 189 37.35 45.71 -19.98
CA LYS J 189 37.77 45.53 -18.60
C LYS J 189 39.29 45.69 -18.52
N SER J 190 39.80 46.72 -19.20
CA SER J 190 41.23 47.03 -19.21
C SER J 190 41.82 47.06 -17.81
N THR J 191 40.93 47.11 -16.82
CA THR J 191 41.28 47.17 -15.42
C THR J 191 42.14 45.98 -15.04
N ILE J 192 41.66 44.79 -15.32
CA ILE J 192 42.40 43.60 -14.95
C ILE J 192 42.86 42.76 -16.14
N GLN J 193 42.31 43.01 -17.31
CA GLN J 193 42.80 42.40 -18.55
C GLN J 193 43.57 43.42 -19.38
N ARG J 194 44.61 43.98 -18.78
CA ARG J 194 45.36 45.09 -19.37
C ARG J 194 45.66 44.94 -20.83
N LEU J 195 46.34 43.86 -21.20
CA LEU J 195 46.76 43.69 -22.59
C LEU J 195 45.60 43.33 -23.50
N ALA J 196 44.84 42.30 -23.15
CA ALA J 196 43.76 41.80 -23.98
C ALA J 196 42.72 42.88 -24.27
N ASP J 197 42.02 43.31 -23.23
CA ASP J 197 41.00 44.33 -23.41
C ASP J 197 41.61 45.66 -23.75
N GLY J 198 42.82 45.91 -23.26
CA GLY J 198 43.56 47.12 -23.59
C GLY J 198 43.74 47.28 -25.08
N LEU J 199 44.12 46.20 -25.78
CA LEU J 199 44.28 46.26 -27.22
C LEU J 199 42.96 46.60 -27.91
N PHE J 200 41.89 45.97 -27.48
CA PHE J 200 40.58 46.23 -28.05
C PHE J 200 40.28 47.72 -27.94
N VAL J 201 40.41 48.25 -26.73
CA VAL J 201 40.13 49.65 -26.46
C VAL J 201 41.00 50.60 -27.29
N ASN J 202 42.31 50.39 -27.31
CA ASN J 202 43.21 51.23 -28.09
C ASN J 202 42.84 51.25 -29.57
N VAL J 203 42.51 50.08 -30.10
CA VAL J 203 42.10 49.95 -31.51
C VAL J 203 40.85 50.78 -31.82
N ALA J 204 39.92 50.83 -30.87
CA ALA J 204 38.78 51.74 -31.02
C ALA J 204 39.24 53.20 -30.92
N LYS J 205 40.06 53.51 -29.91
CA LYS J 205 40.54 54.88 -29.71
C LYS J 205 41.29 55.38 -30.94
N GLU J 206 42.03 54.49 -31.60
CA GLU J 206 42.77 54.87 -32.80
C GLU J 206 41.84 55.02 -34.01
N LEU J 207 40.85 54.14 -34.14
CA LEU J 207 39.87 54.27 -35.21
C LEU J 207 38.98 55.48 -34.99
N SER J 208 38.73 55.81 -33.73
CA SER J 208 37.92 56.95 -33.35
C SER J 208 38.15 58.14 -34.28
N LYS J 209 39.41 58.40 -34.59
CA LYS J 209 39.77 59.61 -35.32
C LYS J 209 39.27 59.65 -36.76
N GLU J 210 39.25 58.52 -37.45
CA GLU J 210 38.70 58.53 -38.81
C GLU J 210 37.17 58.37 -38.88
N TYR J 211 36.50 58.68 -37.77
CA TYR J 211 35.05 58.76 -37.70
C TYR J 211 34.68 59.88 -36.73
N PRO J 212 34.88 61.13 -37.16
CA PRO J 212 34.78 62.32 -36.29
C PRO J 212 33.34 62.73 -36.00
N ASP J 213 32.39 62.21 -36.77
CA ASP J 213 30.98 62.51 -36.55
C ASP J 213 30.46 61.77 -35.32
N LEU J 214 31.08 60.63 -35.02
CA LEU J 214 30.72 59.85 -33.85
C LEU J 214 31.62 60.16 -32.66
N THR J 215 31.05 60.06 -31.47
CA THR J 215 31.82 60.24 -30.25
C THR J 215 32.06 58.88 -29.58
N LEU J 216 33.33 58.59 -29.32
CA LEU J 216 33.74 57.35 -28.68
C LEU J 216 33.82 57.45 -27.15
N GLU J 217 33.08 56.59 -26.47
CA GLU J 217 33.21 56.46 -25.03
C GLU J 217 33.74 55.06 -24.67
N THR J 218 34.35 54.93 -23.50
CA THR J 218 34.79 53.63 -23.03
C THR J 218 34.19 53.33 -21.67
N GLU J 219 33.66 52.12 -21.52
CA GLU J 219 32.99 51.72 -20.29
C GLU J 219 33.39 50.30 -19.85
N LEU J 220 33.54 50.10 -18.55
CA LEU J 220 33.75 48.76 -17.99
C LEU J 220 32.44 48.00 -17.94
N ILE J 221 32.46 46.70 -18.23
CA ILE J 221 31.23 45.93 -18.19
C ILE J 221 30.56 46.26 -16.88
N ASP J 222 31.39 46.40 -15.85
CA ASP J 222 30.93 46.81 -14.53
C ASP J 222 29.78 47.79 -14.65
N ASN J 223 30.06 48.90 -15.32
CA ASN J 223 29.09 49.98 -15.45
C ASN J 223 28.08 49.71 -16.54
N SER J 224 28.54 49.18 -17.66
CA SER J 224 27.65 48.82 -18.77
C SER J 224 26.47 47.97 -18.29
N VAL J 225 26.72 47.03 -17.40
CA VAL J 225 25.62 46.24 -16.89
C VAL J 225 24.87 46.99 -15.78
N LEU J 226 25.61 47.67 -14.91
CA LEU J 226 24.96 48.41 -13.83
C LEU J 226 23.99 49.44 -14.40
N LYS J 227 24.50 50.27 -15.30
CA LYS J 227 23.76 51.40 -15.80
C LYS J 227 22.60 50.98 -16.68
N VAL J 228 22.80 49.96 -17.51
CA VAL J 228 21.74 49.54 -18.42
C VAL J 228 20.53 49.01 -17.67
N VAL J 229 20.76 48.28 -16.58
CA VAL J 229 19.66 47.72 -15.82
C VAL J 229 18.94 48.76 -14.94
N THR J 230 19.69 49.74 -14.43
CA THR J 230 19.07 50.82 -13.67
C THR J 230 18.26 51.73 -14.61
N ASN J 231 18.75 51.92 -15.82
CA ASN J 231 18.08 52.80 -16.77
C ASN J 231 18.40 52.56 -18.25
N PRO J 232 17.66 51.63 -18.87
CA PRO J 232 17.91 51.18 -20.24
C PRO J 232 18.03 52.30 -21.27
N SER J 233 17.31 53.40 -21.05
CA SER J 233 17.21 54.43 -22.08
C SER J 233 18.48 55.26 -22.21
N ALA J 234 19.38 55.15 -21.23
CA ALA J 234 20.59 55.97 -21.24
C ALA J 234 21.48 55.56 -22.41
N TYR J 235 21.07 54.51 -23.10
CA TYR J 235 21.82 53.97 -24.22
C TYR J 235 20.96 53.89 -25.47
N THR J 236 19.96 54.76 -25.58
CA THR J 236 19.11 54.74 -26.76
C THR J 236 19.79 55.47 -27.94
N ASP J 237 20.97 56.04 -27.67
CA ASP J 237 21.84 56.59 -28.70
C ASP J 237 23.17 55.84 -28.66
N ALA J 238 23.06 54.52 -28.66
CA ALA J 238 24.13 53.64 -28.22
C ALA J 238 25.07 53.14 -29.30
N VAL J 239 24.81 51.92 -29.75
CA VAL J 239 25.82 51.10 -30.40
C VAL J 239 27.03 50.87 -29.50
N SER J 240 27.03 49.72 -28.83
CA SER J 240 28.14 49.29 -27.98
C SER J 240 28.91 48.17 -28.69
N VAL J 241 30.24 48.28 -28.70
CA VAL J 241 31.07 47.25 -29.28
C VAL J 241 31.83 46.58 -28.15
N CYS J 242 32.02 45.27 -28.27
CA CYS J 242 32.74 44.53 -27.25
C CYS J 242 33.18 43.15 -27.71
N PRO J 243 34.21 42.61 -27.06
CA PRO J 243 34.78 41.29 -27.36
C PRO J 243 33.77 40.19 -27.13
N ASN J 244 34.09 38.99 -27.60
CA ASN J 244 33.12 37.89 -27.70
C ASN J 244 32.28 37.61 -26.46
N LEU J 245 32.90 37.49 -25.30
CA LEU J 245 32.18 37.09 -24.09
C LEU J 245 31.25 38.17 -23.56
N TYR J 246 31.81 39.35 -23.31
CA TYR J 246 31.00 40.46 -22.85
C TYR J 246 29.80 40.63 -23.78
N GLY J 247 30.06 40.50 -25.07
CA GLY J 247 29.02 40.55 -26.07
C GLY J 247 27.94 39.50 -25.92
N ASP J 248 28.34 38.25 -25.75
CA ASP J 248 27.38 37.16 -25.63
C ASP J 248 26.44 37.36 -24.44
N ILE J 249 26.98 37.91 -23.37
CA ILE J 249 26.22 38.11 -22.15
C ILE J 249 25.35 39.36 -22.21
N LEU J 250 25.97 40.47 -22.59
CA LEU J 250 25.24 41.74 -22.67
C LEU J 250 24.07 41.68 -23.64
N SER J 251 24.23 40.94 -24.73
CA SER J 251 23.19 40.88 -25.73
C SER J 251 22.00 40.04 -25.22
N ASP J 252 22.29 38.88 -24.64
CA ASP J 252 21.26 38.08 -24.00
C ASP J 252 20.63 38.85 -22.82
N LEU J 253 21.41 39.71 -22.18
CA LEU J 253 20.90 40.57 -21.10
C LEU J 253 19.95 41.63 -21.66
N ASN J 254 20.44 42.38 -22.63
CA ASN J 254 19.67 43.42 -23.28
C ASN J 254 18.31 42.88 -23.69
N SER J 255 18.29 41.68 -24.24
CA SER J 255 17.02 41.06 -24.64
C SER J 255 16.14 40.81 -23.44
N GLY J 256 16.75 40.42 -22.33
CA GLY J 256 16.01 40.21 -21.10
C GLY J 256 15.32 41.46 -20.61
N LEU J 257 15.99 42.60 -20.78
CA LEU J 257 15.42 43.91 -20.48
C LEU J 257 14.27 44.26 -21.41
N SER J 258 14.47 44.04 -22.71
CA SER J 258 13.51 44.51 -23.69
C SER J 258 12.21 43.71 -23.68
N ALA J 259 12.32 42.40 -23.54
CA ALA J 259 11.18 41.50 -23.71
C ALA J 259 11.06 40.41 -22.65
N GLY J 260 12.06 40.30 -21.79
CA GLY J 260 12.03 39.31 -20.72
C GLY J 260 12.37 37.91 -21.18
N SER J 261 12.30 37.67 -22.48
CA SER J 261 12.86 36.47 -23.08
C SER J 261 13.58 36.89 -24.33
N LEU J 262 13.74 35.98 -25.27
CA LEU J 262 14.33 36.37 -26.54
C LEU J 262 13.56 35.82 -27.75
N GLY J 263 12.26 35.62 -27.55
CA GLY J 263 11.38 35.20 -28.61
C GLY J 263 11.06 36.34 -29.56
N LEU J 264 11.55 37.54 -29.22
CA LEU J 264 11.33 38.71 -30.07
C LEU J 264 12.64 39.23 -30.67
N THR J 265 13.74 38.60 -30.31
CA THR J 265 15.04 39.15 -30.69
C THR J 265 15.52 38.60 -32.02
N PRO J 266 15.92 39.52 -32.92
CA PRO J 266 16.54 39.30 -34.23
C PRO J 266 18.04 39.43 -34.13
N SER J 267 18.79 38.63 -34.85
CA SER J 267 20.23 38.86 -34.90
C SER J 267 20.67 38.94 -36.34
N ALA J 268 21.81 39.59 -36.55
CA ALA J 268 22.41 39.69 -37.86
C ALA J 268 23.86 39.28 -37.69
N ASN J 269 24.29 38.34 -38.52
CA ASN J 269 25.67 37.89 -38.51
C ASN J 269 26.44 38.34 -39.74
N ILE J 270 27.15 39.44 -39.59
CA ILE J 270 27.82 40.08 -40.71
C ILE J 270 29.19 39.50 -41.02
N GLY J 271 29.38 39.10 -42.27
CA GLY J 271 30.68 38.67 -42.76
C GLY J 271 31.21 39.68 -43.77
N HIS J 272 32.43 39.48 -44.25
CA HIS J 272 33.04 40.43 -45.18
C HIS J 272 32.24 40.64 -46.44
N LYS J 273 31.92 39.54 -47.14
CA LYS J 273 31.08 39.64 -48.35
C LYS J 273 29.73 38.92 -48.19
N ILE J 274 29.67 37.93 -47.31
CA ILE J 274 28.40 37.28 -47.02
C ILE J 274 27.81 37.85 -45.73
N SER J 275 26.58 37.48 -45.42
CA SER J 275 25.92 37.88 -44.17
C SER J 275 24.63 37.10 -43.97
N ILE J 276 24.44 36.56 -42.78
CA ILE J 276 23.26 35.77 -42.48
C ILE J 276 22.42 36.42 -41.39
N PHE J 277 21.11 36.39 -41.57
CA PHE J 277 20.17 37.04 -40.67
C PHE J 277 19.23 36.00 -40.09
N GLU J 278 19.26 35.85 -38.77
CA GLU J 278 18.52 34.77 -38.12
C GLU J 278 17.75 35.24 -36.89
N ALA J 279 16.77 34.44 -36.48
CA ALA J 279 16.11 34.65 -35.21
C ALA J 279 16.89 33.87 -34.19
N VAL J 280 16.94 34.37 -32.97
CA VAL J 280 17.79 33.76 -31.96
C VAL J 280 17.05 32.82 -31.00
N HIS J 281 15.74 32.69 -31.16
CA HIS J 281 14.99 31.75 -30.34
C HIS J 281 15.22 30.33 -30.86
N GLY J 282 14.72 29.35 -30.13
CA GLY J 282 14.97 27.96 -30.46
C GLY J 282 14.02 27.38 -31.48
N SER J 283 14.01 26.05 -31.58
CA SER J 283 13.19 25.35 -32.58
C SER J 283 11.76 25.12 -32.09
N ALA J 284 11.52 25.41 -30.81
CA ALA J 284 10.20 25.22 -30.17
C ALA J 284 9.45 24.02 -30.74
N PRO J 285 10.04 22.83 -30.61
CA PRO J 285 9.55 21.59 -31.22
C PRO J 285 8.14 21.20 -30.77
N ASP J 286 7.75 21.63 -29.57
CA ASP J 286 6.49 21.24 -28.97
C ASP J 286 5.30 22.07 -29.45
N ILE J 287 5.59 23.19 -30.10
CA ILE J 287 4.54 24.08 -30.59
C ILE J 287 4.52 24.03 -32.12
N ALA J 288 5.38 23.16 -32.66
CA ALA J 288 5.61 23.08 -34.10
C ALA J 288 4.47 22.39 -34.83
N GLY J 289 3.95 23.05 -35.87
CA GLY J 289 2.85 22.53 -36.66
C GLY J 289 1.50 23.07 -36.23
N GLN J 290 1.35 23.35 -34.94
CA GLN J 290 0.08 23.79 -34.37
C GLN J 290 -0.22 25.24 -34.67
N ASP J 291 0.70 25.90 -35.36
CA ASP J 291 0.46 27.25 -35.86
C ASP J 291 0.42 28.30 -34.74
N LYS J 292 1.30 28.17 -33.75
CA LYS J 292 1.31 29.09 -32.61
C LYS J 292 2.58 29.93 -32.55
N ALA J 293 3.55 29.60 -33.40
CA ALA J 293 4.83 30.29 -33.42
C ALA J 293 4.66 31.79 -33.58
N ASN J 294 5.74 32.54 -33.41
CA ASN J 294 5.68 33.99 -33.57
C ASN J 294 6.74 34.57 -34.50
N PRO J 295 6.37 34.77 -35.78
CA PRO J 295 7.25 35.23 -36.85
C PRO J 295 7.99 36.51 -36.52
N THR J 296 7.49 37.28 -35.56
CA THR J 296 8.02 38.61 -35.30
C THR J 296 9.52 38.60 -35.26
N ALA J 297 10.06 37.62 -34.53
CA ALA J 297 11.49 37.48 -34.35
C ALA J 297 12.23 37.40 -35.69
N LEU J 298 11.94 36.36 -36.46
CA LEU J 298 12.55 36.20 -37.78
C LEU J 298 12.22 37.39 -38.67
N LEU J 299 10.97 37.85 -38.57
CA LEU J 299 10.45 38.92 -39.41
C LEU J 299 11.31 40.17 -39.29
N LEU J 300 11.73 40.49 -38.07
CA LEU J 300 12.57 41.65 -37.82
C LEU J 300 13.97 41.45 -38.37
N SER J 301 14.43 40.21 -38.38
CA SER J 301 15.70 39.90 -39.00
C SER J 301 15.61 40.13 -40.51
N SER J 302 14.41 39.93 -41.07
CA SER J 302 14.17 40.21 -42.48
C SER J 302 14.40 41.68 -42.74
N VAL J 303 13.82 42.51 -41.88
CA VAL J 303 14.02 43.95 -41.97
C VAL J 303 15.50 44.31 -41.92
N MET J 304 16.18 43.88 -40.86
CA MET J 304 17.63 44.01 -40.77
C MET J 304 18.30 43.66 -42.10
N MET J 305 17.86 42.56 -42.71
CA MET J 305 18.42 42.12 -43.98
C MET J 305 18.12 43.13 -45.09
N LEU J 306 16.85 43.49 -45.24
CA LEU J 306 16.46 44.50 -46.20
C LEU J 306 17.41 45.70 -46.14
N ASN J 307 17.49 46.35 -44.99
CA ASN J 307 18.40 47.49 -44.82
C ASN J 307 19.84 47.17 -45.26
N HIS J 308 20.36 46.03 -44.83
CA HIS J 308 21.72 45.62 -45.22
C HIS J 308 21.86 45.51 -46.74
N MET J 309 20.76 45.20 -47.40
CA MET J 309 20.76 45.03 -48.86
C MET J 309 20.58 46.36 -49.58
N GLY J 310 19.97 47.32 -48.89
CA GLY J 310 19.75 48.65 -49.46
C GLY J 310 18.28 48.97 -49.69
N LEU J 311 17.42 47.96 -49.53
CA LEU J 311 15.99 48.13 -49.76
C LEU J 311 15.28 48.89 -48.64
N THR J 312 15.87 50.03 -48.26
CA THR J 312 15.34 50.87 -47.20
C THR J 312 13.82 50.92 -47.20
N ASN J 313 13.26 51.44 -48.28
CA ASN J 313 11.83 51.69 -48.39
C ASN J 313 10.99 50.48 -47.97
N HIS J 314 11.37 49.29 -48.41
CA HIS J 314 10.65 48.08 -48.08
C HIS J 314 10.79 47.73 -46.61
N ALA J 315 12.02 47.83 -46.10
CA ALA J 315 12.30 47.52 -44.70
C ALA J 315 11.46 48.39 -43.78
N ASP J 316 11.59 49.71 -43.95
CA ASP J 316 10.83 50.66 -43.16
C ASP J 316 9.34 50.35 -43.30
N GLN J 317 8.94 49.96 -44.51
CA GLN J 317 7.55 49.60 -44.78
C GLN J 317 7.11 48.44 -43.89
N ILE J 318 7.87 47.34 -43.95
CA ILE J 318 7.51 46.11 -43.25
C ILE J 318 7.68 46.22 -41.74
N GLN J 319 8.50 47.17 -41.31
CA GLN J 319 8.74 47.34 -39.88
C GLN J 319 7.88 48.44 -39.26
N ASN J 320 8.10 49.69 -39.70
CA ASN J 320 7.41 50.88 -39.17
C ASN J 320 5.89 50.71 -39.16
N ALA J 321 5.35 50.30 -40.30
CA ALA J 321 3.99 49.82 -40.33
C ALA J 321 4.05 48.33 -40.03
N VAL J 322 3.03 47.59 -40.42
CA VAL J 322 2.99 46.14 -40.25
C VAL J 322 3.54 45.70 -38.90
N LEU J 323 3.76 44.39 -38.78
CA LEU J 323 4.14 43.75 -37.53
C LEU J 323 4.25 44.69 -36.33
N SER J 324 5.20 45.62 -36.38
CA SER J 324 5.42 46.50 -35.25
C SER J 324 4.10 47.17 -34.82
N THR J 325 3.28 47.51 -35.80
CA THR J 325 2.00 48.19 -35.56
C THR J 325 0.84 47.19 -35.36
N ILE J 326 0.90 46.06 -36.06
CA ILE J 326 -0.15 45.05 -35.93
C ILE J 326 -0.05 44.33 -34.59
N ALA J 327 1.12 44.41 -33.96
CA ALA J 327 1.27 43.88 -32.60
C ALA J 327 0.62 44.83 -31.60
N SER J 328 -0.40 45.56 -32.07
CA SER J 328 -1.21 46.43 -31.23
C SER J 328 -2.71 46.16 -31.40
N GLY J 329 -3.28 45.55 -30.36
CA GLY J 329 -4.61 44.95 -30.40
C GLY J 329 -4.46 43.47 -30.12
N PRO J 330 -4.92 43.02 -28.93
CA PRO J 330 -4.76 41.62 -28.47
C PRO J 330 -5.49 40.56 -29.32
N GLU J 331 -6.38 40.99 -30.20
CA GLU J 331 -7.00 40.08 -31.17
C GLU J 331 -5.94 39.60 -32.15
N ASN J 332 -5.01 40.50 -32.47
CA ASN J 332 -3.76 40.15 -33.13
C ASN J 332 -2.81 39.55 -32.09
N ARG J 333 -1.52 39.83 -32.20
CA ARG J 333 -0.53 39.23 -31.27
C ARG J 333 -0.57 37.70 -31.32
N THR J 334 0.32 37.06 -30.57
CA THR J 334 0.34 35.61 -30.52
C THR J 334 0.26 35.16 -29.07
N GLY J 335 0.21 33.84 -28.84
CA GLY J 335 0.08 33.31 -27.49
C GLY J 335 1.16 33.77 -26.54
N ASP J 336 2.37 33.93 -27.08
CA ASP J 336 3.52 34.37 -26.31
C ASP J 336 3.44 35.82 -25.81
N LEU J 337 2.51 36.61 -26.36
CA LEU J 337 2.35 38.01 -25.96
C LEU J 337 0.95 38.32 -25.44
N ALA J 338 0.33 37.31 -24.82
CA ALA J 338 -1.04 37.40 -24.31
C ALA J 338 -2.10 37.27 -25.42
N GLY J 339 -1.73 37.66 -26.65
CA GLY J 339 -2.61 37.62 -27.79
C GLY J 339 -3.30 36.29 -28.06
N THR J 340 -4.26 36.32 -28.98
CA THR J 340 -5.09 35.16 -29.25
C THR J 340 -4.91 34.67 -30.67
N ALA J 341 -4.24 35.48 -31.48
CA ALA J 341 -4.08 35.18 -32.90
C ALA J 341 -3.13 34.01 -33.17
N THR J 342 -3.32 33.41 -34.33
CA THR J 342 -2.49 32.31 -34.79
C THR J 342 -1.37 32.88 -35.66
N THR J 343 -0.38 32.03 -35.97
CA THR J 343 0.67 32.43 -36.92
C THR J 343 -0.04 32.85 -38.20
N SER J 344 -1.07 32.09 -38.55
CA SER J 344 -1.89 32.34 -39.72
C SER J 344 -2.50 33.73 -39.68
N SER J 345 -3.29 34.00 -38.65
CA SER J 345 -4.01 35.28 -38.57
C SER J 345 -3.08 36.46 -38.36
N PHE J 346 -1.91 36.21 -37.75
CA PHE J 346 -0.94 37.27 -37.54
C PHE J 346 -0.40 37.74 -38.89
N THR J 347 -0.17 36.80 -39.78
CA THR J 347 0.40 37.12 -41.09
C THR J 347 -0.54 37.92 -42.00
N GLU J 348 -1.81 37.53 -42.07
CA GLU J 348 -2.76 38.31 -42.86
C GLU J 348 -3.08 39.62 -42.16
N ALA J 349 -3.26 39.57 -40.84
CA ALA J 349 -3.49 40.77 -40.03
C ALA J 349 -2.33 41.76 -40.19
N VAL J 350 -1.14 41.22 -40.48
CA VAL J 350 0.02 42.05 -40.74
C VAL J 350 -0.08 42.66 -42.13
N ILE J 351 -0.22 41.80 -43.13
CA ILE J 351 -0.22 42.26 -44.52
C ILE J 351 -1.24 43.38 -44.77
N LYS J 352 -2.32 43.39 -43.98
CA LYS J 352 -3.34 44.42 -44.12
C LYS J 352 -2.72 45.82 -44.00
N ARG J 353 -1.99 46.04 -42.90
CA ARG J 353 -1.36 47.34 -42.66
C ARG J 353 0.01 47.39 -43.33
N LEU J 354 0.21 46.42 -44.22
CA LEU J 354 1.44 46.27 -44.96
C LEU J 354 1.53 47.30 -46.09
N ARG K 8 49.33 -7.47 -3.87
CA ARG K 8 48.92 -7.46 -5.26
C ARG K 8 49.73 -6.36 -5.98
N THR K 9 50.90 -6.05 -5.44
CA THR K 9 51.68 -4.93 -5.92
C THR K 9 53.13 -5.27 -6.22
N LEU K 10 53.52 -6.53 -6.01
CA LEU K 10 54.85 -6.98 -6.42
C LEU K 10 54.77 -7.48 -7.84
N PRO K 11 55.88 -7.96 -8.40
CA PRO K 11 55.82 -8.44 -9.79
C PRO K 11 55.16 -9.80 -9.92
N LYS K 12 54.26 -9.95 -10.89
CA LYS K 12 53.61 -11.23 -11.21
C LYS K 12 54.57 -12.38 -11.00
N LYS K 13 54.18 -13.36 -10.18
CA LYS K 13 55.03 -14.51 -9.85
C LYS K 13 54.18 -15.70 -9.42
N TYR K 14 54.43 -16.82 -10.06
CA TYR K 14 53.69 -18.01 -9.69
C TYR K 14 54.66 -19.16 -9.50
N GLY K 15 54.65 -19.73 -8.31
CA GLY K 15 55.59 -20.77 -7.95
C GLY K 15 56.94 -20.54 -8.59
N GLY K 16 57.63 -19.47 -8.20
CA GLY K 16 58.99 -19.18 -8.62
C GLY K 16 59.15 -18.57 -10.01
N ARG K 17 58.06 -18.41 -10.75
CA ARG K 17 58.17 -17.92 -12.12
C ARG K 17 57.51 -16.56 -12.31
N PHE K 18 58.36 -15.56 -12.61
CA PHE K 18 57.90 -14.22 -12.89
C PHE K 18 57.20 -14.22 -14.24
N THR K 19 56.21 -13.36 -14.41
CA THR K 19 55.64 -13.13 -15.73
C THR K 19 55.91 -11.70 -16.14
N VAL K 20 56.91 -11.50 -16.99
CA VAL K 20 57.34 -10.19 -17.43
C VAL K 20 56.71 -9.80 -18.76
N THR K 21 56.46 -8.50 -18.96
CA THR K 21 55.93 -8.03 -20.24
C THR K 21 57.03 -7.82 -21.26
N LEU K 22 56.78 -8.23 -22.50
CA LEU K 22 57.75 -8.09 -23.58
C LEU K 22 57.17 -7.28 -24.73
N ILE K 23 57.78 -6.15 -25.04
CA ILE K 23 57.31 -5.31 -26.12
C ILE K 23 58.44 -5.08 -27.08
N PRO K 24 58.53 -5.92 -28.12
CA PRO K 24 59.62 -5.86 -29.10
C PRO K 24 59.66 -4.50 -29.78
N GLY K 25 58.52 -4.06 -30.30
CA GLY K 25 58.43 -2.75 -30.90
C GLY K 25 59.06 -2.70 -32.27
N ASP K 26 59.21 -1.50 -32.81
CA ASP K 26 59.56 -1.32 -34.22
C ASP K 26 61.07 -1.37 -34.44
N GLY K 27 61.44 -1.48 -35.72
CA GLY K 27 62.84 -1.55 -36.11
C GLY K 27 63.53 -2.80 -35.60
N VAL K 28 64.82 -2.69 -35.32
CA VAL K 28 65.61 -3.82 -34.85
C VAL K 28 65.06 -4.37 -33.56
N GLY K 29 63.99 -3.74 -33.08
CA GLY K 29 63.33 -4.17 -31.86
C GLY K 29 63.13 -5.67 -31.84
N LYS K 30 62.38 -6.18 -32.81
CA LYS K 30 62.04 -7.61 -32.89
C LYS K 30 63.25 -8.56 -32.79
N GLU K 31 64.36 -8.20 -33.44
CA GLU K 31 65.56 -9.02 -33.43
C GLU K 31 66.31 -8.92 -32.10
N ILE K 32 66.49 -7.70 -31.65
CA ILE K 32 67.26 -7.41 -30.45
C ILE K 32 66.58 -8.01 -29.18
N THR K 33 65.27 -8.17 -29.22
CA THR K 33 64.53 -8.76 -28.10
C THR K 33 64.79 -10.24 -28.10
N ASP K 34 64.62 -10.84 -29.28
CA ASP K 34 64.86 -12.26 -29.51
C ASP K 34 66.22 -12.71 -28.94
N SER K 35 67.26 -11.93 -29.22
CA SER K 35 68.58 -12.19 -28.65
C SER K 35 68.47 -12.46 -27.15
N VAL K 36 67.73 -11.61 -26.45
CA VAL K 36 67.53 -11.80 -25.02
C VAL K 36 66.75 -13.09 -24.71
N ARG K 37 65.64 -13.33 -25.41
CA ARG K 37 64.87 -14.56 -25.22
C ARG K 37 65.79 -15.77 -25.23
N THR K 38 66.56 -15.90 -26.30
CA THR K 38 67.48 -17.00 -26.52
C THR K 38 68.48 -17.17 -25.38
N ILE K 39 69.13 -16.08 -24.99
CA ILE K 39 70.07 -16.12 -23.90
C ILE K 39 69.37 -16.48 -22.60
N PHE K 40 68.08 -16.19 -22.53
CA PHE K 40 67.30 -16.42 -21.31
C PHE K 40 66.92 -17.88 -21.15
N GLU K 41 66.39 -18.50 -22.20
CA GLU K 41 66.00 -19.90 -22.11
C GLU K 41 67.22 -20.80 -22.13
N ALA K 42 68.30 -20.34 -22.74
CA ALA K 42 69.56 -21.07 -22.74
C ALA K 42 70.24 -21.04 -21.36
N GLU K 43 69.79 -20.13 -20.51
CA GLU K 43 70.30 -20.01 -19.16
C GLU K 43 69.22 -20.52 -18.20
N ASN K 44 68.12 -20.99 -18.82
CA ASN K 44 66.91 -21.41 -18.13
C ASN K 44 66.49 -20.51 -16.97
N ILE K 45 66.33 -19.23 -17.28
CA ILE K 45 65.88 -18.23 -16.31
C ILE K 45 64.36 -18.34 -16.13
N PRO K 46 63.92 -18.42 -14.88
CA PRO K 46 62.54 -18.69 -14.49
C PRO K 46 61.56 -17.56 -14.82
N ILE K 47 61.68 -16.92 -15.96
CA ILE K 47 60.69 -15.92 -16.32
C ILE K 47 59.94 -16.29 -17.59
N ASP K 48 58.65 -15.97 -17.61
CA ASP K 48 57.80 -16.22 -18.77
C ASP K 48 57.40 -14.90 -19.40
N TRP K 49 57.64 -14.73 -20.68
CA TRP K 49 57.24 -13.52 -21.35
C TRP K 49 55.76 -13.49 -21.69
N GLU K 50 55.07 -12.43 -21.28
CA GLU K 50 53.79 -12.08 -21.88
C GLU K 50 54.15 -11.05 -22.93
N THR K 51 53.98 -11.39 -24.20
CA THR K 51 54.51 -10.55 -25.25
C THR K 51 53.40 -9.91 -26.09
N ILE K 52 53.49 -8.60 -26.32
CA ILE K 52 52.42 -7.89 -27.01
C ILE K 52 52.88 -7.15 -28.27
N ASN K 53 51.97 -7.05 -29.25
CA ASN K 53 52.21 -6.35 -30.50
C ASN K 53 51.00 -5.53 -30.93
N ILE K 54 51.22 -4.54 -31.79
CA ILE K 54 50.27 -3.42 -31.90
C ILE K 54 49.89 -2.93 -33.29
N LYS K 60 47.37 0.47 -33.22
CA LYS K 60 47.84 1.85 -33.41
C LYS K 60 47.60 2.52 -32.05
N GLU K 61 46.54 2.08 -31.35
CA GLU K 61 46.18 2.65 -30.05
C GLU K 61 46.09 1.56 -29.00
N GLY K 62 46.54 0.37 -29.39
CA GLY K 62 46.64 -0.76 -28.49
C GLY K 62 47.81 -0.56 -27.55
N VAL K 63 48.40 0.63 -27.60
CA VAL K 63 49.34 1.06 -26.56
C VAL K 63 48.61 0.93 -25.24
N TYR K 64 47.29 0.81 -25.34
CA TYR K 64 46.42 0.43 -24.25
C TYR K 64 46.81 -0.94 -23.71
N GLU K 65 46.94 -1.91 -24.61
CA GLU K 65 47.20 -3.27 -24.18
C GLU K 65 48.58 -3.45 -23.56
N ALA K 66 49.50 -2.59 -23.94
CA ALA K 66 50.82 -2.59 -23.32
C ALA K 66 50.72 -2.11 -21.87
N VAL K 67 50.00 -1.00 -21.69
CA VAL K 67 49.75 -0.44 -20.37
C VAL K 67 49.05 -1.47 -19.51
N GLU K 68 47.95 -1.99 -20.01
CA GLU K 68 47.12 -2.90 -19.23
C GLU K 68 47.93 -4.10 -18.78
N SER K 69 48.77 -4.62 -19.67
CA SER K 69 49.66 -5.73 -19.37
C SER K 69 50.61 -5.37 -18.25
N LEU K 70 51.36 -4.30 -18.44
CA LEU K 70 52.33 -3.85 -17.44
C LEU K 70 51.68 -3.61 -16.08
N LYS K 71 50.42 -3.20 -16.08
CA LYS K 71 49.70 -2.97 -14.83
C LYS K 71 49.47 -4.29 -14.08
N ARG K 72 49.30 -5.39 -14.83
CA ARG K 72 49.21 -6.72 -14.23
C ARG K 72 50.58 -7.19 -13.76
N ASN K 73 51.54 -7.22 -14.67
CA ASN K 73 52.83 -7.83 -14.38
C ASN K 73 53.78 -6.93 -13.60
N LYS K 74 53.55 -5.62 -13.67
CA LYS K 74 54.41 -4.62 -13.01
C LYS K 74 55.77 -4.42 -13.69
N ILE K 75 56.27 -5.45 -14.36
CA ILE K 75 57.58 -5.33 -14.98
C ILE K 75 57.57 -5.67 -16.46
N GLY K 76 58.43 -4.96 -17.21
CA GLY K 76 58.48 -5.11 -18.65
C GLY K 76 59.86 -4.92 -19.22
N LEU K 77 60.03 -5.40 -20.45
CA LEU K 77 61.27 -5.30 -21.19
C LEU K 77 60.84 -4.93 -22.60
N LYS K 78 61.34 -3.80 -23.10
CA LYS K 78 60.88 -3.34 -24.42
C LYS K 78 61.95 -2.67 -25.28
N GLY K 79 61.70 -2.68 -26.58
CA GLY K 79 62.51 -1.92 -27.52
C GLY K 79 61.86 -0.57 -27.70
N LEU K 80 62.12 0.07 -28.83
CA LEU K 80 61.51 1.37 -29.09
C LEU K 80 60.46 1.23 -30.17
N TRP K 81 59.41 2.04 -30.07
CA TRP K 81 58.44 2.14 -31.14
C TRP K 81 58.89 3.24 -32.07
N HIS K 82 58.31 3.30 -33.26
CA HIS K 82 58.63 4.37 -34.18
C HIS K 82 57.67 5.53 -34.02
N THR K 83 58.15 6.74 -34.29
CA THR K 83 57.29 7.91 -34.20
C THR K 83 57.33 8.78 -35.45
N PRO K 84 56.15 9.05 -36.03
CA PRO K 84 55.97 9.87 -37.22
C PRO K 84 56.40 11.32 -36.98
N ALA K 85 56.75 12.03 -38.05
CA ALA K 85 57.05 13.44 -37.95
C ALA K 85 55.97 14.26 -38.65
N ASP K 86 55.12 13.59 -39.43
CA ASP K 86 54.04 14.27 -40.15
C ASP K 86 52.97 14.75 -39.20
N GLN K 87 52.08 15.60 -39.72
CA GLN K 87 51.10 16.30 -38.90
C GLN K 87 49.98 15.40 -38.40
N THR K 88 49.57 14.44 -39.23
CA THR K 88 48.49 13.54 -38.84
C THR K 88 49.02 12.21 -38.30
N GLY K 89 50.30 12.23 -37.90
CA GLY K 89 50.93 11.10 -37.23
C GLY K 89 50.37 10.96 -35.84
N HIS K 90 50.59 9.82 -35.22
CA HIS K 90 49.86 9.49 -33.99
C HIS K 90 50.44 10.07 -32.70
N GLY K 91 51.74 10.30 -32.64
CA GLY K 91 52.37 10.78 -31.41
C GLY K 91 53.11 9.69 -30.68
N SER K 92 54.18 10.06 -29.99
CA SER K 92 55.17 9.09 -29.49
C SER K 92 54.66 7.69 -29.17
N LEU K 93 53.77 7.59 -28.21
CA LEU K 93 53.36 6.29 -27.65
C LEU K 93 54.51 5.46 -27.07
N ASN K 94 55.72 5.98 -27.16
CA ASN K 94 56.75 5.58 -26.22
C ASN K 94 56.51 6.39 -24.96
N VAL K 95 56.29 7.70 -25.12
CA VAL K 95 55.97 8.59 -23.99
C VAL K 95 54.58 8.30 -23.46
N ALA K 96 53.64 8.00 -24.35
CA ALA K 96 52.32 7.59 -23.91
C ALA K 96 52.44 6.45 -22.91
N LEU K 97 53.25 5.45 -23.22
CA LEU K 97 53.40 4.33 -22.31
C LEU K 97 53.84 4.82 -20.93
N ARG K 98 54.85 5.67 -20.91
CA ARG K 98 55.41 6.15 -19.65
C ARG K 98 54.46 7.08 -18.89
N LYS K 99 53.86 8.03 -19.59
CA LYS K 99 52.91 8.93 -18.95
C LYS K 99 51.74 8.18 -18.32
N GLN K 100 51.24 7.17 -19.02
CA GLN K 100 50.07 6.45 -18.55
C GLN K 100 50.38 5.52 -17.41
N LEU K 101 51.66 5.23 -17.20
CA LEU K 101 52.04 4.40 -16.08
C LEU K 101 52.78 5.24 -15.06
N ASP K 102 52.92 6.52 -15.34
CA ASP K 102 53.69 7.41 -14.49
C ASP K 102 55.04 6.79 -14.16
N ILE K 103 55.63 6.12 -15.14
CA ILE K 103 57.03 5.71 -15.07
C ILE K 103 57.86 6.95 -15.37
N TYR K 104 58.06 7.76 -14.34
CA TYR K 104 58.56 9.12 -14.52
C TYR K 104 60.09 9.27 -14.60
N ALA K 105 60.82 8.22 -14.27
CA ALA K 105 62.28 8.35 -14.23
C ALA K 105 63.00 7.46 -15.26
N ASN K 106 63.79 8.09 -16.12
CA ASN K 106 64.61 7.36 -17.07
C ASN K 106 66.06 7.36 -16.62
N VAL K 107 66.66 6.17 -16.63
CA VAL K 107 68.09 6.05 -16.33
C VAL K 107 68.80 5.47 -17.54
N ALA K 108 69.84 6.17 -17.99
CA ALA K 108 70.68 5.66 -19.06
C ALA K 108 72.09 5.49 -18.54
N LEU K 109 72.71 4.35 -18.88
CA LEU K 109 74.04 4.04 -18.39
C LEU K 109 75.12 4.08 -19.47
N PHE K 110 75.94 5.11 -19.40
CA PHE K 110 77.01 5.32 -20.36
C PHE K 110 78.33 4.95 -19.70
N LYS K 111 78.68 3.67 -19.82
CA LYS K 111 79.97 3.17 -19.35
C LYS K 111 80.67 2.48 -20.50
N SER K 112 81.89 2.93 -20.82
CA SER K 112 82.60 2.38 -21.96
C SER K 112 82.98 0.92 -21.73
N LEU K 113 83.17 0.21 -22.84
CA LEU K 113 83.39 -1.23 -22.80
C LEU K 113 84.77 -1.57 -23.31
N LYS K 114 85.36 -2.62 -22.74
CA LYS K 114 86.77 -2.92 -22.94
C LYS K 114 87.16 -3.08 -24.41
N GLY K 115 86.43 -3.90 -25.16
CA GLY K 115 86.82 -4.16 -26.53
C GLY K 115 86.29 -3.18 -27.56
N VAL K 116 86.15 -1.91 -27.18
CA VAL K 116 85.57 -0.94 -28.13
C VAL K 116 86.40 0.34 -28.26
N LYS K 117 86.79 0.63 -29.49
CA LYS K 117 87.55 1.84 -29.82
C LYS K 117 86.71 3.08 -29.63
N THR K 118 87.05 3.90 -28.65
CA THR K 118 86.36 5.18 -28.48
C THR K 118 87.37 6.32 -28.35
N ARG K 119 86.95 7.50 -28.79
CA ARG K 119 87.85 8.65 -28.83
C ARG K 119 88.34 9.10 -27.44
N ILE K 120 87.46 9.08 -26.44
CA ILE K 120 87.87 9.29 -25.05
C ILE K 120 87.47 8.07 -24.24
N PRO K 121 88.44 7.40 -23.63
CA PRO K 121 88.23 6.09 -23.01
C PRO K 121 87.99 6.18 -21.52
N ASP K 122 87.55 5.06 -20.92
CA ASP K 122 87.39 4.93 -19.47
C ASP K 122 86.38 5.92 -18.91
N ILE K 123 85.17 5.86 -19.45
CA ILE K 123 84.15 6.86 -19.19
C ILE K 123 82.94 6.22 -18.54
N ASP K 124 82.43 6.85 -17.49
CA ASP K 124 81.37 6.25 -16.69
C ASP K 124 80.43 7.31 -16.13
N LEU K 125 79.37 7.62 -16.87
CA LEU K 125 78.42 8.61 -16.39
C LEU K 125 76.99 8.19 -16.65
N ILE K 126 76.11 8.70 -15.80
CA ILE K 126 74.69 8.35 -15.79
C ILE K 126 73.83 9.57 -16.02
N VAL K 127 72.79 9.40 -16.82
CA VAL K 127 71.91 10.50 -17.13
C VAL K 127 70.51 10.13 -16.71
N ILE K 128 69.98 10.83 -15.72
CA ILE K 128 68.63 10.62 -15.26
C ILE K 128 67.74 11.75 -15.75
N ARG K 129 66.70 11.41 -16.51
CA ARG K 129 65.78 12.41 -17.01
C ARG K 129 64.35 12.18 -16.54
N GLU K 130 63.59 13.25 -16.45
CA GLU K 130 62.18 13.18 -16.12
C GLU K 130 61.43 12.86 -17.41
N ASN K 131 60.48 11.93 -17.34
CA ASN K 131 59.82 11.39 -18.52
C ASN K 131 58.49 12.00 -18.94
N THR K 132 57.74 12.54 -17.97
CA THR K 132 56.32 12.90 -18.17
C THR K 132 56.03 14.38 -18.38
N GLU K 133 57.03 15.22 -18.19
CA GLU K 133 56.82 16.65 -18.09
C GLU K 133 57.78 17.41 -19.02
N GLY K 134 58.05 18.66 -18.70
CA GLY K 134 58.98 19.45 -19.48
C GLY K 134 58.46 19.72 -20.88
N GLU K 135 59.34 19.62 -21.85
CA GLU K 135 58.98 19.83 -23.24
C GLU K 135 58.26 18.59 -23.85
N PHE K 136 58.13 17.53 -23.05
CA PHE K 136 57.44 16.31 -23.47
C PHE K 136 56.01 16.35 -22.98
N SER K 137 55.56 17.53 -22.55
CA SER K 137 54.22 17.64 -21.99
C SER K 137 53.20 17.66 -23.13
N GLY K 138 53.69 17.90 -24.34
CA GLY K 138 52.87 17.84 -25.52
C GLY K 138 51.63 18.72 -25.46
N LEU K 139 51.81 19.96 -25.02
CA LEU K 139 50.75 20.95 -25.09
C LEU K 139 51.16 22.01 -26.11
N GLU K 140 50.41 22.12 -27.21
CA GLU K 140 50.73 23.13 -28.20
C GLU K 140 49.50 23.54 -28.99
N HIS K 141 49.51 24.77 -29.50
CA HIS K 141 48.41 25.27 -30.30
C HIS K 141 48.88 26.33 -31.26
N GLU K 142 48.04 26.61 -32.25
CA GLU K 142 48.31 27.64 -33.26
C GLU K 142 47.26 28.73 -33.10
N SER K 143 47.66 29.88 -32.55
CA SER K 143 46.72 30.96 -32.27
C SER K 143 46.09 31.52 -33.54
N VAL K 144 46.90 32.20 -34.33
CA VAL K 144 46.55 32.57 -35.69
C VAL K 144 47.43 31.75 -36.62
N PRO K 145 47.06 31.67 -37.91
CA PRO K 145 47.85 30.85 -38.84
C PRO K 145 49.31 31.31 -38.87
N GLY K 146 50.23 30.35 -38.73
CA GLY K 146 51.64 30.65 -38.87
C GLY K 146 52.31 30.99 -37.57
N VAL K 147 51.52 31.08 -36.50
CA VAL K 147 52.06 31.33 -35.16
C VAL K 147 51.74 30.16 -34.23
N VAL K 148 52.78 29.48 -33.75
CA VAL K 148 52.59 28.31 -32.93
C VAL K 148 53.24 28.45 -31.57
N GLU K 149 52.48 28.09 -30.52
CA GLU K 149 53.02 28.06 -29.17
C GLU K 149 53.02 26.63 -28.64
N SER K 150 54.17 26.21 -28.17
CA SER K 150 54.30 24.95 -27.48
C SER K 150 54.53 25.29 -26.01
N LEU K 151 53.63 24.81 -25.14
CA LEU K 151 53.73 25.07 -23.71
C LEU K 151 54.58 24.00 -23.00
N LYS K 152 55.55 24.44 -22.22
CA LYS K 152 56.42 23.54 -21.49
C LYS K 152 56.13 23.62 -19.98
N VAL K 153 55.54 22.56 -19.43
CA VAL K 153 55.12 22.58 -18.04
C VAL K 153 56.21 22.06 -17.12
N MET K 154 56.36 22.72 -15.98
CA MET K 154 57.28 22.29 -14.93
C MET K 154 56.57 22.43 -13.60
N THR K 155 56.42 21.34 -12.85
CA THR K 155 55.71 21.40 -11.59
C THR K 155 56.50 20.86 -10.41
N ARG K 156 56.35 21.54 -9.27
CA ARG K 156 57.13 21.21 -8.08
C ARG K 156 57.02 19.74 -7.70
N PRO K 157 55.78 19.21 -7.67
CA PRO K 157 55.62 17.81 -7.28
C PRO K 157 56.43 16.85 -8.16
N LYS K 158 56.24 16.92 -9.48
CA LYS K 158 56.92 16.03 -10.42
C LYS K 158 58.41 16.23 -10.34
N THR K 159 58.82 17.45 -9.97
CA THR K 159 60.24 17.78 -9.91
C THR K 159 60.89 17.34 -8.61
N GLU K 160 60.18 17.46 -7.50
CA GLU K 160 60.74 16.99 -6.24
C GLU K 160 60.94 15.48 -6.38
N ARG K 161 60.00 14.85 -7.05
CA ARG K 161 60.01 13.41 -7.22
C ARG K 161 61.28 12.95 -7.90
N ILE K 162 61.57 13.49 -9.08
CA ILE K 162 62.72 13.06 -9.87
C ILE K 162 64.00 13.41 -9.13
N ALA K 163 63.98 14.57 -8.47
CA ALA K 163 65.11 15.02 -7.69
C ALA K 163 65.50 13.98 -6.66
N ARG K 164 64.52 13.50 -5.91
CA ARG K 164 64.82 12.49 -4.91
C ARG K 164 65.23 11.17 -5.55
N PHE K 165 64.53 10.76 -6.60
CA PHE K 165 64.92 9.55 -7.30
C PHE K 165 66.38 9.59 -7.67
N ALA K 166 66.82 10.70 -8.22
CA ALA K 166 68.22 10.85 -8.64
C ALA K 166 69.16 10.68 -7.47
N PHE K 167 68.89 11.37 -6.38
CA PHE K 167 69.78 11.28 -5.23
C PHE K 167 69.75 9.87 -4.61
N ASP K 168 68.54 9.37 -4.38
CA ASP K 168 68.37 8.00 -3.92
C ASP K 168 69.20 7.03 -4.76
N PHE K 169 69.10 7.18 -6.09
CA PHE K 169 69.84 6.36 -7.03
C PHE K 169 71.34 6.51 -6.84
N ALA K 170 71.79 7.76 -6.71
CA ALA K 170 73.20 8.05 -6.52
C ALA K 170 73.72 7.46 -5.22
N LYS K 171 72.89 7.48 -4.19
CA LYS K 171 73.27 6.92 -2.90
C LYS K 171 73.37 5.40 -3.00
N LYS K 172 72.36 4.80 -3.59
CA LYS K 172 72.28 3.34 -3.72
C LYS K 172 73.44 2.75 -4.51
N TYR K 173 73.88 3.46 -5.54
CA TYR K 173 74.95 2.96 -6.40
C TYR K 173 76.25 3.72 -6.18
N ASN K 174 76.44 4.19 -4.95
CA ASN K 174 77.64 4.92 -4.56
C ASN K 174 78.17 5.84 -5.65
N ARG K 175 77.34 6.80 -6.04
CA ARG K 175 77.74 7.87 -6.94
C ARG K 175 77.97 9.10 -6.10
N LYS K 176 79.07 9.80 -6.33
CA LYS K 176 79.42 10.89 -5.43
C LYS K 176 78.83 12.25 -5.83
N SER K 177 78.60 12.44 -7.13
CA SER K 177 78.16 13.74 -7.65
C SER K 177 76.86 13.70 -8.45
N VAL K 178 76.02 14.69 -8.21
CA VAL K 178 74.77 14.85 -8.97
C VAL K 178 74.64 16.27 -9.49
N THR K 179 74.45 16.39 -10.80
CA THR K 179 74.44 17.71 -11.42
C THR K 179 73.14 17.96 -12.16
N ALA K 180 72.54 19.12 -11.92
CA ALA K 180 71.30 19.47 -12.57
C ALA K 180 71.58 20.27 -13.83
N VAL K 181 71.09 19.78 -14.97
CA VAL K 181 71.25 20.45 -16.25
C VAL K 181 70.01 21.30 -16.54
N HIS K 182 70.21 22.55 -16.92
CA HIS K 182 69.10 23.50 -17.01
C HIS K 182 69.43 24.65 -17.93
N LYS K 183 68.48 25.54 -18.12
CA LYS K 183 68.67 26.73 -18.93
C LYS K 183 68.04 27.86 -18.15
N ALA K 184 68.32 27.87 -16.85
CA ALA K 184 67.59 28.72 -15.91
C ALA K 184 67.91 30.18 -16.07
N ASN K 185 68.95 30.49 -16.85
CA ASN K 185 69.34 31.87 -17.06
C ASN K 185 68.46 32.56 -18.07
N ILE K 186 67.64 31.78 -18.75
CA ILE K 186 66.78 32.32 -19.78
C ILE K 186 65.33 32.02 -19.49
N MET K 187 65.05 30.78 -19.09
CA MET K 187 63.72 30.36 -18.69
C MET K 187 63.73 30.32 -17.17
N LYS K 188 63.67 31.51 -16.58
CA LYS K 188 63.95 31.72 -15.17
C LYS K 188 62.93 31.06 -14.25
N LEU K 189 61.70 30.91 -14.74
CA LEU K 189 60.70 30.25 -13.95
C LEU K 189 60.76 28.74 -14.16
N GLY K 190 60.67 28.31 -15.42
CA GLY K 190 60.63 26.89 -15.73
C GLY K 190 61.86 26.15 -15.25
N ASP K 191 62.97 26.34 -15.95
CA ASP K 191 64.20 25.67 -15.58
C ASP K 191 64.73 26.18 -14.24
N GLY K 192 64.38 27.41 -13.89
CA GLY K 192 64.75 27.93 -12.58
C GLY K 192 64.25 27.02 -11.49
N LEU K 193 62.93 26.78 -11.49
CA LEU K 193 62.29 25.91 -10.51
C LEU K 193 62.97 24.56 -10.41
N PHE K 194 63.27 23.99 -11.56
CA PHE K 194 63.97 22.71 -11.65
C PHE K 194 65.33 22.76 -10.96
N ARG K 195 66.16 23.75 -11.29
CA ARG K 195 67.49 23.87 -10.70
C ARG K 195 67.45 24.07 -9.19
N ASN K 196 66.47 24.83 -8.71
CA ASN K 196 66.35 25.10 -7.30
C ASN K 196 65.95 23.87 -6.54
N ILE K 197 64.74 23.40 -6.81
CA ILE K 197 64.25 22.17 -6.20
C ILE K 197 65.30 21.04 -6.10
N ILE K 198 66.14 20.89 -7.12
CA ILE K 198 67.17 19.87 -7.09
C ILE K 198 68.25 20.21 -6.06
N THR K 199 68.92 21.34 -6.27
CA THR K 199 69.98 21.74 -5.37
C THR K 199 69.41 21.91 -3.95
N GLU K 200 68.20 22.44 -3.87
CA GLU K 200 67.54 22.68 -2.59
C GLU K 200 67.41 21.40 -1.78
N ILE K 201 67.00 20.31 -2.42
CA ILE K 201 66.75 19.08 -1.66
C ILE K 201 67.91 18.09 -1.77
N GLY K 202 69.04 18.60 -2.24
CA GLY K 202 70.27 17.84 -2.21
C GLY K 202 71.14 18.38 -1.08
N GLN K 203 70.66 19.46 -0.46
CA GLN K 203 71.38 20.13 0.60
C GLN K 203 70.78 19.81 1.96
N LYS K 204 69.46 19.77 2.04
CA LYS K 204 68.81 19.50 3.32
C LYS K 204 68.45 18.02 3.52
N GLU K 205 68.52 17.25 2.43
CA GLU K 205 68.50 15.80 2.49
C GLU K 205 69.70 15.42 1.62
N TYR K 206 70.18 14.18 1.70
CA TYR K 206 71.34 13.80 0.88
C TYR K 206 72.54 14.79 0.94
N PRO K 207 72.98 15.14 2.16
CA PRO K 207 74.06 16.11 2.29
C PRO K 207 75.40 15.49 1.92
N ASP K 208 75.46 14.17 1.90
CA ASP K 208 76.70 13.47 1.62
C ASP K 208 77.08 13.55 0.15
N ILE K 209 76.11 13.92 -0.69
CA ILE K 209 76.33 13.96 -2.13
C ILE K 209 76.59 15.37 -2.63
N ASP K 210 77.47 15.49 -3.63
CA ASP K 210 77.84 16.79 -4.17
C ASP K 210 76.84 17.26 -5.22
N VAL K 211 76.03 18.25 -4.86
CA VAL K 211 75.07 18.80 -5.82
C VAL K 211 75.63 20.01 -6.55
N SER K 212 75.28 20.15 -7.83
CA SER K 212 75.73 21.29 -8.61
C SER K 212 74.79 21.50 -9.80
N SER K 213 74.97 22.63 -10.47
CA SER K 213 74.18 22.95 -11.64
C SER K 213 75.10 23.11 -12.83
N ILE K 214 74.53 23.05 -14.01
CA ILE K 214 75.27 23.33 -15.22
C ILE K 214 74.27 23.71 -16.30
N ILE K 215 74.64 24.71 -17.10
CA ILE K 215 73.75 25.20 -18.14
C ILE K 215 73.84 24.26 -19.34
N VAL K 216 72.69 23.88 -19.87
CA VAL K 216 72.59 22.80 -20.83
C VAL K 216 73.54 22.92 -22.01
N ASP K 217 73.70 24.13 -22.53
CA ASP K 217 74.59 24.31 -23.68
C ASP K 217 76.06 24.08 -23.29
N ASN K 218 76.46 24.66 -22.17
CA ASN K 218 77.81 24.48 -21.67
C ASN K 218 78.05 23.04 -21.21
N ALA K 219 77.00 22.41 -20.71
CA ALA K 219 77.07 21.01 -20.33
C ALA K 219 77.38 20.19 -21.57
N SER K 220 76.70 20.51 -22.66
CA SER K 220 76.89 19.82 -23.92
C SER K 220 78.32 19.93 -24.42
N MET K 221 78.94 21.06 -24.14
CA MET K 221 80.30 21.26 -24.60
C MET K 221 81.27 20.47 -23.75
N GLN K 222 81.13 20.52 -22.42
CA GLN K 222 82.03 19.76 -21.57
C GLN K 222 81.87 18.28 -21.84
N ALA K 223 80.64 17.83 -22.04
CA ALA K 223 80.35 16.40 -22.26
C ALA K 223 81.14 15.81 -23.43
N VAL K 224 81.26 16.60 -24.48
CA VAL K 224 81.93 16.16 -25.69
C VAL K 224 83.45 16.30 -25.55
N ALA K 225 83.88 17.31 -24.82
CA ALA K 225 85.31 17.60 -24.72
C ALA K 225 85.99 17.01 -23.48
N LYS K 226 85.31 17.03 -22.34
CA LYS K 226 85.91 16.57 -21.08
C LYS K 226 84.87 15.91 -20.18
N PRO K 227 84.41 14.70 -20.57
CA PRO K 227 83.25 14.02 -19.98
C PRO K 227 83.53 13.45 -18.59
N HIS K 228 84.80 13.27 -18.25
CA HIS K 228 85.15 12.60 -17.01
C HIS K 228 84.77 13.43 -15.79
N GLN K 229 84.50 14.72 -16.01
CA GLN K 229 84.13 15.61 -14.92
C GLN K 229 82.69 15.34 -14.42
N PHE K 230 81.91 14.60 -15.20
CA PHE K 230 80.53 14.31 -14.83
C PHE K 230 80.35 12.91 -14.22
N ASP K 231 79.39 12.81 -13.30
CA ASP K 231 79.09 11.58 -12.57
C ASP K 231 77.64 11.20 -12.83
N VAL K 232 76.72 11.94 -12.23
CA VAL K 232 75.30 11.77 -12.51
C VAL K 232 74.71 13.10 -12.95
N LEU K 233 73.90 13.06 -13.99
CA LEU K 233 73.23 14.24 -14.52
C LEU K 233 71.71 14.08 -14.44
N VAL K 234 71.04 15.05 -13.83
CA VAL K 234 69.58 15.07 -13.76
C VAL K 234 69.05 16.14 -14.69
N THR K 235 68.10 15.78 -15.53
CA THR K 235 67.64 16.72 -16.54
C THR K 235 66.15 16.58 -16.77
N PRO K 236 65.52 17.65 -17.28
CA PRO K 236 64.16 17.57 -17.79
C PRO K 236 64.15 16.81 -19.11
N SER K 237 62.97 16.43 -19.59
CA SER K 237 62.83 15.58 -20.77
C SER K 237 63.78 15.85 -21.95
N MET K 238 63.91 17.12 -22.33
CA MET K 238 64.65 17.48 -23.54
C MET K 238 66.15 17.30 -23.35
N TYR K 239 66.71 18.03 -22.39
CA TYR K 239 68.14 18.05 -22.17
C TYR K 239 68.68 16.62 -22.00
N GLY K 240 67.81 15.71 -21.61
CA GLY K 240 68.19 14.34 -21.36
C GLY K 240 68.34 13.55 -22.65
N THR K 241 67.53 13.90 -23.64
CA THR K 241 67.66 13.36 -24.98
C THR K 241 68.97 13.81 -25.59
N ILE K 242 69.34 15.05 -25.32
CA ILE K 242 70.54 15.62 -25.90
C ILE K 242 71.80 15.09 -25.22
N LEU K 243 71.88 15.20 -23.90
CA LEU K 243 73.05 14.71 -23.21
C LEU K 243 73.12 13.21 -23.40
N GLY K 244 71.96 12.57 -23.43
CA GLY K 244 71.89 11.14 -23.68
C GLY K 244 72.66 10.73 -24.94
N ASN K 245 72.30 11.33 -26.06
CA ASN K 245 72.98 11.01 -27.31
C ASN K 245 74.47 11.37 -27.34
N ILE K 246 74.87 12.45 -26.67
CA ILE K 246 76.29 12.72 -26.50
C ILE K 246 76.94 11.53 -25.83
N GLY K 247 76.34 11.06 -24.74
CA GLY K 247 76.90 9.96 -23.99
C GLY K 247 76.90 8.69 -24.81
N ALA K 248 75.84 8.51 -25.59
CA ALA K 248 75.72 7.34 -26.45
C ALA K 248 76.91 7.28 -27.41
N ALA K 249 77.18 8.39 -28.07
CA ALA K 249 78.32 8.45 -28.98
C ALA K 249 79.63 8.21 -28.25
N LEU K 250 79.82 8.86 -27.10
CA LEU K 250 81.07 8.84 -26.35
C LEU K 250 81.60 7.45 -26.07
N ILE K 251 80.69 6.48 -25.96
CA ILE K 251 81.08 5.14 -25.54
C ILE K 251 81.08 4.11 -26.65
N GLY K 252 80.61 4.49 -27.84
CA GLY K 252 80.62 3.59 -28.97
C GLY K 252 79.41 3.71 -29.88
N GLY K 253 78.25 3.85 -29.27
CA GLY K 253 77.02 3.95 -30.03
C GLY K 253 75.81 3.47 -29.25
N PRO K 254 74.62 3.59 -29.86
CA PRO K 254 73.33 3.32 -29.23
C PRO K 254 73.15 1.86 -28.87
N GLY K 255 74.03 1.00 -29.37
CA GLY K 255 73.89 -0.42 -29.17
C GLY K 255 74.58 -0.91 -27.92
N LEU K 256 75.22 -0.01 -27.18
CA LEU K 256 75.98 -0.41 -26.00
C LEU K 256 75.37 0.14 -24.71
N VAL K 257 74.22 0.79 -24.83
CA VAL K 257 73.67 1.55 -23.72
C VAL K 257 72.47 0.89 -23.06
N ALA K 258 72.64 0.53 -21.79
CA ALA K 258 71.55 -0.05 -21.02
C ALA K 258 70.68 1.07 -20.49
N GLY K 259 69.38 0.81 -20.39
CA GLY K 259 68.46 1.81 -19.90
C GLY K 259 67.34 1.20 -19.09
N ALA K 260 66.71 2.03 -18.27
CA ALA K 260 65.58 1.56 -17.48
C ALA K 260 64.68 2.73 -17.14
N ASN K 261 63.38 2.44 -17.03
CA ASN K 261 62.40 3.45 -16.63
C ASN K 261 61.70 3.04 -15.35
N PHE K 262 61.60 3.97 -14.40
CA PHE K 262 61.00 3.69 -13.11
C PHE K 262 59.81 4.59 -12.76
N GLY K 263 58.73 3.97 -12.31
CA GLY K 263 57.64 4.67 -11.67
C GLY K 263 57.58 4.12 -10.25
N ARG K 264 56.57 4.54 -9.49
CA ARG K 264 56.48 4.07 -8.13
C ARG K 264 56.11 2.60 -8.07
N ASP K 265 55.15 2.21 -8.92
CA ASP K 265 54.65 0.83 -8.92
C ASP K 265 55.24 -0.05 -10.00
N TYR K 266 55.54 0.53 -11.15
CA TYR K 266 56.02 -0.25 -12.28
C TYR K 266 57.47 0.03 -12.62
N ALA K 267 58.04 -0.81 -13.48
CA ALA K 267 59.38 -0.60 -14.03
C ALA K 267 59.45 -1.19 -15.42
N VAL K 268 59.87 -0.39 -16.39
CA VAL K 268 60.02 -0.87 -17.75
C VAL K 268 61.46 -0.66 -18.19
N PHE K 269 62.08 -1.72 -18.67
CA PHE K 269 63.47 -1.67 -19.09
C PHE K 269 63.59 -1.62 -20.60
N GLU K 270 64.35 -0.63 -21.09
CA GLU K 270 64.52 -0.44 -22.51
C GLU K 270 65.96 -0.01 -22.76
N PRO K 271 66.38 0.04 -24.04
CA PRO K 271 67.73 0.52 -24.35
C PRO K 271 67.89 1.98 -23.89
N GLY K 272 69.07 2.30 -23.37
CA GLY K 272 69.32 3.63 -22.86
C GLY K 272 69.54 4.69 -23.92
N SER K 273 69.64 4.29 -25.18
CA SER K 273 69.96 5.25 -26.21
C SER K 273 68.75 5.71 -27.02
N ARG K 274 67.79 4.82 -27.19
CA ARG K 274 66.51 5.23 -27.77
C ARG K 274 66.60 5.49 -29.27
N HIS K 275 67.02 4.47 -30.02
CA HIS K 275 67.00 4.50 -31.47
C HIS K 275 66.34 3.24 -32.03
N VAL K 276 65.55 3.40 -33.08
CA VAL K 276 64.70 2.31 -33.60
C VAL K 276 65.42 1.38 -34.58
N GLY K 277 66.42 1.91 -35.29
CA GLY K 277 67.14 1.12 -36.27
C GLY K 277 66.26 0.67 -37.43
N LEU K 278 65.26 1.47 -37.77
CA LEU K 278 64.36 1.13 -38.87
C LEU K 278 65.07 0.64 -40.13
N ASP K 279 66.15 1.32 -40.50
CA ASP K 279 66.88 1.03 -41.74
C ASP K 279 67.46 -0.40 -41.84
N ILE K 280 67.87 -0.97 -40.71
CA ILE K 280 68.46 -2.31 -40.71
C ILE K 280 67.54 -3.39 -40.13
N LYS K 281 66.23 -3.21 -40.29
CA LYS K 281 65.24 -4.17 -39.80
C LYS K 281 65.28 -5.43 -40.63
N GLY K 282 65.44 -6.57 -39.96
CA GLY K 282 65.37 -7.85 -40.62
C GLY K 282 66.68 -8.28 -41.25
N GLN K 283 67.71 -7.45 -41.08
CA GLN K 283 68.98 -7.74 -41.71
C GLN K 283 69.90 -8.55 -40.82
N ASN K 284 69.53 -8.72 -39.56
CA ASN K 284 70.36 -9.50 -38.66
C ASN K 284 71.76 -8.90 -38.54
N VAL K 285 71.87 -7.61 -38.73
CA VAL K 285 73.16 -6.92 -38.58
C VAL K 285 73.26 -6.23 -37.22
N ALA K 286 72.10 -6.03 -36.59
CA ALA K 286 71.96 -5.24 -35.38
C ALA K 286 72.76 -5.75 -34.18
N ASN K 287 72.99 -4.86 -33.22
CA ASN K 287 73.74 -5.18 -32.01
C ASN K 287 72.84 -5.22 -30.79
N PRO K 288 72.81 -6.37 -30.10
CA PRO K 288 71.88 -6.54 -28.99
C PRO K 288 72.48 -6.21 -27.62
N THR K 289 73.73 -5.73 -27.58
CA THR K 289 74.37 -5.42 -26.31
C THR K 289 73.45 -4.54 -25.46
N ALA K 290 72.92 -3.49 -26.08
CA ALA K 290 72.01 -2.56 -25.40
C ALA K 290 70.92 -3.37 -24.72
N MET K 291 70.11 -4.05 -25.53
CA MET K 291 68.95 -4.77 -25.03
C MET K 291 69.32 -5.75 -23.92
N ILE K 292 70.34 -6.55 -24.15
CA ILE K 292 70.75 -7.57 -23.19
C ILE K 292 71.17 -6.91 -21.88
N LEU K 293 71.99 -5.88 -21.97
CA LEU K 293 72.52 -5.24 -20.77
C LEU K 293 71.44 -4.60 -19.90
N SER K 294 70.46 -3.98 -20.54
CA SER K 294 69.34 -3.44 -19.79
C SER K 294 68.43 -4.59 -19.35
N SER K 295 68.47 -5.69 -20.08
CA SER K 295 67.81 -6.92 -19.66
C SER K 295 68.43 -7.44 -18.35
N THR K 296 69.74 -7.32 -18.21
CA THR K 296 70.39 -7.70 -16.96
C THR K 296 69.97 -6.78 -15.83
N LEU K 297 69.80 -5.49 -16.16
CA LEU K 297 69.31 -4.51 -15.18
C LEU K 297 68.00 -4.96 -14.59
N MET K 298 67.15 -5.55 -15.44
CA MET K 298 65.84 -6.04 -15.02
C MET K 298 65.95 -7.23 -14.09
N LEU K 299 66.89 -8.12 -14.37
CA LEU K 299 67.15 -9.25 -13.49
C LEU K 299 67.56 -8.76 -12.11
N ASN K 300 68.60 -7.95 -12.03
CA ASN K 300 68.99 -7.38 -10.75
C ASN K 300 67.77 -6.84 -10.02
N HIS K 301 66.87 -6.24 -10.79
CA HIS K 301 65.67 -5.65 -10.22
C HIS K 301 64.78 -6.70 -9.56
N LEU K 302 64.24 -7.61 -10.36
CA LEU K 302 63.40 -8.65 -9.77
C LEU K 302 64.22 -9.71 -9.02
N GLY K 303 65.39 -9.31 -8.54
CA GLY K 303 66.08 -10.07 -7.51
C GLY K 303 66.95 -11.23 -7.96
N LEU K 304 66.80 -11.65 -9.21
CA LEU K 304 67.60 -12.72 -9.76
C LEU K 304 69.08 -12.38 -9.61
N ASN K 305 69.66 -11.79 -10.64
CA ASN K 305 70.97 -11.14 -10.52
C ASN K 305 72.20 -12.04 -10.29
N GLU K 306 71.97 -13.28 -9.88
CA GLU K 306 73.03 -14.27 -9.97
C GLU K 306 73.16 -14.39 -11.46
N TYR K 307 72.03 -14.59 -12.13
CA TYR K 307 71.96 -14.61 -13.57
C TYR K 307 72.50 -13.32 -14.19
N ALA K 308 72.09 -12.18 -13.62
CA ALA K 308 72.51 -10.91 -14.16
C ALA K 308 74.03 -10.74 -14.12
N THR K 309 74.59 -10.86 -12.91
CA THR K 309 76.03 -10.83 -12.73
C THR K 309 76.68 -11.74 -13.77
N ARG K 310 76.06 -12.90 -13.95
CA ARG K 310 76.50 -13.89 -14.91
C ARG K 310 76.48 -13.32 -16.32
N ILE K 311 75.30 -13.26 -16.91
CA ILE K 311 75.18 -13.00 -18.35
C ILE K 311 75.68 -11.63 -18.78
N SER K 312 76.02 -10.77 -17.82
CA SER K 312 76.66 -9.50 -18.17
C SER K 312 78.14 -9.73 -18.42
N LYS K 313 78.78 -10.49 -17.52
CA LYS K 313 80.17 -10.87 -17.71
C LYS K 313 80.34 -11.55 -19.06
N ALA K 314 79.34 -12.34 -19.44
CA ALA K 314 79.36 -13.03 -20.72
C ALA K 314 79.51 -12.06 -21.88
N VAL K 315 78.55 -11.14 -22.03
CA VAL K 315 78.62 -10.15 -23.09
C VAL K 315 79.81 -9.19 -22.95
N HIS K 316 80.14 -8.79 -21.73
CA HIS K 316 81.30 -7.94 -21.52
C HIS K 316 82.60 -8.57 -22.04
N GLU K 317 82.85 -9.82 -21.67
CA GLU K 317 84.01 -10.55 -22.15
C GLU K 317 83.93 -10.83 -23.65
N THR K 318 82.78 -11.27 -24.13
CA THR K 318 82.57 -11.48 -25.57
C THR K 318 83.03 -10.29 -26.43
N ILE K 319 82.59 -9.08 -26.08
CA ILE K 319 82.92 -7.94 -26.93
C ILE K 319 84.36 -7.46 -26.73
N ALA K 320 84.88 -7.57 -25.51
CA ALA K 320 86.29 -7.30 -25.25
C ALA K 320 87.18 -8.25 -26.08
N GLU K 321 86.76 -9.50 -26.21
CA GLU K 321 87.49 -10.51 -26.98
C GLU K 321 87.30 -10.32 -28.47
N GLY K 322 88.00 -9.33 -29.00
CA GLY K 322 88.02 -9.07 -30.43
C GLY K 322 86.90 -9.64 -31.27
N LYS K 323 87.28 -10.22 -32.41
CA LYS K 323 86.35 -10.65 -33.44
C LYS K 323 85.32 -11.63 -32.91
N HIS K 324 84.22 -11.74 -33.66
CA HIS K 324 82.98 -12.42 -33.25
C HIS K 324 81.99 -11.41 -32.70
N THR K 325 82.43 -10.17 -32.64
CA THR K 325 81.62 -9.05 -32.20
C THR K 325 80.81 -8.56 -33.41
N THR K 326 79.76 -7.79 -33.14
CA THR K 326 78.81 -7.36 -34.18
C THR K 326 79.28 -6.10 -34.96
N ARG K 327 78.70 -5.90 -36.14
CA ARG K 327 79.15 -4.91 -37.14
C ARG K 327 79.60 -3.54 -36.61
N ASP K 328 78.71 -2.86 -35.89
CA ASP K 328 78.91 -1.48 -35.44
C ASP K 328 80.03 -1.25 -34.43
N ILE K 329 80.49 -2.30 -33.76
CA ILE K 329 81.59 -2.18 -32.81
C ILE K 329 82.93 -2.31 -33.54
N GLY K 330 82.87 -2.88 -34.73
CA GLY K 330 84.06 -3.05 -35.55
C GLY K 330 84.28 -4.50 -35.94
N GLY K 331 83.28 -5.33 -35.67
CA GLY K 331 83.35 -6.75 -36.01
C GLY K 331 82.67 -7.03 -37.33
N SER K 332 82.45 -8.31 -37.61
CA SER K 332 81.81 -8.71 -38.86
C SER K 332 80.74 -9.76 -38.61
N SER K 333 80.49 -10.05 -37.34
CA SER K 333 79.47 -11.02 -36.95
C SER K 333 78.05 -10.45 -37.00
N SER K 334 77.07 -11.33 -37.16
CA SER K 334 75.67 -10.94 -37.14
C SER K 334 75.07 -11.05 -35.73
N THR K 335 73.88 -10.46 -35.54
CA THR K 335 73.19 -10.51 -34.27
C THR K 335 73.13 -11.94 -33.77
N THR K 336 72.75 -12.82 -34.68
CA THR K 336 72.69 -14.23 -34.44
C THR K 336 74.01 -14.79 -33.89
N ASP K 337 75.13 -14.46 -34.53
CA ASP K 337 76.41 -15.03 -34.15
C ASP K 337 76.87 -14.50 -32.79
N PHE K 338 76.71 -13.19 -32.61
CA PHE K 338 77.08 -12.53 -31.36
C PHE K 338 76.31 -13.15 -30.19
N THR K 339 75.00 -13.32 -30.37
CA THR K 339 74.18 -13.97 -29.36
C THR K 339 74.79 -15.31 -28.94
N ASN K 340 75.12 -16.13 -29.93
CA ASN K 340 75.59 -17.49 -29.68
C ASN K 340 76.94 -17.57 -29.01
N GLU K 341 77.75 -16.53 -29.19
CA GLU K 341 79.02 -16.47 -28.47
C GLU K 341 78.76 -16.23 -27.00
N ILE K 342 77.75 -15.42 -26.72
CA ILE K 342 77.38 -15.17 -25.33
C ILE K 342 76.88 -16.47 -24.70
N ILE K 343 75.90 -17.09 -25.33
CA ILE K 343 75.36 -18.35 -24.83
C ILE K 343 76.47 -19.39 -24.72
N ASN K 344 77.46 -19.32 -25.61
CA ASN K 344 78.60 -20.23 -25.57
C ASN K 344 79.51 -19.97 -24.36
N LYS K 345 79.98 -18.72 -24.23
CA LYS K 345 80.80 -18.35 -23.09
C LYS K 345 80.07 -18.68 -21.80
N LEU K 346 78.76 -18.54 -21.87
CA LEU K 346 77.91 -18.71 -20.72
C LEU K 346 77.87 -20.18 -20.29
N SER K 347 77.93 -21.07 -21.28
CA SER K 347 77.81 -22.52 -21.03
C SER K 347 79.06 -23.12 -20.36
N THR K 348 80.02 -22.26 -20.02
CA THR K 348 81.28 -22.75 -19.47
C THR K 348 81.69 -21.97 -18.21
N MET K 349 80.74 -21.35 -17.53
CA MET K 349 81.10 -20.42 -16.47
C MET K 349 81.34 -21.04 -15.07
N GLN L 5 77.16 36.79 -52.07
CA GLN L 5 76.82 36.67 -50.65
C GLN L 5 75.29 36.57 -50.48
N PRO L 6 74.82 35.94 -49.39
CA PRO L 6 73.41 35.65 -49.14
C PRO L 6 72.52 36.89 -49.26
N SER L 7 71.54 36.81 -50.15
CA SER L 7 70.58 37.90 -50.38
C SER L 7 69.94 38.46 -49.10
N ILE L 8 69.77 37.59 -48.10
CA ILE L 8 68.93 37.89 -46.94
C ILE L 8 69.45 38.99 -46.03
N GLY L 9 70.73 38.95 -45.68
CA GLY L 9 71.27 39.97 -44.78
C GLY L 9 72.23 40.91 -45.48
N ARG L 10 71.92 41.19 -46.75
CA ARG L 10 72.84 41.91 -47.64
C ARG L 10 73.39 43.23 -47.12
N TYR L 11 74.72 43.33 -47.14
CA TYR L 11 75.41 44.56 -46.84
C TYR L 11 75.12 45.62 -47.90
N THR L 12 74.81 46.83 -47.48
CA THR L 12 74.70 47.96 -48.41
C THR L 12 75.99 48.77 -48.37
N GLY L 13 76.94 48.39 -49.21
CA GLY L 13 78.29 48.92 -49.20
C GLY L 13 78.44 50.42 -49.02
N LYS L 14 78.86 51.11 -50.09
CA LYS L 14 79.12 52.54 -50.04
C LYS L 14 80.34 52.87 -49.16
N PRO L 15 81.53 52.88 -49.76
CA PRO L 15 82.68 53.43 -49.04
C PRO L 15 82.53 54.93 -48.88
N ASN L 16 82.93 55.45 -47.73
CA ASN L 16 82.86 56.88 -47.43
C ASN L 16 83.54 57.71 -48.52
N PRO L 17 82.75 58.36 -49.38
CA PRO L 17 83.27 59.05 -50.56
C PRO L 17 84.54 59.90 -50.32
N SER L 18 84.69 60.49 -49.14
CA SER L 18 85.87 61.31 -48.86
C SER L 18 87.17 60.46 -48.73
N THR L 19 87.04 59.26 -48.16
CA THR L 19 88.16 58.31 -48.10
C THR L 19 87.84 57.11 -48.96
N GLY L 20 88.86 56.39 -49.42
CA GLY L 20 88.61 55.19 -50.20
C GLY L 20 87.87 54.13 -49.40
N LYS L 21 87.76 54.37 -48.09
CA LYS L 21 87.41 53.34 -47.12
C LYS L 21 85.92 53.20 -46.80
N TYR L 22 85.56 52.02 -46.26
CA TYR L 22 84.26 51.75 -45.67
C TYR L 22 84.32 52.06 -44.17
N THR L 23 83.17 52.41 -43.60
CA THR L 23 83.09 52.68 -42.17
C THR L 23 82.51 51.50 -41.39
N VAL L 24 83.22 51.12 -40.32
CA VAL L 24 82.79 50.00 -39.47
C VAL L 24 82.90 50.38 -37.99
N SER L 25 81.81 50.21 -37.25
CA SER L 25 81.80 50.44 -35.82
C SER L 25 82.59 49.33 -35.12
N PHE L 26 83.34 49.68 -34.08
CA PHE L 26 84.14 48.67 -33.42
C PHE L 26 83.50 48.08 -32.16
N ILE L 27 83.42 48.86 -31.10
CA ILE L 27 83.03 48.29 -29.81
C ILE L 27 84.15 47.41 -29.33
N GLU L 28 85.26 48.02 -28.90
CA GLU L 28 86.38 47.26 -28.37
C GLU L 28 85.95 46.30 -27.27
N GLY L 29 84.93 46.69 -26.51
CA GLY L 29 84.50 45.89 -25.37
C GLY L 29 85.49 46.01 -24.24
N ASP L 30 85.23 45.31 -23.13
CA ASP L 30 86.12 45.39 -21.98
C ASP L 30 86.88 44.10 -21.73
N GLY L 31 87.75 44.11 -20.73
CA GLY L 31 88.59 42.96 -20.43
C GLY L 31 89.72 42.83 -21.42
N ILE L 32 89.91 41.63 -21.97
CA ILE L 32 90.92 41.43 -22.99
C ILE L 32 90.50 42.08 -24.31
N GLY L 33 89.32 42.69 -24.30
CA GLY L 33 88.78 43.34 -25.48
C GLY L 33 89.74 44.33 -26.14
N PRO L 34 90.18 45.36 -25.39
CA PRO L 34 91.10 46.36 -25.92
C PRO L 34 92.32 45.75 -26.63
N GLU L 35 93.07 44.89 -25.95
CA GLU L 35 94.26 44.29 -26.56
C GLU L 35 93.93 43.41 -27.77
N ILE L 36 92.93 42.53 -27.59
CA ILE L 36 92.48 41.67 -28.67
C ILE L 36 92.01 42.53 -29.84
N SER L 37 91.58 43.76 -29.55
CA SER L 37 90.99 44.64 -30.54
C SER L 37 92.02 45.30 -31.44
N LYS L 38 92.96 46.04 -30.85
CA LYS L 38 93.95 46.74 -31.66
C LYS L 38 94.83 45.72 -32.39
N SER L 39 94.88 44.52 -31.83
CA SER L 39 95.51 43.40 -32.52
C SER L 39 94.88 43.26 -33.90
N VAL L 40 93.56 43.42 -33.97
CA VAL L 40 92.84 43.29 -35.24
C VAL L 40 93.05 44.53 -36.09
N LYS L 41 93.05 45.69 -35.45
CA LYS L 41 93.23 46.95 -36.17
C LYS L 41 94.55 46.96 -36.93
N LYS L 42 95.62 46.49 -36.28
CA LYS L 42 96.93 46.41 -36.90
C LYS L 42 96.97 45.46 -38.11
N ILE L 43 96.59 44.21 -37.88
CA ILE L 43 96.51 43.21 -38.95
C ILE L 43 95.68 43.70 -40.14
N PHE L 44 94.64 44.46 -39.84
CA PHE L 44 93.75 44.97 -40.89
C PHE L 44 94.47 46.07 -41.67
N SER L 45 95.11 46.97 -40.93
CA SER L 45 95.94 48.01 -41.54
C SER L 45 96.91 47.42 -42.56
N ALA L 46 97.75 46.49 -42.09
CA ALA L 46 98.79 45.89 -42.90
C ALA L 46 98.29 45.34 -44.24
N ALA L 47 97.12 44.72 -44.24
CA ALA L 47 96.59 44.10 -45.44
C ALA L 47 95.89 45.11 -46.35
N ASN L 48 95.91 46.38 -45.96
CA ASN L 48 95.31 47.45 -46.76
C ASN L 48 93.80 47.32 -46.91
N VAL L 49 93.12 47.01 -45.81
CA VAL L 49 91.68 46.88 -45.85
C VAL L 49 91.03 48.26 -45.98
N PRO L 50 90.12 48.40 -46.96
CA PRO L 50 89.29 49.59 -47.22
C PRO L 50 88.39 49.92 -46.03
N ILE L 51 88.94 49.96 -44.83
CA ILE L 51 88.12 50.08 -43.65
C ILE L 51 88.71 51.01 -42.61
N GLU L 52 87.91 51.99 -42.21
CA GLU L 52 88.25 52.88 -41.12
C GLU L 52 87.36 52.54 -39.92
N TRP L 53 87.95 52.57 -38.73
CA TRP L 53 87.24 52.17 -37.52
C TRP L 53 86.56 53.35 -36.80
N GLU L 54 85.25 53.23 -36.58
CA GLU L 54 84.50 54.20 -35.79
C GLU L 54 84.07 53.62 -34.43
N SER L 55 85.01 53.45 -33.50
CA SER L 55 84.73 52.76 -32.25
C SER L 55 83.63 53.46 -31.44
N CYS L 56 82.72 52.66 -30.87
CA CYS L 56 81.62 53.18 -30.07
C CYS L 56 81.36 52.35 -28.81
N ASP L 57 80.66 52.94 -27.85
CA ASP L 57 80.46 52.35 -26.53
C ASP L 57 79.01 51.96 -26.31
N VAL L 58 78.79 50.67 -26.01
CA VAL L 58 77.46 50.13 -25.84
C VAL L 58 77.05 50.03 -24.38
N SER L 59 77.83 50.64 -23.47
CA SER L 59 77.45 50.67 -22.05
C SER L 59 76.02 51.18 -21.95
N PRO L 60 75.14 50.41 -21.29
CA PRO L 60 73.70 50.60 -21.43
C PRO L 60 73.18 51.79 -20.65
N ILE L 61 72.20 52.49 -21.23
CA ILE L 61 71.37 53.43 -20.49
C ILE L 61 70.23 52.63 -19.88
N PHE L 62 69.29 53.34 -19.26
CA PHE L 62 68.13 52.70 -18.72
C PHE L 62 66.89 53.56 -18.89
N VAL L 63 66.59 53.95 -20.13
CA VAL L 63 65.32 54.60 -20.45
C VAL L 63 64.09 53.74 -20.14
N ASN L 64 63.29 54.16 -19.16
CA ASN L 64 62.09 53.45 -18.73
C ASN L 64 62.36 52.10 -18.06
N GLY L 65 63.33 52.05 -17.15
CA GLY L 65 63.69 50.83 -16.43
C GLY L 65 64.21 49.72 -17.33
N LEU L 66 63.75 49.73 -18.58
CA LEU L 66 64.16 48.79 -19.61
C LEU L 66 65.48 49.24 -20.23
N THR L 67 66.50 48.38 -20.17
CA THR L 67 67.84 48.77 -20.61
C THR L 67 67.91 49.08 -22.10
N THR L 68 68.35 50.28 -22.41
CA THR L 68 68.49 50.72 -23.79
C THR L 68 69.96 50.90 -24.11
N ILE L 69 70.28 51.01 -25.39
CA ILE L 69 71.65 51.22 -25.83
C ILE L 69 71.84 52.66 -26.35
N PRO L 70 72.93 53.32 -25.91
CA PRO L 70 73.27 54.74 -26.14
C PRO L 70 73.06 55.22 -27.55
N ASP L 71 72.61 56.46 -27.73
CA ASP L 71 72.43 57.04 -29.06
C ASP L 71 73.70 57.11 -29.89
N PRO L 72 74.80 57.60 -29.30
CA PRO L 72 76.11 57.57 -29.96
C PRO L 72 76.32 56.26 -30.72
N ALA L 73 76.21 55.14 -30.03
CA ALA L 73 76.45 53.83 -30.62
C ALA L 73 75.34 53.41 -31.60
N VAL L 74 74.10 53.77 -31.31
CA VAL L 74 72.99 53.43 -32.20
C VAL L 74 73.21 54.08 -33.56
N GLN L 75 73.31 55.41 -33.57
CA GLN L 75 73.52 56.18 -34.80
C GLN L 75 74.69 55.63 -35.61
N SER L 76 75.80 55.41 -34.91
CA SER L 76 77.00 54.85 -35.53
C SER L 76 76.73 53.52 -36.24
N ILE L 77 76.12 52.59 -35.51
CA ILE L 77 75.93 51.26 -36.04
C ILE L 77 74.82 51.20 -37.10
N THR L 78 73.78 52.03 -36.96
CA THR L 78 72.71 51.99 -37.95
C THR L 78 73.23 52.58 -39.24
N LYS L 79 74.14 53.56 -39.09
CA LYS L 79 74.78 54.23 -40.21
C LYS L 79 75.64 53.25 -41.02
N ASN L 80 76.85 52.98 -40.53
CA ASN L 80 77.67 51.91 -41.09
C ASN L 80 76.89 50.66 -40.85
N LEU L 81 76.53 49.91 -41.88
CA LEU L 81 75.59 48.82 -41.68
C LEU L 81 76.19 47.57 -41.00
N VAL L 82 77.33 47.76 -40.33
CA VAL L 82 78.12 46.65 -39.80
C VAL L 82 78.99 47.02 -38.61
N ALA L 83 79.19 46.08 -37.70
CA ALA L 83 80.01 46.35 -36.51
C ALA L 83 80.74 45.10 -36.10
N LEU L 84 81.83 45.25 -35.35
CA LEU L 84 82.64 44.12 -34.92
C LEU L 84 82.95 44.20 -33.44
N LYS L 85 82.14 43.57 -32.59
CA LYS L 85 82.34 43.70 -31.14
C LYS L 85 83.17 42.58 -30.52
N GLY L 86 83.99 42.95 -29.54
CA GLY L 86 84.69 41.99 -28.73
C GLY L 86 83.83 41.67 -27.52
N PRO L 87 84.43 41.08 -26.48
CA PRO L 87 83.68 40.57 -25.33
C PRO L 87 83.36 41.69 -24.37
N LEU L 88 82.21 41.66 -23.74
CA LEU L 88 81.90 42.62 -22.69
C LEU L 88 81.32 41.96 -21.44
N ALA L 89 81.40 42.68 -20.33
CA ALA L 89 81.05 42.14 -19.02
C ALA L 89 79.54 41.95 -18.83
N THR L 90 79.14 41.79 -17.57
CA THR L 90 77.73 41.63 -17.21
C THR L 90 77.30 42.82 -16.35
N PRO L 91 77.00 43.97 -16.99
CA PRO L 91 76.59 45.19 -16.27
C PRO L 91 75.50 44.93 -15.23
N HIS L 96 69.44 45.58 -17.05
CA HIS L 96 68.32 44.91 -16.42
C HIS L 96 67.40 44.46 -17.55
N ARG L 97 67.96 43.58 -18.37
CA ARG L 97 67.46 43.14 -19.66
C ARG L 97 68.71 42.79 -20.46
N SER L 98 69.13 41.52 -20.41
CA SER L 98 70.34 41.06 -21.10
C SER L 98 70.95 42.09 -22.08
N LEU L 99 72.21 42.43 -21.89
CA LEU L 99 72.86 43.40 -22.76
C LEU L 99 72.90 42.92 -24.21
N ASN L 100 73.23 41.65 -24.38
CA ASN L 100 73.26 41.05 -25.70
C ASN L 100 71.87 40.97 -26.32
N LEU L 101 70.85 40.89 -25.46
CA LEU L 101 69.47 40.75 -25.94
C LEU L 101 68.98 42.08 -26.48
N THR L 102 69.16 43.12 -25.70
CA THR L 102 68.72 44.43 -26.13
C THR L 102 69.61 44.91 -27.26
N LEU L 103 70.69 44.18 -27.50
CA LEU L 103 71.54 44.51 -28.63
C LEU L 103 70.93 43.96 -29.91
N ARG L 104 70.35 42.77 -29.85
CA ARG L 104 69.70 42.17 -31.00
C ARG L 104 68.37 42.84 -31.28
N LYS L 105 67.66 43.20 -30.22
CA LYS L 105 66.33 43.77 -30.39
C LYS L 105 66.39 45.16 -31.01
N THR L 106 67.44 45.92 -30.70
CA THR L 106 67.56 47.29 -31.22
C THR L 106 68.21 47.36 -32.60
N PHE L 107 68.75 46.25 -33.07
CA PHE L 107 69.38 46.21 -34.39
C PHE L 107 68.79 45.16 -35.34
N GLY L 108 67.71 44.51 -34.88
CA GLY L 108 66.98 43.56 -35.70
C GLY L 108 67.78 42.35 -36.14
N LEU L 109 68.70 41.91 -35.28
CA LEU L 109 69.51 40.73 -35.55
C LEU L 109 68.68 39.50 -35.26
N PHE L 110 68.69 38.53 -36.17
CA PHE L 110 67.80 37.40 -36.04
C PHE L 110 68.42 36.04 -36.32
N ALA L 111 69.68 36.02 -36.75
CA ALA L 111 70.31 34.76 -37.10
C ALA L 111 71.74 34.66 -36.58
N ASN L 112 72.02 33.64 -35.77
CA ASN L 112 73.37 33.38 -35.30
C ASN L 112 74.07 32.39 -36.23
N VAL L 113 75.19 32.80 -36.82
CA VAL L 113 75.96 31.88 -37.65
C VAL L 113 77.20 31.40 -36.89
N ARG L 114 77.29 30.10 -36.68
CA ARG L 114 78.35 29.54 -35.86
C ARG L 114 79.05 28.39 -36.56
N PRO L 115 80.30 28.64 -36.97
CA PRO L 115 81.18 27.63 -37.58
C PRO L 115 82.12 27.09 -36.51
N ALA L 116 82.42 25.80 -36.60
CA ALA L 116 83.44 25.24 -35.75
C ALA L 116 84.31 24.34 -36.60
N LYS L 117 85.54 24.79 -36.83
CA LYS L 117 86.47 24.02 -37.61
C LYS L 117 87.73 23.75 -36.81
N SER L 118 88.26 22.54 -36.98
CA SER L 118 89.53 22.18 -36.40
C SER L 118 90.61 23.18 -36.79
N ILE L 119 91.51 23.44 -35.85
CA ILE L 119 92.62 24.34 -36.10
C ILE L 119 93.90 23.57 -36.39
N GLU L 120 94.61 24.01 -37.42
CA GLU L 120 95.90 23.44 -37.81
C GLU L 120 96.92 23.66 -36.71
N GLY L 121 97.50 22.58 -36.21
CA GLY L 121 98.58 22.68 -35.25
C GLY L 121 98.11 22.80 -33.82
N PHE L 122 96.83 22.57 -33.59
CA PHE L 122 96.30 22.47 -32.25
C PHE L 122 95.51 21.18 -32.12
N LYS L 123 96.08 20.21 -31.41
CA LYS L 123 95.49 18.87 -31.35
C LYS L 123 94.42 18.76 -30.27
N THR L 124 93.19 18.49 -30.70
CA THR L 124 92.13 18.09 -29.79
C THR L 124 91.64 16.68 -30.10
N THR L 125 90.76 16.18 -29.26
CA THR L 125 90.35 14.79 -29.32
C THR L 125 89.59 14.45 -30.59
N TYR L 126 88.85 15.41 -31.12
CA TYR L 126 88.07 15.20 -32.35
C TYR L 126 88.81 15.81 -33.55
N GLU L 127 88.69 15.14 -34.69
CA GLU L 127 89.48 15.50 -35.86
C GLU L 127 88.59 15.77 -37.06
N ASN L 128 89.12 16.53 -38.02
CA ASN L 128 88.42 16.82 -39.28
C ASN L 128 87.05 17.39 -39.05
N VAL L 129 86.88 18.08 -37.93
CA VAL L 129 85.60 18.71 -37.65
C VAL L 129 85.53 20.06 -38.37
N ASP L 130 84.62 20.15 -39.32
CA ASP L 130 84.35 21.38 -40.02
C ASP L 130 82.84 21.55 -40.07
N LEU L 131 82.31 22.38 -39.18
CA LEU L 131 80.87 22.46 -38.97
C LEU L 131 80.33 23.86 -39.17
N VAL L 132 79.13 23.93 -39.73
CA VAL L 132 78.43 25.20 -39.87
C VAL L 132 76.98 25.07 -39.45
N LEU L 133 76.54 25.98 -38.57
CA LEU L 133 75.20 25.95 -38.01
C LEU L 133 74.59 27.36 -37.97
N ILE L 134 73.37 27.48 -38.50
CA ILE L 134 72.60 28.72 -38.39
C ILE L 134 71.51 28.51 -37.35
N ARG L 135 71.39 29.47 -36.43
CA ARG L 135 70.43 29.39 -35.33
C ARG L 135 69.47 30.56 -35.32
N GLU L 136 68.19 30.25 -35.12
CA GLU L 136 67.15 31.27 -34.93
C GLU L 136 67.37 31.96 -33.57
N ASN L 137 67.50 33.29 -33.57
CA ASN L 137 67.87 34.03 -32.35
C ASN L 137 66.83 35.08 -31.99
N THR L 138 65.57 34.78 -32.27
CA THR L 138 64.50 35.75 -32.14
C THR L 138 63.46 35.21 -31.17
N GLU L 139 62.97 34.02 -31.46
CA GLU L 139 61.85 33.43 -30.73
C GLU L 139 62.20 32.06 -30.20
N GLY L 140 61.26 31.14 -30.35
CA GLY L 140 61.43 29.78 -29.88
C GLY L 140 61.34 29.73 -28.38
N GLU L 141 62.05 28.77 -27.79
CA GLU L 141 62.11 28.60 -26.35
C GLU L 141 62.48 29.90 -25.64
N TYR L 142 63.11 30.83 -26.37
CA TYR L 142 63.68 32.02 -25.76
C TYR L 142 62.88 33.31 -25.97
N SER L 143 61.56 33.19 -26.05
CA SER L 143 60.70 34.37 -25.95
C SER L 143 60.44 34.59 -24.47
N GLY L 144 60.20 35.82 -24.08
CA GLY L 144 60.13 36.12 -22.66
C GLY L 144 58.94 35.51 -21.94
N ILE L 145 58.14 34.75 -22.68
CA ILE L 145 56.80 34.36 -22.23
C ILE L 145 56.80 33.17 -21.29
N GLU L 146 56.62 33.43 -20.00
CA GLU L 146 56.34 32.36 -19.04
C GLU L 146 55.38 32.80 -17.93
N HIS L 147 54.62 31.84 -17.41
CA HIS L 147 53.50 32.12 -16.51
C HIS L 147 53.42 31.19 -15.32
N ILE L 148 53.00 31.74 -14.19
CA ILE L 148 52.71 30.90 -13.05
C ILE L 148 51.22 30.65 -13.05
N VAL L 149 50.81 29.49 -13.55
CA VAL L 149 49.38 29.22 -13.75
C VAL L 149 48.64 28.95 -12.45
N CYS L 150 49.39 28.53 -11.44
CA CYS L 150 48.88 28.44 -10.08
C CYS L 150 50.02 27.99 -9.18
N PRO L 151 49.84 28.06 -7.85
CA PRO L 151 50.85 27.81 -6.81
C PRO L 151 52.17 27.15 -7.25
N GLY L 152 52.10 25.85 -7.55
CA GLY L 152 53.31 25.13 -7.90
C GLY L 152 53.42 24.71 -9.36
N VAL L 153 52.88 25.55 -10.26
CA VAL L 153 52.81 25.20 -11.68
C VAL L 153 53.27 26.33 -12.61
N VAL L 154 54.24 26.03 -13.47
CA VAL L 154 54.80 27.04 -14.35
C VAL L 154 54.69 26.64 -15.81
N GLN L 155 54.53 27.63 -16.68
CA GLN L 155 54.54 27.43 -18.12
C GLN L 155 55.61 28.31 -18.73
N SER L 156 56.54 27.71 -19.45
CA SER L 156 57.42 28.47 -20.32
C SER L 156 56.91 28.28 -21.73
N ILE L 157 56.72 29.35 -22.47
CA ILE L 157 56.11 29.24 -23.79
C ILE L 157 57.08 29.41 -24.95
N LYS L 158 57.14 28.37 -25.76
CA LYS L 158 57.98 28.33 -26.95
C LYS L 158 57.18 28.84 -28.12
N LEU L 159 57.72 29.86 -28.78
CA LEU L 159 56.99 30.53 -29.84
C LEU L 159 57.68 30.23 -31.15
N ILE L 160 56.93 29.74 -32.12
CA ILE L 160 57.48 29.51 -33.45
C ILE L 160 56.50 30.01 -34.49
N THR L 161 57.01 30.93 -35.33
CA THR L 161 56.21 31.57 -36.38
C THR L 161 56.82 31.32 -37.75
N ARG L 162 56.00 31.43 -38.81
CA ARG L 162 56.53 31.16 -40.14
C ARG L 162 57.44 32.29 -40.58
N ASP L 163 57.04 33.53 -40.25
CA ASP L 163 57.80 34.72 -40.64
C ASP L 163 59.23 34.69 -40.13
N ALA L 164 59.39 34.36 -38.86
CA ALA L 164 60.70 34.29 -38.23
C ALA L 164 61.48 33.10 -38.75
N SER L 165 60.77 32.00 -38.97
CA SER L 165 61.39 30.77 -39.47
C SER L 165 61.88 30.91 -40.91
N GLU L 166 60.97 31.38 -41.77
CA GLU L 166 61.27 31.63 -43.17
C GLU L 166 62.61 32.33 -43.34
N ARG L 167 62.81 33.44 -42.67
CA ARG L 167 63.98 34.27 -42.94
C ARG L 167 65.28 33.71 -42.38
N VAL L 168 65.21 32.77 -41.47
CA VAL L 168 66.41 32.11 -40.99
C VAL L 168 66.76 31.00 -41.97
N ILE L 169 65.75 30.16 -42.24
CA ILE L 169 65.90 29.05 -43.17
C ILE L 169 66.39 29.54 -44.53
N ARG L 170 65.94 30.71 -44.96
CA ARG L 170 66.44 31.32 -46.19
C ARG L 170 67.94 31.59 -46.09
N TYR L 171 68.32 32.42 -45.13
CA TYR L 171 69.74 32.72 -44.95
C TYR L 171 70.58 31.44 -44.91
N ALA L 172 70.00 30.34 -44.46
CA ALA L 172 70.72 29.07 -44.42
C ALA L 172 70.95 28.43 -45.79
N PHE L 173 69.88 28.37 -46.60
CA PHE L 173 69.99 27.92 -47.99
C PHE L 173 70.96 28.80 -48.73
N GLU L 174 70.82 30.11 -48.55
CA GLU L 174 71.61 31.09 -49.27
C GLU L 174 73.07 31.12 -48.81
N TYR L 175 73.29 30.82 -47.53
CA TYR L 175 74.64 30.76 -46.98
C TYR L 175 75.29 29.45 -47.38
N ALA L 176 74.51 28.37 -47.35
CA ALA L 176 75.01 27.07 -47.80
C ALA L 176 75.50 27.20 -49.25
N ARG L 177 74.71 27.90 -50.07
CA ARG L 177 75.07 28.19 -51.45
C ARG L 177 76.33 29.04 -51.55
N ALA L 178 76.40 30.07 -50.72
CA ALA L 178 77.52 31.01 -50.77
C ALA L 178 78.86 30.41 -50.32
N ILE L 179 78.85 29.23 -49.73
CA ILE L 179 80.09 28.58 -49.28
C ILE L 179 80.22 27.18 -49.88
N GLY L 180 79.35 26.91 -50.85
CA GLY L 180 79.49 25.72 -51.67
C GLY L 180 79.33 24.42 -50.93
N ARG L 181 78.30 24.36 -50.09
CA ARG L 181 77.91 23.12 -49.44
C ARG L 181 76.58 22.70 -50.04
N PRO L 182 76.49 21.44 -50.45
CA PRO L 182 75.34 20.85 -51.18
C PRO L 182 74.11 20.63 -50.31
N ARG L 183 74.36 20.19 -49.08
CA ARG L 183 73.32 19.71 -48.18
C ARG L 183 72.93 20.81 -47.20
N VAL L 184 71.67 20.82 -46.78
CA VAL L 184 71.26 21.72 -45.68
C VAL L 184 70.25 21.01 -44.79
N ILE L 185 70.61 20.88 -43.51
CA ILE L 185 69.87 20.04 -42.58
C ILE L 185 69.05 20.85 -41.57
N VAL L 186 67.76 20.53 -41.49
CA VAL L 186 66.85 21.14 -40.55
C VAL L 186 66.75 20.26 -39.33
N VAL L 187 67.39 20.69 -38.24
CA VAL L 187 67.34 19.97 -36.97
C VAL L 187 66.03 20.28 -36.26
N HIS L 188 65.35 19.26 -35.76
CA HIS L 188 64.03 19.47 -35.20
C HIS L 188 63.65 18.34 -34.25
N LYS L 189 62.38 18.34 -33.85
CA LYS L 189 61.86 17.27 -33.02
C LYS L 189 60.35 17.15 -33.24
N SER L 190 59.95 17.21 -34.51
CA SER L 190 58.55 17.08 -34.91
C SER L 190 57.87 15.89 -34.26
N THR L 191 58.70 15.00 -33.71
CA THR L 191 58.26 13.79 -33.06
C THR L 191 57.29 14.11 -31.94
N ILE L 192 57.73 14.96 -31.01
CA ILE L 192 56.89 15.28 -29.88
C ILE L 192 56.46 16.74 -29.82
N GLN L 193 57.10 17.60 -30.62
CA GLN L 193 56.66 18.99 -30.78
C GLN L 193 56.01 19.19 -32.14
N ARG L 194 54.97 18.40 -32.40
CA ARG L 194 54.33 18.34 -33.71
C ARG L 194 54.11 19.68 -34.37
N LEU L 195 53.39 20.56 -33.70
CA LEU L 195 53.06 21.85 -34.31
C LEU L 195 54.26 22.79 -34.38
N ALA L 196 54.92 23.00 -33.25
CA ALA L 196 56.03 23.95 -33.17
C ALA L 196 57.15 23.61 -34.15
N ASP L 197 57.80 22.48 -33.91
CA ASP L 197 58.90 22.07 -34.76
C ASP L 197 58.39 21.68 -36.14
N GLY L 198 57.16 21.16 -36.20
CA GLY L 198 56.53 20.83 -37.46
C GLY L 198 56.46 22.02 -38.40
N LEU L 199 56.06 23.18 -37.87
CA LEU L 199 56.00 24.40 -38.67
C LEU L 199 57.38 24.77 -39.22
N PHE L 200 58.38 24.70 -38.35
CA PHE L 200 59.74 25.02 -38.76
C PHE L 200 60.12 24.15 -39.95
N VAL L 201 59.94 22.84 -39.78
CA VAL L 201 60.28 21.86 -40.81
C VAL L 201 59.54 22.09 -42.12
N ASN L 202 58.22 22.27 -42.06
CA ASN L 202 57.43 22.51 -43.27
C ASN L 202 57.89 23.75 -44.01
N VAL L 203 58.18 24.81 -43.26
CA VAL L 203 58.69 26.05 -43.84
C VAL L 203 60.00 25.85 -44.62
N ALA L 204 60.87 25.00 -44.09
CA ALA L 204 62.06 24.62 -44.83
C ALA L 204 61.70 23.78 -46.07
N LYS L 205 60.83 22.78 -45.88
CA LYS L 205 60.42 21.92 -46.98
C LYS L 205 59.78 22.72 -48.11
N GLU L 206 59.05 23.77 -47.76
CA GLU L 206 58.41 24.61 -48.77
C GLU L 206 59.42 25.54 -49.45
N LEU L 207 60.35 26.08 -48.68
CA LEU L 207 61.42 26.91 -49.25
C LEU L 207 62.37 26.06 -50.09
N SER L 208 62.54 24.81 -49.70
CA SER L 208 63.41 23.86 -50.40
C SER L 208 63.31 24.03 -51.91
N LYS L 209 62.09 24.20 -52.40
CA LYS L 209 61.86 24.20 -53.84
C LYS L 209 62.45 25.39 -54.59
N GLU L 210 62.45 26.57 -53.99
CA GLU L 210 63.09 27.71 -54.64
C GLU L 210 64.61 27.81 -54.40
N TYR L 211 65.22 26.69 -54.04
CA TYR L 211 66.67 26.55 -53.95
C TYR L 211 67.03 25.13 -54.37
N PRO L 212 66.94 24.85 -55.67
CA PRO L 212 67.05 23.49 -56.21
C PRO L 212 68.49 22.98 -56.29
N ASP L 213 69.45 23.89 -56.17
CA ASP L 213 70.86 23.50 -56.18
C ASP L 213 71.26 22.84 -54.87
N LEU L 214 70.55 23.19 -53.80
CA LEU L 214 70.79 22.60 -52.49
C LEU L 214 69.82 21.44 -52.22
N THR L 215 70.31 20.46 -51.46
CA THR L 215 69.48 19.35 -51.04
C THR L 215 69.10 19.50 -49.57
N LEU L 216 67.80 19.46 -49.30
CA LEU L 216 67.27 19.58 -47.95
C LEU L 216 67.10 18.22 -47.25
N GLU L 217 67.74 18.07 -46.09
CA GLU L 217 67.51 16.91 -45.25
C GLU L 217 66.86 17.35 -43.93
N THR L 218 66.18 16.44 -43.25
CA THR L 218 65.62 16.73 -41.95
C THR L 218 66.11 15.72 -40.92
N GLU L 219 66.55 16.21 -39.77
CA GLU L 219 67.11 15.35 -38.74
C GLU L 219 66.60 15.72 -37.34
N LEU L 220 66.35 14.72 -36.50
CA LEU L 220 66.01 14.96 -35.10
C LEU L 220 67.28 15.27 -34.31
N ILE L 221 67.20 16.20 -33.36
CA ILE L 221 68.37 16.55 -32.58
C ILE L 221 68.97 15.24 -32.12
N ASP L 222 68.08 14.31 -31.77
CA ASP L 222 68.48 12.96 -31.39
C ASP L 222 69.69 12.52 -32.20
N ASN L 223 69.52 12.51 -33.51
CA ASN L 223 70.57 12.03 -34.41
C ASN L 223 71.63 13.07 -34.65
N SER L 224 71.22 14.33 -34.82
CA SER L 224 72.15 15.43 -35.02
C SER L 224 73.24 15.44 -33.95
N VAL L 225 72.87 15.18 -32.71
CA VAL L 225 73.89 15.13 -31.69
C VAL L 225 74.60 13.78 -31.67
N LEU L 226 73.86 12.69 -31.86
CA LEU L 226 74.47 11.37 -31.88
C LEU L 226 75.54 11.31 -32.96
N LYS L 227 75.14 11.63 -34.18
CA LYS L 227 75.99 11.46 -35.33
C LYS L 227 77.17 12.40 -35.33
N VAL L 228 76.96 13.65 -34.92
CA VAL L 228 78.06 14.61 -34.94
C VAL L 228 79.18 14.22 -33.99
N VAL L 229 78.84 13.68 -32.83
CA VAL L 229 79.85 13.29 -31.86
C VAL L 229 80.56 11.98 -32.23
N THR L 230 79.84 11.06 -32.85
CA THR L 230 80.47 9.83 -33.33
C THR L 230 81.41 10.13 -34.50
N ASN L 231 81.00 11.07 -35.35
CA ASN L 231 81.80 11.41 -36.53
C ASN L 231 81.55 12.81 -37.12
N PRO L 232 82.27 13.80 -36.59
CA PRO L 232 82.09 15.22 -36.94
C PRO L 232 82.12 15.50 -38.45
N SER L 233 82.89 14.73 -39.19
CA SER L 233 83.12 15.06 -40.59
C SER L 233 81.90 14.77 -41.47
N ALA L 234 80.94 14.01 -40.96
CA ALA L 234 79.79 13.63 -41.77
C ALA L 234 78.96 14.86 -42.11
N TYR L 235 79.35 15.98 -41.52
CA TYR L 235 78.64 17.23 -41.72
C TYR L 235 79.57 18.32 -42.23
N THR L 236 80.63 17.94 -42.93
CA THR L 236 81.56 18.94 -43.46
C THR L 236 81.00 19.57 -44.74
N ASP L 237 79.85 19.07 -45.19
CA ASP L 237 79.08 19.70 -46.27
C ASP L 237 77.71 20.08 -45.73
N ALA L 238 77.73 20.77 -44.60
CA ALA L 238 76.58 20.88 -43.72
C ALA L 238 75.69 22.08 -43.93
N VAL L 239 75.91 23.09 -43.11
CA VAL L 239 74.90 24.11 -42.84
C VAL L 239 73.61 23.49 -42.29
N SER L 240 73.50 23.52 -40.95
CA SER L 240 72.31 23.05 -40.24
C SER L 240 71.51 24.25 -39.73
N VAL L 241 70.20 24.24 -39.95
CA VAL L 241 69.36 25.30 -39.44
C VAL L 241 68.48 24.72 -38.35
N CYS L 242 68.21 25.50 -37.32
CA CYS L 242 67.38 25.03 -36.21
C CYS L 242 66.89 26.16 -35.33
N PRO L 243 65.79 25.91 -34.62
CA PRO L 243 65.16 26.87 -33.70
C PRO L 243 66.09 27.22 -32.55
N ASN L 244 65.73 28.27 -31.81
CA ASN L 244 66.62 28.91 -30.85
C ASN L 244 67.37 27.97 -29.89
N LEU L 245 66.66 27.06 -29.24
CA LEU L 245 67.28 26.22 -28.20
C LEU L 245 68.23 25.18 -28.77
N TYR L 246 67.73 24.37 -29.69
CA TYR L 246 68.58 23.36 -30.33
C TYR L 246 69.84 24.04 -30.85
N GLY L 247 69.66 25.22 -31.43
CA GLY L 247 70.77 26.01 -31.92
C GLY L 247 71.77 26.41 -30.84
N ASP L 248 71.29 26.93 -29.72
CA ASP L 248 72.17 27.37 -28.65
C ASP L 248 73.03 26.24 -28.12
N ILE L 249 72.45 25.04 -28.08
CA ILE L 249 73.14 23.87 -27.54
C ILE L 249 74.09 23.26 -28.56
N LEU L 250 73.58 23.01 -29.77
CA LEU L 250 74.37 22.40 -30.81
C LEU L 250 75.60 23.23 -31.17
N SER L 251 75.47 24.55 -31.12
CA SER L 251 76.57 25.40 -31.49
C SER L 251 77.67 25.38 -30.41
N ASP L 252 77.28 25.50 -29.15
CA ASP L 252 78.21 25.35 -28.04
C ASP L 252 78.81 23.92 -28.03
N LEU L 253 78.04 22.95 -28.51
CA LEU L 253 78.53 21.57 -28.62
C LEU L 253 79.57 21.46 -29.74
N ASN L 254 79.19 21.90 -30.92
CA ASN L 254 80.07 21.91 -32.07
C ASN L 254 81.42 22.50 -31.72
N SER L 255 81.41 23.60 -30.96
CA SER L 255 82.66 24.23 -30.55
C SER L 255 83.44 23.31 -29.64
N GLY L 256 82.72 22.58 -28.77
CA GLY L 256 83.36 21.63 -27.89
C GLY L 256 84.10 20.54 -28.65
N LEU L 257 83.51 20.11 -29.76
CA LEU L 257 84.14 19.15 -30.67
C LEU L 257 85.38 19.73 -31.36
N SER L 258 85.25 20.96 -31.85
CA SER L 258 86.30 21.53 -32.68
C SER L 258 87.54 21.90 -31.89
N ALA L 259 87.34 22.48 -30.70
CA ALA L 259 88.44 23.05 -29.93
C ALA L 259 88.42 22.72 -28.44
N GLY L 260 87.35 22.07 -27.98
CA GLY L 260 87.25 21.68 -26.59
C GLY L 260 86.86 22.81 -25.66
N SER L 261 87.00 24.04 -26.14
CA SER L 261 86.40 25.19 -25.46
C SER L 261 85.80 26.06 -26.54
N LEU L 262 85.65 27.35 -26.27
CA LEU L 262 85.18 28.24 -27.31
C LEU L 262 85.99 29.53 -27.40
N GLY L 263 87.26 29.44 -27.01
CA GLY L 263 88.18 30.54 -27.13
C GLY L 263 88.63 30.74 -28.57
N LEU L 264 88.20 29.84 -29.45
CA LEU L 264 88.55 29.93 -30.87
C LEU L 264 87.32 30.21 -31.74
N THR L 265 86.15 30.27 -31.11
CA THR L 265 84.93 30.34 -31.89
C THR L 265 84.49 31.77 -32.17
N PRO L 266 84.21 32.06 -33.45
CA PRO L 266 83.67 33.31 -33.98
C PRO L 266 82.18 33.19 -34.18
N SER L 267 81.43 34.25 -33.93
CA SER L 267 80.01 34.20 -34.28
C SER L 267 79.67 35.40 -35.14
N ALA L 268 78.59 35.27 -35.90
CA ALA L 268 78.09 36.35 -36.71
C ALA L 268 76.61 36.46 -36.42
N ASN L 269 76.17 37.67 -36.08
CA ASN L 269 74.77 37.93 -35.80
C ASN L 269 74.12 38.75 -36.90
N ILE L 270 73.46 38.07 -37.82
CA ILE L 270 72.91 38.71 -39.01
C ILE L 270 71.54 39.30 -38.79
N GLY L 271 71.41 40.58 -39.11
CA GLY L 271 70.12 41.26 -39.13
C GLY L 271 69.72 41.61 -40.55
N HIS L 272 68.53 42.15 -40.73
CA HIS L 272 68.05 42.45 -42.07
C HIS L 272 68.93 43.41 -42.84
N LYS L 273 69.24 44.57 -42.24
CA LYS L 273 70.15 45.52 -42.87
C LYS L 273 71.44 45.74 -42.07
N ILE L 274 71.39 45.49 -40.76
CA ILE L 274 72.60 45.56 -39.95
C ILE L 274 73.13 44.15 -39.72
N SER L 275 74.31 44.04 -39.13
CA SER L 275 74.91 42.75 -38.77
C SER L 275 76.12 42.96 -37.89
N ILE L 276 76.20 42.23 -36.79
CA ILE L 276 77.31 42.36 -35.86
C ILE L 276 78.11 41.05 -35.78
N PHE L 277 79.43 41.20 -35.73
CA PHE L 277 80.34 40.06 -35.73
C PHE L 277 81.18 40.09 -34.46
N GLU L 278 81.04 39.06 -33.65
CA GLU L 278 81.67 39.04 -32.33
C GLU L 278 82.39 37.74 -32.03
N ALA L 279 83.29 37.78 -31.06
CA ALA L 279 83.88 36.57 -30.51
C ALA L 279 82.98 36.13 -29.37
N VAL L 280 82.88 34.82 -29.18
CA VAL L 280 81.93 34.30 -28.20
C VAL L 280 82.54 33.96 -26.85
N HIS L 281 83.85 34.12 -26.71
CA HIS L 281 84.49 33.90 -25.41
C HIS L 281 84.21 35.09 -24.50
N GLY L 282 84.60 34.98 -23.24
CA GLY L 282 84.28 35.99 -22.25
C GLY L 282 85.26 37.14 -22.21
N SER L 283 85.20 37.92 -21.13
CA SER L 283 86.04 39.11 -20.98
C SER L 283 87.41 38.78 -20.41
N ALA L 284 87.58 37.53 -19.97
CA ALA L 284 88.84 37.05 -19.36
C ALA L 284 89.56 38.14 -18.58
N PRO L 285 88.89 38.67 -17.54
CA PRO L 285 89.33 39.84 -16.76
C PRO L 285 90.68 39.62 -16.08
N ASP L 286 91.02 38.36 -15.79
CA ASP L 286 92.22 38.02 -15.02
C ASP L 286 93.49 37.96 -15.88
N ILE L 287 93.31 37.95 -17.19
CA ILE L 287 94.44 37.86 -18.11
C ILE L 287 94.55 39.19 -18.87
N ALA L 288 93.69 40.13 -18.48
CA ALA L 288 93.55 41.41 -19.17
C ALA L 288 94.70 42.37 -18.88
N GLY L 289 95.31 42.89 -19.93
CA GLY L 289 96.43 43.80 -19.80
C GLY L 289 97.79 43.13 -19.91
N GLN L 290 97.87 41.88 -19.47
CA GLN L 290 99.13 41.13 -19.44
C GLN L 290 99.53 40.62 -20.80
N ASP L 291 98.69 40.88 -21.80
CA ASP L 291 99.05 40.60 -23.19
C ASP L 291 99.08 39.10 -23.50
N LYS L 292 98.14 38.34 -22.95
CA LYS L 292 98.10 36.88 -23.13
C LYS L 292 96.89 36.44 -23.94
N ALA L 293 95.96 37.35 -24.17
CA ALA L 293 94.72 37.05 -24.89
C ALA L 293 94.99 36.38 -26.24
N ASN L 294 93.95 35.87 -26.87
CA ASN L 294 94.12 35.25 -28.18
C ASN L 294 93.16 35.77 -29.27
N PRO L 295 93.62 36.75 -30.05
CA PRO L 295 92.85 37.45 -31.07
C PRO L 295 92.16 36.50 -32.06
N THR L 296 92.64 35.27 -32.17
CA THR L 296 92.19 34.37 -33.22
C THR L 296 90.68 34.38 -33.31
N ALA L 297 90.04 34.29 -32.16
CA ALA L 297 88.59 34.24 -32.06
C ALA L 297 87.94 35.44 -32.76
N LEU L 298 88.22 36.64 -32.24
CA LEU L 298 87.70 37.85 -32.85
C LEU L 298 88.16 37.98 -34.30
N LEU L 299 89.42 37.63 -34.52
CA LEU L 299 90.06 37.76 -35.82
C LEU L 299 89.27 37.04 -36.90
N LEU L 300 88.80 35.84 -36.57
CA LEU L 300 88.01 35.04 -37.50
C LEU L 300 86.63 35.64 -37.75
N SER L 301 86.10 36.31 -36.74
CA SER L 301 84.85 37.05 -36.90
C SER L 301 85.07 38.20 -37.87
N SER L 302 86.28 38.75 -37.89
CA SER L 302 86.64 39.80 -38.84
C SER L 302 86.52 39.26 -40.25
N VAL L 303 87.09 38.08 -40.46
CA VAL L 303 86.99 37.40 -41.75
C VAL L 303 85.52 37.21 -42.16
N MET L 304 84.75 36.56 -41.29
CA MET L 304 83.31 36.45 -41.48
C MET L 304 82.71 37.78 -41.93
N MET L 305 83.12 38.86 -41.29
CA MET L 305 82.63 40.18 -41.62
C MET L 305 83.05 40.61 -43.02
N LEU L 306 84.35 40.50 -43.30
CA LEU L 306 84.87 40.78 -44.62
C LEU L 306 84.00 40.13 -45.69
N ASN L 307 83.88 38.80 -45.65
CA ASN L 307 83.03 38.10 -46.61
C ASN L 307 81.61 38.68 -46.70
N HIS L 308 80.99 38.91 -45.55
CA HIS L 308 79.64 39.50 -45.52
C HIS L 308 79.58 40.85 -46.22
N MET L 309 80.72 41.55 -46.22
CA MET L 309 80.80 42.89 -46.82
C MET L 309 81.11 42.79 -48.32
N GLY L 310 81.73 41.69 -48.72
CA GLY L 310 82.07 41.48 -50.11
C GLY L 310 83.56 41.46 -50.38
N LEU L 311 84.35 41.83 -49.37
CA LEU L 311 85.81 41.91 -49.51
C LEU L 311 86.47 40.53 -49.51
N THR L 312 85.94 39.64 -50.33
CA THR L 312 86.45 38.27 -50.45
C THR L 312 87.96 38.22 -50.36
N ASN L 313 88.62 38.85 -51.31
CA ASN L 313 90.06 38.78 -51.46
C ASN L 313 90.81 39.03 -50.15
N HIS L 314 90.38 40.04 -49.40
CA HIS L 314 91.01 40.37 -48.13
C HIS L 314 90.74 39.30 -47.08
N ALA L 315 89.49 38.84 -47.01
CA ALA L 315 89.10 37.83 -46.05
C ALA L 315 89.93 36.57 -46.24
N ASP L 316 89.89 36.02 -47.45
CA ASP L 316 90.66 34.83 -47.78
C ASP L 316 92.12 35.07 -47.47
N GLN L 317 92.58 36.30 -47.72
CA GLN L 317 93.96 36.68 -47.44
C GLN L 317 94.27 36.53 -45.96
N ILE L 318 93.45 37.16 -45.12
CA ILE L 318 93.69 37.21 -43.68
C ILE L 318 93.42 35.87 -43.00
N GLN L 319 92.63 35.02 -43.66
CA GLN L 319 92.31 33.73 -43.08
C GLN L 319 93.19 32.59 -43.61
N ASN L 320 93.08 32.32 -44.92
CA ASN L 320 93.80 31.23 -45.60
C ASN L 320 95.30 31.27 -45.32
N ALA L 321 95.90 32.44 -45.52
CA ALA L 321 97.22 32.69 -45.01
C ALA L 321 97.05 33.22 -43.59
N VAL L 322 98.06 33.90 -43.07
CA VAL L 322 97.99 34.51 -41.75
C VAL L 322 97.32 33.62 -40.72
N LEU L 323 97.02 34.20 -39.56
CA LEU L 323 96.51 33.48 -38.40
C LEU L 323 96.38 31.98 -38.60
N SER L 324 95.49 31.56 -39.49
CA SER L 324 95.25 30.13 -39.67
C SER L 324 96.58 29.38 -39.89
N THR L 325 97.49 30.01 -40.63
CA THR L 325 98.78 29.43 -40.96
C THR L 325 99.86 29.75 -39.91
N ILE L 326 99.79 30.94 -39.32
CA ILE L 326 100.75 31.34 -38.31
C ILE L 326 100.52 30.57 -37.01
N ALA L 327 99.32 30.02 -36.85
CA ALA L 327 99.03 29.14 -35.70
C ALA L 327 99.69 27.77 -35.93
N SER L 328 100.77 27.77 -36.71
CA SER L 328 101.58 26.58 -36.94
C SER L 328 103.07 26.83 -36.67
N GLY L 329 103.54 26.25 -35.56
CA GLY L 329 104.82 26.56 -34.97
C GLY L 329 104.57 27.10 -33.56
N PRO L 330 104.91 26.31 -32.52
CA PRO L 330 104.64 26.66 -31.12
C PRO L 330 105.35 27.91 -30.59
N GLU L 331 106.33 28.42 -31.33
CA GLU L 331 106.95 29.71 -31.01
C GLU L 331 105.93 30.82 -31.21
N ASN L 332 105.08 30.64 -32.21
CA ASN L 332 103.86 31.42 -32.37
C ASN L 332 102.81 30.87 -31.41
N ARG L 333 101.54 30.85 -31.81
CA ARG L 333 100.47 30.40 -30.91
C ARG L 333 100.41 31.24 -29.63
N THR L 334 99.44 30.95 -28.77
CA THR L 334 99.33 31.67 -27.50
C THR L 334 99.29 30.67 -26.36
N GLY L 335 99.23 31.16 -25.13
CA GLY L 335 99.25 30.29 -23.96
C GLY L 335 98.12 29.27 -23.95
N ASP L 336 96.98 29.67 -24.48
CA ASP L 336 95.80 28.82 -24.55
C ASP L 336 95.94 27.63 -25.51
N LEU L 337 96.94 27.66 -26.39
CA LEU L 337 97.16 26.58 -27.36
C LEU L 337 98.54 25.94 -27.23
N ALA L 338 99.06 25.92 -26.00
CA ALA L 338 100.40 25.42 -25.69
C ALA L 338 101.51 26.41 -26.06
N GLY L 339 101.25 27.25 -27.05
CA GLY L 339 102.21 28.23 -27.55
C GLY L 339 102.83 29.13 -26.50
N THR L 340 103.85 29.87 -26.92
CA THR L 340 104.62 30.69 -25.99
C THR L 340 104.51 32.16 -26.34
N ALA L 341 103.94 32.44 -27.51
CA ALA L 341 103.86 33.81 -28.00
C ALA L 341 102.87 34.67 -27.22
N THR L 342 103.08 35.98 -27.30
CA THR L 342 102.22 36.96 -26.68
C THR L 342 101.20 37.43 -27.71
N THR L 343 100.19 38.17 -27.24
CA THR L 343 99.24 38.80 -28.16
C THR L 343 100.04 39.65 -29.12
N SER L 344 101.05 40.32 -28.56
CA SER L 344 101.96 41.17 -29.32
C SER L 344 102.64 40.39 -30.43
N SER L 345 103.39 39.34 -30.05
CA SER L 345 104.17 38.60 -31.03
C SER L 345 103.31 37.81 -32.00
N PHE L 346 102.10 37.46 -31.58
CA PHE L 346 101.17 36.76 -32.46
C PHE L 346 100.76 37.66 -33.61
N THR L 347 100.52 38.93 -33.29
CA THR L 347 100.07 39.89 -34.29
C THR L 347 101.12 40.24 -35.36
N GLU L 348 102.37 40.46 -34.95
CA GLU L 348 103.41 40.69 -35.95
C GLU L 348 103.76 39.40 -36.67
N ALA L 349 103.84 38.31 -35.92
CA ALA L 349 104.08 36.98 -36.50
C ALA L 349 103.01 36.63 -37.53
N VAL L 350 101.82 37.18 -37.33
CA VAL L 350 100.72 37.00 -38.26
C VAL L 350 100.97 37.86 -39.50
N ILE L 351 101.11 39.16 -39.28
CA ILE L 351 101.24 40.10 -40.38
C ILE L 351 102.34 39.71 -41.37
N LYS L 352 103.35 39.00 -40.88
CA LYS L 352 104.45 38.55 -41.75
C LYS L 352 103.90 37.73 -42.92
N ARG L 353 103.11 36.70 -42.61
CA ARG L 353 102.55 35.84 -43.64
C ARG L 353 101.24 36.42 -44.14
N LEU L 354 101.03 37.68 -43.80
CA LEU L 354 99.85 38.43 -44.18
C LEU L 354 99.90 38.85 -45.64
N ALA M 6 44.99 23.41 -0.84
CA ALA M 6 44.42 22.10 -0.61
C ALA M 6 43.72 22.06 0.74
N GLU M 7 44.37 21.42 1.71
CA GLU M 7 43.94 21.48 3.11
C GLU M 7 42.43 21.52 3.32
N ARG M 8 41.72 20.64 2.62
CA ARG M 8 40.32 20.37 2.84
C ARG M 8 40.19 19.38 4.01
N THR M 9 41.21 19.37 4.88
CA THR M 9 41.29 18.36 5.93
C THR M 9 41.52 18.95 7.31
N LEU M 10 41.63 20.28 7.41
CA LEU M 10 41.70 20.92 8.72
C LEU M 10 40.30 21.21 9.17
N PRO M 11 40.15 21.84 10.36
CA PRO M 11 38.79 22.12 10.84
C PRO M 11 38.14 23.31 10.12
N LYS M 12 36.88 23.15 9.70
CA LYS M 12 36.10 24.23 9.10
C LYS M 12 36.46 25.57 9.72
N LYS M 13 36.85 26.53 8.90
CA LYS M 13 37.26 27.86 9.38
C LYS M 13 37.08 28.91 8.30
N TYR M 14 36.40 29.98 8.64
CA TYR M 14 36.20 31.03 7.67
C TYR M 14 36.54 32.36 8.32
N GLY M 15 37.50 33.06 7.72
CA GLY M 15 38.00 34.29 8.29
C GLY M 15 37.99 34.26 9.81
N GLY M 16 38.83 33.40 10.39
CA GLY M 16 39.03 33.33 11.83
C GLY M 16 37.97 32.60 12.63
N ARG M 17 36.91 32.14 11.98
CA ARG M 17 35.81 31.52 12.72
C ARG M 17 35.64 30.04 12.40
N PHE M 18 35.89 29.20 13.39
CA PHE M 18 35.72 27.77 13.27
C PHE M 18 34.23 27.47 13.22
N THR M 19 33.86 26.42 12.51
CA THR M 19 32.48 25.94 12.58
C THR M 19 32.49 24.53 13.18
N VAL M 20 32.15 24.44 14.46
CA VAL M 20 32.19 23.18 15.20
C VAL M 20 30.81 22.52 15.24
N THR M 21 30.79 21.19 15.27
CA THR M 21 29.52 20.46 15.39
C THR M 21 29.07 20.35 16.84
N LEU M 22 27.78 20.55 17.09
CA LEU M 22 27.23 20.47 18.43
C LEU M 22 26.11 19.44 18.49
N ILE M 23 26.30 18.42 19.32
CA ILE M 23 25.30 17.38 19.45
C ILE M 23 24.93 17.26 20.89
N PRO M 24 23.87 17.96 21.31
CA PRO M 24 23.43 18.00 22.71
C PRO M 24 23.10 16.59 23.21
N GLY M 25 22.25 15.88 22.46
CA GLY M 25 21.94 14.52 22.80
C GLY M 25 20.96 14.43 23.95
N ASP M 26 20.77 13.21 24.46
CA ASP M 26 19.68 12.94 25.39
C ASP M 26 20.05 13.26 26.84
N GLY M 27 19.04 13.28 27.69
CA GLY M 27 19.22 13.58 29.11
C GLY M 27 19.73 14.98 29.35
N VAL M 28 20.50 15.16 30.40
CA VAL M 28 21.02 16.48 30.77
C VAL M 28 21.86 17.06 29.66
N GLY M 29 21.99 16.30 28.59
CA GLY M 29 22.73 16.74 27.42
C GLY M 29 22.39 18.15 27.05
N LYS M 30 21.12 18.39 26.72
CA LYS M 30 20.65 19.71 26.27
C LYS M 30 21.03 20.88 27.19
N GLU M 31 20.96 20.67 28.50
CA GLU M 31 21.28 21.71 29.47
C GLU M 31 22.79 21.92 29.60
N ILE M 32 23.50 20.80 29.74
CA ILE M 32 24.94 20.82 29.95
C ILE M 32 25.69 21.44 28.74
N THR M 33 25.11 21.33 27.54
CA THR M 33 25.72 21.89 26.34
C THR M 33 25.55 23.39 26.38
N ASP M 34 24.30 23.80 26.66
CA ASP M 34 23.92 25.20 26.80
C ASP M 34 24.87 25.97 27.70
N SER M 35 25.18 25.37 28.85
CA SER M 35 26.16 25.94 29.76
C SER M 35 27.42 26.38 29.01
N VAL M 36 27.91 25.49 28.15
CA VAL M 36 29.09 25.80 27.35
C VAL M 36 28.82 26.95 26.35
N ARG M 37 27.70 26.88 25.62
CA ARG M 37 27.33 27.96 24.70
C ARG M 37 27.46 29.31 25.37
N THR M 38 26.77 29.45 26.50
CA THR M 38 26.74 30.68 27.28
C THR M 38 28.11 31.18 27.68
N ILE M 39 28.93 30.28 28.23
CA ILE M 39 30.28 30.64 28.61
C ILE M 39 31.10 31.02 27.39
N PHE M 40 30.70 30.49 26.23
CA PHE M 40 31.45 30.71 24.99
C PHE M 40 31.17 32.08 24.39
N GLU M 41 29.89 32.45 24.29
CA GLU M 41 29.56 33.75 23.72
C GLU M 41 29.85 34.87 24.71
N ALA M 42 29.81 34.55 26.00
CA ALA M 42 30.17 35.50 27.04
C ALA M 42 31.68 35.77 27.07
N GLU M 43 32.44 34.91 26.42
CA GLU M 43 33.88 35.05 26.33
C GLU M 43 34.21 35.46 24.88
N ASN M 44 33.14 35.63 24.11
CA ASN M 44 33.20 35.88 22.66
C ASN M 44 34.25 35.07 21.91
N ILE M 45 34.16 33.74 22.07
CA ILE M 45 35.03 32.81 21.37
C ILE M 45 34.57 32.64 19.93
N PRO M 46 35.51 32.79 18.99
CA PRO M 46 35.27 32.83 17.56
C PRO M 46 34.79 31.51 16.96
N ILE M 47 33.94 30.77 17.63
CA ILE M 47 33.41 29.55 17.01
C ILE M 47 31.91 29.61 16.83
N ASP M 48 31.44 29.04 15.72
CA ASP M 48 30.01 28.98 15.42
C ASP M 48 29.54 27.54 15.49
N TRP M 49 28.51 27.27 16.27
CA TRP M 49 27.99 25.93 16.34
C TRP M 49 27.10 25.58 15.16
N GLU M 50 27.40 24.46 14.49
CA GLU M 50 26.42 23.79 13.66
C GLU M 50 25.82 22.73 14.55
N THR M 51 24.56 22.88 14.89
CA THR M 51 23.98 22.03 15.92
C THR M 51 22.90 21.10 15.36
N ILE M 52 22.99 19.81 15.69
CA ILE M 52 22.07 18.83 15.11
C ILE M 52 21.26 18.05 16.16
N ASN M 53 20.05 17.65 15.76
CA ASN M 53 19.14 16.86 16.60
C ASN M 53 18.43 15.77 15.79
N ILE M 54 17.94 14.75 16.47
CA ILE M 54 17.69 13.47 15.82
C ILE M 54 16.38 12.75 16.12
N LYS M 60 16.09 8.96 14.26
CA LYS M 60 16.37 7.68 14.93
C LYS M 60 17.63 7.15 14.22
N GLU M 61 17.76 7.46 12.93
CA GLU M 61 18.89 6.98 12.13
C GLU M 61 19.59 8.16 11.48
N GLY M 62 19.18 9.35 11.88
CA GLY M 62 19.82 10.59 11.45
C GLY M 62 21.16 10.74 12.13
N VAL M 63 21.59 9.68 12.83
CA VAL M 63 22.96 9.57 13.29
C VAL M 63 23.85 9.72 12.06
N TYR M 64 23.20 9.57 10.90
CA TYR M 64 23.77 9.91 9.61
C TYR M 64 24.15 11.37 9.56
N GLU M 65 23.21 12.23 9.94
CA GLU M 65 23.44 13.66 9.82
C GLU M 65 24.50 14.18 10.77
N ALA M 66 24.69 13.48 11.88
CA ALA M 66 25.77 13.80 12.79
C ALA M 66 27.12 13.49 12.14
N VAL M 67 27.22 12.31 11.57
CA VAL M 67 28.41 11.86 10.86
C VAL M 67 28.71 12.83 9.73
N GLU M 68 27.72 13.07 8.88
CA GLU M 68 27.92 13.89 7.71
C GLU M 68 28.40 15.27 8.09
N SER M 69 27.84 15.83 9.16
CA SER M 69 28.27 17.12 9.68
C SER M 69 29.71 17.09 10.11
N LEU M 70 30.05 16.17 11.00
CA LEU M 70 31.41 16.04 11.50
C LEU M 70 32.43 15.85 10.38
N LYS M 71 32.00 15.20 9.30
CA LYS M 71 32.88 14.99 8.16
C LYS M 71 33.20 16.32 7.46
N ARG M 72 32.27 17.26 7.48
CA ARG M 72 32.51 18.62 6.99
C ARG M 72 33.38 19.40 7.96
N ASN M 73 32.93 19.51 9.20
CA ASN M 73 33.59 20.39 10.17
C ASN M 73 34.84 19.79 10.80
N LYS M 74 34.94 18.46 10.79
CA LYS M 74 36.06 17.74 11.40
C LYS M 74 36.03 17.72 12.94
N ILE M 75 35.43 18.74 13.55
CA ILE M 75 35.41 18.81 15.00
C ILE M 75 34.01 18.94 15.58
N GLY M 76 33.81 18.33 16.74
CA GLY M 76 32.51 18.32 17.38
C GLY M 76 32.58 18.33 18.89
N LEU M 77 31.45 18.68 19.49
CA LEU M 77 31.30 18.73 20.93
C LEU M 77 29.93 18.12 21.19
N LYS M 78 29.89 17.06 22.00
CA LYS M 78 28.62 16.35 22.20
C LYS M 78 28.39 15.81 23.59
N GLY M 79 27.12 15.61 23.92
CA GLY M 79 26.74 14.92 25.13
C GLY M 79 26.59 13.45 24.81
N LEU M 80 25.78 12.74 25.59
CA LEU M 80 25.57 11.33 25.32
C LEU M 80 24.16 11.12 24.82
N TRP M 81 23.99 10.16 23.93
CA TRP M 81 22.66 9.74 23.53
C TRP M 81 22.21 8.64 24.46
N HIS M 82 20.93 8.32 24.45
CA HIS M 82 20.42 7.23 25.27
C HIS M 82 20.41 5.93 24.48
N THR M 83 20.59 4.81 25.18
CA THR M 83 20.55 3.51 24.51
C THR M 83 19.61 2.52 25.19
N PRO M 84 18.69 1.97 24.41
CA PRO M 84 17.70 0.98 24.85
C PRO M 84 18.35 -0.31 25.32
N ALA M 85 17.67 -1.06 26.18
CA ALA M 85 18.14 -2.37 26.58
C ALA M 85 17.24 -3.46 26.01
N ASP M 86 16.09 -3.07 25.50
CA ASP M 86 15.14 -4.02 24.92
C ASP M 86 15.66 -4.59 23.61
N GLN M 87 15.01 -5.65 23.14
CA GLN M 87 15.49 -6.42 22.00
C GLN M 87 15.32 -5.71 20.67
N THR M 88 14.24 -4.95 20.53
CA THR M 88 13.98 -4.23 19.28
C THR M 88 14.42 -2.77 19.37
N GLY M 89 15.29 -2.49 20.35
CA GLY M 89 15.93 -1.19 20.48
C GLY M 89 16.94 -1.00 19.38
N HIS M 90 17.36 0.25 19.17
CA HIS M 90 18.10 0.57 17.96
C HIS M 90 19.62 0.28 18.00
N GLY M 91 20.22 0.31 19.18
CA GLY M 91 21.67 0.11 19.28
C GLY M 91 22.41 1.41 19.51
N SER M 92 23.52 1.34 20.22
CA SER M 92 24.17 2.53 20.77
C SER M 92 23.99 3.84 20.01
N LEU M 93 24.49 3.87 18.79
CA LEU M 93 24.57 5.12 18.02
C LEU M 93 25.40 6.23 18.69
N ASN M 94 25.89 5.95 19.89
CA ASN M 94 27.06 6.65 20.37
C ASN M 94 28.26 5.97 19.73
N VAL M 95 28.28 4.63 19.77
CA VAL M 95 29.33 3.83 19.11
C VAL M 95 29.20 3.92 17.60
N ALA M 96 27.98 3.92 17.10
CA ALA M 96 27.77 4.12 15.67
C ALA M 96 28.49 5.37 15.21
N LEU M 97 28.36 6.46 15.95
CA LEU M 97 29.03 7.69 15.55
C LEU M 97 30.53 7.47 15.43
N ARG M 98 31.10 6.84 16.43
CA ARG M 98 32.55 6.62 16.46
C ARG M 98 33.04 5.65 15.41
N LYS M 99 32.35 4.52 15.28
CA LYS M 99 32.73 3.53 14.28
C LYS M 99 32.67 4.11 12.87
N GLN M 100 31.67 4.91 12.58
CA GLN M 100 31.48 5.44 11.24
C GLN M 100 32.45 6.54 10.93
N LEU M 101 33.08 7.09 11.95
CA LEU M 101 34.09 8.12 11.71
C LEU M 101 35.46 7.58 12.06
N ASP M 102 35.51 6.32 12.45
CA ASP M 102 36.75 5.71 12.91
C ASP M 102 37.47 6.62 13.89
N ILE M 103 36.68 7.26 14.75
CA ILE M 103 37.22 7.93 15.93
C ILE M 103 37.53 6.86 16.96
N TYR M 104 38.67 6.22 16.82
CA TYR M 104 38.98 4.98 17.50
C TYR M 104 39.54 5.12 18.92
N ALA M 105 39.92 6.34 19.32
CA ALA M 105 40.55 6.49 20.63
C ALA M 105 39.75 7.36 21.58
N ASN M 106 39.41 6.80 22.74
CA ASN M 106 38.73 7.55 23.79
C ASN M 106 39.71 7.90 24.90
N VAL M 107 39.72 9.17 25.30
CA VAL M 107 40.53 9.60 26.44
C VAL M 107 39.61 10.15 27.51
N ALA M 108 39.75 9.62 28.72
CA ALA M 108 39.01 10.15 29.86
C ALA M 108 40.02 10.66 30.89
N LEU M 109 39.74 11.84 31.45
CA LEU M 109 40.65 12.46 32.39
C LEU M 109 40.11 12.50 33.82
N PHE M 110 40.70 11.66 34.67
CA PHE M 110 40.29 11.55 36.05
C PHE M 110 41.33 12.25 36.92
N LYS M 111 41.13 13.54 37.12
CA LYS M 111 41.97 14.34 38.01
C LYS M 111 41.07 15.00 39.04
N SER M 112 41.35 14.77 40.32
CA SER M 112 40.50 15.30 41.38
C SER M 112 40.58 16.82 41.43
N LEU M 113 39.52 17.42 41.98
CA LEU M 113 39.38 18.86 41.97
C LEU M 113 39.39 19.40 43.39
N LYS M 114 39.95 20.60 43.54
CA LYS M 114 40.25 21.15 44.86
C LYS M 114 39.06 21.21 45.81
N GLY M 115 37.94 21.76 45.37
CA GLY M 115 36.81 21.94 46.27
C GLY M 115 35.87 20.75 46.35
N VAL M 116 36.39 19.52 46.23
CA VAL M 116 35.51 18.36 46.23
C VAL M 116 35.96 17.25 47.18
N LYS M 117 35.06 16.89 48.09
CA LYS M 117 35.29 15.84 49.06
C LYS M 117 35.37 14.49 48.38
N THR M 118 36.54 13.87 48.38
CA THR M 118 36.67 12.51 47.86
C THR M 118 37.40 11.61 48.85
N ARG M 119 37.08 10.33 48.81
CA ARG M 119 37.60 9.38 49.79
C ARG M 119 39.13 9.20 49.70
N ILE M 120 39.68 9.18 48.48
CA ILE M 120 41.12 9.23 48.29
C ILE M 120 41.46 10.42 47.43
N PRO M 121 42.28 11.34 47.96
CA PRO M 121 42.49 12.65 47.33
C PRO M 121 43.75 12.71 46.50
N ASP M 122 43.90 13.78 45.73
CA ASP M 122 45.11 14.06 44.94
C ASP M 122 45.41 12.96 43.93
N ILE M 123 44.44 12.72 43.06
CA ILE M 123 44.46 11.58 42.16
C ILE M 123 44.45 12.04 40.72
N ASP M 124 45.32 11.46 39.90
CA ASP M 124 45.49 11.93 38.54
C ASP M 124 45.83 10.79 37.59
N LEU M 125 44.81 10.19 36.99
CA LEU M 125 45.04 9.10 36.06
C LEU M 125 44.17 9.20 34.83
N ILE M 126 44.68 8.63 33.75
CA ILE M 126 44.06 8.71 32.44
C ILE M 126 43.74 7.32 31.91
N VAL M 127 42.58 7.19 31.29
CA VAL M 127 42.17 5.91 30.77
C VAL M 127 41.91 6.06 29.28
N ILE M 128 42.74 5.39 28.48
CA ILE M 128 42.57 5.38 27.04
C ILE M 128 41.99 4.05 26.60
N ARG M 129 40.84 4.08 25.94
CA ARG M 129 40.22 2.88 25.45
C ARG M 129 40.02 2.89 23.94
N GLU M 130 40.02 1.69 23.36
CA GLU M 130 39.73 1.54 21.94
C GLU M 130 38.22 1.55 21.77
N ASN M 131 37.73 2.27 20.76
CA ASN M 131 36.30 2.54 20.61
C ASN M 131 35.53 1.62 19.67
N THR M 132 36.20 1.08 18.65
CA THR M 132 35.53 0.43 17.52
C THR M 132 35.50 -1.11 17.52
N GLU M 133 36.23 -1.70 18.46
CA GLU M 133 36.51 -3.13 18.40
C GLU M 133 36.20 -3.79 19.75
N GLY M 134 36.84 -4.92 20.02
CA GLY M 134 36.65 -5.60 21.27
C GLY M 134 35.25 -6.14 21.43
N GLU M 135 34.71 -5.99 22.63
CA GLU M 135 33.34 -6.42 22.91
C GLU M 135 32.28 -5.44 22.37
N PHE M 136 32.74 -4.33 21.78
CA PHE M 136 31.86 -3.33 21.19
C PHE M 136 31.74 -3.58 19.70
N SER M 137 32.18 -4.76 19.26
CA SER M 137 32.17 -5.06 17.83
C SER M 137 30.75 -5.42 17.40
N GLY M 138 29.91 -5.71 18.39
CA GLY M 138 28.50 -5.95 18.13
C GLY M 138 28.23 -7.04 17.11
N LEU M 139 28.94 -8.16 17.25
CA LEU M 139 28.65 -9.34 16.45
C LEU M 139 28.09 -10.41 17.38
N GLU M 140 26.83 -10.78 17.18
CA GLU M 140 26.25 -11.83 18.01
C GLU M 140 25.14 -12.58 17.30
N HIS M 141 24.93 -13.83 17.68
CA HIS M 141 23.86 -14.63 17.09
C HIS M 141 23.39 -15.68 18.05
N GLU M 142 22.21 -16.25 17.76
CA GLU M 142 21.62 -17.32 18.55
C GLU M 142 21.56 -18.56 17.68
N SER M 143 22.43 -19.53 17.96
CA SER M 143 22.51 -20.74 17.12
C SER M 143 21.23 -21.55 17.16
N VAL M 144 20.97 -22.16 18.32
CA VAL M 144 19.67 -22.75 18.61
C VAL M 144 19.04 -21.90 19.70
N PRO M 145 17.73 -22.04 19.89
CA PRO M 145 17.04 -21.21 20.90
C PRO M 145 17.67 -21.37 22.27
N GLY M 146 17.97 -20.25 22.93
CA GLY M 146 18.46 -20.28 24.28
C GLY M 146 19.96 -20.32 24.38
N VAL M 147 20.63 -20.44 23.22
CA VAL M 147 22.10 -20.40 23.18
C VAL M 147 22.59 -19.21 22.36
N VAL M 148 23.29 -18.30 23.01
CA VAL M 148 23.73 -17.09 22.33
C VAL M 148 25.25 -16.94 22.35
N GLU M 149 25.81 -16.62 21.20
CA GLU M 149 27.24 -16.31 21.11
C GLU M 149 27.44 -14.85 20.70
N SER M 150 28.24 -14.16 21.48
CA SER M 150 28.67 -12.83 21.15
C SER M 150 30.13 -12.94 20.77
N LEU M 151 30.48 -12.54 19.56
CA LEU M 151 31.85 -12.59 19.07
C LEU M 151 32.61 -11.31 19.39
N LYS M 152 33.78 -11.45 19.99
CA LYS M 152 34.62 -10.31 20.34
C LYS M 152 35.87 -10.27 19.47
N VAL M 153 35.93 -9.29 18.57
CA VAL M 153 37.01 -9.22 17.60
C VAL M 153 38.18 -8.39 18.12
N MET M 154 39.39 -8.86 17.86
CA MET M 154 40.61 -8.13 18.19
C MET M 154 41.55 -8.26 17.00
N THR M 155 41.95 -7.13 16.42
CA THR M 155 42.82 -7.17 15.25
C THR M 155 44.09 -6.36 15.40
N ARG M 156 45.19 -6.90 14.88
CA ARG M 156 46.50 -6.28 15.02
C ARG M 156 46.52 -4.82 14.58
N PRO M 157 45.96 -4.55 13.39
CA PRO M 157 45.97 -3.17 12.91
C PRO M 157 45.31 -2.18 13.89
N LYS M 158 44.07 -2.46 14.27
CA LYS M 158 43.33 -1.57 15.17
C LYS M 158 44.03 -1.47 16.51
N THR M 159 44.76 -2.51 16.87
CA THR M 159 45.43 -2.56 18.16
C THR M 159 46.78 -1.86 18.15
N GLU M 160 47.51 -1.97 17.05
CA GLU M 160 48.77 -1.25 16.96
C GLU M 160 48.44 0.24 17.02
N ARG M 161 47.34 0.59 16.36
CA ARG M 161 46.92 1.97 16.27
C ARG M 161 46.74 2.58 17.64
N ILE M 162 45.87 1.97 18.46
CA ILE M 162 45.55 2.52 19.78
C ILE M 162 46.79 2.51 20.65
N ALA M 163 47.59 1.47 20.51
CA ALA M 163 48.82 1.34 21.26
C ALA M 163 49.71 2.55 21.02
N ARG M 164 49.91 2.92 19.77
CA ARG M 164 50.73 4.08 19.50
C ARG M 164 50.06 5.37 19.97
N PHE M 165 48.77 5.51 19.72
CA PHE M 165 48.05 6.67 20.22
C PHE M 165 48.31 6.88 21.69
N ALA M 166 48.21 5.81 22.46
CA ALA M 166 48.39 5.89 23.90
C ALA M 166 49.79 6.38 24.25
N PHE M 167 50.80 5.78 23.64
CA PHE M 167 52.16 6.19 23.93
C PHE M 167 52.44 7.62 23.46
N ASP M 168 52.08 7.91 22.22
CA ASP M 168 52.16 9.26 21.70
C ASP M 168 51.54 10.26 22.68
N PHE M 169 50.35 9.94 23.17
CA PHE M 169 49.63 10.77 24.12
C PHE M 169 50.42 10.93 25.40
N ALA M 170 50.96 9.82 25.91
CA ALA M 170 51.74 9.84 27.15
C ALA M 170 53.00 10.68 26.99
N LYS M 171 53.61 10.61 25.80
CA LYS M 171 54.81 11.39 25.54
C LYS M 171 54.47 12.87 25.48
N LYS M 172 53.42 13.20 24.73
CA LYS M 172 53.00 14.58 24.53
C LYS M 172 52.62 15.28 25.83
N TYR M 173 52.02 14.55 26.76
CA TYR M 173 51.56 15.14 28.01
C TYR M 173 52.43 14.68 29.18
N ASN M 174 53.70 14.41 28.89
CA ASN M 174 54.66 13.98 29.90
C ASN M 174 54.07 13.05 30.96
N ARG M 175 53.56 11.91 30.49
CA ARG M 175 53.12 10.83 31.37
C ARG M 175 54.21 9.79 31.38
N LYS M 176 54.57 9.30 32.55
CA LYS M 176 55.73 8.41 32.62
C LYS M 176 55.38 6.93 32.43
N SER M 177 54.16 6.54 32.79
CA SER M 177 53.78 5.12 32.79
C SER M 177 52.53 4.81 31.95
N VAL M 178 52.60 3.71 31.22
CA VAL M 178 51.47 3.23 30.44
C VAL M 178 51.21 1.75 30.72
N THR M 179 49.99 1.44 31.12
CA THR M 179 49.67 0.08 31.54
C THR M 179 48.55 -0.51 30.72
N ALA M 180 48.75 -1.72 30.23
CA ALA M 180 47.73 -2.39 29.43
C ALA M 180 46.86 -3.26 30.31
N VAL M 181 45.56 -3.01 30.28
CA VAL M 181 44.60 -3.80 31.05
C VAL M 181 44.01 -4.90 30.17
N HIS M 182 43.98 -6.13 30.67
CA HIS M 182 43.65 -7.27 29.83
C HIS M 182 43.17 -8.44 30.67
N LYS M 183 42.79 -9.52 30.00
CA LYS M 183 42.37 -10.73 30.66
C LYS M 183 43.04 -11.87 29.90
N ALA M 184 44.31 -11.66 29.62
CA ALA M 184 45.03 -12.52 28.67
C ALA M 184 45.29 -13.89 29.22
N ASN M 185 45.06 -14.09 30.52
CA ASN M 185 45.30 -15.39 31.13
C ASN M 185 44.17 -16.35 30.84
N ILE M 186 43.09 -15.83 30.30
CA ILE M 186 41.92 -16.65 30.03
C ILE M 186 41.55 -16.60 28.56
N MET M 187 41.57 -15.40 28.00
CA MET M 187 41.33 -15.21 26.58
C MET M 187 42.68 -14.97 25.94
N LYS M 188 43.42 -16.07 25.79
CA LYS M 188 44.83 -16.06 25.47
C LYS M 188 45.13 -15.50 24.08
N LEU M 189 44.18 -15.65 23.17
CA LEU M 189 44.37 -15.10 21.85
C LEU M 189 43.91 -13.64 21.81
N GLY M 190 42.66 -13.40 22.19
CA GLY M 190 42.09 -12.06 22.11
C GLY M 190 42.86 -11.04 22.93
N ASP M 191 42.72 -11.10 24.24
CA ASP M 191 43.40 -10.17 25.11
C ASP M 191 44.92 -10.39 25.08
N GLY M 192 45.33 -11.61 24.76
CA GLY M 192 46.75 -11.90 24.61
C GLY M 192 47.36 -10.98 23.59
N LEU M 193 46.79 -11.00 22.38
CA LEU M 193 47.25 -10.16 21.28
C LEU M 193 47.36 -8.70 21.69
N PHE M 194 46.32 -8.22 22.37
CA PHE M 194 46.28 -6.86 22.87
C PHE M 194 47.46 -6.55 23.79
N ARG M 195 47.67 -7.39 24.81
CA ARG M 195 48.75 -7.18 25.78
C ARG M 195 50.13 -7.19 25.12
N ASN M 196 50.32 -8.08 24.14
CA ASN M 196 51.60 -8.18 23.46
C ASN M 196 51.88 -6.97 22.63
N ILE M 197 51.08 -6.78 21.60
CA ILE M 197 51.20 -5.61 20.75
C ILE M 197 51.48 -4.30 21.51
N ILE M 198 50.86 -4.11 22.68
CA ILE M 198 51.11 -2.90 23.46
C ILE M 198 52.51 -2.90 24.04
N THR M 199 52.81 -3.91 24.86
CA THR M 199 54.12 -3.98 25.49
C THR M 199 55.20 -4.08 24.40
N GLU M 200 54.90 -4.82 23.35
CA GLU M 200 55.82 -5.02 22.25
C GLU M 200 56.27 -3.71 21.62
N ILE M 201 55.31 -2.81 21.39
CA ILE M 201 55.67 -1.56 20.69
C ILE M 201 55.84 -0.40 21.65
N GLY M 202 55.95 -0.71 22.93
CA GLY M 202 56.33 0.27 23.92
C GLY M 202 57.80 0.04 24.29
N GLN M 203 58.36 -1.02 23.74
CA GLN M 203 59.74 -1.41 24.03
C GLN M 203 60.66 -1.06 22.87
N LYS M 204 60.20 -1.27 21.64
CA LYS M 204 61.04 -0.97 20.48
C LYS M 204 60.79 0.43 19.89
N GLU M 205 59.70 1.06 20.32
CA GLU M 205 59.46 2.48 20.10
C GLU M 205 59.07 2.97 21.48
N TYR M 206 59.10 4.27 21.73
CA TYR M 206 58.76 4.78 23.08
C TYR M 206 59.47 4.06 24.24
N PRO M 207 60.80 3.94 24.18
CA PRO M 207 61.54 3.23 25.22
C PRO M 207 61.61 4.04 26.49
N ASP M 208 61.38 5.34 26.39
CA ASP M 208 61.48 6.23 27.53
C ASP M 208 60.31 6.05 28.49
N ILE M 209 59.26 5.39 28.03
CA ILE M 209 58.05 5.22 28.83
C ILE M 209 57.98 3.83 29.47
N ASP M 210 57.45 3.78 30.69
CA ASP M 210 57.36 2.51 31.41
C ASP M 210 56.11 1.73 31.02
N VAL M 211 56.30 0.66 30.26
CA VAL M 211 55.17 -0.17 29.87
C VAL M 211 54.96 -1.34 30.84
N SER M 212 53.71 -1.69 31.08
CA SER M 212 53.38 -2.81 31.96
C SER M 212 51.99 -3.34 31.65
N SER M 213 51.67 -4.50 32.24
CA SER M 213 50.37 -5.10 32.06
C SER M 213 49.71 -5.22 33.41
N ILE M 214 48.40 -5.42 33.39
CA ILE M 214 47.66 -5.70 34.60
C ILE M 214 46.37 -6.39 34.20
N ILE M 215 45.98 -7.39 34.99
CA ILE M 215 44.78 -8.16 34.70
C ILE M 215 43.57 -7.38 35.17
N VAL M 216 42.58 -7.30 34.30
CA VAL M 216 41.46 -6.38 34.48
C VAL M 216 40.80 -6.45 35.85
N ASP M 217 40.63 -7.66 36.38
CA ASP M 217 39.98 -7.80 37.68
C ASP M 217 40.87 -7.25 38.80
N ASN M 218 42.14 -7.61 38.77
CA ASN M 218 43.09 -7.11 39.75
C ASN M 218 43.32 -5.61 39.59
N ALA M 219 43.24 -5.13 38.35
CA ALA M 219 43.35 -3.72 38.07
C ALA M 219 42.20 -3.01 38.77
N SER M 220 41.01 -3.58 38.66
CA SER M 220 39.81 -3.02 39.29
C SER M 220 39.95 -2.91 40.79
N MET M 221 40.66 -3.85 41.37
CA MET M 221 40.83 -3.84 42.80
C MET M 221 41.83 -2.78 43.22
N GLN M 222 42.97 -2.70 42.54
CA GLN M 222 43.94 -1.68 42.88
C GLN M 222 43.36 -0.29 42.67
N ALA M 223 42.60 -0.12 41.59
CA ALA M 223 42.02 1.19 41.25
C ALA M 223 41.18 1.77 42.38
N VAL M 224 40.42 0.89 43.03
CA VAL M 224 39.52 1.30 44.10
C VAL M 224 40.27 1.48 45.42
N ALA M 225 41.29 0.67 45.62
CA ALA M 225 42.00 0.68 46.89
C ALA M 225 43.28 1.54 46.90
N LYS M 226 44.03 1.52 45.81
CA LYS M 226 45.31 2.23 45.76
C LYS M 226 45.58 2.80 44.37
N PRO M 227 44.83 3.83 43.98
CA PRO M 227 44.76 4.34 42.60
C PRO M 227 46.00 5.11 42.19
N HIS M 228 46.78 5.58 43.16
CA HIS M 228 47.91 6.45 42.86
C HIS M 228 49.01 5.71 42.12
N GLN M 229 48.95 4.38 42.13
CA GLN M 229 49.95 3.58 41.45
C GLN M 229 49.79 3.61 39.92
N PHE M 230 48.64 4.09 39.44
CA PHE M 230 48.37 4.16 38.02
C PHE M 230 48.58 5.55 37.42
N ASP M 231 49.00 5.57 36.15
CA ASP M 231 49.31 6.80 35.43
C ASP M 231 48.43 6.86 34.18
N VAL M 232 48.75 6.04 33.19
CA VAL M 232 47.90 5.88 32.02
C VAL M 232 47.52 4.43 31.84
N LEU M 233 46.25 4.19 31.55
CA LEU M 233 45.75 2.84 31.31
C LEU M 233 45.18 2.71 29.90
N VAL M 234 45.65 1.71 29.17
CA VAL M 234 45.14 1.41 27.83
C VAL M 234 44.30 0.16 27.88
N THR M 235 43.09 0.23 27.34
CA THR M 235 42.19 -0.90 27.47
C THR M 235 41.38 -1.09 26.21
N PRO M 236 40.87 -2.30 25.99
CA PRO M 236 39.86 -2.56 24.98
C PRO M 236 38.53 -1.97 25.43
N SER M 237 37.56 -1.89 24.52
CA SER M 237 36.27 -1.24 24.79
C SER M 237 35.66 -1.47 26.18
N MET M 238 35.60 -2.72 26.61
CA MET M 238 34.88 -3.07 27.84
C MET M 238 35.61 -2.59 29.07
N TYR M 239 36.84 -3.07 29.27
CA TYR M 239 37.60 -2.78 30.47
C TYR M 239 37.69 -1.28 30.69
N GLY M 240 37.52 -0.50 29.63
CA GLY M 240 37.63 0.94 29.69
C GLY M 240 36.38 1.58 30.28
N THR M 241 35.24 0.97 30.00
CA THR M 241 33.99 1.35 30.62
C THR M 241 34.03 1.09 32.12
N ILE M 242 34.66 -0.02 32.49
CA ILE M 242 34.73 -0.40 33.88
C ILE M 242 35.74 0.44 34.66
N LEU M 243 36.97 0.50 34.18
CA LEU M 243 37.96 1.29 34.89
C LEU M 243 37.53 2.75 34.84
N GLY M 244 36.92 3.14 33.72
CA GLY M 244 36.39 4.48 33.60
C GLY M 244 35.49 4.88 34.75
N ASN M 245 34.46 4.09 35.00
CA ASN M 245 33.55 4.39 36.09
C ASN M 245 34.17 4.32 37.49
N ILE M 246 35.14 3.43 37.69
CA ILE M 246 35.90 3.46 38.94
C ILE M 246 36.54 4.84 39.08
N GLY M 247 37.20 5.29 38.02
CA GLY M 247 37.88 6.58 38.07
C GLY M 247 36.90 7.71 38.25
N ALA M 248 35.75 7.59 37.61
CA ALA M 248 34.70 8.59 37.71
C ALA M 248 34.30 8.77 39.18
N ALA M 249 34.02 7.65 39.84
CA ALA M 249 33.66 7.70 41.25
C ALA M 249 34.79 8.29 42.10
N LEU M 250 36.02 7.83 41.87
CA LEU M 250 37.19 8.18 42.67
C LEU M 250 37.38 9.67 42.84
N ILE M 251 36.94 10.46 41.87
CA ILE M 251 37.21 11.89 41.87
C ILE M 251 36.02 12.75 42.22
N GLY M 252 34.84 12.15 42.33
CA GLY M 252 33.65 12.89 42.72
C GLY M 252 32.39 12.43 42.02
N GLY M 253 32.50 12.14 40.73
CA GLY M 253 31.35 11.72 39.96
C GLY M 253 31.48 12.04 38.48
N PRO M 254 30.49 11.61 37.70
CA PRO M 254 30.48 11.71 36.24
C PRO M 254 30.47 13.14 35.74
N GLY M 255 30.20 14.08 36.64
CA GLY M 255 30.05 15.47 36.24
C GLY M 255 31.35 16.23 36.27
N LEU M 256 32.44 15.56 36.65
CA LEU M 256 33.73 16.24 36.79
C LEU M 256 34.75 15.74 35.76
N VAL M 257 34.31 14.87 34.86
CA VAL M 257 35.23 14.16 33.99
C VAL M 257 35.23 14.66 32.55
N ALA M 258 36.36 15.19 32.12
CA ALA M 258 36.52 15.65 30.76
C ALA M 258 36.85 14.44 29.90
N GLY M 259 36.39 14.45 28.65
CA GLY M 259 36.66 13.36 27.74
C GLY M 259 36.81 13.84 26.32
N ALA M 260 37.47 13.02 25.51
CA ALA M 260 37.64 13.35 24.10
C ALA M 260 37.81 12.07 23.29
N ASN M 261 37.34 12.11 22.05
CA ASN M 261 37.50 10.99 21.13
C ASN M 261 38.30 11.41 19.90
N PHE M 262 39.30 10.60 19.53
CA PHE M 262 40.17 10.91 18.41
C PHE M 262 40.17 9.84 17.32
N GLY M 263 40.04 10.31 16.08
CA GLY M 263 40.32 9.49 14.91
C GLY M 263 41.46 10.17 14.19
N ARG M 264 41.83 9.67 13.03
CA ARG M 264 42.94 10.27 12.30
C ARG M 264 42.55 11.64 11.76
N ASP M 265 41.34 11.73 11.21
CA ASP M 265 40.87 12.97 10.59
C ASP M 265 39.96 13.82 11.46
N TYR M 266 39.17 13.17 12.29
CA TYR M 266 38.18 13.88 13.09
C TYR M 266 38.51 13.85 14.58
N ALA M 267 37.79 14.67 15.35
CA ALA M 267 37.89 14.67 16.81
C ALA M 267 36.55 15.09 17.37
N VAL M 268 36.00 14.27 18.26
CA VAL M 268 34.74 14.60 18.92
C VAL M 268 34.95 14.62 20.42
N PHE M 269 34.56 15.71 21.05
CA PHE M 269 34.74 15.87 22.48
C PHE M 269 33.45 15.67 23.24
N GLU M 270 33.50 14.81 24.24
CA GLU M 270 32.32 14.47 25.03
C GLU M 270 32.75 14.30 26.48
N PRO M 271 31.77 14.19 27.39
CA PRO M 271 32.13 13.93 28.79
C PRO M 271 32.88 12.60 28.94
N GLY M 272 33.87 12.58 29.81
CA GLY M 272 34.68 11.39 29.98
C GLY M 272 34.02 10.28 30.76
N SER M 273 32.85 10.54 31.35
CA SER M 273 32.24 9.53 32.18
C SER M 273 31.12 8.77 31.49
N ARG M 274 30.41 9.41 30.59
CA ARG M 274 29.47 8.70 29.74
C ARG M 274 28.21 8.28 30.49
N HIS M 275 27.50 9.26 31.05
CA HIS M 275 26.20 9.05 31.64
C HIS M 275 25.19 10.08 31.14
N VAL M 276 23.96 9.65 30.88
CA VAL M 276 22.95 10.48 30.21
C VAL M 276 22.19 11.41 31.14
N GLY M 277 22.04 11.00 32.41
CA GLY M 277 21.29 11.78 33.38
C GLY M 277 19.82 11.91 33.02
N LEU M 278 19.27 10.91 32.36
CA LEU M 278 17.86 10.92 31.97
C LEU M 278 16.91 11.38 33.08
N ASP M 279 17.14 10.89 34.29
CA ASP M 279 16.27 11.17 35.44
C ASP M 279 16.12 12.65 35.83
N ILE M 280 17.19 13.42 35.65
CA ILE M 280 17.16 14.84 36.00
C ILE M 280 17.13 15.80 34.78
N LYS M 281 16.49 15.33 33.70
CA LYS M 281 16.37 16.14 32.49
C LYS M 281 15.39 17.28 32.72
N GLY M 282 15.84 18.49 32.44
CA GLY M 282 14.97 19.66 32.49
C GLY M 282 14.85 20.24 33.87
N GLN M 283 15.56 19.66 34.83
CA GLN M 283 15.44 20.11 36.20
C GLN M 283 16.45 21.18 36.55
N ASN M 284 17.40 21.43 35.66
CA ASN M 284 18.39 22.46 35.92
C ASN M 284 19.16 22.17 37.21
N VAL M 285 19.29 20.90 37.56
CA VAL M 285 20.07 20.50 38.74
C VAL M 285 21.45 20.02 38.34
N ALA M 286 21.59 19.68 37.06
CA ALA M 286 22.78 19.03 36.53
C ALA M 286 24.08 19.82 36.67
N ASN M 287 25.21 19.11 36.58
CA ASN M 287 26.52 19.71 36.71
C ASN M 287 27.26 19.74 35.37
N PRO M 288 27.66 20.93 34.92
CA PRO M 288 28.25 21.05 33.58
C PRO M 288 29.77 21.01 33.60
N THR M 289 30.39 20.79 34.76
CA THR M 289 31.84 20.77 34.84
C THR M 289 32.41 19.84 33.76
N ALA M 290 31.86 18.64 33.69
CA ALA M 290 32.28 17.65 32.69
C ALA M 290 32.31 18.29 31.33
N MET M 291 31.14 18.70 30.85
CA MET M 291 30.99 19.25 29.51
C MET M 291 31.94 20.40 29.25
N ILE M 292 31.98 21.35 30.16
CA ILE M 292 32.81 22.54 30.00
C ILE M 292 34.28 22.14 29.91
N LEU M 293 34.72 21.27 30.81
CA LEU M 293 36.14 20.90 30.86
C LEU M 293 36.60 20.18 29.60
N SER M 294 35.76 19.32 29.07
CA SER M 294 36.09 18.66 27.82
C SER M 294 35.92 19.64 26.67
N SER M 295 35.06 20.64 26.88
CA SER M 295 34.95 21.76 25.95
C SER M 295 36.27 22.55 25.89
N THR M 296 36.93 22.71 27.03
CA THR M 296 38.24 23.35 27.04
C THR M 296 39.27 22.50 26.30
N LEU M 297 39.16 21.19 26.43
CA LEU M 297 40.03 20.25 25.72
C LEU M 297 39.95 20.51 24.22
N MET M 298 38.74 20.82 23.75
CA MET M 298 38.50 21.09 22.34
C MET M 298 39.16 22.37 21.90
N LEU M 299 39.10 23.40 22.75
CA LEU M 299 39.78 24.65 22.46
C LEU M 299 41.28 24.42 22.30
N ASN M 300 41.92 23.85 23.31
CA ASN M 300 43.34 23.53 23.19
C ASN M 300 43.59 22.85 21.85
N HIS M 301 42.67 22.00 21.45
CA HIS M 301 42.83 21.26 20.21
C HIS M 301 42.86 22.19 19.00
N LEU M 302 41.77 22.88 18.73
CA LEU M 302 41.77 23.79 17.60
C LEU M 302 42.55 25.08 17.89
N GLY M 303 43.52 24.98 18.78
CA GLY M 303 44.58 25.97 18.88
C GLY M 303 44.30 27.22 19.70
N LEU M 304 43.03 27.43 20.04
CA LEU M 304 42.65 28.58 20.85
C LEU M 304 43.43 28.55 22.15
N ASN M 305 42.85 27.96 23.19
CA ASN M 305 43.60 27.60 24.40
C ASN M 305 44.12 28.74 25.29
N GLU M 306 44.17 29.95 24.76
CA GLU M 306 44.32 31.10 25.63
C GLU M 306 43.00 31.09 26.36
N TYR M 307 41.92 30.96 25.59
CA TYR M 307 40.59 30.80 26.14
C TYR M 307 40.49 29.58 27.04
N ALA M 308 41.05 28.46 26.59
CA ALA M 308 40.98 27.22 27.35
C ALA M 308 41.67 27.36 28.72
N THR M 309 42.93 27.74 28.70
CA THR M 309 43.67 28.01 29.92
C THR M 309 42.82 28.90 30.82
N ARG M 310 42.20 29.88 30.19
CA ARG M 310 41.33 30.82 30.87
C ARG M 310 40.16 30.09 31.52
N ILE M 311 39.17 29.73 30.72
CA ILE M 311 37.87 29.27 31.24
C ILE M 311 37.96 27.98 32.05
N SER M 312 39.11 27.33 32.06
CA SER M 312 39.28 26.18 32.93
C SER M 312 39.61 26.66 34.35
N LYS M 313 40.52 27.62 34.45
CA LYS M 313 40.83 28.24 35.73
C LYS M 313 39.55 28.77 36.36
N ALA M 314 38.67 29.30 35.53
CA ALA M 314 37.39 29.82 35.99
C ALA M 314 36.59 28.77 36.75
N VAL M 315 36.26 27.67 36.06
CA VAL M 315 35.52 26.58 36.70
C VAL M 315 36.30 25.91 37.83
N HIS M 316 37.61 25.72 37.65
CA HIS M 316 38.42 25.15 38.72
C HIS M 316 38.35 25.94 40.03
N GLU M 317 38.53 27.25 39.93
CA GLU M 317 38.42 28.14 41.09
C GLU M 317 36.99 28.21 41.62
N THR M 318 36.01 28.36 40.73
CA THR M 318 34.60 28.34 41.13
C THR M 318 34.24 27.18 42.05
N ILE M 319 34.60 25.96 41.66
CA ILE M 319 34.19 24.80 42.46
C ILE M 319 35.03 24.65 43.74
N ALA M 320 36.31 25.01 43.66
CA ALA M 320 37.15 25.04 44.86
C ALA M 320 36.59 26.03 45.89
N GLU M 321 36.06 27.15 45.40
CA GLU M 321 35.46 28.18 46.25
C GLU M 321 34.09 27.78 46.74
N GLY M 322 34.07 26.88 47.71
CA GLY M 322 32.85 26.47 48.37
C GLY M 322 31.54 26.71 47.65
N LYS M 323 30.56 27.20 48.40
CA LYS M 323 29.19 27.31 47.94
C LYS M 323 29.07 28.13 46.66
N HIS M 324 27.93 27.93 45.97
CA HIS M 324 27.68 28.42 44.61
C HIS M 324 27.98 27.30 43.62
N THR M 325 28.44 26.18 44.15
CA THR M 325 28.73 24.99 43.37
C THR M 325 27.43 24.21 43.21
N THR M 326 27.39 23.30 42.26
CA THR M 326 26.17 22.55 41.90
C THR M 326 25.89 21.34 42.81
N ARG M 327 24.64 20.89 42.82
CA ARG M 327 24.11 19.88 43.77
C ARG M 327 25.03 18.70 44.11
N ASP M 328 25.45 17.95 43.10
CA ASP M 328 26.19 16.70 43.26
C ASP M 328 27.60 16.82 43.88
N ILE M 329 28.18 18.02 43.87
CA ILE M 329 29.49 18.22 44.47
C ILE M 329 29.33 18.52 45.96
N GLY M 330 28.13 18.92 46.34
CA GLY M 330 27.82 19.23 47.73
C GLY M 330 27.29 20.63 47.91
N GLY M 331 26.99 21.27 46.79
CA GLY M 331 26.44 22.62 46.83
C GLY M 331 24.92 22.61 46.73
N SER M 332 24.34 23.78 46.50
CA SER M 332 22.89 23.89 46.40
C SER M 332 22.49 24.73 45.19
N SER M 333 23.48 25.13 44.40
CA SER M 333 23.24 25.92 43.19
C SER M 333 22.74 25.08 42.02
N SER M 334 22.04 25.73 41.09
CA SER M 334 21.58 25.07 39.86
C SER M 334 22.59 25.24 38.73
N THR M 335 22.41 24.45 37.67
CA THR M 335 23.27 24.53 36.49
C THR M 335 23.42 25.97 36.05
N THR M 336 22.28 26.64 35.98
CA THR M 336 22.20 28.03 35.65
C THR M 336 23.11 28.90 36.53
N ASP M 337 23.03 28.72 37.85
CA ASP M 337 23.78 29.56 38.77
C ASP M 337 25.27 29.30 38.67
N PHE M 338 25.63 28.02 38.61
CA PHE M 338 27.03 27.60 38.50
C PHE M 338 27.65 28.20 37.24
N THR M 339 26.94 28.09 36.12
CA THR M 339 27.41 28.69 34.86
C THR M 339 27.76 30.15 35.07
N ASN M 340 26.85 30.90 35.69
CA ASN M 340 27.00 32.35 35.82
C ASN M 340 28.13 32.77 36.74
N GLU M 341 28.48 31.90 37.68
CA GLU M 341 29.63 32.16 38.53
C GLU M 341 30.90 32.06 37.72
N ILE M 342 30.92 31.11 36.78
CA ILE M 342 32.06 30.96 35.90
C ILE M 342 32.17 32.20 35.02
N ILE M 343 31.11 32.54 34.32
CA ILE M 343 31.10 33.73 33.47
C ILE M 343 31.44 34.98 34.28
N ASN M 344 31.05 34.98 35.56
CA ASN M 344 31.36 36.10 36.45
C ASN M 344 32.86 36.16 36.80
N LYS M 345 33.39 35.07 37.31
CA LYS M 345 34.82 34.99 37.62
C LYS M 345 35.63 35.32 36.38
N LEU M 346 35.07 34.93 35.25
CA LEU M 346 35.74 35.07 33.98
C LEU M 346 35.83 36.54 33.58
N SER M 347 34.79 37.31 33.94
CA SER M 347 34.69 38.72 33.55
C SER M 347 35.67 39.63 34.30
N THR M 348 36.52 39.03 35.13
CA THR M 348 37.42 39.81 35.96
C THR M 348 38.86 39.29 35.90
N MET M 349 39.21 38.58 34.84
CA MET M 349 40.49 37.87 34.83
C MET M 349 41.72 38.69 34.38
N LYS N 4 15.74 -21.61 55.90
CA LYS N 4 15.87 -22.51 54.75
C LYS N 4 16.99 -22.10 53.80
N GLN N 5 17.94 -23.01 53.58
CA GLN N 5 19.06 -22.78 52.68
C GLN N 5 18.59 -22.97 51.21
N PRO N 6 19.27 -22.30 50.26
CA PRO N 6 18.88 -22.27 48.84
C PRO N 6 18.69 -23.66 48.25
N SER N 7 17.49 -23.90 47.72
CA SER N 7 17.11 -25.16 47.11
C SER N 7 18.13 -25.67 46.06
N ILE N 8 18.79 -24.73 45.39
CA ILE N 8 19.57 -25.03 44.19
C ILE N 8 20.82 -25.90 44.40
N GLY N 9 21.62 -25.56 45.41
CA GLY N 9 22.84 -26.32 45.64
C GLY N 9 22.76 -27.14 46.91
N ARG N 10 21.57 -27.63 47.22
CA ARG N 10 21.26 -28.27 48.50
C ARG N 10 22.21 -29.37 48.95
N TYR N 11 22.71 -29.21 50.17
CA TYR N 11 23.51 -30.24 50.82
C TYR N 11 22.64 -31.45 51.14
N THR N 12 23.15 -32.65 50.83
CA THR N 12 22.50 -33.88 51.26
C THR N 12 23.20 -34.39 52.52
N GLY N 13 22.72 -33.96 53.68
CA GLY N 13 23.37 -34.21 54.95
C GLY N 13 23.88 -35.61 55.20
N LYS N 14 23.23 -36.33 56.11
CA LYS N 14 23.65 -37.67 56.50
C LYS N 14 24.99 -37.64 57.27
N PRO N 15 24.91 -37.49 58.60
CA PRO N 15 26.11 -37.70 59.41
C PRO N 15 26.49 -39.17 59.39
N ASN N 16 27.79 -39.44 59.34
CA ASN N 16 28.32 -40.80 59.33
C ASN N 16 27.78 -41.63 60.50
N PRO N 17 26.82 -42.52 60.23
CA PRO N 17 26.09 -43.24 61.29
C PRO N 17 26.96 -43.80 62.43
N SER N 18 28.21 -44.17 62.15
CA SER N 18 29.08 -44.70 63.21
C SER N 18 29.55 -43.61 64.20
N THR N 19 29.75 -42.39 63.70
CA THR N 19 30.07 -41.25 64.57
C THR N 19 28.92 -40.25 64.48
N GLY N 20 28.77 -39.40 65.50
CA GLY N 20 27.73 -38.39 65.45
C GLY N 20 27.95 -37.40 64.32
N LYS N 21 29.13 -37.48 63.71
CA LYS N 21 29.65 -36.42 62.85
C LYS N 21 29.35 -36.54 61.35
N TYR N 22 29.45 -35.40 60.67
CA TYR N 22 29.43 -35.32 59.21
C TYR N 22 30.86 -35.42 58.68
N THR N 23 31.00 -35.91 57.45
CA THR N 23 32.31 -36.00 56.81
C THR N 23 32.56 -34.87 55.82
N VAL N 24 33.71 -34.22 55.95
CA VAL N 24 34.09 -33.12 55.07
C VAL N 24 35.53 -33.27 54.60
N SER N 25 35.74 -33.22 53.29
CA SER N 25 37.07 -33.26 52.72
C SER N 25 37.78 -31.94 53.00
N PHE N 26 39.09 -32.00 53.28
CA PHE N 26 39.78 -30.77 53.59
C PHE N 26 40.56 -30.16 52.42
N ILE N 27 41.64 -30.80 52.00
CA ILE N 27 42.53 -30.16 51.04
C ILE N 27 43.23 -29.01 51.75
N GLU N 28 44.16 -29.33 52.64
CA GLU N 28 44.92 -28.30 53.33
C GLU N 28 45.55 -27.31 52.35
N GLY N 29 45.92 -27.80 51.17
CA GLY N 29 46.61 -26.96 50.21
C GLY N 29 48.05 -26.73 50.64
N ASP N 30 48.80 -25.97 49.85
CA ASP N 30 50.21 -25.72 50.19
C ASP N 30 50.47 -24.27 50.60
N GLY N 31 51.71 -23.98 50.96
CA GLY N 31 52.07 -22.67 51.45
C GLY N 31 51.59 -22.44 52.88
N ILE N 32 50.93 -21.32 53.12
CA ILE N 32 50.38 -21.05 54.42
C ILE N 32 49.16 -21.93 54.68
N GLY N 33 48.84 -22.76 53.70
CA GLY N 33 47.69 -23.65 53.79
C GLY N 33 47.66 -24.51 55.04
N PRO N 34 48.71 -25.32 55.26
CA PRO N 34 48.78 -26.18 56.44
C PRO N 34 48.50 -25.44 57.75
N GLU N 35 49.24 -24.37 58.03
CA GLU N 35 49.02 -23.64 59.29
C GLU N 35 47.64 -22.99 59.37
N ILE N 36 47.24 -22.31 58.30
CA ILE N 36 45.92 -21.72 58.23
C ILE N 36 44.84 -22.80 58.40
N SER N 37 45.20 -24.03 58.06
CA SER N 37 44.24 -25.13 58.05
C SER N 37 43.96 -25.68 59.44
N LYS N 38 45.01 -26.14 60.13
CA LYS N 38 44.80 -26.73 61.44
C LYS N 38 44.30 -25.67 62.41
N SER N 39 44.58 -24.41 62.07
CA SER N 39 43.98 -23.30 62.78
C SER N 39 42.46 -23.45 62.77
N VAL N 40 41.92 -23.88 61.63
CA VAL N 40 40.48 -24.05 61.50
C VAL N 40 40.03 -25.33 62.21
N LYS N 41 40.84 -26.38 62.08
CA LYS N 41 40.51 -27.65 62.70
C LYS N 41 40.34 -27.51 64.22
N LYS N 42 41.25 -26.76 64.84
CA LYS N 42 41.18 -26.51 66.28
C LYS N 42 39.93 -25.73 66.69
N ILE N 43 39.74 -24.55 66.09
CA ILE N 43 38.55 -23.74 66.35
C ILE N 43 37.25 -24.53 66.15
N PHE N 44 37.25 -25.44 65.18
CA PHE N 44 36.08 -26.25 64.89
C PHE N 44 35.87 -27.27 66.01
N SER N 45 36.96 -27.92 66.39
CA SER N 45 36.95 -28.85 67.51
C SER N 45 36.29 -28.21 68.75
N ALA N 46 36.85 -27.08 69.18
CA ALA N 46 36.41 -26.40 70.38
C ALA N 46 34.90 -26.15 70.42
N ALA N 47 34.33 -25.76 69.28
CA ALA N 47 32.91 -25.44 69.23
C ALA N 47 32.02 -26.66 69.11
N ASN N 48 32.64 -27.84 69.13
CA ASN N 48 31.89 -29.10 69.06
C ASN N 48 31.14 -29.29 67.74
N VAL N 49 31.80 -28.98 66.64
CA VAL N 49 31.19 -29.15 65.34
C VAL N 49 31.09 -30.63 64.99
N PRO N 50 29.88 -31.07 64.60
CA PRO N 50 29.56 -32.42 64.10
C PRO N 50 30.34 -32.77 62.84
N ILE N 51 31.65 -32.54 62.84
CA ILE N 51 32.42 -32.68 61.63
C ILE N 51 33.77 -33.33 61.84
N GLU N 52 34.01 -34.39 61.07
CA GLU N 52 35.31 -35.04 61.04
C GLU N 52 35.96 -34.74 59.69
N TRP N 53 37.27 -34.49 59.73
CA TRP N 53 38.01 -34.10 58.53
C TRP N 53 38.61 -35.28 57.78
N GLU N 54 38.28 -35.39 56.49
CA GLU N 54 38.89 -36.38 55.61
C GLU N 54 39.83 -35.73 54.59
N SER N 55 41.00 -35.25 55.03
CA SER N 55 41.88 -34.48 54.16
C SER N 55 42.32 -35.27 52.91
N CYS N 56 42.32 -34.59 51.76
CA CYS N 56 42.72 -35.22 50.51
C CYS N 56 43.59 -34.31 49.64
N ASP N 57 44.29 -34.89 48.68
CA ASP N 57 45.29 -34.18 47.88
C ASP N 57 44.84 -34.06 46.43
N VAL N 58 44.77 -32.82 45.95
CA VAL N 58 44.31 -32.53 44.60
C VAL N 58 45.45 -32.32 43.62
N SER N 59 46.68 -32.64 44.02
CA SER N 59 47.80 -32.57 43.10
C SER N 59 47.45 -33.33 41.82
N PRO N 60 47.55 -32.67 40.66
CA PRO N 60 46.89 -33.17 39.45
C PRO N 60 47.63 -34.31 38.80
N ILE N 61 46.87 -35.26 38.26
CA ILE N 61 47.40 -36.24 37.32
C ILE N 61 47.35 -35.62 35.93
N PHE N 62 47.68 -36.41 34.92
CA PHE N 62 47.59 -35.93 33.57
C PHE N 62 47.12 -37.05 32.64
N VAL N 63 45.97 -37.65 32.93
CA VAL N 63 45.31 -38.58 32.00
C VAL N 63 44.94 -37.94 30.66
N ASN N 64 45.60 -38.38 29.58
CA ASN N 64 45.38 -37.86 28.23
C ASN N 64 45.81 -36.42 28.04
N GLY N 65 47.01 -36.06 28.51
CA GLY N 65 47.55 -34.71 28.38
C GLY N 65 46.72 -33.64 29.08
N LEU N 66 45.42 -33.90 29.19
CA LEU N 66 44.46 -33.04 29.87
C LEU N 66 44.51 -33.30 31.38
N THR N 67 44.80 -32.26 32.17
CA THR N 67 45.00 -32.43 33.60
C THR N 67 43.74 -32.90 34.32
N THR N 68 43.87 -34.03 35.00
CA THR N 68 42.77 -34.60 35.76
C THR N 68 43.10 -34.53 37.24
N ILE N 69 42.08 -34.74 38.08
CA ILE N 69 42.28 -34.73 39.52
C ILE N 69 42.16 -36.15 40.09
N PRO N 70 43.11 -36.54 40.97
CA PRO N 70 43.32 -37.87 41.56
C PRO N 70 42.06 -38.56 42.02
N ASP N 71 41.98 -39.88 41.84
CA ASP N 71 40.81 -40.65 42.30
C ASP N 71 40.58 -40.58 43.80
N PRO N 72 41.64 -40.76 44.60
CA PRO N 72 41.54 -40.55 46.05
C PRO N 72 40.68 -39.34 46.39
N ALA N 73 41.04 -38.18 45.87
CA ALA N 73 40.34 -36.94 46.16
C ALA N 73 38.95 -36.87 45.53
N VAL N 74 38.80 -37.43 44.32
CA VAL N 74 37.50 -37.43 43.66
C VAL N 74 36.49 -38.20 44.50
N GLN N 75 36.78 -39.48 44.77
CA GLN N 75 35.91 -40.34 45.57
C GLN N 75 35.53 -39.68 46.89
N SER N 76 36.54 -39.15 47.57
CA SER N 76 36.35 -38.45 48.84
C SER N 76 35.34 -37.31 48.73
N ILE N 77 35.56 -36.43 47.76
CA ILE N 77 34.75 -35.25 47.63
C ILE N 77 33.35 -35.54 47.06
N THR N 78 33.24 -36.53 46.18
CA THR N 78 31.93 -36.84 45.62
C THR N 78 31.10 -37.48 46.70
N LYS N 79 31.77 -38.22 47.59
CA LYS N 79 31.14 -38.91 48.71
C LYS N 79 30.56 -37.88 49.71
N ASN N 80 31.41 -37.33 50.56
CA ASN N 80 31.02 -36.19 51.39
C ASN N 80 30.68 -35.09 50.41
N LEU N 81 29.47 -34.57 50.44
CA LEU N 81 29.07 -33.67 49.36
C LEU N 81 29.66 -32.25 49.47
N VAL N 82 30.75 -32.12 50.23
CA VAL N 82 31.31 -30.82 50.57
C VAL N 82 32.79 -30.86 50.92
N ALA N 83 33.51 -29.78 50.60
CA ALA N 83 34.94 -29.73 50.87
C ALA N 83 35.34 -28.31 51.20
N LEU N 84 36.47 -28.16 51.89
CA LEU N 84 36.95 -26.84 52.29
C LEU N 84 38.43 -26.67 51.97
N LYS N 85 38.75 -26.10 50.80
CA LYS N 85 40.16 -26.00 50.39
C LYS N 85 40.82 -24.67 50.73
N GLY N 86 42.08 -24.74 51.12
CA GLY N 86 42.91 -23.57 51.28
C GLY N 86 43.59 -23.26 49.97
N PRO N 87 44.65 -22.43 50.00
CA PRO N 87 45.28 -21.94 48.77
C PRO N 87 46.24 -22.97 48.24
N LEU N 88 46.36 -23.08 46.92
CA LEU N 88 47.37 -23.96 46.33
C LEU N 88 48.13 -23.27 45.21
N ALA N 89 49.32 -23.80 44.91
CA ALA N 89 50.25 -23.18 43.97
C ALA N 89 49.80 -23.26 42.51
N THR N 90 50.75 -23.03 41.61
CA THR N 90 50.49 -23.10 40.17
C THR N 90 51.33 -24.23 39.57
N PRO N 91 50.87 -25.49 39.71
CA PRO N 91 51.59 -26.67 39.21
C PRO N 91 52.05 -26.48 37.76
N HIS N 96 48.18 -28.53 33.15
CA HIS N 96 48.19 -28.04 31.79
C HIS N 96 46.72 -27.94 31.38
N ARG N 97 46.03 -27.08 32.12
CA ARG N 97 44.58 -26.91 32.14
C ARG N 97 44.29 -26.42 33.55
N SER N 98 44.24 -25.11 33.75
CA SER N 98 44.00 -24.50 35.07
C SER N 98 43.55 -25.52 36.15
N LEU N 99 44.28 -25.56 37.26
CA LEU N 99 43.96 -26.50 38.33
C LEU N 99 42.57 -26.21 38.90
N ASN N 100 42.29 -24.93 39.12
CA ASN N 100 40.99 -24.52 39.61
C ASN N 100 39.88 -24.79 38.60
N LEU N 101 40.23 -24.81 37.33
CA LEU N 101 39.24 -25.00 36.27
C LEU N 101 38.83 -26.46 36.22
N THR N 102 39.82 -27.34 36.19
CA THR N 102 39.51 -28.75 36.13
C THR N 102 38.93 -29.18 37.47
N LEU N 103 38.99 -28.30 38.45
CA LEU N 103 38.38 -28.59 39.72
C LEU N 103 36.88 -28.35 39.65
N ARG N 104 36.47 -27.29 38.94
CA ARG N 104 35.05 -26.99 38.77
C ARG N 104 34.42 -27.94 37.77
N LYS N 105 35.18 -28.30 36.74
CA LYS N 105 34.61 -29.13 35.69
C LYS N 105 34.36 -30.55 36.17
N THR N 106 35.19 -31.05 37.08
CA THR N 106 35.05 -32.41 37.57
C THR N 106 34.08 -32.54 38.75
N PHE N 107 33.64 -31.42 39.30
CA PHE N 107 32.68 -31.42 40.42
C PHE N 107 31.40 -30.64 40.13
N GLY N 108 31.25 -30.16 38.90
CA GLY N 108 30.05 -29.48 38.46
C GLY N 108 29.73 -28.21 39.21
N LEU N 109 30.77 -27.49 39.63
CA LEU N 109 30.61 -26.21 40.31
C LEU N 109 30.30 -25.15 39.29
N PHE N 110 29.30 -24.32 39.56
CA PHE N 110 28.85 -23.38 38.54
C PHE N 110 28.56 -21.98 39.06
N ALA N 111 28.67 -21.76 40.36
CA ALA N 111 28.35 -20.46 40.92
C ALA N 111 29.34 -20.01 41.97
N ASN N 112 29.98 -18.87 41.75
CA ASN N 112 30.88 -18.28 42.74
C ASN N 112 30.11 -17.30 43.64
N VAL N 113 30.11 -17.55 44.95
CA VAL N 113 29.47 -16.61 45.86
C VAL N 113 30.54 -15.81 46.60
N ARG N 114 30.51 -14.50 46.44
CA ARG N 114 31.54 -13.63 46.97
C ARG N 114 30.97 -12.47 47.75
N PRO N 115 31.13 -12.52 49.07
CA PRO N 115 30.72 -11.45 49.99
C PRO N 115 31.94 -10.60 50.33
N ALA N 116 31.73 -9.30 50.48
CA ALA N 116 32.78 -8.44 50.96
C ALA N 116 32.17 -7.50 51.98
N LYS N 117 32.53 -7.73 53.23
CA LYS N 117 32.04 -6.89 54.31
C LYS N 117 33.19 -6.27 55.08
N SER N 118 33.00 -5.03 55.46
CA SER N 118 33.95 -4.35 56.32
C SER N 118 34.22 -5.16 57.58
N ILE N 119 35.47 -5.11 58.03
CA ILE N 119 35.85 -5.79 59.25
C ILE N 119 35.94 -4.84 60.43
N GLU N 120 35.36 -5.26 61.56
CA GLU N 120 35.41 -4.51 62.80
C GLU N 120 36.84 -4.38 63.28
N GLY N 121 37.30 -3.14 63.46
CA GLY N 121 38.60 -2.90 64.04
C GLY N 121 39.73 -2.92 63.04
N PHE N 122 39.39 -2.92 61.76
CA PHE N 122 40.39 -2.76 60.72
C PHE N 122 39.93 -1.64 59.80
N LYS N 123 40.60 -0.49 59.89
CA LYS N 123 40.15 0.69 59.16
C LYS N 123 40.69 0.73 57.73
N THR N 124 39.77 0.70 56.77
CA THR N 124 40.10 1.00 55.38
C THR N 124 39.35 2.23 54.90
N THR N 125 39.66 2.65 53.68
CA THR N 125 39.18 3.91 53.16
C THR N 125 37.66 3.93 52.98
N TYR N 126 37.08 2.77 52.64
CA TYR N 126 35.65 2.67 52.44
C TYR N 126 34.97 2.07 53.67
N GLU N 127 33.76 2.55 53.96
CA GLU N 127 33.09 2.20 55.19
C GLU N 127 31.72 1.61 54.93
N ASN N 128 31.21 0.85 55.90
CA ASN N 128 29.87 0.27 55.85
C ASN N 128 29.65 -0.53 54.58
N VAL N 129 30.72 -1.08 54.04
CA VAL N 129 30.61 -1.91 52.86
C VAL N 129 30.21 -3.32 53.28
N ASP N 130 29.01 -3.71 52.86
CA ASP N 130 28.52 -5.07 53.07
C ASP N 130 27.92 -5.54 51.76
N LEU N 131 28.68 -6.33 51.01
CA LEU N 131 28.33 -6.66 49.64
C LEU N 131 28.22 -8.15 49.41
N VAL N 132 27.26 -8.53 48.58
CA VAL N 132 27.12 -9.92 48.17
C VAL N 132 26.90 -10.03 46.66
N LEU N 133 27.70 -10.88 46.03
CA LEU N 133 27.68 -11.06 44.57
C LEU N 133 27.75 -12.53 44.18
N ILE N 134 26.83 -12.96 43.32
CA ILE N 134 26.87 -14.29 42.75
C ILE N 134 27.35 -14.17 41.31
N ARG N 135 28.30 -15.02 40.94
CA ARG N 135 28.91 -14.98 39.61
C ARG N 135 28.78 -16.31 38.88
N GLU N 136 28.40 -16.24 37.62
CA GLU N 136 28.37 -17.40 36.73
C GLU N 136 29.81 -17.86 36.45
N ASN N 137 30.13 -19.13 36.74
CA ASN N 137 31.51 -19.61 36.64
C ASN N 137 31.65 -20.80 35.69
N THR N 138 30.85 -20.78 34.64
CA THR N 138 30.74 -21.92 33.74
C THR N 138 31.10 -21.47 32.34
N GLU N 139 30.42 -20.45 31.87
CA GLU N 139 30.52 -20.02 30.48
C GLU N 139 30.86 -18.54 30.39
N GLY N 140 30.17 -17.85 29.50
CA GLY N 140 30.39 -16.44 29.28
C GLY N 140 31.70 -16.21 28.57
N GLU N 141 32.31 -15.06 28.84
CA GLU N 141 33.61 -14.70 28.28
C GLU N 141 34.64 -15.80 28.48
N TYR N 142 34.41 -16.67 29.45
CA TYR N 142 35.42 -17.63 29.87
C TYR N 142 35.17 -19.06 29.40
N SER N 143 34.57 -19.23 28.23
CA SER N 143 34.56 -20.53 27.57
C SER N 143 35.83 -20.60 26.75
N GLY N 144 36.34 -21.80 26.53
CA GLY N 144 37.64 -21.93 25.91
C GLY N 144 37.71 -21.48 24.47
N ILE N 145 36.58 -20.99 23.95
CA ILE N 145 36.39 -20.81 22.51
C ILE N 145 36.99 -19.53 21.97
N GLU N 146 38.13 -19.65 21.30
CA GLU N 146 38.67 -18.54 20.51
C GLU N 146 39.39 -19.02 19.23
N HIS N 147 39.36 -18.17 18.21
CA HIS N 147 39.79 -18.55 16.86
C HIS N 147 40.66 -17.51 16.17
N ILE N 148 41.61 -17.97 15.39
CA ILE N 148 42.36 -17.06 14.56
C ILE N 148 41.73 -17.12 13.18
N VAL N 149 40.89 -16.13 12.88
CA VAL N 149 40.10 -16.19 11.64
C VAL N 149 40.93 -15.90 10.40
N CYS N 150 42.05 -15.22 10.60
CA CYS N 150 43.06 -15.06 9.56
C CYS N 150 44.22 -14.26 10.14
N PRO N 151 45.36 -14.20 9.44
CA PRO N 151 46.64 -13.63 9.89
C PRO N 151 46.62 -12.78 11.17
N GLY N 152 46.07 -11.58 11.07
CA GLY N 152 46.08 -10.68 12.21
C GLY N 152 44.73 -10.45 12.86
N VAL N 153 43.88 -11.47 12.87
CA VAL N 153 42.51 -11.34 13.35
C VAL N 153 42.07 -12.46 14.30
N VAL N 154 41.62 -12.09 15.48
CA VAL N 154 41.24 -13.07 16.49
C VAL N 154 39.80 -12.89 16.96
N GLN N 155 39.15 -14.00 17.29
CA GLN N 155 37.82 -13.99 17.87
C GLN N 155 37.86 -14.70 19.20
N SER N 156 37.46 -14.04 20.27
CA SER N 156 37.18 -14.72 21.52
C SER N 156 35.67 -14.81 21.62
N ILE N 157 35.14 -15.99 21.90
CA ILE N 157 33.69 -16.16 21.87
C ILE N 157 33.07 -16.30 23.26
N LYS N 158 32.15 -15.37 23.53
CA LYS N 158 31.40 -15.32 24.77
C LYS N 158 30.13 -16.13 24.60
N LEU N 159 29.95 -17.11 25.48
CA LEU N 159 28.85 -18.04 25.37
C LEU N 159 27.88 -17.77 26.50
N ILE N 160 26.62 -17.57 26.16
CA ILE N 160 25.60 -17.41 27.18
C ILE N 160 24.37 -18.23 26.80
N THR N 161 23.99 -19.13 27.72
CA THR N 161 22.87 -20.05 27.52
C THR N 161 21.82 -19.86 28.62
N ARG N 162 20.58 -20.26 28.33
CA ARG N 162 19.53 -20.07 29.32
C ARG N 162 19.72 -21.05 30.47
N ASP N 163 20.09 -22.28 30.13
CA ASP N 163 20.28 -23.34 31.13
C ASP N 163 21.29 -22.97 32.21
N ALA N 164 22.43 -22.45 31.77
CA ALA N 164 23.49 -22.03 32.69
C ALA N 164 23.09 -20.79 33.44
N SER N 165 22.40 -19.89 32.76
CA SER N 165 21.95 -18.63 33.37
C SER N 165 20.87 -18.87 34.44
N GLU N 166 19.84 -19.61 34.04
CA GLU N 166 18.74 -19.98 34.92
C GLU N 166 19.23 -20.41 36.29
N ARG N 167 20.15 -21.37 36.32
CA ARG N 167 20.53 -21.98 37.59
C ARG N 167 21.43 -21.11 38.47
N VAL N 168 22.03 -20.09 37.89
CA VAL N 168 22.80 -19.15 38.70
C VAL N 168 21.83 -18.13 39.27
N ILE N 169 21.04 -17.55 38.38
CA ILE N 169 20.03 -16.57 38.75
C ILE N 169 19.09 -17.11 39.82
N ARG N 170 18.76 -18.40 39.74
CA ARG N 170 17.98 -19.05 40.79
C ARG N 170 18.70 -19.01 42.14
N TYR N 171 19.88 -19.61 42.18
CA TYR N 171 20.65 -19.59 43.42
C TYR N 171 20.76 -18.19 44.00
N ALA N 172 20.72 -17.17 43.15
CA ALA N 172 20.79 -15.79 43.62
C ALA N 172 19.52 -15.31 44.31
N PHE N 173 18.36 -15.56 43.68
CA PHE N 173 17.06 -15.28 44.29
C PHE N 173 16.95 -16.03 45.59
N GLU N 174 17.32 -17.31 45.56
CA GLU N 174 17.16 -18.20 46.71
C GLU N 174 18.16 -17.89 47.82
N TYR N 175 19.33 -17.38 47.45
CA TYR N 175 20.34 -17.00 48.43
C TYR N 175 19.98 -15.64 49.02
N ALA N 176 19.49 -14.74 48.16
CA ALA N 176 19.03 -13.44 48.64
C ALA N 176 17.93 -13.65 49.69
N ARG N 177 17.03 -14.60 49.42
CA ARG N 177 15.97 -14.98 50.36
C ARG N 177 16.54 -15.58 51.64
N ALA N 178 17.52 -16.46 51.49
CA ALA N 178 18.10 -17.16 52.63
C ALA N 178 18.91 -16.25 53.58
N ILE N 179 19.20 -15.02 53.16
CA ILE N 179 19.96 -14.10 54.02
C ILE N 179 19.20 -12.79 54.21
N GLY N 180 17.93 -12.81 53.80
CA GLY N 180 17.01 -11.75 54.11
C GLY N 180 17.35 -10.42 53.49
N ARG N 181 17.69 -10.45 52.20
CA ARG N 181 17.89 -9.23 51.43
C ARG N 181 16.74 -9.17 50.43
N PRO N 182 16.08 -8.01 50.35
CA PRO N 182 14.87 -7.77 49.55
C PRO N 182 15.13 -7.68 48.05
N ARG N 183 16.25 -7.04 47.72
CA ARG N 183 16.56 -6.66 46.34
C ARG N 183 17.51 -7.68 45.72
N VAL N 184 17.40 -7.90 44.41
CA VAL N 184 18.40 -8.69 43.69
C VAL N 184 18.67 -8.10 42.32
N ILE N 185 19.93 -7.73 42.10
CA ILE N 185 20.31 -6.95 40.93
C ILE N 185 21.07 -7.76 39.88
N VAL N 186 20.57 -7.69 38.65
CA VAL N 186 21.18 -8.36 37.51
C VAL N 186 22.07 -7.35 36.80
N VAL N 187 23.38 -7.51 36.98
CA VAL N 187 24.37 -6.66 36.30
C VAL N 187 24.56 -7.12 34.87
N HIS N 188 24.54 -6.20 33.93
CA HIS N 188 24.57 -6.58 32.53
C HIS N 188 25.05 -5.45 31.64
N LYS N 189 24.92 -5.64 30.34
CA LYS N 189 25.25 -4.59 29.38
C LYS N 189 24.45 -4.82 28.11
N SER N 190 23.15 -5.10 28.28
CA SER N 190 22.22 -5.31 27.17
C SER N 190 22.32 -4.21 26.14
N THR N 191 22.95 -3.11 26.54
CA THR N 191 23.12 -1.93 25.72
C THR N 191 23.82 -2.27 24.43
N ILE N 192 24.99 -2.91 24.54
CA ILE N 192 25.75 -3.24 23.35
C ILE N 192 25.92 -4.74 23.13
N GLN N 193 25.64 -5.54 24.14
CA GLN N 193 25.59 -7.00 23.98
C GLN N 193 24.15 -7.50 23.99
N ARG N 194 23.36 -6.98 23.07
CA ARG N 194 21.92 -7.21 23.04
C ARG N 194 21.50 -8.64 23.29
N LEU N 195 22.00 -9.56 22.47
CA LEU N 195 21.59 -10.95 22.59
C LEU N 195 22.16 -11.64 23.82
N ALA N 196 23.49 -11.56 23.98
CA ALA N 196 24.18 -12.26 25.05
C ALA N 196 23.66 -11.83 26.42
N ASP N 197 23.91 -10.57 26.76
CA ASP N 197 23.48 -10.07 28.06
C ASP N 197 21.96 -9.97 28.12
N GLY N 198 21.34 -9.72 26.98
CA GLY N 198 19.89 -9.68 26.89
C GLY N 198 19.26 -10.98 27.37
N LEU N 199 19.80 -12.12 26.95
CA LEU N 199 19.30 -13.41 27.38
C LEU N 199 19.42 -13.57 28.90
N PHE N 200 20.58 -13.20 29.43
CA PHE N 200 20.80 -13.29 30.86
C PHE N 200 19.70 -12.52 31.58
N VAL N 201 19.53 -11.27 31.19
CA VAL N 201 18.55 -10.38 31.80
C VAL N 201 17.11 -10.92 31.71
N ASN N 202 16.69 -11.34 30.52
CA ASN N 202 15.35 -11.88 30.35
C ASN N 202 15.11 -13.09 31.23
N VAL N 203 16.10 -13.97 31.31
CA VAL N 203 16.02 -15.16 32.16
C VAL N 203 15.80 -14.81 33.65
N ALA N 204 16.44 -13.74 34.09
CA ALA N 204 16.16 -13.22 35.43
C ALA N 204 14.74 -12.64 35.51
N LYS N 205 14.37 -11.82 34.53
CA LYS N 205 13.05 -11.19 34.51
C LYS N 205 11.95 -12.25 34.52
N GLU N 206 12.19 -13.37 33.84
CA GLU N 206 11.20 -14.44 33.78
C GLU N 206 11.17 -15.24 35.10
N LEU N 207 12.33 -15.48 35.69
CA LEU N 207 12.39 -16.14 36.98
C LEU N 207 11.84 -15.25 38.09
N SER N 208 12.01 -13.93 37.92
CA SER N 208 11.53 -12.94 38.87
C SER N 208 10.17 -13.32 39.44
N LYS N 209 9.28 -13.79 38.56
CA LYS N 209 7.89 -14.02 38.95
C LYS N 209 7.69 -15.15 39.96
N GLU N 210 8.47 -16.22 39.85
CA GLU N 210 8.34 -17.30 40.84
C GLU N 210 9.17 -17.06 42.13
N TYR N 211 9.51 -15.79 42.38
CA TYR N 211 10.14 -15.38 43.63
C TYR N 211 9.63 -13.98 43.94
N PRO N 212 8.36 -13.89 44.37
CA PRO N 212 7.64 -12.61 44.52
C PRO N 212 8.03 -11.84 45.79
N ASP N 213 8.69 -12.53 46.72
CA ASP N 213 9.16 -11.87 47.94
C ASP N 213 10.36 -10.98 47.66
N LEU N 214 11.11 -11.33 46.63
CA LEU N 214 12.27 -10.52 46.22
C LEU N 214 11.90 -9.56 45.09
N THR N 215 12.58 -8.41 45.10
CA THR N 215 12.41 -7.44 44.02
C THR N 215 13.62 -7.48 43.09
N LEU N 216 13.35 -7.66 41.80
CA LEU N 216 14.38 -7.71 40.78
C LEU N 216 14.69 -6.33 40.16
N GLU N 217 15.94 -5.91 40.24
CA GLU N 217 16.38 -4.72 39.52
C GLU N 217 17.40 -5.10 38.45
N THR N 218 17.55 -4.25 37.44
CA THR N 218 18.57 -4.48 36.42
C THR N 218 19.49 -3.27 36.31
N GLU N 219 20.79 -3.51 36.29
CA GLU N 219 21.76 -2.44 36.25
C GLU N 219 22.90 -2.72 35.26
N LEU N 220 23.36 -1.68 34.57
CA LEU N 220 24.54 -1.80 33.70
C LEU N 220 25.80 -1.76 34.55
N ILE N 221 26.81 -2.55 34.19
CA ILE N 221 28.04 -2.55 34.97
C ILE N 221 28.43 -1.11 35.15
N ASP N 222 28.22 -0.33 34.09
CA ASP N 222 28.43 1.11 34.11
C ASP N 222 28.09 1.66 35.49
N ASN N 223 26.85 1.47 35.88
CA ASN N 223 26.36 2.03 37.14
C ASN N 223 26.75 1.19 38.33
N SER N 224 26.69 -0.14 38.17
CA SER N 224 27.10 -1.04 39.25
C SER N 224 28.48 -0.70 39.79
N VAL N 225 29.40 -0.36 38.90
CA VAL N 225 30.71 0.03 39.38
C VAL N 225 30.74 1.48 39.84
N LEU N 226 30.05 2.37 39.12
CA LEU N 226 30.02 3.77 39.51
C LEU N 226 29.45 3.91 40.91
N LYS N 227 28.26 3.35 41.10
CA LYS N 227 27.51 3.54 42.33
C LYS N 227 28.17 2.86 43.51
N VAL N 228 28.71 1.66 43.32
CA VAL N 228 29.30 0.93 44.42
C VAL N 228 30.51 1.66 44.99
N VAL N 229 31.32 2.26 44.13
CA VAL N 229 32.51 2.96 44.58
C VAL N 229 32.19 4.34 45.22
N THR N 230 31.17 5.01 44.71
CA THR N 230 30.74 6.27 45.32
C THR N 230 30.11 6.00 46.68
N ASN N 231 29.38 4.90 46.81
CA ASN N 231 28.69 4.57 48.05
C ASN N 231 28.34 3.10 48.25
N PRO N 232 29.29 2.34 48.81
CA PRO N 232 29.19 0.89 48.97
C PRO N 232 27.90 0.42 49.66
N SER N 233 27.38 1.22 50.56
CA SER N 233 26.27 0.77 51.39
C SER N 233 24.94 0.69 50.63
N ALA N 234 24.89 1.31 49.45
CA ALA N 234 23.63 1.36 48.71
C ALA N 234 23.25 -0.06 48.26
N TYR N 235 24.15 -0.99 48.51
CA TYR N 235 23.95 -2.38 48.11
C TYR N 235 24.07 -3.32 49.30
N THR N 236 23.77 -2.83 50.50
CA THR N 236 23.85 -3.68 51.67
C THR N 236 22.61 -4.57 51.80
N ASP N 237 21.66 -4.37 50.88
CA ASP N 237 20.50 -5.27 50.72
C ASP N 237 20.54 -5.85 49.31
N ALA N 238 21.70 -6.36 48.94
CA ALA N 238 22.06 -6.58 47.56
C ALA N 238 21.77 -7.96 47.00
N VAL N 239 22.80 -8.80 46.98
CA VAL N 239 22.85 -9.95 46.08
C VAL N 239 22.73 -9.53 44.62
N SER N 240 23.88 -9.41 43.96
CA SER N 240 23.96 -9.08 42.54
C SER N 240 24.36 -10.35 41.76
N VAL N 241 23.64 -10.62 40.67
CA VAL N 241 23.98 -11.75 39.83
C VAL N 241 24.50 -11.22 38.52
N CYS N 242 25.50 -11.90 37.94
CA CYS N 242 26.07 -11.47 36.67
C CYS N 242 26.90 -12.54 36.01
N PRO N 243 27.06 -12.43 34.69
CA PRO N 243 27.83 -13.36 33.87
C PRO N 243 29.30 -13.37 34.26
N ASN N 244 30.02 -14.37 33.76
CA ASN N 244 31.37 -14.67 34.25
C ASN N 244 32.34 -13.50 34.40
N LEU N 245 32.46 -12.67 33.37
CA LEU N 245 33.47 -11.61 33.40
C LEU N 245 33.11 -10.48 34.35
N TYR N 246 31.93 -9.91 34.19
CA TYR N 246 31.49 -8.84 35.09
C TYR N 246 31.65 -9.32 36.52
N GLY N 247 31.29 -10.58 36.76
CA GLY N 247 31.46 -11.19 38.06
C GLY N 247 32.90 -11.24 38.56
N ASP N 248 33.81 -11.70 37.72
CA ASP N 248 35.20 -11.82 38.12
C ASP N 248 35.77 -10.47 38.54
N ILE N 249 35.36 -9.42 37.84
CA ILE N 249 35.88 -8.08 38.10
C ILE N 249 35.21 -7.43 39.29
N LEU N 250 33.88 -7.44 39.30
CA LEU N 250 33.12 -6.83 40.38
C LEU N 250 33.45 -7.44 41.74
N SER N 251 33.70 -8.74 41.77
CA SER N 251 33.97 -9.40 43.02
C SER N 251 35.35 -9.03 43.56
N ASP N 252 36.36 -9.06 42.68
CA ASP N 252 37.70 -8.59 43.06
C ASP N 252 37.65 -7.07 43.41
N LEU N 253 36.73 -6.34 42.79
CA LEU N 253 36.54 -4.92 43.09
C LEU N 253 35.93 -4.76 44.49
N ASN N 254 34.80 -5.42 44.69
CA ASN N 254 34.11 -5.40 45.97
C ASN N 254 35.07 -5.65 47.10
N SER N 255 35.95 -6.63 46.93
CA SER N 255 36.95 -6.94 47.95
C SER N 255 37.89 -5.77 48.16
N GLY N 256 38.24 -5.09 47.07
CA GLY N 256 39.09 -3.93 47.15
C GLY N 256 38.49 -2.82 48.00
N LEU N 257 37.17 -2.67 47.88
CA LEU N 257 36.41 -1.73 48.70
C LEU N 257 36.38 -2.13 50.17
N SER N 258 36.13 -3.42 50.42
CA SER N 258 35.91 -3.88 51.78
C SER N 258 37.19 -3.88 52.62
N ALA N 259 38.28 -4.33 52.01
CA ALA N 259 39.52 -4.58 52.76
C ALA N 259 40.78 -4.07 52.07
N GLY N 260 40.66 -3.58 50.84
CA GLY N 260 41.80 -3.04 50.12
C GLY N 260 42.70 -4.10 49.53
N SER N 261 42.56 -5.33 50.00
CA SER N 261 43.17 -6.48 49.33
C SER N 261 42.14 -7.58 49.34
N LEU N 262 42.58 -8.83 49.27
CA LEU N 262 41.64 -9.92 49.38
C LEU N 262 42.12 -11.03 50.32
N GLY N 263 42.95 -10.63 51.28
CA GLY N 263 43.42 -11.54 52.30
C GLY N 263 42.34 -11.84 53.34
N LEU N 264 41.20 -11.17 53.21
CA LEU N 264 40.08 -11.37 54.12
C LEU N 264 38.88 -11.99 53.41
N THR N 265 39.00 -12.19 52.10
CA THR N 265 37.84 -12.60 51.33
C THR N 265 37.70 -14.12 51.24
N PRO N 266 36.50 -14.62 51.55
CA PRO N 266 36.06 -16.01 51.46
C PRO N 266 35.27 -16.21 50.18
N SER N 267 35.41 -17.35 49.54
CA SER N 267 34.54 -17.64 48.40
C SER N 267 33.87 -18.98 48.61
N ALA N 268 32.74 -19.16 47.94
CA ALA N 268 32.03 -20.41 47.96
C ALA N 268 31.75 -20.77 46.52
N ASN N 269 32.12 -21.99 46.14
CA ASN N 269 31.87 -22.48 44.80
C ASN N 269 30.80 -23.55 44.76
N ILE N 270 29.58 -23.14 44.48
CA ILE N 270 28.42 -24.02 44.55
C ILE N 270 28.20 -24.84 43.29
N GLY N 271 28.11 -26.16 43.48
CA GLY N 271 27.74 -27.07 42.42
C GLY N 271 26.38 -27.67 42.69
N HIS N 272 25.85 -28.46 41.76
CA HIS N 272 24.51 -29.02 41.93
C HIS N 272 24.37 -29.87 43.18
N LYS N 273 25.23 -30.86 43.34
CA LYS N 273 25.22 -31.69 44.56
C LYS N 273 26.49 -31.54 45.41
N ILE N 274 27.59 -31.15 44.78
CA ILE N 274 28.81 -30.87 45.53
C ILE N 274 28.94 -29.36 45.74
N SER N 275 29.92 -28.95 46.54
CA SER N 275 30.21 -27.54 46.78
C SER N 275 31.52 -27.39 47.53
N ILE N 276 32.39 -26.51 47.04
CA ILE N 276 33.69 -26.29 47.67
C ILE N 276 33.82 -24.86 48.19
N PHE N 277 34.40 -24.73 49.37
CA PHE N 277 34.53 -23.45 50.05
C PHE N 277 36.00 -23.15 50.27
N GLU N 278 36.47 -22.06 49.68
CA GLU N 278 37.90 -21.76 49.70
C GLU N 278 38.19 -20.30 50.05
N ALA N 279 39.43 -20.05 50.45
CA ALA N 279 39.90 -18.68 50.61
C ALA N 279 40.49 -18.28 49.27
N VAL N 280 40.37 -17.01 48.93
CA VAL N 280 40.77 -16.56 47.61
C VAL N 280 42.17 -15.94 47.56
N HIS N 281 42.83 -15.82 48.70
CA HIS N 281 44.20 -15.32 48.69
C HIS N 281 45.14 -16.41 48.21
N GLY N 282 46.41 -16.06 48.02
CA GLY N 282 47.38 -16.98 47.45
C GLY N 282 48.02 -17.90 48.47
N SER N 283 49.13 -18.53 48.06
CA SER N 283 49.82 -19.50 48.90
C SER N 283 50.81 -18.83 49.86
N ALA N 284 51.02 -17.53 49.66
CA ALA N 284 51.96 -16.73 50.48
C ALA N 284 53.16 -17.56 50.94
N PRO N 285 53.94 -18.07 49.98
CA PRO N 285 55.04 -19.00 50.19
C PRO N 285 56.15 -18.44 51.10
N ASP N 286 56.28 -17.12 51.13
CA ASP N 286 57.37 -16.45 51.84
C ASP N 286 57.08 -16.26 53.33
N ILE N 287 55.82 -16.44 53.71
CA ILE N 287 55.43 -16.26 55.11
C ILE N 287 55.06 -17.63 55.69
N ALA N 288 55.25 -18.66 54.87
CA ALA N 288 54.83 -20.02 55.20
C ALA N 288 55.73 -20.68 56.22
N GLY N 289 55.12 -21.21 57.29
CA GLY N 289 55.85 -21.86 58.36
C GLY N 289 56.15 -20.94 59.53
N GLN N 290 56.34 -19.65 59.26
CA GLN N 290 56.71 -18.68 60.29
C GLN N 290 55.53 -18.28 61.16
N ASP N 291 54.36 -18.84 60.86
CA ASP N 291 53.19 -18.67 61.72
C ASP N 291 52.63 -17.24 61.69
N LYS N 292 52.61 -16.62 60.51
CA LYS N 292 52.13 -15.24 60.37
C LYS N 292 50.85 -15.14 59.56
N ALA N 293 50.46 -16.25 58.93
CA ALA N 293 49.27 -16.28 58.09
C ALA N 293 48.04 -15.76 58.81
N ASN N 294 46.96 -15.55 58.06
CA ASN N 294 45.72 -15.08 58.68
C ASN N 294 44.48 -15.92 58.34
N PRO N 295 44.14 -16.88 59.21
CA PRO N 295 43.05 -17.84 59.03
C PRO N 295 41.72 -17.19 58.70
N THR N 296 41.57 -15.91 59.03
CA THR N 296 40.27 -15.26 58.94
C THR N 296 39.59 -15.58 57.62
N ALA N 297 40.37 -15.46 56.55
CA ALA N 297 39.89 -15.69 55.20
C ALA N 297 39.24 -17.07 55.05
N LEU N 298 40.05 -18.11 55.25
CA LEU N 298 39.55 -19.48 55.18
C LEU N 298 38.45 -19.71 56.22
N LEU N 299 38.66 -19.15 57.40
CA LEU N 299 37.77 -19.31 58.53
C LEU N 299 36.35 -18.91 58.19
N LEU N 300 36.22 -17.79 57.46
CA LEU N 300 34.92 -17.29 57.05
C LEU N 300 34.28 -18.17 55.99
N SER N 301 35.12 -18.80 55.17
CA SER N 301 34.62 -19.78 54.21
C SER N 301 34.07 -20.99 54.96
N SER N 302 34.63 -21.29 56.13
CA SER N 302 34.13 -22.36 56.98
C SER N 302 32.71 -22.04 57.39
N VAL N 303 32.50 -20.81 57.83
CA VAL N 303 31.17 -20.33 58.20
C VAL N 303 30.20 -20.49 57.03
N MET N 304 30.54 -19.89 55.89
CA MET N 304 29.79 -20.09 54.67
C MET N 304 29.41 -21.56 54.48
N MET N 305 30.37 -22.45 54.72
CA MET N 305 30.15 -23.88 54.58
C MET N 305 29.13 -24.39 55.60
N LEU N 306 29.37 -24.08 56.86
CA LEU N 306 28.44 -24.40 57.93
C LEU N 306 27.00 -24.08 57.50
N ASN N 307 26.73 -22.82 57.20
CA ASN N 307 25.40 -22.42 56.76
C ASN N 307 24.88 -23.27 55.59
N HIS N 308 25.72 -23.48 54.57
CA HIS N 308 25.34 -24.30 53.43
C HIS N 308 24.95 -25.73 53.84
N MET N 309 25.54 -26.18 54.95
CA MET N 309 25.29 -27.54 55.45
C MET N 309 24.05 -27.58 56.33
N GLY N 310 23.70 -26.44 56.92
CA GLY N 310 22.53 -26.34 57.78
C GLY N 310 22.88 -26.08 59.24
N LEU N 311 24.17 -26.15 59.58
CA LEU N 311 24.62 -25.95 60.95
C LEU N 311 24.60 -24.49 61.38
N THR N 312 23.48 -23.82 61.12
CA THR N 312 23.30 -22.41 61.46
C THR N 312 23.96 -22.04 62.77
N ASN N 313 23.48 -22.65 63.84
CA ASN N 313 23.91 -22.32 65.19
C ASN N 313 25.43 -22.24 65.34
N HIS N 314 26.13 -23.22 64.78
CA HIS N 314 27.58 -23.25 64.85
C HIS N 314 28.21 -22.14 64.05
N ALA N 315 27.69 -21.92 62.83
CA ALA N 315 28.21 -20.88 61.95
C ALA N 315 28.11 -19.52 62.61
N ASP N 316 26.89 -19.16 63.01
CA ASP N 316 26.66 -17.89 63.69
C ASP N 316 27.56 -17.79 64.91
N GLN N 317 27.76 -18.93 65.58
CA GLN N 317 28.62 -18.99 66.76
C GLN N 317 30.04 -18.59 66.39
N ILE N 318 30.61 -19.26 65.39
CA ILE N 318 32.00 -19.08 65.01
C ILE N 318 32.25 -17.74 64.31
N GLN N 319 31.18 -17.16 63.78
CA GLN N 319 31.31 -15.88 63.08
C GLN N 319 30.94 -14.68 63.95
N ASN N 320 29.67 -14.61 64.36
CA ASN N 320 29.13 -13.50 65.16
C ASN N 320 29.98 -13.20 66.40
N ALA N 321 30.26 -14.25 67.16
CA ALA N 321 31.29 -14.16 68.17
C ALA N 321 32.60 -14.52 67.48
N VAL N 322 33.59 -14.92 68.26
CA VAL N 322 34.88 -15.36 67.73
C VAL N 322 35.37 -14.49 66.59
N LEU N 323 36.41 -14.97 65.91
CA LEU N 323 37.11 -14.21 64.87
C LEU N 323 36.58 -12.80 64.65
N SER N 324 35.35 -12.69 64.17
CA SER N 324 34.81 -11.37 63.85
C SER N 324 34.98 -10.41 65.03
N THR N 325 34.80 -10.95 66.25
CA THR N 325 34.88 -10.16 67.47
C THR N 325 36.31 -10.12 68.05
N ILE N 326 37.04 -11.22 67.87
CA ILE N 326 38.42 -11.29 68.38
C ILE N 326 39.35 -10.41 67.53
N ALA N 327 38.92 -10.09 66.31
CA ALA N 327 39.66 -9.15 65.47
C ALA N 327 39.43 -7.73 65.98
N SER N 328 39.16 -7.60 67.27
CA SER N 328 39.03 -6.31 67.95
C SER N 328 39.90 -6.22 69.21
N GLY N 329 40.96 -5.43 69.09
CA GLY N 329 42.06 -5.40 70.04
C GLY N 329 43.32 -5.80 69.29
N PRO N 330 44.24 -4.84 69.07
CA PRO N 330 45.47 -5.03 68.28
C PRO N 330 46.47 -6.05 68.86
N GLU N 331 46.28 -6.44 70.12
CA GLU N 331 47.07 -7.52 70.70
C GLU N 331 46.72 -8.84 70.01
N ASN N 332 45.45 -8.96 69.65
CA ASN N 332 44.98 -9.98 68.72
C ASN N 332 45.34 -9.53 67.29
N ARG N 333 44.47 -9.81 66.31
CA ARG N 333 44.78 -9.46 64.91
C ARG N 333 46.07 -10.12 64.44
N THR N 334 46.41 -9.93 63.17
CA THR N 334 47.65 -10.49 62.64
C THR N 334 48.46 -9.38 61.99
N GLY N 335 49.65 -9.71 61.49
CA GLY N 335 50.54 -8.71 60.91
C GLY N 335 49.90 -7.93 59.77
N ASP N 336 49.06 -8.62 59.01
CA ASP N 336 48.37 -8.03 57.86
C ASP N 336 47.31 -6.97 58.23
N LEU N 337 46.93 -6.92 59.51
CA LEU N 337 45.92 -5.95 59.98
C LEU N 337 46.46 -5.03 61.08
N ALA N 338 47.76 -4.77 61.02
CA ALA N 338 48.45 -3.97 62.04
C ALA N 338 48.76 -4.76 63.32
N GLY N 339 47.91 -5.76 63.61
CA GLY N 339 48.04 -6.58 64.80
C GLY N 339 49.41 -7.20 65.04
N THR N 340 49.58 -7.78 66.22
CA THR N 340 50.88 -8.30 66.64
C THR N 340 50.81 -9.80 66.87
N ALA N 341 49.59 -10.33 66.87
CA ALA N 341 49.39 -11.74 67.19
C ALA N 341 49.88 -12.67 66.08
N THR N 342 50.15 -13.91 66.48
CA THR N 342 50.57 -14.95 65.57
C THR N 342 49.34 -15.75 65.14
N THR N 343 49.50 -16.60 64.13
CA THR N 343 48.44 -17.52 63.74
C THR N 343 48.06 -18.32 64.97
N SER N 344 49.09 -18.69 65.73
CA SER N 344 48.93 -19.43 66.97
C SER N 344 48.04 -18.69 67.95
N SER N 345 48.46 -17.48 68.33
CA SER N 345 47.74 -16.72 69.34
C SER N 345 46.37 -16.26 68.87
N PHE N 346 46.21 -16.09 67.55
CA PHE N 346 44.91 -15.71 67.01
C PHE N 346 43.90 -16.83 67.23
N THR N 347 44.34 -18.06 67.04
CA THR N 347 43.47 -19.21 67.18
C THR N 347 42.98 -19.47 68.61
N GLU N 348 43.88 -19.38 69.59
CA GLU N 348 43.44 -19.55 70.97
C GLU N 348 42.66 -18.32 71.43
N ALA N 349 43.15 -17.13 71.05
CA ALA N 349 42.46 -15.88 71.35
C ALA N 349 41.05 -15.88 70.76
N VAL N 350 40.87 -16.62 69.67
CA VAL N 350 39.57 -16.78 69.05
C VAL N 350 38.72 -17.73 69.89
N ILE N 351 39.24 -18.95 70.10
CA ILE N 351 38.47 -19.97 70.80
C ILE N 351 37.94 -19.50 72.15
N LYS N 352 38.64 -18.56 72.77
CA LYS N 352 38.19 -18.01 74.05
C LYS N 352 36.76 -17.47 73.94
N ARG N 353 36.53 -16.59 72.98
CA ARG N 353 35.21 -15.99 72.80
C ARG N 353 34.36 -16.87 71.90
N LEU N 354 34.85 -18.10 71.73
CA LEU N 354 34.20 -19.12 70.91
C LEU N 354 32.98 -19.70 71.63
N GLY O 15 74.98 -27.00 -11.27
CA GLY O 15 75.52 -27.36 -12.56
C GLY O 15 74.53 -28.18 -13.37
N GLY O 16 73.42 -27.56 -13.77
CA GLY O 16 72.43 -28.16 -14.65
C GLY O 16 71.46 -29.14 -14.01
N ARG O 17 71.63 -29.44 -12.73
CA ARG O 17 70.79 -30.46 -12.10
C ARG O 17 69.88 -29.89 -11.02
N PHE O 18 68.58 -29.93 -11.28
CA PHE O 18 67.57 -29.49 -10.33
C PHE O 18 67.53 -30.49 -9.18
N THR O 19 67.22 -30.02 -7.99
CA THR O 19 66.93 -30.93 -6.89
C THR O 19 65.48 -30.74 -6.47
N VAL O 20 64.62 -31.67 -6.91
CA VAL O 20 63.19 -31.60 -6.66
C VAL O 20 62.78 -32.44 -5.45
N THR O 21 61.76 -31.99 -4.73
CA THR O 21 61.25 -32.77 -3.60
C THR O 21 60.27 -33.86 -4.04
N LEU O 22 60.41 -35.05 -3.45
CA LEU O 22 59.54 -36.17 -3.78
C LEU O 22 58.82 -36.69 -2.56
N ILE O 23 57.49 -36.62 -2.58
CA ILE O 23 56.71 -37.10 -1.46
C ILE O 23 55.73 -38.12 -1.95
N PRO O 24 56.11 -39.40 -1.86
CA PRO O 24 55.29 -40.51 -2.37
C PRO O 24 53.93 -40.53 -1.67
N GLY O 25 53.95 -40.51 -0.35
CA GLY O 25 52.72 -40.45 0.40
C GLY O 25 52.02 -41.80 0.45
N ASP O 26 50.78 -41.79 0.95
CA ASP O 26 50.09 -43.02 1.29
C ASP O 26 49.37 -43.64 0.08
N GLY O 27 48.95 -44.88 0.24
CA GLY O 27 48.25 -45.61 -0.81
C GLY O 27 49.12 -45.87 -2.01
N VAL O 28 48.51 -45.91 -3.20
CA VAL O 28 49.24 -46.18 -4.42
C VAL O 28 50.31 -45.15 -4.66
N GLY O 29 50.40 -44.19 -3.75
CA GLY O 29 51.40 -43.14 -3.83
C GLY O 29 52.76 -43.71 -4.16
N LYS O 30 53.28 -44.58 -3.30
CA LYS O 30 54.62 -45.16 -3.46
C LYS O 30 54.88 -45.78 -4.83
N GLU O 31 53.89 -46.47 -5.40
CA GLU O 31 54.03 -47.12 -6.70
C GLU O 31 53.97 -46.12 -7.83
N ILE O 32 52.96 -45.26 -7.78
CA ILE O 32 52.70 -44.29 -8.82
C ILE O 32 53.86 -43.27 -8.97
N THR O 33 54.61 -43.03 -7.89
CA THR O 33 55.74 -42.12 -7.92
C THR O 33 56.87 -42.80 -8.63
N ASP O 34 57.13 -44.04 -8.20
CA ASP O 34 58.16 -44.90 -8.79
C ASP O 34 58.07 -44.95 -10.31
N SER O 35 56.86 -45.13 -10.82
CA SER O 35 56.62 -45.07 -12.26
C SER O 35 57.31 -43.86 -12.88
N VAL O 36 57.13 -42.70 -12.26
CA VAL O 36 57.77 -41.49 -12.73
C VAL O 36 59.29 -41.56 -12.63
N ARG O 37 59.82 -41.99 -11.48
CA ARG O 37 61.26 -42.14 -11.31
C ARG O 37 61.87 -42.90 -12.49
N THR O 38 61.31 -44.08 -12.74
CA THR O 38 61.77 -44.97 -13.80
C THR O 38 61.76 -44.31 -15.18
N ILE O 39 60.65 -43.67 -15.52
CA ILE O 39 60.55 -42.98 -16.80
C ILE O 39 61.54 -41.82 -16.85
N PHE O 40 61.90 -41.31 -15.68
CA PHE O 40 62.79 -40.16 -15.59
C PHE O 40 64.24 -40.52 -15.82
N GLU O 41 64.72 -41.57 -15.15
CA GLU O 41 66.10 -41.98 -15.32
C GLU O 41 66.31 -42.68 -16.65
N ALA O 42 65.24 -43.30 -17.15
CA ALA O 42 65.28 -43.93 -18.47
C ALA O 42 65.32 -42.89 -19.60
N GLU O 43 65.00 -41.66 -19.26
CA GLU O 43 65.01 -40.56 -20.22
C GLU O 43 66.22 -39.67 -19.86
N ASN O 44 66.94 -40.11 -18.83
CA ASN O 44 68.05 -39.38 -18.22
C ASN O 44 67.81 -37.89 -18.04
N ILE O 45 66.70 -37.57 -17.36
CA ILE O 45 66.35 -36.20 -17.03
C ILE O 45 67.18 -35.70 -15.87
N PRO O 46 67.80 -34.53 -16.04
CA PRO O 46 68.77 -33.95 -15.10
C PRO O 46 68.19 -33.52 -13.76
N ILE O 47 67.27 -34.28 -13.19
CA ILE O 47 66.79 -33.91 -11.87
C ILE O 47 67.09 -34.98 -10.82
N ASP O 48 67.41 -34.54 -9.61
CA ASP O 48 67.69 -35.43 -8.51
C ASP O 48 66.60 -35.31 -7.47
N TRP O 49 66.00 -36.43 -7.08
CA TRP O 49 64.96 -36.39 -6.07
C TRP O 49 65.55 -36.30 -4.66
N GLU O 50 65.08 -35.31 -3.90
CA GLU O 50 65.20 -35.37 -2.44
C GLU O 50 63.89 -35.93 -1.97
N THR O 51 63.90 -37.14 -1.43
CA THR O 51 62.65 -37.84 -1.17
C THR O 51 62.41 -38.01 0.33
N ILE O 52 61.19 -37.68 0.79
CA ILE O 52 60.90 -37.71 2.21
C ILE O 52 59.71 -38.62 2.58
N ASN O 53 59.79 -39.18 3.79
CA ASN O 53 58.74 -40.04 4.34
C ASN O 53 58.48 -39.76 5.82
N ILE O 54 57.31 -40.15 6.32
CA ILE O 54 56.78 -39.52 7.52
C ILE O 54 56.15 -40.43 8.58
N LYS O 60 54.47 -38.30 11.82
CA LYS O 60 53.04 -38.00 11.95
C LYS O 60 52.96 -36.47 11.83
N GLU O 61 54.01 -35.77 12.30
CA GLU O 61 54.05 -34.31 12.26
C GLU O 61 55.29 -33.84 11.54
N GLY O 62 55.99 -34.79 10.93
CA GLY O 62 57.14 -34.51 10.10
C GLY O 62 56.70 -33.91 8.77
N VAL O 63 55.40 -33.59 8.69
CA VAL O 63 54.89 -32.76 7.61
C VAL O 63 55.70 -31.47 7.65
N TYR O 64 56.39 -31.28 8.77
CA TYR O 64 57.40 -30.26 8.93
C TYR O 64 58.53 -30.47 7.93
N GLU O 65 59.04 -31.69 7.87
CA GLU O 65 60.18 -31.96 7.01
C GLU O 65 59.86 -31.85 5.53
N ALA O 66 58.61 -32.06 5.18
CA ALA O 66 58.17 -31.85 3.81
C ALA O 66 58.21 -30.36 3.46
N VAL O 67 57.66 -29.55 4.37
CA VAL O 67 57.66 -28.11 4.23
C VAL O 67 59.08 -27.61 4.13
N GLU O 68 59.90 -27.98 5.10
CA GLU O 68 61.26 -27.48 5.18
C GLU O 68 62.03 -27.81 3.91
N SER O 69 61.83 -29.02 3.39
CA SER O 69 62.44 -29.44 2.14
C SER O 69 62.00 -28.56 0.99
N LEU O 70 60.70 -28.47 0.79
CA LEU O 70 60.16 -27.66 -0.29
C LEU O 70 60.62 -26.20 -0.22
N LYS O 71 60.85 -25.71 0.98
CA LYS O 71 61.33 -24.35 1.16
C LYS O 71 62.76 -24.19 0.61
N ARG O 72 63.57 -25.25 0.70
CA ARG O 72 64.89 -25.28 0.08
C ARG O 72 64.78 -25.41 -1.42
N ASN O 73 64.12 -26.47 -1.88
CA ASN O 73 64.12 -26.80 -3.30
C ASN O 73 63.13 -25.99 -4.12
N LYS O 74 62.11 -25.44 -3.47
CA LYS O 74 61.06 -24.66 -4.14
C LYS O 74 60.07 -25.51 -4.95
N ILE O 75 60.52 -26.65 -5.44
CA ILE O 75 59.65 -27.48 -6.26
C ILE O 75 59.53 -28.91 -5.75
N GLY O 76 58.34 -29.48 -5.93
CA GLY O 76 58.04 -30.81 -5.44
C GLY O 76 57.09 -31.58 -6.33
N LEU O 77 57.09 -32.89 -6.11
CA LEU O 77 56.22 -33.81 -6.84
C LEU O 77 55.72 -34.77 -5.77
N LYS O 78 54.40 -34.87 -5.62
CA LYS O 78 53.85 -35.70 -4.54
C LYS O 78 52.58 -36.43 -4.86
N GLY O 79 52.33 -37.51 -4.11
CA GLY O 79 51.08 -38.21 -4.17
C GLY O 79 50.17 -37.64 -3.10
N LEU O 80 49.22 -38.41 -2.64
CA LEU O 80 48.32 -37.93 -1.59
C LEU O 80 48.63 -38.66 -0.30
N TRP O 81 48.46 -37.96 0.82
CA TRP O 81 48.54 -38.61 2.11
C TRP O 81 47.13 -39.06 2.48
N HIS O 82 47.03 -39.93 3.48
CA HIS O 82 45.72 -40.37 3.94
C HIS O 82 45.23 -39.48 5.08
N THR O 83 43.91 -39.33 5.19
CA THR O 83 43.34 -38.53 6.27
C THR O 83 42.25 -39.27 7.03
N PRO O 84 42.41 -39.36 8.35
CA PRO O 84 41.47 -40.00 9.27
C PRO O 84 40.12 -39.29 9.29
N ALA O 85 39.07 -40.02 9.66
CA ALA O 85 37.76 -39.40 9.83
C ALA O 85 37.37 -39.40 11.32
N ASP O 86 38.12 -40.14 12.12
CA ASP O 86 37.86 -40.21 13.56
C ASP O 86 38.20 -38.90 14.25
N GLN O 87 37.74 -38.77 15.50
CA GLN O 87 37.84 -37.50 16.22
C GLN O 87 39.25 -37.16 16.69
N THR O 88 40.02 -38.18 17.06
CA THR O 88 41.39 -37.95 17.51
C THR O 88 42.41 -38.18 16.39
N GLY O 89 41.92 -38.15 15.15
CA GLY O 89 42.76 -38.20 13.97
C GLY O 89 43.51 -36.90 13.82
N HIS O 90 44.56 -36.91 13.01
CA HIS O 90 45.50 -35.80 13.01
C HIS O 90 45.10 -34.56 12.18
N GLY O 91 44.32 -34.76 11.13
CA GLY O 91 43.96 -33.65 10.25
C GLY O 91 44.75 -33.66 8.96
N SER O 92 44.13 -33.18 7.89
CA SER O 92 44.62 -33.41 6.53
C SER O 92 46.12 -33.59 6.36
N LEU O 93 46.88 -32.56 6.69
CA LEU O 93 48.32 -32.53 6.38
C LEU O 93 48.65 -32.66 4.89
N ASN O 94 47.64 -32.83 4.06
CA ASN O 94 47.75 -32.45 2.68
C ASN O 94 47.52 -30.94 2.62
N VAL O 95 46.47 -30.47 3.32
CA VAL O 95 46.18 -29.03 3.42
C VAL O 95 47.21 -28.34 4.29
N ALA O 96 47.66 -29.00 5.36
CA ALA O 96 48.74 -28.46 6.16
C ALA O 96 49.91 -28.10 5.27
N LEU O 97 50.29 -29.00 4.37
CA LEU O 97 51.42 -28.71 3.50
C LEU O 97 51.18 -27.42 2.73
N ARG O 98 50.00 -27.29 2.14
CA ARG O 98 49.68 -26.14 1.32
C ARG O 98 49.55 -24.85 2.10
N LYS O 99 48.84 -24.90 3.22
CA LYS O 99 48.68 -23.73 4.06
C LYS O 99 50.03 -23.20 4.55
N GLN O 100 50.93 -24.10 4.94
CA GLN O 100 52.20 -23.69 5.51
C GLN O 100 53.16 -23.18 4.45
N LEU O 101 52.86 -23.44 3.19
CA LEU O 101 53.70 -22.92 2.13
C LEU O 101 52.93 -21.86 1.34
N ASP O 102 51.71 -21.60 1.78
CA ASP O 102 50.84 -20.68 1.07
C ASP O 102 50.83 -21.00 -0.42
N ILE O 103 50.85 -22.29 -0.74
CA ILE O 103 50.57 -22.76 -2.09
C ILE O 103 49.06 -22.70 -2.28
N TYR O 104 48.56 -21.51 -2.59
CA TYR O 104 47.13 -21.23 -2.50
C TYR O 104 46.29 -21.62 -3.71
N ALA O 105 46.93 -21.97 -4.81
CA ALA O 105 46.15 -22.26 -6.03
C ALA O 105 46.29 -23.71 -6.51
N ASN O 106 45.15 -24.39 -6.62
CA ASN O 106 45.13 -25.74 -7.16
C ASN O 106 44.59 -25.72 -8.58
N VAL O 107 45.30 -26.38 -9.49
CA VAL O 107 44.83 -26.53 -10.87
C VAL O 107 44.65 -28.01 -11.16
N ALA O 108 43.47 -28.38 -11.63
CA ALA O 108 43.22 -29.74 -12.07
C ALA O 108 42.86 -29.72 -13.54
N LEU O 109 43.43 -30.65 -14.30
CA LEU O 109 43.22 -30.69 -15.74
C LEU O 109 42.39 -31.90 -16.20
N PHE O 110 41.15 -31.61 -16.59
CA PHE O 110 40.23 -32.62 -17.03
C PHE O 110 40.11 -32.55 -18.53
N LYS O 111 40.99 -33.27 -19.23
CA LYS O 111 40.95 -33.41 -20.67
C LYS O 111 40.89 -34.88 -21.03
N SER O 112 39.86 -35.28 -21.77
CA SER O 112 39.67 -36.69 -22.09
C SER O 112 40.80 -37.20 -22.99
N LEU O 113 41.02 -38.51 -22.94
CA LEU O 113 42.14 -39.13 -23.62
C LEU O 113 41.65 -40.09 -24.69
N LYS O 114 42.42 -40.17 -25.77
CA LYS O 114 41.98 -40.85 -26.99
C LYS O 114 41.52 -42.29 -26.78
N GLY O 115 42.34 -43.10 -26.11
CA GLY O 115 42.01 -44.50 -25.97
C GLY O 115 41.15 -44.85 -24.78
N VAL O 116 40.23 -43.95 -24.39
CA VAL O 116 39.43 -44.21 -23.20
C VAL O 116 37.94 -43.99 -23.42
N LYS O 117 37.17 -45.04 -23.15
CA LYS O 117 35.72 -45.02 -23.27
C LYS O 117 35.10 -44.12 -22.20
N THR O 118 34.52 -43.00 -22.63
CA THR O 118 33.80 -42.13 -21.69
C THR O 118 32.41 -41.80 -22.22
N ARG O 119 31.48 -41.57 -21.30
CA ARG O 119 30.09 -41.36 -21.66
C ARG O 119 29.86 -40.08 -22.50
N ILE O 120 30.57 -39.00 -22.16
CA ILE O 120 30.58 -37.81 -23.02
C ILE O 120 32.01 -37.52 -23.40
N PRO O 121 32.30 -37.51 -24.71
CA PRO O 121 33.67 -37.48 -25.21
C PRO O 121 34.13 -36.07 -25.60
N ASP O 122 35.43 -35.92 -25.84
CA ASP O 122 36.02 -34.67 -26.34
C ASP O 122 35.79 -33.51 -25.39
N ILE O 123 36.25 -33.69 -24.15
CA ILE O 123 35.95 -32.78 -23.06
C ILE O 123 37.23 -32.17 -22.51
N ASP O 124 37.22 -30.86 -22.32
CA ASP O 124 38.43 -30.15 -21.94
C ASP O 124 38.13 -28.98 -21.02
N LEU O 125 38.15 -29.22 -19.70
CA LEU O 125 37.88 -28.15 -18.76
C LEU O 125 38.83 -28.18 -17.59
N ILE O 126 39.04 -27.00 -17.02
CA ILE O 126 39.99 -26.79 -15.94
C ILE O 126 39.29 -26.24 -14.69
N VAL O 127 39.70 -26.75 -13.54
CA VAL O 127 39.09 -26.33 -12.30
C VAL O 127 40.18 -25.77 -11.41
N ILE O 128 40.09 -24.47 -11.14
CA ILE O 128 41.02 -23.81 -10.24
C ILE O 128 40.34 -23.54 -8.91
N ARG O 129 40.90 -24.07 -7.83
CA ARG O 129 40.34 -23.85 -6.51
C ARG O 129 41.33 -23.18 -5.57
N GLU O 130 40.80 -22.44 -4.60
CA GLU O 130 41.60 -21.84 -3.56
C GLU O 130 41.86 -22.90 -2.50
N ASN O 131 43.11 -22.98 -2.03
CA ASN O 131 43.55 -24.08 -1.17
C ASN O 131 43.53 -23.83 0.34
N THR O 132 43.69 -22.58 0.76
CA THR O 132 43.98 -22.25 2.16
C THR O 132 42.81 -21.73 2.99
N GLU O 133 41.69 -21.47 2.34
CA GLU O 133 40.60 -20.71 2.95
C GLU O 133 39.27 -21.45 2.76
N GLY O 134 38.17 -20.71 2.81
CA GLY O 134 36.86 -21.30 2.61
C GLY O 134 36.49 -22.26 3.72
N GLU O 135 35.90 -23.37 3.34
CA GLU O 135 35.52 -24.42 4.28
C GLU O 135 36.72 -25.27 4.73
N PHE O 136 37.89 -25.00 4.16
CA PHE O 136 39.13 -25.70 4.52
C PHE O 136 39.89 -24.89 5.55
N SER O 137 39.23 -23.90 6.14
CA SER O 137 39.89 -23.03 7.09
C SER O 137 40.03 -23.75 8.42
N GLY O 138 39.28 -24.83 8.58
CA GLY O 138 39.39 -25.67 9.76
C GLY O 138 39.23 -24.93 11.07
N LEU O 139 38.22 -24.07 11.15
CA LEU O 139 37.86 -23.44 12.41
C LEU O 139 36.50 -23.99 12.83
N GLU O 140 36.46 -24.71 13.95
CA GLU O 140 35.18 -25.23 14.42
C GLU O 140 35.17 -25.42 15.93
N HIS O 141 33.99 -25.35 16.53
CA HIS O 141 33.87 -25.55 17.96
C HIS O 141 32.50 -26.06 18.31
N GLU O 142 32.37 -26.60 19.53
CA GLU O 142 31.10 -27.10 20.04
C GLU O 142 30.71 -26.23 21.23
N SER O 143 29.71 -25.38 21.04
CA SER O 143 29.31 -24.43 22.09
C SER O 143 28.77 -25.14 23.33
N VAL O 144 27.61 -25.75 23.19
CA VAL O 144 27.09 -26.68 24.17
C VAL O 144 27.12 -28.06 23.53
N PRO O 145 27.01 -29.12 24.34
CA PRO O 145 27.07 -30.48 23.79
C PRO O 145 26.02 -30.70 22.71
N GLY O 146 26.42 -31.21 21.57
CA GLY O 146 25.49 -31.57 20.53
C GLY O 146 25.25 -30.45 19.53
N VAL O 147 25.83 -29.29 19.79
CA VAL O 147 25.75 -28.15 18.87
C VAL O 147 27.13 -27.76 18.36
N VAL O 148 27.35 -27.90 17.06
CA VAL O 148 28.65 -27.64 16.50
C VAL O 148 28.61 -26.55 15.43
N GLU O 149 29.54 -25.60 15.53
CA GLU O 149 29.70 -24.57 14.51
C GLU O 149 31.04 -24.71 13.81
N SER O 150 31.00 -24.77 12.50
CA SER O 150 32.19 -24.74 11.68
C SER O 150 32.20 -23.38 11.01
N LEU O 151 33.25 -22.60 11.25
CA LEU O 151 33.39 -21.26 10.67
C LEU O 151 34.09 -21.32 9.31
N LYS O 152 33.48 -20.70 8.30
CA LYS O 152 34.05 -20.66 6.96
C LYS O 152 34.52 -19.25 6.62
N VAL O 153 35.83 -19.07 6.55
CA VAL O 153 36.40 -17.75 6.34
C VAL O 153 36.59 -17.43 4.87
N MET O 154 36.28 -16.20 4.48
CA MET O 154 36.50 -15.71 3.13
C MET O 154 37.07 -14.30 3.24
N THR O 155 38.26 -14.08 2.70
CA THR O 155 38.89 -12.77 2.81
C THR O 155 39.30 -12.17 1.47
N ARG O 156 39.11 -10.87 1.34
CA ARG O 156 39.36 -10.17 0.09
C ARG O 156 40.76 -10.42 -0.45
N PRO O 157 41.77 -10.30 0.40
CA PRO O 157 43.14 -10.52 -0.08
C PRO O 157 43.33 -11.89 -0.72
N LYS O 158 43.00 -12.96 0.01
CA LYS O 158 43.18 -14.32 -0.49
C LYS O 158 42.34 -14.55 -1.72
N THR O 159 41.24 -13.82 -1.82
CA THR O 159 40.31 -14.00 -2.94
C THR O 159 40.74 -13.22 -4.17
N GLU O 160 41.26 -12.02 -3.98
CA GLU O 160 41.76 -11.26 -5.13
C GLU O 160 42.90 -12.07 -5.74
N ARG O 161 43.68 -12.68 -4.87
CA ARG O 161 44.84 -13.44 -5.29
C ARG O 161 44.45 -14.55 -6.25
N ILE O 162 43.55 -15.43 -5.83
CA ILE O 162 43.16 -16.59 -6.64
C ILE O 162 42.47 -16.12 -7.89
N ALA O 163 41.69 -15.06 -7.77
CA ALA O 163 41.00 -14.48 -8.90
C ALA O 163 41.99 -14.10 -10.00
N ARG O 164 43.05 -13.41 -9.63
CA ARG O 164 44.03 -13.04 -10.63
C ARG O 164 44.78 -14.26 -11.16
N PHE O 165 45.17 -15.17 -10.27
CA PHE O 165 45.82 -16.39 -10.71
C PHE O 165 45.01 -17.07 -11.79
N ALA O 166 43.71 -17.19 -11.57
CA ALA O 166 42.84 -17.86 -12.52
C ALA O 166 42.85 -17.15 -13.88
N PHE O 167 42.69 -15.84 -13.86
CA PHE O 167 42.69 -15.10 -15.12
C PHE O 167 44.05 -15.15 -15.80
N ASP O 168 45.09 -14.86 -15.05
CA ASP O 168 46.46 -14.99 -15.55
C ASP O 168 46.66 -16.34 -16.22
N PHE O 169 46.21 -17.40 -15.54
CA PHE O 169 46.30 -18.76 -16.06
C PHE O 169 45.54 -18.91 -17.35
N ALA O 170 44.32 -18.39 -17.38
CA ALA O 170 43.47 -18.47 -18.56
C ALA O 170 44.09 -17.72 -19.74
N LYS O 171 44.74 -16.60 -19.45
CA LYS O 171 45.38 -15.81 -20.49
C LYS O 171 46.59 -16.55 -21.05
N LYS O 172 47.42 -17.06 -20.13
CA LYS O 172 48.64 -17.77 -20.49
C LYS O 172 48.38 -19.01 -21.34
N TYR O 173 47.29 -19.72 -21.07
CA TYR O 173 47.00 -20.95 -21.78
C TYR O 173 45.81 -20.77 -22.73
N ASN O 174 45.67 -19.55 -23.24
CA ASN O 174 44.60 -19.20 -24.18
C ASN O 174 43.28 -19.90 -23.89
N ARG O 175 42.75 -19.63 -22.70
CA ARG O 175 41.42 -20.07 -22.29
C ARG O 175 40.51 -18.86 -22.45
N LYS O 176 39.34 -19.05 -23.05
CA LYS O 176 38.50 -17.90 -23.35
C LYS O 176 37.52 -17.53 -22.24
N SER O 177 37.11 -18.52 -21.44
CA SER O 177 36.07 -18.31 -20.43
C SER O 177 36.48 -18.69 -19.02
N VAL O 178 36.11 -17.86 -18.06
CA VAL O 178 36.35 -18.12 -16.65
C VAL O 178 35.06 -17.94 -15.83
N THR O 179 34.68 -18.98 -15.11
CA THR O 179 33.41 -18.97 -14.41
C THR O 179 33.59 -19.17 -12.92
N ALA O 180 32.96 -18.32 -12.13
CA ALA O 180 33.06 -18.43 -10.68
C ALA O 180 31.90 -19.25 -10.14
N VAL O 181 32.24 -20.32 -9.42
CA VAL O 181 31.25 -21.20 -8.80
C VAL O 181 31.02 -20.77 -7.36
N HIS O 182 29.76 -20.63 -6.94
CA HIS O 182 29.46 -20.02 -5.66
C HIS O 182 28.08 -20.42 -5.18
N LYS O 183 27.72 -19.96 -4.00
CA LYS O 183 26.40 -20.21 -3.43
C LYS O 183 25.96 -18.90 -2.84
N ALA O 184 26.17 -17.84 -3.61
CA ALA O 184 26.05 -16.48 -3.10
C ALA O 184 24.61 -16.09 -2.82
N ASN O 185 23.67 -16.90 -3.28
CA ASN O 185 22.26 -16.60 -3.07
C ASN O 185 21.81 -16.95 -1.67
N ILE O 186 22.67 -17.66 -0.95
CA ILE O 186 22.33 -18.12 0.38
C ILE O 186 23.33 -17.61 1.39
N MET O 187 24.61 -17.73 1.05
CA MET O 187 25.68 -17.21 1.87
C MET O 187 26.14 -15.91 1.22
N LYS O 188 25.33 -14.88 1.43
CA LYS O 188 25.40 -13.63 0.69
C LYS O 188 26.68 -12.86 0.97
N LEU O 189 27.23 -13.04 2.16
CA LEU O 189 28.48 -12.37 2.46
C LEU O 189 29.66 -13.21 1.99
N GLY O 190 29.72 -14.45 2.45
CA GLY O 190 30.85 -15.32 2.14
C GLY O 190 31.05 -15.53 0.65
N ASP O 191 30.18 -16.34 0.06
CA ASP O 191 30.28 -16.61 -1.36
C ASP O 191 29.97 -15.37 -2.20
N GLY O 192 29.20 -14.45 -1.63
CA GLY O 192 28.94 -13.18 -2.30
C GLY O 192 30.23 -12.49 -2.63
N LEU O 193 31.04 -12.27 -1.60
CA LEU O 193 32.34 -11.61 -1.74
C LEU O 193 33.19 -12.27 -2.81
N PHE O 194 33.22 -13.59 -2.78
CA PHE O 194 33.95 -14.38 -3.76
C PHE O 194 33.48 -14.10 -5.18
N ARG O 195 32.17 -14.19 -5.42
CA ARG O 195 31.61 -13.96 -6.76
C ARG O 195 31.89 -12.56 -7.28
N ASN O 196 31.82 -11.57 -6.39
CA ASN O 196 32.03 -10.19 -6.77
C ASN O 196 33.47 -9.95 -7.15
N ILE O 197 34.34 -10.08 -6.17
CA ILE O 197 35.78 -9.93 -6.41
C ILE O 197 36.26 -10.59 -7.72
N ILE O 198 35.73 -11.77 -8.06
CA ILE O 198 36.13 -12.43 -9.30
C ILE O 198 35.62 -11.67 -10.51
N THR O 199 34.30 -11.54 -10.61
CA THR O 199 33.72 -10.85 -11.76
C THR O 199 34.23 -9.41 -11.81
N GLU O 200 34.36 -8.80 -10.64
CA GLU O 200 34.82 -7.43 -10.52
C GLU O 200 36.17 -7.23 -11.17
N ILE O 201 37.11 -8.13 -10.92
CA ILE O 201 38.47 -7.93 -11.43
C ILE O 201 38.74 -8.74 -12.68
N GLY O 202 37.67 -9.23 -13.29
CA GLY O 202 37.74 -9.83 -14.61
C GLY O 202 37.19 -8.84 -15.62
N GLN O 203 36.68 -7.72 -15.11
CA GLN O 203 36.08 -6.70 -15.94
C GLN O 203 36.98 -5.50 -16.09
N LYS O 204 37.65 -5.10 -15.01
CA LYS O 204 38.53 -3.94 -15.07
C LYS O 204 40.00 -4.31 -15.35
N GLU O 205 40.32 -5.59 -15.22
CA GLU O 205 41.57 -6.16 -15.71
C GLU O 205 41.10 -7.38 -16.48
N TYR O 206 41.95 -7.94 -17.33
CA TYR O 206 41.50 -9.12 -18.11
C TYR O 206 40.14 -8.96 -18.83
N PRO O 207 39.97 -7.87 -19.59
CA PRO O 207 38.68 -7.62 -20.23
C PRO O 207 38.49 -8.54 -21.42
N ASP O 208 39.58 -9.12 -21.91
CA ASP O 208 39.52 -9.99 -23.08
C ASP O 208 38.87 -11.33 -22.77
N ILE O 209 38.78 -11.65 -21.48
CA ILE O 209 38.24 -12.94 -21.06
C ILE O 209 36.79 -12.85 -20.62
N ASP O 210 36.02 -13.90 -20.91
CA ASP O 210 34.60 -13.91 -20.57
C ASP O 210 34.38 -14.37 -19.14
N VAL O 211 34.02 -13.44 -18.27
CA VAL O 211 33.73 -13.79 -16.88
C VAL O 211 32.25 -14.05 -16.65
N SER O 212 31.95 -15.02 -15.80
CA SER O 212 30.56 -15.35 -15.46
C SER O 212 30.49 -16.04 -14.12
N SER O 213 29.27 -16.20 -13.61
CA SER O 213 29.05 -16.88 -12.35
C SER O 213 28.15 -18.07 -12.61
N ILE O 214 28.15 -18.99 -11.65
CA ILE O 214 27.24 -20.11 -11.69
C ILE O 214 27.09 -20.63 -10.27
N ILE O 215 25.86 -21.00 -9.92
CA ILE O 215 25.57 -21.48 -8.58
C ILE O 215 25.99 -22.93 -8.47
N VAL O 216 26.70 -23.26 -7.40
CA VAL O 216 27.40 -24.53 -7.28
C VAL O 216 26.53 -25.75 -7.58
N ASP O 217 25.29 -25.75 -7.10
CA ASP O 217 24.41 -26.89 -7.33
C ASP O 217 24.04 -27.01 -8.80
N ASN O 218 23.67 -25.90 -9.41
CA ASN O 218 23.34 -25.88 -10.82
C ASN O 218 24.56 -26.15 -11.69
N ALA O 219 25.71 -25.72 -11.21
CA ALA O 219 26.96 -25.99 -11.90
C ALA O 219 27.18 -27.49 -11.92
N SER O 220 26.92 -28.14 -10.78
CA SER O 220 27.07 -29.58 -10.66
C SER O 220 26.19 -30.33 -11.63
N MET O 221 25.02 -29.76 -11.91
CA MET O 221 24.10 -30.43 -12.80
C MET O 221 24.55 -30.27 -14.25
N GLN O 222 24.93 -29.06 -14.64
CA GLN O 222 25.40 -28.86 -16.00
C GLN O 222 26.65 -29.69 -16.27
N ALA O 223 27.54 -29.73 -15.27
CA ALA O 223 28.83 -30.45 -15.42
C ALA O 223 28.63 -31.92 -15.81
N VAL O 224 27.63 -32.54 -15.21
CA VAL O 224 27.35 -33.95 -15.43
C VAL O 224 26.57 -34.16 -16.73
N ALA O 225 25.71 -33.20 -17.07
CA ALA O 225 24.84 -33.36 -18.22
C ALA O 225 25.37 -32.70 -19.51
N LYS O 226 25.98 -31.52 -19.39
CA LYS O 226 26.42 -30.77 -20.55
C LYS O 226 27.72 -30.01 -20.28
N PRO O 227 28.83 -30.75 -20.13
CA PRO O 227 30.11 -30.21 -19.60
C PRO O 227 30.84 -29.33 -20.60
N HIS O 228 30.50 -29.43 -21.88
CA HIS O 228 31.25 -28.72 -22.90
C HIS O 228 31.06 -27.21 -22.81
N GLN O 229 30.03 -26.80 -22.07
CA GLN O 229 29.75 -25.37 -21.90
C GLN O 229 30.78 -24.68 -20.98
N PHE O 230 31.55 -25.48 -20.24
CA PHE O 230 32.53 -24.92 -19.31
C PHE O 230 33.96 -24.93 -19.87
N ASP O 231 34.74 -23.93 -19.45
CA ASP O 231 36.11 -23.73 -19.91
C ASP O 231 37.04 -23.75 -18.70
N VAL O 232 37.00 -22.68 -17.92
CA VAL O 232 37.72 -22.64 -16.65
C VAL O 232 36.75 -22.31 -15.54
N LEU O 233 36.88 -23.03 -14.42
CA LEU O 233 36.05 -22.81 -13.26
C LEU O 233 36.90 -22.43 -12.05
N VAL O 234 36.56 -21.31 -11.40
CA VAL O 234 37.23 -20.87 -10.19
C VAL O 234 36.33 -21.10 -9.00
N THR O 235 36.84 -21.74 -7.97
CA THR O 235 35.98 -22.10 -6.85
C THR O 235 36.71 -21.98 -5.54
N PRO O 236 35.97 -21.81 -4.45
CA PRO O 236 36.52 -21.94 -3.10
C PRO O 236 36.81 -23.41 -2.81
N SER O 237 37.55 -23.68 -1.74
CA SER O 237 38.00 -25.03 -1.41
C SER O 237 37.00 -26.18 -1.65
N MET O 238 35.77 -26.02 -1.18
CA MET O 238 34.80 -27.11 -1.20
C MET O 238 34.31 -27.40 -2.61
N TYR O 239 33.69 -26.40 -3.23
CA TYR O 239 33.09 -26.57 -4.54
C TYR O 239 34.07 -27.16 -5.53
N GLY O 240 35.36 -26.98 -5.25
CA GLY O 240 36.42 -27.44 -6.13
C GLY O 240 36.65 -28.93 -6.00
N THR O 241 36.46 -29.43 -4.79
CA THR O 241 36.50 -30.87 -4.53
C THR O 241 35.34 -31.54 -5.24
N ILE O 242 34.20 -30.88 -5.25
CA ILE O 242 33.01 -31.44 -5.85
C ILE O 242 33.06 -31.40 -7.38
N LEU O 243 33.29 -30.23 -7.94
CA LEU O 243 33.35 -30.13 -9.39
C LEU O 243 34.53 -30.95 -9.86
N GLY O 244 35.60 -30.95 -9.07
CA GLY O 244 36.76 -31.75 -9.39
C GLY O 244 36.42 -33.21 -9.66
N ASN O 245 35.76 -33.86 -8.70
CA ASN O 245 35.38 -35.24 -8.87
C ASN O 245 34.38 -35.50 -10.01
N ILE O 246 33.47 -34.57 -10.26
CA ILE O 246 32.62 -34.66 -11.44
C ILE O 246 33.52 -34.74 -12.67
N GLY O 247 34.49 -33.83 -12.76
CA GLY O 247 35.38 -33.79 -13.91
C GLY O 247 36.22 -35.04 -14.00
N ALA O 248 36.64 -35.53 -12.85
CA ALA O 248 37.45 -36.74 -12.77
C ALA O 248 36.70 -37.91 -13.40
N ALA O 249 35.45 -38.08 -12.99
CA ALA O 249 34.62 -39.14 -13.56
C ALA O 249 34.42 -38.94 -15.07
N LEU O 250 34.09 -37.71 -15.47
CA LEU O 250 33.74 -37.39 -16.86
C LEU O 250 34.75 -37.87 -17.88
N ILE O 251 36.01 -37.95 -17.47
CA ILE O 251 37.09 -38.25 -18.42
C ILE O 251 37.65 -39.66 -18.31
N GLY O 252 37.22 -40.40 -17.29
CA GLY O 252 37.66 -41.77 -17.15
C GLY O 252 37.87 -42.20 -15.70
N GLY O 253 38.46 -41.31 -14.92
CA GLY O 253 38.73 -41.62 -13.53
C GLY O 253 39.91 -40.83 -12.97
N PRO O 254 40.18 -41.02 -11.67
CA PRO O 254 41.18 -40.25 -10.93
C PRO O 254 42.60 -40.50 -11.41
N GLY O 255 42.78 -41.52 -12.23
CA GLY O 255 44.10 -41.91 -12.67
C GLY O 255 44.54 -41.20 -13.93
N LEU O 256 43.68 -40.36 -14.48
CA LEU O 256 44.00 -39.68 -15.74
C LEU O 256 44.16 -38.18 -15.57
N VAL O 257 44.10 -37.71 -14.32
CA VAL O 257 44.03 -36.29 -14.06
C VAL O 257 45.32 -35.69 -13.54
N ALA O 258 45.90 -34.78 -14.31
CA ALA O 258 47.10 -34.08 -13.91
C ALA O 258 46.69 -32.93 -13.00
N GLY O 259 47.54 -32.61 -12.03
CA GLY O 259 47.25 -31.52 -11.12
C GLY O 259 48.51 -30.79 -10.69
N ALA O 260 48.33 -29.57 -10.24
CA ALA O 260 49.47 -28.79 -9.74
C ALA O 260 48.99 -27.77 -8.72
N ASN O 261 49.85 -27.46 -7.76
CA ASN O 261 49.57 -26.45 -6.77
C ASN O 261 50.58 -25.31 -6.83
N PHE O 262 50.10 -24.08 -6.84
CA PHE O 262 50.98 -22.91 -6.94
C PHE O 262 50.86 -21.93 -5.77
N GLY O 263 52.00 -21.51 -5.25
CA GLY O 263 52.09 -20.27 -4.51
C GLY O 263 53.00 -19.25 -5.19
N ARG O 264 53.25 -18.14 -4.51
CA ARG O 264 54.16 -17.12 -5.01
C ARG O 264 55.55 -17.69 -5.22
N ASP O 265 56.03 -18.47 -4.25
CA ASP O 265 57.44 -18.85 -4.19
C ASP O 265 57.63 -20.31 -4.59
N TYR O 266 56.70 -21.16 -4.16
CA TYR O 266 56.83 -22.59 -4.35
C TYR O 266 55.83 -23.13 -5.35
N ALA O 267 56.03 -24.38 -5.76
CA ALA O 267 55.08 -25.11 -6.62
C ALA O 267 55.19 -26.59 -6.29
N VAL O 268 54.05 -27.21 -5.98
CA VAL O 268 54.00 -28.64 -5.72
C VAL O 268 53.04 -29.29 -6.68
N PHE O 269 53.52 -30.32 -7.37
CA PHE O 269 52.72 -31.01 -8.36
C PHE O 269 52.21 -32.34 -7.83
N GLU O 270 50.89 -32.54 -7.95
CA GLU O 270 50.26 -33.75 -7.45
C GLU O 270 49.17 -34.15 -8.43
N PRO O 271 48.59 -35.34 -8.24
CA PRO O 271 47.46 -35.74 -9.10
C PRO O 271 46.28 -34.78 -8.94
N GLY O 272 45.61 -34.49 -10.04
CA GLY O 272 44.51 -33.55 -10.02
C GLY O 272 43.23 -34.08 -9.42
N SER O 273 43.18 -35.37 -9.13
CA SER O 273 41.94 -35.95 -8.66
C SER O 273 41.89 -36.14 -7.15
N ARG O 274 43.03 -36.43 -6.56
CA ARG O 274 43.12 -36.43 -5.09
C ARG O 274 42.45 -37.65 -4.47
N HIS O 275 42.91 -38.83 -4.86
CA HIS O 275 42.49 -40.08 -4.24
C HIS O 275 43.71 -40.94 -3.87
N VAL O 276 43.65 -41.58 -2.70
CA VAL O 276 44.81 -42.27 -2.14
C VAL O 276 45.01 -43.69 -2.65
N GLY O 277 43.91 -44.35 -3.03
CA GLY O 277 43.96 -45.72 -3.50
C GLY O 277 44.43 -46.70 -2.44
N LEU O 278 44.14 -46.40 -1.18
CA LEU O 278 44.53 -47.27 -0.07
C LEU O 278 44.27 -48.76 -0.33
N ASP O 279 43.10 -49.07 -0.86
CA ASP O 279 42.67 -50.45 -1.08
C ASP O 279 43.57 -51.29 -2.00
N ILE O 280 44.17 -50.66 -3.00
CA ILE O 280 45.04 -51.37 -3.94
C ILE O 280 46.54 -51.08 -3.76
N LYS O 281 46.94 -50.81 -2.52
CA LYS O 281 48.34 -50.54 -2.21
C LYS O 281 49.15 -51.80 -2.31
N GLY O 282 50.22 -51.75 -3.10
CA GLY O 282 51.16 -52.84 -3.19
C GLY O 282 50.75 -53.89 -4.19
N GLN O 283 49.63 -53.67 -4.85
CA GLN O 283 49.10 -54.66 -5.78
C GLN O 283 49.61 -54.46 -7.19
N ASN O 284 50.27 -53.34 -7.44
CA ASN O 284 50.79 -53.10 -8.79
C ASN O 284 49.67 -53.11 -9.83
N VAL O 285 48.47 -52.75 -9.41
CA VAL O 285 47.34 -52.65 -10.35
C VAL O 285 47.09 -51.21 -10.76
N ALA O 286 47.62 -50.29 -9.96
CA ALA O 286 47.35 -48.86 -10.07
C ALA O 286 47.74 -48.23 -11.42
N ASN O 287 47.15 -47.08 -11.71
CA ASN O 287 47.40 -46.35 -12.95
C ASN O 287 48.19 -45.09 -12.70
N PRO O 288 49.36 -44.95 -13.35
CA PRO O 288 50.24 -43.82 -13.06
C PRO O 288 50.05 -42.66 -14.02
N THR O 289 49.09 -42.74 -14.94
CA THR O 289 48.88 -41.67 -15.90
C THR O 289 48.80 -40.32 -15.17
N ALA O 290 47.97 -40.27 -14.13
CA ALA O 290 47.80 -39.06 -13.33
C ALA O 290 49.17 -38.53 -12.95
N MET O 291 49.90 -39.31 -12.16
CA MET O 291 51.18 -38.88 -11.62
C MET O 291 52.14 -38.43 -12.70
N ILE O 292 52.28 -39.24 -13.73
CA ILE O 292 53.21 -38.93 -14.82
C ILE O 292 52.82 -37.62 -15.50
N LEU O 293 51.55 -37.47 -15.82
CA LEU O 293 51.09 -36.29 -16.55
C LEU O 293 51.31 -34.99 -15.76
N SER O 294 51.06 -35.03 -14.46
CA SER O 294 51.31 -33.87 -13.64
C SER O 294 52.82 -33.73 -13.43
N SER O 295 53.53 -34.85 -13.54
CA SER O 295 54.99 -34.84 -13.56
C SER O 295 55.50 -34.07 -14.80
N THR O 296 54.84 -34.23 -15.93
CA THR O 296 55.20 -33.47 -17.12
C THR O 296 54.92 -31.99 -16.92
N LEU O 297 53.83 -31.69 -16.21
CA LEU O 297 53.48 -30.30 -15.87
C LEU O 297 54.65 -29.64 -15.15
N MET O 298 55.30 -30.41 -14.28
CA MET O 298 56.43 -29.92 -13.49
C MET O 298 57.63 -29.64 -14.36
N LEU O 299 57.87 -30.50 -15.34
CA LEU O 299 58.95 -30.28 -16.30
C LEU O 299 58.73 -28.97 -17.04
N ASN O 300 57.58 -28.83 -17.69
CA ASN O 300 57.28 -27.57 -18.37
C ASN O 300 57.59 -26.42 -17.45
N HIS O 301 57.28 -26.60 -16.17
CA HIS O 301 57.49 -25.54 -15.19
C HIS O 301 58.97 -25.18 -15.05
N LEU O 302 59.77 -26.12 -14.56
CA LEU O 302 61.19 -25.83 -14.44
C LEU O 302 61.92 -25.84 -15.80
N GLY O 303 61.17 -25.55 -16.85
CA GLY O 303 61.76 -25.16 -18.12
C GLY O 303 62.23 -26.25 -19.06
N LEU O 304 62.30 -27.48 -18.55
CA LEU O 304 62.70 -28.62 -19.37
C LEU O 304 61.77 -28.72 -20.56
N ASN O 305 60.72 -29.51 -20.44
CA ASN O 305 59.59 -29.48 -21.39
C ASN O 305 59.85 -29.96 -22.83
N GLU O 306 61.11 -30.07 -23.22
CA GLU O 306 61.43 -30.84 -24.40
C GLU O 306 61.07 -32.23 -23.95
N TYR O 307 61.58 -32.58 -22.78
CA TYR O 307 61.23 -33.85 -22.12
C TYR O 307 59.73 -33.97 -21.90
N ALA O 308 59.11 -32.90 -21.41
CA ALA O 308 57.69 -32.94 -21.12
C ALA O 308 56.86 -33.21 -22.38
N THR O 309 57.04 -32.36 -23.38
CA THR O 309 56.40 -32.57 -24.68
C THR O 309 56.58 -34.01 -25.10
N ARG O 310 57.79 -34.49 -24.89
CA ARG O 310 58.16 -35.86 -25.20
C ARG O 310 57.30 -36.84 -24.42
N ILE O 311 57.63 -37.04 -23.15
CA ILE O 311 57.08 -38.14 -22.37
C ILE O 311 55.57 -38.06 -22.16
N SER O 312 54.96 -36.95 -22.57
CA SER O 312 53.49 -36.89 -22.54
C SER O 312 52.94 -37.58 -23.78
N LYS O 313 53.52 -37.28 -24.94
CA LYS O 313 53.15 -37.96 -26.17
C LYS O 313 53.28 -39.47 -25.98
N ALA O 314 54.30 -39.87 -25.23
CA ALA O 314 54.53 -41.28 -24.95
C ALA O 314 53.32 -41.92 -24.28
N VAL O 315 52.95 -41.41 -23.11
CA VAL O 315 51.79 -41.94 -22.40
C VAL O 315 50.47 -41.72 -23.16
N HIS O 316 50.32 -40.57 -23.80
CA HIS O 316 49.11 -40.32 -24.59
C HIS O 316 48.90 -41.38 -25.70
N GLU O 317 49.95 -41.64 -26.47
CA GLU O 317 49.90 -42.67 -27.51
C GLU O 317 49.76 -44.08 -26.91
N THR O 318 50.52 -44.38 -25.88
CA THR O 318 50.40 -45.67 -25.18
C THR O 318 48.96 -46.03 -24.83
N ILE O 319 48.24 -45.10 -24.20
CA ILE O 319 46.88 -45.45 -23.75
C ILE O 319 45.87 -45.44 -24.90
N ALA O 320 46.06 -44.55 -25.88
CA ALA O 320 45.25 -44.58 -27.09
C ALA O 320 45.41 -45.93 -27.82
N GLU O 321 46.63 -46.46 -27.82
CA GLU O 321 46.93 -47.74 -28.46
C GLU O 321 46.45 -48.90 -27.63
N GLY O 322 45.15 -49.13 -27.67
CA GLY O 322 44.53 -50.27 -27.02
C GLY O 322 45.30 -50.96 -25.92
N LYS O 323 45.30 -52.28 -25.96
CA LYS O 323 45.81 -53.12 -24.89
C LYS O 323 47.25 -52.82 -24.55
N HIS O 324 47.65 -53.23 -23.35
CA HIS O 324 48.91 -52.86 -22.69
C HIS O 324 48.68 -51.69 -21.75
N THR O 325 47.42 -51.24 -21.73
CA THR O 325 46.98 -50.17 -20.85
C THR O 325 46.60 -50.80 -19.50
N THR O 326 46.52 -49.97 -18.46
CA THR O 326 46.30 -50.46 -17.09
C THR O 326 44.82 -50.73 -16.76
N ARG O 327 44.59 -51.52 -15.71
CA ARG O 327 43.27 -52.09 -15.35
C ARG O 327 42.06 -51.16 -15.50
N ASP O 328 42.09 -50.02 -14.82
CA ASP O 328 40.96 -49.10 -14.71
C ASP O 328 40.52 -48.40 -16.01
N ILE O 329 41.38 -48.39 -17.02
CA ILE O 329 41.03 -47.79 -18.30
C ILE O 329 40.33 -48.82 -19.18
N GLY O 330 40.50 -50.09 -18.82
CA GLY O 330 39.88 -51.18 -19.55
C GLY O 330 40.90 -52.18 -20.07
N GLY O 331 42.13 -52.04 -19.61
CA GLY O 331 43.19 -52.95 -20.00
C GLY O 331 43.40 -54.04 -18.97
N SER O 332 44.50 -54.77 -19.09
CA SER O 332 44.78 -55.87 -18.17
C SER O 332 46.23 -55.82 -17.72
N SER O 333 46.94 -54.77 -18.11
CA SER O 333 48.34 -54.58 -17.74
C SER O 333 48.49 -54.02 -16.31
N SER O 334 49.65 -54.28 -15.70
CA SER O 334 49.98 -53.74 -14.39
C SER O 334 50.73 -52.41 -14.50
N THR O 335 50.81 -51.70 -13.38
CA THR O 335 51.53 -50.42 -13.33
C THR O 335 52.90 -50.58 -13.96
N THR O 336 53.57 -51.65 -13.55
CA THR O 336 54.85 -52.03 -14.07
C THR O 336 54.87 -52.12 -15.60
N ASP O 337 53.90 -52.82 -16.17
CA ASP O 337 53.89 -53.06 -17.61
C ASP O 337 53.60 -51.77 -18.37
N PHE O 338 52.63 -51.02 -17.88
CA PHE O 338 52.24 -49.75 -18.50
C PHE O 338 53.44 -48.79 -18.52
N THR O 339 54.14 -48.69 -17.40
CA THR O 339 55.35 -47.87 -17.32
C THR O 339 56.31 -48.23 -18.46
N ASN O 340 56.58 -49.53 -18.60
CA ASN O 340 57.58 -50.00 -19.56
C ASN O 340 57.20 -49.80 -21.01
N GLU O 341 55.90 -49.72 -21.28
CA GLU O 341 55.46 -49.39 -22.63
C GLU O 341 55.77 -47.95 -22.94
N ILE O 342 55.64 -47.09 -21.93
CA ILE O 342 55.99 -45.70 -22.10
C ILE O 342 57.47 -45.57 -22.36
N ILE O 343 58.29 -46.13 -21.47
CA ILE O 343 59.74 -46.08 -21.64
C ILE O 343 60.13 -46.71 -22.98
N ASN O 344 59.37 -47.70 -23.43
CA ASN O 344 59.63 -48.34 -24.72
C ASN O 344 59.31 -47.42 -25.89
N LYS O 345 58.09 -46.90 -25.93
CA LYS O 345 57.70 -45.96 -26.97
C LYS O 345 58.67 -44.79 -26.99
N LEU O 346 59.13 -44.45 -25.80
CA LEU O 346 59.99 -43.30 -25.61
C LEU O 346 61.35 -43.55 -26.25
N SER O 347 61.82 -44.80 -26.18
CA SER O 347 63.16 -45.16 -26.66
C SER O 347 63.27 -45.16 -28.19
N THR O 348 62.21 -44.74 -28.87
CA THR O 348 62.19 -44.78 -30.32
C THR O 348 61.69 -43.47 -30.93
N MET O 349 61.79 -42.37 -30.20
CA MET O 349 61.12 -41.15 -30.63
C MET O 349 61.91 -40.26 -31.61
N LYS P 4 4.53 -50.15 5.79
CA LYS P 4 4.57 -49.10 6.81
C LYS P 4 5.39 -47.88 6.39
N GLN P 5 4.74 -46.73 6.38
CA GLN P 5 5.40 -45.48 6.03
C GLN P 5 6.23 -44.96 7.22
N PRO P 6 7.28 -44.17 6.95
CA PRO P 6 8.25 -43.70 7.96
C PRO P 6 7.59 -43.04 9.16
N SER P 7 7.85 -43.57 10.34
CA SER P 7 7.32 -43.06 11.60
C SER P 7 7.51 -41.55 11.79
N ILE P 8 8.59 -41.01 11.23
CA ILE P 8 9.06 -39.66 11.54
C ILE P 8 8.15 -38.53 11.08
N GLY P 9 7.69 -38.58 9.83
CA GLY P 9 6.85 -37.51 9.32
C GLY P 9 5.41 -37.97 9.12
N ARG P 10 4.94 -38.86 9.99
CA ARG P 10 3.68 -39.56 9.82
C ARG P 10 2.45 -38.67 9.56
N TYR P 11 1.75 -39.01 8.49
CA TYR P 11 0.48 -38.39 8.17
C TYR P 11 -0.57 -38.77 9.20
N THR P 12 -1.33 -37.80 9.68
CA THR P 12 -2.48 -38.08 10.53
C THR P 12 -3.75 -38.03 9.67
N GLY P 13 -4.12 -39.19 9.11
CA GLY P 13 -5.19 -39.30 8.13
C GLY P 13 -6.46 -38.53 8.43
N LYS P 14 -7.53 -39.27 8.73
CA LYS P 14 -8.84 -38.67 8.95
C LYS P 14 -9.42 -38.09 7.66
N PRO P 15 -10.16 -38.92 6.91
CA PRO P 15 -10.95 -38.36 5.80
C PRO P 15 -12.10 -37.54 6.35
N ASN P 16 -12.39 -36.42 5.68
CA ASN P 16 -13.48 -35.53 6.08
C ASN P 16 -14.80 -36.28 6.24
N PRO P 17 -15.23 -36.53 7.47
CA PRO P 17 -16.38 -37.40 7.76
C PRO P 17 -17.61 -37.16 6.87
N SER P 18 -17.84 -35.93 6.42
CA SER P 18 -19.00 -35.64 5.56
C SER P 18 -18.84 -36.23 4.14
N THR P 19 -17.61 -36.24 3.61
CA THR P 19 -17.33 -36.88 2.34
C THR P 19 -16.40 -38.07 2.58
N GLY P 20 -16.39 -39.04 1.68
CA GLY P 20 -15.49 -40.16 1.83
C GLY P 20 -14.03 -39.74 1.78
N LYS P 21 -13.82 -38.48 1.39
CA LYS P 21 -12.51 -38.00 0.95
C LYS P 21 -11.61 -37.39 2.03
N TYR P 22 -10.31 -37.34 1.73
CA TYR P 22 -9.31 -36.60 2.48
C TYR P 22 -9.19 -35.20 1.91
N THR P 23 -8.78 -34.25 2.76
CA THR P 23 -8.57 -32.87 2.31
C THR P 23 -7.09 -32.56 2.08
N VAL P 24 -6.80 -31.99 0.92
CA VAL P 24 -5.43 -31.62 0.56
C VAL P 24 -5.38 -30.22 -0.03
N SER P 25 -4.51 -29.38 0.53
CA SER P 25 -4.30 -28.03 0.00
C SER P 25 -3.54 -28.11 -1.32
N PHE P 26 -3.89 -27.27 -2.28
CA PHE P 26 -3.21 -27.35 -3.57
C PHE P 26 -2.08 -26.35 -3.74
N ILE P 27 -2.39 -25.07 -3.87
CA ILE P 27 -1.37 -24.10 -4.26
C ILE P 27 -1.01 -24.37 -5.71
N GLU P 28 -1.91 -24.02 -6.63
CA GLU P 28 -1.64 -24.20 -8.05
C GLU P 28 -0.32 -23.55 -8.45
N GLY P 29 0.03 -22.45 -7.79
CA GLY P 29 1.22 -21.71 -8.15
C GLY P 29 0.99 -20.93 -9.43
N ASP P 30 2.00 -20.21 -9.91
CA ASP P 30 1.86 -19.43 -11.12
C ASP P 30 2.66 -19.98 -12.30
N GLY P 31 2.53 -19.33 -13.45
CA GLY P 31 3.20 -19.80 -14.65
C GLY P 31 2.50 -21.02 -15.23
N ILE P 32 3.28 -22.05 -15.55
CA ILE P 32 2.68 -23.27 -16.05
C ILE P 32 1.96 -24.02 -14.93
N GLY P 33 1.99 -23.43 -13.74
CA GLY P 33 1.36 -24.03 -12.57
C GLY P 33 -0.09 -24.42 -12.78
N PRO P 34 -0.95 -23.45 -13.14
CA PRO P 34 -2.38 -23.72 -13.37
C PRO P 34 -2.62 -24.92 -14.30
N GLU P 35 -2.05 -24.90 -15.50
CA GLU P 35 -2.27 -26.00 -16.44
C GLU P 35 -1.70 -27.33 -15.94
N ILE P 36 -0.47 -27.29 -15.46
CA ILE P 36 0.16 -28.48 -14.89
C ILE P 36 -0.67 -29.00 -13.72
N SER P 37 -1.42 -28.10 -13.09
CA SER P 37 -2.18 -28.42 -11.88
C SER P 37 -3.46 -29.19 -12.16
N LYS P 38 -4.34 -28.60 -12.97
CA LYS P 38 -5.62 -29.26 -13.23
C LYS P 38 -5.37 -30.56 -14.01
N SER P 39 -4.23 -30.61 -14.68
CA SER P 39 -3.77 -31.85 -15.28
C SER P 39 -3.75 -32.94 -14.21
N VAL P 40 -3.30 -32.59 -13.01
CA VAL P 40 -3.22 -33.54 -11.91
C VAL P 40 -4.59 -33.79 -11.32
N LYS P 41 -5.39 -32.73 -11.21
CA LYS P 41 -6.73 -32.86 -10.66
C LYS P 41 -7.57 -33.87 -11.46
N LYS P 42 -7.47 -33.78 -12.79
CA LYS P 42 -8.19 -34.70 -13.66
C LYS P 42 -7.75 -36.16 -13.49
N ILE P 43 -6.45 -36.41 -13.67
CA ILE P 43 -5.89 -37.74 -13.49
C ILE P 43 -6.25 -38.33 -12.12
N PHE P 44 -6.32 -37.48 -11.10
CA PHE P 44 -6.65 -37.92 -9.75
C PHE P 44 -8.11 -38.31 -9.68
N SER P 45 -8.96 -37.45 -10.24
CA SER P 45 -10.39 -37.74 -10.35
C SER P 45 -10.63 -39.13 -10.94
N ALA P 46 -10.09 -39.35 -12.14
CA ALA P 46 -10.30 -40.59 -12.87
C ALA P 46 -9.98 -41.85 -12.05
N ALA P 47 -8.92 -41.80 -11.28
CA ALA P 47 -8.50 -42.97 -10.52
C ALA P 47 -9.27 -43.13 -9.21
N ASN P 48 -10.25 -42.26 -8.98
CA ASN P 48 -11.09 -42.32 -7.80
C ASN P 48 -10.32 -42.11 -6.50
N VAL P 49 -9.44 -41.12 -6.49
CA VAL P 49 -8.69 -40.83 -5.28
C VAL P 49 -9.59 -40.17 -4.24
N PRO P 50 -9.56 -40.72 -3.01
CA PRO P 50 -10.24 -40.20 -1.81
C PRO P 50 -9.77 -38.80 -1.44
N ILE P 51 -9.72 -37.89 -2.40
CA ILE P 51 -9.12 -36.60 -2.17
C ILE P 51 -9.88 -35.46 -2.81
N GLU P 52 -10.22 -34.47 -1.97
CA GLU P 52 -10.82 -33.24 -2.44
C GLU P 52 -9.79 -32.12 -2.30
N TRP P 53 -9.75 -31.24 -3.29
CA TRP P 53 -8.75 -30.17 -3.32
C TRP P 53 -9.21 -28.87 -2.67
N GLU P 54 -8.45 -28.39 -1.69
CA GLU P 54 -8.71 -27.09 -1.08
C GLU P 54 -7.63 -26.06 -1.48
N SER P 55 -7.67 -25.58 -2.72
CA SER P 55 -6.60 -24.73 -3.23
C SER P 55 -6.45 -23.43 -2.42
N CYS P 56 -5.20 -23.04 -2.15
CA CYS P 56 -4.91 -21.84 -1.38
C CYS P 56 -3.73 -21.05 -1.96
N ASP P 57 -3.65 -19.77 -1.57
CA ASP P 57 -2.68 -18.84 -2.16
C ASP P 57 -1.61 -18.44 -1.15
N VAL P 58 -0.35 -18.68 -1.51
CA VAL P 58 0.77 -18.41 -0.63
C VAL P 58 1.46 -17.09 -0.94
N SER P 59 0.84 -16.25 -1.77
CA SER P 59 1.38 -14.93 -2.04
C SER P 59 1.65 -14.23 -0.71
N PRO P 60 2.88 -13.76 -0.50
CA PRO P 60 3.35 -13.42 0.85
C PRO P 60 2.81 -12.09 1.35
N ILE P 61 2.51 -12.04 2.64
CA ILE P 61 2.31 -10.78 3.34
C ILE P 61 3.67 -10.28 3.80
N PHE P 62 3.69 -9.19 4.55
CA PHE P 62 4.93 -8.71 5.10
C PHE P 62 4.71 -8.15 6.51
N VAL P 63 4.18 -8.97 7.41
CA VAL P 63 4.12 -8.64 8.84
C VAL P 63 5.50 -8.42 9.47
N ASN P 64 5.78 -7.18 9.87
CA ASN P 64 7.07 -6.80 10.46
C ASN P 64 8.26 -6.88 9.52
N GLY P 65 8.11 -6.37 8.30
CA GLY P 65 9.17 -6.37 7.30
C GLY P 65 9.63 -7.76 6.88
N LEU P 66 9.47 -8.71 7.80
CA LEU P 66 9.78 -10.12 7.58
C LEU P 66 8.62 -10.81 6.87
N THR P 67 8.89 -11.39 5.70
CA THR P 67 7.82 -11.96 4.87
C THR P 67 7.12 -13.13 5.55
N THR P 68 5.81 -13.00 5.69
CA THR P 68 4.99 -14.03 6.29
C THR P 68 4.06 -14.61 5.24
N ILE P 69 3.47 -15.75 5.55
CA ILE P 69 2.53 -16.40 4.63
C ILE P 69 1.09 -16.28 5.16
N PRO P 70 0.15 -15.90 4.27
CA PRO P 70 -1.27 -15.57 4.53
C PRO P 70 -1.97 -16.53 5.46
N ASP P 71 -2.86 -16.02 6.32
CA ASP P 71 -3.63 -16.87 7.23
C ASP P 71 -4.51 -17.90 6.53
N PRO P 72 -5.26 -17.46 5.50
CA PRO P 72 -6.02 -18.40 4.65
C PRO P 72 -5.24 -19.67 4.38
N ALA P 73 -4.05 -19.53 3.81
CA ALA P 73 -3.23 -20.67 3.44
C ALA P 73 -2.64 -21.41 4.66
N VAL P 74 -2.28 -20.67 5.70
CA VAL P 74 -1.74 -21.29 6.91
C VAL P 74 -2.77 -22.24 7.51
N GLN P 75 -3.94 -21.70 7.84
CA GLN P 75 -5.02 -22.48 8.44
C GLN P 75 -5.33 -23.73 7.61
N SER P 76 -5.46 -23.52 6.31
CA SER P 76 -5.71 -24.61 5.36
C SER P 76 -4.68 -25.72 5.47
N ILE P 77 -3.41 -25.34 5.38
CA ILE P 77 -2.35 -26.32 5.34
C ILE P 77 -2.08 -26.96 6.70
N THR P 78 -2.27 -26.22 7.79
CA THR P 78 -2.02 -26.79 9.10
C THR P 78 -3.13 -27.78 9.40
N LYS P 79 -4.31 -27.48 8.88
CA LYS P 79 -5.49 -28.33 9.03
C LYS P 79 -5.29 -29.67 8.33
N ASN P 80 -5.49 -29.69 7.01
CA ASN P 80 -5.13 -30.85 6.20
C ASN P 80 -3.64 -30.98 6.36
N LEU P 81 -3.14 -32.10 6.86
CA LEU P 81 -1.73 -32.14 7.21
C LEU P 81 -0.76 -32.26 6.01
N VAL P 82 -1.26 -31.90 4.83
CA VAL P 82 -0.53 -32.14 3.58
C VAL P 82 -0.92 -31.17 2.46
N ALA P 83 0.04 -30.84 1.59
CA ALA P 83 -0.23 -29.93 0.50
C ALA P 83 0.60 -30.32 -0.70
N LEU P 84 0.18 -29.89 -1.89
CA LEU P 84 0.88 -30.22 -3.12
C LEU P 84 1.09 -28.98 -3.99
N LYS P 85 2.23 -28.31 -3.87
CA LYS P 85 2.44 -27.06 -4.61
C LYS P 85 3.17 -27.23 -5.93
N GLY P 86 2.76 -26.45 -6.91
CA GLY P 86 3.47 -26.34 -8.16
C GLY P 86 4.47 -25.21 -8.05
N PRO P 87 4.99 -24.73 -9.19
CA PRO P 87 6.09 -23.76 -9.20
C PRO P 87 5.56 -22.37 -8.98
N LEU P 88 6.30 -21.53 -8.27
CA LEU P 88 5.92 -20.13 -8.13
C LEU P 88 7.10 -19.18 -8.39
N ALA P 89 6.77 -17.93 -8.71
CA ALA P 89 7.76 -16.94 -9.12
C ALA P 89 8.67 -16.46 -8.00
N THR P 90 9.34 -15.33 -8.23
CA THR P 90 10.23 -14.74 -7.24
C THR P 90 9.68 -13.36 -6.86
N PRO P 91 8.66 -13.33 -5.96
CA PRO P 91 8.02 -12.08 -5.52
C PRO P 91 9.04 -11.01 -5.13
N HIS P 96 10.77 -10.71 0.98
CA HIS P 96 12.03 -10.15 1.45
C HIS P 96 12.51 -11.07 2.57
N ARG P 97 12.75 -12.31 2.15
CA ARG P 97 13.01 -13.48 2.99
C ARG P 97 12.50 -14.64 2.15
N SER P 98 13.38 -15.26 1.36
CA SER P 98 13.01 -16.38 0.47
C SER P 98 11.59 -16.94 0.71
N LEU P 99 10.78 -16.96 -0.34
CA LEU P 99 9.42 -17.46 -0.21
C LEU P 99 9.40 -18.93 0.22
N ASN P 100 10.27 -19.72 -0.40
CA ASN P 100 10.38 -21.12 -0.06
C ASN P 100 10.91 -21.32 1.36
N LEU P 101 11.70 -20.35 1.84
CA LEU P 101 12.32 -20.46 3.16
C LEU P 101 11.28 -20.22 4.23
N THR P 102 10.53 -19.14 4.08
CA THR P 102 9.51 -18.83 5.06
C THR P 102 8.39 -19.84 4.94
N LEU P 103 8.43 -20.64 3.89
CA LEU P 103 7.45 -21.69 3.75
C LEU P 103 7.82 -22.88 4.63
N ARG P 104 9.12 -23.18 4.71
CA ARG P 104 9.59 -24.27 5.55
C ARG P 104 9.56 -23.87 7.01
N LYS P 105 9.88 -22.61 7.29
CA LYS P 105 9.97 -22.16 8.67
C LYS P 105 8.60 -22.10 9.33
N THR P 106 7.56 -21.78 8.55
CA THR P 106 6.22 -21.67 9.11
C THR P 106 5.46 -22.99 9.17
N PHE P 107 6.02 -24.04 8.55
CA PHE P 107 5.38 -25.36 8.55
C PHE P 107 6.27 -26.46 9.11
N GLY P 108 7.44 -26.08 9.64
CA GLY P 108 8.35 -27.00 10.28
C GLY P 108 8.87 -28.12 9.40
N LEU P 109 9.06 -27.80 8.12
CA LEU P 109 9.60 -28.77 7.16
C LEU P 109 11.10 -28.82 7.35
N PHE P 110 11.66 -30.03 7.40
CA PHE P 110 13.07 -30.17 7.75
C PHE P 110 13.84 -31.17 6.90
N ALA P 111 13.16 -31.88 6.01
CA ALA P 111 13.82 -32.89 5.21
C ALA P 111 13.40 -32.87 3.75
N ASN P 112 14.35 -32.68 2.85
CA ASN P 112 14.08 -32.75 1.41
C ASN P 112 14.32 -34.17 0.90
N VAL P 113 13.31 -34.79 0.32
CA VAL P 113 13.49 -36.11 -0.27
C VAL P 113 13.54 -35.98 -1.80
N ARG P 114 14.66 -36.39 -2.38
CA ARG P 114 14.87 -36.21 -3.81
C ARG P 114 15.31 -37.49 -4.47
N PRO P 115 14.42 -38.07 -5.28
CA PRO P 115 14.67 -39.26 -6.09
C PRO P 115 15.00 -38.82 -7.51
N ALA P 116 15.91 -39.54 -8.15
CA ALA P 116 16.17 -39.31 -9.56
C ALA P 116 16.28 -40.67 -10.22
N LYS P 117 15.27 -41.00 -11.02
CA LYS P 117 15.26 -42.26 -11.73
C LYS P 117 15.15 -42.01 -13.22
N SER P 118 15.87 -42.82 -13.99
CA SER P 118 15.74 -42.82 -15.43
C SER P 118 14.30 -43.00 -15.85
N ILE P 119 13.93 -42.32 -16.94
CA ILE P 119 12.59 -42.43 -17.48
C ILE P 119 12.57 -43.35 -18.69
N GLU P 120 11.58 -44.24 -18.70
CA GLU P 120 11.35 -45.16 -19.82
C GLU P 120 11.00 -44.38 -21.08
N GLY P 121 11.79 -44.57 -22.13
CA GLY P 121 11.49 -43.99 -23.42
C GLY P 121 12.00 -42.58 -23.59
N PHE P 122 12.85 -42.15 -22.67
CA PHE P 122 13.54 -40.89 -22.83
C PHE P 122 15.03 -41.13 -22.63
N LYS P 123 15.79 -41.09 -23.72
CA LYS P 123 17.21 -41.46 -23.67
C LYS P 123 18.09 -40.29 -23.27
N THR P 124 18.77 -40.46 -22.13
CA THR P 124 19.85 -39.57 -21.74
C THR P 124 21.18 -40.33 -21.65
N THR P 125 22.24 -39.59 -21.42
CA THR P 125 23.59 -40.12 -21.50
C THR P 125 23.86 -41.17 -20.42
N TYR P 126 23.24 -41.01 -19.26
CA TYR P 126 23.43 -41.95 -18.16
C TYR P 126 22.25 -42.92 -18.07
N GLU P 127 22.54 -44.17 -17.72
CA GLU P 127 21.54 -45.22 -17.77
C GLU P 127 21.39 -45.91 -16.43
N ASN P 128 20.23 -46.54 -16.22
CA ASN P 128 19.96 -47.33 -15.01
C ASN P 128 20.17 -46.52 -13.75
N VAL P 129 19.99 -45.21 -13.86
CA VAL P 129 20.13 -44.36 -12.70
C VAL P 129 18.83 -44.37 -11.90
N ASP P 130 18.91 -44.91 -10.69
CA ASP P 130 17.78 -44.91 -9.77
C ASP P 130 18.32 -44.49 -8.42
N LEU P 131 18.13 -43.21 -8.08
CA LEU P 131 18.78 -42.63 -6.92
C LEU P 131 17.80 -42.04 -5.93
N VAL P 132 18.13 -42.17 -4.65
CA VAL P 132 17.34 -41.56 -3.59
C VAL P 132 18.24 -40.87 -2.57
N LEU P 133 17.93 -39.61 -2.28
CA LEU P 133 18.72 -38.78 -1.39
C LEU P 133 17.83 -37.98 -0.43
N ILE P 134 18.15 -38.06 0.86
CA ILE P 134 17.48 -37.23 1.86
C ILE P 134 18.46 -36.13 2.27
N ARG P 135 17.97 -34.90 2.32
CA ARG P 135 18.79 -33.73 2.62
C ARG P 135 18.25 -32.95 3.81
N GLU P 136 19.15 -32.59 4.72
CA GLU P 136 18.83 -31.70 5.84
C GLU P 136 18.52 -30.29 5.31
N ASN P 137 17.35 -29.75 5.63
CA ASN P 137 16.90 -28.48 5.04
C ASN P 137 16.60 -27.42 6.11
N THR P 138 17.36 -27.47 7.20
CA THR P 138 17.07 -26.65 8.37
C THR P 138 18.28 -25.78 8.66
N GLU P 139 19.42 -26.42 8.81
CA GLU P 139 20.63 -25.75 9.27
C GLU P 139 21.78 -25.97 8.30
N GLY P 140 22.94 -26.26 8.87
CA GLY P 140 24.13 -26.49 8.08
C GLY P 140 24.65 -25.19 7.51
N GLU P 141 25.29 -25.28 6.36
CA GLU P 141 25.81 -24.14 5.63
C GLU P 141 24.74 -23.05 5.44
N TYR P 142 23.48 -23.44 5.52
CA TYR P 142 22.38 -22.55 5.16
C TYR P 142 21.62 -21.97 6.35
N SER P 143 22.30 -21.74 7.46
CA SER P 143 21.72 -20.91 8.53
C SER P 143 22.08 -19.48 8.19
N GLY P 144 21.25 -18.54 8.63
CA GLY P 144 21.44 -17.17 8.19
C GLY P 144 22.70 -16.50 8.69
N ILE P 145 23.50 -17.26 9.44
CA ILE P 145 24.58 -16.68 10.25
C ILE P 145 25.85 -16.39 9.48
N GLU P 146 26.07 -15.13 9.17
CA GLU P 146 27.37 -14.69 8.66
C GLU P 146 27.76 -13.28 9.14
N HIS P 147 29.06 -13.05 9.26
CA HIS P 147 29.59 -11.86 9.92
C HIS P 147 30.74 -11.20 9.19
N ILE P 148 30.81 -9.89 9.24
CA ILE P 148 31.97 -9.19 8.74
C ILE P 148 32.86 -8.91 9.92
N VAL P 149 33.88 -9.74 10.10
CA VAL P 149 34.71 -9.64 11.31
C VAL P 149 35.64 -8.45 11.30
N CYS P 150 35.93 -7.95 10.10
CA CYS P 150 36.64 -6.68 9.94
C CYS P 150 36.74 -6.41 8.44
N PRO P 151 37.14 -5.18 8.05
CA PRO P 151 37.17 -4.67 6.69
C PRO P 151 37.00 -5.68 5.54
N GLY P 152 38.04 -6.47 5.30
CA GLY P 152 37.99 -7.42 4.19
C GLY P 152 37.88 -8.87 4.59
N VAL P 153 37.17 -9.16 5.69
CA VAL P 153 37.09 -10.51 6.23
C VAL P 153 35.67 -10.93 6.61
N VAL P 154 35.24 -12.07 6.05
CA VAL P 154 33.88 -12.54 6.26
C VAL P 154 33.85 -13.95 6.84
N GLN P 155 32.86 -14.22 7.68
CA GLN P 155 32.61 -15.55 8.21
C GLN P 155 31.21 -15.98 7.84
N SER P 156 31.08 -17.11 7.17
CA SER P 156 29.78 -17.75 7.03
C SER P 156 29.79 -18.92 7.99
N ILE P 157 28.76 -19.04 8.81
CA ILE P 157 28.78 -20.07 9.84
C ILE P 157 27.85 -21.25 9.57
N LYS P 158 28.47 -22.42 9.52
CA LYS P 158 27.78 -23.68 9.30
C LYS P 158 27.39 -24.25 10.64
N LEU P 159 26.10 -24.52 10.80
CA LEU P 159 25.56 -24.96 12.07
C LEU P 159 25.13 -26.39 11.94
N ILE P 160 25.62 -27.25 12.84
CA ILE P 160 25.19 -28.63 12.84
C ILE P 160 24.92 -29.06 14.27
N THR P 161 23.68 -29.51 14.51
CA THR P 161 23.21 -29.93 15.83
C THR P 161 22.75 -31.39 15.82
N ARG P 162 22.73 -32.04 16.98
CA ARG P 162 22.35 -33.44 17.01
C ARG P 162 20.86 -33.56 16.79
N ASP P 163 20.09 -32.64 17.39
CA ASP P 163 18.63 -32.66 17.29
C ASP P 163 18.14 -32.62 15.85
N ALA P 164 18.71 -31.70 15.07
CA ALA P 164 18.33 -31.54 13.68
C ALA P 164 18.83 -32.71 12.85
N SER P 165 20.03 -33.19 13.19
CA SER P 165 20.63 -34.32 12.48
C SER P 165 19.88 -35.63 12.72
N GLU P 166 19.66 -35.93 14.00
CA GLU P 166 18.92 -37.09 14.42
C GLU P 166 17.67 -37.30 13.59
N ARG P 167 16.82 -36.29 13.49
CA ARG P 167 15.52 -36.47 12.88
C ARG P 167 15.53 -36.58 11.36
N VAL P 168 16.63 -36.17 10.74
CA VAL P 168 16.75 -36.37 9.30
C VAL P 168 17.26 -37.78 9.07
N ILE P 169 18.35 -38.11 9.76
CA ILE P 169 18.95 -39.43 9.68
C ILE P 169 17.93 -40.52 9.98
N ARG P 170 17.04 -40.27 10.93
CA ARG P 170 15.94 -41.20 11.21
C ARG P 170 15.05 -41.39 9.99
N TYR P 171 14.45 -40.31 9.52
CA TYR P 171 13.60 -40.40 8.35
C TYR P 171 14.29 -41.14 7.20
N ALA P 172 15.61 -41.08 7.16
CA ALA P 172 16.36 -41.77 6.11
C ALA P 172 16.40 -43.29 6.30
N PHE P 173 16.73 -43.73 7.51
CA PHE P 173 16.66 -45.15 7.87
C PHE P 173 15.27 -45.67 7.64
N GLU P 174 14.28 -44.91 8.11
CA GLU P 174 12.88 -45.33 8.05
C GLU P 174 12.32 -45.29 6.64
N TYR P 175 12.84 -44.38 5.82
CA TYR P 175 12.41 -44.29 4.43
C TYR P 175 13.10 -45.37 3.62
N ALA P 176 14.38 -45.60 3.90
CA ALA P 176 15.11 -46.68 3.25
C ALA P 176 14.38 -48.01 3.50
N ARG P 177 13.91 -48.20 4.73
CA ARG P 177 13.11 -49.38 5.10
C ARG P 177 11.79 -49.42 4.36
N ALA P 178 11.12 -48.28 4.28
CA ALA P 178 9.81 -48.20 3.66
C ALA P 178 9.81 -48.43 2.14
N ILE P 179 10.99 -48.43 1.52
CA ILE P 179 11.07 -48.65 0.07
C ILE P 179 12.02 -49.81 -0.25
N GLY P 180 12.39 -50.54 0.81
CA GLY P 180 13.09 -51.79 0.67
C GLY P 180 14.46 -51.67 0.07
N ARG P 181 15.23 -50.71 0.57
CA ARG P 181 16.63 -50.59 0.21
C ARG P 181 17.43 -50.93 1.47
N PRO P 182 18.42 -51.81 1.31
CA PRO P 182 19.24 -52.38 2.40
C PRO P 182 20.24 -51.41 2.99
N ARG P 183 20.84 -50.61 2.13
CA ARG P 183 21.98 -49.76 2.48
C ARG P 183 21.51 -48.33 2.74
N VAL P 184 22.19 -47.63 3.64
CA VAL P 184 21.94 -46.19 3.81
C VAL P 184 23.26 -45.46 4.07
N ILE P 185 23.56 -44.52 3.19
CA ILE P 185 24.87 -43.88 3.14
C ILE P 185 24.85 -42.44 3.67
N VAL P 186 25.73 -42.17 4.63
CA VAL P 186 25.91 -40.85 5.21
C VAL P 186 27.04 -40.16 4.49
N VAL P 187 26.69 -39.21 3.63
CA VAL P 187 27.68 -38.40 2.90
C VAL P 187 28.22 -37.31 3.81
N HIS P 188 29.53 -37.15 3.85
CA HIS P 188 30.12 -36.22 4.80
C HIS P 188 31.51 -35.79 4.36
N LYS P 189 32.21 -35.11 5.26
CA LYS P 189 33.59 -34.73 5.00
C LYS P 189 34.30 -34.56 6.34
N SER P 190 34.11 -35.53 7.23
CA SER P 190 34.74 -35.56 8.55
C SER P 190 36.24 -35.33 8.46
N THR P 191 36.75 -35.46 7.24
CA THR P 191 38.17 -35.32 6.95
C THR P 191 38.65 -33.96 7.39
N ILE P 192 38.00 -32.91 6.91
CA ILE P 192 38.44 -31.57 7.25
C ILE P 192 37.42 -30.77 8.07
N GLN P 193 36.18 -31.25 8.12
CA GLN P 193 35.17 -30.67 9.02
C GLN P 193 34.92 -31.59 10.21
N ARG P 194 35.98 -31.88 10.94
CA ARG P 194 35.95 -32.87 12.01
C ARG P 194 34.75 -32.80 12.92
N LEU P 195 34.52 -31.64 13.53
CA LEU P 195 33.43 -31.53 14.48
C LEU P 195 32.06 -31.50 13.80
N ALA P 196 31.89 -30.61 12.82
CA ALA P 196 30.60 -30.42 12.16
C ALA P 196 30.11 -31.70 11.52
N ASP P 197 30.83 -32.17 10.50
CA ASP P 197 30.42 -33.37 9.80
C ASP P 197 30.60 -34.59 10.69
N GLY P 198 31.57 -34.53 11.59
CA GLY P 198 31.79 -35.61 12.55
C GLY P 198 30.56 -35.88 13.39
N LEU P 199 29.92 -34.82 13.87
CA LEU P 199 28.70 -34.97 14.66
C LEU P 199 27.59 -35.64 13.83
N PHE P 200 27.42 -35.19 12.61
CA PHE P 200 26.42 -35.76 11.73
C PHE P 200 26.65 -37.26 11.63
N VAL P 201 27.88 -37.63 11.28
CA VAL P 201 28.25 -39.03 11.11
C VAL P 201 28.03 -39.87 12.37
N ASN P 202 28.51 -39.40 13.52
CA ASN P 202 28.33 -40.12 14.77
C ASN P 202 26.87 -40.35 15.09
N VAL P 203 26.04 -39.32 14.87
CA VAL P 203 24.61 -39.41 15.09
C VAL P 203 23.95 -40.51 14.24
N ALA P 204 24.42 -40.66 13.01
CA ALA P 204 23.98 -41.77 12.18
C ALA P 204 24.50 -43.11 12.74
N LYS P 205 25.80 -43.16 13.08
CA LYS P 205 26.40 -44.36 13.61
C LYS P 205 25.70 -44.82 14.88
N GLU P 206 25.27 -43.87 15.70
CA GLU P 206 24.57 -44.20 16.93
C GLU P 206 23.13 -44.66 16.67
N LEU P 207 22.45 -44.00 15.73
CA LEU P 207 21.11 -44.43 15.34
C LEU P 207 21.14 -45.77 14.61
N SER P 208 22.24 -46.01 13.89
CA SER P 208 22.43 -47.25 13.15
C SER P 208 21.90 -48.46 13.93
N LYS P 209 22.19 -48.49 15.22
CA LYS P 209 21.90 -49.68 16.03
C LYS P 209 20.41 -49.95 16.22
N GLU P 210 19.59 -48.92 16.35
CA GLU P 210 18.15 -49.16 16.46
C GLU P 210 17.43 -49.32 15.10
N TYR P 211 18.19 -49.65 14.07
CA TYR P 211 17.66 -50.01 12.75
C TYR P 211 18.58 -51.08 12.16
N PRO P 212 18.49 -52.31 12.69
CA PRO P 212 19.43 -53.39 12.40
C PRO P 212 19.17 -54.06 11.04
N ASP P 213 17.99 -53.81 10.47
CA ASP P 213 17.67 -54.37 9.16
C ASP P 213 18.41 -53.62 8.06
N LEU P 214 18.74 -52.36 8.31
CA LEU P 214 19.51 -51.55 7.37
C LEU P 214 21.00 -51.57 7.70
N THR P 215 21.81 -51.47 6.65
CA THR P 215 23.25 -51.37 6.82
C THR P 215 23.71 -49.94 6.57
N LEU P 216 24.42 -49.38 7.55
CA LEU P 216 24.94 -48.02 7.46
C LEU P 216 26.36 -47.95 6.87
N GLU P 217 26.51 -47.20 5.79
CA GLU P 217 27.84 -46.91 5.27
C GLU P 217 28.14 -45.41 5.39
N THR P 218 29.41 -45.05 5.39
CA THR P 218 29.79 -43.64 5.41
C THR P 218 30.71 -43.33 4.23
N GLU P 219 30.42 -42.24 3.54
CA GLU P 219 31.17 -41.88 2.35
C GLU P 219 31.48 -40.37 2.31
N LEU P 220 32.67 -40.01 1.84
CA LEU P 220 33.02 -38.61 1.62
C LEU P 220 32.40 -38.13 0.31
N ILE P 221 31.93 -36.88 0.28
CA ILE P 221 31.32 -36.37 -0.94
C ILE P 221 32.27 -36.70 -2.05
N ASP P 222 33.56 -36.57 -1.76
CA ASP P 222 34.62 -36.94 -2.68
C ASP P 222 34.20 -38.14 -3.51
N ASN P 223 33.91 -39.24 -2.82
CA ASN P 223 33.59 -40.48 -3.48
C ASN P 223 32.15 -40.52 -3.94
N SER P 224 31.24 -40.02 -3.11
CA SER P 224 29.82 -39.95 -3.47
C SER P 224 29.61 -39.32 -4.84
N VAL P 225 30.36 -38.26 -5.13
CA VAL P 225 30.22 -37.67 -6.44
C VAL P 225 31.04 -38.43 -7.49
N LEU P 226 32.23 -38.86 -7.14
CA LEU P 226 33.06 -39.63 -8.07
C LEU P 226 32.31 -40.87 -8.55
N LYS P 227 31.88 -41.67 -7.59
CA LYS P 227 31.31 -42.97 -7.87
C LYS P 227 29.97 -42.86 -8.57
N VAL P 228 29.13 -41.91 -8.16
CA VAL P 228 27.82 -41.80 -8.76
C VAL P 228 27.90 -41.45 -10.25
N VAL P 229 28.83 -40.59 -10.62
CA VAL P 229 28.97 -40.19 -12.01
C VAL P 229 29.64 -41.27 -12.89
N THR P 230 30.57 -42.01 -12.31
CA THR P 230 31.18 -43.12 -13.04
C THR P 230 30.16 -44.25 -13.24
N ASN P 231 29.32 -44.47 -12.24
CA ASN P 231 28.34 -45.55 -12.30
C ASN P 231 27.11 -45.38 -11.40
N PRO P 232 26.08 -44.69 -11.91
CA PRO P 232 24.89 -44.33 -11.14
C PRO P 232 24.21 -45.51 -10.44
N SER P 233 24.29 -46.69 -11.04
CA SER P 233 23.51 -47.82 -10.53
C SER P 233 24.07 -48.38 -9.22
N ALA P 234 25.30 -48.01 -8.87
CA ALA P 234 25.92 -48.58 -7.67
C ALA P 234 25.17 -48.12 -6.43
N TYR P 235 24.21 -47.22 -6.65
CA TYR P 235 23.43 -46.66 -5.56
C TYR P 235 21.94 -46.88 -5.78
N THR P 236 21.58 -47.93 -6.51
CA THR P 236 20.16 -48.20 -6.75
C THR P 236 19.52 -48.88 -5.53
N ASP P 237 20.35 -49.18 -4.52
CA ASP P 237 19.88 -49.65 -3.21
C ASP P 237 20.33 -48.65 -2.16
N ALA P 238 20.06 -47.38 -2.43
CA ALA P 238 20.75 -46.27 -1.79
C ALA P 238 20.09 -45.69 -0.56
N VAL P 239 19.37 -44.60 -0.77
CA VAL P 239 19.05 -43.66 0.30
C VAL P 239 20.31 -43.12 0.96
N SER P 240 20.73 -41.93 0.51
CA SER P 240 21.87 -41.20 1.07
C SER P 240 21.37 -40.03 1.91
N VAL P 241 21.92 -39.87 3.11
CA VAL P 241 21.56 -38.76 3.95
C VAL P 241 22.76 -37.85 4.04
N CYS P 242 22.52 -36.54 4.10
CA CYS P 242 23.61 -35.57 4.18
C CYS P 242 23.14 -34.19 4.59
N PRO P 243 24.05 -33.39 5.14
CA PRO P 243 23.80 -32.02 5.59
C PRO P 243 23.39 -31.13 4.44
N ASN P 244 22.89 -29.94 4.78
CA ASN P 244 22.22 -29.07 3.81
C ASN P 244 22.93 -28.84 2.47
N LEU P 245 24.21 -28.49 2.50
CA LEU P 245 24.91 -28.13 1.27
C LEU P 245 25.19 -29.31 0.37
N TYR P 246 25.85 -30.33 0.92
CA TYR P 246 26.13 -31.54 0.14
C TYR P 246 24.83 -32.03 -0.49
N GLY P 247 23.75 -31.97 0.29
CA GLY P 247 22.43 -32.33 -0.19
C GLY P 247 21.94 -31.49 -1.37
N ASP P 248 22.04 -30.18 -1.26
CA ASP P 248 21.57 -29.30 -2.31
C ASP P 248 22.28 -29.57 -3.63
N ILE P 249 23.56 -29.89 -3.55
CA ILE P 249 24.37 -30.12 -4.73
C ILE P 249 24.17 -31.52 -5.30
N LEU P 250 24.27 -32.52 -4.44
CA LEU P 250 24.12 -33.90 -4.87
C LEU P 250 22.76 -34.17 -5.49
N SER P 251 21.72 -33.53 -4.98
CA SER P 251 20.39 -33.76 -5.49
C SER P 251 20.21 -33.15 -6.87
N ASP P 252 20.65 -31.89 -7.03
CA ASP P 252 20.65 -31.25 -8.35
C ASP P 252 21.58 -32.01 -9.31
N LEU P 253 22.62 -32.64 -8.77
CA LEU P 253 23.53 -33.47 -9.58
C LEU P 253 22.82 -34.75 -10.03
N ASN P 254 22.29 -35.48 -9.06
CA ASN P 254 21.57 -36.70 -9.33
C ASN P 254 20.54 -36.50 -10.43
N SER P 255 19.82 -35.37 -10.38
CA SER P 255 18.84 -35.06 -11.41
C SER P 255 19.52 -34.88 -12.75
N GLY P 256 20.69 -34.27 -12.75
CA GLY P 256 21.45 -34.09 -13.97
C GLY P 256 21.82 -35.40 -14.64
N LEU P 257 22.13 -36.40 -13.80
CA LEU P 257 22.40 -37.76 -14.26
C LEU P 257 21.15 -38.43 -14.82
N SER P 258 20.02 -38.29 -14.11
CA SER P 258 18.83 -39.04 -14.47
C SER P 258 18.17 -38.51 -15.75
N ALA P 259 18.10 -37.19 -15.88
CA ALA P 259 17.33 -36.56 -16.95
C ALA P 259 18.04 -35.41 -17.66
N GLY P 260 19.21 -35.03 -17.17
CA GLY P 260 19.98 -33.97 -17.81
C GLY P 260 19.47 -32.58 -17.49
N SER P 261 18.23 -32.49 -17.00
CA SER P 261 17.73 -31.26 -16.43
C SER P 261 16.98 -31.65 -15.18
N LEU P 262 16.04 -30.82 -14.76
CA LEU P 262 15.22 -31.20 -13.62
C LEU P 262 13.73 -30.94 -13.85
N GLY P 263 13.33 -30.97 -15.11
CA GLY P 263 11.94 -30.84 -15.49
C GLY P 263 11.16 -32.12 -15.20
N LEU P 264 11.88 -33.15 -14.75
CA LEU P 264 11.23 -34.43 -14.42
C LEU P 264 11.33 -34.73 -12.93
N THR P 265 11.99 -33.85 -12.18
CA THR P 265 12.28 -34.17 -10.79
C THR P 265 11.19 -33.68 -9.85
N PRO P 266 10.72 -34.57 -8.97
CA PRO P 266 9.77 -34.37 -7.89
C PRO P 266 10.51 -34.19 -6.58
N SER P 267 10.03 -33.32 -5.70
CA SER P 267 10.61 -33.26 -4.37
C SER P 267 9.52 -33.40 -3.33
N ALA P 268 9.92 -33.84 -2.15
CA ALA P 268 9.02 -33.92 -1.03
C ALA P 268 9.68 -33.23 0.13
N ASN P 269 8.96 -32.31 0.75
CA ASN P 269 9.47 -31.59 1.90
C ASN P 269 8.77 -31.99 3.19
N ILE P 270 9.38 -32.92 3.91
CA ILE P 270 8.77 -33.52 5.09
C ILE P 270 8.97 -32.70 6.36
N GLY P 271 7.85 -32.39 7.02
CA GLY P 271 7.87 -31.77 8.33
C GLY P 271 7.37 -32.74 9.38
N HIS P 272 7.40 -32.35 10.65
CA HIS P 272 7.00 -33.25 11.71
C HIS P 272 5.57 -33.73 11.59
N LYS P 273 4.62 -32.80 11.47
CA LYS P 273 3.22 -33.17 11.25
C LYS P 273 2.67 -32.72 9.89
N ILE P 274 3.27 -31.69 9.31
CA ILE P 274 2.88 -31.27 7.97
C ILE P 274 3.89 -31.83 6.96
N SER P 275 3.60 -31.68 5.67
CA SER P 275 4.50 -32.09 4.61
C SER P 275 4.02 -31.56 3.26
N ILE P 276 4.91 -30.95 2.50
CA ILE P 276 4.56 -30.39 1.20
C ILE P 276 5.30 -31.09 0.07
N PHE P 277 4.59 -31.33 -1.02
CA PHE P 277 5.13 -32.06 -2.16
C PHE P 277 5.07 -31.17 -3.39
N GLU P 278 6.24 -30.89 -3.96
CA GLU P 278 6.33 -29.93 -5.04
C GLU P 278 7.18 -30.43 -6.20
N ALA P 279 7.00 -29.79 -7.36
CA ALA P 279 7.90 -30.01 -8.47
C ALA P 279 9.00 -28.99 -8.34
N VAL P 280 10.21 -29.36 -8.76
CA VAL P 280 11.36 -28.49 -8.53
C VAL P 280 11.74 -27.63 -9.74
N HIS P 281 11.04 -27.79 -10.85
CA HIS P 281 11.30 -26.93 -12.00
C HIS P 281 10.69 -25.55 -11.76
N GLY P 282 10.96 -24.63 -12.67
CA GLY P 282 10.53 -23.25 -12.48
C GLY P 282 9.12 -22.97 -12.97
N SER P 283 8.79 -21.69 -13.12
CA SER P 283 7.45 -21.27 -13.50
C SER P 283 7.26 -21.28 -15.02
N ALA P 284 8.36 -21.48 -15.75
CA ALA P 284 8.35 -21.51 -17.22
C ALA P 284 7.32 -20.54 -17.81
N PRO P 285 7.48 -19.24 -17.51
CA PRO P 285 6.52 -18.18 -17.84
C PRO P 285 6.27 -18.05 -19.35
N ASP P 286 7.25 -18.43 -20.16
CA ASP P 286 7.21 -18.23 -21.60
C ASP P 286 6.42 -19.33 -22.34
N ILE P 287 6.15 -20.42 -21.65
CA ILE P 287 5.44 -21.55 -22.24
C ILE P 287 4.06 -21.66 -21.59
N ALA P 288 3.78 -20.69 -20.71
CA ALA P 288 2.57 -20.70 -19.89
C ALA P 288 1.32 -20.32 -20.69
N GLY P 289 0.30 -21.17 -20.59
CA GLY P 289 -0.95 -20.97 -21.29
C GLY P 289 -1.03 -21.70 -22.62
N GLN P 290 0.10 -21.88 -23.28
CA GLN P 290 0.16 -22.51 -24.59
C GLN P 290 0.02 -24.01 -24.52
N ASP P 291 -0.10 -24.54 -23.31
CA ASP P 291 -0.41 -25.96 -23.11
C ASP P 291 0.75 -26.89 -23.50
N LYS P 292 1.97 -26.48 -23.18
CA LYS P 292 3.15 -27.27 -23.54
C LYS P 292 3.87 -27.84 -22.32
N ALA P 293 3.46 -27.39 -21.13
CA ALA P 293 4.09 -27.83 -19.88
C ALA P 293 4.14 -29.33 -19.76
N ASN P 294 4.87 -29.83 -18.77
CA ASN P 294 4.95 -31.28 -18.56
C ASN P 294 4.65 -31.73 -17.11
N PRO P 295 3.40 -32.10 -16.87
CA PRO P 295 2.87 -32.48 -15.55
C PRO P 295 3.70 -33.57 -14.86
N THR P 296 4.48 -34.31 -15.62
CA THR P 296 5.16 -35.48 -15.09
C THR P 296 5.82 -35.18 -13.77
N ALA P 297 6.52 -34.05 -13.74
CA ALA P 297 7.26 -33.60 -12.56
C ALA P 297 6.35 -33.51 -11.34
N LEU P 298 5.37 -32.62 -11.40
CA LEU P 298 4.41 -32.47 -10.31
C LEU P 298 3.68 -33.79 -10.05
N LEU P 299 3.33 -34.48 -11.14
CA LEU P 299 2.56 -35.70 -11.08
C LEU P 299 3.23 -36.74 -10.20
N LEU P 300 4.54 -36.85 -10.32
CA LEU P 300 5.32 -37.79 -9.52
C LEU P 300 5.38 -37.37 -8.06
N SER P 301 5.34 -36.07 -7.82
CA SER P 301 5.25 -35.57 -6.45
C SER P 301 3.91 -35.97 -5.85
N SER P 302 2.87 -36.06 -6.70
CA SER P 302 1.56 -36.52 -6.26
C SER P 302 1.68 -37.93 -5.74
N VAL P 303 2.36 -38.78 -6.51
CA VAL P 303 2.61 -40.16 -6.09
C VAL P 303 3.32 -40.20 -4.75
N MET P 304 4.47 -39.54 -4.67
CA MET P 304 5.17 -39.37 -3.41
C MET P 304 4.21 -39.03 -2.28
N MET P 305 3.29 -38.11 -2.56
CA MET P 305 2.31 -37.69 -1.57
C MET P 305 1.37 -38.83 -1.20
N LEU P 306 0.77 -39.45 -2.22
CA LEU P 306 -0.08 -40.61 -2.01
C LEU P 306 0.58 -41.59 -1.03
N ASN P 307 1.76 -42.09 -1.38
CA ASN P 307 2.48 -43.00 -0.47
C ASN P 307 2.62 -42.45 0.95
N HIS P 308 3.04 -41.20 1.08
CA HIS P 308 3.17 -40.56 2.39
C HIS P 308 1.85 -40.57 3.16
N MET P 309 0.75 -40.56 2.44
CA MET P 309 -0.58 -40.53 3.05
C MET P 309 -1.07 -41.93 3.39
N GLY P 310 -0.54 -42.92 2.68
CA GLY P 310 -0.91 -44.31 2.91
C GLY P 310 -1.66 -44.93 1.76
N LEU P 311 -2.06 -44.11 0.78
CA LEU P 311 -2.83 -44.59 -0.37
C LEU P 311 -1.99 -45.35 -1.37
N THR P 312 -1.21 -46.31 -0.87
CA THR P 312 -0.33 -47.13 -1.69
C THR P 312 -0.96 -47.48 -3.04
N ASN P 313 -2.06 -48.21 -2.97
CA ASN P 313 -2.71 -48.74 -4.17
C ASN P 313 -2.89 -47.70 -5.28
N HIS P 314 -3.33 -46.51 -4.90
CA HIS P 314 -3.54 -45.43 -5.85
C HIS P 314 -2.23 -44.91 -6.42
N ALA P 315 -1.24 -44.73 -5.54
CA ALA P 315 0.06 -44.24 -5.94
C ALA P 315 0.69 -45.16 -6.97
N ASP P 316 0.83 -46.43 -6.60
CA ASP P 316 1.37 -47.44 -7.50
C ASP P 316 0.59 -47.45 -8.80
N GLN P 317 -0.73 -47.26 -8.68
CA GLN P 317 -1.60 -47.21 -9.85
C GLN P 317 -1.20 -46.08 -10.78
N ILE P 318 -1.12 -44.87 -10.24
CA ILE P 318 -0.87 -43.67 -11.03
C ILE P 318 0.58 -43.59 -11.51
N GLN P 319 1.46 -44.32 -10.84
CA GLN P 319 2.87 -44.31 -11.24
C GLN P 319 3.27 -45.48 -12.12
N ASN P 320 3.18 -46.70 -11.56
CA ASN P 320 3.57 -47.95 -12.24
C ASN P 320 2.93 -48.09 -13.63
N ALA P 321 1.61 -47.91 -13.66
CA ALA P 321 0.93 -47.71 -14.92
C ALA P 321 0.97 -46.20 -15.20
N VAL P 322 0.06 -45.73 -16.05
CA VAL P 322 -0.04 -44.30 -16.36
C VAL P 322 1.32 -43.64 -16.51
N LEU P 323 1.29 -42.30 -16.56
CA LEU P 323 2.46 -41.47 -16.85
C LEU P 323 3.73 -42.27 -17.15
N SER P 324 4.24 -42.98 -16.15
CA SER P 324 5.49 -43.70 -16.33
C SER P 324 5.46 -44.56 -17.60
N THR P 325 4.29 -45.16 -17.86
CA THR P 325 4.09 -46.05 -19.00
C THR P 325 3.62 -45.29 -20.25
N ILE P 326 2.83 -44.24 -20.05
CA ILE P 326 2.33 -43.45 -21.17
C ILE P 326 3.45 -42.60 -21.78
N ALA P 327 4.51 -42.38 -21.01
CA ALA P 327 5.71 -41.71 -21.53
C ALA P 327 6.49 -42.67 -22.42
N SER P 328 5.77 -43.62 -23.02
CA SER P 328 6.34 -44.55 -23.99
C SER P 328 5.51 -44.61 -25.29
N GLY P 329 6.10 -44.01 -26.33
CA GLY P 329 5.41 -43.71 -27.58
C GLY P 329 5.47 -42.20 -27.78
N PRO P 330 6.26 -41.74 -28.76
CA PRO P 330 6.51 -40.30 -29.01
C PRO P 330 5.27 -39.49 -29.43
N GLU P 331 4.19 -40.17 -29.79
CA GLU P 331 2.90 -39.50 -30.03
C GLU P 331 2.38 -38.92 -28.73
N ASN P 332 2.65 -39.64 -27.64
CA ASN P 332 2.50 -39.11 -26.29
C ASN P 332 3.72 -38.24 -25.98
N ARG P 333 4.21 -38.26 -24.74
CA ARG P 333 5.34 -37.40 -24.35
C ARG P 333 5.02 -35.93 -24.58
N THR P 334 5.95 -35.05 -24.20
CA THR P 334 5.76 -33.62 -24.42
C THR P 334 6.93 -33.05 -25.19
N GLY P 335 6.89 -31.76 -25.51
CA GLY P 335 7.94 -31.13 -26.29
C GLY P 335 9.32 -31.28 -25.68
N ASP P 336 9.37 -31.26 -24.34
CA ASP P 336 10.62 -31.37 -23.59
C ASP P 336 11.28 -32.76 -23.69
N LEU P 337 10.54 -33.76 -24.16
CA LEU P 337 11.07 -35.12 -24.28
C LEU P 337 11.02 -35.66 -25.72
N ALA P 338 11.13 -34.73 -26.68
CA ALA P 338 11.04 -35.04 -28.11
C ALA P 338 9.58 -35.22 -28.58
N GLY P 339 8.71 -35.66 -27.66
CA GLY P 339 7.32 -35.91 -27.95
C GLY P 339 6.56 -34.78 -28.63
N THR P 340 5.34 -35.08 -29.08
CA THR P 340 4.56 -34.12 -29.86
C THR P 340 3.28 -33.77 -29.14
N ALA P 341 2.98 -34.50 -28.08
CA ALA P 341 1.72 -34.32 -27.36
C ALA P 341 1.68 -33.01 -26.57
N THR P 342 0.46 -32.56 -26.29
CA THR P 342 0.19 -31.37 -25.51
C THR P 342 -0.02 -31.79 -24.06
N THR P 343 -0.04 -30.80 -23.16
CA THR P 343 -0.39 -31.07 -21.76
C THR P 343 -1.75 -31.74 -21.76
N SER P 344 -2.62 -31.23 -22.64
CA SER P 344 -3.97 -31.76 -22.82
C SER P 344 -3.94 -33.24 -23.18
N SER P 345 -3.30 -33.55 -24.30
CA SER P 345 -3.30 -34.93 -24.80
C SER P 345 -2.51 -35.88 -23.90
N PHE P 346 -1.54 -35.35 -23.18
CA PHE P 346 -0.77 -36.17 -22.25
C PHE P 346 -1.67 -36.66 -21.11
N THR P 347 -2.54 -35.77 -20.64
CA THR P 347 -3.42 -36.10 -19.53
C THR P 347 -4.50 -37.15 -19.86
N GLU P 348 -5.14 -37.03 -21.02
CA GLU P 348 -6.10 -38.05 -21.40
C GLU P 348 -5.38 -39.34 -21.81
N ALA P 349 -4.29 -39.19 -22.55
CA ALA P 349 -3.45 -40.33 -22.94
C ALA P 349 -2.95 -41.08 -21.70
N VAL P 350 -2.80 -40.35 -20.60
CA VAL P 350 -2.40 -40.95 -19.34
C VAL P 350 -3.60 -41.70 -18.74
N ILE P 351 -4.70 -40.99 -18.54
CA ILE P 351 -5.86 -41.57 -17.88
C ILE P 351 -6.31 -42.88 -18.52
N LYS P 352 -6.05 -43.03 -19.81
CA LYS P 352 -6.41 -44.26 -20.52
C LYS P 352 -5.79 -45.48 -19.83
N ARG P 353 -4.48 -45.45 -19.62
CA ARG P 353 -3.79 -46.57 -18.99
C ARG P 353 -3.81 -46.41 -17.48
N LEU P 354 -4.69 -45.50 -17.05
CA LEU P 354 -4.88 -45.19 -15.64
C LEU P 354 -5.66 -46.30 -14.94
CAC FLC Q . -8.61 13.85 12.63
CA FLC Q . -7.36 13.39 11.87
CB FLC Q . -6.74 12.13 12.57
CBC FLC Q . -7.88 11.30 13.20
CG FLC Q . -5.97 11.27 11.53
CGC FLC Q . -4.44 11.42 11.76
OA1 FLC Q . -8.66 13.74 14.04
OA2 FLC Q . -9.52 14.35 12.05
OB1 FLC Q . -8.21 11.48 14.55
OB2 FLC Q . -8.43 10.46 12.55
OG1 FLC Q . -3.93 12.61 12.32
OG2 FLC Q . -3.70 10.56 11.39
OHB FLC Q . -5.85 12.55 13.59
P AMP R . -0.44 20.33 16.27
O1P AMP R . -0.05 21.77 16.05
O2P AMP R . 0.69 19.35 16.14
O3P AMP R . -1.71 19.92 15.56
O5' AMP R . -0.83 20.26 17.83
C5' AMP R . -0.04 20.93 18.81
C4' AMP R . -0.82 22.10 19.39
O4' AMP R . -1.79 21.61 20.32
C3' AMP R . 0.09 23.05 20.14
O3' AMP R . -0.01 24.37 19.56
C2' AMP R . -0.40 23.09 21.57
O2' AMP R . -0.82 24.42 21.90
C1' AMP R . -1.60 22.15 21.62
N9 AMP R . -1.32 21.05 22.59
C8 AMP R . -0.81 19.85 22.28
N7 AMP R . -0.68 19.07 23.38
C5 AMP R . -1.11 19.79 24.43
C6 AMP R . -1.25 19.57 25.90
N6 AMP R . -0.88 18.40 26.46
N1 AMP R . -1.75 20.59 26.63
C2 AMP R . -2.11 21.75 26.08
N3 AMP R . -2.02 22.02 24.76
C4 AMP R . -1.53 21.10 23.90
CAC FLC S . -26.14 -4.99 -26.07
CA FLC S . -26.74 -3.57 -26.05
CB FLC S . -28.24 -3.63 -25.66
CBC FLC S . -28.47 -4.80 -24.68
CG FLC S . -28.66 -2.30 -24.97
CGC FLC S . -29.56 -1.47 -25.94
OA1 FLC S . -26.94 -6.07 -26.52
OA2 FLC S . -25.00 -5.17 -25.78
OB1 FLC S . -28.88 -6.06 -25.18
OB2 FLC S . -28.35 -4.64 -23.51
OG1 FLC S . -29.40 -1.63 -27.33
OG2 FLC S . -30.32 -0.67 -25.51
OHB FLC S . -29.03 -3.84 -26.82
P AMP T . -28.70 -4.59 -36.38
O1P AMP T . -29.15 -3.37 -37.15
O2P AMP T . -29.81 -5.28 -35.61
O3P AMP T . -27.43 -4.42 -35.60
O5' AMP T . -28.32 -5.65 -37.53
C5' AMP T . -28.43 -5.30 -38.91
C4' AMP T . -27.99 -6.47 -39.77
O4' AMP T . -28.25 -7.69 -39.08
C3' AMP T . -28.75 -6.49 -41.09
O3' AMP T . -27.82 -6.43 -42.18
C2' AMP T . -29.49 -7.82 -41.12
O2' AMP T . -29.02 -8.59 -42.24
C1' AMP T . -29.13 -8.55 -39.83
N9 AMP T . -30.36 -8.80 -39.05
C8 AMP T . -31.09 -7.88 -38.40
N7 AMP T . -32.16 -8.43 -37.78
C5 AMP T . -32.12 -9.75 -38.04
C6 AMP T . -32.95 -10.93 -37.68
N6 AMP T . -34.06 -10.80 -36.91
N1 AMP T . -32.57 -12.13 -38.14
C2 AMP T . -31.47 -12.28 -38.90
N3 AMP T . -30.66 -11.26 -39.27
C4 AMP T . -30.94 -9.99 -38.87
CAC FLC U . -47.58 -20.46 33.15
CA FLC U . -48.46 -19.20 33.32
CB FLC U . -47.62 -17.93 33.02
CBC FLC U . -46.57 -18.25 31.95
CG FLC U . -48.55 -16.78 32.51
CGC FLC U . -48.72 -15.71 33.63
OA1 FLC U . -46.23 -20.42 33.53
OA2 FLC U . -48.07 -21.48 32.76
OB1 FLC U . -45.26 -18.61 32.34
OB2 FLC U . -46.83 -18.13 30.79
OG1 FLC U . -48.61 -16.08 34.98
OG2 FLC U . -49.01 -14.60 33.33
OHB FLC U . -46.98 -17.50 34.21
P AMP V . -47.97 -17.95 42.38
O1P AMP V . -48.91 -19.05 42.82
O2P AMP V . -48.13 -16.65 43.15
O3P AMP V . -47.86 -17.77 40.89
O5' AMP V . -46.52 -18.49 42.83
C5' AMP V . -45.99 -18.16 44.11
C4' AMP V . -45.64 -19.45 44.85
O4' AMP V . -44.37 -19.92 44.42
C3' AMP V . -45.56 -19.21 46.35
O3' AMP V . -46.49 -20.06 47.03
C2' AMP V . -44.14 -19.57 46.76
O2' AMP V . -44.18 -20.66 47.70
C1' AMP V . -43.43 -20.02 45.49
N9 AMP V . -42.28 -19.14 45.23
C8 AMP V . -42.35 -17.84 44.86
N7 AMP V . -41.11 -17.31 44.70
C5 AMP V . -40.21 -18.28 44.98
C6 AMP V . -38.74 -18.40 45.00
N6 AMP V . -37.95 -17.34 44.69
N1 AMP V . -38.21 -19.59 45.35
C2 AMP V . -38.98 -20.65 45.65
N3 AMP V . -40.32 -20.62 45.65
C4 AMP V . -40.99 -19.48 45.33
CAC FLC W . -75.24 -20.44 -4.45
CA FLC W . -75.53 -21.72 -3.64
CB FLC W . -74.88 -22.95 -4.36
CBC FLC W . -73.59 -22.49 -5.08
CG FLC W . -74.54 -24.06 -3.33
CGC FLC W . -75.53 -25.24 -3.47
OA1 FLC W . -75.22 -20.48 -5.85
OA2 FLC W . -75.11 -19.40 -3.88
OB1 FLC W . -73.63 -22.13 -6.44
OB2 FLC W . -72.55 -22.50 -4.50
OG1 FLC W . -76.83 -25.01 -3.97
OG2 FLC W . -75.21 -26.33 -3.11
OHB FLC W . -75.79 -23.47 -5.33
P AMP X . -85.25 -22.62 -7.56
O1P AMP X . -86.63 -22.33 -7.01
O2P AMP X . -85.07 -24.01 -8.11
O3P AMP X . -84.12 -22.16 -6.66
O5' AMP X . -85.13 -21.67 -8.85
C5' AMP X . -85.71 -22.06 -10.09
C4' AMP X . -86.28 -20.83 -10.80
O4' AMP X . -85.40 -20.44 -11.85
C3' AMP X . -87.64 -21.14 -11.40
O3' AMP X . -88.62 -20.25 -10.85
C2' AMP X . -87.51 -20.87 -12.89
O2' AMP X . -88.39 -19.82 -13.28
C1' AMP X . -86.07 -20.44 -13.12
N9 AMP X . -85.39 -21.39 -14.03
C8 AMP X . -84.68 -22.47 -13.67
N7 AMP X . -84.20 -23.13 -14.74
C5 AMP X . -84.61 -22.48 -15.84
C6 AMP X . -84.46 -22.64 -17.31
N6 AMP X . -83.74 -23.67 -17.82
N1 AMP X . -85.05 -21.73 -18.10
C2 AMP X . -85.76 -20.71 -17.61
N3 AMP X . -85.94 -20.50 -16.29
C4 AMP X . -85.40 -21.33 -15.37
CAC FLC Y . 35.56 43.84 -9.94
CA FLC Y . 36.89 44.52 -10.33
CB FLC Y . 37.70 44.86 -9.05
CBC FLC Y . 37.41 43.80 -7.96
CG FLC Y . 39.23 44.86 -9.37
CGC FLC Y . 39.75 46.34 -9.38
OA1 FLC Y . 34.88 44.26 -8.78
OA2 FLC Y . 35.07 43.03 -10.66
OB1 FLC Y . 36.43 44.04 -7.00
OB2 FLC Y . 38.07 42.81 -7.92
OG1 FLC Y . 38.87 47.38 -9.70
OG2 FLC Y . 40.90 46.56 -9.18
OHB FLC Y . 37.32 46.13 -8.56
P AMP Z . 31.58 54.09 -11.73
O1P AMP Z . 31.66 55.20 -12.76
O2P AMP Z . 32.80 53.19 -11.69
O3P AMP Z . 30.26 53.37 -11.69
O5' AMP Z . 31.64 54.87 -10.33
C5' AMP Z . 30.78 55.99 -10.08
C4' AMP Z . 29.33 55.56 -10.26
O4' AMP Z . 28.95 54.73 -9.17
C3' AMP Z . 28.40 56.78 -10.26
O3' AMP Z . 27.66 56.81 -11.48
C2' AMP Z . 27.45 56.58 -9.10
O2' AMP Z . 26.11 56.50 -9.60
C1' AMP Z . 27.84 55.26 -8.45
N9 AMP Z . 28.23 55.51 -7.04
C8 AMP Z . 29.50 55.51 -6.57
N7 AMP Z . 29.52 55.76 -5.24
C5 AMP Z . 28.26 55.93 -4.84
C6 AMP Z . 27.57 56.23 -3.55
N6 AMP Z . 28.28 56.40 -2.41
N1 AMP Z . 26.23 56.32 -3.56
C2 AMP Z . 25.52 56.15 -4.69
N3 AMP Z . 26.07 55.88 -5.89
C4 AMP Z . 27.41 55.76 -6.02
CAC FLC AA . 64.09 10.74 -27.26
CA FLC AA . 62.83 10.71 -28.17
CB FLC AA . 61.97 9.46 -27.82
CBC FLC AA . 62.11 9.13 -26.32
CG FLC AA . 60.47 9.74 -28.14
CGC FLC AA . 60.06 8.96 -29.42
OA1 FLC AA . 64.72 9.53 -26.92
OA2 FLC AA . 64.55 11.78 -26.92
OB1 FLC AA . 63.07 8.18 -25.91
OB2 FLC AA . 61.39 9.64 -25.52
OG1 FLC AA . 61.03 8.65 -30.40
OG2 FLC AA . 58.91 8.68 -29.60
OHB FLC AA . 62.41 8.35 -28.59
P AMP BA . 66.01 6.76 -36.24
O1P AMP BA . 66.02 6.96 -37.73
O2P AMP BA . 65.23 5.56 -35.78
O3P AMP BA . 65.75 8.02 -35.44
O5' AMP BA . 67.54 6.39 -35.89
C5' AMP BA . 68.12 5.19 -36.40
C4' AMP BA . 69.65 5.31 -36.36
O4' AMP BA . 70.15 4.64 -35.21
C3' AMP BA . 70.28 4.68 -37.58
O3' AMP BA . 71.06 5.65 -38.28
C2' AMP BA . 71.20 3.58 -37.07
O2' AMP BA . 72.54 3.88 -37.43
C1' AMP BA . 71.06 3.61 -35.55
N9 AMP BA . 70.55 2.30 -35.08
C8 AMP BA . 69.28 1.87 -35.18
N7 AMP BA . 69.13 0.63 -34.64
C5 AMP BA . 70.33 0.24 -34.19
C6 AMP BA . 70.88 -0.96 -33.50
N6 AMP BA . 70.09 -2.01 -33.21
N1 AMP BA . 72.20 -0.95 -33.20
C2 AMP BA . 72.99 0.10 -33.49
N3 AMP BA . 72.56 1.21 -34.10
C4 AMP BA . 71.27 1.34 -34.47
CAC FLC CA . 29.29 3.12 27.18
CA FLC CA . 27.95 2.84 26.45
CB FLC CA . 27.68 3.95 25.40
CBC FLC CA . 29.03 4.45 24.84
CG FLC CA . 26.81 3.39 24.23
CGC FLC CA . 25.37 3.95 24.34
OA1 FLC CA . 29.65 4.45 27.46
OA2 FLC CA . 29.96 2.22 27.57
OB1 FLC CA . 29.64 5.59 25.39
OB2 FLC CA . 29.53 3.91 23.90
OG1 FLC CA . 24.86 4.33 25.60
OG2 FLC CA . 24.69 4.01 23.37
OHB FLC CA . 27.01 5.04 26.01
P AMP DA . 22.90 7.63 34.57
O1P AMP DA . 22.94 6.42 35.47
O2P AMP DA . 21.51 8.03 34.13
O3P AMP DA . 23.93 7.62 33.46
O5' AMP DA . 23.36 8.84 35.53
C5' AMP DA . 24.28 8.60 36.59
C4' AMP DA . 23.83 9.37 37.83
O4' AMP DA . 24.68 10.52 38.02
C3' AMP DA . 22.41 9.88 37.67
O3' AMP DA . 21.60 9.37 38.73
C2' AMP DA . 22.47 11.40 37.78
O2' AMP DA . 21.71 11.83 38.90
C1' AMP DA . 23.94 11.74 38.00
N9 AMP DA . 24.43 12.59 36.87
C8 AMP DA . 23.96 12.57 35.61
N7 AMP DA . 24.61 13.47 34.83
C5 AMP DA . 25.52 14.08 35.61
C6 AMP DA . 26.54 15.14 35.42
N6 AMP DA . 26.73 15.73 34.21
N1 AMP DA . 27.29 15.49 36.49
C2 AMP DA . 27.12 14.91 37.69
N3 AMP DA . 26.21 13.95 37.93
C4 AMP DA . 25.40 13.50 36.95
CAC FLC EA . 39.88 -32.46 -1.28
CA FLC EA . 40.27 -33.00 0.12
CB FLC EA . 41.83 -33.02 0.24
CBC FLC EA . 42.44 -31.87 -0.59
CG FLC EA . 42.24 -32.86 1.74
CGC FLC EA . 42.75 -34.21 2.30
OA1 FLC EA . 40.67 -32.80 -2.40
OA2 FLC EA . 38.88 -31.84 -1.43
OB1 FLC EA . 42.86 -32.11 -1.90
OB2 FLC EA . 42.58 -30.79 -0.10
OG1 FLC EA . 42.27 -35.42 1.73
OG2 FLC EA . 43.49 -34.24 3.23
OHB FLC EA . 42.32 -34.26 -0.25
P AMP FA . 39.82 -43.69 -1.88
O1P AMP FA . 39.38 -44.62 -0.77
O2P AMP FA . 41.30 -43.37 -1.86
O3P AMP FA . 38.92 -42.48 -2.06
O5' AMP FA . 39.61 -44.54 -3.22
C5' AMP FA . 39.51 -43.87 -4.48
C4' AMP FA . 39.00 -44.86 -5.53
O4' AMP FA . 39.59 -44.57 -6.79
C3' AMP FA . 39.36 -46.29 -5.16
O3' AMP FA . 38.17 -47.08 -5.05
C2' AMP FA . 40.22 -46.82 -6.30
O2' AMP FA . 39.55 -47.94 -6.91
C1' AMP FA . 40.33 -45.69 -7.31
N9 AMP FA . 41.75 -45.30 -7.48
C8 AMP FA . 42.55 -44.80 -6.52
N7 AMP FA . 43.79 -44.56 -6.99
C5 AMP FA . 43.82 -44.92 -8.29
C6 AMP FA . 44.82 -44.94 -9.37
N6 AMP FA . 46.08 -44.50 -9.18
N1 AMP FA . 44.42 -45.40 -10.59
C2 AMP FA . 43.17 -45.84 -10.80
N3 AMP FA . 42.21 -45.85 -9.86
C4 AMP FA . 42.46 -45.42 -8.60
#